data_7Z30
#
_entry.id   7Z30
#
_cell.length_a   1.00
_cell.length_b   1.00
_cell.length_c   1.00
_cell.angle_alpha   90.00
_cell.angle_beta   90.00
_cell.angle_gamma   90.00
#
_symmetry.space_group_name_H-M   'P 1'
#
loop_
_entity.id
_entity.type
_entity.pdbx_description
1 polymer 'DNA-directed RNA polymerase III subunit RPC1'
2 polymer 'DNA-directed RNA polymerase III subunit RPC2'
3 polymer 'DNA-directed RNA polymerases I and III subunit RPAC1'
4 polymer 'DNA-directed RNA polymerase III subunit RPC9'
5 polymer 'DNA-directed RNA polymerases I, II, and III subunit RPABC1'
6 polymer 'DNA-directed RNA polymerases I, II, and III subunit RPABC2'
7 polymer 'DNA-directed RNA polymerase III subunit RPC8'
8 polymer 'DNA-directed RNA polymerases I, II, and III subunit RPABC3'
9 polymer 'DNA-directed RNA polymerase III subunit RPC10'
10 polymer 'DNA-directed RNA polymerases I, II, and III subunit RPABC5'
11 polymer 'DNA-directed RNA polymerases I and III subunit RPAC2'
12 polymer 'DNA-directed RNA polymerases I, II, and III subunit RPABC4'
13 polymer 'DNA-directed RNA polymerase III subunit RPC5'
14 polymer 'DNA-directed RNA polymerase III subunit RPC4'
15 polymer 'DNA-directed RNA polymerase III subunit RPC3'
16 polymer 'DNA-directed RNA polymerase III subunit RPC6'
17 polymer 'DNA-directed RNA polymerase III subunit RPC7'
18 polymer Integrase
19 polymer 'Unknown RNA Polymerase III chain'
20 non-polymer 'ZINC ION'
21 non-polymer 'MAGNESIUM ION'
22 water water
#
loop_
_entity_poly.entity_id
_entity_poly.type
_entity_poly.pdbx_seq_one_letter_code
_entity_poly.pdbx_strand_id
1 'polypeptide(L)'
;MKEVVVSETPKRIKGLEFSALSAADIVAQSEVEVSTRDLFDLEKDRAPKANGALDPKMGVSSSSLECATCHGNLASCHGH
FGHLKLALPVFHIGYFKATIQILQGICKNCSAILLSETDKRQFLHELRRPGVDNLRRMGILKKILDQCKKQRRCLHCGAL
NGVVKKAAAGAGSAALKIIHDTFRWVGKKSAPEKDIWVGEWKEVLAHNPELERYVKRCMDDLNPLKTLNLFKQIKSADCE
LLGIDATVPSGRPETYIWRYLPAPPVCIRPSVMMQDSPASNEDDLTVKLTEIVWTSSLIKAGLDKGISINNMMEHWDYLQ
LTVAMYINSDSVNPAMLPGSSNGGGKVKPIRGFCQRLKGKQGRFRGNLSGKRVDFSGRTVISPDPNLSIDEVAVPDRVAK
VLTYPEKVTRYNRHKLQELIVNGPNVHPGANYLLKRNEDARRNLRYGDRMKLAKNLQIGDVVERHLEDGDVVLFNRQPSL
HRLSILSHYAKIRPWRTFRLNECVCTPYNADFDGDEMNLHVPQTEEARAEAINLMGVKNNLLTPKSGEPIIAATQDFITG
SYLISHKDSFYDRATLTQLLSMMSDGIEHFDIPPPAIMKPYYLWTGKQVFSLLIKPNHNSPVVINLDAKNKVFVPPKSKS
LPNEMSQNDGFVIIRGSQILSGVMDKSVLGDGKKHSVFYTILRDYGPQEAANAMNRMAKLCARFLGNRGFSIGINDVTPA
DDLKQKKEELVEIAYHKCDELITLFNKGELETQPGCNEEQTLEAKIGGLLSKVREEVGDVCINELDNWNAPLIMATCGSK
GSTLNVSQMVAVVGQQIISGNRVPDGFQDRSLPHFPKNSKTPQSKGFVRNSFFSGLSPPEFLFHAISGREGLVDTAVKTA
ETGYMSRRLMKSLEDLSCQYDNTVRTSANGIVQFTYGGDGLDPLEMEGNAQPVNFNRSWDHAYNITFNNQDKGLLPYAIM
ETANEILGPLEERLVRYDNSGCLVKREDLNKAEYVDQYDAERDFYHSLREYINGKATALANLRKSRGMLGLLEPPAKELQ
GIDPDETVPDNVKTSVSQLYRISEKSVRKFLEIALFKYRKARLEPGTAIGAIGAQSIGEPGTQMTLKTFHFAGVASMNVT
LGVPRIKEIINASKVISTPIINAVLVNDNDERAARVVKGRVEKTLLSDVAFYVQDVYKDNLSFIQVRIDLGTIDKLQLEL
TIEDIAVAITRASKLKIQASDVNIIGKDRIAINVFPEGYKAKSISTSAKEPSENDVFYRMQQLRRALPDVVVKGLPDISR
AVINIRDDGKRELLVEGYGLRDVMCTDGVIGSRTTTNHVLEVFSVLGIEAARYSIIREINYTMSNHGMSVDPRHIQLLGD
VMTYKGEVLGITRFGLSKMRDSVLQLASFEKTTDHLFDAAFYMKKDAVEGVSECIILGQTMSIGTGSFKVVKGTNISEKD
LVPKRCLFESLSNEAALKAN
;
A
2 'polypeptide(L)'
;MVAATKRRKTHIHKHVKDEAFDDLLKPVYKGKKLTDEINTAQDKWHLLPAFLKVKGLVKQHLDSFNYFVDTDLKKIIKAN
QLILSDVDPEFYLKYVDIRVGKKSSSSTKDYLTPPHECRLRDMTYSAPIYVDIEYTRGRNIIMHKDVEIGRMPIMLRSNK
CILYDADESKMAKLNECPLDPGGYFIVNGTEKVILVQEQLSKNRIIVEADEKKGIVQASVTSSTHERKSKTYVITKNGKI
YLKHNSIAEEIPIAIVLKACGILSDLEIMQLVCGNDSSYQDIFAVNLEESSKLDIYTQQQALEYIGAKVKTMRRQKLTIL
QEGIEAIATTVIAHLTVEALDFREKALYIAMMTRRVVMAMYNPKMIDDRDYVGNKRLELAGQLISLLFEDLFKKFNNDFK
LSIDKVLKKPNRAMEYDALLSINVHSNNITSGLNRAISTGNWSLKRFKMERAGVTHVLSRLSYISALGMMTRISSQFEKS
RKVSGPRALQPSQFGMLCTADTPEGEACGLVKNLALMTHITTDDEEEPIKKLCYVLGVEDITLIDSASLHLNYGVYLNGT
LIGSIRFPTKFVTQFRHLRRTGKVSEFISIYSNSHQMAVHIATDGGRICRPLIIVSDGQSRVKDIHLRKLLDGELDFDDF
LKLGLVEYLDVNEENDSYIALYEKDIVPSMTHLEIEPFTILGAVAGLIPYPHHNQSPRNTYQCAMGKQAIGAIAYNQFKR
IDTLLYLMTYPQQPMVKTKTIELIDYDKLPAGQNATVAVMSYSGYDIEDALVLNKSSIDRGFGRCETRRKTTTVLKRYAN
HTQDIIGGMRVDENGDPIWQHQSLGPDGLGEVGMKVQSGQIYINKSVPTNSADAPNPNNVNVQTQYREAPVIYRGPEPSH
IDQVMMSVSDNDQALIKVLLRQNRRPELGDKFSSRHGQKGVCGIIVKQEDMPFNDQGIVPDIIMNPHGFPSRMTVGKMIE
LISGKAGVLNGTLEYGTCFGGSKLEDMSKILVDQGFNYSGKDMLYSGITGECLQAYIFFGPIYYQKLKHMVLDKMHARAR
GPRAVLTRQPTEGRSRDGGLRLGEMERDCVIAYGASQLLLERLMISSDAFEVDVCDKCGLMGYSGWCTTCKSAENIIKMT
IPYAAKLLFQELLSMNIAPRLRLEDIFQQ
;
B
3 'polypeptide(L)'
;MSNIVGIEYNRVTNTTSTDFPGFSKDAENEWNVEKFKKDFEVNISSLDAREANFDLINIDTSIANAFRRIMISEVPSVAA
EYVYFFNNTSVIQDEVLAHRIGLVPLKVDPDMLTWVDSNLPDDEKFTDENTIVLSLNVKCTRNPDAPKGSTDPKELYNNA
HVYARDLKFEPQGRQSTTFADCPVVPADPDILLAKLRPGQEISLKAHCILGIGGDHAKFSPVSTASYRLLPQINILQPIK
GESARRFQKCFPPGVIGIDEGSDEAYVKDARKDTVSREVLRYEEFADKVKLGRVRNHFIFNVESAGAMTPEEIFFKSVRI
LKNKAEYLKNCPITQ
;
C
4 'polypeptide(L)'
;MKVLEERNAFLSDYEVLKFLTDLEKKHLWDQKSLAALKKSRSKGKQNRPYNHPELQGITRNVVNYLSINKNFINQEDEGE
ERESSGAKDAEKSGISKMSDESFAELMTKLNSFKLFKAEKLQIVNQLPANMVHLYSIVEECDARFDEKTIEEMLEIISGY
A
;
D
5 'polypeptide(L)'
;MDQENERNISRLWRAFRTVKEMVKDRGYFITQEEVELPLEDFKAKYCDSMGRPQRKMMSFQANPTEESISKFPDMGSLWV
EFCDEPSVGVKTMKTFVIHIQEKNFQTGIFVYQNNITPSAMKLVPSIPPATIETFNEAALVVNITHHELVPKHIRLSSDE
KRELLKRYRLKESQLPRIQRADPVALYLGLKRGEVVKIIRKSETSGRYASYRICM
;
E
6 'polypeptide(L)'
;MSDYEEAFNDGNENFEDFDVEHFSDEETYEEKPQFKDGETTDANGKTIVTGGNGPEDFQQHEQIRRKTLKEKAIPKDQRA
TTPYMTKYERARILGTRALQISMNAPVFVDLEGETDPLRIAMKELAEKKIPLVIRRYLPDGSFEDWSVEELIVDL
;
F
7 'polypeptide(L)'
;MFILSKIADLVRIPPDQFHRDTISAITHQLNNKFANKIIPNVGLCITIYDLLTVEEGQLKPGDGSSYINVTFRAVVFKPF
LGEIVTGWISKCTAEGIKVSLLGIFDDIFIPQNMLFEGCYYTPEESAWIWPMDEETKLYFDVNEKIRFRIEREVFVDVKP
KSPKERELEERAQLENEIEGKNEETPQNEKPPAYALLGSCQTDGMGLVSWWE
;
G
8 'polypeptide(L)'
;MSNTLFDDIFQVSEVDPGRYNKVCRIEAASTTQDQCKLTLDINVELFPVAAQDSLTVTIASSLNLEDTPANDSSATRSWR
PPQAGDRSLADDYDYVMYGTAYKFEEVSKDLIAVYYSFGGLLMRLEGNYRNLNNLKQENAYLLIRR
;
H
9 'polypeptide(L)'
;MLSFCPSCNNMLLITSGDSGVYTLACRSCPYEFPIEGIEIYDRKKLPRKEVDDVLGGGWDNVDQTKTQCPNYDTCGGESA
YFFQLQIRSADEPMTTFYKCVNCGHRWKEN
;
I
10 'polypeptide(L)' MIVPVRCFSCGKVVGDKWESYLNLLQEDELDEGTALSRLGLKRYCCRRMILTHVDLIEKFLRYNPLEKRD J
11 'polypeptide(L)'
;MTEDIEQKKTATEVTPQEPKHIQEEEEQDVDMTGDEEQEEEPDREKIKLLTQATSEDGTSASFQIVEEDHTLGNALRYVI
MKNPDVEFCGYSIPHPSENLLNIRIQTYGETTAVDALQKGLKDLMDLCDVVESKFTEKIKSM
;
K
12 'polypeptide(L)'
;(UNK)(UNK)(UNK)(UNK)(UNK)(UNK)(UNK)(UNK)(UNK)(UNK)(UNK)(UNK)(UNK)(UNK)(UNK)(UNK)
(UNK)(UNK)(UNK)(UNK)(UNK)(UNK)(UNK)(UNK)(UNK)(UNK)LKYICAECSSKLSLSRTDAVRCKDCGHRIL
LKARTKRLVQFEAR
;
L
13 'polypeptide(L)'
;MSIDNKLFVTEEDEEDRTQDRADVEDESNDIDMIADENGTNSAIANEQEEKSEEVKAEDDTGEEEEDDPVIEEFPLKISG
EEESLHVFQYANRPRLVGRKPAEHPFISAARYKPKSHLWEIDIPLDEQAFYNKDKAESEWNGVNVQTLKGVGVENNGQYA
AFVKDMQVYLVPIERVAQLKPFFKYIDDANVTRKQEDARRNPNPSSQRAQVVTMSVKSVNDPSQNRLTGSLLAHKVADEE
ANIELTWAEGTFEQFKDTIVKEAEDKTLVALEKQEDYIDNLV
;
M
14 'polypeptide(L)'
;(UNK)(UNK)(UNK)(UNK)(UNK)(UNK)(UNK)(UNK)(UNK)(UNK)(UNK)(UNK)(UNK)(UNK)(UNK)(UNK)
(UNK)(UNK)(UNK)(UNK)(UNK)(UNK)(UNK)(UNK)(UNK)(UNK)(UNK)(UNK)(UNK)(UNK)(UNK)(UNK)
(UNK)(UNK)(UNK)(UNK)(UNK)(UNK)(UNK)(UNK)(UNK)(UNK)(UNK)(UNK)(UNK)(UNK)(UNK)(UNK)
(UNK)(UNK)(UNK)(UNK)(UNK)(UNK)(UNK)(UNK)(UNK)(UNK)(UNK)(UNK)(UNK)(UNK)(UNK)(UNK)
(UNK)(UNK)(UNK)(UNK)(UNK)(UNK)(UNK)(UNK)(UNK)(UNK)(UNK)(UNK)(UNK)(UNK)(UNK)(UNK)
(UNK)(UNK)(UNK)(UNK)(UNK)(UNK)(UNK)(UNK)(UNK)(UNK)(UNK)(UNK)(UNK)(UNK)(UNK)(UNK)
(UNK)(UNK)(UNK)(UNK)(UNK)(UNK)(UNK)(UNK)(UNK)(UNK)(UNK)(UNK)(UNK)(UNK)(UNK)(UNK)
(UNK)(UNK)(UNK)(UNK)(UNK)(UNK)(UNK)(UNK)(UNK)(UNK)(UNK)(UNK)(UNK)(UNK)(UNK)(UNK)
(UNK)(UNK)(UNK)(UNK)(UNK)(UNK)(UNK)(UNK)(UNK)(UNK)(UNK)(UNK)(UNK)(UNK)(UNK)(UNK)
(UNK)(UNK)(UNK)(UNK)(UNK)(UNK)(UNK)(UNK)(UNK)(UNK)(UNK)(UNK)(UNK)(UNK)(UNK)(UNK)
(UNK)(UNK)(UNK)(UNK)(UNK)(UNK)(UNK)(UNK)(UNK)(UNK)(UNK)(UNK)(UNK)(UNK)(UNK)(UNK)
(UNK)(UNK)(UNK)(UNK)(UNK)(UNK)(UNK)(UNK)(UNK)(UNK)(UNK)(UNK)(UNK)(UNK)(UNK)(UNK)
(UNK)(UNK)RIEQLFPVRPVRVRHEDVETVKREIQEALSEKPTREPTPSVKTEPVGTGLQSYLEERERQVNEKLADLGL
EKEFQSVDGKEAAAELELLNADHQHILRKLKKMNNKPERFMVFQLPTRLPAFERPAVKEEKEDMETQASDPSKKKKNIKK
KDTKDALSTRELAGKVGSIRVHKSGKLSVKIGNVVMDIGKGAETTFLQDVIALSIADDASSAELLGRVDGKIVVTPQI
;
N
15 'polypeptide(L)'
;MDELLGEALSAENQTGESTVESEKLVTPEDVMTISSLEQRTLNPDLFLYKELVKAHLGERAASVIGMLVALGRLSVRELV
EKIDGMDVDSVKTTLVSLTQLRCVKYLQETAISGKKTTYYYYNEEGIHILLYSGLIIDEIITQMRVNDEEEHKQLVAEIV
QNVISLGSLTVEDYLSSVTSDSMKYTISSLFVQLCEMGYLIQISKLHYTPIEDLWQFLYEKHYKNIPRNSPLSDLKKRSQ
AKMNAKTDFAKIINKPNELSQILTVDPKTSLRIVKPTVSLTINLDRFMKGRRSKQLINLAKTRVGSVTAQVYKIALRLTE
QKSPKIRDPLTQTGLLQDLEEAKSFQDEAELVEEKTPGLTFNAIDLARHLPAELDLRGSLLSRKPSDNKKRSGSNAAASL
PSKKLKTEDGFVIPALPAAVSKSLQESGDTQEEDEEEEDLDADTEDPHSASLINSHLKILASSNFPFLNETKPGVYYVPY
SKLMPVLKSSVYEYVIASTLGPSAMRLSRCIRDNKLVSEKIINSTALMKEKDIRSTLASLIRYNSVEIQEVPRTADRSAS
RAVFLFRCKETHSYNFMRQNLEWNMANLLFKKEKLKQENSTLLKKANRDDVKGRENELLLPSELNQLKMVNERELNVFAR
LSRLLSLWEVFQMA
;
O
16 'polypeptide(L)'
;MSGMIENGLQLSDNAKTLHSQMMSKGIGALFTQQELQKQMGIGSLTDLMSIVQELLDKNLIKLVKQNDELKFQGVLESEA
QKKATMSAEEALVYSYIEASGREGIWSKTIKARTNLHQHVVLKCLKSLESQRYVKSVKSVKFPTRKIYMLYSLQPSVDIT
GGPWFTDGELDIEFINSLLTIVWRFISENTFPNGFKNFENGPKKNVFYAPNVKNYSTTQEILEFITAAQVANVELTPSNI
RSLCEVLVYDDKLEKVTHDCYRVTLESILQMNQGEGEPEAGNKALEDEEEFSIFNYFKMFPASKHDKEVVYFDEWTI
;
P
17 'polypeptide(L)'
;MSSYRGGSRGGGSNYMSNLPFGLGYGDVGKNHITEFPSIPLPINGPITNKERSLAVKYINFGKTVKDGPFYTGSMSLIID
QQENSKSGKRKPNIILDEDDTNDGIERYSDKYLKKRKIGISIDDHPYNLNLFPNELYNVMGINKKKLLAISKFNNADDVF
TGTGLQDENIGLSMLAKLKELAEDVDDASTGDGAAKGSKTGEGEDDDLADDDFEEDEDEEDDDDYNAEKYFNNGDDDDYG
DEEDPNEEAAF
;
Q
18 'polypeptide(L)'
;NVHTSESTRKYPYPFIHRMLAHANAQTIRYSLKNNTITYFNESDVDWSSAIDYQCPDCLIGKSTKHRHIKGSRLKYQNSY
EPFQYLHTDIFGPVHNLPNSAPSYFISFTDETTKFRWVYPLHDRREDSILDVFTTILAFIKNQFQASVLVIQMDRGSEYT
NRTLHKFLEKNGITPCYTTTADSRAHGVAERLNRTLLDDCRTQLQCSGLPNHLWFSAIEFSTIVRNSLASPKSKKSARQH
AGLAGLDISTLLPFGQPVIVNDHNPNSKIHPRGIPGYALHPSRNSYGYIIYLPSLKKTVDTTNYVILQGKESRLDQFNYD
ALTFDEDLNRLTASYHSFIASNEIQESNDLNIESDHDFQSDIELHPEQPRNVLSKAVSPTDSTPPSTHTEDSKRVSKTNI
RAPREVDPNISESNILPSKKRSSTPQISNIESTGSGGMHKLNVPLLAPMSQSNTHESSHASKSKDFRHSDSYSENETNHT
NVPISSTGGTNNKTVPQISDQETEKRIIHRSPSIDASPPENNSSHNIVPIKTPTTVSEQNTEESIIADLPLPDLPPESPT
EFPDPFKELPPINSRQTNSSLGGIGDSNAYTTINSKKRSLEDNETEIKVSRDTWNTKNMRSLEPPRSKKRIHLIA
;
W
19 'polypeptide(L)'
;(UNK)(UNK)(UNK)(UNK)(UNK)(UNK)(UNK)(UNK)(UNK)(UNK)(UNK)(UNK)(UNK)(UNK)(UNK)(UNK)
(UNK)
;
X
#
loop_
_chem_comp.id
_chem_comp.type
_chem_comp.name
_chem_comp.formula
MG non-polymer 'MAGNESIUM ION' 'Mg 2'
ZN non-polymer 'ZINC ION' 'Zn 2'
#
# COMPACT_ATOMS: atom_id res chain seq x y z
N LYS A 2 58.27 -12.82 2.83
CA LYS A 2 57.03 -12.14 2.47
C LYS A 2 55.82 -13.01 2.78
N GLU A 3 54.85 -13.01 1.86
CA GLU A 3 53.57 -13.72 2.01
C GLU A 3 53.03 -13.63 3.44
N VAL A 4 52.81 -12.39 3.88
CA VAL A 4 52.31 -12.15 5.23
C VAL A 4 50.97 -12.85 5.43
N VAL A 5 50.66 -13.15 6.70
CA VAL A 5 49.42 -13.83 7.02
C VAL A 5 48.23 -12.94 6.68
N VAL A 6 47.25 -13.52 6.01
CA VAL A 6 46.00 -12.83 5.67
C VAL A 6 44.86 -13.58 6.35
N SER A 7 44.04 -12.85 7.11
CA SER A 7 42.96 -13.44 7.88
C SER A 7 41.63 -12.95 7.37
N GLU A 8 40.68 -13.87 7.21
CA GLU A 8 39.30 -13.55 6.85
C GLU A 8 38.37 -14.19 7.87
N THR A 9 37.47 -13.38 8.42
CA THR A 9 36.49 -13.87 9.39
C THR A 9 35.10 -13.45 8.90
N PRO A 10 34.18 -14.39 8.74
CA PRO A 10 32.83 -14.02 8.30
C PRO A 10 32.16 -13.10 9.32
N LYS A 11 31.40 -12.13 8.81
CA LYS A 11 30.79 -11.12 9.64
C LYS A 11 29.35 -10.87 9.19
N ARG A 12 28.56 -10.30 10.10
CA ARG A 12 27.19 -9.94 9.81
C ARG A 12 26.96 -8.50 10.26
N ILE A 13 25.92 -7.89 9.72
CA ILE A 13 25.58 -6.51 10.07
C ILE A 13 24.88 -6.50 11.42
N LYS A 14 25.58 -6.03 12.45
CA LYS A 14 25.01 -5.94 13.78
C LYS A 14 24.01 -4.79 13.91
N GLY A 15 24.30 -3.64 13.33
CA GLY A 15 23.41 -2.52 13.42
C GLY A 15 23.78 -1.45 12.41
N LEU A 16 22.98 -0.39 12.40
CA LEU A 16 23.18 0.76 11.51
C LEU A 16 23.34 2.01 12.34
N GLU A 17 24.33 2.83 11.99
CA GLU A 17 24.51 4.15 12.58
C GLU A 17 24.15 5.19 11.55
N PHE A 18 23.00 5.85 11.76
CA PHE A 18 22.54 6.90 10.88
C PHE A 18 23.04 8.24 11.36
N SER A 19 23.54 9.04 10.43
CA SER A 19 24.19 10.31 10.75
C SER A 19 24.15 11.18 9.51
N ALA A 20 24.91 12.27 9.55
CA ALA A 20 25.08 13.14 8.39
C ALA A 20 26.53 13.13 7.95
N LEU A 21 26.73 13.17 6.63
CA LEU A 21 28.07 13.28 6.08
C LEU A 21 28.56 14.71 6.24
N SER A 22 29.59 14.91 7.06
CA SER A 22 30.17 16.24 7.18
C SER A 22 30.84 16.64 5.88
N ALA A 23 31.21 17.91 5.79
CA ALA A 23 31.90 18.40 4.60
C ALA A 23 33.20 17.65 4.35
N ALA A 24 33.89 17.26 5.42
CA ALA A 24 35.12 16.50 5.28
C ALA A 24 34.86 15.12 4.69
N ASP A 25 33.79 14.46 5.17
CA ASP A 25 33.51 13.10 4.71
C ASP A 25 33.06 13.07 3.27
N ILE A 26 32.34 14.11 2.83
CA ILE A 26 31.86 14.15 1.45
C ILE A 26 33.02 14.18 0.48
N VAL A 27 34.06 14.96 0.78
CA VAL A 27 35.25 14.99 -0.06
C VAL A 27 36.09 13.73 0.17
N ALA A 28 36.01 13.16 1.37
CA ALA A 28 36.76 11.94 1.65
C ALA A 28 36.28 10.78 0.78
N GLN A 29 34.97 10.63 0.65
CA GLN A 29 34.41 9.57 -0.20
C GLN A 29 34.48 9.92 -1.67
N SER A 30 34.36 11.20 -2.02
CA SER A 30 34.31 11.60 -3.42
C SER A 30 35.65 11.37 -4.09
N GLU A 31 35.61 10.81 -5.30
CA GLU A 31 36.81 10.58 -6.08
C GLU A 31 37.04 11.64 -7.15
N VAL A 32 36.16 12.64 -7.25
CA VAL A 32 36.33 13.75 -8.18
C VAL A 32 35.43 14.88 -7.72
N GLU A 33 35.76 16.09 -8.15
CA GLU A 33 34.89 17.25 -8.00
C GLU A 33 34.20 17.52 -9.32
N VAL A 34 32.92 17.86 -9.28
CA VAL A 34 32.18 18.21 -10.48
C VAL A 34 32.06 19.73 -10.50
N SER A 35 32.60 20.34 -11.55
CA SER A 35 32.60 21.79 -11.68
C SER A 35 32.08 22.29 -13.01
N THR A 36 32.36 21.60 -14.11
CA THR A 36 31.93 22.03 -15.43
C THR A 36 30.45 21.73 -15.62
N ARG A 37 29.71 22.73 -16.08
CA ARG A 37 28.27 22.57 -16.29
C ARG A 37 27.95 21.71 -17.50
N ASP A 38 28.93 21.40 -18.33
CA ASP A 38 28.67 20.63 -19.54
C ASP A 38 28.95 19.15 -19.32
N LEU A 39 27.95 18.32 -19.67
CA LEU A 39 28.10 16.88 -19.67
C LEU A 39 28.92 16.38 -20.84
N PHE A 40 28.69 16.95 -22.02
CA PHE A 40 29.42 16.60 -23.23
C PHE A 40 29.70 17.87 -24.02
N ASP A 41 30.75 17.82 -24.83
CA ASP A 41 31.06 18.88 -25.78
C ASP A 41 30.99 18.32 -27.19
N LEU A 42 30.52 19.17 -28.11
CA LEU A 42 30.60 18.81 -29.53
C LEU A 42 32.03 18.64 -29.98
N GLU A 43 32.99 19.20 -29.24
CA GLU A 43 34.40 19.08 -29.58
C GLU A 43 34.94 17.68 -29.29
N LYS A 44 34.57 17.09 -28.16
CA LYS A 44 35.03 15.76 -27.78
C LYS A 44 34.15 14.65 -28.34
N ASP A 45 33.15 15.00 -29.16
CA ASP A 45 32.25 14.04 -29.79
C ASP A 45 31.43 13.29 -28.74
N ARG A 46 30.85 14.06 -27.82
CA ARG A 46 29.92 13.54 -26.81
C ARG A 46 30.56 12.47 -25.94
N ALA A 47 31.89 12.53 -25.82
CA ALA A 47 32.61 11.63 -24.94
C ALA A 47 32.74 12.24 -23.56
N PRO A 48 32.33 11.53 -22.51
CA PRO A 48 32.37 12.12 -21.15
C PRO A 48 33.81 12.41 -20.74
N LYS A 49 34.08 13.68 -20.46
CA LYS A 49 35.41 14.11 -20.03
C LYS A 49 35.33 14.75 -18.64
N ALA A 50 36.47 15.24 -18.16
CA ALA A 50 36.68 15.48 -16.74
C ALA A 50 35.73 16.55 -16.20
N ASN A 51 35.38 16.38 -14.92
CA ASN A 51 34.67 17.34 -14.08
C ASN A 51 33.23 17.58 -14.49
N GLY A 52 32.70 16.83 -15.46
CA GLY A 52 31.30 16.95 -15.83
C GLY A 52 30.41 16.16 -14.88
N ALA A 53 29.10 16.32 -15.09
CA ALA A 53 28.13 15.55 -14.32
C ALA A 53 28.30 14.06 -14.57
N LEU A 54 28.53 13.68 -15.83
CA LEU A 54 28.75 12.28 -16.21
C LEU A 54 30.23 11.94 -16.31
N ASP A 55 31.05 12.49 -15.42
CA ASP A 55 32.46 12.16 -15.41
C ASP A 55 32.61 10.67 -15.14
N PRO A 56 33.32 9.92 -15.99
CA PRO A 56 33.42 8.47 -15.80
C PRO A 56 34.03 8.07 -14.47
N LYS A 57 34.79 8.97 -13.84
CA LYS A 57 35.38 8.66 -12.54
C LYS A 57 34.32 8.39 -11.47
N MET A 58 33.07 8.79 -11.72
CA MET A 58 31.95 8.43 -10.86
C MET A 58 31.27 7.13 -11.28
N GLY A 59 31.76 6.48 -12.33
CA GLY A 59 31.18 5.26 -12.83
C GLY A 59 30.86 5.36 -14.30
N VAL A 60 30.32 4.27 -14.83
CA VAL A 60 29.97 4.17 -16.25
C VAL A 60 28.49 3.86 -16.39
N SER A 61 27.92 4.25 -17.52
CA SER A 61 26.51 4.00 -17.82
C SER A 61 26.30 2.84 -18.78
N SER A 62 27.38 2.20 -19.24
CA SER A 62 27.27 1.08 -20.16
C SER A 62 28.39 0.10 -19.88
N SER A 63 28.16 -1.16 -20.24
CA SER A 63 29.09 -2.23 -19.94
C SER A 63 30.28 -2.29 -20.90
N SER A 64 30.47 -1.27 -21.73
CA SER A 64 31.60 -1.23 -22.64
C SER A 64 32.45 0.02 -22.39
N LEU A 65 32.51 0.47 -21.15
CA LEU A 65 33.27 1.67 -20.80
C LEU A 65 34.10 1.38 -19.56
N GLU A 66 35.13 2.19 -19.37
CA GLU A 66 36.02 2.09 -18.22
C GLU A 66 35.74 3.22 -17.24
N CYS A 67 35.88 2.92 -15.95
CA CYS A 67 35.57 3.90 -14.92
C CYS A 67 36.64 4.96 -14.75
N ALA A 68 37.91 4.58 -14.92
CA ALA A 68 39.09 5.39 -14.58
C ALA A 68 39.28 5.55 -13.08
N THR A 69 38.38 4.99 -12.26
CA THR A 69 38.55 4.91 -10.82
C THR A 69 38.84 3.48 -10.36
N CYS A 70 38.08 2.52 -10.88
CA CYS A 70 38.28 1.11 -10.58
C CYS A 70 38.57 0.29 -11.84
N HIS A 71 38.42 0.89 -13.02
CA HIS A 71 38.72 0.22 -14.30
C HIS A 71 37.85 -1.02 -14.49
N GLY A 72 36.54 -0.84 -14.35
CA GLY A 72 35.59 -1.93 -14.53
C GLY A 72 34.37 -1.46 -15.29
N ASN A 73 33.72 -2.39 -15.97
CA ASN A 73 32.55 -2.08 -16.78
C ASN A 73 31.31 -1.96 -15.88
N LEU A 74 30.14 -1.85 -16.50
CA LEU A 74 28.90 -1.64 -15.74
C LEU A 74 28.59 -2.83 -14.84
N ALA A 75 29.04 -4.03 -15.20
CA ALA A 75 28.75 -5.21 -14.41
C ALA A 75 29.65 -5.36 -13.19
N SER A 76 30.69 -4.54 -13.07
CA SER A 76 31.63 -4.64 -11.96
C SER A 76 31.79 -3.37 -11.14
N CYS A 77 31.67 -2.20 -11.75
CA CYS A 77 31.87 -0.95 -11.04
C CYS A 77 30.77 -0.75 -10.00
N HIS A 78 31.18 -0.60 -8.74
CA HIS A 78 30.25 -0.35 -7.65
C HIS A 78 29.70 1.07 -7.67
N GLY A 79 30.28 1.96 -8.47
CA GLY A 79 29.90 3.35 -8.46
C GLY A 79 30.79 4.15 -7.52
N HIS A 80 31.12 5.38 -7.90
CA HIS A 80 31.97 6.24 -7.10
C HIS A 80 31.36 7.63 -7.04
N PHE A 81 31.68 8.36 -5.96
CA PHE A 81 30.99 9.59 -5.65
C PHE A 81 31.75 10.82 -6.14
N GLY A 82 31.02 11.92 -6.25
CA GLY A 82 31.62 13.21 -6.52
C GLY A 82 30.97 14.27 -5.64
N HIS A 83 31.70 15.35 -5.43
CA HIS A 83 31.26 16.39 -4.51
C HIS A 83 31.13 17.72 -5.21
N LEU A 84 30.27 18.57 -4.66
CA LEU A 84 30.03 19.92 -5.16
C LEU A 84 30.36 20.92 -4.08
N LYS A 85 31.14 21.95 -4.42
CA LYS A 85 31.41 23.06 -3.53
C LYS A 85 30.39 24.15 -3.84
N LEU A 86 29.55 24.47 -2.87
CA LEU A 86 28.46 25.42 -3.04
C LEU A 86 28.85 26.76 -2.43
N ALA A 87 29.12 27.75 -3.28
CA ALA A 87 29.25 29.11 -2.81
C ALA A 87 27.92 29.57 -2.24
N LEU A 88 27.98 30.26 -1.09
CA LEU A 88 26.79 30.61 -0.33
C LEU A 88 25.96 29.35 -0.04
N PRO A 89 26.41 28.49 0.89
CA PRO A 89 25.68 27.26 1.19
C PRO A 89 24.22 27.50 1.53
N VAL A 90 23.40 26.45 1.42
CA VAL A 90 21.95 26.58 1.43
C VAL A 90 21.37 25.65 2.49
N PHE A 91 20.08 25.84 2.78
CA PHE A 91 19.39 25.04 3.78
C PHE A 91 19.21 23.61 3.30
N HIS A 92 18.86 22.73 4.23
CA HIS A 92 18.61 21.33 3.94
C HIS A 92 17.13 21.03 4.13
N ILE A 93 16.49 20.49 3.09
CA ILE A 93 15.04 20.29 3.12
C ILE A 93 14.68 19.16 4.08
N GLY A 94 15.43 18.06 4.05
CA GLY A 94 15.17 16.99 5.00
C GLY A 94 15.48 17.39 6.42
N TYR A 95 16.40 18.35 6.60
CA TYR A 95 16.76 18.85 7.92
C TYR A 95 16.14 20.22 8.21
N PHE A 96 15.13 20.62 7.44
CA PHE A 96 14.49 21.92 7.68
C PHE A 96 13.79 21.94 9.03
N LYS A 97 12.98 20.91 9.31
CA LYS A 97 12.31 20.82 10.60
C LYS A 97 13.33 20.74 11.72
N ALA A 98 14.42 20.01 11.51
CA ALA A 98 15.48 19.90 12.50
C ALA A 98 16.11 21.25 12.79
N THR A 99 16.39 22.04 11.76
CA THR A 99 17.01 23.35 11.96
C THR A 99 16.04 24.30 12.66
N ILE A 100 14.75 24.22 12.30
CA ILE A 100 13.73 25.01 12.98
C ILE A 100 13.72 24.69 14.47
N GLN A 101 13.80 23.41 14.82
CA GLN A 101 13.78 23.04 16.23
C GLN A 101 15.09 23.39 16.92
N ILE A 102 16.21 23.36 16.20
CA ILE A 102 17.49 23.71 16.80
C ILE A 102 17.52 25.19 17.14
N LEU A 103 17.06 26.05 16.22
CA LEU A 103 17.09 27.48 16.47
C LEU A 103 16.11 27.88 17.56
N GLN A 104 15.10 27.06 17.84
CA GLN A 104 14.22 27.31 18.97
C GLN A 104 14.97 27.15 20.29
N GLY A 105 15.85 26.15 20.37
CA GLY A 105 16.50 25.84 21.63
C GLY A 105 17.60 26.81 22.02
N ILE A 106 18.06 27.64 21.08
CA ILE A 106 19.16 28.55 21.32
C ILE A 106 18.70 29.97 21.02
N CYS A 107 19.52 30.94 21.46
CA CYS A 107 19.32 32.33 21.13
C CYS A 107 20.26 32.71 19.99
N LYS A 108 19.71 33.41 19.00
CA LYS A 108 20.50 33.80 17.83
C LYS A 108 21.45 34.96 18.11
N ASN A 109 21.38 35.56 19.30
CA ASN A 109 22.26 36.69 19.60
C ASN A 109 23.67 36.21 19.96
N CYS A 110 23.79 35.44 21.03
CA CYS A 110 25.07 34.99 21.54
C CYS A 110 25.35 33.51 21.29
N SER A 111 24.53 32.86 20.46
CA SER A 111 24.71 31.44 20.12
C SER A 111 24.71 30.57 21.38
N ALA A 112 23.83 30.89 22.32
CA ALA A 112 23.74 30.18 23.58
C ALA A 112 22.37 29.51 23.69
N ILE A 113 22.36 28.33 24.30
CA ILE A 113 21.14 27.57 24.45
C ILE A 113 20.15 28.32 25.34
N LEU A 114 18.86 28.10 25.08
CA LEU A 114 17.81 28.68 25.92
C LEU A 114 17.48 27.75 27.08
N LEU A 115 18.51 27.35 27.83
CA LEU A 115 18.31 26.47 28.96
C LEU A 115 19.25 26.89 30.08
N SER A 116 18.70 26.94 31.29
CA SER A 116 19.48 27.32 32.46
C SER A 116 20.53 26.26 32.75
N GLU A 117 21.74 26.70 33.12
CA GLU A 117 22.85 25.79 33.32
C GLU A 117 22.67 24.86 34.52
N THR A 118 21.55 24.93 35.24
CA THR A 118 21.29 24.00 36.32
C THR A 118 19.84 23.51 36.40
N ASP A 119 18.98 23.90 35.46
CA ASP A 119 17.55 23.57 35.57
C ASP A 119 17.24 22.24 34.86
N LYS A 120 17.57 22.13 33.58
CA LYS A 120 17.28 20.92 32.83
C LYS A 120 18.35 19.85 32.96
N ARG A 121 19.34 20.06 33.83
CA ARG A 121 20.33 19.01 34.07
C ARG A 121 19.72 17.81 34.78
N GLN A 122 18.62 17.99 35.50
CA GLN A 122 17.90 16.85 36.06
C GLN A 122 17.41 15.93 34.95
N PHE A 123 16.79 16.51 33.92
CA PHE A 123 16.29 15.70 32.81
C PHE A 123 17.44 15.21 31.93
N LEU A 124 18.53 15.97 31.84
CA LEU A 124 19.72 15.48 31.17
C LEU A 124 20.25 14.22 31.85
N HIS A 125 20.31 14.23 33.18
CA HIS A 125 20.67 13.02 33.92
C HIS A 125 19.65 11.91 33.71
N GLU A 126 18.36 12.28 33.61
CA GLU A 126 17.33 11.30 33.33
C GLU A 126 17.54 10.63 31.97
N LEU A 127 18.11 11.37 31.01
CA LEU A 127 18.34 10.82 29.68
C LEU A 127 19.27 9.61 29.69
N ARG A 128 20.17 9.51 30.66
CA ARG A 128 21.11 8.41 30.74
C ARG A 128 20.52 7.18 31.41
N ARG A 129 19.19 7.08 31.46
CA ARG A 129 18.55 5.87 31.97
C ARG A 129 18.93 4.68 31.10
N PRO A 130 19.28 3.53 31.70
CA PRO A 130 19.63 2.38 30.86
C PRO A 130 18.52 1.94 29.92
N GLY A 131 17.27 1.99 30.37
CA GLY A 131 16.15 1.70 29.51
C GLY A 131 15.46 2.94 28.97
N VAL A 132 15.76 3.29 27.72
CA VAL A 132 15.18 4.47 27.08
C VAL A 132 14.69 4.05 25.70
N ASP A 133 13.45 4.41 25.39
CA ASP A 133 12.81 4.03 24.15
C ASP A 133 12.71 5.24 23.21
N ASN A 134 12.14 5.01 22.02
CA ASN A 134 11.87 6.12 21.11
C ASN A 134 10.85 7.08 21.70
N LEU A 135 9.82 6.54 22.36
CA LEU A 135 8.83 7.40 23.02
C LEU A 135 9.48 8.24 24.10
N ARG A 136 10.38 7.66 24.88
CA ARG A 136 11.09 8.43 25.90
C ARG A 136 11.98 9.49 25.26
N ARG A 137 12.74 9.13 24.23
CA ARG A 137 13.62 10.10 23.60
C ARG A 137 12.81 11.28 23.09
N MET A 138 11.72 11.02 22.39
CA MET A 138 10.87 12.11 21.90
C MET A 138 10.25 12.87 23.06
N GLY A 139 9.94 12.19 24.17
CA GLY A 139 9.32 12.88 25.28
C GLY A 139 10.22 13.93 25.91
N ILE A 140 11.43 13.52 26.30
CA ILE A 140 12.35 14.52 26.86
C ILE A 140 12.78 15.54 25.82
N LEU A 141 12.94 15.15 24.56
CA LEU A 141 13.31 16.14 23.57
C LEU A 141 12.20 17.19 23.37
N LYS A 142 10.94 16.76 23.32
CA LYS A 142 9.83 17.69 23.20
C LYS A 142 9.72 18.57 24.43
N LYS A 143 9.93 18.00 25.62
CA LYS A 143 9.89 18.80 26.84
C LYS A 143 11.00 19.86 26.83
N ILE A 144 12.20 19.48 26.38
CA ILE A 144 13.30 20.45 26.28
C ILE A 144 12.93 21.55 25.30
N LEU A 145 12.36 21.19 24.15
CA LEU A 145 12.00 22.19 23.16
C LEU A 145 10.95 23.15 23.69
N ASP A 146 9.94 22.62 24.39
CA ASP A 146 8.88 23.48 24.93
C ASP A 146 9.41 24.36 26.05
N GLN A 147 10.32 23.84 26.88
CA GLN A 147 10.92 24.67 27.91
C GLN A 147 11.76 25.80 27.31
N CYS A 148 12.50 25.49 26.24
CA CYS A 148 13.22 26.53 25.53
C CYS A 148 12.28 27.57 24.91
N LYS A 149 11.15 27.12 24.36
CA LYS A 149 10.16 28.06 23.82
C LYS A 149 9.61 28.97 24.91
N LYS A 150 9.32 28.40 26.08
CA LYS A 150 8.85 29.20 27.21
C LYS A 150 9.92 30.18 27.67
N GLN A 151 11.18 29.75 27.71
CA GLN A 151 12.29 30.60 28.09
C GLN A 151 12.50 31.70 27.06
N ARG A 152 12.15 32.93 27.41
CA ARG A 152 12.31 34.03 26.47
C ARG A 152 13.72 34.61 26.50
N ARG A 153 14.19 35.02 27.68
CA ARG A 153 15.50 35.65 27.82
C ARG A 153 16.56 34.58 28.06
N CYS A 154 17.65 34.66 27.29
CA CYS A 154 18.79 33.78 27.48
C CYS A 154 19.62 34.23 28.67
N LEU A 155 20.30 33.28 29.31
CA LEU A 155 21.12 33.60 30.47
C LEU A 155 22.40 34.35 30.12
N HIS A 156 22.86 34.25 28.88
CA HIS A 156 24.00 35.05 28.43
C HIS A 156 23.56 36.40 27.88
N CYS A 157 22.49 36.43 27.10
CA CYS A 157 21.98 37.66 26.52
C CYS A 157 20.50 37.48 26.23
N GLY A 158 19.65 38.10 27.06
CA GLY A 158 18.23 37.94 26.86
C GLY A 158 17.67 38.94 25.86
N ALA A 159 17.53 38.50 24.61
CA ALA A 159 17.01 39.33 23.53
C ALA A 159 15.58 38.96 23.15
N LEU A 160 14.88 38.26 24.05
CA LEU A 160 13.48 37.86 23.85
C LEU A 160 13.36 36.97 22.60
N ASN A 161 13.96 35.80 22.71
CA ASN A 161 13.75 34.78 21.70
C ASN A 161 12.28 34.35 21.71
N GLY A 162 11.62 34.51 20.56
CA GLY A 162 10.19 34.27 20.49
C GLY A 162 9.82 33.05 19.67
N VAL A 163 9.34 33.27 18.45
CA VAL A 163 8.94 32.20 17.56
C VAL A 163 9.92 32.13 16.40
N VAL A 164 10.07 30.93 15.84
CA VAL A 164 10.97 30.69 14.71
C VAL A 164 10.14 30.14 13.56
N LYS A 165 8.90 30.61 13.44
CA LYS A 165 8.02 30.16 12.38
C LYS A 165 8.60 30.53 11.01
N LYS A 166 8.29 29.72 10.01
CA LYS A 166 8.83 29.91 8.67
C LYS A 166 8.01 30.96 7.91
N ALA A 167 8.45 31.27 6.70
CA ALA A 167 7.81 32.30 5.90
C ALA A 167 6.48 31.80 5.33
N ALA A 168 5.59 32.75 5.07
CA ALA A 168 4.28 32.44 4.52
C ALA A 168 4.38 32.01 3.07
N ALA A 175 9.21 30.62 -1.03
CA ALA A 175 9.38 30.91 0.38
C ALA A 175 10.46 30.03 0.99
N LEU A 176 10.06 29.09 1.84
CA LEU A 176 10.97 28.18 2.54
C LEU A 176 12.03 28.95 3.31
N LYS A 177 11.62 30.05 3.93
CA LYS A 177 12.51 30.91 4.70
C LYS A 177 12.15 30.85 6.18
N ILE A 178 13.05 31.38 7.00
CA ILE A 178 12.86 31.41 8.45
C ILE A 178 12.81 32.87 8.90
N ILE A 179 11.78 33.22 9.65
CA ILE A 179 11.61 34.57 10.19
C ILE A 179 11.36 34.46 11.68
N HIS A 180 12.13 35.21 12.46
CA HIS A 180 12.06 35.19 13.91
C HIS A 180 11.47 36.49 14.44
N ASP A 181 10.46 36.37 15.29
CA ASP A 181 9.84 37.52 15.93
C ASP A 181 10.71 37.92 17.12
N THR A 182 11.56 38.93 16.91
CA THR A 182 12.43 39.39 17.99
C THR A 182 11.62 39.98 19.14
N PHE A 183 10.55 40.69 18.85
CA PHE A 183 9.77 41.43 19.84
C PHE A 183 8.33 40.93 19.93
N ARG A 184 8.15 39.61 19.92
CA ARG A 184 6.80 39.05 19.93
C ARG A 184 6.06 39.37 21.22
N TRP A 185 6.76 39.34 22.36
CA TRP A 185 6.13 39.46 23.68
C TRP A 185 6.41 40.80 24.34
N VAL A 186 6.40 41.89 23.57
CA VAL A 186 6.60 43.23 24.10
C VAL A 186 5.24 43.92 24.22
N GLY A 187 5.11 44.76 25.24
CA GLY A 187 3.96 45.63 25.37
C GLY A 187 4.08 46.55 26.57
N LYS A 188 3.87 47.85 26.36
CA LYS A 188 3.98 48.86 27.42
C LYS A 188 5.31 48.77 28.15
N LYS A 189 6.38 48.45 27.42
CA LYS A 189 7.71 48.28 28.00
C LYS A 189 8.74 49.01 27.16
N SER A 190 9.72 49.60 27.85
CA SER A 190 10.83 50.30 27.21
C SER A 190 12.13 49.62 27.60
N ALA A 191 13.00 49.42 26.63
CA ALA A 191 14.27 48.73 26.81
C ALA A 191 15.33 49.44 26.00
N PRO A 192 16.61 49.26 26.34
CA PRO A 192 17.67 49.78 25.47
C PRO A 192 17.64 49.21 24.06
N GLU A 193 17.30 47.92 23.92
CA GLU A 193 17.14 47.35 22.59
C GLU A 193 15.99 48.01 21.84
N LYS A 194 14.87 48.24 22.54
CA LYS A 194 13.73 48.91 21.91
C LYS A 194 14.09 50.33 21.48
N ASP A 195 14.83 51.06 22.33
CA ASP A 195 15.25 52.41 21.97
C ASP A 195 16.18 52.39 20.76
N ILE A 196 17.11 51.43 20.71
CA ILE A 196 18.00 51.31 19.56
C ILE A 196 17.20 51.04 18.30
N TRP A 197 16.23 50.12 18.38
CA TRP A 197 15.41 49.80 17.22
C TRP A 197 14.58 50.99 16.78
N VAL A 198 14.02 51.73 17.73
CA VAL A 198 13.21 52.90 17.41
C VAL A 198 14.06 53.97 16.73
N GLY A 199 15.27 54.22 17.25
CA GLY A 199 16.15 55.17 16.59
C GLY A 199 16.56 54.72 15.19
N GLU A 200 16.84 53.42 15.05
CA GLU A 200 17.23 52.89 13.74
C GLU A 200 16.13 53.08 12.72
N TRP A 201 14.88 52.81 13.11
CA TRP A 201 13.78 52.94 12.17
C TRP A 201 13.24 54.36 12.07
N LYS A 202 13.65 55.24 12.98
CA LYS A 202 13.46 56.68 12.75
C LYS A 202 14.44 57.18 11.72
N GLU A 203 15.66 56.64 11.71
CA GLU A 203 16.61 56.93 10.64
C GLU A 203 16.08 56.51 9.28
N VAL A 204 15.27 55.44 9.22
CA VAL A 204 14.74 54.98 7.94
C VAL A 204 13.54 55.83 7.53
N LEU A 205 12.63 56.10 8.48
CA LEU A 205 11.40 56.83 8.18
C LEU A 205 11.65 58.24 7.65
N ALA A 206 12.80 58.84 7.97
CA ALA A 206 13.11 60.19 7.50
C ALA A 206 13.72 60.22 6.11
N HIS A 207 13.93 59.06 5.48
CA HIS A 207 14.54 59.00 4.16
C HIS A 207 13.74 58.13 3.21
N ASN A 208 12.50 57.83 3.55
CA ASN A 208 11.64 56.99 2.71
C ASN A 208 10.19 57.45 2.85
N PRO A 209 9.65 58.16 1.86
CA PRO A 209 8.28 58.65 1.96
C PRO A 209 7.22 57.56 1.84
N GLU A 210 7.60 56.32 1.53
CA GLU A 210 6.63 55.24 1.37
C GLU A 210 6.89 54.02 2.26
N LEU A 211 8.03 53.92 2.92
CA LEU A 211 8.32 52.75 3.76
C LEU A 211 7.48 52.70 5.03
N GLU A 212 6.64 53.70 5.28
CA GLU A 212 5.85 53.72 6.51
C GLU A 212 4.96 52.48 6.61
N ARG A 213 4.36 52.06 5.50
CA ARG A 213 3.55 50.85 5.51
C ARG A 213 4.43 49.60 5.54
N TYR A 214 5.54 49.63 4.81
CA TYR A 214 6.36 48.43 4.60
C TYR A 214 7.30 48.12 5.75
N VAL A 215 7.40 48.99 6.76
CA VAL A 215 8.16 48.62 7.95
C VAL A 215 7.42 47.59 8.78
N LYS A 216 6.14 47.35 8.49
CA LYS A 216 5.41 46.27 9.13
C LYS A 216 6.10 44.93 8.83
N ARG A 217 5.97 44.00 9.76
CA ARG A 217 6.62 42.69 9.69
C ARG A 217 8.12 42.94 9.65
N CYS A 218 8.87 42.42 8.67
CA CYS A 218 10.30 42.65 8.52
C CYS A 218 11.05 42.28 9.80
N MET A 219 10.71 41.13 10.37
CA MET A 219 11.31 40.68 11.61
C MET A 219 12.67 40.03 11.32
N ASP A 220 13.26 39.38 12.33
CA ASP A 220 14.57 38.77 12.20
C ASP A 220 14.54 37.55 11.28
N ASP A 221 14.87 37.75 10.00
CA ASP A 221 14.90 36.65 9.06
C ASP A 221 16.19 35.87 9.18
N LEU A 222 16.09 34.55 9.10
CA LEU A 222 17.22 33.63 9.28
C LEU A 222 17.54 33.00 7.92
N ASN A 223 18.59 33.49 7.27
CA ASN A 223 19.05 32.91 6.02
C ASN A 223 19.98 31.73 6.29
N PRO A 224 20.14 30.84 5.31
CA PRO A 224 21.05 29.70 5.52
C PRO A 224 22.49 30.09 5.85
N LEU A 225 23.00 31.17 5.24
CA LEU A 225 24.37 31.60 5.53
C LEU A 225 24.50 32.08 6.97
N LYS A 226 23.54 32.87 7.43
CA LYS A 226 23.50 33.28 8.83
C LYS A 226 23.41 32.08 9.76
N THR A 227 22.54 31.12 9.44
CA THR A 227 22.38 29.95 10.30
C THR A 227 23.66 29.14 10.36
N LEU A 228 24.33 28.96 9.22
CA LEU A 228 25.62 28.27 9.21
C LEU A 228 26.64 29.00 10.06
N ASN A 229 26.70 30.33 9.94
CA ASN A 229 27.60 31.09 10.81
C ASN A 229 27.19 30.97 12.27
N LEU A 230 25.90 31.06 12.58
CA LEU A 230 25.45 30.94 13.96
C LEU A 230 25.64 29.53 14.48
N PHE A 231 25.42 28.52 13.63
CA PHE A 231 25.61 27.13 14.05
C PHE A 231 27.07 26.86 14.34
N LYS A 232 27.97 27.43 13.55
CA LYS A 232 29.41 27.27 13.75
C LYS A 232 29.91 27.96 15.01
N GLN A 233 29.09 28.78 15.65
CA GLN A 233 29.42 29.39 16.94
C GLN A 233 28.89 28.59 18.12
N ILE A 234 28.18 27.49 17.88
CA ILE A 234 27.64 26.68 18.97
C ILE A 234 28.75 25.83 19.55
N LYS A 235 28.92 25.90 20.87
CA LYS A 235 29.90 25.06 21.54
C LYS A 235 29.42 23.61 21.57
N SER A 236 30.38 22.70 21.67
CA SER A 236 30.05 21.29 21.76
C SER A 236 29.36 20.91 23.06
N ALA A 237 29.42 21.77 24.08
CA ALA A 237 28.88 21.42 25.39
C ALA A 237 27.37 21.24 25.35
N ASP A 238 26.65 22.16 24.71
CA ASP A 238 25.19 22.14 24.69
C ASP A 238 24.62 21.47 23.45
N CYS A 239 25.42 20.63 22.77
CA CYS A 239 24.93 19.91 21.60
C CYS A 239 24.00 18.77 22.00
N GLU A 240 24.23 18.18 23.17
CA GLU A 240 23.42 17.04 23.61
C GLU A 240 21.96 17.44 23.82
N LEU A 241 21.74 18.62 24.41
CA LEU A 241 20.38 19.06 24.67
C LEU A 241 19.65 19.42 23.37
N LEU A 242 20.40 19.50 22.27
CA LEU A 242 19.83 19.62 20.94
C LEU A 242 19.63 18.27 20.27
N GLY A 243 19.98 17.17 20.94
CA GLY A 243 19.79 15.84 20.38
C GLY A 243 20.79 15.45 19.32
N ILE A 244 21.94 16.12 19.25
CA ILE A 244 22.95 15.86 18.22
C ILE A 244 24.22 15.46 18.95
N ASP A 245 24.48 14.15 19.05
CA ASP A 245 25.64 13.63 19.75
C ASP A 245 26.93 14.10 19.10
N ALA A 246 27.70 14.93 19.80
CA ALA A 246 28.90 15.56 19.25
C ALA A 246 30.18 14.81 19.61
N THR A 247 30.06 13.57 20.09
CA THR A 247 31.26 12.79 20.42
C THR A 247 32.14 12.57 19.21
N VAL A 248 31.53 12.16 18.09
CA VAL A 248 32.27 11.88 16.86
C VAL A 248 32.30 13.14 16.00
N PRO A 249 33.29 13.31 15.14
CA PRO A 249 33.21 14.36 14.12
C PRO A 249 32.00 14.11 13.21
N SER A 250 31.46 15.21 12.68
CA SER A 250 30.20 15.32 11.94
C SER A 250 29.00 15.34 12.87
N GLY A 251 29.20 15.25 14.18
CA GLY A 251 28.14 15.52 15.13
C GLY A 251 27.87 16.99 15.35
N ARG A 252 28.67 17.86 14.74
CA ARG A 252 28.43 19.28 14.82
C ARG A 252 27.18 19.68 14.04
N PRO A 253 26.28 20.47 14.62
CA PRO A 253 25.05 20.83 13.89
C PRO A 253 25.29 21.58 12.58
N GLU A 254 26.42 22.27 12.40
CA GLU A 254 26.61 23.02 11.17
C GLU A 254 26.78 22.11 9.96
N THR A 255 27.15 20.85 10.16
CA THR A 255 27.23 19.88 9.07
C THR A 255 25.86 19.55 8.49
N TYR A 256 24.78 19.98 9.13
CA TYR A 256 23.42 19.70 8.67
C TYR A 256 22.91 20.76 7.72
N ILE A 257 23.75 21.75 7.38
CA ILE A 257 23.42 22.78 6.40
C ILE A 257 24.10 22.38 5.09
N TRP A 258 23.35 22.46 3.99
CA TRP A 258 23.86 22.03 2.69
C TRP A 258 25.03 22.89 2.26
N ARG A 259 26.25 22.36 2.34
CA ARG A 259 27.44 23.05 1.88
C ARG A 259 28.15 22.29 0.78
N TYR A 260 28.35 20.99 0.95
CA TYR A 260 28.90 20.13 -0.08
C TYR A 260 27.80 19.19 -0.57
N LEU A 261 27.67 19.09 -1.90
CA LEU A 261 26.68 18.19 -2.47
C LEU A 261 27.36 16.93 -2.95
N PRO A 262 27.12 15.78 -2.31
CA PRO A 262 27.71 14.52 -2.79
C PRO A 262 26.98 13.99 -4.02
N ALA A 263 27.36 14.47 -5.20
CA ALA A 263 26.70 14.05 -6.43
C ALA A 263 26.79 12.54 -6.59
N PRO A 264 25.67 11.85 -6.83
CA PRO A 264 25.66 10.39 -6.75
C PRO A 264 26.51 9.76 -7.86
N PRO A 265 26.89 8.50 -7.69
CA PRO A 265 27.57 7.78 -8.78
C PRO A 265 26.67 7.63 -10.00
N VAL A 266 27.32 7.35 -11.14
CA VAL A 266 26.57 7.21 -12.39
C VAL A 266 25.66 5.99 -12.33
N CYS A 267 26.09 4.94 -11.62
CA CYS A 267 25.22 3.77 -11.45
C CYS A 267 23.94 4.12 -10.69
N ILE A 268 24.01 5.11 -9.81
CA ILE A 268 22.80 5.54 -9.09
C ILE A 268 21.82 6.20 -10.04
N ARG A 269 22.32 6.93 -11.03
CA ARG A 269 21.49 7.60 -12.03
C ARG A 269 21.94 7.20 -13.42
N PRO A 270 21.59 5.98 -13.84
CA PRO A 270 22.10 5.49 -15.14
C PRO A 270 21.60 6.34 -16.29
N SER A 271 22.47 6.51 -17.28
CA SER A 271 22.13 7.22 -18.51
C SER A 271 21.79 6.19 -19.58
N VAL A 272 20.54 6.22 -20.03
CA VAL A 272 20.04 5.20 -20.95
C VAL A 272 20.60 5.42 -22.35
N MET A 273 20.54 4.38 -23.17
CA MET A 273 21.18 4.35 -24.48
C MET A 273 20.12 4.32 -25.57
N MET A 274 20.20 5.29 -26.49
CA MET A 274 19.41 5.31 -27.73
C MET A 274 17.90 5.33 -27.44
N GLN A 275 17.45 6.43 -26.83
CA GLN A 275 16.02 6.71 -26.67
C GLN A 275 15.66 7.86 -27.59
N ASP A 276 14.64 7.65 -28.43
CA ASP A 276 14.20 8.65 -29.40
C ASP A 276 15.35 9.06 -30.31
N SER A 277 16.03 10.14 -29.96
CA SER A 277 17.18 10.59 -30.73
C SER A 277 18.33 9.60 -30.60
N PRO A 278 19.24 9.57 -31.58
CA PRO A 278 20.41 8.68 -31.48
C PRO A 278 21.27 8.97 -30.25
N ALA A 279 21.26 10.22 -29.81
CA ALA A 279 22.04 10.61 -28.64
C ALA A 279 21.49 9.97 -27.37
N SER A 280 22.39 9.72 -26.42
CA SER A 280 21.98 9.17 -25.13
C SER A 280 21.08 10.16 -24.40
N ASN A 281 20.17 9.60 -23.60
CA ASN A 281 19.27 10.39 -22.77
C ASN A 281 19.77 10.41 -21.33
N GLU A 282 19.83 11.60 -20.74
CA GLU A 282 20.21 11.76 -19.35
C GLU A 282 18.98 11.50 -18.48
N ASP A 283 19.09 11.74 -17.18
CA ASP A 283 17.98 11.51 -16.27
C ASP A 283 17.87 12.66 -15.28
N ASP A 284 16.86 12.55 -14.42
CA ASP A 284 16.43 13.68 -13.59
C ASP A 284 17.54 14.13 -12.64
N LEU A 285 18.14 13.20 -11.90
CA LEU A 285 19.13 13.58 -10.91
C LEU A 285 20.35 14.20 -11.58
N THR A 286 20.75 13.66 -12.73
CA THR A 286 21.85 14.25 -13.49
C THR A 286 21.52 15.68 -13.91
N VAL A 287 20.31 15.90 -14.44
CA VAL A 287 19.93 17.24 -14.88
C VAL A 287 19.91 18.20 -13.69
N LYS A 288 19.36 17.76 -12.56
CA LYS A 288 19.27 18.64 -11.40
C LYS A 288 20.66 18.98 -10.86
N LEU A 289 21.58 18.02 -10.83
CA LEU A 289 22.91 18.36 -10.34
C LEU A 289 23.66 19.23 -11.34
N THR A 290 23.41 19.06 -12.64
CA THR A 290 23.97 19.96 -13.64
C THR A 290 23.50 21.40 -13.41
N GLU A 291 22.20 21.56 -13.17
CA GLU A 291 21.66 22.90 -12.94
C GLU A 291 22.17 23.48 -11.63
N ILE A 292 22.31 22.65 -10.60
CA ILE A 292 22.86 23.11 -9.33
C ILE A 292 24.31 23.56 -9.51
N VAL A 293 25.08 22.83 -10.32
CA VAL A 293 26.44 23.25 -10.63
C VAL A 293 26.43 24.59 -11.35
N TRP A 294 25.51 24.76 -12.30
CA TRP A 294 25.42 26.02 -13.03
C TRP A 294 25.13 27.18 -12.09
N THR A 295 24.13 27.04 -11.23
CA THR A 295 23.77 28.13 -10.33
C THR A 295 24.86 28.39 -9.29
N SER A 296 25.53 27.33 -8.81
CA SER A 296 26.65 27.53 -7.90
C SER A 296 27.77 28.31 -8.56
N SER A 297 28.09 27.97 -9.82
CA SER A 297 29.11 28.72 -10.55
C SER A 297 28.70 30.16 -10.76
N LEU A 298 27.42 30.40 -11.05
CA LEU A 298 26.93 31.77 -11.22
C LEU A 298 27.08 32.56 -9.93
N ILE A 299 26.68 31.97 -8.80
CA ILE A 299 26.77 32.68 -7.53
C ILE A 299 28.22 32.93 -7.14
N LYS A 300 29.10 31.97 -7.41
CA LYS A 300 30.53 32.20 -7.19
C LYS A 300 31.04 33.34 -8.06
N ALA A 301 30.63 33.37 -9.33
CA ALA A 301 31.07 34.43 -10.23
C ALA A 301 30.58 35.79 -9.76
N GLY A 302 29.40 35.83 -9.14
CA GLY A 302 28.90 37.07 -8.57
C GLY A 302 29.71 37.58 -7.38
N LEU A 303 30.54 36.72 -6.77
CA LEU A 303 31.39 37.18 -5.68
C LEU A 303 32.62 37.91 -6.19
N ASP A 304 33.11 37.54 -7.37
CA ASP A 304 34.26 38.18 -7.98
C ASP A 304 33.88 39.34 -8.90
N LYS A 305 32.59 39.62 -9.06
CA LYS A 305 32.12 40.69 -9.93
C LYS A 305 31.17 41.66 -9.23
N GLY A 306 30.48 41.21 -8.18
CA GLY A 306 29.55 42.08 -7.51
C GLY A 306 28.28 42.30 -8.31
N ILE A 307 27.49 41.25 -8.49
CA ILE A 307 26.20 41.36 -9.16
C ILE A 307 25.23 42.02 -8.18
N SER A 308 24.07 42.43 -8.69
CA SER A 308 23.06 43.05 -7.85
C SER A 308 22.68 42.12 -6.70
N ILE A 309 22.68 42.66 -5.48
CA ILE A 309 22.37 41.85 -4.32
C ILE A 309 20.92 41.35 -4.39
N ASN A 310 20.03 42.17 -4.95
CA ASN A 310 18.67 41.69 -5.19
C ASN A 310 18.66 40.55 -6.21
N ASN A 311 19.49 40.66 -7.26
CA ASN A 311 19.51 39.63 -8.28
C ASN A 311 20.11 38.32 -7.76
N MET A 312 21.17 38.40 -6.94
CA MET A 312 21.74 37.17 -6.40
C MET A 312 20.74 36.49 -5.46
N MET A 313 19.97 37.29 -4.72
CA MET A 313 18.91 36.75 -3.88
C MET A 313 17.91 35.95 -4.71
N GLU A 314 17.63 36.39 -5.95
CA GLU A 314 16.78 35.61 -6.83
C GLU A 314 17.42 34.25 -7.11
N HIS A 315 18.67 34.25 -7.55
CA HIS A 315 19.35 33.00 -7.89
C HIS A 315 19.59 32.14 -6.64
N TRP A 316 19.99 32.77 -5.54
CA TRP A 316 20.24 32.02 -4.32
C TRP A 316 18.97 31.37 -3.80
N ASP A 317 17.84 32.08 -3.85
CA ASP A 317 16.57 31.47 -3.45
C ASP A 317 16.20 30.33 -4.39
N TYR A 318 16.54 30.44 -5.68
CA TYR A 318 16.32 29.33 -6.59
C TYR A 318 17.18 28.13 -6.22
N LEU A 319 18.40 28.37 -5.72
CA LEU A 319 19.20 27.29 -5.16
C LEU A 319 18.49 26.65 -3.99
N GLN A 320 17.90 27.47 -3.10
CA GLN A 320 17.12 26.92 -2.01
C GLN A 320 15.93 26.12 -2.52
N LEU A 321 15.45 26.43 -3.72
CA LEU A 321 14.37 25.64 -4.29
C LEU A 321 14.88 24.47 -5.10
N THR A 322 15.80 24.68 -6.04
CA THR A 322 16.17 23.64 -6.98
C THR A 322 16.72 22.41 -6.27
N VAL A 323 17.22 22.57 -5.05
CA VAL A 323 17.59 21.41 -4.24
C VAL A 323 16.36 20.77 -3.59
N ALA A 324 15.27 21.52 -3.40
CA ALA A 324 14.13 20.97 -2.69
C ALA A 324 13.52 19.82 -3.46
N MET A 325 13.14 20.04 -4.72
CA MET A 325 12.58 18.91 -5.45
C MET A 325 13.68 18.05 -6.08
N TYR A 326 14.94 18.43 -5.90
CA TYR A 326 16.03 17.50 -6.18
C TYR A 326 16.05 16.39 -5.13
N ILE A 327 15.77 16.73 -3.88
CA ILE A 327 15.70 15.74 -2.81
C ILE A 327 14.29 15.22 -2.65
N ASN A 328 13.32 16.13 -2.49
CA ASN A 328 11.94 15.72 -2.24
C ASN A 328 11.01 16.66 -2.98
N SER A 329 10.36 16.16 -4.03
CA SER A 329 9.50 17.00 -4.86
C SER A 329 8.17 17.27 -4.15
N ASP A 330 8.06 18.43 -3.50
CA ASP A 330 6.86 18.81 -2.77
C ASP A 330 6.26 20.15 -3.19
N SER A 331 7.08 21.14 -3.52
CA SER A 331 6.60 22.50 -3.75
C SER A 331 6.34 22.73 -5.23
N VAL A 332 5.33 23.55 -5.54
CA VAL A 332 5.03 23.92 -6.91
C VAL A 332 5.92 25.07 -7.36
N LYS A 348 3.40 18.29 -11.86
CA LYS A 348 4.63 18.17 -11.10
C LYS A 348 5.18 16.74 -11.22
N PRO A 349 5.77 16.41 -12.36
CA PRO A 349 6.30 15.06 -12.59
C PRO A 349 7.76 14.86 -12.20
N ILE A 350 8.41 15.86 -11.61
CA ILE A 350 9.85 15.79 -11.37
C ILE A 350 10.13 14.78 -10.26
N ARG A 351 10.90 13.75 -10.58
CA ARG A 351 11.12 12.62 -9.68
C ARG A 351 12.43 12.80 -8.92
N GLY A 352 12.34 13.21 -7.66
CA GLY A 352 13.52 13.42 -6.84
C GLY A 352 13.97 12.16 -6.10
N PHE A 353 14.85 12.38 -5.12
CA PHE A 353 15.37 11.26 -4.34
C PHE A 353 14.31 10.64 -3.45
N CYS A 354 13.54 11.46 -2.74
CA CYS A 354 12.49 10.94 -1.87
C CYS A 354 11.34 10.33 -2.65
N GLN A 355 11.24 10.62 -3.95
CA GLN A 355 10.30 9.93 -4.82
C GLN A 355 10.78 8.53 -5.16
N ARG A 356 12.10 8.34 -5.23
CA ARG A 356 12.64 7.01 -5.49
C ARG A 356 12.34 6.06 -4.35
N LEU A 357 12.31 6.58 -3.12
CA LEU A 357 12.17 5.73 -1.95
C LEU A 357 10.73 5.52 -1.52
N LYS A 358 9.85 6.48 -1.81
CA LYS A 358 8.45 6.42 -1.40
C LYS A 358 7.60 5.82 -2.51
N GLY A 359 6.55 5.10 -2.11
CA GLY A 359 5.58 4.57 -3.05
C GLY A 359 5.50 3.07 -3.09
N LYS A 360 4.43 2.53 -3.69
CA LYS A 360 4.32 1.09 -3.87
C LYS A 360 5.41 0.56 -4.77
N GLN A 361 5.70 1.27 -5.86
CA GLN A 361 6.80 0.95 -6.77
C GLN A 361 8.03 1.80 -6.50
N GLY A 362 8.24 2.19 -5.24
CA GLY A 362 9.38 3.02 -4.89
C GLY A 362 10.64 2.21 -4.71
N ARG A 363 11.36 2.44 -3.61
CA ARG A 363 12.57 1.68 -3.32
C ARG A 363 12.33 0.60 -2.28
N PHE A 364 11.84 0.96 -1.10
CA PHE A 364 11.63 -0.03 -0.06
C PHE A 364 10.60 -1.08 -0.47
N ARG A 365 9.35 -0.67 -0.59
CA ARG A 365 8.25 -1.60 -0.88
C ARG A 365 8.34 -2.21 -2.28
N GLY A 366 9.20 -1.68 -3.15
CA GLY A 366 9.28 -2.19 -4.49
C GLY A 366 10.52 -3.04 -4.77
N ASN A 367 11.58 -2.84 -3.99
CA ASN A 367 12.83 -3.56 -4.25
C ASN A 367 13.46 -4.20 -3.02
N LEU A 368 13.29 -3.58 -1.85
CA LEU A 368 13.92 -4.09 -0.62
C LEU A 368 13.04 -5.20 -0.03
N SER A 369 11.85 -4.85 0.45
CA SER A 369 10.90 -5.87 0.95
C SER A 369 9.99 -6.30 -0.20
N GLY A 370 10.40 -7.32 -0.96
CA GLY A 370 9.60 -7.74 -2.12
C GLY A 370 10.26 -7.33 -3.43
N LYS A 371 10.59 -8.30 -4.28
CA LYS A 371 11.25 -8.00 -5.55
C LYS A 371 10.93 -9.12 -6.53
N ARG A 372 11.47 -8.99 -7.74
CA ARG A 372 11.33 -10.03 -8.76
C ARG A 372 12.46 -11.03 -8.62
N VAL A 373 12.16 -12.29 -8.90
CA VAL A 373 13.06 -13.39 -8.56
C VAL A 373 13.35 -14.21 -9.81
N ASP A 374 14.50 -14.88 -9.80
CA ASP A 374 14.90 -15.77 -10.87
C ASP A 374 14.37 -17.18 -10.59
N PHE A 375 14.34 -17.99 -11.65
CA PHE A 375 13.89 -19.38 -11.58
C PHE A 375 12.45 -19.46 -11.06
N SER A 376 11.57 -18.76 -11.76
CA SER A 376 10.15 -18.74 -11.44
C SER A 376 9.37 -18.76 -12.74
N GLY A 377 8.13 -19.27 -12.66
CA GLY A 377 7.27 -19.34 -13.83
C GLY A 377 5.83 -19.07 -13.45
N ARG A 378 5.01 -18.88 -14.48
CA ARG A 378 3.60 -18.59 -14.29
C ARG A 378 2.83 -19.01 -15.54
N THR A 379 1.76 -19.76 -15.35
CA THR A 379 0.89 -20.16 -16.45
C THR A 379 -0.48 -20.51 -15.89
N VAL A 380 -1.42 -20.82 -16.79
CA VAL A 380 -2.77 -21.18 -16.39
C VAL A 380 -2.74 -22.51 -15.66
N ILE A 381 -3.64 -22.66 -14.69
CA ILE A 381 -3.73 -23.88 -13.88
C ILE A 381 -4.92 -24.70 -14.37
N SER A 382 -4.72 -26.02 -14.45
CA SER A 382 -5.74 -26.98 -14.81
C SER A 382 -5.80 -28.07 -13.75
N PRO A 383 -6.92 -28.75 -13.63
CA PRO A 383 -7.03 -29.80 -12.61
C PRO A 383 -6.32 -31.08 -13.00
N ASP A 384 -5.98 -31.87 -11.98
CA ASP A 384 -5.38 -33.18 -12.17
C ASP A 384 -5.65 -34.06 -10.97
N PRO A 385 -6.66 -34.94 -11.03
CA PRO A 385 -6.93 -35.81 -9.87
C PRO A 385 -5.91 -36.92 -9.71
N ASN A 386 -5.27 -37.37 -10.79
CA ASN A 386 -4.27 -38.42 -10.70
C ASN A 386 -2.95 -37.92 -10.13
N LEU A 387 -2.87 -36.63 -9.83
CA LEU A 387 -1.72 -36.06 -9.15
C LEU A 387 -1.90 -36.22 -7.66
N SER A 388 -0.80 -36.50 -6.96
CA SER A 388 -0.85 -36.51 -5.51
C SER A 388 -1.11 -35.11 -4.99
N ILE A 389 -1.75 -35.02 -3.82
CA ILE A 389 -2.12 -33.71 -3.29
C ILE A 389 -0.90 -32.87 -3.01
N ASP A 390 0.25 -33.50 -2.75
CA ASP A 390 1.50 -32.80 -2.52
C ASP A 390 2.35 -32.70 -3.77
N GLU A 391 1.73 -32.74 -4.95
CA GLU A 391 2.45 -32.65 -6.21
C GLU A 391 1.83 -31.56 -7.08
N VAL A 392 2.63 -31.06 -8.01
CA VAL A 392 2.17 -30.16 -9.06
C VAL A 392 2.70 -30.68 -10.37
N ALA A 393 1.87 -30.66 -11.41
CA ALA A 393 2.29 -31.11 -12.73
C ALA A 393 2.87 -29.92 -13.48
N VAL A 394 4.15 -30.01 -13.80
CA VAL A 394 4.91 -28.90 -14.38
C VAL A 394 5.12 -29.21 -15.86
N PRO A 395 4.86 -28.26 -16.76
CA PRO A 395 5.12 -28.49 -18.18
C PRO A 395 6.59 -28.81 -18.45
N ASP A 396 6.83 -29.73 -19.37
CA ASP A 396 8.19 -29.99 -19.80
C ASP A 396 8.83 -28.77 -20.45
N ARG A 397 8.01 -27.93 -21.09
CA ARG A 397 8.53 -26.73 -21.72
C ARG A 397 9.11 -25.77 -20.68
N VAL A 398 8.47 -25.63 -19.53
CA VAL A 398 9.04 -24.81 -18.47
C VAL A 398 9.98 -25.62 -17.58
N ALA A 399 9.89 -26.94 -17.61
CA ALA A 399 10.88 -27.76 -16.93
C ALA A 399 12.23 -27.69 -17.60
N LYS A 400 12.26 -27.39 -18.90
CA LYS A 400 13.51 -27.27 -19.63
C LYS A 400 14.17 -25.92 -19.50
N VAL A 401 13.52 -24.96 -18.84
CA VAL A 401 14.14 -23.67 -18.53
C VAL A 401 14.36 -23.50 -17.04
N LEU A 402 13.41 -23.92 -16.20
CA LEU A 402 13.58 -23.82 -14.77
C LEU A 402 14.46 -24.94 -14.26
N THR A 403 15.67 -24.60 -13.86
CA THR A 403 16.70 -25.58 -13.54
C THR A 403 16.99 -25.56 -12.05
N TYR A 404 17.60 -26.65 -11.59
CA TYR A 404 18.17 -26.72 -10.26
C TYR A 404 19.68 -26.85 -10.37
N PRO A 405 20.46 -26.01 -9.69
CA PRO A 405 21.93 -26.08 -9.76
C PRO A 405 22.51 -27.16 -8.85
N GLU A 406 22.51 -28.39 -9.34
CA GLU A 406 22.94 -29.53 -8.55
C GLU A 406 24.47 -29.65 -8.59
N LYS A 407 25.10 -29.71 -7.43
CA LYS A 407 26.53 -29.90 -7.34
C LYS A 407 26.89 -31.37 -7.51
N VAL A 408 27.97 -31.65 -8.22
CA VAL A 408 28.38 -33.02 -8.48
C VAL A 408 29.08 -33.58 -7.25
N THR A 409 28.60 -34.72 -6.77
CA THR A 409 29.19 -35.43 -5.65
C THR A 409 29.56 -36.85 -6.08
N ARG A 410 30.09 -37.60 -5.12
CA ARG A 410 30.34 -39.02 -5.36
C ARG A 410 29.07 -39.83 -5.52
N TYR A 411 27.91 -39.26 -5.16
CA TYR A 411 26.65 -39.99 -5.16
C TYR A 411 25.83 -39.79 -6.43
N ASN A 412 26.01 -38.67 -7.14
CA ASN A 412 25.18 -38.35 -8.29
C ASN A 412 25.96 -38.07 -9.56
N ARG A 413 27.24 -38.43 -9.61
CA ARG A 413 28.07 -38.05 -10.76
C ARG A 413 27.60 -38.72 -12.05
N HIS A 414 27.25 -40.02 -11.98
CA HIS A 414 26.77 -40.70 -13.17
C HIS A 414 25.44 -40.10 -13.65
N LYS A 415 24.55 -39.76 -12.73
CA LYS A 415 23.29 -39.14 -13.09
C LYS A 415 23.52 -37.80 -13.79
N LEU A 416 24.43 -36.99 -13.24
CA LEU A 416 24.68 -35.69 -13.85
C LEU A 416 25.40 -35.83 -15.19
N GLN A 417 26.23 -36.86 -15.35
CA GLN A 417 26.84 -37.13 -16.65
C GLN A 417 25.78 -37.48 -17.68
N GLU A 418 24.82 -38.32 -17.29
CA GLU A 418 23.73 -38.65 -18.21
C GLU A 418 22.92 -37.41 -18.57
N LEU A 419 22.65 -36.56 -17.59
CA LEU A 419 21.92 -35.32 -17.86
C LEU A 419 22.68 -34.41 -18.81
N ILE A 420 24.00 -34.29 -18.61
CA ILE A 420 24.82 -33.44 -19.47
C ILE A 420 24.83 -33.99 -20.89
N VAL A 421 24.96 -35.31 -21.04
CA VAL A 421 24.92 -35.91 -22.37
C VAL A 421 23.57 -35.66 -23.03
N ASN A 422 22.49 -35.73 -22.25
CA ASN A 422 21.16 -35.41 -22.77
C ASN A 422 21.10 -33.98 -23.28
N GLY A 423 21.64 -33.04 -22.50
CA GLY A 423 21.75 -31.67 -22.95
C GLY A 423 20.51 -30.83 -22.67
N PRO A 424 20.49 -29.61 -23.22
CA PRO A 424 19.42 -28.66 -22.90
C PRO A 424 18.15 -28.83 -23.70
N ASN A 425 18.11 -29.74 -24.68
CA ASN A 425 16.95 -29.88 -25.55
C ASN A 425 16.08 -31.09 -25.23
N VAL A 426 16.61 -32.11 -24.57
CA VAL A 426 15.85 -33.26 -24.12
C VAL A 426 15.64 -33.11 -22.63
N HIS A 427 14.38 -33.26 -22.19
CA HIS A 427 14.01 -32.76 -20.85
C HIS A 427 14.86 -33.31 -19.73
N PRO A 428 15.05 -34.63 -19.58
CA PRO A 428 15.96 -35.08 -18.51
C PRO A 428 17.40 -34.75 -18.88
N GLY A 429 17.71 -33.46 -18.91
CA GLY A 429 19.01 -32.98 -19.33
C GLY A 429 19.50 -31.83 -18.48
N ALA A 430 20.38 -31.00 -19.05
CA ALA A 430 20.96 -29.88 -18.32
C ALA A 430 21.21 -28.73 -19.27
N ASN A 431 21.09 -27.51 -18.76
CA ASN A 431 21.29 -26.31 -19.56
C ASN A 431 22.69 -25.73 -19.43
N TYR A 432 23.27 -25.75 -18.23
CA TYR A 432 24.56 -25.11 -17.99
C TYR A 432 25.42 -26.01 -17.13
N LEU A 433 26.73 -25.83 -17.26
CA LEU A 433 27.71 -26.50 -16.42
C LEU A 433 28.69 -25.47 -15.89
N LEU A 434 28.95 -25.50 -14.59
CA LEU A 434 29.89 -24.58 -13.95
C LEU A 434 31.01 -25.40 -13.34
N LYS A 435 32.20 -25.27 -13.90
CA LYS A 435 33.34 -26.05 -13.44
C LYS A 435 33.80 -25.56 -12.06
N ARG A 436 34.48 -26.43 -11.33
CA ARG A 436 34.85 -26.14 -9.96
C ARG A 436 35.82 -24.96 -9.88
N ASN A 437 36.79 -24.89 -10.79
CA ASN A 437 37.83 -23.88 -10.74
C ASN A 437 37.57 -22.70 -11.67
N GLU A 438 36.37 -22.60 -12.23
CA GLU A 438 36.05 -21.54 -13.17
C GLU A 438 34.99 -20.62 -12.57
N ASP A 439 34.88 -19.42 -13.15
CA ASP A 439 33.97 -18.41 -12.67
C ASP A 439 32.79 -18.14 -13.60
N ALA A 440 32.79 -18.71 -14.80
CA ALA A 440 31.70 -18.55 -15.74
C ALA A 440 31.16 -19.92 -16.11
N ARG A 441 29.84 -20.04 -16.17
CA ARG A 441 29.22 -21.32 -16.50
C ARG A 441 29.25 -21.55 -18.00
N ARG A 442 29.42 -22.81 -18.37
CA ARG A 442 29.49 -23.22 -19.77
C ARG A 442 28.08 -23.53 -20.26
N ASN A 443 27.63 -22.78 -21.27
CA ASN A 443 26.37 -23.12 -21.93
C ASN A 443 26.49 -24.49 -22.59
N LEU A 444 25.48 -25.32 -22.40
CA LEU A 444 25.50 -26.68 -22.92
C LEU A 444 24.91 -26.77 -24.32
N ARG A 445 24.53 -25.64 -24.91
CA ARG A 445 24.14 -25.64 -26.32
C ARG A 445 25.33 -25.98 -27.20
N TYR A 446 26.53 -25.62 -26.77
CA TYR A 446 27.74 -25.77 -27.56
C TYR A 446 28.83 -26.42 -26.71
N GLY A 447 29.70 -27.17 -27.37
CA GLY A 447 30.91 -27.62 -26.70
C GLY A 447 31.12 -29.12 -26.59
N ASP A 448 30.35 -29.91 -27.34
CA ASP A 448 30.53 -31.36 -27.36
C ASP A 448 30.39 -31.94 -25.96
N ARG A 449 29.15 -31.88 -25.45
CA ARG A 449 28.85 -32.24 -24.07
C ARG A 449 29.34 -33.62 -23.68
N MET A 450 29.79 -34.43 -24.64
CA MET A 450 30.37 -35.72 -24.29
C MET A 450 31.67 -35.54 -23.50
N LYS A 451 32.50 -34.58 -23.91
CA LYS A 451 33.75 -34.33 -23.20
C LYS A 451 33.50 -33.79 -21.80
N LEU A 452 32.54 -32.86 -21.66
CA LEU A 452 32.23 -32.29 -20.36
C LEU A 452 31.70 -33.36 -19.41
N ALA A 453 30.87 -34.27 -19.91
CA ALA A 453 30.37 -35.36 -19.08
C ALA A 453 31.51 -36.26 -18.60
N LYS A 454 32.47 -36.55 -19.48
CA LYS A 454 33.62 -37.34 -19.08
C LYS A 454 34.47 -36.63 -18.05
N ASN A 455 34.63 -35.31 -18.21
CA ASN A 455 35.51 -34.52 -17.35
C ASN A 455 34.80 -33.96 -16.13
N LEU A 456 33.54 -34.33 -15.90
CA LEU A 456 32.83 -33.89 -14.70
C LEU A 456 33.61 -34.24 -13.44
N GLN A 457 33.87 -33.22 -12.63
CA GLN A 457 34.59 -33.36 -11.37
C GLN A 457 33.59 -33.48 -10.22
N ILE A 458 34.11 -33.46 -9.00
CA ILE A 458 33.29 -33.62 -7.80
C ILE A 458 33.03 -32.27 -7.13
N GLY A 459 33.18 -31.17 -7.86
CA GLY A 459 32.87 -29.86 -7.32
C GLY A 459 32.10 -29.00 -8.30
N ASP A 460 31.91 -29.51 -9.51
CA ASP A 460 31.21 -28.76 -10.54
C ASP A 460 29.72 -28.65 -10.22
N VAL A 461 29.07 -27.69 -10.87
CA VAL A 461 27.64 -27.44 -10.68
C VAL A 461 26.94 -27.67 -12.01
N VAL A 462 25.96 -28.56 -12.01
CA VAL A 462 25.16 -28.85 -13.19
C VAL A 462 23.79 -28.23 -13.00
N GLU A 463 23.45 -27.28 -13.86
CA GLU A 463 22.13 -26.64 -13.83
C GLU A 463 21.19 -27.50 -14.67
N ARG A 464 20.66 -28.55 -14.05
CA ARG A 464 19.86 -29.54 -14.76
C ARG A 464 18.39 -29.17 -14.71
N HIS A 465 17.64 -29.69 -15.68
CA HIS A 465 16.23 -29.39 -15.81
C HIS A 465 15.46 -29.86 -14.57
N LEU A 466 14.32 -29.20 -14.33
CA LEU A 466 13.42 -29.65 -13.28
C LEU A 466 12.99 -31.08 -13.55
N GLU A 467 13.04 -31.91 -12.52
CA GLU A 467 12.76 -33.34 -12.66
C GLU A 467 11.66 -33.74 -11.68
N ASP A 468 11.19 -34.98 -11.82
CA ASP A 468 10.19 -35.52 -10.92
C ASP A 468 10.73 -35.55 -9.50
N GLY A 469 9.91 -35.10 -8.54
CA GLY A 469 10.31 -35.04 -7.16
C GLY A 469 11.05 -33.78 -6.77
N ASP A 470 11.19 -32.81 -7.68
CA ASP A 470 11.85 -31.56 -7.37
C ASP A 470 10.95 -30.69 -6.50
N VAL A 471 11.54 -30.04 -5.51
CA VAL A 471 10.80 -29.17 -4.60
C VAL A 471 10.58 -27.83 -5.28
N VAL A 472 9.32 -27.44 -5.42
CA VAL A 472 8.95 -26.16 -6.02
C VAL A 472 7.96 -25.45 -5.11
N LEU A 473 7.99 -24.13 -5.15
CA LEU A 473 7.00 -23.32 -4.48
C LEU A 473 5.87 -22.97 -5.45
N PHE A 474 4.64 -22.97 -4.93
CA PHE A 474 3.47 -22.73 -5.75
C PHE A 474 2.62 -21.68 -5.05
N ASN A 475 2.33 -20.59 -5.76
CA ASN A 475 1.76 -19.41 -5.14
C ASN A 475 0.70 -18.78 -6.03
N ARG A 476 -0.45 -18.46 -5.45
CA ARG A 476 -1.50 -17.72 -6.11
C ARG A 476 -1.70 -16.38 -5.42
N GLN A 477 -1.70 -15.31 -6.20
CA GLN A 477 -2.03 -14.00 -5.65
C GLN A 477 -3.54 -13.76 -5.74
N PRO A 478 -4.12 -13.01 -4.79
CA PRO A 478 -3.47 -12.38 -3.62
C PRO A 478 -3.12 -13.39 -2.55
N SER A 479 -1.95 -13.24 -1.93
CA SER A 479 -1.49 -14.17 -0.91
C SER A 479 -2.04 -13.73 0.44
N LEU A 480 -3.27 -14.14 0.73
CA LEU A 480 -3.95 -13.69 1.93
C LEU A 480 -3.34 -14.32 3.18
N HIS A 481 -3.41 -15.63 3.30
CA HIS A 481 -2.81 -16.36 4.40
C HIS A 481 -1.59 -17.13 3.93
N ARG A 482 -0.86 -17.72 4.88
CA ARG A 482 0.39 -18.37 4.54
C ARG A 482 0.20 -19.61 3.67
N LEU A 483 -1.02 -20.14 3.60
CA LEU A 483 -1.29 -21.28 2.73
C LEU A 483 -1.54 -20.88 1.29
N SER A 484 -1.48 -19.59 0.98
CA SER A 484 -1.53 -19.16 -0.41
C SER A 484 -0.28 -19.56 -1.18
N ILE A 485 0.82 -19.85 -0.47
CA ILE A 485 2.02 -20.40 -1.08
C ILE A 485 2.35 -21.70 -0.36
N LEU A 486 2.40 -22.80 -1.11
CA LEU A 486 2.76 -24.10 -0.58
C LEU A 486 3.90 -24.68 -1.40
N SER A 487 4.51 -25.74 -0.89
CA SER A 487 5.59 -26.42 -1.58
C SER A 487 5.11 -27.78 -2.04
N HIS A 488 5.32 -28.08 -3.31
CA HIS A 488 4.91 -29.34 -3.91
C HIS A 488 6.12 -30.08 -4.47
N TYR A 489 5.86 -31.28 -4.96
CA TYR A 489 6.84 -32.05 -5.70
C TYR A 489 6.53 -31.94 -7.18
N ALA A 490 7.52 -31.51 -7.96
CA ALA A 490 7.31 -31.31 -9.38
C ALA A 490 7.03 -32.65 -10.06
N LYS A 491 6.18 -32.59 -11.09
CA LYS A 491 5.85 -33.75 -11.92
C LYS A 491 5.78 -33.27 -13.36
N ILE A 492 6.73 -33.72 -14.18
CA ILE A 492 6.90 -33.16 -15.52
C ILE A 492 5.87 -33.77 -16.46
N ARG A 493 5.06 -32.93 -17.07
CA ARG A 493 3.94 -33.33 -17.91
C ARG A 493 3.98 -32.61 -19.25
N PRO A 494 3.33 -33.15 -20.28
CA PRO A 494 3.52 -32.62 -21.64
C PRO A 494 2.84 -31.29 -21.94
N TRP A 495 1.74 -30.95 -21.28
CA TRP A 495 0.94 -29.81 -21.73
C TRP A 495 1.57 -28.52 -21.21
N ARG A 496 0.84 -27.40 -21.35
CA ARG A 496 1.39 -26.07 -21.06
C ARG A 496 0.79 -25.44 -19.81
N THR A 497 0.13 -26.22 -18.97
CA THR A 497 -0.50 -25.70 -17.77
C THR A 497 0.18 -26.25 -16.52
N PHE A 498 0.00 -25.53 -15.41
CA PHE A 498 0.35 -26.03 -14.08
C PHE A 498 -0.84 -26.82 -13.56
N ARG A 499 -0.69 -28.12 -13.42
CA ARG A 499 -1.81 -28.92 -12.93
C ARG A 499 -1.62 -29.25 -11.46
N LEU A 500 -2.72 -29.23 -10.73
CA LEU A 500 -2.72 -29.51 -9.30
C LEU A 500 -3.96 -30.34 -8.96
N ASN A 501 -3.85 -31.08 -7.86
CA ASN A 501 -5.00 -31.83 -7.37
C ASN A 501 -6.06 -30.86 -6.86
N GLU A 502 -7.32 -31.15 -7.19
CA GLU A 502 -8.40 -30.25 -6.80
C GLU A 502 -8.58 -30.16 -5.30
N CYS A 503 -8.05 -31.13 -4.55
CA CYS A 503 -8.12 -31.07 -3.09
C CYS A 503 -7.35 -29.89 -2.54
N VAL A 504 -6.29 -29.47 -3.20
CA VAL A 504 -5.43 -28.40 -2.71
C VAL A 504 -5.77 -27.05 -3.36
N CYS A 505 -6.94 -26.96 -3.98
CA CYS A 505 -7.37 -25.68 -4.56
C CYS A 505 -7.86 -24.71 -3.50
N THR A 506 -8.43 -25.22 -2.42
CA THR A 506 -9.01 -24.34 -1.39
C THR A 506 -7.99 -23.43 -0.74
N PRO A 507 -6.82 -23.89 -0.28
CA PRO A 507 -5.86 -22.95 0.31
C PRO A 507 -5.40 -21.87 -0.66
N TYR A 508 -5.31 -22.20 -1.93
CA TYR A 508 -4.95 -21.22 -2.96
C TYR A 508 -6.11 -20.32 -3.35
N ASN A 509 -7.35 -20.77 -3.10
CA ASN A 509 -8.55 -20.12 -3.63
C ASN A 509 -8.50 -20.07 -5.17
N ALA A 510 -8.29 -21.24 -5.77
CA ALA A 510 -8.20 -21.32 -7.25
C ALA A 510 -9.42 -22.08 -7.79
N ASP A 511 -9.82 -21.83 -9.04
CA ASP A 511 -11.06 -22.46 -9.55
C ASP A 511 -10.98 -22.74 -11.06
N PHE A 512 -9.78 -23.02 -11.59
CA PHE A 512 -9.65 -23.41 -13.02
C PHE A 512 -10.64 -22.69 -13.92
N ASP A 513 -10.70 -21.36 -13.83
CA ASP A 513 -11.58 -20.57 -14.74
C ASP A 513 -10.67 -19.67 -15.57
N GLY A 514 -9.37 -19.97 -15.60
CA GLY A 514 -8.41 -19.10 -16.31
C GLY A 514 -7.41 -18.56 -15.30
N ASP A 515 -7.46 -19.07 -14.06
CA ASP A 515 -6.57 -18.60 -12.98
C ASP A 515 -5.11 -18.90 -13.34
N GLU A 516 -4.19 -17.98 -13.01
CA GLU A 516 -2.75 -18.21 -13.28
C GLU A 516 -2.02 -18.19 -11.93
N MET A 517 -1.14 -19.16 -11.70
CA MET A 517 -0.40 -19.22 -10.44
C MET A 517 1.09 -19.23 -10.73
N ASN A 518 1.86 -18.70 -9.79
CA ASN A 518 3.30 -18.55 -9.94
C ASN A 518 4.02 -19.72 -9.29
N LEU A 519 4.96 -20.31 -10.01
CA LEU A 519 5.77 -21.40 -9.52
C LEU A 519 7.19 -20.90 -9.30
N HIS A 520 7.74 -21.18 -8.12
CA HIS A 520 9.11 -20.81 -7.79
C HIS A 520 9.93 -22.06 -7.51
N VAL A 521 11.13 -22.09 -8.06
CA VAL A 521 12.07 -23.20 -7.84
C VAL A 521 13.15 -22.72 -6.88
N PRO A 522 13.19 -23.20 -5.64
CA PRO A 522 14.31 -22.86 -4.76
C PRO A 522 15.62 -23.39 -5.33
N GLN A 523 16.70 -22.66 -5.10
CA GLN A 523 17.97 -22.95 -5.75
C GLN A 523 19.04 -23.51 -4.83
N THR A 524 18.82 -23.47 -3.51
CA THR A 524 19.81 -23.97 -2.56
C THR A 524 19.21 -25.12 -1.76
N GLU A 525 20.11 -25.95 -1.22
CA GLU A 525 19.68 -27.14 -0.49
C GLU A 525 18.90 -26.78 0.76
N GLU A 526 19.39 -25.79 1.52
CA GLU A 526 18.70 -25.40 2.75
C GLU A 526 17.32 -24.82 2.46
N ALA A 527 17.22 -23.96 1.45
CA ALA A 527 15.93 -23.40 1.08
C ALA A 527 14.98 -24.48 0.59
N ARG A 528 15.48 -25.43 -0.17
CA ARG A 528 14.65 -26.51 -0.69
C ARG A 528 14.12 -27.39 0.44
N ALA A 529 15.00 -27.75 1.38
CA ALA A 529 14.57 -28.56 2.52
C ALA A 529 13.57 -27.81 3.38
N GLU A 530 13.82 -26.52 3.63
CA GLU A 530 12.87 -25.73 4.41
C GLU A 530 11.52 -25.65 3.71
N ALA A 531 11.54 -25.44 2.39
CA ALA A 531 10.28 -25.37 1.65
C ALA A 531 9.49 -26.67 1.79
N ILE A 532 10.13 -27.80 1.50
CA ILE A 532 9.39 -29.06 1.51
C ILE A 532 9.07 -29.56 2.92
N ASN A 533 9.72 -29.05 3.94
CA ASN A 533 9.46 -29.51 5.30
C ASN A 533 8.51 -28.61 6.08
N LEU A 534 8.52 -27.30 5.82
CA LEU A 534 7.65 -26.37 6.53
C LEU A 534 6.44 -25.96 5.71
N MET A 535 6.60 -25.76 4.40
CA MET A 535 5.52 -25.32 3.54
C MET A 535 4.96 -26.45 2.68
N GLY A 536 5.32 -27.69 2.98
CA GLY A 536 4.79 -28.80 2.21
C GLY A 536 3.30 -28.95 2.38
N VAL A 537 2.66 -29.48 1.34
CA VAL A 537 1.21 -29.66 1.37
C VAL A 537 0.81 -30.62 2.48
N LYS A 538 1.54 -31.73 2.62
CA LYS A 538 1.20 -32.71 3.64
C LYS A 538 1.34 -32.13 5.05
N ASN A 539 2.29 -31.21 5.25
CA ASN A 539 2.51 -30.61 6.55
C ASN A 539 1.57 -29.42 6.81
N ASN A 540 0.74 -29.05 5.85
CA ASN A 540 -0.12 -27.89 5.97
C ASN A 540 -1.54 -28.22 5.54
N LEU A 541 -2.07 -29.35 6.02
CA LEU A 541 -3.45 -29.69 5.76
C LEU A 541 -4.43 -28.95 6.65
N LEU A 542 -3.95 -28.31 7.71
CA LEU A 542 -4.77 -27.53 8.62
C LEU A 542 -4.37 -26.06 8.54
N THR A 543 -5.36 -25.19 8.52
CA THR A 543 -5.08 -23.76 8.57
C THR A 543 -4.63 -23.37 9.96
N PRO A 544 -3.58 -22.55 10.09
CA PRO A 544 -3.09 -22.17 11.42
C PRO A 544 -4.01 -21.20 12.14
N LYS A 545 -5.02 -20.64 11.47
CA LYS A 545 -5.91 -19.70 12.11
C LYS A 545 -6.84 -20.39 13.11
N SER A 546 -7.28 -21.61 12.81
CA SER A 546 -8.17 -22.33 13.70
C SER A 546 -7.83 -23.80 13.88
N GLY A 547 -6.96 -24.38 13.05
CA GLY A 547 -6.65 -25.78 13.12
C GLY A 547 -7.59 -26.70 12.38
N GLU A 548 -8.66 -26.16 11.80
CA GLU A 548 -9.57 -26.98 11.03
C GLU A 548 -8.95 -27.36 9.70
N PRO A 549 -9.25 -28.56 9.19
CA PRO A 549 -8.66 -28.97 7.90
C PRO A 549 -9.09 -28.04 6.78
N ILE A 550 -8.14 -27.77 5.88
CA ILE A 550 -8.40 -26.89 4.74
C ILE A 550 -8.13 -27.56 3.41
N ILE A 551 -7.31 -28.60 3.36
CA ILE A 551 -7.14 -29.43 2.17
C ILE A 551 -8.03 -30.64 2.34
N ALA A 552 -9.05 -30.75 1.50
CA ALA A 552 -10.03 -31.82 1.61
C ALA A 552 -10.77 -31.95 0.29
N ALA A 553 -11.86 -32.71 0.30
CA ALA A 553 -12.59 -33.00 -0.93
C ALA A 553 -13.30 -31.76 -1.45
N THR A 554 -13.25 -31.58 -2.77
CA THR A 554 -13.99 -30.56 -3.48
C THR A 554 -15.34 -31.10 -3.93
N GLN A 555 -16.00 -30.37 -4.84
CA GLN A 555 -17.40 -30.64 -5.13
C GLN A 555 -17.62 -32.04 -5.69
N ASP A 556 -17.02 -32.36 -6.84
CA ASP A 556 -17.30 -33.64 -7.47
C ASP A 556 -16.82 -34.81 -6.64
N PHE A 557 -15.70 -34.64 -5.91
CA PHE A 557 -15.26 -35.69 -5.01
C PHE A 557 -16.29 -35.94 -3.92
N ILE A 558 -16.85 -34.87 -3.35
CA ILE A 558 -17.88 -35.02 -2.32
C ILE A 558 -19.10 -35.71 -2.90
N THR A 559 -19.53 -35.30 -4.09
CA THR A 559 -20.70 -35.90 -4.71
C THR A 559 -20.49 -37.37 -5.01
N GLY A 560 -19.33 -37.72 -5.56
CA GLY A 560 -19.05 -39.12 -5.84
C GLY A 560 -18.95 -39.96 -4.59
N SER A 561 -18.35 -39.42 -3.53
CA SER A 561 -18.29 -40.12 -2.26
C SER A 561 -19.69 -40.35 -1.70
N TYR A 562 -20.55 -39.32 -1.77
CA TYR A 562 -21.91 -39.46 -1.30
C TYR A 562 -22.67 -40.49 -2.10
N LEU A 563 -22.48 -40.51 -3.42
CA LEU A 563 -23.19 -41.46 -4.27
C LEU A 563 -22.70 -42.89 -4.03
N ILE A 564 -21.41 -43.05 -3.71
CA ILE A 564 -20.90 -44.38 -3.38
C ILE A 564 -21.45 -44.85 -2.03
N SER A 565 -21.35 -43.99 -1.01
CA SER A 565 -21.78 -44.35 0.33
C SER A 565 -23.29 -44.32 0.50
N HIS A 566 -24.02 -43.91 -0.54
CA HIS A 566 -25.48 -43.90 -0.47
C HIS A 566 -26.01 -45.29 -0.18
N LYS A 567 -27.04 -45.36 0.67
CA LYS A 567 -27.50 -46.64 1.19
C LYS A 567 -28.05 -47.56 0.10
N ASP A 568 -28.40 -47.01 -1.05
CA ASP A 568 -28.89 -47.81 -2.17
C ASP A 568 -27.76 -48.41 -3.01
N SER A 569 -26.51 -48.14 -2.67
CA SER A 569 -25.37 -48.57 -3.49
C SER A 569 -24.96 -49.99 -3.08
N PHE A 570 -25.10 -50.93 -4.01
CA PHE A 570 -24.64 -52.29 -3.81
C PHE A 570 -23.80 -52.70 -5.01
N TYR A 571 -22.68 -53.36 -4.73
CA TYR A 571 -21.72 -53.73 -5.76
C TYR A 571 -21.39 -55.20 -5.62
N ASP A 572 -21.38 -55.91 -6.74
CA ASP A 572 -20.92 -57.29 -6.74
C ASP A 572 -19.39 -57.31 -6.72
N ARG A 573 -18.81 -58.51 -6.77
CA ARG A 573 -17.38 -58.65 -6.58
C ARG A 573 -16.60 -57.98 -7.69
N ALA A 574 -17.03 -58.14 -8.94
CA ALA A 574 -16.29 -57.56 -10.07
C ALA A 574 -16.33 -56.04 -10.01
N THR A 575 -17.51 -55.47 -9.79
CA THR A 575 -17.65 -54.03 -9.69
C THR A 575 -16.84 -53.48 -8.51
N LEU A 576 -16.88 -54.17 -7.37
CA LEU A 576 -16.13 -53.72 -6.21
C LEU A 576 -14.63 -53.73 -6.47
N THR A 577 -14.12 -54.79 -7.10
CA THR A 577 -12.69 -54.86 -7.35
C THR A 577 -12.26 -53.83 -8.39
N GLN A 578 -13.10 -53.57 -9.39
CA GLN A 578 -12.80 -52.49 -10.33
C GLN A 578 -12.79 -51.14 -9.63
N LEU A 579 -13.73 -50.93 -8.70
CA LEU A 579 -13.76 -49.70 -7.93
C LEU A 579 -12.47 -49.54 -7.12
N LEU A 580 -12.01 -50.62 -6.49
CA LEU A 580 -10.81 -50.55 -5.68
C LEU A 580 -9.57 -50.33 -6.56
N SER A 581 -9.53 -50.94 -7.74
CA SER A 581 -8.42 -50.72 -8.66
C SER A 581 -8.38 -49.28 -9.15
N MET A 582 -9.54 -48.69 -9.41
CA MET A 582 -9.57 -47.27 -9.77
C MET A 582 -9.20 -46.40 -8.58
N MET A 583 -9.61 -46.80 -7.37
CA MET A 583 -9.26 -46.07 -6.16
C MET A 583 -7.75 -46.02 -5.97
N SER A 584 -7.08 -47.15 -6.12
CA SER A 584 -5.63 -47.20 -6.19
C SER A 584 -5.21 -46.96 -7.64
N ASP A 585 -3.96 -47.24 -7.97
CA ASP A 585 -3.52 -47.23 -9.36
C ASP A 585 -3.47 -48.64 -9.94
N GLY A 586 -4.16 -49.58 -9.30
CA GLY A 586 -4.00 -50.97 -9.64
C GLY A 586 -2.76 -51.59 -9.03
N ILE A 587 -2.11 -50.91 -8.09
CA ILE A 587 -0.84 -51.35 -7.52
C ILE A 587 -0.95 -51.40 -6.01
N GLU A 588 -2.16 -51.55 -5.49
CA GLU A 588 -2.39 -51.71 -4.06
C GLU A 588 -3.09 -53.04 -3.82
N HIS A 589 -2.65 -53.75 -2.78
CA HIS A 589 -3.33 -54.96 -2.36
C HIS A 589 -4.57 -54.59 -1.55
N PHE A 590 -5.66 -55.32 -1.78
CA PHE A 590 -6.90 -55.12 -1.06
C PHE A 590 -7.36 -56.44 -0.45
N ASP A 591 -7.68 -56.41 0.84
CA ASP A 591 -8.29 -57.56 1.51
C ASP A 591 -9.81 -57.39 1.42
N ILE A 592 -10.43 -58.16 0.52
CA ILE A 592 -11.86 -58.03 0.31
C ILE A 592 -12.58 -58.55 1.55
N PRO A 593 -13.38 -57.74 2.21
CA PRO A 593 -14.10 -58.19 3.39
C PRO A 593 -15.31 -59.01 2.99
N PRO A 594 -15.90 -59.76 3.92
CA PRO A 594 -17.14 -60.48 3.61
C PRO A 594 -18.22 -59.51 3.20
N PRO A 595 -19.04 -59.87 2.21
CA PRO A 595 -20.07 -58.95 1.73
C PRO A 595 -21.12 -58.66 2.78
N ALA A 596 -21.68 -57.46 2.72
CA ALA A 596 -22.76 -57.10 3.63
C ALA A 596 -23.97 -57.98 3.42
N ILE A 597 -24.24 -58.36 2.17
CA ILE A 597 -25.36 -59.23 1.82
C ILE A 597 -24.78 -60.53 1.29
N MET A 598 -25.17 -61.65 1.91
CA MET A 598 -24.66 -62.96 1.54
C MET A 598 -25.68 -63.85 0.84
N LYS A 599 -26.94 -63.45 0.78
CA LYS A 599 -27.96 -64.23 0.12
C LYS A 599 -29.05 -63.26 -0.30
N PRO A 600 -29.57 -63.36 -1.54
CA PRO A 600 -29.24 -64.35 -2.57
C PRO A 600 -27.94 -64.09 -3.33
N TYR A 601 -27.36 -62.90 -3.19
CA TYR A 601 -26.16 -62.53 -3.94
C TYR A 601 -25.11 -61.99 -2.99
N TYR A 602 -23.86 -62.05 -3.42
CA TYR A 602 -22.75 -61.48 -2.66
C TYR A 602 -22.62 -60.01 -3.06
N LEU A 603 -23.17 -59.13 -2.23
CA LEU A 603 -23.19 -57.70 -2.50
C LEU A 603 -22.45 -56.94 -1.42
N TRP A 604 -21.59 -56.02 -1.84
CA TRP A 604 -20.93 -55.10 -0.92
C TRP A 604 -21.60 -53.74 -1.02
N THR A 605 -21.74 -53.08 0.13
CA THR A 605 -22.25 -51.72 0.13
C THR A 605 -21.12 -50.74 -0.19
N GLY A 606 -21.50 -49.51 -0.55
CA GLY A 606 -20.52 -48.49 -0.80
C GLY A 606 -19.77 -48.05 0.44
N LYS A 607 -20.39 -48.23 1.61
CA LYS A 607 -19.68 -47.93 2.85
C LYS A 607 -18.53 -48.91 3.08
N GLN A 608 -18.68 -50.16 2.64
CA GLN A 608 -17.56 -51.08 2.65
C GLN A 608 -16.48 -50.64 1.68
N VAL A 609 -16.88 -50.10 0.53
CA VAL A 609 -15.91 -49.55 -0.43
C VAL A 609 -15.10 -48.45 0.23
N PHE A 610 -15.75 -47.56 0.96
CA PHE A 610 -15.01 -46.47 1.59
C PHE A 610 -14.22 -46.94 2.81
N SER A 611 -14.68 -47.99 3.50
CA SER A 611 -13.87 -48.59 4.54
C SER A 611 -12.57 -49.15 3.98
N LEU A 612 -12.65 -49.79 2.80
CA LEU A 612 -11.45 -50.24 2.11
C LEU A 612 -10.61 -49.06 1.62
N LEU A 613 -11.26 -47.95 1.26
CA LEU A 613 -10.52 -46.74 0.92
C LEU A 613 -9.67 -46.27 2.10
N ILE A 614 -10.25 -46.28 3.29
CA ILE A 614 -9.51 -45.88 4.48
C ILE A 614 -8.41 -46.88 4.81
N LYS A 615 -8.74 -48.17 4.84
CA LYS A 615 -7.82 -49.22 5.26
C LYS A 615 -7.82 -50.34 4.23
N PRO A 616 -6.99 -50.24 3.19
CA PRO A 616 -7.04 -51.24 2.11
C PRO A 616 -6.76 -52.67 2.54
N ASN A 617 -5.87 -52.89 3.50
CA ASN A 617 -5.49 -54.25 3.88
C ASN A 617 -5.00 -54.25 5.32
N HIS A 618 -4.61 -55.43 5.80
CA HIS A 618 -4.23 -55.59 7.19
C HIS A 618 -2.88 -54.95 7.50
N ASN A 619 -2.02 -54.79 6.49
CA ASN A 619 -0.73 -54.16 6.72
C ASN A 619 -0.85 -52.66 6.95
N SER A 620 -1.91 -52.03 6.46
CA SER A 620 -2.08 -50.60 6.66
C SER A 620 -2.45 -50.32 8.12
N PRO A 621 -1.80 -49.38 8.78
CA PRO A 621 -2.04 -49.13 10.20
C PRO A 621 -3.20 -48.21 10.52
N VAL A 622 -3.86 -47.66 9.51
CA VAL A 622 -4.88 -46.62 9.72
C VAL A 622 -6.13 -47.29 10.28
N VAL A 623 -6.31 -47.20 11.59
CA VAL A 623 -7.53 -47.63 12.27
C VAL A 623 -8.20 -46.37 12.81
N ILE A 624 -9.35 -46.03 12.25
CA ILE A 624 -10.00 -44.75 12.51
C ILE A 624 -11.32 -45.00 13.23
N ASN A 625 -11.55 -44.22 14.28
CA ASN A 625 -12.79 -44.27 15.04
C ASN A 625 -13.36 -42.86 15.10
N LEU A 626 -14.60 -42.70 14.66
CA LEU A 626 -15.12 -41.39 14.34
C LEU A 626 -16.62 -41.35 14.59
N ASP A 627 -17.10 -40.23 15.11
CA ASP A 627 -18.52 -39.94 15.23
C ASP A 627 -18.76 -38.56 14.66
N ALA A 628 -19.65 -38.45 13.67
CA ALA A 628 -19.85 -37.18 12.99
C ALA A 628 -21.29 -37.05 12.53
N LYS A 629 -21.72 -35.81 12.38
CA LYS A 629 -23.04 -35.49 11.88
C LYS A 629 -22.91 -34.94 10.46
N ASN A 630 -23.66 -35.52 9.53
CA ASN A 630 -23.69 -34.98 8.18
C ASN A 630 -24.45 -33.66 8.17
N LYS A 631 -24.21 -32.86 7.14
CA LYS A 631 -24.76 -31.51 7.13
C LYS A 631 -26.28 -31.51 7.01
N VAL A 632 -26.85 -32.55 6.41
CA VAL A 632 -28.30 -32.77 6.42
C VAL A 632 -28.53 -34.00 7.28
N PHE A 633 -28.96 -33.78 8.52
CA PHE A 633 -29.19 -34.86 9.48
C PHE A 633 -30.60 -34.67 10.02
N VAL A 634 -31.53 -35.48 9.55
CA VAL A 634 -32.86 -35.49 10.15
C VAL A 634 -32.79 -36.41 11.35
N PRO A 635 -33.29 -36.00 12.51
CA PRO A 635 -33.06 -36.76 13.74
C PRO A 635 -33.82 -38.08 13.71
N PRO A 636 -33.43 -39.05 14.55
CA PRO A 636 -34.16 -40.31 14.61
C PRO A 636 -35.61 -40.10 15.05
N LYS A 637 -36.43 -41.12 14.81
CA LYS A 637 -37.86 -41.01 15.01
C LYS A 637 -38.23 -40.72 16.46
N SER A 638 -37.37 -41.04 17.41
CA SER A 638 -37.63 -40.77 18.82
C SER A 638 -36.47 -40.01 19.43
N LYS A 639 -36.77 -39.22 20.46
CA LYS A 639 -35.74 -38.47 21.16
C LYS A 639 -34.79 -39.41 21.89
N SER A 640 -35.27 -40.57 22.31
CA SER A 640 -34.46 -41.51 23.06
C SER A 640 -33.51 -42.31 22.17
N LEU A 641 -33.77 -42.37 20.87
CA LEU A 641 -32.99 -43.21 19.99
C LEU A 641 -31.62 -42.57 19.71
N PRO A 642 -30.58 -43.37 19.56
CA PRO A 642 -29.24 -42.81 19.30
C PRO A 642 -29.16 -42.13 17.95
N ASN A 643 -28.08 -41.37 17.77
CA ASN A 643 -27.99 -40.45 16.65
C ASN A 643 -27.87 -41.15 15.30
N GLU A 644 -27.33 -42.37 15.29
CA GLU A 644 -27.17 -43.05 14.00
C GLU A 644 -28.45 -43.70 13.51
N MET A 645 -29.50 -43.70 14.31
CA MET A 645 -30.82 -44.15 13.87
C MET A 645 -31.57 -43.09 13.10
N SER A 646 -30.85 -42.11 12.55
CA SER A 646 -31.46 -41.02 11.81
C SER A 646 -32.22 -41.58 10.60
N GLN A 647 -33.33 -40.92 10.27
CA GLN A 647 -34.17 -41.40 9.18
C GLN A 647 -33.41 -41.36 7.85
N ASN A 648 -32.62 -40.33 7.62
CA ASN A 648 -31.64 -40.34 6.55
C ASN A 648 -30.29 -40.79 7.10
N ASP A 649 -29.34 -41.04 6.21
CA ASP A 649 -27.99 -41.42 6.65
C ASP A 649 -27.20 -40.19 7.11
N GLY A 650 -27.71 -39.51 8.14
CA GLY A 650 -27.15 -38.25 8.57
C GLY A 650 -26.10 -38.30 9.66
N PHE A 651 -25.87 -39.47 10.26
CA PHE A 651 -24.88 -39.62 11.32
C PHE A 651 -23.88 -40.68 10.90
N VAL A 652 -22.60 -40.32 10.91
CA VAL A 652 -21.54 -41.22 10.49
C VAL A 652 -20.90 -41.87 11.71
N ILE A 653 -20.82 -43.20 11.70
CA ILE A 653 -20.11 -43.96 12.71
C ILE A 653 -19.03 -44.76 12.01
N ILE A 654 -17.79 -44.60 12.46
CA ILE A 654 -16.67 -45.40 11.97
C ILE A 654 -16.02 -46.07 13.16
N ARG A 655 -15.89 -47.40 13.10
CA ARG A 655 -15.28 -48.17 14.18
C ARG A 655 -14.27 -49.12 13.55
N GLY A 656 -13.01 -48.97 13.92
CA GLY A 656 -11.96 -49.80 13.35
C GLY A 656 -11.81 -49.61 11.86
N SER A 657 -11.96 -48.39 11.37
CA SER A 657 -11.92 -48.02 9.97
C SER A 657 -13.08 -48.63 9.17
N GLN A 658 -14.09 -49.16 9.85
CA GLN A 658 -15.26 -49.72 9.20
C GLN A 658 -16.40 -48.73 9.33
N ILE A 659 -16.84 -48.20 8.19
CA ILE A 659 -17.95 -47.24 8.17
C ILE A 659 -19.23 -48.00 8.45
N LEU A 660 -19.89 -47.65 9.56
CA LEU A 660 -21.08 -48.38 10.00
C LEU A 660 -22.38 -47.69 9.65
N SER A 661 -22.37 -46.37 9.46
CA SER A 661 -23.58 -45.63 9.14
C SER A 661 -23.18 -44.30 8.53
N GLY A 662 -24.16 -43.65 7.89
CA GLY A 662 -23.98 -42.31 7.39
C GLY A 662 -23.39 -42.24 6.01
N VAL A 663 -23.69 -41.17 5.29
CA VAL A 663 -23.13 -40.98 3.96
C VAL A 663 -21.81 -40.22 4.05
N MET A 664 -21.02 -40.30 2.98
CA MET A 664 -19.77 -39.57 2.90
C MET A 664 -20.09 -38.15 2.47
N ASP A 665 -20.17 -37.24 3.43
CA ASP A 665 -20.72 -35.91 3.24
C ASP A 665 -19.59 -34.90 3.08
N LYS A 666 -19.99 -33.62 3.01
CA LYS A 666 -19.00 -32.55 3.09
C LYS A 666 -18.51 -32.36 4.52
N SER A 667 -19.40 -32.54 5.49
CA SER A 667 -18.99 -32.41 6.89
C SER A 667 -18.02 -33.50 7.30
N VAL A 668 -17.94 -34.59 6.55
CA VAL A 668 -17.06 -35.71 6.86
C VAL A 668 -15.83 -35.77 5.99
N LEU A 669 -15.89 -35.23 4.77
CA LEU A 669 -14.75 -35.26 3.86
C LEU A 669 -14.30 -33.88 3.39
N GLY A 670 -15.02 -32.81 3.75
CA GLY A 670 -14.68 -31.48 3.35
C GLY A 670 -13.86 -30.74 4.38
N ASP A 671 -13.72 -29.43 4.18
CA ASP A 671 -12.88 -28.59 5.01
C ASP A 671 -13.65 -28.06 6.22
N GLY A 672 -12.90 -27.57 7.19
CA GLY A 672 -13.45 -26.84 8.31
C GLY A 672 -14.07 -27.65 9.41
N LYS A 673 -14.02 -28.98 9.34
CA LYS A 673 -14.62 -29.83 10.36
C LYS A 673 -13.54 -30.68 11.01
N LYS A 674 -13.44 -30.59 12.32
CA LYS A 674 -12.46 -31.37 13.08
C LYS A 674 -12.95 -32.79 13.39
N HIS A 675 -14.07 -33.20 12.82
CA HIS A 675 -14.49 -34.60 12.83
C HIS A 675 -14.39 -35.23 11.45
N SER A 676 -13.59 -34.64 10.56
CA SER A 676 -13.44 -35.17 9.21
C SER A 676 -12.65 -36.47 9.25
N VAL A 677 -12.89 -37.31 8.23
CA VAL A 677 -12.14 -38.57 8.12
C VAL A 677 -10.66 -38.28 7.91
N PHE A 678 -10.36 -37.33 7.03
CA PHE A 678 -8.96 -37.01 6.76
C PHE A 678 -8.33 -36.27 7.94
N TYR A 679 -9.08 -35.44 8.65
CA TYR A 679 -8.56 -34.81 9.86
C TYR A 679 -8.18 -35.85 10.90
N THR A 680 -9.04 -36.85 11.09
CA THR A 680 -8.77 -37.90 12.06
C THR A 680 -7.59 -38.76 11.62
N ILE A 681 -7.53 -39.13 10.34
CA ILE A 681 -6.40 -39.91 9.85
C ILE A 681 -5.10 -39.12 10.04
N LEU A 682 -5.12 -37.83 9.72
CA LEU A 682 -3.95 -37.00 9.95
C LEU A 682 -3.54 -37.04 11.42
N ARG A 683 -4.41 -36.55 12.29
CA ARG A 683 -4.07 -36.42 13.71
C ARG A 683 -3.70 -37.74 14.36
N ASP A 684 -4.12 -38.87 13.79
CA ASP A 684 -3.85 -40.14 14.45
C ASP A 684 -2.71 -40.94 13.81
N TYR A 685 -2.39 -40.72 12.53
CA TYR A 685 -1.42 -41.57 11.86
C TYR A 685 -0.44 -40.84 10.96
N GLY A 686 -0.54 -39.52 10.80
CA GLY A 686 0.43 -38.82 10.00
C GLY A 686 -0.09 -38.19 8.72
N PRO A 687 0.59 -37.12 8.30
CA PRO A 687 0.24 -36.49 7.03
C PRO A 687 0.35 -37.41 5.85
N GLN A 688 1.28 -38.38 5.86
CA GLN A 688 1.40 -39.29 4.73
C GLN A 688 0.19 -40.20 4.63
N GLU A 689 -0.29 -40.75 5.75
CA GLU A 689 -1.50 -41.56 5.71
C GLU A 689 -2.71 -40.73 5.28
N ALA A 690 -2.83 -39.51 5.80
CA ALA A 690 -3.94 -38.66 5.39
C ALA A 690 -3.89 -38.35 3.90
N ALA A 691 -2.69 -38.05 3.38
CA ALA A 691 -2.54 -37.75 1.97
C ALA A 691 -2.81 -38.98 1.11
N ASN A 692 -2.42 -40.16 1.59
CA ASN A 692 -2.71 -41.39 0.85
C ASN A 692 -4.21 -41.62 0.75
N ALA A 693 -4.93 -41.40 1.86
CA ALA A 693 -6.38 -41.51 1.82
C ALA A 693 -6.99 -40.50 0.87
N MET A 694 -6.49 -39.25 0.91
CA MET A 694 -7.01 -38.22 0.01
C MET A 694 -6.78 -38.57 -1.45
N ASN A 695 -5.58 -39.04 -1.79
CA ASN A 695 -5.28 -39.44 -3.16
C ASN A 695 -6.16 -40.60 -3.59
N ARG A 696 -6.34 -41.59 -2.72
CA ARG A 696 -7.20 -42.73 -3.03
C ARG A 696 -8.61 -42.26 -3.34
N MET A 697 -9.14 -41.38 -2.49
CA MET A 697 -10.49 -40.85 -2.69
C MET A 697 -10.60 -40.04 -3.98
N ALA A 698 -9.61 -39.21 -4.26
CA ALA A 698 -9.65 -38.38 -5.47
C ALA A 698 -9.62 -39.24 -6.72
N LYS A 699 -8.73 -40.23 -6.77
CA LYS A 699 -8.66 -41.10 -7.94
C LYS A 699 -9.94 -41.90 -8.10
N LEU A 700 -10.49 -42.43 -6.99
CA LEU A 700 -11.72 -43.19 -7.08
C LEU A 700 -12.86 -42.34 -7.61
N CYS A 701 -13.03 -41.13 -7.07
CA CYS A 701 -14.13 -40.28 -7.51
C CYS A 701 -13.96 -39.88 -8.98
N ALA A 702 -12.73 -39.52 -9.37
CA ALA A 702 -12.48 -39.11 -10.74
C ALA A 702 -12.79 -40.23 -11.73
N ARG A 703 -12.43 -41.47 -11.39
CA ARG A 703 -12.72 -42.57 -12.31
C ARG A 703 -14.13 -43.12 -12.16
N PHE A 704 -14.84 -42.78 -11.08
CA PHE A 704 -16.13 -43.40 -10.82
C PHE A 704 -17.31 -42.54 -11.28
N LEU A 705 -17.24 -41.22 -11.10
CA LEU A 705 -18.40 -40.40 -11.43
C LEU A 705 -18.73 -40.45 -12.92
N GLY A 706 -17.71 -40.46 -13.77
CA GLY A 706 -17.95 -40.49 -15.20
C GLY A 706 -18.66 -41.77 -15.65
N ASN A 707 -18.27 -42.90 -15.09
CA ASN A 707 -18.91 -44.17 -15.45
C ASN A 707 -20.27 -44.35 -14.77
N ARG A 708 -20.46 -43.78 -13.58
CA ARG A 708 -21.74 -43.92 -12.90
C ARG A 708 -22.80 -43.03 -13.53
N GLY A 709 -22.43 -41.81 -13.90
CA GLY A 709 -23.39 -40.90 -14.49
C GLY A 709 -24.07 -40.03 -13.46
N PHE A 710 -23.87 -38.72 -13.56
CA PHE A 710 -24.53 -37.75 -12.69
C PHE A 710 -24.75 -36.48 -13.50
N SER A 711 -25.99 -36.03 -13.59
CA SER A 711 -26.35 -34.96 -14.49
C SER A 711 -27.44 -34.10 -13.87
N ILE A 712 -27.52 -32.86 -14.36
CA ILE A 712 -28.57 -31.92 -13.99
C ILE A 712 -29.24 -31.43 -15.26
N GLY A 713 -30.56 -31.23 -15.19
CA GLY A 713 -31.31 -30.82 -16.35
C GLY A 713 -32.47 -29.90 -16.00
N ILE A 714 -33.33 -29.63 -16.98
CA ILE A 714 -34.48 -28.76 -16.72
C ILE A 714 -35.49 -29.44 -15.81
N ASN A 715 -35.57 -30.77 -15.84
CA ASN A 715 -36.56 -31.47 -15.03
C ASN A 715 -36.22 -31.41 -13.55
N ASP A 716 -34.95 -31.17 -13.21
CA ASP A 716 -34.57 -31.05 -11.81
C ASP A 716 -34.96 -29.70 -11.21
N VAL A 717 -35.26 -28.72 -12.05
CA VAL A 717 -35.67 -27.40 -11.59
C VAL A 717 -37.12 -27.10 -11.97
N THR A 718 -37.75 -27.96 -12.76
CA THR A 718 -39.14 -27.74 -13.12
C THR A 718 -40.03 -28.03 -11.92
N PRO A 719 -40.97 -27.15 -11.59
CA PRO A 719 -41.87 -27.41 -10.46
C PRO A 719 -42.95 -28.42 -10.83
N ALA A 720 -43.40 -29.16 -9.82
CA ALA A 720 -44.53 -30.04 -9.99
C ALA A 720 -45.79 -29.22 -10.29
N ASP A 721 -46.77 -29.89 -10.91
CA ASP A 721 -48.00 -29.20 -11.29
C ASP A 721 -48.79 -28.76 -10.06
N ASP A 722 -48.78 -29.58 -9.01
CA ASP A 722 -49.42 -29.18 -7.75
C ASP A 722 -48.72 -28.00 -7.12
N LEU A 723 -47.38 -27.94 -7.26
CA LEU A 723 -46.63 -26.83 -6.69
C LEU A 723 -47.05 -25.50 -7.29
N LYS A 724 -47.37 -25.49 -8.59
CA LYS A 724 -47.81 -24.24 -9.23
C LYS A 724 -49.07 -23.71 -8.56
N GLN A 725 -50.07 -24.57 -8.37
CA GLN A 725 -51.32 -24.13 -7.74
C GLN A 725 -51.10 -23.72 -6.29
N LYS A 726 -50.32 -24.52 -5.55
CA LYS A 726 -50.03 -24.17 -4.16
C LYS A 726 -49.35 -22.81 -4.06
N LYS A 727 -48.35 -22.58 -4.90
CA LYS A 727 -47.64 -21.32 -4.89
C LYS A 727 -48.56 -20.17 -5.26
N GLU A 728 -49.42 -20.36 -6.26
CA GLU A 728 -50.29 -19.28 -6.69
C GLU A 728 -51.26 -18.88 -5.57
N GLU A 729 -51.85 -19.86 -4.89
CA GLU A 729 -52.77 -19.51 -3.80
C GLU A 729 -52.02 -18.91 -2.62
N LEU A 730 -50.84 -19.45 -2.30
CA LEU A 730 -50.09 -18.93 -1.16
C LEU A 730 -49.64 -17.50 -1.40
N VAL A 731 -49.19 -17.19 -2.60
CA VAL A 731 -48.76 -15.83 -2.91
C VAL A 731 -49.95 -14.89 -2.98
N GLU A 732 -51.08 -15.36 -3.53
CA GLU A 732 -52.27 -14.51 -3.59
C GLU A 732 -52.78 -14.17 -2.20
N ILE A 733 -52.73 -15.14 -1.28
CA ILE A 733 -53.08 -14.86 0.11
C ILE A 733 -52.14 -13.83 0.70
N ALA A 734 -50.84 -13.98 0.43
CA ALA A 734 -49.86 -13.03 0.95
C ALA A 734 -50.07 -11.64 0.37
N TYR A 735 -50.34 -11.56 -0.94
CA TYR A 735 -50.57 -10.26 -1.56
C TYR A 735 -51.79 -9.57 -0.97
N HIS A 736 -52.79 -10.35 -0.57
CA HIS A 736 -54.01 -9.78 -0.01
C HIS A 736 -53.75 -9.10 1.33
N LYS A 737 -53.02 -9.78 2.21
CA LYS A 737 -52.66 -9.16 3.49
C LYS A 737 -51.81 -7.92 3.27
N CYS A 738 -50.88 -7.99 2.31
CA CYS A 738 -50.03 -6.85 2.02
C CYS A 738 -50.85 -5.64 1.59
N ASP A 739 -51.80 -5.83 0.68
CA ASP A 739 -52.57 -4.69 0.20
C ASP A 739 -53.57 -4.22 1.25
N GLU A 740 -54.03 -5.12 2.13
CA GLU A 740 -54.84 -4.70 3.26
C GLU A 740 -54.07 -3.78 4.18
N LEU A 741 -52.83 -4.15 4.51
CA LEU A 741 -51.98 -3.27 5.29
C LEU A 741 -51.71 -1.97 4.55
N ILE A 742 -51.55 -2.04 3.23
CA ILE A 742 -51.35 -0.85 2.42
C ILE A 742 -52.52 0.11 2.59
N THR A 743 -53.75 -0.39 2.44
CA THR A 743 -54.90 0.49 2.52
C THR A 743 -55.12 1.01 3.93
N LEU A 744 -54.82 0.20 4.96
CA LEU A 744 -54.86 0.70 6.33
C LEU A 744 -53.88 1.85 6.51
N PHE A 745 -52.62 1.65 6.11
CA PHE A 745 -51.61 2.69 6.26
C PHE A 745 -51.99 3.95 5.49
N ASN A 746 -52.51 3.80 4.28
CA ASN A 746 -52.85 4.96 3.45
C ASN A 746 -54.02 5.74 4.03
N LYS A 747 -55.11 5.06 4.39
CA LYS A 747 -56.29 5.79 4.83
C LYS A 747 -56.12 6.32 6.25
N GLY A 748 -55.35 5.64 7.09
CA GLY A 748 -55.24 6.01 8.48
C GLY A 748 -53.83 6.01 9.02
N GLU A 749 -53.65 5.26 10.11
CA GLU A 749 -52.36 5.23 10.81
C GLU A 749 -52.26 3.84 11.45
N LEU A 750 -51.17 3.14 11.20
CA LEU A 750 -50.97 1.83 11.78
C LEU A 750 -50.27 1.95 13.13
N GLU A 751 -50.27 0.84 13.86
CA GLU A 751 -49.55 0.78 15.13
C GLU A 751 -48.05 0.78 14.87
N THR A 752 -47.42 1.94 15.08
CA THR A 752 -45.99 2.07 14.83
C THR A 752 -45.21 1.19 15.81
N GLN A 753 -44.24 0.45 15.27
CA GLN A 753 -43.43 -0.42 16.11
C GLN A 753 -42.63 0.40 17.12
N PRO A 754 -42.32 -0.18 18.29
CA PRO A 754 -41.59 0.58 19.31
C PRO A 754 -40.23 1.06 18.86
N GLY A 755 -39.49 0.26 18.08
CA GLY A 755 -38.12 0.58 17.76
C GLY A 755 -37.91 1.46 16.54
N CYS A 756 -38.91 1.53 15.67
CA CYS A 756 -38.80 2.26 14.42
C CYS A 756 -40.09 3.04 14.17
N ASN A 757 -39.99 4.11 13.37
CA ASN A 757 -41.09 5.04 13.24
C ASN A 757 -42.17 4.48 12.30
N GLU A 758 -43.11 5.37 11.94
CA GLU A 758 -44.29 4.94 11.20
C GLU A 758 -43.93 4.40 9.82
N GLU A 759 -43.16 5.16 9.04
CA GLU A 759 -43.00 4.86 7.63
C GLU A 759 -42.42 3.46 7.40
N GLN A 760 -41.56 3.01 8.31
CA GLN A 760 -40.92 1.71 8.12
C GLN A 760 -41.60 0.57 8.86
N THR A 761 -42.69 0.82 9.60
CA THR A 761 -43.39 -0.28 10.25
C THR A 761 -44.20 -1.07 9.23
N LEU A 762 -44.78 -0.38 8.25
CA LEU A 762 -45.37 -1.07 7.11
C LEU A 762 -44.32 -1.86 6.35
N GLU A 763 -43.13 -1.27 6.18
CA GLU A 763 -42.03 -1.97 5.54
C GLU A 763 -41.72 -3.27 6.27
N ALA A 764 -41.60 -3.21 7.60
CA ALA A 764 -41.28 -4.41 8.37
C ALA A 764 -42.40 -5.44 8.27
N LYS A 765 -43.66 -5.00 8.38
CA LYS A 765 -44.77 -5.94 8.34
C LYS A 765 -44.85 -6.65 6.98
N ILE A 766 -44.78 -5.86 5.89
CA ILE A 766 -44.85 -6.41 4.55
C ILE A 766 -43.65 -7.32 4.27
N GLY A 767 -42.45 -6.89 4.66
CA GLY A 767 -41.28 -7.73 4.43
C GLY A 767 -41.35 -9.05 5.18
N GLY A 768 -41.80 -9.01 6.44
CA GLY A 768 -41.99 -10.24 7.18
C GLY A 768 -42.99 -11.16 6.53
N LEU A 769 -44.12 -10.61 6.07
CA LEU A 769 -45.15 -11.44 5.45
C LEU A 769 -44.65 -12.06 4.14
N LEU A 770 -43.97 -11.26 3.32
CA LEU A 770 -43.44 -11.79 2.05
C LEU A 770 -42.35 -12.82 2.28
N SER A 771 -41.47 -12.60 3.27
CA SER A 771 -40.45 -13.59 3.58
C SER A 771 -41.09 -14.88 4.08
N LYS A 772 -42.15 -14.77 4.88
CA LYS A 772 -42.84 -15.96 5.36
C LYS A 772 -43.45 -16.74 4.21
N VAL A 773 -44.10 -16.05 3.27
CA VAL A 773 -44.71 -16.76 2.16
C VAL A 773 -43.65 -17.39 1.26
N ARG A 774 -42.52 -16.70 1.05
CA ARG A 774 -41.44 -17.28 0.27
C ARG A 774 -40.90 -18.53 0.94
N GLU A 775 -40.68 -18.46 2.26
CA GLU A 775 -40.15 -19.62 2.97
C GLU A 775 -41.12 -20.79 2.92
N GLU A 776 -42.42 -20.51 3.06
CA GLU A 776 -43.39 -21.60 3.05
C GLU A 776 -43.49 -22.24 1.66
N VAL A 777 -43.51 -21.42 0.61
CA VAL A 777 -43.57 -21.96 -0.75
C VAL A 777 -42.31 -22.78 -1.06
N GLY A 778 -41.15 -22.26 -0.67
CA GLY A 778 -39.91 -23.01 -0.87
C GLY A 778 -39.88 -24.31 -0.09
N ASP A 779 -40.45 -24.30 1.12
CA ASP A 779 -40.54 -25.52 1.91
C ASP A 779 -41.40 -26.55 1.20
N VAL A 780 -42.54 -26.12 0.65
CA VAL A 780 -43.40 -27.04 -0.09
C VAL A 780 -42.67 -27.60 -1.31
N CYS A 781 -41.96 -26.74 -2.03
CA CYS A 781 -41.20 -27.16 -3.20
C CYS A 781 -40.14 -28.21 -2.82
N ILE A 782 -39.37 -27.93 -1.77
CA ILE A 782 -38.32 -28.85 -1.35
C ILE A 782 -38.90 -30.17 -0.87
N ASN A 783 -40.01 -30.11 -0.12
CA ASN A 783 -40.62 -31.32 0.39
C ASN A 783 -41.20 -32.17 -0.74
N GLU A 784 -41.61 -31.55 -1.84
CA GLU A 784 -42.09 -32.29 -3.00
C GLU A 784 -40.99 -32.64 -3.98
N LEU A 785 -39.73 -32.30 -3.69
CA LEU A 785 -38.64 -32.57 -4.60
C LEU A 785 -38.43 -34.08 -4.76
N ASP A 786 -37.97 -34.47 -5.95
CA ASP A 786 -37.83 -35.87 -6.28
C ASP A 786 -36.57 -36.46 -5.66
N ASN A 787 -36.68 -37.72 -5.23
CA ASN A 787 -35.50 -38.51 -4.92
C ASN A 787 -34.66 -38.67 -6.17
N TRP A 788 -33.34 -38.45 -6.04
CA TRP A 788 -32.37 -38.38 -7.13
C TRP A 788 -32.44 -37.06 -7.89
N ASN A 789 -33.01 -36.02 -7.31
CA ASN A 789 -32.88 -34.68 -7.86
C ASN A 789 -31.43 -34.22 -7.75
N ALA A 790 -30.85 -33.77 -8.85
CA ALA A 790 -29.44 -33.41 -8.84
C ALA A 790 -29.12 -32.21 -7.96
N PRO A 791 -29.83 -31.06 -8.06
CA PRO A 791 -29.54 -29.97 -7.12
C PRO A 791 -29.78 -30.36 -5.68
N LEU A 792 -30.81 -31.17 -5.43
CA LEU A 792 -31.10 -31.61 -4.08
C LEU A 792 -29.97 -32.47 -3.53
N ILE A 793 -29.41 -33.35 -4.37
CA ILE A 793 -28.30 -34.19 -3.93
C ILE A 793 -27.05 -33.35 -3.68
N MET A 794 -26.77 -32.39 -4.56
CA MET A 794 -25.61 -31.53 -4.36
C MET A 794 -25.74 -30.71 -3.08
N ALA A 795 -26.95 -30.22 -2.80
CA ALA A 795 -27.18 -29.46 -1.58
C ALA A 795 -27.15 -30.34 -0.33
N THR A 796 -27.63 -31.57 -0.43
CA THR A 796 -27.65 -32.47 0.72
C THR A 796 -26.24 -32.91 1.08
N CYS A 797 -25.45 -33.31 0.09
CA CYS A 797 -24.08 -33.69 0.36
C CYS A 797 -23.16 -32.49 0.57
N GLY A 798 -23.60 -31.29 0.17
CA GLY A 798 -22.82 -30.09 0.39
C GLY A 798 -21.74 -29.82 -0.63
N SER A 799 -21.74 -30.54 -1.74
CA SER A 799 -20.71 -30.32 -2.75
C SER A 799 -20.89 -28.97 -3.43
N LYS A 800 -22.12 -28.56 -3.68
CA LYS A 800 -22.39 -27.29 -4.35
C LYS A 800 -23.85 -26.93 -4.17
N GLY A 801 -24.14 -25.64 -4.02
CA GLY A 801 -25.50 -25.18 -3.96
C GLY A 801 -26.12 -25.35 -2.59
N SER A 802 -27.41 -25.05 -2.53
CA SER A 802 -28.16 -25.14 -1.28
C SER A 802 -29.65 -25.18 -1.59
N THR A 803 -30.42 -25.46 -0.53
CA THR A 803 -31.87 -25.43 -0.63
C THR A 803 -32.38 -24.07 -1.05
N LEU A 804 -31.68 -22.99 -0.65
CA LEU A 804 -32.03 -21.67 -1.15
C LEU A 804 -31.93 -21.59 -2.66
N ASN A 805 -30.83 -22.08 -3.22
CA ASN A 805 -30.67 -22.05 -4.66
C ASN A 805 -31.74 -22.89 -5.35
N VAL A 806 -32.03 -24.07 -4.79
CA VAL A 806 -33.05 -24.92 -5.38
C VAL A 806 -34.41 -24.24 -5.36
N SER A 807 -34.77 -23.61 -4.23
CA SER A 807 -36.06 -22.97 -4.12
C SER A 807 -36.15 -21.74 -5.02
N GLN A 808 -35.05 -21.00 -5.17
CA GLN A 808 -35.06 -19.87 -6.09
C GLN A 808 -35.21 -20.33 -7.53
N MET A 809 -34.60 -21.47 -7.88
CA MET A 809 -34.75 -21.98 -9.24
C MET A 809 -36.15 -22.51 -9.50
N VAL A 810 -36.75 -23.16 -8.51
CA VAL A 810 -37.99 -23.89 -8.76
C VAL A 810 -39.22 -23.07 -8.39
N ALA A 811 -39.29 -22.61 -7.13
CA ALA A 811 -40.53 -22.03 -6.62
C ALA A 811 -40.59 -20.52 -6.78
N VAL A 812 -39.70 -19.79 -6.11
CA VAL A 812 -39.82 -18.33 -6.04
C VAL A 812 -38.47 -17.72 -5.68
N VAL A 813 -38.11 -16.66 -6.40
CA VAL A 813 -36.99 -15.81 -6.03
C VAL A 813 -37.56 -14.71 -5.14
N GLY A 814 -37.47 -14.89 -3.83
CA GLY A 814 -38.38 -14.18 -2.95
C GLY A 814 -38.41 -12.67 -3.00
N GLN A 815 -37.39 -11.99 -2.48
CA GLN A 815 -37.48 -10.54 -2.31
C GLN A 815 -36.12 -9.93 -2.56
N GLN A 816 -36.07 -8.94 -3.46
CA GLN A 816 -34.83 -8.26 -3.79
C GLN A 816 -34.59 -7.18 -2.75
N ILE A 817 -33.53 -7.36 -1.94
CA ILE A 817 -33.20 -6.47 -0.84
C ILE A 817 -31.92 -5.73 -1.19
N ILE A 818 -31.98 -4.40 -1.22
CA ILE A 818 -30.80 -3.59 -1.45
C ILE A 818 -30.67 -2.58 -0.32
N SER A 819 -29.45 -2.41 0.17
CA SER A 819 -29.14 -1.52 1.28
C SER A 819 -29.93 -1.89 2.54
N GLY A 820 -30.25 -3.17 2.70
CA GLY A 820 -30.90 -3.64 3.91
C GLY A 820 -32.41 -3.57 3.93
N ASN A 821 -33.03 -3.04 2.89
CA ASN A 821 -34.49 -2.97 2.82
C ASN A 821 -34.92 -3.21 1.39
N ARG A 822 -36.22 -3.05 1.13
CA ARG A 822 -36.75 -3.22 -0.20
C ARG A 822 -36.20 -2.12 -1.11
N VAL A 823 -36.42 -2.28 -2.41
CA VAL A 823 -35.84 -1.33 -3.37
C VAL A 823 -36.50 0.03 -3.17
N PRO A 824 -35.73 1.08 -2.93
CA PRO A 824 -36.31 2.40 -2.70
C PRO A 824 -36.75 3.03 -4.02
N ASP A 825 -37.40 4.17 -3.92
CA ASP A 825 -37.94 4.87 -5.07
C ASP A 825 -36.80 5.30 -5.99
N GLY A 826 -36.77 4.75 -7.20
CA GLY A 826 -35.89 5.28 -8.22
C GLY A 826 -36.44 6.49 -8.93
N PHE A 827 -37.77 6.63 -8.94
CA PHE A 827 -38.45 7.81 -9.46
C PHE A 827 -39.12 8.55 -8.32
N GLN A 828 -39.90 9.58 -8.63
CA GLN A 828 -40.61 10.33 -7.60
C GLN A 828 -41.63 9.43 -6.92
N ASP A 829 -41.51 9.28 -5.61
CA ASP A 829 -42.35 8.46 -4.73
C ASP A 829 -42.79 7.14 -5.38
N ARG A 830 -41.87 6.49 -6.09
CA ARG A 830 -42.20 5.34 -6.90
C ARG A 830 -40.91 4.67 -7.36
N SER A 831 -40.94 3.34 -7.49
CA SER A 831 -39.74 2.62 -7.91
C SER A 831 -39.58 2.64 -9.43
N LEU A 832 -40.65 2.31 -10.16
CA LEU A 832 -40.63 2.27 -11.61
C LEU A 832 -41.89 2.94 -12.13
N PRO A 833 -41.83 3.55 -13.32
CA PRO A 833 -43.04 4.16 -13.89
C PRO A 833 -44.10 3.16 -14.32
N HIS A 834 -43.83 1.86 -14.20
CA HIS A 834 -44.77 0.82 -14.56
C HIS A 834 -45.67 0.45 -13.39
N PHE A 835 -45.60 1.18 -12.29
CA PHE A 835 -46.45 1.05 -11.13
C PHE A 835 -47.11 2.38 -10.83
N PRO A 836 -48.21 2.39 -10.09
CA PRO A 836 -48.81 3.66 -9.67
C PRO A 836 -47.88 4.41 -8.73
N LYS A 837 -48.04 5.73 -8.72
CA LYS A 837 -47.26 6.56 -7.81
C LYS A 837 -47.65 6.25 -6.36
N ASN A 838 -46.70 6.52 -5.45
CA ASN A 838 -46.77 6.17 -4.02
C ASN A 838 -47.46 4.83 -3.78
N SER A 839 -47.11 3.84 -4.59
CA SER A 839 -47.56 2.47 -4.42
C SER A 839 -46.47 1.67 -3.72
N LYS A 840 -46.86 0.91 -2.70
CA LYS A 840 -45.95 0.05 -1.97
C LYS A 840 -46.38 -1.42 -2.00
N THR A 841 -46.97 -1.86 -3.11
CA THR A 841 -47.32 -3.26 -3.25
C THR A 841 -46.06 -4.10 -3.33
N PRO A 842 -46.14 -5.39 -2.99
CA PRO A 842 -44.94 -6.24 -3.06
C PRO A 842 -44.29 -6.28 -4.43
N GLN A 843 -45.09 -6.28 -5.51
CA GLN A 843 -44.51 -6.29 -6.85
C GLN A 843 -43.69 -5.02 -7.10
N SER A 844 -44.19 -3.87 -6.66
CA SER A 844 -43.56 -2.59 -6.95
C SER A 844 -42.24 -2.39 -6.25
N LYS A 845 -41.98 -3.11 -5.15
CA LYS A 845 -40.77 -2.86 -4.36
C LYS A 845 -39.91 -4.11 -4.26
N GLY A 846 -39.77 -4.87 -5.34
CA GLY A 846 -38.71 -5.84 -5.47
C GLY A 846 -39.11 -7.29 -5.28
N PHE A 847 -40.30 -7.58 -4.78
CA PHE A 847 -40.68 -8.97 -4.57
C PHE A 847 -40.88 -9.66 -5.91
N VAL A 848 -40.02 -10.63 -6.20
CA VAL A 848 -40.07 -11.38 -7.45
C VAL A 848 -40.95 -12.59 -7.21
N ARG A 849 -42.16 -12.56 -7.75
CA ARG A 849 -43.06 -13.70 -7.62
C ARG A 849 -42.53 -14.93 -8.36
N ASN A 850 -41.90 -14.71 -9.51
CA ASN A 850 -41.44 -15.80 -10.36
C ASN A 850 -40.23 -16.50 -9.76
N SER A 851 -39.97 -17.69 -10.27
CA SER A 851 -38.71 -18.39 -10.07
C SER A 851 -37.84 -18.20 -11.31
N PHE A 852 -36.61 -18.72 -11.23
CA PHE A 852 -35.74 -18.66 -12.40
C PHE A 852 -36.15 -19.67 -13.47
N PHE A 853 -36.95 -20.67 -13.10
CA PHE A 853 -37.47 -21.59 -14.12
C PHE A 853 -38.50 -20.90 -15.01
N SER A 854 -39.44 -20.17 -14.40
CA SER A 854 -40.51 -19.55 -15.16
C SER A 854 -40.09 -18.25 -15.82
N GLY A 855 -39.00 -17.65 -15.37
CA GLY A 855 -38.55 -16.40 -15.97
C GLY A 855 -39.07 -15.18 -15.23
N LEU A 856 -38.27 -14.13 -15.24
CA LEU A 856 -38.57 -12.91 -14.50
C LEU A 856 -39.25 -11.90 -15.40
N SER A 857 -40.38 -11.35 -14.94
CA SER A 857 -41.03 -10.25 -15.62
C SER A 857 -40.13 -9.02 -15.54
N PRO A 858 -40.26 -8.08 -16.48
CA PRO A 858 -39.25 -7.01 -16.64
C PRO A 858 -38.98 -6.22 -15.37
N PRO A 859 -39.99 -5.79 -14.57
CA PRO A 859 -39.71 -5.10 -13.31
C PRO A 859 -38.92 -6.01 -12.36
N GLU A 860 -39.40 -7.25 -12.18
CA GLU A 860 -38.72 -8.21 -11.27
C GLU A 860 -37.27 -8.40 -11.74
N PHE A 861 -37.07 -8.47 -13.06
CA PHE A 861 -35.71 -8.66 -13.62
C PHE A 861 -34.83 -7.47 -13.20
N LEU A 862 -35.33 -6.25 -13.36
CA LEU A 862 -34.54 -5.03 -13.00
C LEU A 862 -34.24 -5.07 -11.50
N PHE A 863 -35.25 -5.37 -10.67
CA PHE A 863 -35.06 -5.39 -9.20
C PHE A 863 -33.97 -6.41 -8.85
N HIS A 864 -34.01 -7.58 -9.49
CA HIS A 864 -33.00 -8.64 -9.22
C HIS A 864 -31.61 -8.12 -9.63
N ALA A 865 -31.54 -7.44 -10.77
CA ALA A 865 -30.25 -6.90 -11.26
C ALA A 865 -29.67 -5.93 -10.21
N ILE A 866 -30.51 -5.03 -9.69
CA ILE A 866 -30.04 -4.04 -8.68
C ILE A 866 -29.54 -4.79 -7.44
N SER A 867 -30.28 -5.82 -7.01
CA SER A 867 -29.88 -6.61 -5.81
C SER A 867 -28.50 -7.24 -6.04
N GLY A 868 -28.30 -7.86 -7.20
CA GLY A 868 -26.99 -8.46 -7.53
C GLY A 868 -25.90 -7.40 -7.57
N ARG A 869 -26.21 -6.25 -8.19
CA ARG A 869 -25.23 -5.14 -8.27
C ARG A 869 -24.88 -4.67 -6.86
N GLU A 870 -25.87 -4.59 -5.98
CA GLU A 870 -25.64 -4.14 -4.58
C GLU A 870 -24.61 -5.05 -3.92
N GLY A 871 -24.77 -6.37 -4.10
CA GLY A 871 -23.80 -7.34 -3.54
C GLY A 871 -22.42 -7.14 -4.16
N LEU A 872 -22.36 -7.01 -5.48
CA LEU A 872 -21.05 -6.85 -6.18
C LEU A 872 -20.38 -5.54 -5.74
N VAL A 873 -21.18 -4.50 -5.52
CA VAL A 873 -20.63 -3.17 -5.11
C VAL A 873 -20.02 -3.30 -3.71
N ASP A 874 -19.13 -2.36 -3.33
CA ASP A 874 -18.47 -2.37 -1.99
C ASP A 874 -17.31 -3.35 -1.99
N THR A 875 -17.46 -4.49 -2.67
CA THR A 875 -16.39 -5.52 -2.73
C THR A 875 -15.12 -4.90 -3.32
N ALA A 876 -15.26 -4.11 -4.38
CA ALA A 876 -14.10 -3.47 -5.04
C ALA A 876 -13.35 -2.60 -4.01
N VAL A 877 -14.08 -1.84 -3.21
CA VAL A 877 -13.45 -0.95 -2.19
C VAL A 877 -12.76 -1.83 -1.14
N LYS A 878 -13.40 -2.92 -0.72
CA LYS A 878 -12.82 -3.78 0.35
C LYS A 878 -11.41 -4.21 -0.04
N THR A 879 -11.22 -4.65 -1.29
CA THR A 879 -9.90 -5.16 -1.72
C THR A 879 -8.76 -4.34 -1.10
N ALA A 880 -8.50 -3.14 -1.61
CA ALA A 880 -7.36 -2.32 -1.13
C ALA A 880 -7.54 -1.96 0.34
N GLU A 881 -8.76 -1.59 0.76
CA GLU A 881 -8.98 -1.16 2.17
C GLU A 881 -8.51 -2.26 3.12
N THR A 882 -8.88 -3.51 2.85
CA THR A 882 -8.51 -4.64 3.75
C THR A 882 -7.06 -5.05 3.52
N GLY A 883 -6.54 -4.83 2.30
CA GLY A 883 -5.16 -5.23 1.98
C GLY A 883 -4.16 -4.58 2.93
N TYR A 884 -4.26 -3.26 3.13
CA TYR A 884 -3.32 -2.55 4.03
C TYR A 884 -3.52 -3.04 5.47
N MET A 885 -4.79 -3.31 5.85
CA MET A 885 -5.08 -3.75 7.24
C MET A 885 -4.22 -4.98 7.56
N SER A 886 -4.23 -5.96 6.66
CA SER A 886 -3.45 -7.21 6.90
C SER A 886 -1.96 -6.88 6.98
N ARG A 887 -1.45 -6.09 6.05
CA ARG A 887 -0.01 -5.70 6.04
C ARG A 887 0.31 -4.95 7.34
N ARG A 888 -0.57 -4.03 7.74
CA ARG A 888 -0.34 -3.22 8.97
C ARG A 888 -0.26 -4.16 10.18
N LEU A 889 -1.20 -5.10 10.27
CA LEU A 889 -1.21 -6.07 11.40
C LEU A 889 0.12 -6.83 11.41
N MET A 890 0.57 -7.26 10.23
CA MET A 890 1.85 -8.01 10.13
C MET A 890 2.99 -7.10 10.60
N LYS A 891 3.02 -5.84 10.15
CA LYS A 891 4.12 -4.92 10.53
C LYS A 891 4.26 -4.89 12.05
N SER A 892 3.13 -4.94 12.77
CA SER A 892 3.16 -4.88 14.25
C SER A 892 3.63 -6.21 14.84
N LEU A 893 3.21 -7.33 14.25
CA LEU A 893 3.55 -8.67 14.82
C LEU A 893 4.59 -9.36 13.94
N GLU A 894 5.38 -8.61 13.17
CA GLU A 894 6.37 -9.21 12.25
C GLU A 894 7.45 -9.96 13.02
N ASP A 895 7.92 -9.41 14.16
CA ASP A 895 9.05 -10.04 14.88
C ASP A 895 8.60 -10.60 16.24
N LEU A 896 7.42 -11.22 16.30
CA LEU A 896 6.97 -11.86 17.56
C LEU A 896 7.10 -13.38 17.41
N SER A 897 7.98 -14.01 18.19
CA SER A 897 8.21 -15.43 18.04
C SER A 897 8.28 -16.08 19.41
N CYS A 898 7.78 -17.32 19.49
CA CYS A 898 7.91 -18.08 20.72
C CYS A 898 9.36 -18.42 20.98
N GLN A 899 9.82 -18.12 22.20
CA GLN A 899 11.20 -18.41 22.59
C GLN A 899 11.32 -19.83 23.12
N TYR A 900 12.55 -20.21 23.45
CA TYR A 900 12.78 -21.56 23.97
C TYR A 900 12.42 -21.69 25.45
N ASP A 901 12.22 -20.58 26.15
CA ASP A 901 11.72 -20.61 27.51
C ASP A 901 10.20 -20.49 27.57
N ASN A 902 9.53 -20.65 26.42
CA ASN A 902 8.08 -20.60 26.29
C ASN A 902 7.53 -19.20 26.56
N THR A 903 8.20 -18.18 26.05
CA THR A 903 7.72 -16.80 26.13
C THR A 903 7.65 -16.20 24.74
N VAL A 904 6.68 -15.33 24.51
CA VAL A 904 6.56 -14.59 23.27
C VAL A 904 7.23 -13.23 23.46
N ARG A 905 8.23 -12.95 22.63
CA ARG A 905 9.05 -11.77 22.79
C ARG A 905 9.19 -11.03 21.47
N THR A 906 9.39 -9.72 21.58
CA THR A 906 9.70 -8.90 20.43
C THR A 906 11.12 -9.20 19.95
N SER A 907 11.50 -8.55 18.85
CA SER A 907 12.89 -8.67 18.39
C SER A 907 13.87 -7.98 19.32
N ALA A 908 13.38 -7.14 20.24
CA ALA A 908 14.21 -6.50 21.25
C ALA A 908 14.33 -7.32 22.52
N ASN A 909 13.88 -8.58 22.50
CA ASN A 909 13.89 -9.48 23.65
C ASN A 909 12.99 -8.99 24.78
N GLY A 910 12.01 -8.16 24.47
CA GLY A 910 11.04 -7.72 25.46
C GLY A 910 9.82 -8.63 25.45
N ILE A 911 9.31 -8.92 26.64
CA ILE A 911 8.24 -9.90 26.79
C ILE A 911 6.90 -9.26 26.43
N VAL A 912 6.18 -9.90 25.52
CA VAL A 912 4.78 -9.57 25.26
C VAL A 912 3.85 -10.51 26.04
N GLN A 913 4.11 -11.81 25.97
CA GLN A 913 3.34 -12.81 26.70
C GLN A 913 4.31 -13.76 27.39
N PHE A 914 4.08 -14.02 28.68
CA PHE A 914 4.92 -14.96 29.40
C PHE A 914 4.63 -16.39 28.98
N THR A 915 3.44 -16.64 28.45
CA THR A 915 3.07 -17.90 27.84
C THR A 915 2.04 -17.59 26.75
N TYR A 916 2.20 -18.22 25.59
CA TYR A 916 1.31 -17.91 24.47
C TYR A 916 -0.13 -18.26 24.83
N GLY A 917 -1.00 -17.26 24.75
CA GLY A 917 -2.40 -17.45 25.07
C GLY A 917 -2.69 -17.84 26.50
N GLY A 918 -1.72 -17.69 27.40
CA GLY A 918 -1.89 -18.18 28.75
C GLY A 918 -1.97 -19.68 28.88
N ASP A 919 -1.70 -20.40 27.81
CA ASP A 919 -1.84 -21.83 27.66
C ASP A 919 -0.55 -22.50 27.19
N GLY A 920 0.23 -21.82 26.34
CA GLY A 920 1.35 -22.45 25.69
C GLY A 920 0.97 -23.38 24.57
N LEU A 921 -0.28 -23.39 24.15
CA LEU A 921 -0.80 -24.37 23.21
C LEU A 921 -0.91 -23.76 21.81
N ASP A 922 -0.48 -24.53 20.83
CA ASP A 922 -0.56 -24.10 19.43
C ASP A 922 -1.99 -24.23 18.94
N PRO A 923 -2.59 -23.16 18.41
CA PRO A 923 -3.94 -23.30 17.82
C PRO A 923 -4.02 -24.28 16.69
N LEU A 924 -2.92 -24.52 15.98
CA LEU A 924 -2.89 -25.50 14.90
C LEU A 924 -3.03 -26.94 15.40
N GLU A 925 -2.82 -27.17 16.69
CA GLU A 925 -2.77 -28.52 17.24
C GLU A 925 -3.88 -28.81 18.24
N MET A 926 -5.03 -28.16 18.13
CA MET A 926 -6.13 -28.38 19.07
C MET A 926 -7.22 -29.20 18.39
N GLU A 927 -7.46 -30.40 18.90
CA GLU A 927 -8.40 -31.33 18.28
C GLU A 927 -9.84 -31.07 18.72
N GLY A 928 -10.03 -30.50 19.91
CA GLY A 928 -11.35 -30.16 20.41
C GLY A 928 -11.74 -28.74 20.07
N ASN A 929 -12.81 -28.28 20.72
CA ASN A 929 -13.30 -26.91 20.52
C ASN A 929 -12.37 -25.97 21.25
N ALA A 930 -11.29 -25.58 20.58
CA ALA A 930 -10.22 -24.75 21.16
C ALA A 930 -9.61 -25.41 22.38
N GLN A 931 -9.57 -26.74 22.40
CA GLN A 931 -8.91 -27.54 23.41
C GLN A 931 -8.03 -28.58 22.74
N PRO A 932 -6.89 -28.90 23.36
CA PRO A 932 -5.92 -29.82 22.70
C PRO A 932 -6.48 -31.20 22.40
N VAL A 933 -7.33 -31.75 23.27
CA VAL A 933 -7.76 -33.14 23.18
C VAL A 933 -9.28 -33.20 23.08
N ASN A 934 -9.77 -33.98 22.12
CA ASN A 934 -11.19 -34.33 22.03
C ASN A 934 -11.39 -35.58 22.87
N PHE A 935 -11.93 -35.41 24.07
CA PHE A 935 -11.98 -36.51 25.03
C PHE A 935 -12.86 -37.66 24.55
N ASN A 936 -14.02 -37.34 23.97
CA ASN A 936 -14.95 -38.38 23.55
C ASN A 936 -14.36 -39.23 22.42
N ARG A 937 -13.84 -38.58 21.37
CA ARG A 937 -13.23 -39.32 20.27
C ARG A 937 -12.01 -40.08 20.73
N SER A 938 -11.21 -39.49 21.63
CA SER A 938 -10.04 -40.18 22.16
C SER A 938 -10.44 -41.44 22.91
N TRP A 939 -11.47 -41.35 23.76
CA TRP A 939 -11.91 -42.52 24.51
C TRP A 939 -12.44 -43.60 23.59
N ASP A 940 -13.25 -43.21 22.60
CA ASP A 940 -13.77 -44.19 21.65
C ASP A 940 -12.64 -44.87 20.89
N HIS A 941 -11.66 -44.07 20.43
CA HIS A 941 -10.54 -44.63 19.70
C HIS A 941 -9.73 -45.58 20.56
N ALA A 942 -9.48 -45.22 21.82
CA ALA A 942 -8.72 -46.10 22.71
C ALA A 942 -9.46 -47.40 22.97
N TYR A 943 -10.77 -47.31 23.21
CA TYR A 943 -11.56 -48.51 23.47
C TYR A 943 -11.56 -49.42 22.26
N ASN A 944 -11.67 -48.86 21.06
CA ASN A 944 -11.69 -49.70 19.87
C ASN A 944 -10.31 -50.29 19.59
N ILE A 945 -9.25 -49.50 19.74
CA ILE A 945 -7.90 -50.00 19.48
C ILE A 945 -7.55 -51.14 20.43
N THR A 946 -7.89 -50.98 21.71
CA THR A 946 -7.52 -51.96 22.72
C THR A 946 -8.60 -53.01 22.96
N PHE A 947 -9.65 -53.03 22.15
CA PHE A 947 -10.77 -53.91 22.42
C PHE A 947 -10.38 -55.38 22.36
N ASN A 948 -10.93 -56.16 23.27
CA ASN A 948 -10.72 -57.61 23.32
C ASN A 948 -11.89 -58.17 24.11
N ASN A 949 -12.76 -58.95 23.45
CA ASN A 949 -13.89 -59.55 24.16
C ASN A 949 -13.44 -60.42 25.32
N GLN A 950 -12.23 -60.96 25.26
CA GLN A 950 -11.63 -61.68 26.38
C GLN A 950 -10.73 -60.74 27.19
N ASP A 951 -11.37 -59.97 28.07
CA ASP A 951 -10.67 -59.07 28.97
C ASP A 951 -11.63 -58.66 30.09
N LYS A 952 -11.12 -58.68 31.32
CA LYS A 952 -11.95 -58.42 32.48
C LYS A 952 -12.15 -56.93 32.66
N GLY A 953 -13.41 -56.49 32.61
CA GLY A 953 -13.72 -55.09 32.86
C GLY A 953 -13.42 -54.71 34.30
N LEU A 954 -12.73 -53.59 34.46
CA LEU A 954 -12.38 -53.10 35.79
C LEU A 954 -13.63 -52.67 36.54
N LEU A 955 -13.57 -52.79 37.86
CA LEU A 955 -14.61 -52.22 38.71
C LEU A 955 -14.54 -50.69 38.64
N PRO A 956 -15.66 -50.02 38.93
CA PRO A 956 -15.66 -48.55 38.80
C PRO A 956 -14.57 -47.86 39.62
N TYR A 957 -14.22 -48.40 40.78
CA TYR A 957 -13.15 -47.79 41.57
C TYR A 957 -11.78 -48.09 40.97
N ALA A 958 -11.60 -49.28 40.38
CA ALA A 958 -10.30 -49.64 39.83
C ALA A 958 -9.92 -48.78 38.63
N ILE A 959 -10.90 -48.39 37.82
CA ILE A 959 -10.64 -47.45 36.74
C ILE A 959 -10.06 -46.16 37.32
N MET A 960 -10.62 -45.70 38.43
CA MET A 960 -10.09 -44.51 39.10
C MET A 960 -8.68 -44.72 39.62
N GLU A 961 -8.37 -45.91 40.14
CA GLU A 961 -7.01 -46.17 40.59
C GLU A 961 -6.03 -46.14 39.43
N THR A 962 -6.40 -46.71 38.28
CA THR A 962 -5.51 -46.63 37.11
C THR A 962 -5.34 -45.19 36.66
N ALA A 963 -6.43 -44.41 36.65
CA ALA A 963 -6.35 -43.02 36.24
C ALA A 963 -5.45 -42.21 37.17
N ASN A 964 -5.60 -42.41 38.49
CA ASN A 964 -4.77 -41.72 39.47
C ASN A 964 -3.36 -42.28 39.56
N GLU A 965 -3.13 -43.48 39.03
CA GLU A 965 -1.78 -44.02 38.95
C GLU A 965 -1.02 -43.42 37.78
N ILE A 966 -1.72 -43.12 36.69
CA ILE A 966 -1.05 -42.47 35.56
C ILE A 966 -0.97 -40.96 35.78
N LEU A 967 -2.09 -40.32 36.05
CA LEU A 967 -2.11 -38.90 36.40
C LEU A 967 -1.99 -38.77 37.91
N GLY A 968 -1.12 -37.88 38.35
CA GLY A 968 -0.87 -37.70 39.76
C GLY A 968 0.61 -37.65 40.06
N PRO A 969 1.40 -38.51 39.40
CA PRO A 969 2.84 -38.20 39.29
C PRO A 969 3.07 -36.93 38.51
N LEU A 970 2.44 -36.83 37.32
CA LEU A 970 2.45 -35.59 36.57
C LEU A 970 1.82 -34.44 37.37
N GLU A 971 0.89 -34.76 38.27
CA GLU A 971 0.23 -33.72 39.03
C GLU A 971 1.13 -33.15 40.12
N GLU A 972 1.88 -34.01 40.82
CA GLU A 972 2.78 -33.46 41.83
C GLU A 972 4.11 -33.02 41.23
N ARG A 973 4.36 -33.31 39.94
CA ARG A 973 5.50 -32.69 39.27
C ARG A 973 5.37 -31.18 39.24
N LEU A 974 4.13 -30.67 39.25
CA LEU A 974 3.88 -29.24 39.25
C LEU A 974 3.64 -28.77 40.68
N VAL A 975 4.57 -27.98 41.21
CA VAL A 975 4.70 -27.76 42.64
C VAL A 975 3.92 -26.53 43.10
N ARG A 976 3.83 -25.49 42.27
CA ARG A 976 3.19 -24.22 42.63
C ARG A 976 3.91 -23.59 43.84
N TYR A 977 5.12 -23.13 43.56
CA TYR A 977 5.86 -22.32 44.52
C TYR A 977 5.14 -20.99 44.75
N ASP A 978 5.44 -20.36 45.89
CA ASP A 978 4.90 -19.05 46.20
C ASP A 978 5.49 -18.01 45.25
N ASN A 979 5.01 -16.77 45.39
CA ASN A 979 5.58 -15.66 44.62
C ASN A 979 7.02 -15.37 45.03
N SER A 980 7.44 -15.82 46.20
CA SER A 980 8.81 -15.65 46.67
C SER A 980 9.63 -16.93 46.56
N GLY A 981 9.03 -18.03 46.11
CA GLY A 981 9.74 -19.28 45.94
C GLY A 981 9.58 -20.30 47.03
N CYS A 982 8.53 -20.19 47.85
CA CYS A 982 8.29 -21.13 48.93
C CYS A 982 7.11 -22.03 48.60
N LEU A 983 6.96 -23.09 49.38
CA LEU A 983 5.84 -24.00 49.21
C LEU A 983 4.57 -23.41 49.82
N VAL A 984 3.45 -23.67 49.17
CA VAL A 984 2.15 -23.24 49.69
C VAL A 984 1.70 -24.22 50.75
N LYS A 985 0.81 -23.78 51.63
CA LYS A 985 0.46 -24.50 52.84
C LYS A 985 -0.64 -25.53 52.64
N ARG A 986 -1.07 -25.81 51.41
CA ARG A 986 -2.15 -26.74 51.05
C ARG A 986 -3.52 -26.17 51.41
N GLU A 987 -3.57 -25.05 52.14
CA GLU A 987 -4.81 -24.30 52.33
C GLU A 987 -4.90 -23.10 51.39
N ASP A 988 -3.78 -22.61 50.88
CA ASP A 988 -3.75 -21.52 49.93
C ASP A 988 -3.38 -22.01 48.54
N LEU A 989 -3.72 -23.27 48.24
CA LEU A 989 -3.39 -23.84 46.93
C LEU A 989 -4.09 -23.10 45.80
N ASN A 990 -5.36 -22.77 45.98
CA ASN A 990 -6.16 -22.10 44.96
C ASN A 990 -6.52 -20.67 45.35
N LYS A 991 -5.66 -20.03 46.15
CA LYS A 991 -5.99 -18.74 46.74
C LYS A 991 -6.01 -17.60 45.73
N ALA A 992 -5.59 -17.85 44.49
CA ALA A 992 -5.63 -16.99 43.32
C ALA A 992 -4.51 -15.95 43.30
N GLU A 993 -3.69 -15.83 44.34
CA GLU A 993 -2.46 -15.06 44.24
C GLU A 993 -1.26 -15.92 43.90
N TYR A 994 -1.42 -17.25 43.92
CA TYR A 994 -0.36 -18.17 43.58
C TYR A 994 -0.56 -18.79 42.21
N VAL A 995 -1.53 -18.30 41.44
CA VAL A 995 -1.70 -18.75 40.07
C VAL A 995 -0.45 -18.44 39.28
N ASP A 996 0.02 -19.42 38.51
CA ASP A 996 1.25 -19.31 37.77
C ASP A 996 1.07 -20.07 36.45
N GLN A 997 2.20 -20.35 35.79
CA GLN A 997 2.17 -21.33 34.72
C GLN A 997 1.90 -22.71 35.33
N TYR A 998 1.80 -23.71 34.45
CA TYR A 998 1.46 -25.08 34.84
C TYR A 998 0.01 -25.18 35.29
N ASP A 999 -0.69 -24.05 35.37
CA ASP A 999 -2.08 -24.08 35.80
C ASP A 999 -2.97 -24.65 34.71
N ALA A 1000 -2.67 -24.33 33.45
CA ALA A 1000 -3.41 -24.94 32.35
C ALA A 1000 -3.19 -26.44 32.32
N GLU A 1001 -1.96 -26.89 32.56
CA GLU A 1001 -1.68 -28.32 32.64
C GLU A 1001 -2.43 -28.97 33.80
N ARG A 1002 -2.49 -28.29 34.94
CA ARG A 1002 -3.21 -28.83 36.09
C ARG A 1002 -4.70 -28.97 35.79
N ASP A 1003 -5.29 -27.95 35.13
CA ASP A 1003 -6.69 -28.06 34.73
C ASP A 1003 -6.90 -29.17 33.71
N PHE A 1004 -5.94 -29.36 32.80
CA PHE A 1004 -6.05 -30.46 31.85
C PHE A 1004 -6.05 -31.81 32.55
N TYR A 1005 -5.15 -31.99 33.51
CA TYR A 1005 -5.12 -33.25 34.27
C TYR A 1005 -6.40 -33.44 35.07
N HIS A 1006 -6.90 -32.37 35.69
CA HIS A 1006 -8.13 -32.47 36.46
C HIS A 1006 -9.33 -32.81 35.57
N SER A 1007 -9.35 -32.26 34.35
CA SER A 1007 -10.42 -32.58 33.42
C SER A 1007 -10.33 -34.02 32.93
N LEU A 1008 -9.10 -34.52 32.73
CA LEU A 1008 -8.91 -35.93 32.41
C LEU A 1008 -9.47 -36.81 33.52
N ARG A 1009 -9.15 -36.47 34.76
CA ARG A 1009 -9.66 -37.24 35.89
C ARG A 1009 -11.18 -37.15 35.98
N GLU A 1010 -11.74 -35.97 35.68
CA GLU A 1010 -13.19 -35.81 35.68
C GLU A 1010 -13.85 -36.68 34.61
N TYR A 1011 -13.24 -36.76 33.44
CA TYR A 1011 -13.79 -37.59 32.37
C TYR A 1011 -13.74 -39.07 32.74
N ILE A 1012 -12.60 -39.53 33.25
CA ILE A 1012 -12.49 -40.91 33.68
C ILE A 1012 -13.47 -41.20 34.81
N ASN A 1013 -13.66 -40.22 35.70
CA ASN A 1013 -14.63 -40.35 36.78
C ASN A 1013 -16.05 -40.45 36.24
N GLY A 1014 -16.37 -39.70 35.18
CA GLY A 1014 -17.68 -39.82 34.57
C GLY A 1014 -17.92 -41.22 34.01
N LYS A 1015 -16.92 -41.76 33.31
CA LYS A 1015 -17.07 -43.12 32.78
C LYS A 1015 -17.23 -44.14 33.90
N ALA A 1016 -16.40 -44.03 34.94
CA ALA A 1016 -16.48 -44.96 36.07
C ALA A 1016 -17.81 -44.82 36.80
N THR A 1017 -18.31 -43.60 36.96
CA THR A 1017 -19.58 -43.38 37.62
C THR A 1017 -20.74 -43.93 36.79
N ALA A 1018 -20.65 -43.83 35.47
CA ALA A 1018 -21.65 -44.45 34.62
C ALA A 1018 -21.69 -45.96 34.82
N LEU A 1019 -20.51 -46.58 34.86
CA LEU A 1019 -20.45 -48.02 35.10
C LEU A 1019 -21.00 -48.37 36.49
N ALA A 1020 -20.66 -47.55 37.50
CA ALA A 1020 -21.14 -47.81 38.85
C ALA A 1020 -22.65 -47.67 38.96
N ASN A 1021 -23.22 -46.66 38.30
CA ASN A 1021 -24.66 -46.48 38.30
C ASN A 1021 -25.35 -47.64 37.60
N LEU A 1022 -24.78 -48.12 36.50
CA LEU A 1022 -25.34 -49.33 35.88
C LEU A 1022 -25.31 -50.50 36.84
N ARG A 1023 -24.16 -50.73 37.50
CA ARG A 1023 -24.01 -51.89 38.36
C ARG A 1023 -24.99 -51.83 39.53
N LYS A 1024 -25.15 -50.66 40.15
CA LYS A 1024 -26.10 -50.53 41.25
C LYS A 1024 -27.54 -50.55 40.76
N SER A 1025 -27.79 -50.23 39.49
CA SER A 1025 -29.12 -50.42 38.93
C SER A 1025 -29.42 -51.88 38.65
N ARG A 1026 -28.39 -52.73 38.61
CA ARG A 1026 -28.57 -54.16 38.46
C ARG A 1026 -28.65 -54.90 39.79
N GLY A 1027 -28.69 -54.17 40.90
CA GLY A 1027 -28.76 -54.75 42.23
C GLY A 1027 -27.41 -54.99 42.87
N MET A 1028 -26.42 -55.42 42.09
CA MET A 1028 -25.08 -55.64 42.62
C MET A 1028 -24.46 -54.31 43.07
N LEU A 1029 -23.35 -54.42 43.79
CA LEU A 1029 -22.73 -53.25 44.40
C LEU A 1029 -22.05 -52.40 43.34
N GLY A 1030 -22.35 -51.10 43.35
CA GLY A 1030 -21.66 -50.16 42.49
C GLY A 1030 -20.45 -49.60 43.17
N LEU A 1031 -19.28 -50.13 42.84
CA LEU A 1031 -18.04 -49.81 43.56
C LEU A 1031 -17.41 -48.53 43.00
N LEU A 1032 -18.08 -47.41 43.25
CA LEU A 1032 -17.47 -46.12 42.96
C LEU A 1032 -16.29 -45.86 43.87
N GLU A 1033 -16.45 -46.11 45.17
CA GLU A 1033 -15.36 -45.95 46.10
C GLU A 1033 -14.69 -47.30 46.37
N PRO A 1034 -13.38 -47.31 46.61
CA PRO A 1034 -12.72 -48.55 46.95
C PRO A 1034 -13.29 -49.13 48.24
N PRO A 1035 -13.37 -50.45 48.34
CA PRO A 1035 -13.89 -51.08 49.56
C PRO A 1035 -12.85 -51.09 50.68
N ALA A 1036 -13.36 -51.17 51.91
CA ALA A 1036 -12.50 -51.20 53.09
C ALA A 1036 -13.22 -51.98 54.18
N LYS A 1037 -12.87 -53.25 54.34
CA LYS A 1037 -13.42 -54.09 55.39
C LYS A 1037 -12.50 -55.29 55.58
N GLU A 1038 -12.94 -56.24 56.40
CA GLU A 1038 -12.14 -57.44 56.62
C GLU A 1038 -12.20 -58.36 55.40
N LEU A 1039 -13.38 -58.47 54.78
CA LEU A 1039 -13.56 -59.25 53.56
C LEU A 1039 -13.29 -58.44 52.31
N GLN A 1040 -12.51 -57.36 52.42
CA GLN A 1040 -12.23 -56.49 51.29
C GLN A 1040 -11.51 -57.22 50.15
N GLY A 1041 -10.70 -58.23 50.47
CA GLY A 1041 -9.95 -58.92 49.43
C GLY A 1041 -10.84 -59.69 48.47
N ILE A 1042 -11.91 -60.30 48.99
CA ILE A 1042 -12.77 -61.14 48.16
C ILE A 1042 -13.49 -60.29 47.11
N ASP A 1043 -13.83 -60.91 46.00
CA ASP A 1043 -14.59 -60.23 44.95
C ASP A 1043 -16.06 -60.10 45.38
N PRO A 1044 -16.61 -58.89 45.39
CA PRO A 1044 -18.02 -58.72 45.78
C PRO A 1044 -19.03 -59.08 44.71
N ASP A 1045 -18.60 -59.70 43.61
CA ASP A 1045 -19.48 -60.11 42.53
C ASP A 1045 -19.80 -61.60 42.58
N GLU A 1046 -19.41 -62.28 43.65
CA GLU A 1046 -19.61 -63.73 43.72
C GLU A 1046 -21.07 -64.09 43.94
N THR A 1047 -21.78 -63.32 44.77
CA THR A 1047 -23.19 -63.60 45.03
C THR A 1047 -24.07 -63.39 43.81
N VAL A 1048 -23.59 -62.64 42.82
CA VAL A 1048 -24.34 -62.46 41.58
C VAL A 1048 -24.38 -63.78 40.82
N PRO A 1049 -25.56 -64.24 40.37
CA PRO A 1049 -25.67 -65.56 39.73
C PRO A 1049 -25.31 -65.56 38.25
N ASP A 1050 -24.15 -64.98 37.92
CA ASP A 1050 -23.53 -65.14 36.60
C ASP A 1050 -24.38 -64.56 35.47
N ASN A 1051 -25.50 -63.93 35.79
CA ASN A 1051 -26.40 -63.39 34.79
C ASN A 1051 -26.25 -61.88 34.62
N VAL A 1052 -26.46 -61.13 35.68
CA VAL A 1052 -26.27 -59.69 35.56
C VAL A 1052 -24.79 -59.33 35.48
N LYS A 1053 -23.89 -60.23 35.88
CA LYS A 1053 -22.46 -59.99 35.65
C LYS A 1053 -22.16 -59.92 34.16
N THR A 1054 -22.57 -60.93 33.41
CA THR A 1054 -22.34 -60.90 31.97
C THR A 1054 -23.19 -59.84 31.30
N SER A 1055 -24.34 -59.50 31.87
CA SER A 1055 -25.11 -58.36 31.33
C SER A 1055 -24.33 -57.06 31.46
N VAL A 1056 -23.76 -56.81 32.64
CA VAL A 1056 -22.98 -55.59 32.86
C VAL A 1056 -21.77 -55.58 31.94
N SER A 1057 -21.08 -56.72 31.83
CA SER A 1057 -19.94 -56.79 30.92
C SER A 1057 -20.36 -56.61 29.47
N GLN A 1058 -21.63 -56.89 29.17
CA GLN A 1058 -22.16 -56.64 27.83
C GLN A 1058 -22.40 -55.16 27.59
N LEU A 1059 -22.96 -54.45 28.57
CA LEU A 1059 -23.23 -53.02 28.38
C LEU A 1059 -21.97 -52.18 28.50
N TYR A 1060 -21.33 -52.17 29.67
CA TYR A 1060 -20.08 -51.45 29.86
C TYR A 1060 -19.00 -52.41 30.33
N ARG A 1061 -17.90 -52.44 29.59
CA ARG A 1061 -16.73 -53.25 29.93
C ARG A 1061 -15.49 -52.40 29.66
N ILE A 1062 -14.96 -51.78 30.71
CA ILE A 1062 -13.78 -50.93 30.61
C ILE A 1062 -12.58 -51.73 31.10
N SER A 1063 -11.70 -52.11 30.18
CA SER A 1063 -10.49 -52.83 30.56
C SER A 1063 -9.40 -51.85 30.96
N GLU A 1064 -8.39 -52.36 31.67
CA GLU A 1064 -7.29 -51.51 32.10
C GLU A 1064 -6.47 -51.04 30.92
N LYS A 1065 -6.30 -51.90 29.91
CA LYS A 1065 -5.58 -51.50 28.71
C LYS A 1065 -6.26 -50.33 28.02
N SER A 1066 -7.60 -50.32 28.01
CA SER A 1066 -8.32 -49.20 27.41
C SER A 1066 -8.06 -47.90 28.15
N VAL A 1067 -8.08 -47.93 29.49
CA VAL A 1067 -7.84 -46.72 30.27
C VAL A 1067 -6.43 -46.22 30.05
N ARG A 1068 -5.45 -47.13 30.07
CA ARG A 1068 -4.07 -46.71 29.87
C ARG A 1068 -3.86 -46.16 28.46
N LYS A 1069 -4.50 -46.77 27.46
CA LYS A 1069 -4.38 -46.26 26.10
C LYS A 1069 -5.01 -44.88 25.95
N PHE A 1070 -6.17 -44.67 26.58
CA PHE A 1070 -6.78 -43.35 26.51
C PHE A 1070 -5.91 -42.30 27.17
N LEU A 1071 -5.36 -42.61 28.35
CA LEU A 1071 -4.49 -41.66 29.03
C LEU A 1071 -3.23 -41.40 28.22
N GLU A 1072 -2.66 -42.44 27.60
CA GLU A 1072 -1.49 -42.27 26.76
C GLU A 1072 -1.79 -41.34 25.59
N ILE A 1073 -2.91 -41.57 24.90
CA ILE A 1073 -3.29 -40.74 23.77
C ILE A 1073 -3.50 -39.30 24.21
N ALA A 1074 -4.21 -39.10 25.32
CA ALA A 1074 -4.51 -37.75 25.78
C ALA A 1074 -3.25 -37.00 26.17
N LEU A 1075 -2.34 -37.65 26.92
CA LEU A 1075 -1.10 -36.98 27.30
C LEU A 1075 -0.23 -36.69 26.08
N PHE A 1076 -0.17 -37.63 25.13
CA PHE A 1076 0.62 -37.39 23.92
C PHE A 1076 0.06 -36.22 23.14
N LYS A 1077 -1.26 -36.12 23.02
CA LYS A 1077 -1.86 -35.02 22.29
C LYS A 1077 -1.64 -33.69 23.01
N TYR A 1078 -1.76 -33.67 24.33
CA TYR A 1078 -1.52 -32.43 25.06
C TYR A 1078 -0.07 -31.98 24.90
N ARG A 1079 0.87 -32.92 24.96
CA ARG A 1079 2.27 -32.56 24.77
C ARG A 1079 2.51 -32.04 23.36
N LYS A 1080 1.93 -32.68 22.35
CA LYS A 1080 2.09 -32.25 20.98
C LYS A 1080 1.41 -30.92 20.69
N ALA A 1081 0.41 -30.54 21.48
CA ALA A 1081 -0.30 -29.29 21.24
C ALA A 1081 0.47 -28.07 21.68
N ARG A 1082 1.56 -28.24 22.44
CA ARG A 1082 2.31 -27.10 22.93
C ARG A 1082 2.95 -26.34 21.77
N LEU A 1083 2.98 -25.01 21.89
CA LEU A 1083 3.59 -24.18 20.86
C LEU A 1083 5.08 -24.44 20.79
N GLU A 1084 5.59 -24.59 19.58
CA GLU A 1084 7.00 -24.89 19.40
C GLU A 1084 7.84 -23.62 19.42
N PRO A 1085 9.00 -23.63 20.07
CA PRO A 1085 9.87 -22.46 20.05
C PRO A 1085 10.35 -22.15 18.64
N GLY A 1086 10.52 -20.86 18.37
CA GLY A 1086 10.89 -20.39 17.06
C GLY A 1086 9.72 -20.13 16.13
N THR A 1087 8.52 -20.50 16.53
CA THR A 1087 7.34 -20.29 15.70
C THR A 1087 7.12 -18.80 15.45
N ALA A 1088 6.85 -18.44 14.20
CA ALA A 1088 6.49 -17.06 13.86
C ALA A 1088 5.05 -16.82 14.28
N ILE A 1089 4.83 -16.89 15.59
CA ILE A 1089 3.48 -16.83 16.13
C ILE A 1089 2.85 -15.46 15.90
N GLY A 1090 3.65 -14.39 15.95
CA GLY A 1090 3.10 -13.08 15.64
C GLY A 1090 2.63 -12.97 14.21
N ALA A 1091 3.43 -13.45 13.27
CA ALA A 1091 3.03 -13.43 11.86
C ALA A 1091 1.81 -14.31 11.63
N ILE A 1092 1.78 -15.49 12.27
CA ILE A 1092 0.64 -16.38 12.12
C ILE A 1092 -0.63 -15.72 12.64
N GLY A 1093 -0.54 -15.05 13.80
CA GLY A 1093 -1.70 -14.34 14.31
C GLY A 1093 -2.12 -13.19 13.41
N ALA A 1094 -1.15 -12.45 12.86
CA ALA A 1094 -1.47 -11.36 11.95
C ALA A 1094 -2.25 -11.87 10.74
N GLN A 1095 -1.80 -12.97 10.16
CA GLN A 1095 -2.50 -13.52 9.00
C GLN A 1095 -3.83 -14.16 9.40
N SER A 1096 -3.90 -14.71 10.61
CA SER A 1096 -5.14 -15.33 11.07
C SER A 1096 -6.20 -14.29 11.42
N ILE A 1097 -5.80 -13.05 11.65
CA ILE A 1097 -6.75 -11.99 11.93
C ILE A 1097 -7.03 -11.21 10.65
N GLY A 1098 -6.08 -11.21 9.72
CA GLY A 1098 -6.21 -10.46 8.50
C GLY A 1098 -6.89 -11.18 7.34
N GLU A 1099 -6.64 -12.47 7.21
CA GLU A 1099 -7.29 -13.24 6.14
C GLU A 1099 -8.80 -13.25 6.28
N PRO A 1100 -9.39 -13.49 7.46
CA PRO A 1100 -10.84 -13.31 7.58
C PRO A 1100 -11.30 -11.87 7.40
N GLY A 1101 -10.39 -10.90 7.54
CA GLY A 1101 -10.72 -9.51 7.35
C GLY A 1101 -10.87 -9.09 5.91
N THR A 1102 -10.42 -9.90 4.96
CA THR A 1102 -10.60 -9.60 3.55
C THR A 1102 -11.89 -10.17 2.98
N GLN A 1103 -12.63 -10.95 3.75
CA GLN A 1103 -13.86 -11.58 3.27
C GLN A 1103 -15.12 -10.88 3.76
N MET A 1104 -15.00 -9.94 4.69
CA MET A 1104 -16.15 -9.22 5.23
C MET A 1104 -16.28 -7.85 4.59
N THR A 1105 -17.52 -7.44 4.33
CA THR A 1105 -17.78 -6.17 3.68
C THR A 1105 -17.48 -5.01 4.62
N LEU A 1106 -17.02 -3.89 4.05
CA LEU A 1106 -16.85 -2.68 4.83
C LEU A 1106 -18.19 -2.01 5.09
N LYS A 1107 -19.15 -2.19 4.18
CA LYS A 1107 -20.52 -1.79 4.47
C LYS A 1107 -21.19 -2.85 5.34
N THR A 1108 -21.82 -2.38 6.42
CA THR A 1108 -22.45 -3.28 7.38
C THR A 1108 -23.77 -3.77 6.79
N PHE A 1109 -23.86 -5.06 6.52
CA PHE A 1109 -25.05 -5.67 5.95
C PHE A 1109 -25.81 -6.42 7.04
N HIS A 1110 -27.09 -6.09 7.19
CA HIS A 1110 -27.90 -6.58 8.28
C HIS A 1110 -29.06 -7.41 7.74
N PHE A 1111 -29.61 -8.25 8.61
CA PHE A 1111 -30.82 -8.99 8.26
C PHE A 1111 -32.00 -8.03 8.15
N ALA A 1112 -32.76 -8.18 7.06
CA ALA A 1112 -33.85 -7.25 6.76
C ALA A 1112 -35.01 -7.49 7.74
N GLY A 1113 -35.15 -6.60 8.72
CA GLY A 1113 -36.24 -6.69 9.67
C GLY A 1113 -35.82 -6.55 11.12
N VAL A 1114 -34.52 -6.50 11.37
CA VAL A 1114 -34.03 -6.38 12.74
C VAL A 1114 -34.36 -5.00 13.30
N ALA A 1115 -34.09 -3.95 12.51
CA ALA A 1115 -34.34 -2.57 12.93
C ALA A 1115 -33.63 -2.24 14.23
N SER A 1116 -32.41 -2.73 14.39
CA SER A 1116 -31.58 -2.42 15.53
C SER A 1116 -30.64 -1.27 15.17
N MET A 1117 -29.88 -0.80 16.16
CA MET A 1117 -29.01 0.36 15.95
C MET A 1117 -27.90 0.02 14.98
N ASN A 1118 -27.48 1.02 14.20
CA ASN A 1118 -26.53 0.83 13.11
C ASN A 1118 -25.09 0.97 13.63
N VAL A 1119 -24.69 0.01 14.44
CA VAL A 1119 -23.31 -0.08 14.91
C VAL A 1119 -22.44 -0.67 13.80
N THR A 1120 -21.33 0.00 13.49
CA THR A 1120 -20.41 -0.51 12.48
C THR A 1120 -19.72 -1.78 13.00
N LEU A 1121 -19.65 -2.81 12.15
CA LEU A 1121 -19.23 -4.13 12.61
C LEU A 1121 -18.35 -4.86 11.61
N GLY A 1122 -17.56 -4.14 10.83
CA GLY A 1122 -16.77 -4.84 9.83
C GLY A 1122 -15.33 -4.41 9.72
N VAL A 1123 -14.87 -4.24 8.49
CA VAL A 1123 -13.52 -3.71 8.25
C VAL A 1123 -13.31 -2.38 8.96
N PRO A 1124 -14.23 -1.40 8.88
CA PRO A 1124 -14.01 -0.16 9.65
C PRO A 1124 -13.94 -0.39 11.15
N ARG A 1125 -14.70 -1.36 11.68
CA ARG A 1125 -14.62 -1.62 13.12
C ARG A 1125 -13.28 -2.19 13.52
N ILE A 1126 -12.78 -3.18 12.76
CA ILE A 1126 -11.46 -3.73 13.05
C ILE A 1126 -10.39 -2.65 12.88
N LYS A 1127 -10.55 -1.80 11.86
CA LYS A 1127 -9.63 -0.69 11.65
C LYS A 1127 -9.62 0.24 12.85
N GLU A 1128 -10.81 0.59 13.36
CA GLU A 1128 -10.89 1.45 14.53
C GLU A 1128 -10.21 0.82 15.73
N ILE A 1129 -10.45 -0.47 15.95
CA ILE A 1129 -9.91 -1.15 17.12
C ILE A 1129 -8.38 -1.18 17.05
N ILE A 1130 -7.83 -1.58 15.90
CA ILE A 1130 -6.38 -1.74 15.79
C ILE A 1130 -5.66 -0.44 15.51
N ASN A 1131 -6.38 0.61 15.14
CA ASN A 1131 -5.77 1.94 15.02
C ASN A 1131 -5.87 2.72 16.32
N ALA A 1132 -6.71 2.26 17.26
CA ALA A 1132 -6.87 2.91 18.56
C ALA A 1132 -7.29 4.37 18.39
N SER A 1133 -8.13 4.62 17.39
CA SER A 1133 -8.60 5.98 17.14
C SER A 1133 -9.46 6.46 18.30
N LYS A 1134 -9.27 7.73 18.66
CA LYS A 1134 -9.98 8.30 19.80
C LYS A 1134 -11.45 8.55 19.51
N VAL A 1135 -11.82 8.74 18.25
CA VAL A 1135 -13.21 8.97 17.86
C VAL A 1135 -13.65 7.79 17.00
N ILE A 1136 -14.76 7.17 17.40
CA ILE A 1136 -15.31 6.03 16.67
C ILE A 1136 -16.76 6.31 16.33
N SER A 1137 -17.22 5.72 15.24
CA SER A 1137 -18.63 5.78 14.89
C SER A 1137 -19.39 4.78 15.73
N THR A 1138 -20.51 5.21 16.31
CA THR A 1138 -21.36 4.42 17.20
C THR A 1138 -20.60 3.88 18.40
N PRO A 1139 -20.18 4.73 19.34
CA PRO A 1139 -19.67 4.22 20.61
C PRO A 1139 -20.81 3.90 21.55
N ILE A 1140 -20.97 2.61 21.84
CA ILE A 1140 -22.10 2.12 22.62
C ILE A 1140 -21.60 1.73 24.01
N ILE A 1141 -22.30 2.22 25.03
CA ILE A 1141 -22.00 1.90 26.42
C ILE A 1141 -23.13 1.01 26.93
N ASN A 1142 -22.81 -0.24 27.23
CA ASN A 1142 -23.80 -1.19 27.71
C ASN A 1142 -23.85 -1.09 29.22
N ALA A 1143 -25.02 -0.78 29.76
CA ALA A 1143 -25.20 -0.55 31.19
C ALA A 1143 -26.31 -1.47 31.70
N VAL A 1144 -25.95 -2.37 32.62
CA VAL A 1144 -26.97 -3.20 33.27
C VAL A 1144 -27.50 -2.48 34.50
N LEU A 1145 -28.77 -2.72 34.80
CA LEU A 1145 -29.46 -2.01 35.86
C LEU A 1145 -29.59 -2.88 37.11
N VAL A 1146 -30.30 -2.37 38.11
CA VAL A 1146 -30.44 -3.03 39.40
C VAL A 1146 -31.80 -3.71 39.54
N ASN A 1147 -32.84 -3.15 38.95
CA ASN A 1147 -34.20 -3.61 39.14
C ASN A 1147 -34.78 -4.18 37.84
N ASP A 1148 -35.99 -4.72 37.95
CA ASP A 1148 -36.69 -5.32 36.82
C ASP A 1148 -38.10 -4.71 36.72
N ASN A 1149 -38.21 -3.58 36.04
CA ASN A 1149 -39.49 -2.96 35.74
C ASN A 1149 -39.27 -1.86 34.72
N ASP A 1150 -40.34 -1.55 33.97
CA ASP A 1150 -40.29 -0.46 33.01
C ASP A 1150 -40.74 0.85 33.63
N GLU A 1151 -41.98 0.88 34.13
CA GLU A 1151 -42.53 2.09 34.74
C GLU A 1151 -41.78 2.41 36.02
N ARG A 1152 -41.17 3.60 36.07
CA ARG A 1152 -40.53 4.17 37.25
C ARG A 1152 -39.31 3.40 37.72
N ALA A 1153 -38.81 2.44 36.94
CA ALA A 1153 -37.56 1.76 37.27
C ALA A 1153 -36.47 2.01 36.23
N ALA A 1154 -36.71 1.70 34.96
CA ALA A 1154 -35.68 1.84 33.94
C ALA A 1154 -35.79 3.14 33.15
N ARG A 1155 -37.01 3.65 32.98
CA ARG A 1155 -37.18 4.96 32.36
C ARG A 1155 -36.51 6.05 33.20
N VAL A 1156 -36.41 5.85 34.51
CA VAL A 1156 -35.75 6.83 35.35
C VAL A 1156 -34.27 6.94 34.99
N VAL A 1157 -33.61 5.80 34.81
CA VAL A 1157 -32.21 5.81 34.39
C VAL A 1157 -32.08 6.37 32.98
N LYS A 1158 -32.95 5.93 32.07
CA LYS A 1158 -32.92 6.48 30.71
C LYS A 1158 -33.00 7.99 30.73
N GLY A 1159 -33.89 8.55 31.56
CA GLY A 1159 -33.95 9.99 31.71
C GLY A 1159 -32.69 10.56 32.34
N ARG A 1160 -32.07 9.82 33.27
CA ARG A 1160 -30.82 10.25 33.85
C ARG A 1160 -29.69 10.30 32.83
N VAL A 1161 -29.86 9.66 31.68
CA VAL A 1161 -28.89 9.76 30.57
C VAL A 1161 -29.65 10.24 29.33
N GLU A 1162 -29.67 11.55 29.12
CA GLU A 1162 -30.37 12.13 27.97
C GLU A 1162 -29.63 13.39 27.49
N LYS A 1163 -29.80 13.68 26.20
CA LYS A 1163 -29.02 14.71 25.52
C LYS A 1163 -29.44 16.12 25.90
N THR A 1164 -30.68 16.50 25.55
CA THR A 1164 -31.19 17.83 25.86
C THR A 1164 -32.69 17.71 26.10
N LEU A 1165 -33.21 18.55 26.99
CA LEU A 1165 -34.60 18.43 27.39
C LEU A 1165 -35.38 19.74 27.45
N LEU A 1166 -34.71 20.88 27.21
CA LEU A 1166 -35.44 22.17 27.21
C LEU A 1166 -36.57 22.10 26.18
N SER A 1167 -36.23 21.96 24.90
CA SER A 1167 -37.26 21.85 23.83
C SER A 1167 -38.26 20.74 24.21
N ASP A 1168 -37.77 19.68 24.85
CA ASP A 1168 -38.64 18.53 25.24
C ASP A 1168 -39.71 19.00 26.24
N VAL A 1169 -39.39 19.97 27.10
CA VAL A 1169 -40.33 20.31 28.16
C VAL A 1169 -40.61 21.82 28.22
N ALA A 1170 -40.30 22.56 27.16
CA ALA A 1170 -40.50 24.01 27.18
C ALA A 1170 -41.93 24.40 26.81
N PHE A 1171 -42.46 23.81 25.74
CA PHE A 1171 -43.85 23.93 25.30
C PHE A 1171 -44.16 25.29 24.70
N TYR A 1172 -43.26 26.26 24.87
CA TYR A 1172 -43.07 27.42 24.01
C TYR A 1172 -41.95 28.24 24.62
N VAL A 1173 -41.54 29.28 23.90
CA VAL A 1173 -40.55 30.23 24.39
C VAL A 1173 -40.91 31.59 23.82
N GLN A 1174 -40.75 32.64 24.63
CA GLN A 1174 -41.28 33.95 24.31
C GLN A 1174 -40.16 34.95 24.01
N ASP A 1175 -40.54 36.00 23.30
CA ASP A 1175 -39.68 37.15 23.01
C ASP A 1175 -40.50 38.38 23.41
N VAL A 1176 -40.41 38.76 24.68
CA VAL A 1176 -41.34 39.71 25.29
C VAL A 1176 -40.63 41.03 25.53
N TYR A 1177 -41.26 42.12 25.11
CA TYR A 1177 -40.73 43.47 25.33
C TYR A 1177 -41.81 44.33 25.97
N LYS A 1178 -41.36 45.32 26.74
CA LYS A 1178 -42.25 46.25 27.43
C LYS A 1178 -41.62 47.64 27.35
N ASP A 1179 -42.09 48.55 28.20
CA ASP A 1179 -41.61 49.93 28.15
C ASP A 1179 -40.11 50.00 28.33
N ASN A 1180 -39.58 49.30 29.34
CA ASN A 1180 -38.14 49.27 29.57
C ASN A 1180 -37.60 47.92 29.99
N LEU A 1181 -38.42 46.87 29.96
CA LEU A 1181 -38.00 45.54 30.41
C LEU A 1181 -38.28 44.52 29.32
N SER A 1182 -37.41 43.51 29.27
CA SER A 1182 -37.47 42.46 28.26
C SER A 1182 -37.48 41.09 28.92
N PHE A 1183 -38.38 40.22 28.46
CA PHE A 1183 -38.53 38.89 29.02
C PHE A 1183 -38.29 37.85 27.94
N ILE A 1184 -37.54 36.80 28.27
CA ILE A 1184 -37.58 35.56 27.51
C ILE A 1184 -38.35 34.56 28.37
N GLN A 1185 -39.64 34.43 28.11
CA GLN A 1185 -40.52 33.62 28.93
C GLN A 1185 -40.68 32.24 28.34
N VAL A 1186 -40.58 31.22 29.20
CA VAL A 1186 -40.78 29.83 28.82
C VAL A 1186 -41.65 29.17 29.90
N ARG A 1187 -42.63 28.38 29.45
CA ARG A 1187 -43.61 27.77 30.35
C ARG A 1187 -43.42 26.26 30.37
N ILE A 1188 -42.53 25.81 31.26
CA ILE A 1188 -42.24 24.39 31.38
C ILE A 1188 -43.51 23.64 31.76
N ASP A 1189 -43.83 22.59 31.01
CA ASP A 1189 -45.05 21.83 31.24
C ASP A 1189 -44.77 20.67 32.20
N LEU A 1190 -45.44 20.71 33.36
CA LEU A 1190 -45.28 19.65 34.34
C LEU A 1190 -45.77 18.32 33.81
N GLY A 1191 -46.70 18.34 32.85
CA GLY A 1191 -47.22 17.09 32.32
C GLY A 1191 -46.17 16.26 31.61
N THR A 1192 -45.37 16.90 30.75
CA THR A 1192 -44.29 16.19 30.08
C THR A 1192 -43.22 15.73 31.07
N ILE A 1193 -42.88 16.60 32.02
CA ILE A 1193 -41.84 16.25 33.00
C ILE A 1193 -42.30 15.12 33.92
N ASP A 1194 -43.61 14.94 34.09
CA ASP A 1194 -44.10 13.81 34.90
C ASP A 1194 -44.22 12.55 34.06
N LYS A 1195 -44.83 12.66 32.87
CA LYS A 1195 -45.02 11.48 32.02
C LYS A 1195 -43.68 10.90 31.58
N LEU A 1196 -42.82 11.73 30.99
CA LEU A 1196 -41.41 11.39 30.82
C LEU A 1196 -40.75 11.51 32.18
N GLN A 1197 -40.22 10.42 32.70
CA GLN A 1197 -39.80 10.39 34.09
C GLN A 1197 -38.47 11.12 34.30
N LEU A 1198 -38.55 12.37 34.77
CA LEU A 1198 -37.39 13.19 35.06
C LEU A 1198 -37.55 13.82 36.44
N GLU A 1199 -36.42 14.21 37.03
CA GLU A 1199 -36.39 14.85 38.34
C GLU A 1199 -35.91 16.29 38.17
N LEU A 1200 -36.85 17.17 37.81
CA LEU A 1200 -36.56 18.59 37.65
C LEU A 1200 -37.85 19.40 37.49
N THR A 1201 -38.00 20.52 38.20
CA THR A 1201 -39.13 21.40 37.93
C THR A 1201 -38.71 22.79 37.49
N ILE A 1202 -38.02 23.55 38.34
CA ILE A 1202 -37.72 24.94 38.04
C ILE A 1202 -36.25 25.29 38.26
N GLU A 1203 -35.75 25.00 39.46
CA GLU A 1203 -34.47 25.57 39.90
C GLU A 1203 -33.29 25.04 39.09
N ASP A 1204 -33.24 23.73 38.87
CA ASP A 1204 -32.16 23.18 38.07
C ASP A 1204 -32.27 23.60 36.61
N ILE A 1205 -33.50 23.77 36.11
CA ILE A 1205 -33.67 24.32 34.77
C ILE A 1205 -33.10 25.72 34.70
N ALA A 1206 -33.34 26.53 35.73
CA ALA A 1206 -32.83 27.90 35.76
C ALA A 1206 -31.31 27.92 35.80
N VAL A 1207 -30.70 27.08 36.64
CA VAL A 1207 -29.25 27.10 36.75
C VAL A 1207 -28.61 26.56 35.46
N ALA A 1208 -29.23 25.57 34.82
CA ALA A 1208 -28.74 25.10 33.54
C ALA A 1208 -28.84 26.19 32.48
N ILE A 1209 -29.94 26.95 32.51
CA ILE A 1209 -30.08 28.08 31.59
C ILE A 1209 -28.96 29.10 31.83
N THR A 1210 -28.66 29.39 33.10
CA THR A 1210 -27.56 30.31 33.41
C THR A 1210 -26.26 29.80 32.82
N ARG A 1211 -25.92 28.53 33.06
CA ARG A 1211 -24.66 27.98 32.57
C ARG A 1211 -24.60 28.03 31.05
N ALA A 1212 -25.67 27.63 30.38
CA ALA A 1212 -25.63 27.55 28.92
C ALA A 1212 -25.59 28.93 28.27
N SER A 1213 -26.44 29.85 28.73
CA SER A 1213 -26.43 31.20 28.17
C SER A 1213 -25.18 31.98 28.58
N LYS A 1214 -24.49 31.56 29.64
CA LYS A 1214 -23.18 32.12 29.93
C LYS A 1214 -22.13 31.58 28.97
N LEU A 1215 -22.18 30.27 28.69
CA LEU A 1215 -21.27 29.70 27.70
C LEU A 1215 -21.49 30.30 26.32
N LYS A 1216 -22.72 30.72 26.04
CA LYS A 1216 -23.00 31.37 24.75
C LYS A 1216 -22.63 32.85 24.76
N ILE A 1217 -23.28 33.63 25.61
CA ILE A 1217 -23.04 35.08 25.66
C ILE A 1217 -22.78 35.51 27.09
N GLN A 1218 -23.80 35.42 27.94
CA GLN A 1218 -23.71 35.84 29.34
C GLN A 1218 -25.00 35.44 30.05
N ALA A 1219 -24.90 35.35 31.37
CA ALA A 1219 -26.07 35.13 32.22
C ALA A 1219 -25.70 35.51 33.64
N SER A 1220 -26.32 36.56 34.16
CA SER A 1220 -26.06 37.04 35.51
C SER A 1220 -27.22 36.82 36.47
N ASP A 1221 -28.45 37.07 36.03
CA ASP A 1221 -29.62 36.93 36.89
C ASP A 1221 -30.77 36.36 36.07
N VAL A 1222 -30.98 35.05 36.18
CA VAL A 1222 -32.15 34.40 35.60
C VAL A 1222 -33.22 34.31 36.68
N ASN A 1223 -34.34 34.98 36.45
CA ASN A 1223 -35.40 35.08 37.44
C ASN A 1223 -36.51 34.08 37.13
N ILE A 1224 -37.33 33.81 38.16
CA ILE A 1224 -38.48 32.93 38.03
C ILE A 1224 -39.67 33.66 38.63
N ILE A 1225 -40.58 34.13 37.77
CA ILE A 1225 -41.78 34.79 38.27
C ILE A 1225 -42.68 33.81 39.01
N GLY A 1226 -42.50 32.52 38.79
CA GLY A 1226 -43.31 31.49 39.42
C GLY A 1226 -44.25 30.83 38.42
N LYS A 1227 -44.83 29.70 38.86
CA LYS A 1227 -45.77 28.93 38.06
C LYS A 1227 -45.15 28.48 36.74
N ASP A 1228 -43.91 27.99 36.80
CA ASP A 1228 -43.16 27.45 35.67
C ASP A 1228 -42.87 28.47 34.59
N ARG A 1229 -43.21 29.74 34.80
CA ARG A 1229 -43.00 30.76 33.79
C ARG A 1229 -41.70 31.52 34.09
N ILE A 1230 -40.61 30.75 34.03
CA ILE A 1230 -39.28 31.33 34.22
C ILE A 1230 -38.97 32.29 33.09
N ALA A 1231 -38.47 33.47 33.45
CA ALA A 1231 -38.17 34.54 32.50
C ALA A 1231 -36.71 34.95 32.62
N ILE A 1232 -36.08 35.21 31.47
CA ILE A 1232 -34.68 35.59 31.39
C ILE A 1232 -34.61 37.04 30.91
N ASN A 1233 -33.86 37.86 31.62
CA ASN A 1233 -33.78 39.28 31.34
C ASN A 1233 -32.43 39.64 30.75
N VAL A 1234 -32.45 40.56 29.77
CA VAL A 1234 -31.27 41.00 29.06
C VAL A 1234 -31.16 42.51 29.18
N PHE A 1235 -29.95 43.00 29.42
CA PHE A 1235 -29.69 44.44 29.43
C PHE A 1235 -28.23 44.67 29.07
N PRO A 1236 -27.92 45.77 28.36
CA PRO A 1236 -26.54 46.13 28.03
C PRO A 1236 -25.70 46.43 29.26
N SER A 1252 -22.79 50.17 17.74
CA SER A 1252 -23.01 49.86 19.14
C SER A 1252 -24.48 50.03 19.50
N GLU A 1253 -25.36 49.84 18.53
CA GLU A 1253 -26.80 49.95 18.72
C GLU A 1253 -27.48 48.79 18.04
N ASN A 1254 -28.68 48.45 18.55
CA ASN A 1254 -29.46 47.29 18.12
C ASN A 1254 -28.80 46.01 18.60
N ASP A 1255 -27.65 46.14 19.27
CA ASP A 1255 -26.97 44.98 19.82
C ASP A 1255 -27.81 44.30 20.88
N VAL A 1256 -28.61 45.05 21.63
CA VAL A 1256 -29.49 44.45 22.63
C VAL A 1256 -30.50 43.54 21.94
N PHE A 1257 -31.13 44.00 20.87
CA PHE A 1257 -32.11 43.19 20.15
C PHE A 1257 -31.44 41.99 19.48
N TYR A 1258 -30.24 42.19 18.93
CA TYR A 1258 -29.52 41.08 18.32
C TYR A 1258 -29.20 39.99 19.34
N ARG A 1259 -28.70 40.39 20.52
CA ARG A 1259 -28.36 39.42 21.54
C ARG A 1259 -29.60 38.76 22.13
N MET A 1260 -30.70 39.49 22.23
CA MET A 1260 -31.96 38.88 22.66
C MET A 1260 -32.47 37.86 21.66
N GLN A 1261 -32.39 38.17 20.36
CA GLN A 1261 -32.79 37.22 19.34
C GLN A 1261 -31.92 35.97 19.37
N GLN A 1262 -30.60 36.16 19.51
CA GLN A 1262 -29.71 35.01 19.53
C GLN A 1262 -29.92 34.18 20.79
N LEU A 1263 -30.25 34.83 21.91
CA LEU A 1263 -30.59 34.08 23.11
C LEU A 1263 -31.88 33.30 22.93
N ARG A 1264 -32.88 33.89 22.28
CA ARG A 1264 -34.11 33.16 22.00
C ARG A 1264 -33.85 31.96 21.11
N ARG A 1265 -32.98 32.11 20.11
CA ARG A 1265 -32.69 31.01 19.20
C ARG A 1265 -31.89 29.91 19.89
N ALA A 1266 -30.89 30.28 20.68
CA ALA A 1266 -30.04 29.30 21.35
C ALA A 1266 -30.62 28.80 22.66
N LEU A 1267 -31.80 29.29 23.06
CA LEU A 1267 -32.39 28.83 24.31
C LEU A 1267 -32.96 27.43 24.21
N PRO A 1268 -33.88 27.11 23.29
CA PRO A 1268 -34.49 25.78 23.32
C PRO A 1268 -33.58 24.70 22.78
N ASP A 1269 -32.32 24.71 23.22
CA ASP A 1269 -31.36 23.69 22.85
C ASP A 1269 -30.45 23.29 23.99
N VAL A 1270 -30.69 23.76 25.21
CA VAL A 1270 -29.74 23.58 26.29
C VAL A 1270 -30.12 22.37 27.14
N VAL A 1271 -29.14 21.85 27.86
CA VAL A 1271 -29.27 20.62 28.63
C VAL A 1271 -29.66 20.98 30.06
N VAL A 1272 -30.74 20.37 30.54
CA VAL A 1272 -31.20 20.59 31.91
C VAL A 1272 -31.05 19.31 32.72
N LYS A 1273 -31.26 18.16 32.07
CA LYS A 1273 -31.15 16.87 32.74
C LYS A 1273 -30.31 15.94 31.88
N GLY A 1274 -29.58 15.05 32.55
CA GLY A 1274 -28.78 14.05 31.88
C GLY A 1274 -27.39 14.55 31.53
N LEU A 1275 -26.51 13.59 31.24
CA LEU A 1275 -25.15 13.90 30.87
C LEU A 1275 -25.11 14.48 29.46
N PRO A 1276 -24.41 15.61 29.24
CA PRO A 1276 -24.34 16.17 27.89
C PRO A 1276 -23.28 15.48 27.06
N ASP A 1277 -23.24 14.15 27.13
CA ASP A 1277 -22.35 13.33 26.32
C ASP A 1277 -23.10 12.27 25.54
N ILE A 1278 -24.38 12.04 25.84
CA ILE A 1278 -25.16 10.94 25.28
C ILE A 1278 -26.06 11.51 24.20
N SER A 1279 -25.84 11.09 22.96
CA SER A 1279 -26.76 11.48 21.89
C SER A 1279 -28.16 10.93 22.16
N ARG A 1280 -28.24 9.67 22.57
CA ARG A 1280 -29.52 9.05 22.92
C ARG A 1280 -29.25 7.77 23.70
N ALA A 1281 -30.22 7.39 24.53
CA ALA A 1281 -30.24 6.11 25.21
C ALA A 1281 -31.43 5.30 24.70
N VAL A 1282 -31.32 3.99 24.79
CA VAL A 1282 -32.36 3.10 24.26
C VAL A 1282 -32.42 1.84 25.10
N ILE A 1283 -33.59 1.58 25.67
CA ILE A 1283 -33.81 0.41 26.52
C ILE A 1283 -33.89 -0.82 25.62
N ASN A 1284 -33.10 -1.85 25.94
CA ASN A 1284 -33.04 -3.07 25.16
C ASN A 1284 -33.49 -4.26 26.01
N ILE A 1285 -33.81 -5.36 25.33
CA ILE A 1285 -34.22 -6.60 25.96
C ILE A 1285 -33.30 -7.71 25.47
N ARG A 1286 -32.70 -8.45 26.40
CA ARG A 1286 -31.82 -9.56 26.03
C ARG A 1286 -32.60 -10.87 25.92
N ASP A 1287 -33.70 -10.84 25.17
CA ASP A 1287 -34.55 -12.03 24.98
C ASP A 1287 -34.98 -12.61 26.33
N ASP A 1288 -35.31 -11.73 27.27
CA ASP A 1288 -35.68 -12.12 28.62
C ASP A 1288 -36.51 -11.00 29.23
N GLY A 1289 -36.71 -11.05 30.54
CA GLY A 1289 -37.42 -9.99 31.24
C GLY A 1289 -36.49 -8.94 31.81
N LYS A 1290 -35.25 -8.91 31.32
CA LYS A 1290 -34.24 -7.94 31.76
C LYS A 1290 -34.15 -6.83 30.72
N ARG A 1291 -34.46 -5.60 31.15
CA ARG A 1291 -34.44 -4.45 30.25
C ARG A 1291 -33.16 -3.64 30.48
N GLU A 1292 -32.08 -4.09 29.84
CA GLU A 1292 -30.83 -3.34 29.86
C GLU A 1292 -30.91 -2.16 28.90
N LEU A 1293 -30.12 -1.13 29.18
CA LEU A 1293 -30.07 0.06 28.33
C LEU A 1293 -28.64 0.31 27.89
N LEU A 1294 -28.46 0.54 26.59
CA LEU A 1294 -27.16 0.88 26.02
C LEU A 1294 -27.26 2.28 25.42
N VAL A 1295 -26.28 3.12 25.71
CA VAL A 1295 -26.34 4.53 25.37
C VAL A 1295 -25.35 4.81 24.24
N GLU A 1296 -25.74 5.77 23.39
CA GLU A 1296 -24.93 6.16 22.22
C GLU A 1296 -24.05 7.36 22.54
N GLY A 1297 -23.27 7.28 23.61
CA GLY A 1297 -22.48 8.39 24.08
C GLY A 1297 -20.99 8.12 24.10
N TYR A 1298 -20.26 9.09 24.65
CA TYR A 1298 -18.81 9.00 24.80
C TYR A 1298 -18.36 9.11 26.25
N GLY A 1299 -19.26 8.94 27.21
CA GLY A 1299 -18.87 9.00 28.61
C GLY A 1299 -19.19 7.74 29.38
N LEU A 1300 -18.15 7.01 29.78
CA LEU A 1300 -18.35 5.72 30.43
C LEU A 1300 -18.35 5.84 31.95
N ARG A 1301 -17.50 6.70 32.51
CA ARG A 1301 -17.45 6.85 33.96
C ARG A 1301 -18.76 7.44 34.50
N ASP A 1302 -19.33 8.40 33.78
CA ASP A 1302 -20.60 8.99 34.21
C ASP A 1302 -21.72 7.96 34.22
N VAL A 1303 -21.82 7.16 33.16
CA VAL A 1303 -22.84 6.12 33.10
C VAL A 1303 -22.60 5.07 34.17
N MET A 1304 -21.33 4.76 34.43
CA MET A 1304 -20.98 3.79 35.46
C MET A 1304 -21.40 4.27 36.84
N CYS A 1305 -21.21 5.56 37.12
CA CYS A 1305 -21.55 6.12 38.42
C CYS A 1305 -22.99 6.59 38.53
N THR A 1306 -23.77 6.55 37.45
CA THR A 1306 -25.17 6.96 37.52
C THR A 1306 -25.96 6.03 38.43
N ASP A 1307 -26.94 6.61 39.12
CA ASP A 1307 -27.75 5.84 40.06
C ASP A 1307 -28.63 4.83 39.33
N GLY A 1308 -28.71 3.64 39.90
CA GLY A 1308 -29.49 2.55 39.32
C GLY A 1308 -28.76 1.76 38.25
N VAL A 1309 -27.54 2.14 37.90
CA VAL A 1309 -26.70 1.38 36.97
C VAL A 1309 -25.63 0.67 37.77
N ILE A 1310 -25.49 -0.63 37.51
CA ILE A 1310 -24.45 -1.43 38.16
C ILE A 1310 -23.14 -1.11 37.47
N GLY A 1311 -22.22 -0.49 38.21
CA GLY A 1311 -20.91 -0.18 37.67
C GLY A 1311 -19.99 -1.35 37.52
N SER A 1312 -20.23 -2.42 38.28
CA SER A 1312 -19.40 -3.62 38.17
C SER A 1312 -19.50 -4.25 36.79
N ARG A 1313 -20.71 -4.28 36.22
CA ARG A 1313 -20.94 -4.83 34.89
C ARG A 1313 -21.48 -3.69 34.02
N THR A 1314 -20.55 -2.92 33.44
CA THR A 1314 -20.92 -1.81 32.56
C THR A 1314 -19.72 -1.56 31.67
N THR A 1315 -19.82 -2.00 30.42
CA THR A 1315 -18.71 -1.94 29.48
C THR A 1315 -19.10 -1.11 28.26
N THR A 1316 -18.14 -0.36 27.73
CA THR A 1316 -18.31 0.33 26.47
C THR A 1316 -17.44 -0.32 25.41
N ASN A 1317 -17.84 -0.13 24.14
CA ASN A 1317 -17.13 -0.69 23.01
C ASN A 1317 -15.96 0.19 22.57
N HIS A 1318 -15.72 1.30 23.27
CA HIS A 1318 -14.61 2.19 22.96
C HIS A 1318 -13.40 1.79 23.79
N VAL A 1319 -12.38 1.25 23.12
CA VAL A 1319 -11.20 0.74 23.81
C VAL A 1319 -10.50 1.85 24.57
N LEU A 1320 -10.35 3.02 23.94
CA LEU A 1320 -9.64 4.12 24.58
C LEU A 1320 -10.43 4.67 25.75
N GLU A 1321 -11.76 4.64 25.69
CA GLU A 1321 -12.55 5.00 26.85
C GLU A 1321 -12.35 4.01 27.99
N VAL A 1322 -12.30 2.71 27.67
CA VAL A 1322 -12.03 1.72 28.71
C VAL A 1322 -10.66 1.96 29.34
N PHE A 1323 -9.67 2.29 28.51
CA PHE A 1323 -8.30 2.44 28.98
C PHE A 1323 -8.18 3.59 29.98
N SER A 1324 -8.82 4.73 29.69
CA SER A 1324 -8.66 5.90 30.55
C SER A 1324 -9.44 5.78 31.86
N VAL A 1325 -10.41 4.87 31.93
CA VAL A 1325 -11.27 4.76 33.10
C VAL A 1325 -10.92 3.54 33.95
N LEU A 1326 -10.63 2.41 33.32
CA LEU A 1326 -10.48 1.16 34.05
C LEU A 1326 -9.06 0.64 34.12
N GLY A 1327 -8.22 0.87 33.11
CA GLY A 1327 -6.84 0.46 33.14
C GLY A 1327 -6.42 -0.21 31.86
N ILE A 1328 -5.10 -0.46 31.76
CA ILE A 1328 -4.54 -1.08 30.56
C ILE A 1328 -4.94 -2.54 30.45
N GLU A 1329 -5.08 -3.22 31.60
CA GLU A 1329 -5.53 -4.61 31.56
C GLU A 1329 -6.98 -4.69 31.08
N ALA A 1330 -7.84 -3.82 31.59
CA ALA A 1330 -9.20 -3.74 31.07
C ALA A 1330 -9.19 -3.27 29.62
N ALA A 1331 -8.20 -2.45 29.24
CA ALA A 1331 -8.09 -2.05 27.84
C ALA A 1331 -7.82 -3.25 26.94
N ARG A 1332 -6.91 -4.15 27.35
CA ARG A 1332 -6.64 -5.31 26.51
C ARG A 1332 -7.80 -6.30 26.52
N TYR A 1333 -8.50 -6.40 27.66
CA TYR A 1333 -9.72 -7.20 27.68
C TYR A 1333 -10.76 -6.66 26.71
N SER A 1334 -10.94 -5.33 26.71
CA SER A 1334 -11.90 -4.73 25.79
C SER A 1334 -11.48 -4.94 24.34
N ILE A 1335 -10.17 -4.83 24.07
CA ILE A 1335 -9.66 -5.07 22.71
C ILE A 1335 -9.99 -6.48 22.26
N ILE A 1336 -9.69 -7.47 23.12
CA ILE A 1336 -9.90 -8.86 22.76
C ILE A 1336 -11.38 -9.14 22.56
N ARG A 1337 -12.22 -8.68 23.48
CA ARG A 1337 -13.66 -8.92 23.34
C ARG A 1337 -14.22 -8.22 22.11
N GLU A 1338 -13.80 -6.99 21.83
CA GLU A 1338 -14.31 -6.26 20.69
C GLU A 1338 -13.93 -6.95 19.39
N ILE A 1339 -12.65 -7.30 19.25
CA ILE A 1339 -12.18 -7.96 18.00
C ILE A 1339 -12.92 -9.29 17.85
N ASN A 1340 -12.89 -10.13 18.89
CA ASN A 1340 -13.53 -11.46 18.80
C ASN A 1340 -14.99 -11.30 18.39
N TYR A 1341 -15.74 -10.45 19.09
CA TYR A 1341 -17.17 -10.24 18.79
C TYR A 1341 -17.31 -9.78 17.33
N THR A 1342 -16.47 -8.84 16.91
CA THR A 1342 -16.53 -8.34 15.54
C THR A 1342 -16.42 -9.46 14.52
N MET A 1343 -15.49 -10.39 14.72
CA MET A 1343 -15.39 -11.50 13.77
C MET A 1343 -16.32 -12.66 14.08
N SER A 1344 -16.96 -12.66 15.25
CA SER A 1344 -17.99 -13.64 15.55
C SER A 1344 -19.33 -13.30 14.93
N ASN A 1345 -19.53 -12.05 14.52
CA ASN A 1345 -20.73 -11.64 13.80
C ASN A 1345 -20.57 -11.79 12.30
N HIS A 1346 -19.42 -12.28 11.84
CA HIS A 1346 -19.25 -12.62 10.43
C HIS A 1346 -18.85 -14.07 10.25
N GLY A 1347 -19.00 -14.91 11.26
CA GLY A 1347 -18.68 -16.32 11.14
C GLY A 1347 -17.21 -16.63 11.00
N MET A 1348 -16.34 -15.70 11.38
CA MET A 1348 -14.90 -15.86 11.21
C MET A 1348 -14.37 -16.61 12.43
N SER A 1349 -14.09 -17.91 12.23
CA SER A 1349 -13.65 -18.78 13.32
C SER A 1349 -12.14 -18.66 13.47
N VAL A 1350 -11.71 -17.70 14.28
CA VAL A 1350 -10.30 -17.50 14.59
C VAL A 1350 -10.06 -17.99 16.02
N ASP A 1351 -8.99 -18.74 16.21
CA ASP A 1351 -8.63 -19.17 17.56
C ASP A 1351 -8.39 -17.96 18.44
N PRO A 1352 -8.96 -17.95 19.65
CA PRO A 1352 -8.83 -16.75 20.51
C PRO A 1352 -7.40 -16.42 20.91
N ARG A 1353 -6.45 -17.34 20.75
CA ARG A 1353 -5.07 -17.03 21.12
C ARG A 1353 -4.47 -15.98 20.19
N HIS A 1354 -4.86 -15.97 18.92
CA HIS A 1354 -4.40 -14.92 18.01
C HIS A 1354 -4.89 -13.56 18.47
N ILE A 1355 -6.15 -13.48 18.89
CA ILE A 1355 -6.70 -12.22 19.38
C ILE A 1355 -6.04 -11.81 20.68
N GLN A 1356 -5.76 -12.79 21.54
CA GLN A 1356 -5.05 -12.52 22.79
C GLN A 1356 -3.67 -11.94 22.52
N LEU A 1357 -2.96 -12.50 21.55
CA LEU A 1357 -1.63 -11.99 21.21
C LEU A 1357 -1.73 -10.59 20.62
N LEU A 1358 -2.76 -10.33 19.80
CA LEU A 1358 -2.94 -8.99 19.25
C LEU A 1358 -3.17 -7.98 20.38
N GLY A 1359 -4.06 -8.31 21.32
CA GLY A 1359 -4.29 -7.42 22.44
C GLY A 1359 -3.05 -7.22 23.29
N ASP A 1360 -2.29 -8.29 23.52
CA ASP A 1360 -1.08 -8.19 24.33
C ASP A 1360 -0.02 -7.32 23.65
N VAL A 1361 0.14 -7.46 22.34
CA VAL A 1361 1.11 -6.63 21.63
C VAL A 1361 0.60 -5.21 21.51
N MET A 1362 -0.70 -4.99 21.62
CA MET A 1362 -1.22 -3.63 21.56
C MET A 1362 -1.13 -2.93 22.91
N THR A 1363 -1.12 -3.69 24.01
CA THR A 1363 -1.17 -3.08 25.34
C THR A 1363 0.01 -3.41 26.24
N TYR A 1364 1.06 -4.07 25.74
CA TYR A 1364 2.12 -4.47 26.65
C TYR A 1364 3.06 -3.32 27.02
N LYS A 1365 2.90 -2.16 26.39
CA LYS A 1365 3.66 -0.96 26.74
C LYS A 1365 3.05 -0.18 27.90
N GLY A 1366 1.90 -0.59 28.41
CA GLY A 1366 1.20 0.15 29.44
C GLY A 1366 0.20 1.14 28.92
N GLU A 1367 0.18 1.40 27.61
CA GLU A 1367 -0.83 2.22 26.98
C GLU A 1367 -1.28 1.53 25.70
N VAL A 1368 -2.49 1.85 25.27
CA VAL A 1368 -3.06 1.26 24.06
C VAL A 1368 -2.39 1.94 22.86
N LEU A 1369 -1.50 1.20 22.19
CA LEU A 1369 -0.80 1.70 21.02
C LEU A 1369 -1.40 1.05 19.77
N GLY A 1370 -1.71 1.88 18.78
CA GLY A 1370 -2.36 1.41 17.58
C GLY A 1370 -1.38 0.77 16.61
N ILE A 1371 -1.93 0.38 15.46
CA ILE A 1371 -1.19 -0.24 14.38
C ILE A 1371 -1.06 0.81 13.28
N THR A 1372 -1.46 2.04 13.62
CA THR A 1372 -1.31 3.20 12.75
C THR A 1372 0.17 3.58 12.71
N ARG A 1373 0.56 4.39 11.71
CA ARG A 1373 1.94 4.82 11.58
C ARG A 1373 2.47 5.43 12.87
N PHE A 1374 1.67 6.29 13.51
CA PHE A 1374 2.07 6.87 14.78
C PHE A 1374 2.26 5.79 15.85
N GLY A 1375 1.39 4.77 15.83
CA GLY A 1375 1.52 3.69 16.80
C GLY A 1375 2.78 2.88 16.61
N LEU A 1376 3.18 2.62 15.37
CA LEU A 1376 4.36 1.81 15.11
C LEU A 1376 5.62 2.41 15.73
N SER A 1377 5.66 3.74 15.89
CA SER A 1377 6.77 4.39 16.57
C SER A 1377 6.61 4.28 18.09
N LYS A 1378 6.52 3.03 18.55
CA LYS A 1378 6.30 2.75 19.97
C LYS A 1378 7.63 2.53 20.70
N MET A 1379 8.36 1.49 20.30
CA MET A 1379 9.71 1.25 20.80
C MET A 1379 10.60 0.61 19.75
N ARG A 1380 10.11 0.42 18.52
CA ARG A 1380 10.84 -0.37 17.54
C ARG A 1380 12.20 0.24 17.24
N ASP A 1381 12.25 1.55 17.03
CA ASP A 1381 13.46 2.30 16.72
C ASP A 1381 14.06 1.86 15.39
N SER A 1382 13.45 0.89 14.70
CA SER A 1382 13.95 0.35 13.45
C SER A 1382 13.56 1.31 12.33
N VAL A 1383 14.50 2.17 11.95
CA VAL A 1383 14.20 3.16 10.93
C VAL A 1383 13.97 2.48 9.58
N LEU A 1384 14.65 1.36 9.32
CA LEU A 1384 14.42 0.63 8.07
C LEU A 1384 12.99 0.09 8.02
N GLN A 1385 12.55 -0.56 9.10
CA GLN A 1385 11.20 -1.10 9.13
C GLN A 1385 10.16 0.01 9.06
N LEU A 1386 10.38 1.11 9.77
CA LEU A 1386 9.45 2.23 9.71
C LEU A 1386 9.37 2.83 8.31
N ALA A 1387 10.52 3.01 7.65
CA ALA A 1387 10.52 3.60 6.32
C ALA A 1387 9.91 2.65 5.30
N SER A 1388 10.11 1.34 5.47
CA SER A 1388 9.44 0.37 4.62
C SER A 1388 7.94 0.42 4.82
N PHE A 1389 7.48 0.64 6.06
CA PHE A 1389 6.05 0.71 6.32
C PHE A 1389 5.44 1.96 5.69
N GLU A 1390 5.86 3.14 6.15
CA GLU A 1390 5.29 4.38 5.64
C GLU A 1390 6.11 5.56 6.16
N LYS A 1391 5.97 6.70 5.46
CA LYS A 1391 6.68 7.94 5.78
C LYS A 1391 8.20 7.71 5.79
N THR A 1392 8.71 7.35 4.62
CA THR A 1392 10.11 6.99 4.47
C THR A 1392 11.04 8.16 4.76
N THR A 1393 10.81 9.29 4.09
CA THR A 1393 11.81 10.36 4.06
C THR A 1393 11.91 11.07 5.40
N ASP A 1394 10.77 11.40 6.01
CA ASP A 1394 10.82 12.10 7.29
C ASP A 1394 11.44 11.22 8.37
N HIS A 1395 11.10 9.94 8.41
CA HIS A 1395 11.70 9.04 9.38
C HIS A 1395 13.21 8.92 9.16
N LEU A 1396 13.63 8.76 7.91
CA LEU A 1396 15.05 8.63 7.63
C LEU A 1396 15.82 9.89 8.04
N PHE A 1397 15.27 11.07 7.71
CA PHE A 1397 15.97 12.31 8.03
C PHE A 1397 15.98 12.57 9.53
N ASP A 1398 14.89 12.27 10.23
CA ASP A 1398 14.90 12.39 11.69
C ASP A 1398 15.91 11.45 12.32
N ALA A 1399 16.01 10.22 11.80
CA ALA A 1399 16.99 9.27 12.31
C ALA A 1399 18.42 9.79 12.07
N ALA A 1400 18.68 10.32 10.90
CA ALA A 1400 20.02 10.83 10.60
C ALA A 1400 20.34 12.05 11.44
N PHE A 1401 19.34 12.90 11.70
CA PHE A 1401 19.57 14.10 12.50
C PHE A 1401 19.81 13.76 13.96
N TYR A 1402 19.01 12.83 14.50
CA TYR A 1402 19.13 12.42 15.89
C TYR A 1402 20.33 11.51 16.14
N MET A 1403 21.03 11.07 15.08
CA MET A 1403 22.14 10.14 15.18
C MET A 1403 21.69 8.82 15.82
N LYS A 1404 20.56 8.31 15.33
CA LYS A 1404 20.02 7.06 15.84
C LYS A 1404 20.94 5.90 15.48
N LYS A 1405 20.95 4.90 16.35
CA LYS A 1405 21.88 3.78 16.29
C LYS A 1405 21.14 2.45 16.30
N ASP A 1406 20.14 2.33 15.44
CA ASP A 1406 19.27 1.16 15.48
C ASP A 1406 20.01 -0.10 15.06
N ALA A 1407 19.83 -1.16 15.84
CA ALA A 1407 20.41 -2.45 15.52
C ALA A 1407 19.56 -3.17 14.47
N VAL A 1408 20.12 -4.25 13.92
CA VAL A 1408 19.43 -5.04 12.92
C VAL A 1408 18.90 -6.31 13.57
N GLU A 1409 17.64 -6.28 14.01
CA GLU A 1409 17.08 -7.36 14.81
C GLU A 1409 15.74 -7.83 14.26
N GLY A 1410 15.01 -6.96 13.57
CA GLY A 1410 13.72 -7.34 13.06
C GLY A 1410 13.81 -8.11 11.75
N VAL A 1411 12.74 -8.83 11.44
CA VAL A 1411 12.71 -9.59 10.20
C VAL A 1411 12.70 -8.67 8.98
N SER A 1412 12.05 -7.51 9.08
CA SER A 1412 12.05 -6.57 7.96
C SER A 1412 13.45 -6.07 7.65
N GLU A 1413 14.18 -5.65 8.68
CA GLU A 1413 15.55 -5.19 8.49
C GLU A 1413 16.46 -6.34 8.02
N CYS A 1414 16.24 -7.54 8.56
CA CYS A 1414 17.05 -8.68 8.15
C CYS A 1414 16.82 -9.01 6.68
N ILE A 1415 15.57 -8.93 6.21
CA ILE A 1415 15.27 -9.14 4.80
C ILE A 1415 15.91 -8.03 3.96
N ILE A 1416 15.80 -6.78 4.41
CA ILE A 1416 16.34 -5.67 3.64
C ILE A 1416 17.85 -5.81 3.47
N LEU A 1417 18.53 -6.28 4.53
CA LEU A 1417 19.99 -6.38 4.51
C LEU A 1417 20.49 -7.73 4.04
N GLY A 1418 19.61 -8.71 3.85
CA GLY A 1418 20.05 -10.03 3.44
C GLY A 1418 20.60 -10.90 4.56
N GLN A 1419 20.09 -10.73 5.77
CA GLN A 1419 20.54 -11.49 6.92
C GLN A 1419 19.54 -12.60 7.24
N THR A 1420 19.97 -13.51 8.12
CA THR A 1420 19.07 -14.55 8.62
C THR A 1420 18.29 -14.03 9.81
N MET A 1421 16.96 -14.22 9.78
CA MET A 1421 16.14 -13.80 10.90
C MET A 1421 16.28 -14.78 12.06
N SER A 1422 15.89 -14.31 13.25
CA SER A 1422 15.92 -15.13 14.46
C SER A 1422 14.59 -15.85 14.70
N ILE A 1423 13.88 -16.18 13.63
CA ILE A 1423 12.56 -16.78 13.70
C ILE A 1423 12.59 -18.08 12.90
N GLY A 1424 11.92 -19.10 13.41
CA GLY A 1424 11.84 -20.36 12.70
C GLY A 1424 13.14 -21.12 12.67
N THR A 1425 13.60 -21.49 11.47
CA THR A 1425 14.85 -22.21 11.34
C THR A 1425 16.06 -21.36 11.70
N GLY A 1426 15.89 -20.05 11.86
CA GLY A 1426 16.93 -19.16 12.32
C GLY A 1426 16.89 -18.83 13.79
N SER A 1427 16.14 -19.56 14.60
CA SER A 1427 16.02 -19.29 16.02
C SER A 1427 16.95 -20.16 16.87
N PHE A 1428 17.92 -20.81 16.24
CA PHE A 1428 18.87 -21.68 16.92
C PHE A 1428 20.11 -21.78 16.05
N LYS A 1429 21.07 -22.58 16.50
CA LYS A 1429 22.33 -22.77 15.79
C LYS A 1429 22.67 -24.24 15.70
N VAL A 1430 23.08 -24.68 14.51
CA VAL A 1430 23.55 -26.04 14.30
C VAL A 1430 25.06 -26.06 14.53
N VAL A 1431 25.51 -26.99 15.36
CA VAL A 1431 26.91 -27.09 15.76
C VAL A 1431 27.36 -28.53 15.57
N LYS A 1432 28.53 -28.69 14.94
CA LYS A 1432 29.12 -30.00 14.69
C LYS A 1432 30.16 -30.28 15.76
N GLY A 1433 29.90 -31.29 16.58
CA GLY A 1433 30.83 -31.68 17.61
C GLY A 1433 32.17 -32.16 17.07
N THR A 1434 33.26 -31.65 17.61
CA THR A 1434 34.58 -32.00 17.09
C THR A 1434 35.04 -33.38 17.55
N ASN A 1435 34.47 -33.91 18.62
CA ASN A 1435 34.78 -35.26 19.11
C ASN A 1435 36.27 -35.43 19.39
N ILE A 1436 36.88 -34.40 19.96
CA ILE A 1436 38.32 -34.40 20.24
C ILE A 1436 38.51 -34.68 21.73
N SER A 1437 39.37 -35.65 22.04
CA SER A 1437 39.62 -36.04 23.41
C SER A 1437 40.54 -35.02 24.09
N GLU A 1438 40.68 -35.16 25.41
CA GLU A 1438 41.55 -34.29 26.19
C GLU A 1438 42.96 -34.84 26.37
N LYS A 1439 43.27 -36.01 25.78
CA LYS A 1439 44.62 -36.55 25.84
C LYS A 1439 45.50 -36.01 24.72
N ASP A 1440 44.91 -35.55 23.62
CA ASP A 1440 45.65 -35.10 22.45
C ASP A 1440 45.62 -33.58 22.38
N LEU A 1441 45.30 -32.90 23.49
CA LEU A 1441 45.24 -31.45 23.51
C LEU A 1441 46.26 -30.80 24.42
N VAL A 1442 46.80 -31.53 25.39
CA VAL A 1442 47.82 -31.00 26.29
C VAL A 1442 49.09 -30.77 25.50
N PRO A 1443 49.92 -29.79 25.86
CA PRO A 1443 51.21 -29.63 25.18
C PRO A 1443 52.10 -30.85 25.40
N LYS A 1444 52.98 -31.09 24.44
CA LYS A 1444 53.82 -32.28 24.44
C LYS A 1444 55.24 -31.91 24.04
N ARG A 1445 56.19 -32.72 24.52
CA ARG A 1445 57.60 -32.63 24.15
C ARG A 1445 58.18 -31.25 24.47
N CYS A 1446 58.20 -30.92 25.76
CA CYS A 1446 58.69 -29.63 26.23
C CYS A 1446 59.50 -29.83 27.50
N LEU A 1447 60.83 -29.70 27.38
CA LEU A 1447 61.72 -29.85 28.53
C LEU A 1447 62.77 -28.75 28.65
N PHE A 1448 63.10 -28.05 27.58
CA PHE A 1448 64.14 -27.01 27.65
C PHE A 1448 63.72 -25.88 28.59
N GLU A 1449 62.43 -25.52 28.58
CA GLU A 1449 61.96 -24.50 29.50
C GLU A 1449 62.12 -24.94 30.95
N SER A 1450 61.82 -26.21 31.24
CA SER A 1450 62.02 -26.72 32.59
C SER A 1450 63.49 -26.70 32.98
N LEU A 1451 64.38 -27.09 32.05
CA LEU A 1451 65.81 -27.05 32.32
C LEU A 1451 66.27 -25.63 32.62
N SER A 1452 65.87 -24.67 31.79
CA SER A 1452 66.26 -23.28 32.00
C SER A 1452 65.70 -22.70 33.28
N ASN A 1453 64.47 -23.07 33.66
CA ASN A 1453 63.90 -22.61 34.92
C ASN A 1453 64.65 -23.20 36.11
N GLU A 1454 64.96 -24.49 36.07
CA GLU A 1454 65.74 -25.11 37.14
C GLU A 1454 67.16 -24.58 37.19
N ALA A 1455 67.67 -24.03 36.09
CA ALA A 1455 69.01 -23.46 36.08
C ALA A 1455 69.16 -22.24 36.98
N ALA A 1456 68.08 -21.50 37.22
CA ALA A 1456 68.15 -20.31 38.06
C ALA A 1456 68.24 -20.68 39.54
N ASP B 36 -51.71 -13.82 -42.20
CA ASP B 36 -52.20 -13.75 -40.83
C ASP B 36 -52.45 -12.31 -40.40
N GLU B 37 -53.53 -12.09 -39.66
CA GLU B 37 -53.87 -10.75 -39.21
C GLU B 37 -52.86 -10.24 -38.20
N ILE B 38 -52.51 -8.95 -38.33
CA ILE B 38 -51.55 -8.35 -37.43
C ILE B 38 -52.17 -8.21 -36.05
N ASN B 39 -51.47 -8.72 -35.04
CA ASN B 39 -51.87 -8.60 -33.64
C ASN B 39 -50.99 -7.54 -33.00
N THR B 40 -51.61 -6.50 -32.44
CA THR B 40 -50.84 -5.40 -31.86
C THR B 40 -49.96 -5.88 -30.71
N ALA B 41 -50.43 -6.86 -29.94
CA ALA B 41 -49.68 -7.32 -28.78
C ALA B 41 -48.33 -7.92 -29.18
N GLN B 42 -48.29 -8.70 -30.27
CA GLN B 42 -47.08 -9.37 -30.69
C GLN B 42 -46.49 -8.82 -31.98
N ASP B 43 -47.08 -7.78 -32.56
CA ASP B 43 -46.50 -7.14 -33.74
C ASP B 43 -46.13 -5.69 -33.53
N LYS B 44 -46.40 -5.12 -32.36
CA LYS B 44 -45.88 -3.78 -32.08
C LYS B 44 -44.37 -3.79 -31.89
N TRP B 45 -43.75 -4.96 -31.78
CA TRP B 45 -42.31 -5.05 -31.68
C TRP B 45 -41.60 -4.58 -32.93
N HIS B 46 -42.27 -4.62 -34.09
CA HIS B 46 -41.65 -4.21 -35.34
C HIS B 46 -41.30 -2.73 -35.37
N LEU B 47 -41.86 -1.95 -34.46
CA LEU B 47 -41.44 -0.56 -34.32
C LEU B 47 -39.98 -0.46 -33.93
N LEU B 48 -39.43 -1.48 -33.24
CA LEU B 48 -38.01 -1.48 -32.93
C LEU B 48 -37.14 -1.62 -34.17
N PRO B 49 -37.35 -2.60 -35.06
CA PRO B 49 -36.60 -2.58 -36.34
C PRO B 49 -36.86 -1.34 -37.16
N ALA B 50 -38.08 -0.81 -37.14
CA ALA B 50 -38.35 0.43 -37.86
C ALA B 50 -37.51 1.58 -37.32
N PHE B 51 -37.41 1.68 -36.00
CA PHE B 51 -36.59 2.72 -35.36
C PHE B 51 -35.12 2.51 -35.67
N LEU B 52 -34.66 1.26 -35.65
CA LEU B 52 -33.24 0.97 -35.84
C LEU B 52 -32.80 1.12 -37.29
N LYS B 53 -33.73 1.04 -38.25
CA LYS B 53 -33.35 1.22 -39.64
C LYS B 53 -32.81 2.64 -39.88
N VAL B 54 -33.52 3.66 -39.39
CA VAL B 54 -33.12 5.04 -39.59
C VAL B 54 -32.29 5.58 -38.44
N LYS B 55 -32.28 4.92 -37.30
CA LYS B 55 -31.54 5.36 -36.11
C LYS B 55 -30.76 4.16 -35.59
N GLY B 56 -29.59 3.92 -36.19
CA GLY B 56 -28.79 2.77 -35.84
C GLY B 56 -28.24 2.86 -34.43
N LEU B 57 -27.61 1.76 -34.01
CA LEU B 57 -27.02 1.72 -32.68
C LEU B 57 -25.91 2.75 -32.55
N VAL B 58 -25.07 2.88 -33.56
CA VAL B 58 -24.05 3.93 -33.59
C VAL B 58 -24.69 5.11 -34.29
N LYS B 59 -25.47 5.87 -33.54
CA LYS B 59 -26.10 7.07 -34.05
C LYS B 59 -25.85 8.29 -33.18
N GLN B 60 -25.53 8.13 -31.90
CA GLN B 60 -25.16 9.27 -31.09
C GLN B 60 -23.93 9.94 -31.68
N HIS B 61 -22.87 9.16 -31.91
CA HIS B 61 -21.67 9.69 -32.53
C HIS B 61 -21.97 10.26 -33.92
N LEU B 62 -22.74 9.52 -34.72
CA LEU B 62 -23.01 9.93 -36.09
C LEU B 62 -23.73 11.28 -36.14
N ASP B 63 -24.86 11.38 -35.44
CA ASP B 63 -25.63 12.61 -35.47
C ASP B 63 -24.85 13.76 -34.85
N SER B 64 -24.12 13.49 -33.76
CA SER B 64 -23.36 14.56 -33.12
C SER B 64 -22.29 15.11 -34.08
N PHE B 65 -21.59 14.22 -34.80
CA PHE B 65 -20.57 14.68 -35.72
C PHE B 65 -21.16 15.38 -36.93
N ASN B 66 -22.30 14.89 -37.45
CA ASN B 66 -22.94 15.58 -38.56
C ASN B 66 -23.38 16.98 -38.14
N TYR B 67 -23.99 17.09 -36.97
CA TYR B 67 -24.37 18.40 -36.45
C TYR B 67 -23.15 19.31 -36.34
N PHE B 68 -22.06 18.80 -35.77
CA PHE B 68 -20.84 19.59 -35.69
C PHE B 68 -20.46 20.12 -37.07
N VAL B 69 -20.12 19.22 -38.00
CA VAL B 69 -19.57 19.65 -39.29
C VAL B 69 -20.57 20.43 -40.12
N ASP B 70 -21.86 20.36 -39.83
CA ASP B 70 -22.85 21.07 -40.65
C ASP B 70 -23.25 22.42 -40.09
N THR B 71 -23.36 22.56 -38.77
CA THR B 71 -23.79 23.85 -38.22
C THR B 71 -22.79 24.44 -37.24
N ASP B 72 -22.13 23.60 -36.43
CA ASP B 72 -21.24 24.15 -35.42
C ASP B 72 -20.01 24.77 -36.05
N LEU B 73 -19.55 24.26 -37.19
CA LEU B 73 -18.41 24.88 -37.86
C LEU B 73 -18.76 26.29 -38.33
N LYS B 74 -19.96 26.46 -38.89
CA LYS B 74 -20.45 27.80 -39.21
C LYS B 74 -20.55 28.65 -37.95
N LYS B 75 -20.94 28.05 -36.83
CA LYS B 75 -21.07 28.81 -35.59
C LYS B 75 -19.70 29.32 -35.11
N ILE B 76 -18.67 28.48 -35.18
CA ILE B 76 -17.33 28.94 -34.81
C ILE B 76 -16.84 30.01 -35.77
N ILE B 77 -17.02 29.80 -37.08
CA ILE B 77 -16.48 30.75 -38.04
C ILE B 77 -17.24 32.06 -37.97
N LYS B 78 -18.48 32.05 -37.46
CA LYS B 78 -19.24 33.27 -37.33
C LYS B 78 -19.02 33.94 -35.98
N ALA B 79 -18.57 33.18 -34.98
CA ALA B 79 -18.12 33.82 -33.74
C ALA B 79 -16.77 34.50 -33.95
N ASN B 80 -15.80 33.77 -34.51
CA ASN B 80 -14.49 34.33 -34.87
C ASN B 80 -14.49 34.65 -36.36
N GLN B 81 -15.16 35.75 -36.72
CA GLN B 81 -15.34 36.10 -38.13
C GLN B 81 -14.31 37.09 -38.66
N LEU B 82 -13.68 37.88 -37.79
CA LEU B 82 -12.76 38.90 -38.27
C LEU B 82 -11.60 39.03 -37.29
N ILE B 83 -10.40 39.25 -37.82
CA ILE B 83 -9.21 39.51 -37.02
C ILE B 83 -8.63 40.84 -37.46
N LEU B 84 -8.22 41.66 -36.49
CA LEU B 84 -7.73 43.01 -36.77
C LEU B 84 -6.35 43.21 -36.15
N SER B 85 -5.65 44.22 -36.68
CA SER B 85 -4.34 44.61 -36.19
C SER B 85 -4.40 46.03 -35.65
N ASP B 86 -3.54 46.32 -34.66
CA ASP B 86 -3.43 47.69 -34.16
C ASP B 86 -2.94 48.62 -35.26
N VAL B 87 -1.95 48.19 -36.04
CA VAL B 87 -1.42 48.98 -37.12
C VAL B 87 -2.21 48.70 -38.40
N ASP B 88 -2.08 49.61 -39.36
CA ASP B 88 -2.75 49.51 -40.67
C ASP B 88 -4.26 49.32 -40.50
N PRO B 89 -4.97 50.32 -39.96
CA PRO B 89 -6.42 50.13 -39.75
C PRO B 89 -7.19 49.87 -41.03
N GLU B 90 -6.73 50.37 -42.17
CA GLU B 90 -7.40 50.12 -43.44
C GLU B 90 -7.03 48.74 -43.97
N PHE B 91 -7.34 47.70 -43.18
CA PHE B 91 -7.02 46.33 -43.52
C PHE B 91 -7.72 45.37 -42.55
N TYR B 92 -8.32 44.30 -43.07
CA TYR B 92 -8.90 43.30 -42.18
C TYR B 92 -8.95 41.96 -42.89
N LEU B 93 -9.11 40.91 -42.08
CA LEU B 93 -9.33 39.55 -42.57
C LEU B 93 -10.72 39.11 -42.14
N LYS B 94 -11.49 38.59 -43.08
CA LYS B 94 -12.85 38.14 -42.79
C LYS B 94 -12.99 36.67 -43.15
N TYR B 95 -13.49 35.88 -42.20
CA TYR B 95 -13.88 34.50 -42.44
C TYR B 95 -15.36 34.49 -42.83
N VAL B 96 -15.63 34.26 -44.10
CA VAL B 96 -16.99 34.38 -44.62
C VAL B 96 -17.72 33.04 -44.49
N ASP B 97 -17.11 31.98 -45.02
CA ASP B 97 -17.75 30.67 -45.08
C ASP B 97 -16.78 29.60 -44.60
N ILE B 98 -17.33 28.47 -44.18
CA ILE B 98 -16.55 27.30 -43.79
C ILE B 98 -17.20 26.07 -44.40
N ARG B 99 -16.38 25.15 -44.89
CA ARG B 99 -16.85 23.91 -45.49
C ARG B 99 -15.87 22.80 -45.20
N VAL B 100 -16.35 21.56 -45.31
CA VAL B 100 -15.52 20.37 -45.10
C VAL B 100 -15.60 19.51 -46.36
N GLY B 101 -14.47 19.30 -47.00
CA GLY B 101 -14.38 18.29 -48.04
C GLY B 101 -14.96 18.67 -49.39
N LYS B 102 -15.49 19.88 -49.54
CA LYS B 102 -16.05 20.28 -50.82
C LYS B 102 -15.52 21.65 -51.23
N LYS B 103 -15.33 21.82 -52.53
CA LYS B 103 -15.02 23.10 -53.15
C LYS B 103 -16.18 23.52 -54.04
N SER B 104 -16.12 24.76 -54.51
CA SER B 104 -17.12 25.27 -55.43
C SER B 104 -16.77 25.00 -56.89
N SER B 105 -15.57 24.48 -57.16
CA SER B 105 -15.15 24.26 -58.55
C SER B 105 -15.99 23.17 -59.23
N SER B 106 -16.28 22.09 -58.51
CA SER B 106 -16.98 20.95 -59.10
C SER B 106 -18.09 20.50 -58.16
N SER B 107 -19.10 19.85 -58.75
CA SER B 107 -20.22 19.34 -57.97
C SER B 107 -19.77 18.26 -56.99
N THR B 108 -18.80 17.44 -57.37
CA THR B 108 -18.33 16.38 -56.49
C THR B 108 -17.48 16.94 -55.37
N LYS B 109 -17.30 16.12 -54.33
CA LYS B 109 -16.37 16.43 -53.26
C LYS B 109 -14.95 16.08 -53.69
N ASP B 110 -13.97 16.51 -52.92
CA ASP B 110 -12.59 16.14 -53.22
C ASP B 110 -12.38 14.65 -53.01
N TYR B 111 -11.36 14.11 -53.67
CA TYR B 111 -10.96 12.73 -53.42
C TYR B 111 -10.41 12.62 -52.01
N LEU B 112 -11.02 11.77 -51.20
CA LEU B 112 -10.47 11.38 -49.91
C LEU B 112 -9.86 9.99 -50.04
N THR B 113 -8.63 9.84 -49.57
CA THR B 113 -8.04 8.52 -49.48
C THR B 113 -8.95 7.66 -48.59
N PRO B 114 -9.43 6.52 -49.08
CA PRO B 114 -10.50 5.83 -48.37
C PRO B 114 -10.04 5.39 -46.99
N PRO B 115 -10.97 5.20 -46.06
CA PRO B 115 -10.58 4.90 -44.67
C PRO B 115 -9.76 3.64 -44.53
N HIS B 116 -10.01 2.61 -45.35
CA HIS B 116 -9.17 1.42 -45.25
C HIS B 116 -7.75 1.68 -45.73
N GLU B 117 -7.59 2.50 -46.76
CA GLU B 117 -6.26 2.88 -47.19
C GLU B 117 -5.56 3.73 -46.12
N CYS B 118 -6.33 4.57 -45.43
CA CYS B 118 -5.76 5.33 -44.31
C CYS B 118 -5.32 4.40 -43.19
N ARG B 119 -6.10 3.35 -42.93
CA ARG B 119 -5.70 2.36 -41.95
C ARG B 119 -4.43 1.64 -42.37
N LEU B 120 -4.33 1.28 -43.65
CA LEU B 120 -3.17 0.53 -44.13
C LEU B 120 -1.91 1.37 -44.09
N ARG B 121 -1.99 2.63 -44.51
CA ARG B 121 -0.82 3.48 -44.64
C ARG B 121 -0.55 4.31 -43.39
N ASP B 122 -1.24 4.05 -42.29
CA ASP B 122 -0.99 4.71 -41.00
C ASP B 122 -1.15 6.23 -41.10
N MET B 123 -2.14 6.69 -41.84
CA MET B 123 -2.44 8.11 -41.95
C MET B 123 -3.81 8.39 -41.34
N THR B 124 -4.25 9.63 -41.47
CA THR B 124 -5.49 10.09 -40.85
C THR B 124 -6.58 10.21 -41.90
N TYR B 125 -7.73 9.59 -41.63
CA TYR B 125 -8.89 9.76 -42.48
C TYR B 125 -9.49 11.14 -42.25
N SER B 126 -9.13 12.10 -43.10
CA SER B 126 -9.50 13.49 -42.88
C SER B 126 -9.92 14.14 -44.19
N ALA B 127 -10.79 15.13 -44.08
CA ALA B 127 -11.23 15.97 -45.18
C ALA B 127 -10.76 17.40 -44.96
N PRO B 128 -10.42 18.13 -46.03
CA PRO B 128 -9.92 19.49 -45.85
C PRO B 128 -11.01 20.45 -45.42
N ILE B 129 -10.62 21.41 -44.58
CA ILE B 129 -11.51 22.51 -44.21
C ILE B 129 -11.25 23.67 -45.16
N TYR B 130 -12.28 24.04 -45.93
CA TYR B 130 -12.20 25.14 -46.87
C TYR B 130 -12.96 26.34 -46.32
N VAL B 131 -12.34 27.52 -46.44
CA VAL B 131 -12.96 28.76 -45.99
C VAL B 131 -12.92 29.76 -47.13
N ASP B 132 -13.73 30.81 -47.00
CA ASP B 132 -13.72 31.92 -47.94
C ASP B 132 -13.19 33.15 -47.21
N ILE B 133 -12.16 33.76 -47.79
CA ILE B 133 -11.38 34.80 -47.12
C ILE B 133 -11.61 36.13 -47.83
N GLU B 134 -11.91 37.17 -47.06
CA GLU B 134 -12.00 38.53 -47.55
C GLU B 134 -10.84 39.32 -46.94
N TYR B 135 -9.72 39.35 -47.65
CA TYR B 135 -8.54 40.11 -47.24
C TYR B 135 -8.33 41.26 -48.21
N THR B 136 -8.19 42.47 -47.66
CA THR B 136 -8.20 43.67 -48.48
C THR B 136 -6.89 43.84 -49.24
N ARG B 137 -7.02 44.18 -50.53
CA ARG B 137 -5.90 44.55 -51.37
C ARG B 137 -5.63 46.04 -51.22
N GLY B 138 -4.35 46.42 -51.39
CA GLY B 138 -3.95 47.80 -51.20
C GLY B 138 -4.59 48.78 -52.17
N ARG B 139 -5.08 48.29 -53.31
CA ARG B 139 -5.68 49.13 -54.33
C ARG B 139 -7.20 49.01 -54.36
N ASN B 140 -7.82 48.81 -53.20
CA ASN B 140 -9.27 48.72 -53.05
C ASN B 140 -9.86 47.65 -53.98
N ILE B 141 -9.42 46.41 -53.75
CA ILE B 141 -9.89 45.26 -54.51
C ILE B 141 -10.49 44.26 -53.52
N ILE B 142 -11.67 43.74 -53.87
CA ILE B 142 -12.41 42.80 -53.03
C ILE B 142 -12.58 41.51 -53.80
N MET B 143 -12.24 40.39 -53.17
CA MET B 143 -12.32 39.09 -53.84
C MET B 143 -12.70 38.02 -52.83
N HIS B 144 -13.08 36.86 -53.35
CA HIS B 144 -13.30 35.67 -52.56
C HIS B 144 -12.16 34.68 -52.81
N LYS B 145 -12.15 33.58 -52.08
CA LYS B 145 -11.14 32.53 -52.27
C LYS B 145 -11.66 31.24 -51.66
N ASP B 146 -11.01 30.14 -51.99
CA ASP B 146 -11.31 28.81 -51.44
C ASP B 146 -9.99 28.24 -50.93
N VAL B 147 -9.64 28.56 -49.68
CA VAL B 147 -8.33 28.28 -49.13
C VAL B 147 -8.47 27.22 -48.04
N GLU B 148 -7.65 26.19 -48.11
CA GLU B 148 -7.68 25.09 -47.17
C GLU B 148 -6.82 25.45 -45.95
N ILE B 149 -7.43 25.40 -44.77
CA ILE B 149 -6.75 25.79 -43.54
C ILE B 149 -6.44 24.58 -42.67
N GLY B 150 -6.63 23.37 -43.19
CA GLY B 150 -6.26 22.18 -42.46
C GLY B 150 -7.15 21.01 -42.86
N ARG B 151 -6.83 19.86 -42.26
CA ARG B 151 -7.54 18.61 -42.50
C ARG B 151 -8.41 18.29 -41.30
N MET B 152 -9.67 17.96 -41.56
CA MET B 152 -10.64 17.65 -40.51
C MET B 152 -10.79 16.14 -40.39
N PRO B 153 -10.33 15.51 -39.29
CA PRO B 153 -10.55 14.07 -39.12
C PRO B 153 -12.03 13.73 -39.19
N ILE B 154 -12.41 12.97 -40.20
CA ILE B 154 -13.81 12.71 -40.51
C ILE B 154 -14.21 11.39 -39.86
N MET B 155 -15.33 11.41 -39.14
CA MET B 155 -15.83 10.19 -38.52
C MET B 155 -16.37 9.24 -39.58
N LEU B 156 -16.23 7.94 -39.31
CA LEU B 156 -16.63 6.94 -40.28
C LEU B 156 -18.14 6.92 -40.46
N ARG B 157 -18.59 6.86 -41.72
CA ARG B 157 -20.00 6.76 -42.07
C ARG B 157 -20.80 7.99 -41.67
N SER B 158 -20.14 9.16 -41.65
CA SER B 158 -20.83 10.42 -41.45
C SER B 158 -21.19 10.99 -42.82
N ASN B 159 -21.67 12.24 -42.84
CA ASN B 159 -22.00 12.87 -44.12
C ASN B 159 -20.77 13.04 -45.00
N LYS B 160 -19.66 13.47 -44.43
CA LYS B 160 -18.45 13.73 -45.21
C LYS B 160 -17.65 12.46 -45.49
N CYS B 161 -17.96 11.36 -44.80
CA CYS B 161 -17.26 10.11 -45.01
C CYS B 161 -17.63 9.50 -46.35
N ILE B 162 -16.64 8.89 -47.02
CA ILE B 162 -16.85 8.34 -48.34
C ILE B 162 -17.73 7.09 -48.31
N LEU B 163 -17.92 6.47 -47.14
CA LEU B 163 -18.75 5.28 -47.06
C LEU B 163 -20.20 5.58 -46.81
N TYR B 164 -20.59 6.85 -46.78
CA TYR B 164 -21.99 7.21 -46.67
C TYR B 164 -22.78 6.60 -47.83
N ASP B 165 -23.97 6.08 -47.51
CA ASP B 165 -24.92 5.50 -48.46
C ASP B 165 -24.23 4.65 -49.54
N ALA B 166 -23.39 3.72 -49.11
CA ALA B 166 -22.76 2.76 -50.01
C ALA B 166 -23.53 1.45 -49.99
N ASP B 167 -23.49 0.72 -51.11
CA ASP B 167 -24.39 -0.39 -51.38
C ASP B 167 -23.71 -1.75 -51.28
N GLU B 168 -22.64 -1.85 -50.49
CA GLU B 168 -21.84 -3.06 -50.26
C GLU B 168 -21.00 -3.39 -51.49
N SER B 169 -21.32 -2.78 -52.63
CA SER B 169 -20.51 -2.95 -53.83
C SER B 169 -19.40 -1.91 -53.86
N LYS B 170 -19.74 -0.65 -53.57
CA LYS B 170 -18.70 0.33 -53.34
C LYS B 170 -17.94 0.02 -52.06
N MET B 171 -18.59 -0.62 -51.09
CA MET B 171 -17.87 -1.06 -49.90
C MET B 171 -16.88 -2.17 -50.24
N ALA B 172 -17.27 -3.10 -51.13
CA ALA B 172 -16.30 -4.08 -51.61
C ALA B 172 -15.14 -3.40 -52.34
N LYS B 173 -15.45 -2.41 -53.18
CA LYS B 173 -14.39 -1.72 -53.92
C LYS B 173 -13.48 -0.93 -52.99
N LEU B 174 -14.03 -0.40 -51.90
CA LEU B 174 -13.27 0.36 -50.92
C LEU B 174 -12.68 -0.50 -49.81
N ASN B 175 -12.88 -1.81 -49.88
CA ASN B 175 -12.32 -2.75 -48.90
C ASN B 175 -12.81 -2.45 -47.49
N GLU B 176 -14.09 -2.07 -47.38
CA GLU B 176 -14.71 -1.76 -46.11
C GLU B 176 -15.82 -2.75 -45.82
N CYS B 177 -16.01 -3.07 -44.54
CA CYS B 177 -17.05 -4.01 -44.16
C CYS B 177 -18.40 -3.31 -44.11
N PRO B 178 -19.42 -3.82 -44.80
CA PRO B 178 -20.76 -3.23 -44.68
C PRO B 178 -21.34 -3.31 -43.28
N LEU B 179 -20.98 -4.32 -42.50
CA LEU B 179 -21.48 -4.48 -41.15
C LEU B 179 -20.66 -3.71 -40.12
N ASP B 180 -19.62 -3.02 -40.56
CA ASP B 180 -18.78 -2.28 -39.63
C ASP B 180 -19.57 -1.11 -39.04
N PRO B 181 -19.46 -0.87 -37.73
CA PRO B 181 -20.32 0.14 -37.09
C PRO B 181 -20.15 1.54 -37.61
N GLY B 182 -18.93 1.96 -37.94
CA GLY B 182 -18.72 3.36 -38.20
C GLY B 182 -18.74 4.13 -36.89
N GLY B 183 -18.63 5.45 -37.01
CA GLY B 183 -18.69 6.30 -35.84
C GLY B 183 -17.40 6.42 -35.06
N TYR B 184 -16.26 6.10 -35.65
CA TYR B 184 -14.96 6.29 -35.03
C TYR B 184 -14.08 7.09 -35.99
N PHE B 185 -12.85 7.32 -35.56
CA PHE B 185 -11.89 8.07 -36.37
C PHE B 185 -10.64 7.23 -36.60
N ILE B 186 -10.08 7.37 -37.80
CA ILE B 186 -8.79 6.79 -38.14
C ILE B 186 -7.79 7.94 -38.17
N VAL B 187 -6.96 8.04 -37.13
CA VAL B 187 -5.88 9.02 -37.06
C VAL B 187 -4.57 8.24 -36.93
N ASN B 188 -3.68 8.45 -37.89
CA ASN B 188 -2.42 7.70 -37.98
C ASN B 188 -2.69 6.20 -38.03
N GLY B 189 -3.77 5.81 -38.71
CA GLY B 189 -4.04 4.42 -38.99
C GLY B 189 -4.68 3.63 -37.87
N THR B 190 -4.96 4.23 -36.72
CA THR B 190 -5.58 3.53 -35.61
C THR B 190 -7.00 4.03 -35.43
N GLU B 191 -7.92 3.09 -35.17
CA GLU B 191 -9.33 3.40 -35.02
C GLU B 191 -9.57 3.94 -33.61
N LYS B 192 -9.95 5.21 -33.53
CA LYS B 192 -10.18 5.88 -32.25
C LYS B 192 -11.64 6.28 -32.14
N VAL B 193 -12.24 6.02 -30.98
CA VAL B 193 -13.63 6.35 -30.71
C VAL B 193 -13.68 7.33 -29.55
N ILE B 194 -14.44 8.41 -29.72
CA ILE B 194 -14.67 9.37 -28.64
C ILE B 194 -15.86 8.83 -27.84
N LEU B 195 -15.58 8.24 -26.68
CA LEU B 195 -16.63 7.64 -25.88
C LEU B 195 -17.62 8.69 -25.39
N VAL B 196 -18.90 8.30 -25.35
CA VAL B 196 -19.93 9.16 -24.80
C VAL B 196 -19.62 9.45 -23.33
N GLN B 197 -19.71 10.72 -22.96
CA GLN B 197 -19.27 11.17 -21.64
C GLN B 197 -20.48 11.44 -20.75
N GLU B 198 -20.50 10.79 -19.59
CA GLU B 198 -21.47 11.11 -18.54
C GLU B 198 -20.99 12.28 -17.69
N GLN B 199 -21.92 13.14 -17.32
CA GLN B 199 -21.62 14.25 -16.43
C GLN B 199 -22.93 14.82 -15.90
N LEU B 200 -22.84 15.44 -14.73
CA LEU B 200 -24.00 16.09 -14.14
C LEU B 200 -24.47 17.23 -15.03
N SER B 201 -25.78 17.43 -15.07
CA SER B 201 -26.36 18.45 -15.95
C SER B 201 -25.92 19.84 -15.52
N LYS B 202 -25.44 20.63 -16.47
CA LYS B 202 -25.07 22.01 -16.23
C LYS B 202 -26.30 22.90 -16.21
N ASN B 203 -26.12 24.11 -15.69
CA ASN B 203 -27.17 25.12 -15.66
C ASN B 203 -28.38 24.67 -14.87
N ARG B 204 -28.19 23.74 -13.94
CA ARG B 204 -29.29 23.16 -13.18
C ARG B 204 -28.92 23.08 -11.70
N ILE B 205 -29.90 23.36 -10.85
CA ILE B 205 -29.67 23.39 -9.41
C ILE B 205 -29.67 21.97 -8.88
N ILE B 206 -28.64 21.65 -8.09
CA ILE B 206 -28.54 20.36 -7.41
C ILE B 206 -28.39 20.66 -5.92
N VAL B 207 -29.20 20.01 -5.09
CA VAL B 207 -29.16 20.23 -3.65
C VAL B 207 -28.78 18.93 -2.94
N GLU B 208 -27.78 19.00 -2.08
CA GLU B 208 -27.29 17.84 -1.35
C GLU B 208 -27.09 18.22 0.12
N ALA B 209 -27.38 17.28 1.01
CA ALA B 209 -27.16 17.46 2.43
C ALA B 209 -25.84 16.82 2.83
N ASP B 210 -25.57 16.77 4.13
CA ASP B 210 -24.38 16.13 4.67
C ASP B 210 -24.55 16.04 6.18
N GLU B 211 -23.76 15.16 6.79
CA GLU B 211 -23.82 14.91 8.23
C GLU B 211 -22.63 15.57 8.92
N LYS B 212 -22.92 16.37 9.95
CA LYS B 212 -21.94 17.08 10.77
C LYS B 212 -21.23 18.20 10.03
N LYS B 213 -21.68 18.56 8.83
CA LYS B 213 -20.99 19.62 8.11
C LYS B 213 -21.90 20.72 7.61
N GLY B 214 -23.15 20.40 7.30
CA GLY B 214 -24.08 21.37 6.74
C GLY B 214 -24.48 21.01 5.33
N ILE B 215 -25.33 21.86 4.75
CA ILE B 215 -25.93 21.62 3.45
C ILE B 215 -25.31 22.58 2.44
N VAL B 216 -24.76 22.01 1.36
CA VAL B 216 -24.21 22.76 0.24
C VAL B 216 -24.97 22.37 -1.00
N GLN B 217 -25.29 23.33 -1.85
CA GLN B 217 -25.99 23.01 -3.08
C GLN B 217 -25.55 23.97 -4.19
N ALA B 218 -25.06 23.40 -5.28
CA ALA B 218 -24.38 24.17 -6.31
C ALA B 218 -25.26 24.30 -7.55
N SER B 219 -24.81 25.16 -8.46
CA SER B 219 -25.39 25.30 -9.79
C SER B 219 -24.23 25.52 -10.74
N VAL B 220 -23.71 24.42 -11.29
CA VAL B 220 -22.57 24.50 -12.19
C VAL B 220 -23.05 25.11 -13.50
N THR B 221 -22.71 26.37 -13.72
CA THR B 221 -23.17 27.11 -14.89
C THR B 221 -22.04 27.26 -15.89
N SER B 222 -22.30 26.87 -17.13
CA SER B 222 -21.31 26.90 -18.19
C SER B 222 -21.79 27.85 -19.28
N SER B 223 -20.94 28.80 -19.64
CA SER B 223 -21.20 29.69 -20.77
C SER B 223 -20.41 29.19 -21.97
N THR B 224 -20.56 29.87 -23.11
CA THR B 224 -19.81 29.48 -24.30
C THR B 224 -18.32 29.81 -24.18
N HIS B 225 -17.93 30.61 -23.18
CA HIS B 225 -16.54 30.97 -22.98
C HIS B 225 -16.07 30.91 -21.53
N GLU B 226 -16.96 30.78 -20.56
CA GLU B 226 -16.58 30.76 -19.16
C GLU B 226 -17.49 29.81 -18.37
N ARG B 227 -16.88 28.80 -17.76
CA ARG B 227 -17.56 27.86 -16.89
C ARG B 227 -17.21 28.16 -15.44
N LYS B 228 -18.20 28.05 -14.55
CA LYS B 228 -17.98 28.25 -13.13
C LYS B 228 -19.13 27.63 -12.35
N SER B 229 -18.90 27.42 -11.06
CA SER B 229 -19.96 26.80 -10.20
C SER B 229 -20.29 27.74 -9.04
N LYS B 230 -21.53 28.21 -8.97
CA LYS B 230 -21.96 29.10 -7.85
C LYS B 230 -22.24 28.23 -6.62
N THR B 231 -21.20 27.92 -5.84
CA THR B 231 -21.37 27.05 -4.65
C THR B 231 -22.30 27.76 -3.66
N TYR B 232 -22.92 27.00 -2.76
CA TYR B 232 -23.92 27.61 -1.85
C TYR B 232 -24.05 26.75 -0.60
N VAL B 233 -23.49 27.18 0.53
CA VAL B 233 -23.47 26.30 1.74
C VAL B 233 -23.99 27.03 2.98
N ILE B 234 -24.32 26.29 4.05
CA ILE B 234 -24.73 26.91 5.34
C ILE B 234 -23.54 26.80 6.29
N THR B 235 -22.86 27.92 6.55
CA THR B 235 -21.66 27.90 7.40
C THR B 235 -21.98 27.48 8.83
N LYS B 236 -22.90 28.17 9.48
CA LYS B 236 -23.24 27.86 10.87
C LYS B 236 -24.55 28.54 11.22
N ASN B 237 -25.08 28.19 12.39
CA ASN B 237 -26.22 28.90 13.00
C ASN B 237 -27.40 29.00 12.04
N GLY B 238 -27.51 28.05 11.12
CA GLY B 238 -28.52 28.15 10.07
C GLY B 238 -28.39 29.39 9.23
N LYS B 239 -27.17 29.87 9.01
CA LYS B 239 -26.93 31.05 8.20
C LYS B 239 -26.60 30.64 6.78
N ILE B 240 -27.21 31.31 5.81
CA ILE B 240 -27.17 30.91 4.41
C ILE B 240 -26.22 31.83 3.66
N TYR B 241 -25.31 31.26 2.88
CA TYR B 241 -24.24 32.00 2.24
C TYR B 241 -24.13 31.60 0.76
N LEU B 242 -23.63 32.54 -0.04
CA LEU B 242 -23.32 32.30 -1.44
C LEU B 242 -21.81 32.31 -1.62
N LYS B 243 -21.27 31.21 -2.13
CA LYS B 243 -19.82 30.98 -2.17
C LYS B 243 -19.37 30.82 -3.62
N HIS B 244 -18.89 31.90 -4.22
CA HIS B 244 -18.33 31.87 -5.56
C HIS B 244 -16.82 31.86 -5.50
N ASN B 245 -16.21 31.23 -6.53
CA ASN B 245 -14.75 31.19 -6.60
C ASN B 245 -14.15 32.58 -6.72
N SER B 246 -14.75 33.44 -7.54
CA SER B 246 -14.21 34.77 -7.75
C SER B 246 -14.43 35.67 -6.54
N ILE B 247 -15.38 35.31 -5.68
CA ILE B 247 -15.65 36.10 -4.48
C ILE B 247 -14.72 35.66 -3.36
N ALA B 248 -14.13 36.64 -2.67
CA ALA B 248 -13.17 36.35 -1.61
C ALA B 248 -13.80 35.49 -0.51
N GLU B 249 -14.82 36.03 0.16
CA GLU B 249 -15.51 35.32 1.21
C GLU B 249 -16.98 35.15 0.84
N GLU B 250 -17.57 34.05 1.29
CA GLU B 250 -18.95 33.75 0.96
C GLU B 250 -19.87 34.87 1.42
N ILE B 251 -20.50 35.54 0.45
CA ILE B 251 -21.41 36.65 0.72
C ILE B 251 -22.69 36.09 1.34
N PRO B 252 -23.18 36.67 2.43
CA PRO B 252 -24.43 36.19 3.02
C PRO B 252 -25.60 36.39 2.08
N ILE B 253 -26.61 35.53 2.22
CA ILE B 253 -27.65 35.42 1.20
C ILE B 253 -28.54 36.66 1.14
N ALA B 254 -28.84 37.28 2.29
CA ALA B 254 -29.66 38.49 2.24
C ALA B 254 -28.96 39.60 1.48
N ILE B 255 -27.62 39.64 1.54
CA ILE B 255 -26.86 40.68 0.85
C ILE B 255 -27.02 40.55 -0.65
N VAL B 256 -26.83 39.34 -1.18
CA VAL B 256 -26.95 39.14 -2.63
C VAL B 256 -28.39 39.30 -3.07
N LEU B 257 -29.35 38.85 -2.25
CA LEU B 257 -30.75 39.02 -2.60
C LEU B 257 -31.13 40.50 -2.68
N LYS B 258 -30.63 41.31 -1.75
CA LYS B 258 -30.88 42.75 -1.81
C LYS B 258 -30.16 43.37 -2.98
N ALA B 259 -28.96 42.89 -3.31
CA ALA B 259 -28.23 43.39 -4.45
C ALA B 259 -28.97 43.15 -5.76
N CYS B 260 -29.59 41.98 -5.94
CA CYS B 260 -30.30 41.66 -7.17
C CYS B 260 -31.70 42.26 -7.21
N GLY B 261 -31.84 43.54 -6.87
CA GLY B 261 -33.09 44.25 -6.99
C GLY B 261 -34.15 43.93 -5.96
N ILE B 262 -34.07 42.78 -5.30
CA ILE B 262 -35.08 42.38 -4.31
C ILE B 262 -34.58 42.90 -2.97
N LEU B 263 -34.90 44.17 -2.69
CA LEU B 263 -34.31 44.89 -1.57
C LEU B 263 -35.33 45.25 -0.49
N SER B 264 -36.47 44.58 -0.44
CA SER B 264 -37.52 44.99 0.48
C SER B 264 -37.45 44.27 1.82
N ASP B 265 -36.77 43.11 1.85
CA ASP B 265 -36.50 42.36 3.08
C ASP B 265 -37.74 41.75 3.72
N LEU B 266 -38.91 41.99 3.12
CA LEU B 266 -40.08 41.14 3.36
C LEU B 266 -40.39 40.25 2.18
N GLU B 267 -40.35 40.81 0.98
CA GLU B 267 -40.47 39.99 -0.23
C GLU B 267 -39.31 39.01 -0.35
N ILE B 268 -38.15 39.33 0.24
CA ILE B 268 -37.08 38.35 0.35
C ILE B 268 -37.58 37.11 1.08
N MET B 269 -38.09 37.30 2.30
CA MET B 269 -38.63 36.20 3.07
C MET B 269 -39.86 35.61 2.41
N GLN B 270 -40.64 36.42 1.70
CA GLN B 270 -41.78 35.89 0.97
C GLN B 270 -41.35 34.97 -0.16
N LEU B 271 -40.36 35.40 -0.96
CA LEU B 271 -39.88 34.56 -2.06
C LEU B 271 -39.24 33.28 -1.56
N VAL B 272 -38.37 33.38 -0.55
CA VAL B 272 -37.61 32.22 -0.09
C VAL B 272 -38.38 31.37 0.91
N CYS B 273 -39.54 31.83 1.37
CA CYS B 273 -40.23 31.18 2.48
C CYS B 273 -41.70 30.91 2.22
N GLY B 274 -42.37 31.71 1.40
CA GLY B 274 -43.79 31.51 1.18
C GLY B 274 -44.59 31.78 2.44
N ASN B 275 -45.59 30.93 2.66
CA ASN B 275 -46.49 31.07 3.80
C ASN B 275 -46.25 29.99 4.85
N ASP B 276 -45.28 29.12 4.63
CA ASP B 276 -44.96 28.05 5.56
C ASP B 276 -44.28 28.64 6.79
N SER B 277 -44.74 28.24 7.98
CA SER B 277 -44.26 28.86 9.22
C SER B 277 -42.84 28.43 9.56
N SER B 278 -42.51 27.15 9.34
CA SER B 278 -41.20 26.64 9.76
C SER B 278 -40.07 27.35 9.03
N TYR B 279 -40.20 27.51 7.71
CA TYR B 279 -39.13 28.12 6.93
C TYR B 279 -38.85 29.54 7.39
N GLN B 280 -39.86 30.25 7.90
CA GLN B 280 -39.65 31.62 8.36
C GLN B 280 -38.59 31.68 9.45
N ASP B 281 -38.73 30.86 10.48
CA ASP B 281 -37.75 30.87 11.56
C ASP B 281 -36.46 30.19 11.13
N ILE B 282 -36.54 29.25 10.19
CA ILE B 282 -35.33 28.67 9.64
C ILE B 282 -34.49 29.74 8.93
N PHE B 283 -35.14 30.73 8.35
CA PHE B 283 -34.49 31.72 7.50
C PHE B 283 -34.19 33.05 8.20
N ALA B 284 -34.83 33.32 9.34
CA ALA B 284 -34.79 34.66 9.94
C ALA B 284 -33.39 35.12 10.34
N VAL B 285 -32.45 34.19 10.57
CA VAL B 285 -31.13 34.58 11.07
C VAL B 285 -30.40 35.45 10.06
N ASN B 286 -30.38 35.00 8.80
CA ASN B 286 -29.73 35.78 7.75
C ASN B 286 -30.56 36.97 7.29
N LEU B 287 -31.83 37.04 7.68
CA LEU B 287 -32.56 38.31 7.58
C LEU B 287 -32.03 39.31 8.59
N GLU B 288 -31.82 38.84 9.83
CA GLU B 288 -31.28 39.70 10.88
C GLU B 288 -29.88 40.20 10.54
N GLU B 289 -29.04 39.32 10.00
CA GLU B 289 -27.68 39.72 9.64
C GLU B 289 -27.68 40.89 8.65
N SER B 290 -28.70 41.01 7.80
CA SER B 290 -28.69 42.04 6.78
C SER B 290 -28.65 43.43 7.40
N SER B 291 -29.37 43.61 8.51
CA SER B 291 -29.27 44.85 9.28
C SER B 291 -28.14 44.82 10.29
N LYS B 292 -27.65 43.63 10.67
CA LYS B 292 -26.56 43.53 11.63
C LYS B 292 -25.33 44.32 11.18
N LEU B 293 -25.00 44.26 9.89
CA LEU B 293 -23.82 44.94 9.40
C LEU B 293 -24.07 46.43 9.24
N ASP B 294 -25.00 46.78 8.37
CA ASP B 294 -25.52 48.14 8.20
C ASP B 294 -26.72 48.06 7.28
N ILE B 295 -27.73 48.88 7.58
CA ILE B 295 -28.95 48.82 6.77
C ILE B 295 -28.63 49.15 5.32
N TYR B 296 -29.34 48.48 4.41
CA TYR B 296 -28.89 48.35 3.04
C TYR B 296 -29.89 48.90 2.05
N THR B 297 -29.37 49.63 1.07
CA THR B 297 -30.04 49.85 -0.20
C THR B 297 -29.55 48.79 -1.18
N GLN B 298 -30.04 48.84 -2.41
CA GLN B 298 -29.53 47.92 -3.42
C GLN B 298 -28.05 48.19 -3.69
N GLN B 299 -27.67 49.46 -3.85
CA GLN B 299 -26.30 49.78 -4.25
C GLN B 299 -25.32 49.55 -3.11
N GLN B 300 -25.78 49.63 -1.86
CA GLN B 300 -24.89 49.30 -0.75
C GLN B 300 -24.49 47.84 -0.79
N ALA B 301 -25.47 46.95 -1.03
CA ALA B 301 -25.17 45.53 -1.24
C ALA B 301 -24.32 45.32 -2.48
N LEU B 302 -24.57 46.08 -3.55
CA LEU B 302 -23.76 45.92 -4.75
C LEU B 302 -22.30 46.28 -4.47
N GLU B 303 -22.06 47.37 -3.75
CA GLU B 303 -20.70 47.72 -3.37
C GLU B 303 -20.07 46.64 -2.49
N TYR B 304 -20.85 46.10 -1.56
CA TYR B 304 -20.36 45.03 -0.70
C TYR B 304 -19.89 43.84 -1.54
N ILE B 305 -20.68 43.46 -2.54
CA ILE B 305 -20.30 42.37 -3.43
C ILE B 305 -19.04 42.73 -4.21
N GLY B 306 -19.00 43.94 -4.77
CA GLY B 306 -17.88 44.36 -5.59
C GLY B 306 -16.57 44.45 -4.85
N ALA B 307 -16.61 44.71 -3.54
CA ALA B 307 -15.37 44.80 -2.76
C ALA B 307 -14.63 43.47 -2.72
N LYS B 308 -15.32 42.35 -2.98
CA LYS B 308 -14.75 41.02 -2.81
C LYS B 308 -14.24 40.40 -4.11
N VAL B 309 -14.51 41.02 -5.26
CA VAL B 309 -14.02 40.47 -6.52
C VAL B 309 -12.49 40.42 -6.50
N LYS B 310 -11.94 39.30 -6.97
CA LYS B 310 -10.51 39.03 -6.76
C LYS B 310 -9.63 39.85 -7.69
N THR B 311 -9.70 39.58 -9.00
CA THR B 311 -8.79 40.19 -9.96
C THR B 311 -9.25 39.85 -11.38
N MET B 312 -8.68 40.55 -12.35
CA MET B 312 -8.91 40.30 -13.76
C MET B 312 -7.61 40.41 -14.55
N ARG B 313 -6.52 39.92 -13.95
CA ARG B 313 -5.18 39.98 -14.55
C ARG B 313 -4.74 41.41 -14.85
N ARG B 314 -5.18 42.35 -14.01
CA ARG B 314 -4.73 43.75 -14.04
C ARG B 314 -4.92 44.39 -15.41
N GLN B 315 -6.10 44.20 -15.98
CA GLN B 315 -6.52 44.90 -17.18
C GLN B 315 -7.83 45.62 -16.89
N LYS B 316 -8.00 46.80 -17.49
CA LYS B 316 -9.13 47.68 -17.17
C LYS B 316 -9.16 48.01 -15.68
N LEU B 317 -8.03 48.51 -15.18
CA LEU B 317 -7.90 48.83 -13.76
C LEU B 317 -8.88 49.92 -13.34
N THR B 318 -9.26 50.79 -14.27
CA THR B 318 -10.20 51.88 -13.98
C THR B 318 -11.63 51.38 -13.71
N ILE B 319 -11.86 50.07 -13.64
CA ILE B 319 -13.18 49.54 -13.32
C ILE B 319 -13.32 49.22 -11.83
N LEU B 320 -12.29 49.44 -11.03
CA LEU B 320 -12.29 49.11 -9.61
C LEU B 320 -13.16 50.11 -8.86
N GLN B 321 -14.47 49.89 -8.93
CA GLN B 321 -15.43 50.76 -8.25
C GLN B 321 -16.64 49.92 -7.90
N GLU B 322 -17.77 50.59 -7.63
CA GLU B 322 -19.04 49.88 -7.46
C GLU B 322 -19.44 49.13 -8.72
N GLY B 323 -18.99 49.58 -9.89
CA GLY B 323 -19.36 48.94 -11.14
C GLY B 323 -18.77 47.55 -11.34
N ILE B 324 -17.72 47.21 -10.58
CA ILE B 324 -17.12 45.89 -10.74
C ILE B 324 -18.10 44.80 -10.32
N GLU B 325 -19.00 45.09 -9.38
CA GLU B 325 -20.00 44.11 -9.00
C GLU B 325 -20.93 43.80 -10.15
N ALA B 326 -21.12 44.73 -11.07
CA ALA B 326 -21.98 44.45 -12.22
C ALA B 326 -21.40 43.32 -13.05
N ILE B 327 -20.09 43.37 -13.31
CA ILE B 327 -19.44 42.25 -14.00
C ILE B 327 -19.43 41.01 -13.11
N ALA B 328 -19.32 41.19 -11.79
CA ALA B 328 -19.32 40.04 -10.88
C ALA B 328 -20.65 39.27 -10.95
N THR B 329 -21.75 40.00 -10.94
CA THR B 329 -23.09 39.40 -11.01
C THR B 329 -23.41 38.92 -12.41
N THR B 330 -22.90 39.61 -13.44
CA THR B 330 -23.02 39.12 -14.81
C THR B 330 -22.32 37.78 -15.00
N VAL B 331 -21.18 37.59 -14.34
CA VAL B 331 -20.39 36.38 -14.50
C VAL B 331 -20.48 35.55 -13.23
N ILE B 332 -21.64 35.61 -12.57
CA ILE B 332 -21.92 34.69 -11.46
C ILE B 332 -22.70 33.46 -11.91
N ALA B 333 -23.36 33.51 -13.05
CA ALA B 333 -24.19 32.40 -13.52
C ALA B 333 -24.37 32.52 -15.02
N HIS B 334 -25.25 31.68 -15.57
CA HIS B 334 -25.59 31.69 -16.99
C HIS B 334 -26.66 32.71 -17.34
N LEU B 335 -27.32 33.28 -16.34
CA LEU B 335 -28.41 34.23 -16.57
C LEU B 335 -27.83 35.62 -16.81
N THR B 336 -27.07 35.71 -17.91
CA THR B 336 -26.40 36.96 -18.27
C THR B 336 -27.41 38.09 -18.40
N VAL B 337 -27.18 39.16 -17.66
CA VAL B 337 -28.07 40.32 -17.62
C VAL B 337 -27.43 41.42 -18.46
N GLU B 338 -28.19 41.95 -19.42
CA GLU B 338 -27.72 42.99 -20.32
C GLU B 338 -28.53 44.27 -20.14
N ALA B 339 -29.21 44.38 -19.00
CA ALA B 339 -30.08 45.51 -18.73
C ALA B 339 -30.02 45.82 -17.23
N LEU B 340 -30.98 46.60 -16.75
CA LEU B 340 -30.98 47.06 -15.36
C LEU B 340 -32.03 46.34 -14.52
N ASP B 341 -32.70 45.33 -15.07
CA ASP B 341 -33.68 44.54 -14.33
C ASP B 341 -33.03 43.23 -13.86
N PHE B 342 -33.07 42.99 -12.55
CA PHE B 342 -32.39 41.84 -11.94
C PHE B 342 -33.38 40.79 -11.43
N ARG B 343 -34.63 40.85 -11.89
CA ARG B 343 -35.67 39.97 -11.36
C ARG B 343 -35.37 38.50 -11.62
N GLU B 344 -34.86 38.17 -12.81
CA GLU B 344 -34.63 36.77 -13.17
C GLU B 344 -33.58 36.14 -12.25
N LYS B 345 -32.41 36.79 -12.14
CA LYS B 345 -31.36 36.26 -11.26
C LYS B 345 -31.82 36.27 -9.81
N ALA B 346 -32.59 37.29 -9.41
CA ALA B 346 -33.08 37.35 -8.05
C ALA B 346 -33.96 36.16 -7.72
N LEU B 347 -34.89 35.83 -8.61
CA LEU B 347 -35.77 34.68 -8.38
C LEU B 347 -35.00 33.37 -8.46
N TYR B 348 -34.00 33.29 -9.34
CA TYR B 348 -33.18 32.08 -9.39
C TYR B 348 -32.46 31.85 -8.06
N ILE B 349 -31.87 32.90 -7.51
CA ILE B 349 -31.17 32.75 -6.24
C ILE B 349 -32.16 32.51 -5.11
N ALA B 350 -33.36 33.08 -5.21
CA ALA B 350 -34.38 32.83 -4.20
C ALA B 350 -34.82 31.36 -4.20
N MET B 351 -34.99 30.77 -5.37
CA MET B 351 -35.25 29.33 -5.44
C MET B 351 -34.10 28.50 -4.91
N MET B 352 -32.86 28.88 -5.24
CA MET B 352 -31.69 28.24 -4.67
C MET B 352 -31.79 28.22 -3.14
N THR B 353 -32.09 29.38 -2.56
CA THR B 353 -32.22 29.52 -1.12
C THR B 353 -33.37 28.68 -0.57
N ARG B 354 -34.50 28.68 -1.27
CA ARG B 354 -35.68 27.98 -0.76
C ARG B 354 -35.46 26.47 -0.78
N ARG B 355 -34.77 25.96 -1.80
CA ARG B 355 -34.38 24.56 -1.79
C ARG B 355 -33.46 24.26 -0.61
N VAL B 356 -32.52 25.17 -0.34
CA VAL B 356 -31.66 25.02 0.83
C VAL B 356 -32.49 24.94 2.10
N VAL B 357 -33.46 25.84 2.24
CA VAL B 357 -34.27 25.92 3.45
C VAL B 357 -35.12 24.66 3.61
N MET B 358 -35.67 24.16 2.50
CA MET B 358 -36.39 22.89 2.53
C MET B 358 -35.50 21.77 3.04
N ALA B 359 -34.26 21.69 2.52
CA ALA B 359 -33.34 20.65 2.96
C ALA B 359 -33.01 20.78 4.44
N MET B 360 -32.81 22.01 4.93
CA MET B 360 -32.49 22.17 6.35
C MET B 360 -33.69 21.83 7.23
N TYR B 361 -34.89 22.18 6.78
CA TYR B 361 -36.09 21.76 7.51
C TYR B 361 -36.13 20.25 7.64
N ASN B 362 -35.96 19.54 6.52
CA ASN B 362 -35.86 18.09 6.59
C ASN B 362 -35.01 17.60 5.44
N PRO B 363 -34.16 16.61 5.67
CA PRO B 363 -33.49 15.94 4.55
C PRO B 363 -34.48 15.16 3.71
N LYS B 364 -34.00 14.35 2.78
CA LYS B 364 -34.79 13.67 1.74
C LYS B 364 -35.48 14.65 0.80
N MET B 365 -35.25 15.96 0.96
CA MET B 365 -35.58 16.94 -0.05
C MET B 365 -34.42 17.17 -1.01
N ILE B 366 -33.34 16.41 -0.88
CA ILE B 366 -32.17 16.51 -1.73
C ILE B 366 -32.42 15.75 -3.01
N ASP B 367 -31.58 15.96 -4.03
CA ASP B 367 -31.64 15.18 -5.26
C ASP B 367 -30.54 14.13 -5.23
N ASP B 368 -30.85 12.96 -5.77
CA ASP B 368 -29.83 11.94 -5.99
C ASP B 368 -28.89 12.41 -7.10
N ARG B 369 -27.60 12.52 -6.77
CA ARG B 369 -26.62 12.88 -7.79
C ARG B 369 -26.42 11.75 -8.80
N ASP B 370 -26.95 10.56 -8.53
CA ASP B 370 -26.87 9.43 -9.42
C ASP B 370 -28.19 9.15 -10.13
N TYR B 371 -29.22 9.96 -9.89
CA TYR B 371 -30.43 9.90 -10.67
C TYR B 371 -30.11 10.16 -12.15
N VAL B 372 -30.68 9.35 -13.03
CA VAL B 372 -30.34 9.44 -14.45
C VAL B 372 -30.89 10.72 -15.05
N GLY B 373 -31.95 11.27 -14.48
CA GLY B 373 -32.49 12.53 -14.97
C GLY B 373 -31.57 13.71 -14.73
N ASN B 374 -30.60 13.58 -13.83
CA ASN B 374 -29.70 14.67 -13.49
C ASN B 374 -28.37 14.61 -14.22
N LYS B 375 -28.22 13.71 -15.19
CA LYS B 375 -26.99 13.58 -15.94
C LYS B 375 -27.23 13.93 -17.40
N ARG B 376 -26.13 14.25 -18.09
CA ARG B 376 -26.14 14.56 -19.51
C ARG B 376 -25.00 13.81 -20.19
N LEU B 377 -25.16 13.58 -21.49
CA LEU B 377 -24.19 12.85 -22.30
C LEU B 377 -23.59 13.79 -23.34
N GLU B 378 -22.35 14.20 -23.12
CA GLU B 378 -21.58 14.88 -24.16
C GLU B 378 -21.19 13.87 -25.21
N LEU B 379 -21.14 14.31 -26.46
CA LEU B 379 -20.89 13.41 -27.57
C LEU B 379 -19.70 13.89 -28.39
N ALA B 380 -19.30 13.05 -29.34
CA ALA B 380 -18.11 13.31 -30.14
C ALA B 380 -18.20 14.64 -30.86
N GLY B 381 -19.37 14.96 -31.42
CA GLY B 381 -19.51 16.22 -32.13
C GLY B 381 -19.32 17.43 -31.24
N GLN B 382 -19.88 17.39 -30.02
CA GLN B 382 -19.71 18.50 -29.09
C GLN B 382 -18.26 18.63 -28.66
N LEU B 383 -17.62 17.50 -28.35
CA LEU B 383 -16.21 17.51 -27.98
C LEU B 383 -15.36 18.13 -29.09
N ILE B 384 -15.57 17.69 -30.32
CA ILE B 384 -14.77 18.22 -31.43
C ILE B 384 -15.15 19.68 -31.70
N SER B 385 -16.40 20.06 -31.45
CA SER B 385 -16.78 21.46 -31.59
C SER B 385 -15.94 22.34 -30.68
N LEU B 386 -15.88 22.01 -29.39
CA LEU B 386 -15.11 22.84 -28.47
C LEU B 386 -13.61 22.75 -28.76
N LEU B 387 -13.13 21.57 -29.14
CA LEU B 387 -11.72 21.42 -29.47
C LEU B 387 -11.32 22.24 -30.68
N PHE B 388 -12.15 22.20 -31.74
CA PHE B 388 -11.88 22.99 -32.92
C PHE B 388 -12.01 24.48 -32.64
N GLU B 389 -12.93 24.87 -31.75
CA GLU B 389 -13.05 26.27 -31.38
C GLU B 389 -11.76 26.77 -30.72
N ASP B 390 -11.22 25.97 -29.78
CA ASP B 390 -9.96 26.31 -29.15
C ASP B 390 -8.82 26.38 -30.17
N LEU B 391 -8.74 25.38 -31.05
CA LEU B 391 -7.68 25.34 -32.04
C LEU B 391 -7.78 26.52 -33.01
N PHE B 392 -9.00 26.90 -33.37
CA PHE B 392 -9.20 28.03 -34.27
C PHE B 392 -8.85 29.34 -33.59
N LYS B 393 -9.10 29.46 -32.29
CA LYS B 393 -8.64 30.66 -31.58
C LYS B 393 -7.11 30.73 -31.56
N LYS B 394 -6.45 29.61 -31.29
CA LYS B 394 -4.98 29.60 -31.38
C LYS B 394 -4.51 29.98 -32.78
N PHE B 395 -5.16 29.42 -33.80
CA PHE B 395 -4.78 29.69 -35.18
C PHE B 395 -4.95 31.17 -35.53
N ASN B 396 -6.04 31.78 -35.08
CA ASN B 396 -6.27 33.19 -35.37
C ASN B 396 -5.27 34.08 -34.63
N ASN B 397 -4.96 33.74 -33.38
CA ASN B 397 -3.96 34.50 -32.64
C ASN B 397 -2.60 34.44 -33.34
N ASP B 398 -2.20 33.25 -33.78
CA ASP B 398 -0.92 33.12 -34.45
C ASP B 398 -0.92 33.79 -35.83
N PHE B 399 -2.04 33.73 -36.55
CA PHE B 399 -2.13 34.42 -37.83
C PHE B 399 -2.01 35.92 -37.65
N LYS B 400 -2.66 36.47 -36.61
CA LYS B 400 -2.54 37.89 -36.34
C LYS B 400 -1.11 38.26 -35.93
N LEU B 401 -0.44 37.39 -35.16
CA LEU B 401 0.97 37.63 -34.84
C LEU B 401 1.82 37.71 -36.11
N SER B 402 1.64 36.75 -37.01
CA SER B 402 2.41 36.75 -38.25
C SER B 402 2.09 37.99 -39.09
N ILE B 403 0.82 38.38 -39.14
CA ILE B 403 0.42 39.56 -39.90
C ILE B 403 1.08 40.81 -39.32
N ASP B 404 1.10 40.94 -38.00
CA ASP B 404 1.77 42.08 -37.37
C ASP B 404 3.25 42.08 -37.71
N LYS B 405 3.91 40.92 -37.64
CA LYS B 405 5.33 40.86 -37.96
C LYS B 405 5.60 41.25 -39.41
N VAL B 406 4.73 40.84 -40.33
CA VAL B 406 4.92 41.20 -41.73
C VAL B 406 4.70 42.69 -41.94
N LEU B 407 3.61 43.24 -41.40
CA LEU B 407 3.22 44.61 -41.70
C LEU B 407 3.84 45.65 -40.78
N LYS B 408 4.72 45.25 -39.86
CA LYS B 408 5.46 46.23 -39.09
C LYS B 408 6.58 46.88 -39.89
N LYS B 409 6.85 46.39 -41.10
CA LYS B 409 7.92 46.94 -41.91
C LYS B 409 7.49 48.28 -42.51
N PRO B 410 8.40 49.26 -42.54
CA PRO B 410 8.02 50.60 -43.03
C PRO B 410 7.71 50.68 -44.52
N ASN B 411 8.62 50.18 -45.36
CA ASN B 411 8.55 50.40 -46.79
C ASN B 411 8.19 49.13 -47.54
N ARG B 412 7.82 49.32 -48.81
CA ARG B 412 7.47 48.24 -49.75
C ARG B 412 6.62 47.16 -49.09
N ALA B 413 5.49 47.59 -48.53
CA ALA B 413 4.52 46.68 -47.91
C ALA B 413 3.55 46.19 -48.98
N MET B 414 4.09 45.38 -49.89
CA MET B 414 3.28 44.81 -50.96
C MET B 414 2.23 43.86 -50.38
N GLU B 415 0.97 44.09 -50.76
CA GLU B 415 -0.13 43.29 -50.25
C GLU B 415 -0.31 41.99 -51.03
N TYR B 416 0.26 41.90 -52.22
CA TYR B 416 0.01 40.76 -53.10
C TYR B 416 0.46 39.46 -52.45
N ASP B 417 -0.41 38.45 -52.51
CA ASP B 417 -0.14 37.12 -51.98
C ASP B 417 0.22 37.17 -50.50
N ALA B 418 -0.66 37.81 -49.73
CA ALA B 418 -0.53 37.84 -48.28
C ALA B 418 -1.02 36.55 -47.62
N LEU B 419 -1.22 35.48 -48.38
CA LEU B 419 -1.76 34.23 -47.87
C LEU B 419 -0.75 33.10 -47.88
N LEU B 420 0.52 33.37 -48.24
CA LEU B 420 1.54 32.34 -48.15
C LEU B 420 1.72 31.90 -46.70
N SER B 421 1.57 32.84 -45.76
CA SER B 421 1.65 32.48 -44.35
C SER B 421 0.57 31.47 -43.98
N ILE B 422 -0.69 31.76 -44.31
CA ILE B 422 -1.77 30.84 -43.98
C ILE B 422 -1.62 29.52 -44.72
N ASN B 423 -1.05 29.54 -45.93
CA ASN B 423 -0.74 28.28 -46.61
C ASN B 423 0.24 27.46 -45.80
N VAL B 424 1.31 28.09 -45.30
CA VAL B 424 2.25 27.39 -44.43
C VAL B 424 1.62 27.09 -43.08
N HIS B 425 0.84 28.04 -42.56
CA HIS B 425 0.36 28.00 -41.19
C HIS B 425 -0.83 27.07 -40.98
N SER B 426 -1.33 26.40 -42.02
CA SER B 426 -2.49 25.54 -41.86
C SER B 426 -2.18 24.25 -41.11
N ASN B 427 -0.90 23.93 -40.92
CA ASN B 427 -0.53 22.66 -40.31
C ASN B 427 -0.90 22.57 -38.83
N ASN B 428 -1.05 23.69 -38.14
CA ASN B 428 -1.24 23.64 -36.69
C ASN B 428 -2.63 23.15 -36.33
N ILE B 429 -3.66 23.60 -37.06
CA ILE B 429 -5.02 23.15 -36.80
C ILE B 429 -5.11 21.64 -37.00
N THR B 430 -4.56 21.15 -38.12
CA THR B 430 -4.56 19.72 -38.39
C THR B 430 -3.80 18.95 -37.33
N SER B 431 -2.62 19.45 -36.93
CA SER B 431 -1.81 18.76 -35.94
C SER B 431 -2.55 18.64 -34.61
N GLY B 432 -3.12 19.73 -34.13
CA GLY B 432 -3.85 19.67 -32.88
C GLY B 432 -5.08 18.79 -32.96
N LEU B 433 -5.83 18.91 -34.06
CA LEU B 433 -7.06 18.15 -34.21
C LEU B 433 -6.79 16.66 -34.28
N ASN B 434 -5.68 16.28 -34.94
CA ASN B 434 -5.29 14.88 -34.99
C ASN B 434 -4.77 14.38 -33.65
N ARG B 435 -3.91 15.18 -33.00
CA ARG B 435 -3.23 14.70 -31.80
C ARG B 435 -4.19 14.57 -30.63
N ALA B 436 -5.18 15.46 -30.53
CA ALA B 436 -6.16 15.33 -29.45
C ALA B 436 -6.89 14.00 -29.53
N ILE B 437 -7.32 13.61 -30.73
CA ILE B 437 -7.99 12.32 -30.91
C ILE B 437 -7.01 11.17 -30.69
N SER B 438 -5.78 11.32 -31.18
CA SER B 438 -4.82 10.22 -31.09
C SER B 438 -4.45 9.89 -29.65
N THR B 439 -4.23 10.92 -28.82
CA THR B 439 -3.75 10.67 -27.47
C THR B 439 -4.85 10.67 -26.42
N GLY B 440 -6.00 11.28 -26.70
CA GLY B 440 -7.07 11.35 -25.73
C GLY B 440 -6.94 12.45 -24.72
N ASN B 441 -5.80 13.14 -24.67
CA ASN B 441 -5.62 14.30 -23.80
C ASN B 441 -6.01 15.55 -24.57
N TRP B 442 -6.91 16.34 -23.99
CA TRP B 442 -7.49 17.49 -24.67
C TRP B 442 -7.13 18.75 -23.89
N SER B 443 -6.08 19.44 -24.33
CA SER B 443 -5.58 20.62 -23.63
C SER B 443 -6.28 21.85 -24.21
N LEU B 444 -7.37 22.26 -23.57
CA LEU B 444 -8.12 23.45 -23.96
C LEU B 444 -7.65 24.61 -23.10
N LYS B 445 -6.87 25.52 -23.69
CA LYS B 445 -6.38 26.67 -22.94
C LYS B 445 -7.52 27.60 -22.53
N ARG B 446 -8.49 27.81 -23.42
CA ARG B 446 -9.56 28.77 -23.15
C ARG B 446 -10.42 28.33 -21.97
N PHE B 447 -10.94 27.10 -22.02
CA PHE B 447 -11.81 26.60 -20.97
C PHE B 447 -11.04 26.06 -19.76
N LYS B 448 -9.73 25.83 -19.92
CA LYS B 448 -8.83 25.54 -18.80
C LYS B 448 -9.21 24.29 -18.00
N MET B 449 -9.09 23.12 -18.63
CA MET B 449 -8.93 21.87 -17.91
C MET B 449 -8.17 20.90 -18.80
N GLU B 450 -7.59 19.88 -18.17
CA GLU B 450 -6.90 18.81 -18.88
C GLU B 450 -7.66 17.52 -18.61
N ARG B 451 -8.23 16.94 -19.67
CA ARG B 451 -8.96 15.69 -19.59
C ARG B 451 -8.23 14.61 -20.37
N ALA B 452 -8.24 13.40 -19.83
CA ALA B 452 -7.56 12.27 -20.45
C ALA B 452 -8.57 11.14 -20.63
N GLY B 453 -8.26 10.26 -21.59
CA GLY B 453 -9.14 9.15 -21.89
C GLY B 453 -10.40 9.53 -22.64
N VAL B 454 -10.39 10.67 -23.33
CA VAL B 454 -11.55 11.02 -24.17
C VAL B 454 -11.70 10.03 -25.32
N THR B 455 -10.59 9.53 -25.83
CA THR B 455 -10.59 8.54 -26.90
C THR B 455 -10.00 7.23 -26.41
N HIS B 456 -10.47 6.13 -26.99
CA HIS B 456 -9.87 4.83 -26.80
C HIS B 456 -9.73 4.15 -28.15
N VAL B 457 -8.75 3.25 -28.25
CA VAL B 457 -8.61 2.44 -29.47
C VAL B 457 -9.84 1.54 -29.59
N LEU B 458 -10.47 1.56 -30.75
CA LEU B 458 -11.62 0.70 -30.98
C LEU B 458 -11.19 -0.76 -30.93
N SER B 459 -11.87 -1.54 -30.11
CA SER B 459 -11.47 -2.92 -29.87
C SER B 459 -11.87 -3.80 -31.04
N ARG B 460 -10.94 -4.65 -31.48
CA ARG B 460 -11.19 -5.56 -32.59
C ARG B 460 -11.05 -7.02 -32.15
N LEU B 461 -11.32 -7.32 -30.88
CA LEU B 461 -11.40 -8.71 -30.45
C LEU B 461 -12.54 -9.42 -31.15
N SER B 462 -13.69 -8.77 -31.27
CA SER B 462 -14.84 -9.35 -31.92
C SER B 462 -15.72 -8.24 -32.47
N TYR B 463 -16.60 -8.62 -33.39
CA TYR B 463 -17.58 -7.68 -33.95
C TYR B 463 -18.45 -7.10 -32.84
N ILE B 464 -18.87 -7.96 -31.90
CA ILE B 464 -19.59 -7.48 -30.73
C ILE B 464 -18.72 -6.57 -29.88
N SER B 465 -17.41 -6.86 -29.78
CA SER B 465 -16.53 -5.99 -29.01
C SER B 465 -16.51 -4.58 -29.60
N ALA B 466 -16.40 -4.48 -30.92
CA ALA B 466 -16.41 -3.16 -31.57
C ALA B 466 -17.75 -2.46 -31.37
N LEU B 467 -18.85 -3.17 -31.61
CA LEU B 467 -20.17 -2.57 -31.50
C LEU B 467 -20.45 -2.13 -30.07
N GLY B 468 -19.97 -2.90 -29.09
CA GLY B 468 -20.13 -2.52 -27.69
C GLY B 468 -19.21 -1.44 -27.21
N MET B 469 -18.05 -1.26 -27.86
CA MET B 469 -17.26 -0.07 -27.60
C MET B 469 -17.97 1.17 -28.14
N MET B 470 -18.64 1.04 -29.27
CA MET B 470 -19.69 1.99 -29.58
C MET B 470 -20.81 1.85 -28.55
N THR B 471 -21.60 2.91 -28.40
CA THR B 471 -22.68 2.95 -27.41
C THR B 471 -22.18 2.70 -25.99
N ARG B 472 -20.92 3.04 -25.72
CA ARG B 472 -20.35 2.93 -24.38
C ARG B 472 -20.25 4.31 -23.75
N ILE B 473 -20.59 4.40 -22.47
CA ILE B 473 -20.61 5.66 -21.73
C ILE B 473 -19.56 5.59 -20.63
N SER B 474 -18.73 6.62 -20.56
CA SER B 474 -17.77 6.78 -19.47
C SER B 474 -18.24 7.87 -18.53
N SER B 475 -18.25 7.57 -17.23
CA SER B 475 -18.74 8.51 -16.24
C SER B 475 -17.65 9.50 -15.84
N GLN B 476 -18.08 10.58 -15.18
CA GLN B 476 -17.16 11.64 -14.80
C GLN B 476 -16.18 11.17 -13.74
N PHE B 477 -14.89 11.48 -13.95
CA PHE B 477 -13.85 11.14 -12.98
C PHE B 477 -13.86 12.17 -11.85
N GLU B 478 -12.86 12.12 -10.98
CA GLU B 478 -12.84 12.87 -9.73
C GLU B 478 -14.10 12.61 -8.91
N LYS B 479 -14.57 11.37 -8.94
CA LYS B 479 -15.82 10.96 -8.33
C LYS B 479 -15.66 10.41 -6.93
N SER B 480 -14.42 10.34 -6.41
CA SER B 480 -14.12 9.71 -5.12
C SER B 480 -14.58 8.24 -5.12
N ARG B 481 -13.86 7.44 -5.93
CA ARG B 481 -14.20 6.05 -6.16
C ARG B 481 -14.25 5.21 -4.88
N LYS B 482 -13.82 5.74 -3.74
CA LYS B 482 -13.88 4.97 -2.50
C LYS B 482 -15.31 4.66 -2.09
N VAL B 483 -16.28 5.42 -2.60
CA VAL B 483 -17.67 5.20 -2.28
C VAL B 483 -18.37 4.60 -3.49
N SER B 484 -19.65 4.27 -3.32
CA SER B 484 -20.38 3.49 -4.29
C SER B 484 -21.72 4.11 -4.68
N GLY B 485 -21.83 5.43 -4.62
CA GLY B 485 -23.00 6.12 -5.11
C GLY B 485 -23.16 5.93 -6.61
N PRO B 486 -22.22 6.49 -7.39
CA PRO B 486 -22.25 6.28 -8.84
C PRO B 486 -21.65 4.96 -9.26
N ARG B 487 -21.98 3.89 -8.52
CA ARG B 487 -21.56 2.54 -8.88
C ARG B 487 -22.78 1.62 -8.85
N ALA B 488 -23.77 1.97 -8.04
CA ALA B 488 -24.99 1.19 -7.97
C ALA B 488 -25.81 1.36 -9.23
N LEU B 489 -26.70 0.40 -9.48
CA LEU B 489 -27.58 0.48 -10.63
C LEU B 489 -28.89 1.14 -10.22
N GLN B 490 -29.38 2.04 -11.06
CA GLN B 490 -30.55 2.77 -10.57
C GLN B 490 -31.81 2.28 -11.26
N PRO B 491 -32.95 2.29 -10.56
CA PRO B 491 -34.22 1.96 -11.24
C PRO B 491 -34.59 2.93 -12.34
N SER B 492 -34.06 4.17 -12.30
CA SER B 492 -34.39 5.18 -13.29
C SER B 492 -33.65 5.01 -14.60
N GLN B 493 -32.72 4.08 -14.68
CA GLN B 493 -32.03 3.78 -15.93
C GLN B 493 -32.75 2.73 -16.75
N PHE B 494 -33.96 2.35 -16.36
CA PHE B 494 -34.72 1.32 -17.05
C PHE B 494 -35.04 1.77 -18.47
N GLY B 495 -34.55 1.03 -19.45
CA GLY B 495 -34.79 1.33 -20.85
C GLY B 495 -33.87 2.36 -21.45
N MET B 496 -33.04 3.02 -20.65
CA MET B 496 -32.11 4.04 -21.12
C MET B 496 -30.67 3.56 -21.12
N LEU B 497 -30.23 2.94 -20.03
CA LEU B 497 -28.91 2.33 -19.94
C LEU B 497 -29.10 0.84 -19.72
N CYS B 498 -28.25 0.04 -20.38
CA CYS B 498 -28.38 -1.41 -20.28
C CYS B 498 -28.22 -1.86 -18.84
N THR B 499 -29.07 -2.79 -18.42
CA THR B 499 -29.11 -3.22 -17.02
C THR B 499 -28.13 -4.35 -16.71
N ALA B 500 -27.38 -4.82 -17.70
CA ALA B 500 -26.44 -5.91 -17.49
C ALA B 500 -25.03 -5.61 -18.00
N ASP B 501 -24.88 -4.68 -18.94
CA ASP B 501 -23.58 -4.40 -19.53
C ASP B 501 -22.85 -3.37 -18.69
N THR B 502 -22.26 -3.83 -17.60
CA THR B 502 -21.39 -3.05 -16.75
C THR B 502 -20.12 -3.86 -16.50
N PRO B 503 -18.95 -3.26 -16.69
CA PRO B 503 -17.72 -4.03 -16.73
C PRO B 503 -17.24 -4.41 -15.33
N GLU B 504 -16.19 -5.22 -15.29
CA GLU B 504 -15.72 -5.85 -14.07
C GLU B 504 -14.42 -5.20 -13.61
N GLY B 505 -13.96 -5.66 -12.45
CA GLY B 505 -12.63 -5.37 -11.93
C GLY B 505 -12.45 -4.05 -11.21
N GLU B 506 -12.27 -2.96 -11.95
CA GLU B 506 -11.96 -1.68 -11.33
C GLU B 506 -12.94 -0.58 -11.69
N ALA B 507 -13.30 -0.47 -12.96
CA ALA B 507 -14.32 0.49 -13.39
C ALA B 507 -15.69 -0.18 -13.39
N CYS B 508 -16.03 -0.78 -12.26
CA CYS B 508 -17.24 -1.58 -12.14
C CYS B 508 -18.36 -0.66 -11.70
N GLY B 509 -19.24 -0.30 -12.63
CA GLY B 509 -20.27 0.68 -12.39
C GLY B 509 -19.95 2.07 -12.90
N LEU B 510 -18.71 2.30 -13.33
CA LEU B 510 -18.30 3.60 -13.83
C LEU B 510 -18.52 3.70 -15.34
N VAL B 511 -18.29 2.61 -16.07
CA VAL B 511 -18.57 2.55 -17.49
C VAL B 511 -19.95 1.94 -17.68
N LYS B 512 -20.82 2.64 -18.39
CA LYS B 512 -22.17 2.19 -18.64
C LYS B 512 -22.40 2.08 -20.15
N ASN B 513 -23.46 1.38 -20.52
CA ASN B 513 -23.77 1.14 -21.92
C ASN B 513 -25.20 1.54 -22.22
N LEU B 514 -25.41 2.06 -23.42
CA LEU B 514 -26.74 2.48 -23.85
C LEU B 514 -27.64 1.27 -24.06
N ALA B 515 -28.93 1.44 -23.75
CA ALA B 515 -29.91 0.43 -24.08
C ALA B 515 -30.14 0.39 -25.59
N LEU B 516 -30.95 -0.57 -26.02
CA LEU B 516 -31.11 -0.82 -27.45
C LEU B 516 -31.90 0.29 -28.12
N MET B 517 -33.02 0.69 -27.53
CA MET B 517 -33.96 1.61 -28.17
C MET B 517 -33.91 2.93 -27.39
N THR B 518 -33.00 3.80 -27.80
CA THR B 518 -32.69 5.00 -27.04
C THR B 518 -32.30 6.11 -27.99
N HIS B 519 -32.58 7.35 -27.59
CA HIS B 519 -32.15 8.53 -28.31
C HIS B 519 -31.58 9.54 -27.32
N ILE B 520 -30.64 10.35 -27.79
CA ILE B 520 -30.05 11.43 -27.03
C ILE B 520 -30.52 12.74 -27.63
N THR B 521 -31.11 13.60 -26.81
CA THR B 521 -31.67 14.84 -27.30
C THR B 521 -30.57 15.78 -27.79
N THR B 522 -30.93 16.64 -28.73
CA THR B 522 -30.02 17.63 -29.28
C THR B 522 -30.48 19.04 -28.90
N ASP B 523 -29.50 19.94 -28.79
CA ASP B 523 -29.79 21.30 -28.37
C ASP B 523 -30.65 22.00 -29.41
N ASP B 524 -31.84 22.45 -28.99
CA ASP B 524 -32.73 23.23 -29.83
C ASP B 524 -33.00 24.56 -29.16
N GLU B 525 -33.36 25.57 -29.96
CA GLU B 525 -33.47 26.92 -29.46
C GLU B 525 -34.57 27.03 -28.42
N GLU B 526 -34.27 27.72 -27.32
CA GLU B 526 -35.19 27.85 -26.20
C GLU B 526 -36.09 29.06 -26.31
N GLU B 527 -35.67 30.11 -27.02
CA GLU B 527 -36.46 31.34 -27.15
C GLU B 527 -37.85 31.14 -27.74
N PRO B 528 -38.07 30.33 -28.79
CA PRO B 528 -39.44 30.22 -29.32
C PRO B 528 -40.35 29.39 -28.43
N ILE B 529 -39.80 28.68 -27.44
CA ILE B 529 -40.61 27.95 -26.48
C ILE B 529 -41.05 28.82 -25.31
N LYS B 530 -40.23 29.80 -24.92
CA LYS B 530 -40.64 30.76 -23.89
C LYS B 530 -41.84 31.57 -24.35
N LYS B 531 -41.83 32.02 -25.61
CA LYS B 531 -42.98 32.73 -26.16
C LYS B 531 -44.22 31.85 -26.16
N LEU B 532 -44.05 30.58 -26.52
CA LEU B 532 -45.18 29.65 -26.53
C LEU B 532 -45.72 29.44 -25.13
N CYS B 533 -44.83 29.36 -24.14
CA CYS B 533 -45.27 29.21 -22.76
C CYS B 533 -46.06 30.43 -22.29
N TYR B 534 -45.60 31.62 -22.68
CA TYR B 534 -46.36 32.83 -22.36
C TYR B 534 -47.72 32.82 -23.05
N VAL B 535 -47.78 32.32 -24.28
CA VAL B 535 -49.05 32.20 -24.99
C VAL B 535 -49.99 31.25 -24.24
N LEU B 536 -49.45 30.17 -23.70
CA LEU B 536 -50.28 29.13 -23.10
C LEU B 536 -50.73 29.46 -21.68
N GLY B 537 -50.53 30.70 -21.21
CA GLY B 537 -51.07 31.13 -19.94
C GLY B 537 -50.03 31.40 -18.86
N VAL B 538 -48.74 31.25 -19.13
CA VAL B 538 -47.72 31.54 -18.14
C VAL B 538 -47.52 33.05 -18.07
N GLU B 539 -47.59 33.60 -16.87
CA GLU B 539 -47.37 35.03 -16.65
C GLU B 539 -45.94 35.26 -16.21
N ASP B 540 -45.26 36.19 -16.87
CA ASP B 540 -43.84 36.43 -16.63
C ASP B 540 -43.61 36.77 -15.16
N ILE B 541 -42.40 36.44 -14.68
CA ILE B 541 -42.06 36.73 -13.30
C ILE B 541 -42.03 38.22 -13.00
N THR B 542 -41.65 39.04 -13.99
CA THR B 542 -41.69 40.48 -13.82
C THR B 542 -43.11 41.01 -13.64
N LEU B 543 -44.11 40.27 -14.10
CA LEU B 543 -45.51 40.57 -13.84
C LEU B 543 -45.99 39.95 -12.54
N ILE B 544 -45.17 39.11 -11.91
CA ILE B 544 -45.54 38.32 -10.74
C ILE B 544 -44.99 39.00 -9.49
N ASP B 545 -45.77 39.01 -8.43
CA ASP B 545 -45.32 39.55 -7.16
C ASP B 545 -44.77 38.44 -6.27
N SER B 546 -44.01 38.86 -5.25
CA SER B 546 -43.41 37.90 -4.34
C SER B 546 -44.44 37.17 -3.48
N ALA B 547 -45.50 37.86 -3.07
CA ALA B 547 -46.41 37.30 -2.08
C ALA B 547 -47.28 36.19 -2.66
N SER B 548 -47.34 36.07 -3.97
CA SER B 548 -48.17 35.05 -4.62
C SER B 548 -47.34 34.03 -5.40
N LEU B 549 -46.02 34.01 -5.20
CA LEU B 549 -45.17 33.17 -6.02
C LEU B 549 -45.30 31.70 -5.66
N HIS B 550 -45.34 31.38 -4.37
CA HIS B 550 -45.47 30.01 -3.90
C HIS B 550 -46.92 29.61 -3.64
N LEU B 551 -47.88 30.26 -4.31
CA LEU B 551 -49.28 29.88 -4.19
C LEU B 551 -49.78 29.17 -5.45
N ASN B 552 -49.11 29.38 -6.58
CA ASN B 552 -49.39 28.67 -7.81
C ASN B 552 -48.16 27.90 -8.24
N TYR B 553 -48.35 27.01 -9.21
CA TYR B 553 -47.21 26.31 -9.79
C TYR B 553 -46.35 27.27 -10.59
N GLY B 554 -45.05 27.11 -10.49
CA GLY B 554 -44.10 27.91 -11.23
C GLY B 554 -43.48 27.12 -12.37
N VAL B 555 -43.48 27.72 -13.55
CA VAL B 555 -43.02 27.06 -14.77
C VAL B 555 -41.55 27.35 -14.94
N TYR B 556 -40.75 26.30 -15.07
CA TYR B 556 -39.31 26.40 -15.23
C TYR B 556 -38.92 26.00 -16.65
N LEU B 557 -38.13 26.84 -17.30
CA LEU B 557 -37.50 26.54 -18.58
C LEU B 557 -36.03 26.28 -18.32
N ASN B 558 -35.61 25.02 -18.46
CA ASN B 558 -34.23 24.61 -18.22
C ASN B 558 -33.76 25.03 -16.83
N GLY B 559 -34.65 24.88 -15.84
CA GLY B 559 -34.31 25.17 -14.46
C GLY B 559 -34.53 26.59 -14.01
N THR B 560 -34.90 27.49 -14.92
CA THR B 560 -35.08 28.91 -14.61
C THR B 560 -36.57 29.22 -14.54
N LEU B 561 -36.98 29.93 -13.48
CA LEU B 561 -38.36 30.33 -13.31
C LEU B 561 -38.69 31.41 -14.32
N ILE B 562 -39.36 31.04 -15.42
CA ILE B 562 -39.82 32.03 -16.37
C ILE B 562 -41.16 32.63 -15.99
N GLY B 563 -41.95 31.95 -15.17
CA GLY B 563 -43.21 32.48 -14.73
C GLY B 563 -44.02 31.44 -13.98
N SER B 564 -45.23 31.82 -13.63
CA SER B 564 -46.15 30.95 -12.93
C SER B 564 -47.40 30.78 -13.76
N ILE B 565 -48.11 29.68 -13.54
CA ILE B 565 -49.33 29.41 -14.30
C ILE B 565 -50.38 28.80 -13.38
N ARG B 566 -51.62 29.23 -13.58
CA ARG B 566 -52.77 28.48 -13.12
C ARG B 566 -52.99 27.30 -14.06
N PHE B 567 -53.70 26.30 -13.55
CA PHE B 567 -54.01 25.08 -14.30
C PHE B 567 -52.71 24.43 -14.76
N PRO B 568 -51.81 24.03 -13.87
CA PRO B 568 -50.56 23.39 -14.32
C PRO B 568 -50.80 22.13 -15.13
N THR B 569 -51.81 21.33 -14.76
CA THR B 569 -52.06 20.09 -15.49
C THR B 569 -52.63 20.38 -16.87
N LYS B 570 -53.50 21.38 -16.99
CA LYS B 570 -53.97 21.79 -18.31
C LYS B 570 -52.84 22.32 -19.17
N PHE B 571 -51.94 23.11 -18.57
CA PHE B 571 -50.79 23.61 -19.32
C PHE B 571 -49.92 22.46 -19.82
N VAL B 572 -49.68 21.47 -18.95
CA VAL B 572 -48.90 20.30 -19.34
C VAL B 572 -49.59 19.54 -20.47
N THR B 573 -50.90 19.35 -20.36
CA THR B 573 -51.64 18.62 -21.38
C THR B 573 -51.62 19.35 -22.72
N GLN B 574 -51.80 20.67 -22.69
CA GLN B 574 -51.79 21.44 -23.93
C GLN B 574 -50.40 21.45 -24.56
N PHE B 575 -49.36 21.56 -23.74
CA PHE B 575 -47.99 21.49 -24.23
C PHE B 575 -47.70 20.13 -24.87
N ARG B 576 -48.15 19.05 -24.21
CA ARG B 576 -47.95 17.71 -24.76
C ARG B 576 -48.72 17.52 -26.05
N HIS B 577 -49.93 18.07 -26.13
CA HIS B 577 -50.70 18.00 -27.37
C HIS B 577 -49.99 18.75 -28.48
N LEU B 578 -49.43 19.93 -28.16
CA LEU B 578 -48.67 20.69 -29.16
C LEU B 578 -47.44 19.92 -29.63
N ARG B 579 -46.77 19.22 -28.71
CA ARG B 579 -45.59 18.45 -29.10
C ARG B 579 -45.97 17.21 -29.92
N ARG B 580 -47.10 16.58 -29.59
CA ARG B 580 -47.56 15.43 -30.37
C ARG B 580 -48.03 15.85 -31.75
N THR B 581 -48.54 17.07 -31.90
CA THR B 581 -48.92 17.59 -33.21
C THR B 581 -47.76 18.26 -33.92
N GLY B 582 -46.54 18.18 -33.38
CA GLY B 582 -45.36 18.67 -34.04
C GLY B 582 -45.14 20.16 -33.99
N LYS B 583 -45.90 20.90 -33.18
CA LYS B 583 -45.72 22.34 -33.11
C LYS B 583 -44.46 22.74 -32.36
N VAL B 584 -43.94 21.86 -31.50
CA VAL B 584 -42.64 22.04 -30.88
C VAL B 584 -41.86 20.74 -31.08
N SER B 585 -40.54 20.83 -30.90
CA SER B 585 -39.68 19.69 -31.17
C SER B 585 -40.05 18.52 -30.27
N GLU B 586 -39.97 17.31 -30.85
CA GLU B 586 -40.32 16.09 -30.14
C GLU B 586 -39.42 15.81 -28.95
N PHE B 587 -38.26 16.47 -28.86
CA PHE B 587 -37.30 16.19 -27.80
C PHE B 587 -37.49 17.05 -26.56
N ILE B 588 -38.35 18.06 -26.60
CA ILE B 588 -38.62 18.86 -25.40
C ILE B 588 -39.41 18.02 -24.41
N SER B 589 -38.98 18.06 -23.15
CA SER B 589 -39.58 17.29 -22.07
C SER B 589 -40.33 18.22 -21.13
N ILE B 590 -41.56 17.85 -20.79
CA ILE B 590 -42.37 18.61 -19.85
C ILE B 590 -42.93 17.66 -18.80
N TYR B 591 -42.74 18.01 -17.53
CA TYR B 591 -43.22 17.20 -16.43
C TYR B 591 -43.52 18.11 -15.25
N SER B 592 -44.34 17.60 -14.33
CA SER B 592 -44.78 18.39 -13.19
C SER B 592 -44.35 17.73 -11.87
N ASN B 593 -43.72 18.53 -11.03
CA ASN B 593 -43.34 18.11 -9.68
C ASN B 593 -44.35 18.68 -8.70
N SER B 594 -44.87 17.84 -7.81
CA SER B 594 -45.86 18.27 -6.83
C SER B 594 -45.22 18.69 -5.52
N HIS B 595 -44.19 17.97 -5.06
CA HIS B 595 -43.49 18.37 -3.85
C HIS B 595 -42.84 19.73 -4.03
N GLN B 596 -42.06 19.89 -5.09
CA GLN B 596 -41.57 21.18 -5.54
C GLN B 596 -42.56 21.68 -6.58
N MET B 597 -43.42 22.62 -6.20
CA MET B 597 -44.57 22.98 -7.02
C MET B 597 -44.06 23.67 -8.28
N ALA B 598 -43.89 22.88 -9.34
CA ALA B 598 -43.19 23.37 -10.52
C ALA B 598 -43.60 22.55 -11.73
N VAL B 599 -43.76 23.22 -12.86
CA VAL B 599 -43.86 22.57 -14.16
C VAL B 599 -42.54 22.80 -14.87
N HIS B 600 -41.85 21.71 -15.20
CA HIS B 600 -40.50 21.78 -15.72
C HIS B 600 -40.52 21.48 -17.21
N ILE B 601 -39.87 22.34 -17.99
CA ILE B 601 -39.74 22.17 -19.44
C ILE B 601 -38.26 22.21 -19.78
N ALA B 602 -37.78 21.13 -20.40
CA ALA B 602 -36.37 20.98 -20.73
C ALA B 602 -36.20 20.92 -22.24
N THR B 603 -35.25 21.70 -22.75
CA THR B 603 -34.98 21.76 -24.19
C THR B 603 -33.54 21.45 -24.54
N ASP B 604 -32.66 21.28 -23.56
CA ASP B 604 -31.24 21.12 -23.82
C ASP B 604 -30.94 19.73 -24.41
N GLY B 605 -29.84 19.65 -25.13
CA GLY B 605 -29.35 18.38 -25.60
C GLY B 605 -28.65 17.60 -24.51
N GLY B 606 -28.40 16.33 -24.81
CA GLY B 606 -27.72 15.45 -23.87
C GLY B 606 -28.63 14.64 -22.97
N ARG B 607 -29.93 14.92 -22.95
CA ARG B 607 -30.85 14.14 -22.16
C ARG B 607 -31.11 12.80 -22.84
N ILE B 608 -31.11 11.73 -22.07
CA ILE B 608 -31.37 10.41 -22.61
C ILE B 608 -32.88 10.18 -22.66
N CYS B 609 -33.36 9.67 -23.79
CA CYS B 609 -34.78 9.42 -23.97
C CYS B 609 -34.97 8.16 -24.79
N ARG B 610 -36.15 7.57 -24.68
CA ARG B 610 -36.52 6.40 -25.44
C ARG B 610 -37.95 6.56 -25.95
N PRO B 611 -38.26 6.00 -27.12
CA PRO B 611 -39.63 6.11 -27.64
C PRO B 611 -40.59 5.22 -26.87
N LEU B 612 -41.86 5.59 -26.89
CA LEU B 612 -42.90 4.91 -26.15
C LEU B 612 -44.23 5.12 -26.83
N ILE B 613 -45.03 4.05 -26.89
CA ILE B 613 -46.36 4.14 -27.49
C ILE B 613 -47.26 4.93 -26.55
N ILE B 614 -47.99 5.89 -27.11
CA ILE B 614 -48.89 6.73 -26.32
C ILE B 614 -50.19 5.99 -26.09
N VAL B 615 -50.61 5.92 -24.84
CA VAL B 615 -51.88 5.28 -24.47
C VAL B 615 -52.87 6.39 -24.12
N SER B 616 -53.92 6.52 -24.93
CA SER B 616 -54.94 7.54 -24.76
C SER B 616 -56.27 6.89 -24.46
N ASP B 617 -56.94 7.39 -23.42
CA ASP B 617 -58.29 6.93 -23.04
C ASP B 617 -58.32 5.43 -22.75
N GLY B 618 -57.19 4.91 -22.27
CA GLY B 618 -57.09 3.49 -21.97
C GLY B 618 -56.81 2.60 -23.15
N GLN B 619 -56.44 3.16 -24.30
CA GLN B 619 -56.15 2.39 -25.50
C GLN B 619 -54.85 2.87 -26.11
N SER B 620 -54.14 1.95 -26.77
CA SER B 620 -52.96 2.32 -27.51
C SER B 620 -53.34 3.05 -28.80
N ARG B 621 -52.43 3.86 -29.30
CA ARG B 621 -52.66 4.67 -30.49
C ARG B 621 -52.22 3.99 -31.78
N VAL B 622 -51.69 2.79 -31.72
CA VAL B 622 -51.16 2.13 -32.92
C VAL B 622 -52.24 1.32 -33.63
N LYS B 623 -53.05 0.57 -32.87
CA LYS B 623 -54.27 -0.11 -33.34
C LYS B 623 -54.07 -0.91 -34.64
N ASP B 624 -52.85 -1.34 -34.91
CA ASP B 624 -52.47 -2.39 -35.85
C ASP B 624 -52.77 -2.09 -37.31
N ILE B 625 -53.52 -1.01 -37.59
CA ILE B 625 -53.59 -0.52 -38.96
C ILE B 625 -52.28 0.18 -39.32
N HIS B 626 -51.74 0.95 -38.37
CA HIS B 626 -50.43 1.53 -38.54
C HIS B 626 -49.35 0.46 -38.62
N LEU B 627 -49.49 -0.62 -37.85
CA LEU B 627 -48.56 -1.73 -37.97
C LEU B 627 -48.66 -2.40 -39.33
N ARG B 628 -49.87 -2.60 -39.84
CA ARG B 628 -50.03 -3.16 -41.17
C ARG B 628 -49.34 -2.27 -42.20
N LYS B 629 -49.55 -0.96 -42.11
CA LYS B 629 -48.85 -0.04 -43.00
C LYS B 629 -47.34 -0.15 -42.84
N LEU B 630 -46.87 -0.30 -41.61
CA LEU B 630 -45.44 -0.30 -41.33
C LEU B 630 -44.75 -1.51 -41.96
N LEU B 631 -45.33 -2.70 -41.78
CA LEU B 631 -44.76 -3.88 -42.44
C LEU B 631 -44.99 -3.84 -43.95
N ASP B 632 -46.06 -3.18 -44.41
CA ASP B 632 -46.26 -3.05 -45.84
C ASP B 632 -45.24 -2.12 -46.49
N GLY B 633 -44.58 -1.27 -45.69
CA GLY B 633 -43.58 -0.39 -46.22
C GLY B 633 -43.84 1.06 -45.90
N GLU B 634 -45.11 1.44 -45.86
CA GLU B 634 -45.50 2.80 -45.49
C GLU B 634 -45.25 3.04 -44.01
N LEU B 635 -45.28 4.31 -43.63
CA LEU B 635 -45.17 4.71 -42.22
C LEU B 635 -43.87 4.21 -41.58
N ASP B 636 -42.76 4.72 -42.09
CA ASP B 636 -41.48 4.51 -41.41
C ASP B 636 -41.56 5.15 -40.03
N PHE B 637 -40.58 4.88 -39.17
CA PHE B 637 -40.74 5.19 -37.75
C PHE B 637 -41.02 6.67 -37.51
N ASP B 638 -40.48 7.55 -38.36
CA ASP B 638 -40.71 8.98 -38.19
C ASP B 638 -42.19 9.32 -38.26
N ASP B 639 -42.95 8.62 -39.11
CA ASP B 639 -44.36 8.96 -39.26
C ASP B 639 -45.17 8.59 -38.02
N PHE B 640 -44.72 7.61 -37.23
CA PHE B 640 -45.37 7.37 -35.96
C PHE B 640 -45.18 8.53 -35.00
N LEU B 641 -44.10 9.31 -35.19
CA LEU B 641 -43.90 10.52 -34.41
C LEU B 641 -44.71 11.68 -34.97
N LYS B 642 -44.75 11.82 -36.29
CA LYS B 642 -45.54 12.89 -36.90
C LYS B 642 -47.03 12.69 -36.63
N LEU B 643 -47.46 11.44 -36.47
CA LEU B 643 -48.87 11.12 -36.27
C LEU B 643 -49.29 11.15 -34.81
N GLY B 644 -48.37 11.39 -33.90
CA GLY B 644 -48.72 11.44 -32.49
C GLY B 644 -48.98 10.10 -31.84
N LEU B 645 -48.59 9.01 -32.49
CA LEU B 645 -48.78 7.67 -31.93
C LEU B 645 -47.64 7.27 -31.00
N VAL B 646 -46.44 7.76 -31.24
CA VAL B 646 -45.27 7.46 -30.43
C VAL B 646 -44.57 8.76 -30.09
N GLU B 647 -44.12 8.87 -28.84
CA GLU B 647 -43.38 10.04 -28.41
C GLU B 647 -42.19 9.60 -27.57
N TYR B 648 -41.15 10.44 -27.56
CA TYR B 648 -39.99 10.19 -26.72
C TYR B 648 -40.24 10.66 -25.29
N LEU B 649 -39.80 9.84 -24.34
CA LEU B 649 -39.85 10.19 -22.93
C LEU B 649 -38.44 10.13 -22.37
N ASP B 650 -38.01 11.21 -21.73
CA ASP B 650 -36.77 11.21 -20.96
C ASP B 650 -37.06 10.67 -19.57
N VAL B 651 -36.02 10.62 -18.73
CA VAL B 651 -36.18 10.07 -17.40
C VAL B 651 -37.13 10.92 -16.56
N ASN B 652 -37.13 12.23 -16.77
CA ASN B 652 -37.93 13.12 -15.95
C ASN B 652 -39.41 13.02 -16.29
N GLU B 653 -39.76 12.94 -17.57
CA GLU B 653 -41.14 12.76 -17.96
C GLU B 653 -41.70 11.40 -17.51
N GLU B 654 -40.81 10.40 -17.36
CA GLU B 654 -41.25 9.10 -16.86
C GLU B 654 -41.79 9.20 -15.45
N ASN B 655 -41.40 10.24 -14.69
CA ASN B 655 -42.04 10.51 -13.41
C ASN B 655 -43.51 10.80 -13.59
N ASP B 656 -43.86 11.60 -14.60
CA ASP B 656 -45.24 11.96 -14.87
C ASP B 656 -46.00 10.89 -15.63
N SER B 657 -45.30 9.92 -16.21
CA SER B 657 -45.95 8.88 -17.02
C SER B 657 -46.28 7.66 -16.17
N TYR B 658 -47.07 6.78 -16.78
CA TYR B 658 -47.47 5.50 -16.19
C TYR B 658 -47.48 4.49 -17.33
N ILE B 659 -46.40 3.74 -17.47
CA ILE B 659 -46.17 2.91 -18.65
C ILE B 659 -46.70 1.51 -18.39
N ALA B 660 -47.36 0.94 -19.39
CA ALA B 660 -47.71 -0.47 -19.41
C ALA B 660 -46.63 -1.25 -20.13
N LEU B 661 -46.26 -2.40 -19.57
CA LEU B 661 -45.29 -3.26 -20.25
C LEU B 661 -45.93 -4.00 -21.41
N TYR B 662 -47.19 -4.37 -21.29
CA TYR B 662 -47.88 -5.15 -22.29
C TYR B 662 -49.26 -4.54 -22.57
N GLU B 663 -49.79 -4.86 -23.74
CA GLU B 663 -51.13 -4.38 -24.08
C GLU B 663 -52.20 -5.01 -23.20
N LYS B 664 -51.91 -6.19 -22.64
CA LYS B 664 -52.86 -6.92 -21.81
C LYS B 664 -53.15 -6.23 -20.48
N ASP B 665 -52.19 -5.56 -19.88
CA ASP B 665 -52.38 -4.92 -18.59
C ASP B 665 -52.46 -3.40 -18.72
N ILE B 666 -53.09 -2.91 -19.78
CA ILE B 666 -53.33 -1.48 -19.94
C ILE B 666 -54.58 -1.12 -19.13
N VAL B 667 -54.37 -0.40 -18.03
CA VAL B 667 -55.48 0.07 -17.19
C VAL B 667 -55.78 1.50 -17.63
N PRO B 668 -57.02 1.99 -17.55
CA PRO B 668 -57.31 3.34 -18.06
C PRO B 668 -56.88 4.45 -17.12
N SER B 669 -55.67 4.32 -16.58
CA SER B 669 -55.00 5.42 -15.91
C SER B 669 -53.54 5.51 -16.35
N MET B 670 -53.12 4.65 -17.28
CA MET B 670 -51.75 4.59 -17.77
C MET B 670 -51.60 5.51 -18.96
N THR B 671 -50.39 6.03 -19.16
CA THR B 671 -50.16 7.05 -20.17
C THR B 671 -49.37 6.54 -21.37
N HIS B 672 -48.58 5.48 -21.22
CA HIS B 672 -47.80 4.94 -22.32
C HIS B 672 -47.75 3.43 -22.25
N LEU B 673 -47.20 2.84 -23.30
CA LEU B 673 -47.08 1.39 -23.42
C LEU B 673 -45.73 1.07 -24.03
N GLU B 674 -45.02 0.10 -23.43
CA GLU B 674 -43.73 -0.30 -23.93
C GLU B 674 -43.84 -0.88 -25.34
N ILE B 675 -42.93 -0.47 -26.22
CA ILE B 675 -42.84 -1.09 -27.53
C ILE B 675 -42.31 -2.51 -27.40
N GLU B 676 -41.10 -2.66 -26.88
CA GLU B 676 -40.59 -3.98 -26.55
C GLU B 676 -39.79 -3.91 -25.26
N PRO B 677 -40.17 -4.66 -24.23
CA PRO B 677 -39.42 -4.62 -22.96
C PRO B 677 -38.04 -5.25 -23.02
N PHE B 678 -37.69 -6.00 -24.07
CA PHE B 678 -36.34 -6.56 -24.09
C PHE B 678 -35.29 -5.52 -24.45
N THR B 679 -35.71 -4.32 -24.84
CA THR B 679 -34.78 -3.25 -25.18
C THR B 679 -34.07 -2.68 -23.95
N ILE B 680 -34.43 -3.11 -22.75
CA ILE B 680 -33.72 -2.68 -21.55
C ILE B 680 -32.32 -3.26 -21.46
N LEU B 681 -32.00 -4.22 -22.32
CA LEU B 681 -30.64 -4.73 -22.46
C LEU B 681 -30.00 -4.15 -23.71
N GLY B 682 -28.72 -3.84 -23.61
CA GLY B 682 -27.98 -3.29 -24.73
C GLY B 682 -27.73 -4.30 -25.82
N ALA B 683 -26.82 -3.94 -26.73
CA ALA B 683 -26.47 -4.83 -27.82
C ALA B 683 -25.77 -6.08 -27.32
N VAL B 684 -24.83 -5.93 -26.39
CA VAL B 684 -24.04 -7.06 -25.92
C VAL B 684 -24.91 -8.01 -25.08
N ALA B 685 -25.72 -7.45 -24.18
CA ALA B 685 -26.58 -8.30 -23.36
C ALA B 685 -27.66 -9.00 -24.17
N GLY B 686 -27.88 -8.58 -25.41
CA GLY B 686 -28.81 -9.27 -26.28
C GLY B 686 -28.28 -10.55 -26.88
N LEU B 687 -27.00 -10.86 -26.64
CA LEU B 687 -26.45 -12.13 -27.07
C LEU B 687 -26.87 -13.27 -26.16
N ILE B 688 -27.47 -12.97 -25.03
CA ILE B 688 -27.76 -13.99 -24.02
C ILE B 688 -29.12 -14.62 -24.34
N PRO B 689 -29.19 -15.94 -24.51
CA PRO B 689 -30.51 -16.59 -24.60
C PRO B 689 -31.12 -16.75 -23.22
N TYR B 690 -32.41 -16.44 -23.13
CA TYR B 690 -33.18 -16.54 -21.89
C TYR B 690 -32.47 -15.88 -20.70
N PRO B 691 -32.12 -14.59 -20.81
CA PRO B 691 -31.45 -13.94 -19.67
C PRO B 691 -32.34 -13.76 -18.45
N HIS B 692 -33.65 -13.74 -18.62
CA HIS B 692 -34.56 -13.61 -17.49
C HIS B 692 -34.65 -14.89 -16.66
N HIS B 693 -34.06 -15.98 -17.12
CA HIS B 693 -33.97 -17.22 -16.37
C HIS B 693 -32.65 -17.37 -15.64
N ASN B 694 -31.77 -16.37 -15.72
CA ASN B 694 -30.47 -16.41 -15.08
C ASN B 694 -30.42 -15.46 -13.89
N GLN B 695 -29.50 -15.76 -12.98
CA GLN B 695 -29.13 -14.77 -11.98
C GLN B 695 -28.40 -13.62 -12.66
N SER B 696 -28.67 -12.41 -12.20
CA SER B 696 -28.13 -11.22 -12.88
C SER B 696 -26.61 -11.20 -12.99
N PRO B 697 -25.82 -11.62 -11.99
CA PRO B 697 -24.36 -11.64 -12.20
C PRO B 697 -23.92 -12.47 -13.39
N ARG B 698 -24.65 -13.54 -13.71
CA ARG B 698 -24.33 -14.33 -14.89
C ARG B 698 -24.50 -13.51 -16.16
N ASN B 699 -25.58 -12.72 -16.23
CA ASN B 699 -25.78 -11.86 -17.39
C ASN B 699 -24.67 -10.81 -17.49
N THR B 700 -24.27 -10.24 -16.34
CA THR B 700 -23.18 -9.25 -16.38
C THR B 700 -21.87 -9.88 -16.84
N TYR B 701 -21.56 -11.08 -16.35
CA TYR B 701 -20.33 -11.74 -16.77
C TYR B 701 -20.38 -12.12 -18.25
N GLN B 702 -21.54 -12.51 -18.77
CA GLN B 702 -21.59 -12.78 -20.21
C GLN B 702 -21.41 -11.48 -21.00
N CYS B 703 -21.95 -10.37 -20.50
CA CYS B 703 -21.66 -9.09 -21.15
C CYS B 703 -20.16 -8.83 -21.18
N ALA B 704 -19.45 -9.29 -20.14
CA ALA B 704 -17.99 -9.16 -20.15
C ALA B 704 -17.32 -10.08 -21.17
N MET B 705 -17.70 -11.36 -21.18
CA MET B 705 -16.96 -12.35 -21.96
C MET B 705 -17.32 -12.32 -23.45
N GLY B 706 -18.53 -11.88 -23.79
CA GLY B 706 -18.93 -11.85 -25.18
C GLY B 706 -18.06 -10.91 -26.01
N LYS B 707 -17.52 -9.87 -25.38
CA LYS B 707 -16.59 -8.98 -26.07
C LYS B 707 -15.22 -9.62 -26.26
N GLN B 708 -14.88 -10.63 -25.47
CA GLN B 708 -13.62 -11.36 -25.63
C GLN B 708 -13.76 -12.62 -26.48
N ALA B 709 -14.99 -13.01 -26.84
CA ALA B 709 -15.18 -14.20 -27.66
C ALA B 709 -14.46 -14.07 -29.00
N ILE B 710 -13.85 -15.17 -29.45
CA ILE B 710 -13.15 -15.22 -30.72
C ILE B 710 -14.11 -15.66 -31.81
N GLY B 711 -14.09 -14.95 -32.94
CA GLY B 711 -14.94 -15.31 -34.05
C GLY B 711 -14.65 -14.53 -35.31
N ALA B 712 -15.70 -14.11 -36.01
CA ALA B 712 -15.57 -13.33 -37.23
C ALA B 712 -15.56 -11.85 -36.88
N ILE B 713 -14.68 -11.09 -37.55
CA ILE B 713 -14.52 -9.67 -37.28
C ILE B 713 -15.25 -8.82 -38.29
N ALA B 714 -15.04 -9.09 -39.57
CA ALA B 714 -15.58 -8.26 -40.63
C ALA B 714 -15.46 -9.02 -41.95
N TYR B 715 -16.13 -8.50 -42.97
CA TYR B 715 -16.02 -9.08 -44.31
C TYR B 715 -14.67 -8.80 -44.94
N ASN B 716 -13.94 -7.80 -44.45
CA ASN B 716 -12.61 -7.46 -44.95
C ASN B 716 -11.52 -7.80 -43.94
N GLN B 717 -11.74 -8.81 -43.10
CA GLN B 717 -10.80 -9.10 -42.03
C GLN B 717 -9.46 -9.60 -42.58
N PHE B 718 -9.47 -10.29 -43.73
CA PHE B 718 -8.22 -10.72 -44.34
C PHE B 718 -7.56 -9.62 -45.15
N LYS B 719 -8.26 -8.53 -45.44
CA LYS B 719 -7.61 -7.37 -46.03
C LYS B 719 -7.08 -6.43 -44.96
N ARG B 720 -7.61 -6.52 -43.74
CA ARG B 720 -7.09 -5.72 -42.64
C ARG B 720 -5.72 -6.23 -42.20
N ILE B 721 -4.94 -5.32 -41.64
CA ILE B 721 -3.65 -5.65 -41.03
C ILE B 721 -3.64 -4.97 -39.66
N ASP B 722 -4.00 -5.72 -38.63
CA ASP B 722 -4.17 -5.18 -37.29
C ASP B 722 -3.03 -5.62 -36.39
N THR B 723 -2.85 -4.87 -35.29
CA THR B 723 -1.81 -5.23 -34.32
C THR B 723 -2.08 -6.59 -33.68
N LEU B 724 -3.33 -7.01 -33.62
CA LEU B 724 -3.69 -8.31 -33.09
C LEU B 724 -5.10 -8.65 -33.55
N LEU B 725 -5.32 -9.91 -33.90
CA LEU B 725 -6.62 -10.34 -34.42
C LEU B 725 -6.78 -11.82 -34.16
N TYR B 726 -7.87 -12.21 -33.52
CA TYR B 726 -8.22 -13.61 -33.31
C TYR B 726 -9.42 -13.94 -34.18
N LEU B 727 -9.30 -15.00 -34.98
CA LEU B 727 -10.35 -15.39 -35.93
C LEU B 727 -10.66 -16.87 -35.77
N MET B 728 -11.95 -17.18 -35.70
CA MET B 728 -12.39 -18.58 -35.70
C MET B 728 -12.41 -19.11 -37.13
N THR B 729 -11.90 -20.33 -37.30
CA THR B 729 -11.90 -20.94 -38.63
C THR B 729 -13.32 -21.29 -39.07
N TYR B 730 -14.11 -21.88 -38.18
CA TYR B 730 -15.45 -22.36 -38.51
C TYR B 730 -16.46 -21.78 -37.52
N PRO B 731 -16.75 -20.49 -37.62
CA PRO B 731 -17.77 -19.91 -36.73
C PRO B 731 -19.16 -20.35 -37.15
N GLN B 732 -19.99 -20.62 -36.16
CA GLN B 732 -21.38 -21.00 -36.37
C GLN B 732 -22.28 -19.99 -35.71
N GLN B 733 -23.44 -19.75 -36.31
CA GLN B 733 -24.43 -18.92 -35.66
C GLN B 733 -25.10 -19.69 -34.53
N PRO B 734 -25.45 -19.03 -33.43
CA PRO B 734 -26.07 -19.76 -32.31
C PRO B 734 -27.39 -20.38 -32.71
N MET B 735 -27.63 -21.60 -32.21
CA MET B 735 -28.89 -22.26 -32.49
C MET B 735 -30.04 -21.54 -31.81
N VAL B 736 -29.84 -21.14 -30.56
CA VAL B 736 -30.79 -20.29 -29.84
C VAL B 736 -30.26 -18.87 -29.90
N LYS B 737 -30.94 -18.03 -30.67
CA LYS B 737 -30.57 -16.63 -30.81
C LYS B 737 -31.64 -15.77 -30.17
N THR B 738 -31.50 -14.46 -30.33
CA THR B 738 -32.48 -13.50 -29.85
C THR B 738 -32.85 -12.56 -30.98
N LYS B 739 -33.80 -11.66 -30.70
CA LYS B 739 -34.11 -10.62 -31.65
C LYS B 739 -32.95 -9.64 -31.78
N THR B 740 -32.23 -9.41 -30.69
CA THR B 740 -31.12 -8.45 -30.70
C THR B 740 -30.02 -8.89 -31.66
N ILE B 741 -29.63 -10.18 -31.63
CA ILE B 741 -28.47 -10.60 -32.42
C ILE B 741 -28.77 -10.50 -33.91
N GLU B 742 -30.04 -10.59 -34.30
CA GLU B 742 -30.37 -10.38 -35.70
C GLU B 742 -30.68 -8.92 -36.02
N LEU B 743 -30.99 -8.12 -35.01
CA LEU B 743 -31.11 -6.68 -35.22
C LEU B 743 -29.74 -6.02 -35.37
N ILE B 744 -28.71 -6.64 -34.82
CA ILE B 744 -27.35 -6.10 -34.89
C ILE B 744 -26.46 -6.94 -35.80
N ASP B 745 -27.03 -7.84 -36.59
CA ASP B 745 -26.30 -8.68 -37.54
C ASP B 745 -25.21 -9.50 -36.87
N TYR B 746 -25.51 -10.03 -35.68
CA TYR B 746 -24.55 -10.91 -35.02
C TYR B 746 -24.51 -12.28 -35.68
N ASP B 747 -25.62 -12.71 -36.28
CA ASP B 747 -25.65 -14.00 -36.96
C ASP B 747 -24.87 -13.99 -38.27
N LYS B 748 -24.46 -12.81 -38.75
CA LYS B 748 -23.66 -12.73 -39.96
C LYS B 748 -22.17 -12.84 -39.68
N LEU B 749 -21.71 -12.33 -38.53
CA LEU B 749 -20.36 -12.55 -38.05
C LEU B 749 -20.41 -13.07 -36.63
N PRO B 750 -20.73 -14.35 -36.47
CA PRO B 750 -20.82 -14.93 -35.12
C PRO B 750 -19.46 -15.27 -34.55
N ALA B 751 -19.41 -15.42 -33.23
CA ALA B 751 -18.19 -15.75 -32.51
C ALA B 751 -18.49 -16.92 -31.58
N GLY B 752 -18.38 -18.13 -32.09
CA GLY B 752 -18.61 -19.30 -31.28
C GLY B 752 -18.99 -20.49 -32.14
N GLN B 753 -19.42 -21.55 -31.47
CA GLN B 753 -19.79 -22.79 -32.13
C GLN B 753 -20.78 -23.54 -31.26
N ASN B 754 -21.63 -24.35 -31.90
CA ASN B 754 -22.68 -25.07 -31.20
C ASN B 754 -22.15 -26.44 -30.84
N ALA B 755 -21.48 -26.51 -29.68
CA ALA B 755 -20.88 -27.76 -29.23
C ALA B 755 -21.95 -28.72 -28.74
N THR B 756 -21.81 -29.99 -29.11
CA THR B 756 -22.61 -31.04 -28.48
C THR B 756 -22.17 -31.18 -27.03
N VAL B 757 -23.06 -30.85 -26.11
CA VAL B 757 -22.72 -30.77 -24.70
C VAL B 757 -23.46 -31.85 -23.93
N ALA B 758 -22.72 -32.63 -23.16
CA ALA B 758 -23.28 -33.51 -22.15
C ALA B 758 -22.98 -32.90 -20.79
N VAL B 759 -24.03 -32.64 -20.01
CA VAL B 759 -23.86 -32.06 -18.68
C VAL B 759 -23.71 -33.23 -17.71
N MET B 760 -22.47 -33.62 -17.42
CA MET B 760 -22.23 -34.73 -16.52
C MET B 760 -20.86 -34.57 -15.89
N SER B 761 -20.68 -35.24 -14.75
CA SER B 761 -19.36 -35.38 -14.16
C SER B 761 -18.56 -36.41 -14.95
N TYR B 762 -17.33 -36.08 -15.31
CA TYR B 762 -16.54 -36.97 -16.16
C TYR B 762 -15.05 -36.77 -15.92
N SER B 763 -14.36 -37.88 -15.68
CA SER B 763 -12.91 -37.98 -15.70
C SER B 763 -12.25 -37.29 -14.51
N GLY B 764 -13.03 -36.58 -13.71
CA GLY B 764 -12.48 -35.83 -12.60
C GLY B 764 -11.70 -34.60 -12.98
N TYR B 765 -11.48 -34.35 -14.26
CA TYR B 765 -10.73 -33.19 -14.73
C TYR B 765 -11.65 -32.01 -15.03
N ASP B 766 -12.91 -32.07 -14.62
CA ASP B 766 -13.87 -31.01 -14.90
C ASP B 766 -14.36 -30.31 -13.64
N ILE B 767 -13.66 -30.49 -12.52
CA ILE B 767 -14.05 -29.81 -11.28
C ILE B 767 -13.65 -28.35 -11.36
N GLU B 768 -14.49 -27.48 -10.78
CA GLU B 768 -14.23 -26.04 -10.70
C GLU B 768 -14.08 -25.43 -12.09
N ASP B 769 -15.20 -25.41 -12.82
CA ASP B 769 -15.32 -24.70 -14.08
C ASP B 769 -14.50 -25.32 -15.19
N ALA B 770 -13.69 -26.33 -14.89
CA ALA B 770 -12.88 -26.97 -15.91
C ALA B 770 -13.76 -27.76 -16.86
N LEU B 771 -13.37 -27.78 -18.13
CA LEU B 771 -14.15 -28.44 -19.17
C LEU B 771 -13.41 -29.67 -19.68
N VAL B 772 -14.19 -30.61 -20.20
CA VAL B 772 -13.67 -31.77 -20.91
C VAL B 772 -13.92 -31.51 -22.39
N LEU B 773 -12.86 -31.54 -23.19
CA LEU B 773 -12.96 -31.32 -24.62
C LEU B 773 -12.74 -32.63 -25.37
N ASN B 774 -13.59 -32.87 -26.36
CA ASN B 774 -13.46 -34.04 -27.21
C ASN B 774 -12.24 -33.88 -28.11
N LYS B 775 -11.24 -34.73 -27.93
CA LYS B 775 -10.34 -34.99 -29.03
C LYS B 775 -11.13 -35.66 -30.15
N SER B 776 -10.73 -35.40 -31.38
CA SER B 776 -11.39 -35.76 -32.63
C SER B 776 -12.56 -34.82 -32.94
N SER B 777 -13.02 -34.00 -32.00
CA SER B 777 -13.76 -32.80 -32.35
C SER B 777 -12.80 -31.65 -32.63
N ILE B 778 -11.73 -31.58 -31.84
CA ILE B 778 -10.65 -30.64 -32.09
C ILE B 778 -9.93 -31.00 -33.37
N ASP B 779 -9.79 -32.30 -33.64
CA ASP B 779 -9.17 -32.75 -34.89
C ASP B 779 -9.99 -32.32 -36.10
N ARG B 780 -11.31 -32.37 -35.99
CA ARG B 780 -12.19 -32.02 -37.10
C ARG B 780 -12.45 -30.53 -37.20
N GLY B 781 -11.83 -29.72 -36.34
CA GLY B 781 -11.87 -28.28 -36.46
C GLY B 781 -12.69 -27.54 -35.42
N PHE B 782 -13.22 -28.22 -34.41
CA PHE B 782 -13.95 -27.54 -33.37
C PHE B 782 -13.00 -26.66 -32.56
N GLY B 783 -13.38 -25.39 -32.37
CA GLY B 783 -12.57 -24.49 -31.59
C GLY B 783 -11.29 -24.04 -32.25
N ARG B 784 -11.08 -24.40 -33.51
CA ARG B 784 -9.83 -24.08 -34.19
C ARG B 784 -9.85 -22.63 -34.60
N CYS B 785 -8.91 -21.85 -34.08
CA CYS B 785 -8.83 -20.43 -34.36
C CYS B 785 -7.45 -20.11 -34.92
N GLU B 786 -7.18 -18.83 -35.10
CA GLU B 786 -5.86 -18.39 -35.52
C GLU B 786 -5.67 -16.95 -35.09
N THR B 787 -4.42 -16.56 -34.92
CA THR B 787 -4.06 -15.21 -34.54
C THR B 787 -3.18 -14.59 -35.62
N ARG B 788 -3.48 -13.34 -35.96
CA ARG B 788 -2.67 -12.58 -36.91
C ARG B 788 -2.12 -11.35 -36.22
N ARG B 789 -0.80 -11.19 -36.28
CA ARG B 789 -0.08 -10.12 -35.62
C ARG B 789 0.66 -9.31 -36.68
N LYS B 790 0.64 -7.99 -36.57
CA LYS B 790 1.33 -7.13 -37.51
C LYS B 790 2.58 -6.53 -36.87
N THR B 791 3.62 -6.36 -37.69
CA THR B 791 4.83 -5.67 -37.30
C THR B 791 5.10 -4.58 -38.33
N THR B 792 5.20 -3.34 -37.87
CA THR B 792 5.37 -2.18 -38.74
C THR B 792 6.74 -1.57 -38.51
N THR B 793 7.44 -1.30 -39.61
CA THR B 793 8.72 -0.62 -39.58
C THR B 793 8.73 0.47 -40.64
N VAL B 794 9.45 1.55 -40.37
CA VAL B 794 9.57 2.67 -41.28
C VAL B 794 11.04 2.89 -41.60
N LEU B 795 11.36 2.94 -42.89
CA LEU B 795 12.71 3.29 -43.34
C LEU B 795 12.82 4.81 -43.31
N LYS B 796 13.21 5.34 -42.16
CA LYS B 796 13.22 6.78 -41.92
C LYS B 796 14.45 7.41 -42.55
N ARG B 797 14.24 8.49 -43.31
CA ARG B 797 15.37 9.27 -43.79
C ARG B 797 15.86 10.21 -42.70
N TYR B 798 17.14 10.55 -42.79
CA TYR B 798 17.81 11.31 -41.75
C TYR B 798 18.33 12.62 -42.33
N ALA B 799 18.84 13.48 -41.45
CA ALA B 799 19.37 14.77 -41.89
C ALA B 799 20.55 14.63 -42.83
N ASN B 800 21.38 13.60 -42.66
CA ASN B 800 22.56 13.42 -43.49
C ASN B 800 22.27 12.64 -44.78
N HIS B 801 21.26 13.04 -45.54
CA HIS B 801 20.86 12.37 -46.80
C HIS B 801 21.00 10.85 -46.72
N THR B 802 20.62 10.27 -45.60
CA THR B 802 20.76 8.84 -45.38
C THR B 802 19.46 8.27 -44.83
N GLN B 803 19.26 6.97 -45.05
CA GLN B 803 18.01 6.33 -44.69
C GLN B 803 18.24 4.83 -44.55
N ASP B 804 17.31 4.17 -43.87
CA ASP B 804 17.40 2.73 -43.72
C ASP B 804 17.13 2.02 -45.03
N ILE B 805 17.73 0.84 -45.17
CA ILE B 805 17.49 -0.05 -46.31
C ILE B 805 17.13 -1.43 -45.77
N ILE B 806 16.60 -2.27 -46.66
CA ILE B 806 16.08 -3.57 -46.25
C ILE B 806 16.77 -4.69 -47.03
N GLY B 807 18.02 -4.47 -47.44
CA GLY B 807 18.77 -5.51 -48.12
C GLY B 807 19.19 -6.62 -47.17
N GLY B 808 19.60 -7.75 -47.74
CA GLY B 808 20.04 -8.87 -46.94
C GLY B 808 20.05 -10.21 -47.65
N MET B 809 19.73 -11.27 -46.90
CA MET B 809 19.73 -12.64 -47.40
C MET B 809 21.13 -13.01 -47.93
N ARG B 810 22.07 -13.12 -46.99
CA ARG B 810 23.36 -13.70 -47.33
C ARG B 810 23.23 -15.21 -47.40
N VAL B 811 24.10 -15.84 -48.18
CA VAL B 811 24.05 -17.28 -48.40
C VAL B 811 25.28 -17.92 -47.78
N ASP B 812 25.30 -19.24 -47.76
CA ASP B 812 26.46 -20.00 -47.33
C ASP B 812 27.28 -20.44 -48.55
N GLU B 813 28.37 -21.15 -48.28
CA GLU B 813 29.27 -21.56 -49.37
C GLU B 813 28.62 -22.57 -50.30
N ASN B 814 27.51 -23.18 -49.91
CA ASN B 814 26.79 -24.11 -50.76
C ASN B 814 25.68 -23.46 -51.56
N GLY B 815 25.52 -22.14 -51.44
CA GLY B 815 24.54 -21.40 -52.20
C GLY B 815 23.22 -21.15 -51.50
N ASP B 816 22.88 -21.96 -50.51
CA ASP B 816 21.65 -21.76 -49.77
C ASP B 816 21.82 -20.60 -48.78
N PRO B 817 20.74 -19.92 -48.41
CA PRO B 817 20.85 -18.87 -47.39
C PRO B 817 21.14 -19.45 -46.02
N ILE B 818 21.63 -18.59 -45.13
CA ILE B 818 21.81 -19.00 -43.74
C ILE B 818 20.45 -19.23 -43.11
N TRP B 819 20.45 -19.99 -42.00
CA TRP B 819 19.19 -20.35 -41.36
C TRP B 819 18.42 -19.13 -40.90
N GLN B 820 19.13 -18.13 -40.37
CA GLN B 820 18.48 -16.91 -39.89
C GLN B 820 17.70 -16.21 -41.00
N HIS B 821 18.04 -16.46 -42.26
CA HIS B 821 17.41 -15.83 -43.41
C HIS B 821 16.67 -16.86 -44.26
N GLN B 822 16.30 -17.98 -43.65
CA GLN B 822 15.75 -19.10 -44.42
C GLN B 822 14.45 -18.71 -45.12
N SER B 823 13.65 -17.84 -44.50
CA SER B 823 12.45 -17.28 -45.12
C SER B 823 12.61 -15.78 -45.13
N LEU B 824 13.31 -15.24 -46.14
CA LEU B 824 13.58 -13.78 -46.13
C LEU B 824 13.37 -13.18 -47.53
N GLY B 825 13.62 -13.96 -48.58
CA GLY B 825 13.49 -13.44 -49.95
C GLY B 825 14.61 -12.48 -50.31
N PRO B 826 14.90 -12.25 -51.61
CA PRO B 826 15.94 -11.30 -52.02
C PRO B 826 15.62 -9.87 -51.56
N ASP B 827 14.34 -9.49 -51.60
CA ASP B 827 13.93 -8.11 -51.21
C ASP B 827 14.31 -7.83 -49.77
N GLY B 828 14.66 -8.86 -48.99
CA GLY B 828 14.95 -8.62 -47.58
C GLY B 828 13.72 -8.54 -46.69
N LEU B 829 12.52 -8.74 -47.25
CA LEU B 829 11.30 -8.82 -46.48
C LEU B 829 10.73 -10.22 -46.61
N GLY B 830 10.29 -10.78 -45.48
CA GLY B 830 9.82 -12.15 -45.40
C GLY B 830 8.94 -12.61 -46.55
N GLU B 831 9.21 -13.81 -47.06
CA GLU B 831 8.45 -14.35 -48.17
C GLU B 831 7.03 -14.68 -47.72
N VAL B 832 6.05 -14.25 -48.52
CA VAL B 832 4.65 -14.47 -48.16
C VAL B 832 4.32 -15.94 -48.32
N GLY B 833 3.86 -16.57 -47.24
CA GLY B 833 3.51 -17.96 -47.20
C GLY B 833 4.52 -18.85 -46.50
N MET B 834 5.74 -18.36 -46.28
CA MET B 834 6.74 -19.17 -45.60
C MET B 834 6.62 -19.05 -44.09
N LYS B 835 7.08 -20.09 -43.40
CA LYS B 835 7.06 -20.15 -41.95
C LYS B 835 8.28 -19.41 -41.39
N VAL B 836 8.11 -18.81 -40.21
CA VAL B 836 9.20 -18.25 -39.44
C VAL B 836 9.21 -18.90 -38.06
N GLN B 837 10.36 -19.40 -37.66
CA GLN B 837 10.55 -19.91 -36.31
C GLN B 837 11.19 -18.84 -35.44
N SER B 838 11.42 -19.18 -34.17
CA SER B 838 12.05 -18.25 -33.26
C SER B 838 13.50 -18.03 -33.65
N GLY B 839 13.89 -16.76 -33.78
CA GLY B 839 15.24 -16.39 -34.15
C GLY B 839 15.42 -15.98 -35.59
N GLN B 840 14.48 -16.30 -36.46
CA GLN B 840 14.59 -15.93 -37.87
C GLN B 840 14.17 -14.47 -38.08
N ILE B 841 14.55 -13.93 -39.23
CA ILE B 841 14.27 -12.55 -39.59
C ILE B 841 13.23 -12.54 -40.69
N TYR B 842 12.22 -11.69 -40.56
CA TYR B 842 11.27 -11.43 -41.63
C TYR B 842 11.35 -10.01 -42.17
N ILE B 843 12.09 -9.12 -41.53
CA ILE B 843 12.38 -7.78 -42.03
C ILE B 843 13.84 -7.49 -41.74
N ASN B 844 14.68 -7.51 -42.78
CA ASN B 844 16.12 -7.30 -42.63
C ASN B 844 16.44 -5.82 -42.82
N LYS B 845 16.15 -5.04 -41.78
CA LYS B 845 16.43 -3.61 -41.80
C LYS B 845 17.83 -3.36 -41.28
N SER B 846 18.50 -2.34 -41.81
CA SER B 846 19.80 -1.91 -41.36
C SER B 846 19.77 -0.40 -41.10
N VAL B 847 20.44 0.03 -40.04
CA VAL B 847 20.44 1.43 -39.64
C VAL B 847 21.85 2.00 -39.84
N PRO B 848 21.98 3.22 -40.37
CA PRO B 848 23.32 3.78 -40.58
C PRO B 848 24.09 3.91 -39.28
N THR B 849 25.40 3.70 -39.37
CA THR B 849 26.28 3.84 -38.21
C THR B 849 26.53 5.29 -37.83
N ASN B 850 26.32 6.22 -38.76
CA ASN B 850 26.48 7.65 -38.52
C ASN B 850 25.14 8.37 -38.61
N SER B 851 24.06 7.64 -38.36
CA SER B 851 22.72 8.20 -38.41
C SER B 851 22.49 9.17 -37.25
N THR B 864 26.79 5.47 -45.30
CA THR B 864 27.76 4.64 -46.01
C THR B 864 27.85 3.25 -45.38
N GLN B 865 28.01 3.21 -44.07
CA GLN B 865 28.11 1.96 -43.33
C GLN B 865 26.82 1.74 -42.53
N TYR B 866 26.19 0.59 -42.75
CA TYR B 866 24.92 0.26 -42.13
C TYR B 866 25.13 -0.84 -41.11
N ARG B 867 24.74 -0.58 -39.86
CA ARG B 867 24.69 -1.61 -38.84
C ARG B 867 23.38 -2.38 -38.97
N GLU B 868 23.43 -3.68 -38.64
CA GLU B 868 22.26 -4.53 -38.81
C GLU B 868 21.28 -4.32 -37.66
N ALA B 869 20.04 -3.99 -38.00
CA ALA B 869 18.95 -3.91 -37.04
C ALA B 869 17.73 -4.65 -37.59
N PRO B 870 17.82 -5.96 -37.73
CA PRO B 870 16.72 -6.71 -38.34
C PRO B 870 15.60 -7.00 -37.35
N VAL B 871 14.43 -7.30 -37.89
CA VAL B 871 13.28 -7.67 -37.07
C VAL B 871 13.25 -9.19 -36.94
N ILE B 872 13.40 -9.68 -35.72
CA ILE B 872 13.55 -11.10 -35.43
C ILE B 872 12.27 -11.62 -34.81
N TYR B 873 11.81 -12.76 -35.30
CA TYR B 873 10.63 -13.41 -34.72
C TYR B 873 11.00 -14.09 -33.41
N ARG B 874 10.37 -13.65 -32.32
CA ARG B 874 10.55 -14.25 -31.00
C ARG B 874 9.20 -14.83 -30.59
N GLY B 875 8.96 -16.07 -30.97
CA GLY B 875 7.72 -16.74 -30.65
C GLY B 875 7.95 -18.20 -30.29
N PRO B 876 7.32 -18.64 -29.19
CA PRO B 876 7.46 -20.06 -28.81
C PRO B 876 7.00 -21.02 -29.89
N GLU B 877 5.95 -20.67 -30.61
CA GLU B 877 5.49 -21.46 -31.75
C GLU B 877 5.70 -20.69 -33.04
N PRO B 878 6.00 -21.37 -34.14
CA PRO B 878 6.24 -20.67 -35.40
C PRO B 878 4.97 -20.04 -35.95
N SER B 879 5.15 -18.96 -36.70
CA SER B 879 4.09 -18.30 -37.43
C SER B 879 4.31 -18.50 -38.92
N HIS B 880 3.40 -17.94 -39.72
CA HIS B 880 3.53 -17.94 -41.16
C HIS B 880 3.29 -16.53 -41.67
N ILE B 881 4.21 -16.03 -42.50
CA ILE B 881 3.99 -14.75 -43.16
C ILE B 881 2.84 -14.94 -44.14
N ASP B 882 1.77 -14.16 -43.97
CA ASP B 882 0.65 -14.21 -44.90
C ASP B 882 0.38 -12.91 -45.60
N GLN B 883 1.05 -11.82 -45.22
CA GLN B 883 0.85 -10.54 -45.88
C GLN B 883 2.03 -9.63 -45.57
N VAL B 884 2.77 -9.26 -46.61
CA VAL B 884 3.79 -8.22 -46.52
C VAL B 884 3.31 -7.04 -47.33
N MET B 885 3.04 -5.92 -46.65
CA MET B 885 2.56 -4.71 -47.29
C MET B 885 3.70 -3.72 -47.39
N MET B 886 4.10 -3.40 -48.62
CA MET B 886 5.12 -2.40 -48.88
C MET B 886 4.43 -1.16 -49.42
N SER B 887 4.58 -0.05 -48.69
CA SER B 887 3.85 1.16 -49.01
C SER B 887 4.68 2.36 -48.55
N VAL B 888 4.08 3.54 -48.61
CA VAL B 888 4.74 4.77 -48.19
C VAL B 888 3.74 5.58 -47.36
N SER B 889 4.25 6.18 -46.29
CA SER B 889 3.44 7.07 -45.47
C SER B 889 3.21 8.38 -46.22
N ASP B 890 2.45 9.28 -45.59
CA ASP B 890 2.11 10.54 -46.24
C ASP B 890 3.32 11.45 -46.41
N ASN B 891 4.42 11.17 -45.72
CA ASN B 891 5.63 11.99 -45.75
C ASN B 891 6.79 11.32 -46.48
N ASP B 892 6.51 10.70 -47.64
CA ASP B 892 7.49 10.10 -48.56
C ASP B 892 8.49 9.20 -47.84
N GLN B 893 7.99 8.56 -46.78
CA GLN B 893 8.81 7.70 -45.93
C GLN B 893 8.36 6.27 -46.12
N ALA B 894 9.30 5.38 -46.40
CA ALA B 894 8.95 3.99 -46.70
C ALA B 894 8.29 3.33 -45.50
N LEU B 895 7.25 2.55 -45.77
CA LEU B 895 6.47 1.88 -44.73
C LEU B 895 6.34 0.42 -45.08
N ILE B 896 6.71 -0.45 -44.13
CA ILE B 896 6.63 -1.89 -44.31
C ILE B 896 5.74 -2.46 -43.21
N LYS B 897 4.79 -3.31 -43.60
CA LYS B 897 3.92 -4.00 -42.67
C LYS B 897 3.93 -5.48 -43.00
N VAL B 898 4.17 -6.32 -42.00
CA VAL B 898 4.20 -7.76 -42.16
C VAL B 898 3.17 -8.36 -41.21
N LEU B 899 2.24 -9.15 -41.76
CA LEU B 899 1.23 -9.83 -40.98
C LEU B 899 1.70 -11.26 -40.72
N LEU B 900 1.77 -11.63 -39.44
CA LEU B 900 2.17 -12.98 -39.04
C LEU B 900 0.93 -13.72 -38.57
N ARG B 901 0.56 -14.77 -39.30
CA ARG B 901 -0.59 -15.61 -38.97
C ARG B 901 -0.11 -16.88 -38.29
N GLN B 902 -0.92 -17.35 -37.33
CA GLN B 902 -0.53 -18.53 -36.56
C GLN B 902 -1.80 -19.31 -36.20
N ASN B 903 -1.97 -20.48 -36.79
CA ASN B 903 -3.07 -21.36 -36.43
C ASN B 903 -2.92 -21.85 -34.99
N ARG B 904 -4.05 -22.04 -34.32
CA ARG B 904 -4.04 -22.44 -32.92
C ARG B 904 -5.07 -23.53 -32.68
N ARG B 905 -4.57 -24.72 -32.34
CA ARG B 905 -5.41 -25.80 -31.86
C ARG B 905 -5.87 -25.50 -30.43
N PRO B 906 -7.13 -25.77 -30.10
CA PRO B 906 -7.52 -25.71 -28.68
C PRO B 906 -6.78 -26.77 -27.89
N GLU B 907 -6.19 -26.35 -26.77
CA GLU B 907 -5.32 -27.21 -25.98
C GLU B 907 -5.73 -27.14 -24.52
N LEU B 908 -4.89 -27.70 -23.66
CA LEU B 908 -5.15 -27.67 -22.22
C LEU B 908 -4.97 -26.25 -21.70
N GLY B 909 -5.96 -25.77 -20.96
CA GLY B 909 -5.90 -24.45 -20.36
C GLY B 909 -6.49 -23.32 -21.19
N ASP B 910 -6.95 -23.61 -22.40
CA ASP B 910 -7.64 -22.60 -23.19
C ASP B 910 -9.03 -22.34 -22.61
N LYS B 911 -9.44 -21.08 -22.62
CA LYS B 911 -10.67 -20.65 -21.96
C LYS B 911 -11.85 -20.69 -22.93
N PHE B 912 -12.96 -21.24 -22.47
CA PHE B 912 -14.21 -21.29 -23.21
C PHE B 912 -15.34 -20.77 -22.34
N SER B 913 -16.37 -20.24 -22.97
CA SER B 913 -17.52 -19.71 -22.25
C SER B 913 -18.78 -20.01 -23.06
N SER B 914 -19.93 -19.91 -22.39
CA SER B 914 -21.17 -20.45 -22.95
C SER B 914 -22.34 -19.48 -22.85
N ARG B 915 -22.10 -18.18 -23.04
CA ARG B 915 -23.13 -17.14 -23.09
C ARG B 915 -23.91 -16.97 -21.79
N HIS B 916 -23.51 -17.65 -20.72
CA HIS B 916 -24.22 -17.52 -19.44
C HIS B 916 -23.24 -17.28 -18.29
N GLY B 917 -22.09 -16.68 -18.56
CA GLY B 917 -21.12 -16.45 -17.51
C GLY B 917 -20.43 -17.68 -17.00
N GLN B 918 -20.60 -18.82 -17.68
CA GLN B 918 -19.99 -20.08 -17.25
C GLN B 918 -18.72 -20.30 -18.05
N LYS B 919 -17.64 -19.67 -17.62
CA LYS B 919 -16.35 -19.83 -18.27
C LYS B 919 -15.54 -20.92 -17.58
N GLY B 920 -14.42 -21.26 -18.19
CA GLY B 920 -13.54 -22.26 -17.63
C GLY B 920 -12.60 -22.79 -18.70
N VAL B 921 -11.46 -23.26 -18.23
CA VAL B 921 -10.41 -23.71 -19.12
C VAL B 921 -10.63 -25.19 -19.45
N CYS B 922 -10.01 -25.63 -20.54
CA CYS B 922 -9.99 -27.05 -20.87
C CYS B 922 -9.17 -27.81 -19.83
N GLY B 923 -9.83 -28.65 -19.04
CA GLY B 923 -9.12 -29.44 -18.06
C GLY B 923 -8.46 -30.67 -18.64
N ILE B 924 -9.09 -31.32 -19.61
CA ILE B 924 -8.55 -32.52 -20.22
C ILE B 924 -9.11 -32.62 -21.63
N ILE B 925 -8.34 -33.25 -22.52
CA ILE B 925 -8.77 -33.57 -23.87
C ILE B 925 -8.72 -35.09 -24.00
N VAL B 926 -9.87 -35.70 -24.25
CA VAL B 926 -9.98 -37.15 -24.22
C VAL B 926 -10.43 -37.67 -25.57
N LYS B 927 -10.05 -38.90 -25.86
CA LYS B 927 -10.35 -39.52 -27.14
C LYS B 927 -11.86 -39.70 -27.31
N GLN B 928 -12.31 -39.76 -28.56
CA GLN B 928 -13.74 -39.84 -28.84
C GLN B 928 -14.35 -41.12 -28.28
N GLU B 929 -13.62 -42.24 -28.35
CA GLU B 929 -14.16 -43.50 -27.87
C GLU B 929 -14.32 -43.52 -26.36
N ASP B 930 -13.53 -42.73 -25.62
CA ASP B 930 -13.67 -42.65 -24.18
C ASP B 930 -14.85 -41.79 -23.76
N MET B 931 -15.34 -40.97 -24.64
CA MET B 931 -16.51 -40.12 -24.44
C MET B 931 -17.78 -40.97 -24.41
N PRO B 932 -18.77 -40.58 -23.61
CA PRO B 932 -20.04 -41.31 -23.62
C PRO B 932 -20.81 -41.06 -24.90
N PHE B 933 -21.63 -42.03 -25.27
CA PHE B 933 -22.38 -41.97 -26.52
C PHE B 933 -23.83 -42.34 -26.27
N ASN B 934 -24.70 -41.89 -27.17
CA ASN B 934 -26.12 -42.19 -27.11
C ASN B 934 -26.45 -43.31 -28.11
N ASP B 935 -27.74 -43.54 -28.32
CA ASP B 935 -28.17 -44.63 -29.20
C ASP B 935 -27.69 -44.43 -30.63
N GLN B 936 -27.71 -43.20 -31.12
CA GLN B 936 -27.28 -42.91 -32.48
C GLN B 936 -25.77 -42.77 -32.61
N GLY B 937 -25.04 -42.94 -31.52
CA GLY B 937 -23.61 -42.71 -31.54
C GLY B 937 -23.20 -41.27 -31.47
N ILE B 938 -24.14 -40.35 -31.20
CA ILE B 938 -23.77 -38.96 -30.99
C ILE B 938 -22.90 -38.86 -29.76
N VAL B 939 -21.82 -38.09 -29.86
CA VAL B 939 -20.80 -38.00 -28.83
C VAL B 939 -20.59 -36.52 -28.52
N PRO B 940 -20.43 -36.12 -27.27
CA PRO B 940 -20.30 -34.69 -26.96
C PRO B 940 -18.96 -34.13 -27.40
N ASP B 941 -18.99 -32.88 -27.88
CA ASP B 941 -17.76 -32.15 -28.10
C ASP B 941 -17.22 -31.58 -26.80
N ILE B 942 -18.11 -31.23 -25.88
CA ILE B 942 -17.76 -30.65 -24.59
C ILE B 942 -18.58 -31.33 -23.51
N ILE B 943 -17.94 -31.64 -22.40
CA ILE B 943 -18.62 -32.10 -21.19
C ILE B 943 -18.41 -31.06 -20.11
N MET B 944 -19.49 -30.58 -19.53
CA MET B 944 -19.44 -29.53 -18.52
C MET B 944 -20.08 -30.02 -17.23
N ASN B 945 -19.49 -29.64 -16.12
CA ASN B 945 -19.87 -30.20 -14.83
C ASN B 945 -21.30 -29.80 -14.45
N PRO B 946 -22.10 -30.73 -13.91
CA PRO B 946 -23.40 -30.32 -13.36
C PRO B 946 -23.29 -29.41 -12.16
N HIS B 947 -22.15 -29.38 -11.47
CA HIS B 947 -22.00 -28.56 -10.28
C HIS B 947 -21.97 -27.07 -10.59
N GLY B 948 -21.78 -26.69 -11.85
CA GLY B 948 -21.83 -25.29 -12.21
C GLY B 948 -23.22 -24.71 -12.28
N PHE B 949 -24.24 -25.55 -12.34
CA PHE B 949 -25.62 -25.05 -12.47
C PHE B 949 -26.28 -24.64 -11.16
N PRO B 950 -26.25 -25.44 -10.08
CA PRO B 950 -27.11 -25.14 -8.93
C PRO B 950 -26.81 -23.80 -8.25
N SER B 951 -25.54 -23.44 -8.11
CA SER B 951 -25.19 -22.23 -7.39
C SER B 951 -25.23 -20.99 -8.27
N ARG B 952 -24.77 -21.08 -9.51
CA ARG B 952 -24.88 -19.96 -10.44
C ARG B 952 -26.33 -19.71 -10.86
N MET B 953 -27.17 -20.73 -10.81
CA MET B 953 -28.61 -20.61 -11.06
C MET B 953 -28.88 -20.11 -12.48
N THR B 954 -28.21 -20.75 -13.44
CA THR B 954 -28.34 -20.41 -14.85
C THR B 954 -29.34 -21.35 -15.52
N VAL B 955 -30.62 -21.16 -15.18
CA VAL B 955 -31.68 -21.93 -15.82
C VAL B 955 -31.77 -21.58 -17.30
N GLY B 956 -31.35 -20.36 -17.66
CA GLY B 956 -31.31 -19.98 -19.06
C GLY B 956 -30.44 -20.90 -19.90
N LYS B 957 -29.36 -21.41 -19.31
CA LYS B 957 -28.50 -22.33 -20.04
C LYS B 957 -29.19 -23.67 -20.32
N MET B 958 -29.93 -24.18 -19.33
CA MET B 958 -30.69 -25.42 -19.57
C MET B 958 -31.76 -25.21 -20.63
N ILE B 959 -32.47 -24.09 -20.56
CA ILE B 959 -33.51 -23.82 -21.55
C ILE B 959 -32.88 -23.63 -22.92
N GLU B 960 -31.68 -23.03 -22.97
CA GLU B 960 -30.96 -22.91 -24.23
C GLU B 960 -30.59 -24.26 -24.80
N LEU B 961 -30.11 -25.18 -23.95
CA LEU B 961 -29.79 -26.52 -24.43
C LEU B 961 -31.02 -27.20 -25.03
N ILE B 962 -32.15 -27.12 -24.31
CA ILE B 962 -33.36 -27.81 -24.79
C ILE B 962 -33.88 -27.16 -26.07
N SER B 963 -33.90 -25.82 -26.12
CA SER B 963 -34.38 -25.12 -27.29
C SER B 963 -33.48 -25.39 -28.49
N GLY B 964 -32.16 -25.43 -28.27
CA GLY B 964 -31.26 -25.74 -29.36
C GLY B 964 -31.43 -27.16 -29.88
N LYS B 965 -31.65 -28.11 -28.97
CA LYS B 965 -31.91 -29.49 -29.39
C LYS B 965 -33.20 -29.57 -30.21
N ALA B 966 -34.27 -28.96 -29.71
CA ALA B 966 -35.52 -28.96 -30.47
C ALA B 966 -35.35 -28.24 -31.80
N GLY B 967 -34.54 -27.18 -31.83
CA GLY B 967 -34.33 -26.46 -33.07
C GLY B 967 -33.55 -27.25 -34.10
N VAL B 968 -32.49 -27.94 -33.69
CA VAL B 968 -31.74 -28.75 -34.64
C VAL B 968 -32.60 -29.91 -35.13
N LEU B 969 -33.44 -30.47 -34.25
CA LEU B 969 -34.29 -31.58 -34.66
C LEU B 969 -35.45 -31.11 -35.53
N ASN B 970 -35.87 -29.86 -35.39
CA ASN B 970 -36.96 -29.30 -36.17
C ASN B 970 -36.49 -28.55 -37.42
N GLY B 971 -35.19 -28.33 -37.56
CA GLY B 971 -34.66 -27.61 -38.70
C GLY B 971 -34.75 -26.11 -38.63
N THR B 972 -35.05 -25.54 -37.47
CA THR B 972 -35.22 -24.10 -37.33
C THR B 972 -34.36 -23.57 -36.20
N LEU B 973 -33.79 -22.39 -36.39
CA LEU B 973 -33.12 -21.70 -35.30
C LEU B 973 -34.17 -21.19 -34.31
N GLU B 974 -33.91 -21.37 -33.03
CA GLU B 974 -34.87 -20.95 -32.01
C GLU B 974 -34.52 -19.57 -31.48
N TYR B 975 -35.40 -19.06 -30.61
CA TYR B 975 -35.27 -17.72 -30.05
C TYR B 975 -35.26 -17.80 -28.53
N GLY B 976 -34.29 -17.12 -27.93
CA GLY B 976 -34.21 -17.04 -26.48
C GLY B 976 -34.28 -15.61 -26.01
N THR B 977 -35.15 -14.81 -26.63
CA THR B 977 -35.21 -13.39 -26.36
C THR B 977 -35.60 -13.14 -24.91
N CYS B 978 -35.17 -11.99 -24.39
CA CYS B 978 -35.45 -11.64 -23.01
C CYS B 978 -36.95 -11.35 -22.85
N PHE B 979 -37.53 -11.91 -21.79
CA PHE B 979 -38.96 -11.84 -21.49
C PHE B 979 -39.81 -12.56 -22.53
N GLY B 980 -39.18 -13.35 -23.41
CA GLY B 980 -39.89 -14.03 -24.48
C GLY B 980 -39.19 -15.30 -24.93
N GLY B 981 -39.13 -15.50 -26.24
CA GLY B 981 -38.45 -16.64 -26.80
C GLY B 981 -39.36 -17.83 -26.99
N SER B 982 -38.76 -18.91 -27.48
CA SER B 982 -39.50 -20.13 -27.73
C SER B 982 -39.89 -20.80 -26.42
N LYS B 983 -41.18 -21.10 -26.28
CA LYS B 983 -41.68 -21.66 -25.02
C LYS B 983 -41.11 -23.04 -24.79
N LEU B 984 -40.91 -23.38 -23.52
CA LEU B 984 -40.32 -24.68 -23.17
C LEU B 984 -41.25 -25.83 -23.52
N GLU B 985 -42.57 -25.62 -23.40
CA GLU B 985 -43.51 -26.68 -23.76
C GLU B 985 -43.44 -27.01 -25.24
N ASP B 986 -43.27 -26.00 -26.10
CA ASP B 986 -43.14 -26.26 -27.53
C ASP B 986 -41.88 -27.06 -27.83
N MET B 987 -40.76 -26.69 -27.21
CA MET B 987 -39.52 -27.42 -27.43
C MET B 987 -39.62 -28.86 -26.92
N SER B 988 -40.27 -29.05 -25.77
CA SER B 988 -40.48 -30.41 -25.26
C SER B 988 -41.38 -31.21 -26.19
N LYS B 989 -42.39 -30.57 -26.77
CA LYS B 989 -43.24 -31.26 -27.74
C LYS B 989 -42.45 -31.68 -28.97
N ILE B 990 -41.57 -30.81 -29.47
CA ILE B 990 -40.71 -31.18 -30.59
C ILE B 990 -39.81 -32.35 -30.20
N LEU B 991 -39.24 -32.30 -29.00
CA LEU B 991 -38.35 -33.37 -28.57
C LEU B 991 -39.08 -34.71 -28.47
N VAL B 992 -40.29 -34.71 -27.94
CA VAL B 992 -41.06 -35.94 -27.81
C VAL B 992 -41.47 -36.45 -29.19
N ASP B 993 -41.82 -35.54 -30.09
CA ASP B 993 -42.24 -35.96 -31.43
C ASP B 993 -41.12 -36.66 -32.19
N GLN B 994 -39.87 -36.32 -31.93
CA GLN B 994 -38.74 -36.92 -32.63
C GLN B 994 -38.13 -38.10 -31.88
N GLY B 995 -38.74 -38.53 -30.78
CA GLY B 995 -38.31 -39.71 -30.06
C GLY B 995 -37.42 -39.46 -28.87
N PHE B 996 -37.22 -38.22 -28.47
CA PHE B 996 -36.36 -37.89 -27.34
C PHE B 996 -37.20 -37.57 -26.10
N ASN B 997 -36.53 -37.61 -24.95
CA ASN B 997 -37.17 -37.23 -23.71
C ASN B 997 -37.56 -35.75 -23.74
N TYR B 998 -38.69 -35.43 -23.11
CA TYR B 998 -39.18 -34.06 -23.09
C TYR B 998 -38.21 -33.13 -22.38
N SER B 999 -37.43 -33.64 -21.43
CA SER B 999 -36.55 -32.81 -20.61
C SER B 999 -35.13 -32.75 -21.15
N GLY B 1000 -34.89 -33.26 -22.34
CA GLY B 1000 -33.57 -33.23 -22.92
C GLY B 1000 -32.57 -34.17 -22.28
N LYS B 1001 -33.03 -35.11 -21.47
CA LYS B 1001 -32.16 -36.05 -20.78
C LYS B 1001 -32.22 -37.39 -21.48
N ASP B 1002 -31.17 -37.70 -22.24
CA ASP B 1002 -31.06 -38.94 -22.96
C ASP B 1002 -30.25 -39.95 -22.15
N MET B 1003 -30.44 -41.22 -22.44
CA MET B 1003 -29.64 -42.26 -21.81
C MET B 1003 -28.39 -42.47 -22.65
N LEU B 1004 -27.23 -42.31 -22.02
CA LEU B 1004 -25.95 -42.51 -22.68
C LEU B 1004 -25.32 -43.80 -22.20
N TYR B 1005 -24.38 -44.30 -22.98
CA TYR B 1005 -23.53 -45.39 -22.56
C TYR B 1005 -22.14 -44.85 -22.25
N SER B 1006 -21.46 -45.50 -21.31
CA SER B 1006 -20.10 -45.10 -21.01
C SER B 1006 -19.17 -45.47 -22.14
N GLY B 1007 -18.26 -44.56 -22.49
CA GLY B 1007 -17.30 -44.83 -23.54
C GLY B 1007 -16.19 -45.76 -23.12
N ILE B 1008 -15.94 -45.90 -21.83
CA ILE B 1008 -14.83 -46.69 -21.33
C ILE B 1008 -15.28 -48.03 -20.74
N THR B 1009 -16.53 -48.13 -20.25
CA THR B 1009 -17.05 -49.40 -19.79
C THR B 1009 -18.10 -49.98 -20.74
N GLY B 1010 -18.77 -49.14 -21.51
CA GLY B 1010 -19.79 -49.57 -22.43
C GLY B 1010 -21.17 -49.72 -21.82
N GLU B 1011 -21.30 -49.59 -20.50
CA GLU B 1011 -22.57 -49.82 -19.85
C GLU B 1011 -23.44 -48.58 -19.90
N CYS B 1012 -24.71 -48.76 -19.58
CA CYS B 1012 -25.62 -47.62 -19.47
C CYS B 1012 -25.24 -46.79 -18.25
N LEU B 1013 -25.22 -45.48 -18.43
CA LEU B 1013 -25.04 -44.58 -17.31
C LEU B 1013 -26.26 -44.64 -16.41
N GLN B 1014 -26.05 -44.74 -15.10
CA GLN B 1014 -27.16 -44.95 -14.18
C GLN B 1014 -28.05 -43.72 -14.05
N ALA B 1015 -27.60 -42.57 -14.55
CA ALA B 1015 -28.41 -41.36 -14.58
C ALA B 1015 -28.54 -40.88 -16.02
N TYR B 1016 -29.72 -40.35 -16.34
CA TYR B 1016 -29.92 -39.73 -17.64
C TYR B 1016 -29.16 -38.43 -17.71
N ILE B 1017 -28.53 -38.18 -18.86
CA ILE B 1017 -27.58 -37.08 -19.02
C ILE B 1017 -28.23 -35.99 -19.87
N PHE B 1018 -28.19 -34.77 -19.37
CA PHE B 1018 -28.64 -33.61 -20.12
C PHE B 1018 -27.79 -33.46 -21.37
N PHE B 1019 -28.38 -33.71 -22.54
CA PHE B 1019 -27.64 -33.86 -23.78
C PHE B 1019 -28.25 -32.95 -24.82
N GLY B 1020 -27.41 -32.14 -25.46
CA GLY B 1020 -27.87 -31.23 -26.49
C GLY B 1020 -26.83 -30.19 -26.86
N PRO B 1021 -27.14 -29.37 -27.85
CA PRO B 1021 -26.19 -28.33 -28.29
C PRO B 1021 -26.27 -27.09 -27.41
N ILE B 1022 -25.10 -26.57 -27.07
CA ILE B 1022 -24.97 -25.29 -26.38
C ILE B 1022 -23.95 -24.46 -27.14
N TYR B 1023 -24.28 -23.20 -27.39
CA TYR B 1023 -23.32 -22.30 -28.02
C TYR B 1023 -22.17 -22.02 -27.07
N TYR B 1024 -20.95 -22.31 -27.52
CA TYR B 1024 -19.75 -22.08 -26.72
C TYR B 1024 -18.82 -21.15 -27.47
N GLN B 1025 -18.28 -20.16 -26.76
CA GLN B 1025 -17.36 -19.19 -27.33
C GLN B 1025 -15.96 -19.48 -26.82
N LYS B 1026 -14.98 -19.43 -27.72
CA LYS B 1026 -13.58 -19.53 -27.33
C LYS B 1026 -13.08 -18.13 -27.02
N LEU B 1027 -12.54 -17.94 -25.82
CA LEU B 1027 -12.13 -16.63 -25.36
C LEU B 1027 -10.67 -16.38 -25.70
N LYS B 1028 -10.32 -15.10 -25.77
CA LYS B 1028 -9.01 -14.66 -26.25
C LYS B 1028 -7.85 -15.08 -25.35
N HIS B 1029 -8.13 -15.55 -24.13
CA HIS B 1029 -7.07 -15.90 -23.19
C HIS B 1029 -6.64 -17.34 -23.45
N MET B 1030 -5.60 -17.50 -24.26
CA MET B 1030 -5.02 -18.81 -24.53
C MET B 1030 -3.77 -19.01 -23.68
N VAL B 1031 -3.55 -20.27 -23.26
CA VAL B 1031 -2.42 -20.58 -22.40
C VAL B 1031 -1.09 -20.41 -23.11
N LEU B 1032 -1.09 -20.39 -24.45
CA LEU B 1032 0.17 -20.23 -25.16
C LEU B 1032 0.75 -18.83 -24.97
N ASP B 1033 -0.10 -17.83 -24.81
CA ASP B 1033 0.34 -16.47 -24.57
C ASP B 1033 0.50 -16.15 -23.08
N LYS B 1034 0.16 -17.08 -22.21
CA LYS B 1034 0.28 -16.88 -20.77
C LYS B 1034 1.41 -17.67 -20.13
N MET B 1035 1.75 -18.84 -20.68
CA MET B 1035 2.89 -19.61 -20.22
C MET B 1035 4.18 -18.80 -20.32
N HIS B 1036 4.75 -18.46 -19.17
CA HIS B 1036 6.01 -17.73 -19.10
C HIS B 1036 6.88 -18.34 -18.01
N ALA B 1037 8.17 -18.44 -18.29
CA ALA B 1037 9.11 -19.02 -17.34
C ALA B 1037 10.48 -18.40 -17.55
N ARG B 1038 11.14 -18.03 -16.46
CA ARG B 1038 12.44 -17.39 -16.49
C ARG B 1038 13.37 -18.08 -15.51
N ALA B 1039 14.59 -18.37 -15.94
CA ALA B 1039 15.61 -18.92 -15.06
C ALA B 1039 16.65 -17.86 -14.70
N ARG B 1040 17.31 -17.29 -15.71
CA ARG B 1040 18.14 -16.11 -15.58
C ARG B 1040 18.10 -15.38 -16.90
N GLY B 1041 18.39 -14.09 -16.88
CA GLY B 1041 18.38 -13.30 -18.09
C GLY B 1041 18.49 -11.82 -17.86
N PRO B 1042 17.70 -11.05 -18.60
CA PRO B 1042 17.80 -9.59 -18.53
C PRO B 1042 17.51 -9.08 -17.13
N ARG B 1043 18.26 -8.05 -16.73
CA ARG B 1043 18.15 -7.46 -15.42
C ARG B 1043 18.03 -5.95 -15.55
N ALA B 1044 17.32 -5.34 -14.61
CA ALA B 1044 17.24 -3.88 -14.58
C ALA B 1044 18.63 -3.29 -14.36
N VAL B 1045 18.95 -2.26 -15.14
CA VAL B 1045 20.28 -1.66 -15.04
C VAL B 1045 20.46 -0.99 -13.68
N LEU B 1046 19.45 -0.25 -13.22
CA LEU B 1046 19.54 0.51 -11.98
C LEU B 1046 19.59 -0.37 -10.74
N THR B 1047 18.73 -1.39 -10.69
CA THR B 1047 18.56 -2.19 -9.47
C THR B 1047 19.16 -3.59 -9.57
N ARG B 1048 19.59 -4.02 -10.76
CA ARG B 1048 20.20 -5.34 -10.97
C ARG B 1048 19.26 -6.46 -10.56
N GLN B 1049 17.96 -6.26 -10.75
CA GLN B 1049 16.94 -7.26 -10.50
C GLN B 1049 16.30 -7.70 -11.81
N PRO B 1050 15.67 -8.87 -11.83
CA PRO B 1050 15.06 -9.36 -13.08
C PRO B 1050 14.06 -8.37 -13.64
N THR B 1051 13.98 -8.32 -14.98
CA THR B 1051 13.09 -7.41 -15.67
C THR B 1051 11.64 -7.74 -15.34
N GLU B 1052 10.71 -6.89 -15.77
CA GLU B 1052 9.34 -6.99 -15.28
C GLU B 1052 8.33 -7.11 -16.42
N GLY B 1053 8.69 -7.84 -17.46
CA GLY B 1053 7.79 -8.05 -18.58
C GLY B 1053 7.99 -9.39 -19.25
N ARG B 1054 6.90 -10.01 -19.70
CA ARG B 1054 7.01 -11.33 -20.34
C ARG B 1054 7.78 -11.24 -21.65
N SER B 1055 7.59 -10.16 -22.40
CA SER B 1055 8.35 -9.99 -23.64
C SER B 1055 9.82 -9.72 -23.35
N ARG B 1056 10.12 -9.20 -22.15
CA ARG B 1056 11.49 -8.92 -21.74
C ARG B 1056 12.09 -10.05 -20.92
N ASP B 1057 11.49 -11.24 -20.95
CA ASP B 1057 11.93 -12.38 -20.14
C ASP B 1057 11.93 -12.01 -18.66
N GLY B 1058 10.82 -11.45 -18.21
CA GLY B 1058 10.75 -10.93 -16.86
C GLY B 1058 10.54 -12.02 -15.81
N GLY B 1059 10.82 -11.65 -14.56
CA GLY B 1059 10.63 -12.53 -13.44
C GLY B 1059 9.32 -12.28 -12.73
N LEU B 1060 8.95 -13.22 -11.87
CA LEU B 1060 7.72 -13.12 -11.10
C LEU B 1060 8.00 -12.48 -9.75
N ARG B 1061 7.30 -11.38 -9.47
CA ARG B 1061 7.56 -10.59 -8.28
C ARG B 1061 7.04 -11.32 -7.05
N LEU B 1062 7.88 -11.43 -6.03
CA LEU B 1062 7.49 -12.00 -4.75
C LEU B 1062 7.23 -10.82 -3.81
N GLY B 1063 5.96 -10.43 -3.69
CA GLY B 1063 5.61 -9.21 -3.01
C GLY B 1063 5.71 -9.30 -1.50
N GLU B 1064 5.32 -8.20 -0.85
CA GLU B 1064 5.29 -8.16 0.60
C GLU B 1064 4.37 -9.23 1.16
N MET B 1065 3.30 -9.57 0.44
CA MET B 1065 2.38 -10.60 0.92
C MET B 1065 3.06 -11.97 0.95
N GLU B 1066 3.77 -12.32 -0.12
CA GLU B 1066 4.47 -13.60 -0.16
C GLU B 1066 5.62 -13.62 0.84
N ARG B 1067 6.29 -12.49 1.02
CA ARG B 1067 7.30 -12.38 2.08
C ARG B 1067 6.69 -12.64 3.45
N ASP B 1068 5.51 -12.08 3.69
CA ASP B 1068 4.80 -12.31 4.95
C ASP B 1068 4.45 -13.79 5.13
N CYS B 1069 3.97 -14.43 4.07
CA CYS B 1069 3.64 -15.85 4.16
C CYS B 1069 4.86 -16.70 4.47
N VAL B 1070 5.98 -16.42 3.80
CA VAL B 1070 7.20 -17.20 4.04
C VAL B 1070 7.72 -16.96 5.45
N ILE B 1071 7.58 -15.73 5.96
CA ILE B 1071 7.93 -15.47 7.35
C ILE B 1071 7.05 -16.28 8.29
N ALA B 1072 5.74 -16.29 8.04
CA ALA B 1072 4.82 -17.04 8.89
C ALA B 1072 5.13 -18.53 8.87
N TYR B 1073 5.70 -19.03 7.77
CA TYR B 1073 6.19 -20.41 7.77
C TYR B 1073 7.44 -20.58 8.63
N GLY B 1074 8.18 -19.52 8.89
CA GLY B 1074 9.43 -19.63 9.61
C GLY B 1074 10.59 -20.15 8.80
N ALA B 1075 10.58 -19.92 7.49
CA ALA B 1075 11.62 -20.43 6.59
C ALA B 1075 12.59 -19.28 6.30
N SER B 1076 13.62 -19.16 7.14
CA SER B 1076 14.58 -18.07 6.99
C SER B 1076 15.47 -18.27 5.77
N GLN B 1077 15.90 -19.51 5.53
CA GLN B 1077 16.79 -19.76 4.40
C GLN B 1077 16.05 -19.59 3.08
N LEU B 1078 14.77 -19.95 3.03
CA LEU B 1078 14.00 -19.72 1.82
C LEU B 1078 13.81 -18.23 1.55
N LEU B 1079 13.57 -17.45 2.61
CA LEU B 1079 13.52 -16.00 2.46
C LEU B 1079 14.83 -15.49 1.89
N LEU B 1080 15.95 -15.95 2.43
CA LEU B 1080 17.26 -15.50 1.97
C LEU B 1080 17.47 -15.86 0.50
N GLU B 1081 17.11 -17.08 0.12
CA GLU B 1081 17.38 -17.55 -1.23
C GLU B 1081 16.47 -16.87 -2.25
N ARG B 1082 15.18 -16.74 -1.94
CA ARG B 1082 14.26 -16.10 -2.87
C ARG B 1082 14.50 -14.61 -2.99
N LEU B 1083 14.84 -13.94 -1.88
CA LEU B 1083 14.91 -12.49 -1.88
C LEU B 1083 16.32 -11.94 -2.05
N MET B 1084 17.36 -12.73 -1.76
CA MET B 1084 18.73 -12.25 -1.94
C MET B 1084 19.49 -13.07 -2.98
N ILE B 1085 19.55 -14.40 -2.83
CA ILE B 1085 20.39 -15.20 -3.72
C ILE B 1085 19.83 -15.19 -5.14
N SER B 1086 18.53 -15.39 -5.28
CA SER B 1086 17.92 -15.56 -6.60
C SER B 1086 17.36 -14.26 -7.17
N SER B 1087 17.51 -13.13 -6.50
CA SER B 1087 17.06 -11.86 -7.06
C SER B 1087 18.20 -10.89 -7.30
N ASP B 1088 18.92 -10.46 -6.25
CA ASP B 1088 20.02 -9.52 -6.43
C ASP B 1088 21.03 -9.76 -5.31
N ALA B 1089 22.08 -10.52 -5.61
CA ALA B 1089 23.15 -10.79 -4.65
C ALA B 1089 24.39 -10.01 -5.09
N PHE B 1090 24.87 -9.12 -4.23
CA PHE B 1090 26.03 -8.30 -4.52
C PHE B 1090 27.08 -8.49 -3.43
N GLU B 1091 28.31 -8.80 -3.84
CA GLU B 1091 29.44 -8.91 -2.92
C GLU B 1091 30.04 -7.52 -2.75
N VAL B 1092 29.63 -6.84 -1.69
CA VAL B 1092 30.10 -5.49 -1.43
C VAL B 1092 31.35 -5.55 -0.54
N ASP B 1093 32.11 -4.47 -0.55
CA ASP B 1093 33.23 -4.27 0.36
C ASP B 1093 32.80 -3.25 1.40
N VAL B 1094 32.83 -3.67 2.67
CA VAL B 1094 32.45 -2.80 3.77
C VAL B 1094 33.65 -2.66 4.70
N CYS B 1095 34.01 -1.42 5.01
CA CYS B 1095 35.10 -1.16 5.94
C CYS B 1095 34.61 -1.39 7.37
N ASP B 1096 35.46 -2.01 8.20
CA ASP B 1096 35.07 -2.25 9.58
C ASP B 1096 35.18 -1.00 10.42
N LYS B 1097 36.06 -0.07 10.07
CA LYS B 1097 36.25 1.14 10.86
C LYS B 1097 35.13 2.14 10.61
N CYS B 1098 34.90 2.48 9.34
CA CYS B 1098 33.77 3.31 8.94
C CYS B 1098 32.76 2.42 8.23
N GLY B 1099 31.49 2.52 8.62
CA GLY B 1099 30.47 1.68 8.02
C GLY B 1099 30.09 2.13 6.63
N LEU B 1100 31.10 2.37 5.79
CA LEU B 1100 30.90 2.88 4.44
C LEU B 1100 31.42 1.88 3.44
N MET B 1101 30.66 1.65 2.38
CA MET B 1101 31.03 0.65 1.39
C MET B 1101 32.26 1.07 0.62
N GLY B 1102 33.18 0.13 0.41
CA GLY B 1102 34.36 0.35 -0.40
C GLY B 1102 34.24 -0.34 -1.75
N TYR B 1103 35.34 -0.28 -2.50
CA TYR B 1103 35.42 -0.92 -3.79
C TYR B 1103 36.77 -1.60 -3.94
N SER B 1104 36.75 -2.81 -4.52
CA SER B 1104 37.97 -3.56 -4.84
C SER B 1104 38.88 -3.71 -3.63
N GLY B 1105 38.28 -3.89 -2.45
CA GLY B 1105 39.06 -3.99 -1.23
C GLY B 1105 39.77 -2.71 -0.85
N TRP B 1106 39.09 -1.57 -1.03
CA TRP B 1106 39.66 -0.26 -0.72
C TRP B 1106 38.55 0.61 -0.15
N CYS B 1107 38.78 1.17 1.04
CA CYS B 1107 37.71 1.87 1.74
C CYS B 1107 37.43 3.24 1.12
N THR B 1108 38.41 3.83 0.44
CA THR B 1108 38.35 5.15 -0.23
C THR B 1108 37.67 6.22 0.61
N THR B 1109 37.71 6.08 1.92
CA THR B 1109 37.37 7.14 2.86
C THR B 1109 38.41 7.27 3.97
N CYS B 1110 38.97 6.15 4.42
CA CYS B 1110 40.15 6.17 5.27
C CYS B 1110 41.41 5.80 4.50
N LYS B 1111 41.26 5.32 3.26
CA LYS B 1111 42.37 5.07 2.35
C LYS B 1111 43.38 4.09 2.95
N SER B 1112 42.87 3.05 3.60
CA SER B 1112 43.73 2.12 4.31
C SER B 1112 43.65 0.69 3.80
N ALA B 1113 42.47 0.23 3.39
CA ALA B 1113 42.22 -1.13 2.91
C ALA B 1113 42.48 -2.19 3.97
N GLU B 1114 42.75 -1.78 5.21
CA GLU B 1114 43.03 -2.73 6.28
C GLU B 1114 41.75 -3.31 6.89
N ASN B 1115 40.73 -2.48 7.07
CA ASN B 1115 39.51 -2.87 7.77
C ASN B 1115 38.40 -3.29 6.81
N ILE B 1116 38.72 -3.58 5.55
CA ILE B 1116 37.69 -3.86 4.56
C ILE B 1116 37.25 -5.32 4.69
N ILE B 1117 35.94 -5.53 4.77
CA ILE B 1117 35.36 -6.85 4.94
C ILE B 1117 34.49 -7.16 3.72
N LYS B 1118 34.42 -8.44 3.37
CA LYS B 1118 33.68 -8.91 2.21
C LYS B 1118 32.41 -9.61 2.67
N MET B 1119 31.27 -9.18 2.15
CA MET B 1119 30.00 -9.82 2.46
C MET B 1119 29.02 -9.59 1.31
N THR B 1120 27.98 -10.41 1.28
CA THR B 1120 26.95 -10.33 0.26
C THR B 1120 25.70 -9.68 0.85
N ILE B 1121 25.19 -8.68 0.15
CA ILE B 1121 23.94 -8.01 0.53
C ILE B 1121 23.12 -7.81 -0.74
N PRO B 1122 21.83 -7.53 -0.60
CA PRO B 1122 21.04 -7.19 -1.79
C PRO B 1122 21.61 -5.97 -2.50
N TYR B 1123 21.66 -6.05 -3.84
CA TYR B 1123 22.03 -4.87 -4.60
C TYR B 1123 21.05 -3.74 -4.38
N ALA B 1124 19.80 -4.08 -4.05
CA ALA B 1124 18.85 -3.04 -3.65
C ALA B 1124 19.32 -2.33 -2.38
N ALA B 1125 19.85 -3.08 -1.42
CA ALA B 1125 20.38 -2.45 -0.20
C ALA B 1125 21.60 -1.60 -0.51
N LYS B 1126 22.48 -2.09 -1.39
CA LYS B 1126 23.64 -1.29 -1.79
C LYS B 1126 23.21 0.01 -2.48
N LEU B 1127 22.22 -0.09 -3.37
CA LEU B 1127 21.68 1.08 -4.05
C LEU B 1127 21.05 2.04 -3.06
N LEU B 1128 20.34 1.51 -2.06
CA LEU B 1128 19.71 2.36 -1.06
C LEU B 1128 20.75 3.10 -0.24
N PHE B 1129 21.84 2.42 0.14
CA PHE B 1129 22.90 3.08 0.90
C PHE B 1129 23.58 4.16 0.06
N GLN B 1130 23.84 3.87 -1.22
CA GLN B 1130 24.48 4.87 -2.07
C GLN B 1130 23.55 6.03 -2.36
N GLU B 1131 22.23 5.80 -2.36
CA GLU B 1131 21.28 6.89 -2.49
C GLU B 1131 21.22 7.72 -1.22
N LEU B 1132 21.28 7.07 -0.06
CA LEU B 1132 21.24 7.78 1.22
C LEU B 1132 22.48 8.64 1.40
N LEU B 1133 23.64 8.15 0.93
CA LEU B 1133 24.84 8.97 0.97
C LEU B 1133 24.74 10.17 0.03
N SER B 1134 23.90 10.08 -1.00
CA SER B 1134 23.70 11.24 -1.87
C SER B 1134 22.98 12.36 -1.13
N MET B 1135 21.95 12.03 -0.36
CA MET B 1135 21.45 12.96 0.64
C MET B 1135 22.43 13.02 1.80
N ASN B 1136 22.11 13.83 2.80
CA ASN B 1136 23.01 13.95 3.95
C ASN B 1136 22.69 12.91 5.02
N ILE B 1137 22.63 11.65 4.61
CA ILE B 1137 22.48 10.51 5.52
C ILE B 1137 23.67 9.60 5.33
N ALA B 1138 24.30 9.22 6.43
CA ALA B 1138 25.42 8.27 6.39
C ALA B 1138 25.00 7.00 7.12
N PRO B 1139 24.43 6.02 6.42
CA PRO B 1139 23.98 4.76 7.07
C PRO B 1139 25.15 3.81 7.30
N ARG B 1140 25.88 4.07 8.39
CA ARG B 1140 27.11 3.34 8.65
C ARG B 1140 26.83 1.94 9.16
N LEU B 1141 27.39 0.95 8.49
CA LEU B 1141 27.19 -0.45 8.85
C LEU B 1141 28.18 -0.86 9.93
N ARG B 1142 27.66 -1.37 11.05
CA ARG B 1142 28.49 -1.98 12.08
C ARG B 1142 28.43 -3.49 11.90
N LEU B 1143 29.59 -4.14 11.98
CA LEU B 1143 29.70 -5.56 11.75
C LEU B 1143 30.06 -6.29 13.04
N GLU B 1144 29.78 -7.59 13.05
CA GLU B 1144 30.22 -8.48 14.10
C GLU B 1144 30.39 -9.87 13.51
N ASP B 1145 31.24 -10.68 14.13
CA ASP B 1145 31.45 -12.03 13.66
C ASP B 1145 30.23 -12.89 13.95
N ILE B 1146 29.88 -13.77 13.02
CA ILE B 1146 28.88 -14.80 13.32
C ILE B 1146 29.44 -15.78 14.33
N PHE B 1147 30.74 -16.04 14.27
CA PHE B 1147 31.40 -17.02 15.10
C PHE B 1147 32.02 -16.34 16.31
N GLN B 1148 32.85 -17.09 17.05
CA GLN B 1148 33.42 -16.74 18.35
C GLN B 1148 32.35 -16.79 19.43
N GLN B 1149 31.09 -17.00 19.07
CA GLN B 1149 29.99 -17.17 20.01
C GLN B 1149 29.85 -15.97 20.94
N MET C 1 -35.09 -57.90 -12.26
CA MET C 1 -33.74 -57.50 -12.67
C MET C 1 -33.25 -58.49 -13.73
N SER C 2 -32.17 -59.20 -13.41
CA SER C 2 -31.81 -60.45 -14.09
C SER C 2 -31.68 -60.25 -15.60
N ASN C 3 -30.60 -59.56 -15.97
CA ASN C 3 -30.12 -59.33 -17.33
C ASN C 3 -30.88 -58.21 -18.04
N ILE C 4 -31.95 -57.70 -17.45
CA ILE C 4 -32.70 -56.59 -18.03
C ILE C 4 -32.26 -55.31 -17.34
N VAL C 5 -31.86 -54.32 -18.14
CA VAL C 5 -31.50 -53.01 -17.60
C VAL C 5 -32.78 -52.25 -17.30
N GLY C 6 -32.97 -51.89 -16.03
CA GLY C 6 -34.19 -51.23 -15.61
C GLY C 6 -34.23 -49.77 -16.02
N ILE C 7 -35.24 -49.39 -16.78
CA ILE C 7 -35.39 -48.01 -17.24
C ILE C 7 -36.52 -47.39 -16.41
N GLU C 8 -36.15 -46.52 -15.49
CA GLU C 8 -37.10 -45.85 -14.62
C GLU C 8 -37.24 -44.38 -15.04
N TYR C 9 -38.12 -43.67 -14.33
CA TYR C 9 -38.38 -42.28 -14.67
C TYR C 9 -37.25 -41.35 -14.22
N ASN C 10 -36.45 -41.79 -13.25
CA ASN C 10 -35.40 -40.96 -12.70
C ASN C 10 -34.02 -41.61 -12.69
N ARG C 11 -33.91 -42.89 -12.99
CA ARG C 11 -32.64 -43.58 -12.88
C ARG C 11 -32.63 -44.82 -13.76
N VAL C 12 -31.42 -45.32 -14.01
CA VAL C 12 -31.21 -46.56 -14.75
C VAL C 12 -30.60 -47.57 -13.78
N THR C 13 -31.17 -48.77 -13.76
CA THR C 13 -30.74 -49.81 -12.84
C THR C 13 -30.22 -51.02 -13.60
N ASN C 14 -29.39 -51.81 -12.91
CA ASN C 14 -28.92 -53.11 -13.40
C ASN C 14 -28.06 -52.97 -14.65
N THR C 15 -27.10 -52.04 -14.60
CA THR C 15 -26.22 -51.78 -15.73
C THR C 15 -24.97 -52.66 -15.73
N THR C 16 -24.78 -53.52 -14.73
CA THR C 16 -23.58 -54.33 -14.61
C THR C 16 -23.90 -55.80 -14.87
N SER C 17 -22.86 -56.55 -15.20
CA SER C 17 -23.03 -57.83 -15.88
C SER C 17 -23.53 -58.92 -14.93
N THR C 18 -22.86 -59.09 -13.79
CA THR C 18 -23.25 -60.07 -12.77
C THR C 18 -23.31 -61.50 -13.33
N ASP C 19 -22.41 -61.82 -14.25
CA ASP C 19 -22.38 -63.13 -14.89
C ASP C 19 -21.00 -63.76 -14.74
N PHE C 20 -20.48 -63.74 -13.53
CA PHE C 20 -19.16 -64.27 -13.20
C PHE C 20 -19.27 -65.13 -11.96
N PRO C 21 -18.35 -66.08 -11.79
CA PRO C 21 -18.34 -66.85 -10.53
C PRO C 21 -17.83 -65.99 -9.40
N GLY C 22 -18.55 -66.02 -8.28
CA GLY C 22 -18.33 -65.11 -7.18
C GLY C 22 -19.46 -64.13 -6.97
N PHE C 23 -20.41 -64.08 -7.90
CA PHE C 23 -21.59 -63.24 -7.73
C PHE C 23 -22.55 -63.83 -6.71
N SER C 24 -22.55 -65.15 -6.55
CA SER C 24 -23.47 -65.82 -5.66
C SER C 24 -22.86 -67.14 -5.23
N LYS C 25 -23.55 -67.83 -4.32
CA LYS C 25 -23.06 -69.12 -3.84
C LYS C 25 -22.93 -70.12 -4.98
N ASP C 26 -23.90 -70.13 -5.90
CA ASP C 26 -23.80 -70.96 -7.09
C ASP C 26 -22.76 -70.34 -8.01
N ALA C 27 -21.53 -70.84 -7.94
CA ALA C 27 -20.41 -70.26 -8.69
C ALA C 27 -20.51 -70.63 -10.17
N GLU C 28 -21.62 -70.21 -10.77
CA GLU C 28 -21.89 -70.49 -12.17
C GLU C 28 -21.31 -69.38 -13.04
N ASN C 29 -21.63 -69.44 -14.34
CA ASN C 29 -21.18 -68.44 -15.31
C ASN C 29 -19.67 -68.29 -15.31
N GLU C 30 -18.95 -69.36 -14.96
CA GLU C 30 -17.52 -69.37 -15.17
C GLU C 30 -17.23 -69.56 -16.65
N TRP C 31 -16.13 -68.96 -17.11
CA TRP C 31 -15.86 -68.89 -18.53
C TRP C 31 -15.64 -70.29 -19.12
N ASN C 32 -16.29 -70.54 -20.25
CA ASN C 32 -15.98 -71.71 -21.07
C ASN C 32 -16.61 -71.52 -22.43
N VAL C 33 -15.83 -71.76 -23.49
CA VAL C 33 -16.38 -71.87 -24.83
C VAL C 33 -17.17 -73.17 -24.88
N GLU C 34 -17.94 -73.35 -25.96
CA GLU C 34 -18.93 -74.42 -26.11
C GLU C 34 -20.14 -74.10 -25.24
N LYS C 35 -20.03 -73.04 -24.44
CA LYS C 35 -21.15 -72.39 -23.77
C LYS C 35 -21.38 -70.99 -24.29
N PHE C 36 -20.34 -70.17 -24.32
CA PHE C 36 -20.39 -68.93 -25.09
C PHE C 36 -20.56 -69.22 -26.57
N LYS C 37 -19.91 -70.27 -27.08
CA LYS C 37 -20.01 -70.60 -28.50
C LYS C 37 -21.43 -71.01 -28.87
N LYS C 38 -22.17 -71.60 -27.93
CA LYS C 38 -23.54 -71.99 -28.20
C LYS C 38 -24.52 -70.86 -27.93
N ASP C 39 -24.25 -70.02 -26.94
CA ASP C 39 -25.16 -68.92 -26.61
C ASP C 39 -25.06 -67.79 -27.63
N PHE C 40 -23.84 -67.46 -28.06
CA PHE C 40 -23.61 -66.27 -28.86
C PHE C 40 -24.29 -66.39 -30.22
N GLU C 41 -24.93 -65.29 -30.64
CA GLU C 41 -25.65 -65.25 -31.90
C GLU C 41 -25.37 -63.93 -32.60
N VAL C 42 -25.35 -63.96 -33.92
CA VAL C 42 -25.18 -62.77 -34.75
C VAL C 42 -26.38 -62.68 -35.68
N ASN C 43 -27.03 -61.51 -35.71
CA ASN C 43 -28.19 -61.28 -36.56
C ASN C 43 -27.95 -60.01 -37.36
N ILE C 44 -27.75 -60.15 -38.66
CA ILE C 44 -27.42 -59.03 -39.53
C ILE C 44 -28.74 -58.47 -40.06
N SER C 45 -29.15 -57.32 -39.53
CA SER C 45 -30.41 -56.71 -39.97
C SER C 45 -30.31 -56.17 -41.39
N SER C 46 -29.23 -55.46 -41.71
CA SER C 46 -29.03 -54.95 -43.05
C SER C 46 -27.55 -54.83 -43.34
N LEU C 47 -27.21 -54.85 -44.63
CA LEU C 47 -25.83 -54.70 -45.07
C LEU C 47 -25.83 -53.87 -46.35
N ASP C 48 -25.12 -52.74 -46.32
CA ASP C 48 -25.00 -51.86 -47.47
C ASP C 48 -23.52 -51.67 -47.78
N ALA C 49 -23.25 -50.88 -48.82
CA ALA C 49 -21.87 -50.58 -49.17
C ALA C 49 -21.24 -49.60 -48.20
N ARG C 50 -22.04 -48.92 -47.38
CA ARG C 50 -21.53 -47.95 -46.42
C ARG C 50 -22.13 -48.06 -45.03
N GLU C 51 -23.20 -48.83 -44.84
CA GLU C 51 -23.86 -48.96 -43.55
C GLU C 51 -24.16 -50.43 -43.28
N ALA C 52 -23.91 -50.88 -42.05
CA ALA C 52 -24.25 -52.21 -41.61
C ALA C 52 -24.99 -52.13 -40.28
N ASN C 53 -26.09 -52.87 -40.17
CA ASN C 53 -26.84 -52.99 -38.93
C ASN C 53 -26.92 -54.47 -38.58
N PHE C 54 -26.30 -54.85 -37.47
CA PHE C 54 -26.26 -56.24 -37.05
C PHE C 54 -26.36 -56.32 -35.54
N ASP C 55 -26.81 -57.47 -35.05
CA ASP C 55 -27.03 -57.69 -33.63
C ASP C 55 -26.02 -58.68 -33.09
N LEU C 56 -25.34 -58.31 -32.01
CA LEU C 56 -24.50 -59.23 -31.24
C LEU C 56 -25.31 -59.61 -30.01
N ILE C 57 -25.71 -60.87 -29.95
CA ILE C 57 -26.62 -61.36 -28.92
C ILE C 57 -25.86 -62.28 -27.98
N ASN C 58 -26.04 -62.07 -26.68
CA ASN C 58 -25.42 -62.89 -25.63
C ASN C 58 -23.90 -62.70 -25.61
N ILE C 59 -23.47 -61.45 -25.75
CA ILE C 59 -22.08 -61.07 -25.58
C ILE C 59 -22.03 -60.01 -24.50
N ASP C 60 -20.85 -59.88 -23.87
CA ASP C 60 -20.72 -58.98 -22.74
C ASP C 60 -20.52 -57.54 -23.19
N THR C 61 -20.95 -56.62 -22.33
CA THR C 61 -20.82 -55.19 -22.59
C THR C 61 -19.37 -54.81 -22.81
N SER C 62 -18.44 -55.37 -22.02
CA SER C 62 -17.04 -55.04 -22.16
C SER C 62 -16.49 -55.44 -23.52
N ILE C 63 -16.87 -56.63 -24.00
CA ILE C 63 -16.37 -57.10 -25.29
C ILE C 63 -16.97 -56.28 -26.43
N ALA C 64 -18.28 -56.02 -26.36
CA ALA C 64 -18.92 -55.22 -27.40
C ALA C 64 -18.34 -53.80 -27.45
N ASN C 65 -18.10 -53.22 -26.28
CA ASN C 65 -17.50 -51.89 -26.24
C ASN C 65 -16.06 -51.91 -26.72
N ALA C 66 -15.33 -53.00 -26.47
CA ALA C 66 -13.99 -53.13 -27.04
C ALA C 66 -14.07 -53.10 -28.56
N PHE C 67 -15.02 -53.84 -29.13
CA PHE C 67 -15.22 -53.79 -30.58
C PHE C 67 -15.51 -52.37 -31.05
N ARG C 68 -16.42 -51.68 -30.37
CA ARG C 68 -16.80 -50.33 -30.79
C ARG C 68 -15.61 -49.37 -30.72
N ARG C 69 -14.84 -49.43 -29.62
CA ARG C 69 -13.69 -48.56 -29.46
C ARG C 69 -12.63 -48.84 -30.51
N ILE C 70 -12.40 -50.11 -30.83
CA ILE C 70 -11.42 -50.43 -31.85
C ILE C 70 -11.87 -49.92 -33.21
N MET C 71 -13.15 -50.11 -33.55
CA MET C 71 -13.69 -49.58 -34.79
C MET C 71 -13.47 -48.07 -34.88
N ILE C 72 -13.76 -47.35 -33.81
CA ILE C 72 -13.67 -45.89 -33.86
C ILE C 72 -12.21 -45.45 -33.95
N SER C 73 -11.34 -46.06 -33.15
CA SER C 73 -10.04 -45.46 -32.89
C SER C 73 -8.83 -46.35 -33.19
N GLU C 74 -9.02 -47.60 -33.56
CA GLU C 74 -7.87 -48.50 -33.76
C GLU C 74 -7.84 -49.23 -35.09
N VAL C 75 -8.88 -49.14 -35.91
CA VAL C 75 -8.82 -49.71 -37.26
C VAL C 75 -8.14 -48.70 -38.16
N PRO C 76 -7.04 -49.07 -38.81
CA PRO C 76 -6.29 -48.11 -39.63
C PRO C 76 -7.05 -47.69 -40.88
N SER C 77 -6.73 -46.49 -41.37
CA SER C 77 -7.27 -45.99 -42.61
C SER C 77 -6.26 -45.01 -43.21
N VAL C 78 -6.41 -44.75 -44.51
CA VAL C 78 -5.50 -43.87 -45.24
C VAL C 78 -6.12 -42.49 -45.34
N ALA C 79 -5.36 -41.47 -44.94
CA ALA C 79 -5.77 -40.08 -45.07
C ALA C 79 -4.55 -39.24 -45.40
N ALA C 80 -4.80 -38.08 -45.99
CA ALA C 80 -3.72 -37.15 -46.29
C ALA C 80 -3.09 -36.66 -44.99
N GLU C 81 -1.77 -36.71 -44.93
CA GLU C 81 -1.03 -36.30 -43.75
C GLU C 81 -0.14 -35.09 -43.98
N TYR C 82 0.56 -35.04 -45.12
CA TYR C 82 1.41 -33.90 -45.46
C TYR C 82 0.92 -33.30 -46.76
N VAL C 83 0.65 -32.00 -46.76
CA VAL C 83 0.24 -31.27 -47.94
C VAL C 83 1.35 -30.29 -48.29
N TYR C 84 1.84 -30.38 -49.53
CA TYR C 84 2.93 -29.55 -50.01
C TYR C 84 2.35 -28.53 -50.97
N PHE C 85 2.26 -27.28 -50.52
CA PHE C 85 1.66 -26.21 -51.31
C PHE C 85 2.69 -25.64 -52.28
N PHE C 86 2.49 -25.90 -53.57
CA PHE C 86 3.26 -25.21 -54.59
C PHE C 86 2.80 -23.76 -54.71
N ASN C 87 1.50 -23.54 -54.59
CA ASN C 87 0.92 -22.21 -54.68
C ASN C 87 -0.49 -22.26 -54.14
N ASN C 88 -0.79 -21.41 -53.16
CA ASN C 88 -2.17 -21.27 -52.67
C ASN C 88 -2.48 -19.77 -52.68
N THR C 89 -3.19 -19.33 -53.72
CA THR C 89 -3.51 -17.94 -53.91
C THR C 89 -4.96 -17.64 -53.50
N SER C 90 -5.70 -18.68 -53.13
CA SER C 90 -7.08 -18.56 -52.69
C SER C 90 -7.16 -17.80 -51.37
N VAL C 91 -8.40 -17.64 -50.87
CA VAL C 91 -8.62 -16.91 -49.64
C VAL C 91 -8.47 -17.78 -48.40
N ILE C 92 -8.58 -19.10 -48.57
CA ILE C 92 -8.43 -20.03 -47.46
C ILE C 92 -6.96 -20.20 -47.15
N GLN C 93 -6.61 -20.13 -45.86
CA GLN C 93 -5.19 -20.28 -45.43
C GLN C 93 -4.71 -21.69 -45.78
N ASP C 94 -3.41 -21.85 -46.01
CA ASP C 94 -2.85 -23.17 -46.41
C ASP C 94 -3.15 -24.20 -45.31
N GLU C 95 -2.93 -23.83 -44.05
CA GLU C 95 -3.15 -24.78 -42.92
C GLU C 95 -4.61 -25.23 -42.91
N VAL C 96 -5.54 -24.31 -43.22
CA VAL C 96 -6.95 -24.67 -43.26
C VAL C 96 -7.24 -25.59 -44.44
N LEU C 97 -6.66 -25.30 -45.60
CA LEU C 97 -6.82 -26.18 -46.75
C LEU C 97 -6.24 -27.55 -46.48
N ALA C 98 -5.06 -27.60 -45.84
CA ALA C 98 -4.45 -28.89 -45.51
C ALA C 98 -5.33 -29.68 -44.55
N HIS C 99 -5.90 -29.01 -43.55
CA HIS C 99 -6.81 -29.68 -42.62
C HIS C 99 -8.02 -30.25 -43.35
N ARG C 100 -8.61 -29.48 -44.26
CA ARG C 100 -9.78 -29.95 -44.99
C ARG C 100 -9.43 -31.15 -45.89
N ILE C 101 -8.29 -31.07 -46.58
CA ILE C 101 -7.87 -32.17 -47.42
C ILE C 101 -7.62 -33.43 -46.60
N GLY C 102 -6.98 -33.27 -45.43
CA GLY C 102 -6.82 -34.40 -44.54
C GLY C 102 -8.14 -34.98 -44.08
N LEU C 103 -9.13 -34.12 -43.86
CA LEU C 103 -10.46 -34.58 -43.45
C LEU C 103 -11.21 -35.24 -44.58
N VAL C 104 -10.81 -35.03 -45.84
CA VAL C 104 -11.38 -35.75 -46.96
C VAL C 104 -11.07 -37.23 -46.84
N PRO C 105 -12.06 -38.13 -46.91
CA PRO C 105 -11.76 -39.56 -46.88
C PRO C 105 -11.47 -40.10 -48.28
N LEU C 106 -10.43 -40.92 -48.38
CA LEU C 106 -10.00 -41.50 -49.64
C LEU C 106 -10.52 -42.93 -49.74
N LYS C 107 -10.98 -43.29 -50.94
CA LYS C 107 -11.49 -44.64 -51.19
C LYS C 107 -10.35 -45.57 -51.60
N VAL C 108 -9.31 -45.59 -50.77
CA VAL C 108 -8.17 -46.47 -50.95
C VAL C 108 -8.22 -47.53 -49.85
N ASP C 109 -8.19 -48.79 -50.26
CA ASP C 109 -8.28 -49.89 -49.32
C ASP C 109 -6.97 -50.07 -48.57
N PRO C 110 -6.98 -50.14 -47.24
CA PRO C 110 -5.75 -50.48 -46.52
C PRO C 110 -5.33 -51.91 -46.80
N ASP C 111 -4.24 -52.32 -46.15
CA ASP C 111 -3.59 -53.61 -46.39
C ASP C 111 -2.93 -53.61 -47.78
N MET C 112 -3.13 -52.54 -48.53
CA MET C 112 -2.37 -52.27 -49.75
C MET C 112 -1.36 -51.16 -49.55
N LEU C 113 -1.22 -50.67 -48.32
CA LEU C 113 -0.17 -49.75 -47.93
C LEU C 113 0.56 -50.36 -46.73
N THR C 114 1.80 -49.94 -46.55
CA THR C 114 2.63 -50.37 -45.44
C THR C 114 2.70 -49.22 -44.43
N TRP C 115 2.77 -49.55 -43.14
CA TRP C 115 2.90 -48.52 -42.13
C TRP C 115 4.21 -47.76 -42.28
N VAL C 116 4.12 -46.43 -42.24
CA VAL C 116 5.30 -45.59 -42.34
C VAL C 116 6.13 -45.72 -41.08
N ASP C 117 7.43 -45.95 -41.26
CA ASP C 117 8.36 -45.95 -40.13
C ASP C 117 8.97 -44.56 -39.98
N SER C 118 8.83 -43.98 -38.79
CA SER C 118 9.31 -42.62 -38.57
C SER C 118 10.76 -42.57 -38.12
N ASN C 119 11.38 -43.72 -37.88
CA ASN C 119 12.79 -43.78 -37.47
C ASN C 119 13.75 -43.58 -38.64
N LEU C 120 13.23 -43.20 -39.81
CA LEU C 120 14.10 -43.08 -41.01
C LEU C 120 14.06 -41.65 -41.55
N PRO C 121 15.06 -41.21 -42.36
CA PRO C 121 15.10 -39.83 -42.87
C PRO C 121 13.94 -39.54 -43.84
N ASP C 122 13.48 -38.30 -43.88
CA ASP C 122 12.35 -37.91 -44.76
C ASP C 122 12.67 -38.35 -46.20
N ASP C 123 13.93 -38.28 -46.62
CA ASP C 123 14.25 -38.60 -48.00
C ASP C 123 14.18 -40.10 -48.30
N GLU C 124 14.10 -40.94 -47.27
CA GLU C 124 13.96 -42.38 -47.44
C GLU C 124 12.68 -42.89 -46.80
N LYS C 125 11.92 -42.03 -46.12
CA LYS C 125 10.78 -42.48 -45.34
C LYS C 125 9.57 -42.79 -46.21
N PHE C 126 9.29 -41.95 -47.20
CA PHE C 126 8.13 -42.13 -48.06
C PHE C 126 8.49 -43.00 -49.24
N THR C 127 7.83 -44.15 -49.38
CA THR C 127 8.07 -45.07 -50.47
C THR C 127 6.79 -45.25 -51.29
N ASP C 128 6.84 -46.18 -52.24
CA ASP C 128 5.66 -46.54 -53.01
C ASP C 128 4.76 -47.51 -52.28
N GLU C 129 5.31 -48.34 -51.40
CA GLU C 129 4.51 -49.19 -50.53
C GLU C 129 3.95 -48.42 -49.34
N ASN C 130 4.34 -47.16 -49.17
CA ASN C 130 4.13 -46.42 -47.94
C ASN C 130 3.13 -45.28 -48.06
N THR C 131 3.02 -44.68 -49.24
CA THR C 131 2.33 -43.39 -49.38
C THR C 131 1.51 -43.36 -50.67
N ILE C 132 0.40 -42.63 -50.61
CA ILE C 132 -0.38 -42.28 -51.78
C ILE C 132 -0.17 -40.79 -52.04
N VAL C 133 0.09 -40.43 -53.29
CA VAL C 133 0.31 -39.05 -53.68
C VAL C 133 -0.90 -38.59 -54.47
N LEU C 134 -1.56 -37.52 -54.00
CA LEU C 134 -2.71 -36.94 -54.66
C LEU C 134 -2.41 -35.49 -54.97
N SER C 135 -2.61 -35.10 -56.21
CA SER C 135 -2.36 -33.73 -56.66
C SER C 135 -3.66 -32.96 -56.81
N LEU C 136 -3.59 -31.66 -56.53
CA LEU C 136 -4.73 -30.77 -56.73
C LEU C 136 -4.22 -29.53 -57.46
N ASN C 137 -4.63 -29.38 -58.72
CA ASN C 137 -4.24 -28.24 -59.55
C ASN C 137 -5.51 -27.63 -60.13
N VAL C 138 -5.93 -26.50 -59.58
CA VAL C 138 -7.17 -25.85 -59.98
C VAL C 138 -6.90 -24.35 -60.07
N LYS C 139 -7.33 -23.73 -61.16
CA LYS C 139 -7.11 -22.32 -61.41
C LYS C 139 -8.41 -21.69 -61.86
N CYS C 140 -8.79 -20.58 -61.21
CA CYS C 140 -10.04 -19.91 -61.48
C CYS C 140 -9.86 -18.84 -62.54
N THR C 141 -10.67 -18.92 -63.60
CA THR C 141 -10.64 -17.89 -64.67
C THR C 141 -12.08 -17.42 -64.90
N ARG C 142 -12.28 -16.10 -65.05
CA ARG C 142 -13.64 -15.55 -65.28
C ARG C 142 -14.21 -16.16 -66.57
N ASN C 143 -15.45 -16.64 -66.53
CA ASN C 143 -16.10 -17.19 -67.74
C ASN C 143 -16.50 -16.03 -68.64
N PRO C 144 -15.93 -15.90 -69.86
CA PRO C 144 -16.23 -14.76 -70.74
C PRO C 144 -17.67 -14.81 -71.29
N ASP C 145 -18.24 -16.01 -71.39
CA ASP C 145 -19.60 -16.15 -71.97
C ASP C 145 -20.64 -16.17 -70.83
N ALA C 146 -20.27 -15.60 -69.67
CA ALA C 146 -21.19 -15.58 -68.51
C ALA C 146 -22.53 -14.97 -68.95
N PRO C 147 -23.67 -15.64 -68.68
CA PRO C 147 -24.99 -15.10 -69.04
C PRO C 147 -25.27 -13.78 -68.31
N LYS C 148 -26.15 -12.95 -68.87
CA LYS C 148 -26.51 -11.65 -68.25
C LYS C 148 -27.01 -11.88 -66.82
N GLY C 149 -26.59 -11.04 -65.87
CA GLY C 149 -27.06 -11.16 -64.47
C GLY C 149 -26.96 -12.58 -63.94
N SER C 150 -25.91 -13.32 -64.35
CA SER C 150 -25.71 -14.69 -63.83
C SER C 150 -24.86 -14.63 -62.55
N THR C 151 -25.44 -14.16 -61.45
CA THR C 151 -24.68 -13.99 -60.18
C THR C 151 -24.01 -15.31 -59.81
N ASP C 152 -24.69 -16.44 -60.05
CA ASP C 152 -24.12 -17.77 -59.67
C ASP C 152 -22.67 -17.84 -60.15
N PRO C 153 -21.69 -18.07 -59.25
CA PRO C 153 -20.28 -18.09 -59.63
C PRO C 153 -19.96 -19.26 -60.58
N LYS C 154 -20.80 -20.30 -60.57
CA LYS C 154 -20.55 -21.49 -61.42
C LYS C 154 -20.58 -21.08 -62.90
N GLU C 155 -21.51 -20.21 -63.28
CA GLU C 155 -21.61 -19.72 -64.68
C GLU C 155 -20.76 -18.46 -64.85
N LEU C 156 -20.62 -17.67 -63.77
CA LEU C 156 -19.86 -16.39 -63.85
C LEU C 156 -18.37 -16.68 -64.07
N TYR C 157 -17.83 -17.67 -63.35
CA TYR C 157 -16.38 -17.97 -63.43
C TYR C 157 -16.14 -19.46 -63.66
N ASN C 158 -14.98 -19.81 -64.22
CA ASN C 158 -14.64 -21.24 -64.43
C ASN C 158 -13.89 -21.75 -63.19
N ASN C 159 -14.17 -23.00 -62.78
CA ASN C 159 -13.47 -23.61 -61.61
C ASN C 159 -13.50 -22.62 -60.45
N ALA C 160 -14.69 -22.17 -60.04
CA ALA C 160 -14.81 -21.25 -58.89
C ALA C 160 -14.99 -22.06 -57.60
N HIS C 161 -15.23 -23.37 -57.73
CA HIS C 161 -15.44 -24.24 -56.55
C HIS C 161 -14.52 -25.46 -56.63
N VAL C 162 -13.60 -25.59 -55.67
CA VAL C 162 -12.70 -26.78 -55.63
C VAL C 162 -13.45 -27.92 -54.92
N TYR C 163 -13.46 -29.11 -55.52
CA TYR C 163 -14.13 -30.27 -54.90
C TYR C 163 -13.11 -31.36 -54.61
N ALA C 164 -13.49 -32.35 -53.79
CA ALA C 164 -12.58 -33.46 -53.46
C ALA C 164 -12.20 -34.22 -54.74
N ARG C 165 -13.12 -34.27 -55.71
CA ARG C 165 -12.84 -34.98 -56.98
C ARG C 165 -11.65 -34.32 -57.70
N ASP C 166 -11.44 -33.02 -57.47
CA ASP C 166 -10.32 -32.30 -58.13
C ASP C 166 -8.98 -32.88 -57.69
N LEU C 167 -8.95 -33.62 -56.58
CA LEU C 167 -7.71 -34.30 -56.14
C LEU C 167 -7.46 -35.49 -57.08
N LYS C 168 -6.27 -35.56 -57.70
CA LYS C 168 -5.99 -36.63 -58.70
C LYS C 168 -4.89 -37.56 -58.16
N PHE C 169 -5.07 -38.87 -58.32
CA PHE C 169 -4.08 -39.86 -57.82
C PHE C 169 -2.83 -39.81 -58.69
N GLU C 170 -1.66 -39.69 -58.06
CA GLU C 170 -0.38 -39.72 -58.82
C GLU C 170 0.30 -41.06 -58.54
N PRO C 171 0.08 -42.10 -59.37
CA PRO C 171 0.64 -43.42 -59.10
C PRO C 171 2.18 -43.36 -59.08
N GLN C 172 2.80 -43.96 -58.06
CA GLN C 172 4.27 -43.92 -57.93
C GLN C 172 4.85 -45.34 -58.07
N GLY C 173 5.61 -45.59 -59.13
CA GLY C 173 6.23 -46.92 -59.33
C GLY C 173 5.20 -48.04 -59.36
N ARG C 174 5.28 -48.97 -58.40
CA ARG C 174 4.34 -50.13 -58.36
C ARG C 174 2.90 -49.62 -58.32
N GLN C 175 2.64 -48.52 -57.60
CA GLN C 175 1.26 -47.99 -57.47
C GLN C 175 0.59 -48.00 -58.85
N SER C 176 1.34 -47.68 -59.89
CA SER C 176 0.78 -47.63 -61.26
C SER C 176 0.09 -48.96 -61.60
N THR C 177 0.65 -50.07 -61.12
CA THR C 177 0.10 -51.42 -61.46
C THR C 177 -0.81 -51.91 -60.32
N THR C 178 -0.38 -51.73 -59.07
CA THR C 178 -1.17 -52.24 -57.91
C THR C 178 -2.51 -51.51 -57.84
N PHE C 179 -2.54 -50.21 -58.14
CA PHE C 179 -3.79 -49.41 -58.05
C PHE C 179 -4.37 -49.18 -59.45
N ALA C 180 -3.94 -49.99 -60.43
CA ALA C 180 -4.45 -49.84 -61.81
C ALA C 180 -5.96 -50.09 -61.84
N ASP C 181 -6.42 -51.16 -61.18
CA ASP C 181 -7.87 -51.49 -61.17
C ASP C 181 -8.60 -50.60 -60.17
N CYS C 182 -7.87 -50.05 -59.19
CA CYS C 182 -8.51 -49.21 -58.14
C CYS C 182 -7.72 -47.91 -57.96
N PRO C 183 -7.82 -46.93 -58.86
CA PRO C 183 -7.14 -45.65 -58.69
C PRO C 183 -7.66 -44.95 -57.42
N VAL C 184 -6.75 -44.46 -56.57
CA VAL C 184 -7.18 -43.81 -55.29
C VAL C 184 -8.07 -42.61 -55.63
N VAL C 185 -9.32 -42.64 -55.14
CA VAL C 185 -10.29 -41.53 -55.41
C VAL C 185 -10.91 -41.12 -54.08
N PRO C 186 -11.37 -39.86 -53.91
CA PRO C 186 -12.07 -39.47 -52.68
C PRO C 186 -13.39 -40.24 -52.56
N ALA C 187 -13.67 -40.78 -51.37
CA ALA C 187 -14.96 -41.50 -51.15
C ALA C 187 -16.10 -40.51 -51.38
N ASP C 188 -15.96 -39.28 -50.89
CA ASP C 188 -16.99 -38.23 -51.13
C ASP C 188 -16.38 -37.18 -52.06
N PRO C 189 -16.69 -37.19 -53.38
CA PRO C 189 -16.05 -36.27 -54.32
C PRO C 189 -16.70 -34.89 -54.38
N ASP C 190 -17.86 -34.71 -53.74
CA ASP C 190 -18.60 -33.42 -53.82
C ASP C 190 -18.22 -32.54 -52.63
N ILE C 191 -17.27 -32.99 -51.80
CA ILE C 191 -16.81 -32.15 -50.65
C ILE C 191 -16.30 -30.83 -51.21
N LEU C 192 -16.85 -29.71 -50.74
CA LEU C 192 -16.41 -28.36 -51.20
C LEU C 192 -15.10 -28.03 -50.51
N LEU C 193 -13.97 -28.37 -51.13
CA LEU C 193 -12.64 -28.13 -50.51
C LEU C 193 -12.39 -26.61 -50.41
N ALA C 194 -12.68 -25.87 -51.48
CA ALA C 194 -12.39 -24.42 -51.48
C ALA C 194 -13.24 -23.68 -52.52
N LYS C 195 -13.36 -22.36 -52.39
CA LYS C 195 -14.08 -21.54 -53.40
C LYS C 195 -13.15 -20.42 -53.83
N LEU C 196 -12.91 -20.28 -55.15
CA LEU C 196 -11.92 -19.26 -55.60
C LEU C 196 -12.57 -18.24 -56.54
N ARG C 197 -11.94 -17.08 -56.69
CA ARG C 197 -12.44 -16.06 -57.65
C ARG C 197 -11.37 -15.91 -58.73
N PRO C 198 -11.63 -15.24 -59.88
CA PRO C 198 -10.64 -15.13 -60.96
C PRO C 198 -9.30 -14.61 -60.46
N GLY C 199 -8.24 -15.24 -60.92
CA GLY C 199 -6.89 -14.91 -60.51
C GLY C 199 -6.35 -15.77 -59.38
N GLN C 200 -7.19 -16.53 -58.69
CA GLN C 200 -6.74 -17.37 -57.59
C GLN C 200 -6.50 -18.80 -58.07
N GLU C 201 -5.38 -19.36 -57.63
CA GLU C 201 -4.96 -20.70 -58.01
C GLU C 201 -4.67 -21.50 -56.77
N ILE C 202 -4.85 -22.82 -56.84
CA ILE C 202 -4.45 -23.75 -55.80
C ILE C 202 -3.66 -24.87 -56.46
N SER C 203 -2.41 -25.04 -56.05
CA SER C 203 -1.54 -26.08 -56.59
C SER C 203 -0.85 -26.78 -55.42
N LEU C 204 -1.18 -28.05 -55.22
CA LEU C 204 -0.62 -28.81 -54.12
C LEU C 204 -0.60 -30.29 -54.49
N LYS C 205 0.24 -31.04 -53.77
CA LYS C 205 0.13 -32.48 -53.72
C LYS C 205 0.18 -32.92 -52.26
N ALA C 206 -0.55 -33.98 -51.96
CA ALA C 206 -0.68 -34.49 -50.60
C ALA C 206 -0.15 -35.90 -50.51
N HIS C 207 0.55 -36.20 -49.42
CA HIS C 207 1.07 -37.53 -49.16
C HIS C 207 0.16 -38.22 -48.16
N CYS C 208 -0.56 -39.25 -48.61
CA CYS C 208 -1.58 -39.92 -47.82
C CYS C 208 -1.04 -41.24 -47.31
N ILE C 209 -1.01 -41.39 -45.99
CA ILE C 209 -0.41 -42.55 -45.34
C ILE C 209 -1.44 -43.22 -44.46
N LEU C 210 -1.13 -44.44 -44.04
CA LEU C 210 -1.94 -45.13 -43.06
C LEU C 210 -1.85 -44.42 -41.71
N GLY C 211 -2.94 -44.45 -40.96
CA GLY C 211 -2.96 -43.84 -39.65
C GLY C 211 -4.00 -44.50 -38.78
N ILE C 212 -4.13 -43.97 -37.57
CA ILE C 212 -4.99 -44.54 -36.54
C ILE C 212 -5.94 -43.47 -36.04
N GLY C 213 -7.23 -43.82 -35.93
CA GLY C 213 -8.21 -42.86 -35.48
C GLY C 213 -7.91 -42.28 -34.11
N GLY C 214 -7.30 -43.07 -33.23
CA GLY C 214 -6.89 -42.54 -31.94
C GLY C 214 -5.81 -41.48 -32.05
N ASP C 215 -5.05 -41.51 -33.14
CA ASP C 215 -4.03 -40.49 -33.37
C ASP C 215 -4.65 -39.20 -33.89
N HIS C 216 -5.35 -39.29 -35.02
CA HIS C 216 -6.09 -38.16 -35.58
C HIS C 216 -7.41 -38.67 -36.14
N ALA C 217 -8.47 -37.88 -35.95
CA ALA C 217 -9.80 -38.30 -36.37
C ALA C 217 -9.89 -38.55 -37.87
N LYS C 218 -9.02 -37.91 -38.66
CA LYS C 218 -9.05 -38.12 -40.10
C LYS C 218 -8.77 -39.57 -40.47
N PHE C 219 -8.09 -40.31 -39.61
CA PHE C 219 -7.79 -41.71 -39.87
C PHE C 219 -8.88 -42.64 -39.40
N SER C 220 -9.93 -42.14 -38.76
CA SER C 220 -11.02 -42.99 -38.32
C SER C 220 -11.85 -43.41 -39.51
N PRO C 221 -12.09 -44.71 -39.71
CA PRO C 221 -12.79 -45.16 -40.92
C PRO C 221 -14.31 -45.23 -40.81
N VAL C 222 -14.89 -44.87 -39.68
CA VAL C 222 -16.33 -44.96 -39.46
C VAL C 222 -16.88 -43.57 -39.24
N SER C 223 -17.94 -43.22 -39.99
CA SER C 223 -18.65 -41.98 -39.70
C SER C 223 -19.27 -42.04 -38.32
N THR C 224 -19.84 -43.19 -37.95
CA THR C 224 -20.07 -43.51 -36.55
C THR C 224 -20.21 -45.02 -36.40
N ALA C 225 -19.47 -45.58 -35.47
CA ALA C 225 -19.63 -46.97 -35.07
C ALA C 225 -20.14 -46.98 -33.64
N SER C 226 -21.31 -47.57 -33.43
CA SER C 226 -21.95 -47.52 -32.13
C SER C 226 -22.97 -48.63 -32.03
N TYR C 227 -23.39 -48.90 -30.80
CA TYR C 227 -24.42 -49.89 -30.54
C TYR C 227 -25.47 -49.29 -29.61
N ARG C 228 -26.56 -50.02 -29.45
CA ARG C 228 -27.57 -49.69 -28.47
C ARG C 228 -28.16 -50.99 -27.94
N LEU C 229 -28.50 -51.00 -26.66
CA LEU C 229 -29.15 -52.17 -26.09
C LEU C 229 -30.56 -52.28 -26.63
N LEU C 230 -30.99 -53.51 -26.91
CA LEU C 230 -32.30 -53.72 -27.48
C LEU C 230 -33.36 -53.30 -26.47
N PRO C 231 -34.23 -52.36 -26.81
CA PRO C 231 -35.28 -51.95 -25.87
C PRO C 231 -36.26 -53.07 -25.61
N GLN C 232 -36.76 -53.10 -24.38
CA GLN C 232 -37.77 -54.07 -23.97
C GLN C 232 -38.92 -53.33 -23.32
N ILE C 233 -40.13 -53.55 -23.82
CA ILE C 233 -41.34 -52.94 -23.27
C ILE C 233 -42.25 -54.06 -22.81
N ASN C 234 -42.56 -54.07 -21.51
CA ASN C 234 -43.44 -55.07 -20.92
C ASN C 234 -44.73 -54.39 -20.52
N ILE C 235 -45.85 -54.86 -21.05
CA ILE C 235 -47.17 -54.34 -20.70
C ILE C 235 -47.71 -55.26 -19.62
N LEU C 236 -47.68 -54.78 -18.37
CA LEU C 236 -47.98 -55.64 -17.23
C LEU C 236 -49.48 -55.92 -17.13
N GLN C 237 -50.31 -54.90 -17.34
CA GLN C 237 -51.75 -55.03 -17.30
C GLN C 237 -52.36 -54.56 -18.61
N PRO C 238 -53.52 -55.10 -19.00
CA PRO C 238 -54.10 -54.71 -20.30
C PRO C 238 -54.44 -53.23 -20.34
N ILE C 239 -54.14 -52.61 -21.49
CA ILE C 239 -54.44 -51.20 -21.74
C ILE C 239 -55.29 -51.16 -22.99
N LYS C 240 -56.46 -50.52 -22.92
CA LYS C 240 -57.45 -50.67 -23.96
C LYS C 240 -58.32 -49.43 -24.11
N GLY C 241 -58.97 -49.35 -25.27
CA GLY C 241 -59.99 -48.37 -25.58
C GLY C 241 -59.46 -47.03 -26.10
N GLU C 242 -59.08 -46.16 -25.17
CA GLU C 242 -58.50 -44.86 -25.53
C GLU C 242 -57.22 -44.60 -24.76
N SER C 243 -57.13 -45.14 -23.54
CA SER C 243 -55.86 -45.20 -22.84
C SER C 243 -54.85 -45.97 -23.67
N ALA C 244 -55.31 -46.92 -24.49
CA ALA C 244 -54.41 -47.62 -25.40
C ALA C 244 -53.84 -46.67 -26.45
N ARG C 245 -54.67 -45.79 -27.01
CA ARG C 245 -54.16 -44.81 -27.97
C ARG C 245 -53.20 -43.83 -27.30
N ARG C 246 -53.53 -43.39 -26.08
CA ARG C 246 -52.63 -42.52 -25.35
C ARG C 246 -51.30 -43.22 -25.07
N PHE C 247 -51.36 -44.52 -24.77
CA PHE C 247 -50.15 -45.32 -24.60
C PHE C 247 -49.35 -45.41 -25.89
N GLN C 248 -50.04 -45.56 -27.02
CA GLN C 248 -49.36 -45.69 -28.30
C GLN C 248 -48.70 -44.38 -28.71
N LYS C 249 -49.26 -43.24 -28.30
CA LYS C 249 -48.65 -41.97 -28.63
C LYS C 249 -47.41 -41.66 -27.79
N CYS C 250 -47.13 -42.44 -26.76
CA CYS C 250 -45.94 -42.25 -25.94
C CYS C 250 -44.71 -42.94 -26.52
N PHE C 251 -44.84 -43.63 -27.64
CA PHE C 251 -43.75 -44.34 -28.29
C PHE C 251 -43.67 -43.90 -29.75
N PRO C 252 -42.54 -44.12 -30.41
CA PRO C 252 -42.47 -43.86 -31.85
C PRO C 252 -43.56 -44.63 -32.58
N PRO C 253 -44.02 -44.11 -33.72
CA PRO C 253 -45.31 -44.58 -34.28
C PRO C 253 -45.41 -46.08 -34.51
N GLY C 254 -44.34 -46.74 -34.93
CA GLY C 254 -44.42 -48.16 -35.25
C GLY C 254 -43.97 -49.09 -34.14
N VAL C 255 -43.84 -48.56 -32.92
CA VAL C 255 -43.29 -49.36 -31.82
C VAL C 255 -44.32 -50.34 -31.29
N ILE C 256 -45.43 -49.82 -30.75
CA ILE C 256 -46.49 -50.65 -30.21
C ILE C 256 -47.72 -50.45 -31.08
N GLY C 257 -48.52 -51.51 -31.21
CA GLY C 257 -49.68 -51.50 -32.08
C GLY C 257 -50.97 -51.66 -31.30
N ILE C 258 -52.07 -51.42 -32.02
CA ILE C 258 -53.42 -51.55 -31.48
C ILE C 258 -54.02 -52.83 -32.05
N ASP C 259 -54.48 -53.70 -31.17
CA ASP C 259 -55.10 -54.94 -31.62
C ASP C 259 -56.54 -54.68 -32.03
N GLU C 260 -57.01 -55.42 -33.02
CA GLU C 260 -58.39 -55.29 -33.50
C GLU C 260 -59.26 -56.34 -32.83
N GLY C 261 -60.42 -55.90 -32.33
CA GLY C 261 -61.29 -56.79 -31.60
C GLY C 261 -60.87 -56.90 -30.15
N SER C 262 -59.63 -57.36 -29.93
CA SER C 262 -59.07 -57.35 -28.59
C SER C 262 -59.01 -55.94 -28.02
N ASP C 263 -58.65 -54.97 -28.86
CA ASP C 263 -58.63 -53.53 -28.59
C ASP C 263 -57.48 -53.21 -27.61
N GLU C 264 -56.78 -54.21 -27.10
CA GLU C 264 -55.70 -53.96 -26.15
C GLU C 264 -54.47 -53.43 -26.88
N ALA C 265 -53.59 -52.78 -26.12
CA ALA C 265 -52.32 -52.34 -26.66
C ALA C 265 -51.25 -53.42 -26.49
N TYR C 266 -50.47 -53.64 -27.55
CA TYR C 266 -49.44 -54.65 -27.52
C TYR C 266 -48.19 -54.11 -28.20
N VAL C 267 -47.04 -54.66 -27.82
CA VAL C 267 -45.76 -54.21 -28.33
C VAL C 267 -45.56 -54.82 -29.72
N LYS C 268 -45.50 -53.97 -30.74
CA LYS C 268 -45.38 -54.42 -32.12
C LYS C 268 -43.93 -54.55 -32.55
N ASP C 269 -43.10 -53.56 -32.21
CA ASP C 269 -41.68 -53.62 -32.57
C ASP C 269 -40.91 -52.76 -31.57
N ALA C 270 -40.26 -53.41 -30.60
CA ALA C 270 -39.44 -52.70 -29.63
C ALA C 270 -38.12 -52.25 -30.21
N ARG C 271 -37.69 -52.81 -31.35
CA ARG C 271 -36.46 -52.38 -31.99
C ARG C 271 -36.57 -50.96 -32.51
N LYS C 272 -37.75 -50.58 -33.00
CA LYS C 272 -37.96 -49.23 -33.51
C LYS C 272 -38.03 -48.18 -32.40
N ASP C 273 -37.84 -48.58 -31.15
CA ASP C 273 -38.15 -47.72 -30.02
C ASP C 273 -36.90 -46.97 -29.56
N THR C 274 -37.00 -45.65 -29.51
CA THR C 274 -36.06 -44.81 -28.80
C THR C 274 -36.55 -44.69 -27.36
N VAL C 275 -35.66 -44.94 -26.40
CA VAL C 275 -36.08 -44.97 -25.01
C VAL C 275 -36.14 -43.53 -24.52
N SER C 276 -37.32 -42.94 -24.59
CA SER C 276 -37.55 -41.57 -24.15
C SER C 276 -38.26 -41.49 -22.81
N ARG C 277 -38.77 -42.61 -22.31
CA ARG C 277 -39.54 -42.66 -21.07
C ARG C 277 -40.68 -41.64 -21.07
N GLU C 278 -41.29 -41.48 -22.24
CA GLU C 278 -42.45 -40.61 -22.34
C GLU C 278 -43.67 -41.22 -21.67
N VAL C 279 -43.74 -42.55 -21.62
CA VAL C 279 -44.86 -43.21 -20.95
C VAL C 279 -44.70 -43.18 -19.44
N LEU C 280 -43.50 -42.91 -18.94
CA LEU C 280 -43.22 -42.96 -17.51
C LEU C 280 -43.55 -41.66 -16.79
N ARG C 281 -44.12 -40.67 -17.50
CA ARG C 281 -44.43 -39.39 -16.92
C ARG C 281 -45.93 -39.13 -16.85
N TYR C 282 -46.75 -40.19 -16.87
CA TYR C 282 -48.18 -40.01 -17.05
C TYR C 282 -49.06 -40.62 -15.98
N GLU C 283 -48.48 -41.32 -15.00
CA GLU C 283 -49.13 -41.73 -13.74
C GLU C 283 -50.44 -42.47 -13.95
N GLU C 284 -50.75 -42.84 -15.19
CA GLU C 284 -51.88 -43.70 -15.50
C GLU C 284 -51.45 -45.03 -16.10
N PHE C 285 -50.28 -45.07 -16.73
CA PHE C 285 -49.63 -46.32 -17.13
C PHE C 285 -48.52 -46.69 -16.15
N ALA C 286 -48.48 -46.08 -14.98
CA ALA C 286 -47.39 -46.30 -14.03
C ALA C 286 -47.35 -47.75 -13.57
N ASP C 287 -48.51 -48.35 -13.32
CA ASP C 287 -48.60 -49.74 -12.88
C ASP C 287 -48.84 -50.69 -14.04
N LYS C 288 -48.84 -50.20 -15.28
CA LYS C 288 -49.22 -50.98 -16.44
C LYS C 288 -48.07 -51.30 -17.38
N VAL C 289 -46.96 -50.57 -17.30
CA VAL C 289 -45.86 -50.74 -18.24
C VAL C 289 -44.55 -50.81 -17.46
N LYS C 290 -43.60 -51.57 -18.01
CA LYS C 290 -42.26 -51.69 -17.45
C LYS C 290 -41.27 -51.54 -18.60
N LEU C 291 -40.46 -50.48 -18.56
CA LEU C 291 -39.47 -50.23 -19.58
C LEU C 291 -38.14 -50.85 -19.19
N GLY C 292 -37.49 -51.48 -20.15
CA GLY C 292 -36.22 -52.14 -19.90
C GLY C 292 -35.36 -52.14 -21.14
N ARG C 293 -34.16 -52.70 -20.98
CA ARG C 293 -33.22 -52.85 -22.08
C ARG C 293 -32.44 -54.14 -21.84
N VAL C 294 -32.39 -55.00 -22.85
CA VAL C 294 -31.63 -56.24 -22.72
C VAL C 294 -30.14 -55.89 -22.63
N ARG C 295 -29.51 -56.29 -21.53
CA ARG C 295 -28.16 -55.82 -21.25
C ARG C 295 -27.12 -56.45 -22.17
N ASN C 296 -27.36 -57.65 -22.67
CA ASN C 296 -26.39 -58.37 -23.49
C ASN C 296 -26.84 -58.51 -24.94
N HIS C 297 -27.84 -57.75 -25.36
CA HIS C 297 -28.29 -57.74 -26.75
C HIS C 297 -27.93 -56.38 -27.35
N PHE C 298 -26.98 -56.39 -28.28
CA PHE C 298 -26.41 -55.16 -28.83
C PHE C 298 -26.84 -55.00 -30.27
N ILE C 299 -27.29 -53.81 -30.63
CA ILE C 299 -27.66 -53.49 -32.00
C ILE C 299 -26.56 -52.57 -32.55
N PHE C 300 -25.58 -53.18 -33.22
CA PHE C 300 -24.48 -52.42 -33.79
C PHE C 300 -24.91 -51.77 -35.09
N ASN C 301 -24.58 -50.50 -35.26
CA ASN C 301 -24.77 -49.77 -36.51
C ASN C 301 -23.42 -49.19 -36.90
N VAL C 302 -22.85 -49.68 -37.99
CA VAL C 302 -21.54 -49.27 -38.47
C VAL C 302 -21.71 -48.56 -39.80
N GLU C 303 -21.35 -47.27 -39.83
CA GLU C 303 -21.37 -46.49 -41.06
C GLU C 303 -19.93 -46.12 -41.42
N SER C 304 -19.44 -46.68 -42.52
CA SER C 304 -18.08 -46.44 -42.95
C SER C 304 -17.96 -45.08 -43.61
N ALA C 305 -16.77 -44.47 -43.46
CA ALA C 305 -16.50 -43.21 -44.15
C ALA C 305 -16.49 -43.40 -45.66
N GLY C 306 -16.10 -44.58 -46.13
CA GLY C 306 -16.10 -44.88 -47.55
C GLY C 306 -14.93 -45.71 -48.01
N ALA C 307 -13.89 -45.81 -47.17
CA ALA C 307 -12.69 -46.55 -47.56
C ALA C 307 -12.95 -48.05 -47.63
N MET C 308 -13.57 -48.62 -46.60
CA MET C 308 -13.86 -50.04 -46.55
C MET C 308 -15.34 -50.26 -46.27
N THR C 309 -15.75 -51.52 -46.38
CA THR C 309 -17.11 -51.88 -46.02
C THR C 309 -17.25 -51.99 -44.50
N PRO C 310 -18.43 -51.70 -43.96
CA PRO C 310 -18.61 -51.79 -42.50
C PRO C 310 -18.40 -53.19 -41.95
N GLU C 311 -18.76 -54.24 -42.69
CA GLU C 311 -18.49 -55.59 -42.22
C GLU C 311 -17.00 -55.84 -42.11
N GLU C 312 -16.22 -55.35 -43.08
CA GLU C 312 -14.78 -55.47 -43.01
C GLU C 312 -14.22 -54.68 -41.83
N ILE C 313 -14.79 -53.51 -41.55
CA ILE C 313 -14.37 -52.74 -40.39
C ILE C 313 -14.60 -53.52 -39.10
N PHE C 314 -15.78 -54.13 -38.96
CA PHE C 314 -16.08 -54.86 -37.75
C PHE C 314 -15.19 -56.09 -37.59
N PHE C 315 -14.94 -56.81 -38.69
CA PHE C 315 -14.06 -57.96 -38.60
C PHE C 315 -12.64 -57.52 -38.26
N LYS C 316 -12.20 -56.40 -38.82
CA LYS C 316 -10.88 -55.89 -38.47
C LYS C 316 -10.82 -55.51 -37.00
N SER C 317 -11.92 -55.02 -36.45
CA SER C 317 -11.93 -54.69 -35.03
C SER C 317 -11.81 -55.94 -34.15
N VAL C 318 -12.59 -56.97 -34.46
CA VAL C 318 -12.51 -58.18 -33.64
C VAL C 318 -11.14 -58.84 -33.80
N ARG C 319 -10.59 -58.79 -35.02
CA ARG C 319 -9.23 -59.31 -35.23
C ARG C 319 -8.20 -58.50 -34.47
N ILE C 320 -8.38 -57.18 -34.39
CA ILE C 320 -7.45 -56.35 -33.63
C ILE C 320 -7.47 -56.71 -32.16
N LEU C 321 -8.67 -56.90 -31.60
CA LEU C 321 -8.76 -57.31 -30.20
C LEU C 321 -8.09 -58.66 -29.99
N LYS C 322 -8.37 -59.62 -30.86
CA LYS C 322 -7.74 -60.93 -30.75
C LYS C 322 -6.22 -60.83 -30.87
N ASN C 323 -5.75 -59.98 -31.78
CA ASN C 323 -4.32 -59.91 -32.06
C ASN C 323 -3.57 -59.24 -30.92
N LYS C 324 -4.15 -58.21 -30.31
CA LYS C 324 -3.50 -57.63 -29.14
C LYS C 324 -3.51 -58.60 -27.96
N ALA C 325 -4.59 -59.38 -27.81
CA ALA C 325 -4.59 -60.40 -26.77
C ALA C 325 -3.48 -61.43 -27.03
N GLU C 326 -3.33 -61.86 -28.29
CA GLU C 326 -2.31 -62.85 -28.63
C GLU C 326 -0.90 -62.29 -28.42
N TYR C 327 -0.67 -61.03 -28.81
CA TYR C 327 0.63 -60.41 -28.63
C TYR C 327 0.98 -60.29 -27.15
N LEU C 328 -0.01 -59.91 -26.32
CA LEU C 328 0.23 -59.82 -24.89
C LEU C 328 0.49 -61.21 -24.29
N LYS C 329 -0.22 -62.23 -24.77
CA LYS C 329 0.01 -63.58 -24.27
C LYS C 329 1.41 -64.08 -24.64
N ASN C 330 1.87 -63.77 -25.85
CA ASN C 330 3.19 -64.21 -26.26
C ASN C 330 4.31 -63.40 -25.60
N CYS C 331 4.03 -62.17 -25.19
CA CYS C 331 5.05 -61.35 -24.55
C CYS C 331 5.49 -61.97 -23.23
N PRO C 332 6.80 -61.99 -22.95
CA PRO C 332 7.27 -62.46 -21.64
C PRO C 332 7.19 -61.36 -20.59
N ILE C 333 6.73 -61.73 -19.40
CA ILE C 333 6.50 -60.75 -18.34
C ILE C 333 7.83 -60.41 -17.68
N THR C 334 8.21 -59.13 -17.76
CA THR C 334 9.44 -58.64 -17.15
C THR C 334 9.17 -58.25 -15.70
N GLN C 335 10.14 -58.54 -14.84
CA GLN C 335 10.01 -58.21 -13.43
C GLN C 335 10.11 -56.71 -13.20
N MET D 1 42.65 -14.98 14.96
CA MET D 1 43.88 -14.50 14.35
C MET D 1 44.75 -13.90 15.46
N LYS D 2 44.07 -13.30 16.44
CA LYS D 2 44.76 -12.63 17.55
C LYS D 2 45.79 -13.54 18.19
N VAL D 3 47.02 -13.04 18.29
CA VAL D 3 48.10 -13.81 18.88
C VAL D 3 48.05 -13.65 20.40
N LEU D 4 47.93 -14.77 21.11
CA LEU D 4 47.71 -14.73 22.55
C LEU D 4 48.90 -14.12 23.27
N GLU D 5 50.10 -14.61 22.98
CA GLU D 5 51.32 -14.02 23.55
C GLU D 5 52.50 -14.37 22.67
N GLU D 6 53.41 -13.41 22.49
CA GLU D 6 54.51 -13.57 21.55
C GLU D 6 55.52 -14.60 22.03
N ARG D 7 55.94 -14.48 23.29
CA ARG D 7 57.05 -15.24 23.84
C ARG D 7 56.53 -16.48 24.55
N ASN D 8 56.34 -17.56 23.78
CA ASN D 8 55.96 -18.83 24.37
C ASN D 8 57.23 -19.57 24.80
N ALA D 9 57.09 -20.85 25.16
CA ALA D 9 58.22 -21.63 25.62
C ALA D 9 59.32 -21.69 24.57
N PHE D 10 60.56 -21.64 25.02
CA PHE D 10 61.72 -21.68 24.12
C PHE D 10 61.85 -23.06 23.48
N LEU D 11 62.64 -23.11 22.41
CA LEU D 11 62.87 -24.33 21.66
C LEU D 11 64.37 -24.63 21.62
N SER D 12 64.75 -25.76 22.20
CA SER D 12 66.10 -26.28 22.00
C SER D 12 66.24 -26.77 20.57
N ASP D 13 67.42 -26.58 19.98
CA ASP D 13 67.59 -26.98 18.59
C ASP D 13 67.95 -28.45 18.48
N TYR D 14 67.19 -29.28 19.20
CA TYR D 14 67.09 -30.71 18.94
C TYR D 14 65.61 -31.06 18.93
N GLU D 15 64.84 -30.34 19.75
CA GLU D 15 63.39 -30.52 19.75
C GLU D 15 62.81 -30.18 18.39
N VAL D 16 63.29 -29.10 17.78
CA VAL D 16 62.85 -28.73 16.45
C VAL D 16 63.23 -29.79 15.43
N LEU D 17 64.46 -30.31 15.53
CA LEU D 17 64.91 -31.34 14.59
C LEU D 17 64.03 -32.58 14.69
N LYS D 18 63.78 -33.07 15.90
CA LYS D 18 62.94 -34.26 16.03
C LYS D 18 61.50 -33.98 15.64
N PHE D 19 61.00 -32.76 15.87
CA PHE D 19 59.66 -32.41 15.42
C PHE D 19 59.56 -32.46 13.91
N LEU D 20 60.55 -31.88 13.21
CA LEU D 20 60.50 -31.90 11.75
C LEU D 20 60.73 -33.31 11.22
N THR D 21 61.51 -34.11 11.94
CA THR D 21 61.74 -35.49 11.51
C THR D 21 60.46 -36.32 11.63
N ASP D 22 59.75 -36.20 12.77
CA ASP D 22 58.50 -36.93 12.91
C ASP D 22 57.44 -36.39 11.96
N LEU D 23 57.50 -35.09 11.64
CA LEU D 23 56.61 -34.55 10.61
C LEU D 23 56.89 -35.22 9.26
N GLU D 24 58.16 -35.29 8.88
CA GLU D 24 58.53 -35.89 7.60
C GLU D 24 58.12 -37.35 7.53
N LYS D 25 58.29 -38.09 8.63
CA LYS D 25 57.89 -39.49 8.65
C LYS D 25 56.38 -39.65 8.71
N LYS D 26 55.67 -38.72 9.36
CA LYS D 26 54.22 -38.82 9.45
C LYS D 26 53.56 -38.55 8.10
N HIS D 27 54.06 -37.56 7.37
CA HIS D 27 53.57 -37.28 6.02
C HIS D 27 54.57 -36.38 5.32
N LEU D 28 54.35 -36.16 4.03
CA LEU D 28 55.17 -35.27 3.22
C LEU D 28 56.61 -35.78 3.13
N TRP D 29 56.71 -37.09 2.90
CA TRP D 29 58.02 -37.73 2.78
C TRP D 29 58.76 -37.22 1.57
N ASP D 30 60.06 -36.94 1.75
CA ASP D 30 60.86 -36.42 0.65
C ASP D 30 61.23 -37.51 -0.36
N GLN D 31 61.55 -38.72 0.10
CA GLN D 31 61.91 -39.78 -0.83
C GLN D 31 60.69 -40.27 -1.60
N LYS D 32 59.51 -40.19 -0.98
CA LYS D 32 58.27 -40.57 -1.67
C LYS D 32 57.84 -39.51 -2.67
N SER D 33 57.99 -38.23 -2.33
CA SER D 33 57.54 -37.16 -3.21
C SER D 33 58.40 -37.05 -4.46
N LEU D 34 59.65 -37.52 -4.41
CA LEU D 34 60.52 -37.43 -5.56
C LEU D 34 60.17 -38.47 -6.62
N ALA D 35 59.27 -39.39 -6.31
CA ALA D 35 58.83 -40.39 -7.28
C ALA D 35 57.60 -39.89 -8.02
N ALA D 36 57.32 -40.51 -9.16
CA ALA D 36 56.19 -40.14 -10.00
C ALA D 36 54.99 -41.03 -9.70
N LEU D 37 53.80 -40.52 -10.04
CA LEU D 37 52.55 -41.24 -9.84
C LEU D 37 51.58 -40.79 -10.92
N LYS D 38 51.32 -41.65 -11.90
CA LYS D 38 50.41 -41.30 -12.98
C LYS D 38 48.97 -41.19 -12.48
N LYS D 39 48.55 -42.14 -11.64
CA LYS D 39 47.16 -42.17 -11.19
C LYS D 39 46.86 -41.00 -10.24
N SER D 40 47.78 -40.73 -9.30
CA SER D 40 47.56 -39.72 -8.28
C SER D 40 46.48 -40.17 -7.29
N ARG D 41 45.65 -39.23 -6.83
CA ARG D 41 44.65 -39.56 -5.82
C ARG D 41 43.36 -40.06 -6.43
N SER D 42 43.03 -39.60 -7.64
CA SER D 42 41.82 -39.94 -8.38
C SER D 42 40.57 -39.24 -7.84
N LYS D 43 40.67 -38.53 -6.71
CA LYS D 43 39.54 -37.75 -6.23
C LYS D 43 39.36 -36.46 -7.02
N GLY D 44 40.46 -35.82 -7.42
CA GLY D 44 40.39 -34.62 -8.21
C GLY D 44 41.25 -33.49 -7.68
N LYS D 45 41.64 -33.56 -6.40
CA LYS D 45 42.41 -32.50 -5.77
C LYS D 45 43.65 -33.04 -5.06
N GLN D 46 44.22 -34.14 -5.56
CA GLN D 46 45.40 -34.73 -4.94
C GLN D 46 45.03 -35.99 -4.17
N ASN D 47 46.02 -36.65 -3.58
CA ASN D 47 45.76 -37.84 -2.79
C ASN D 47 44.84 -37.49 -1.62
N ARG D 48 43.66 -38.10 -1.61
CA ARG D 48 42.61 -37.79 -0.64
C ARG D 48 42.32 -36.28 -0.61
N PRO D 49 41.87 -35.71 -1.74
CA PRO D 49 41.83 -34.25 -1.93
C PRO D 49 42.66 -33.40 -0.98
N TYR D 50 43.98 -33.54 -1.01
CA TYR D 50 44.86 -32.63 -0.30
C TYR D 50 46.21 -32.55 -1.02
N ASN D 51 46.92 -31.47 -0.75
CA ASN D 51 48.29 -31.28 -1.22
C ASN D 51 49.01 -30.41 -0.20
N HIS D 52 50.35 -30.48 -0.24
CA HIS D 52 51.18 -29.72 0.70
C HIS D 52 52.19 -28.88 -0.07
N PRO D 53 51.76 -27.75 -0.61
CA PRO D 53 52.70 -26.77 -1.14
C PRO D 53 53.08 -25.74 -0.08
N GLU D 54 54.25 -25.15 -0.28
CA GLU D 54 54.76 -24.06 0.56
C GLU D 54 55.10 -24.55 1.97
N LEU D 55 54.81 -25.81 2.26
CA LEU D 55 55.17 -26.41 3.54
C LEU D 55 56.30 -27.43 3.43
N GLN D 56 56.34 -28.21 2.35
CA GLN D 56 57.46 -29.12 2.13
C GLN D 56 58.76 -28.35 1.99
N GLY D 57 58.74 -27.22 1.28
CA GLY D 57 59.93 -26.41 1.17
C GLY D 57 60.45 -25.92 2.51
N ILE D 58 59.55 -25.43 3.37
CA ILE D 58 59.98 -24.89 4.65
C ILE D 58 60.38 -26.00 5.63
N THR D 59 59.77 -27.18 5.53
CA THR D 59 60.19 -28.28 6.39
C THR D 59 61.42 -29.00 5.86
N ARG D 60 61.80 -28.75 4.62
CA ARG D 60 63.11 -29.17 4.11
C ARG D 60 64.22 -28.19 4.41
N ASN D 61 63.96 -26.88 4.29
CA ASN D 61 65.02 -25.90 4.46
C ASN D 61 65.56 -25.90 5.88
N VAL D 62 64.67 -25.87 6.86
CA VAL D 62 65.09 -25.87 8.26
C VAL D 62 65.82 -27.16 8.60
N VAL D 63 65.26 -28.31 8.18
CA VAL D 63 65.86 -29.58 8.55
C VAL D 63 67.22 -29.75 7.88
N ASN D 64 67.39 -29.25 6.66
CA ASN D 64 68.69 -29.34 6.00
C ASN D 64 69.70 -28.39 6.66
N TYR D 65 69.26 -27.20 7.05
CA TYR D 65 70.15 -26.28 7.75
C TYR D 65 70.62 -26.86 9.07
N LEU D 66 69.75 -27.60 9.77
CA LEU D 66 70.20 -28.30 10.98
C LEU D 66 71.12 -29.48 10.64
N SER D 67 70.79 -30.23 9.57
CA SER D 67 71.55 -31.42 9.24
C SER D 67 72.94 -31.10 8.68
N ILE D 68 73.16 -29.86 8.25
CA ILE D 68 74.51 -29.49 7.80
C ILE D 68 75.45 -29.54 9.00
N ASN D 69 76.72 -29.89 8.74
CA ASN D 69 77.69 -30.03 9.81
C ASN D 69 77.86 -28.74 10.58
N LYS D 70 77.86 -28.85 11.91
CA LYS D 70 77.96 -27.66 12.76
C LYS D 70 79.30 -26.98 12.52
N ASN D 71 79.25 -25.65 12.43
CA ASN D 71 80.41 -24.86 11.97
C ASN D 71 81.34 -24.49 13.13
N PHE D 72 81.77 -25.53 13.86
CA PHE D 72 82.93 -25.34 14.74
C PHE D 72 84.20 -25.18 13.94
N ILE D 73 84.29 -25.83 12.78
CA ILE D 73 85.43 -25.70 11.88
C ILE D 73 84.88 -25.57 10.47
N ASN D 74 85.74 -25.20 9.53
CA ASN D 74 85.35 -25.11 8.13
C ASN D 74 85.06 -26.50 7.55
N GLU D 91 81.95 -34.81 11.00
CA GLU D 91 81.73 -35.91 10.07
C GLU D 91 80.23 -36.21 9.97
N LYS D 92 79.51 -35.99 11.07
CA LYS D 92 78.09 -36.28 11.11
C LYS D 92 77.29 -35.05 10.69
N SER D 93 75.96 -35.15 10.86
CA SER D 93 75.10 -33.99 10.70
C SER D 93 75.28 -33.00 11.84
N GLY D 94 75.52 -33.49 13.05
CA GLY D 94 75.77 -32.66 14.22
C GLY D 94 74.58 -32.53 15.14
N ILE D 95 73.38 -32.86 14.66
CA ILE D 95 72.17 -32.72 15.46
C ILE D 95 71.42 -34.04 15.47
N SER D 96 71.81 -34.94 14.56
CA SER D 96 70.99 -36.13 14.30
C SER D 96 71.09 -37.16 15.42
N LYS D 97 72.29 -37.40 15.93
CA LYS D 97 72.56 -38.63 16.68
C LYS D 97 72.48 -38.49 18.20
N MET D 98 72.00 -37.37 18.73
CA MET D 98 71.75 -37.32 20.16
C MET D 98 70.34 -37.84 20.47
N SER D 99 70.26 -38.90 21.25
CA SER D 99 68.97 -39.41 21.69
C SER D 99 68.43 -38.56 22.83
N ASP D 100 67.28 -38.96 23.36
CA ASP D 100 66.69 -38.23 24.48
C ASP D 100 67.50 -38.42 25.75
N GLU D 101 67.91 -39.66 26.03
CA GLU D 101 68.79 -39.92 27.17
C GLU D 101 70.15 -39.24 26.99
N SER D 102 70.59 -39.07 25.73
CA SER D 102 71.83 -38.35 25.47
C SER D 102 71.76 -36.92 25.98
N PHE D 103 70.57 -36.32 25.98
CA PHE D 103 70.41 -34.97 26.50
C PHE D 103 69.93 -34.96 27.95
N ALA D 104 69.41 -36.08 28.45
CA ALA D 104 69.04 -36.20 29.85
C ALA D 104 70.21 -36.59 30.73
N GLU D 105 71.34 -36.99 30.16
CA GLU D 105 72.54 -37.32 30.92
C GLU D 105 73.44 -36.11 31.16
N LEU D 106 73.02 -34.92 30.74
CA LEU D 106 73.88 -33.73 30.83
C LEU D 106 73.56 -32.83 32.02
N MET D 107 72.57 -33.18 32.85
CA MET D 107 72.08 -32.25 33.87
C MET D 107 73.19 -31.81 34.81
N THR D 108 73.95 -32.76 35.36
CA THR D 108 74.90 -32.46 36.42
C THR D 108 75.95 -31.44 36.02
N LYS D 109 76.00 -31.08 34.74
CA LYS D 109 76.87 -30.03 34.25
C LYS D 109 76.11 -28.85 33.67
N LEU D 110 75.09 -29.12 32.84
CA LEU D 110 74.33 -28.05 32.21
C LEU D 110 73.63 -27.18 33.25
N ASN D 111 72.99 -27.80 34.24
CA ASN D 111 72.28 -27.01 35.25
C ASN D 111 73.13 -26.77 36.49
N SER D 112 74.37 -27.24 36.52
CA SER D 112 75.30 -26.85 37.57
C SER D 112 76.16 -25.67 37.16
N PHE D 113 76.30 -25.43 35.86
CA PHE D 113 77.04 -24.27 35.40
C PHE D 113 76.16 -23.04 35.48
N LYS D 114 76.38 -22.23 36.51
CA LYS D 114 75.59 -21.04 36.77
C LYS D 114 75.93 -19.98 35.74
N LEU D 115 74.94 -19.57 34.95
CA LEU D 115 75.12 -18.54 33.94
C LEU D 115 74.20 -17.34 34.13
N PHE D 116 73.16 -17.45 34.97
CA PHE D 116 72.17 -16.38 35.15
C PHE D 116 71.62 -15.92 33.81
N LYS D 117 71.39 -16.87 32.91
CA LYS D 117 70.96 -16.52 31.57
C LYS D 117 70.32 -17.72 30.90
N ALA D 118 69.22 -17.47 30.20
CA ALA D 118 68.52 -18.48 29.40
C ALA D 118 69.13 -18.65 28.02
N GLU D 119 70.39 -18.25 27.85
CA GLU D 119 71.07 -18.34 26.57
C GLU D 119 71.61 -19.73 26.27
N LYS D 120 71.11 -20.75 26.98
CA LYS D 120 71.62 -22.11 26.80
C LYS D 120 71.33 -22.64 25.40
N LEU D 121 70.30 -22.12 24.73
CA LEU D 121 69.96 -22.61 23.40
C LEU D 121 71.03 -22.27 22.36
N GLN D 122 71.97 -21.38 22.71
CA GLN D 122 73.05 -21.06 21.78
C GLN D 122 74.04 -22.20 21.65
N ILE D 123 74.56 -22.68 22.79
CA ILE D 123 75.66 -23.65 22.76
C ILE D 123 75.19 -25.08 22.58
N VAL D 124 73.88 -25.33 22.57
CA VAL D 124 73.38 -26.67 22.28
C VAL D 124 73.44 -27.01 20.80
N ASN D 125 73.56 -26.01 19.92
CA ASN D 125 73.60 -26.26 18.49
C ASN D 125 74.70 -25.53 17.72
N GLN D 126 75.32 -24.50 18.28
CA GLN D 126 76.29 -23.74 17.52
C GLN D 126 77.46 -23.31 18.40
N LEU D 127 78.60 -23.10 17.74
CA LEU D 127 79.80 -22.47 18.28
C LEU D 127 80.44 -23.25 19.43
N PRO D 128 80.93 -24.47 19.20
CA PRO D 128 81.74 -25.14 20.22
C PRO D 128 83.23 -24.98 19.98
N ALA D 129 84.04 -25.39 20.96
CA ALA D 129 85.50 -25.45 20.86
C ALA D 129 86.14 -24.11 20.53
N ASN D 130 85.61 -23.01 21.06
CA ASN D 130 86.20 -21.70 20.82
C ASN D 130 85.81 -20.77 21.96
N MET D 131 86.81 -20.19 22.62
CA MET D 131 86.55 -19.28 23.72
C MET D 131 85.90 -17.98 23.26
N VAL D 132 86.28 -17.48 22.08
CA VAL D 132 85.64 -16.29 21.53
C VAL D 132 84.17 -16.56 21.26
N HIS D 133 83.84 -17.76 20.80
CA HIS D 133 82.44 -18.15 20.61
C HIS D 133 81.65 -17.97 21.89
N LEU D 134 82.13 -18.55 22.99
CA LEU D 134 81.42 -18.44 24.26
C LEU D 134 81.48 -17.03 24.82
N TYR D 135 82.61 -16.34 24.66
CA TYR D 135 82.71 -14.96 25.12
C TYR D 135 81.71 -14.06 24.41
N SER D 136 81.36 -14.39 23.17
CA SER D 136 80.30 -13.70 22.45
C SER D 136 78.92 -14.16 22.88
N ILE D 137 78.74 -15.47 23.12
CA ILE D 137 77.43 -16.00 23.48
C ILE D 137 76.96 -15.43 24.82
N VAL D 138 77.85 -15.40 25.81
CA VAL D 138 77.57 -14.74 27.08
C VAL D 138 78.47 -13.52 27.19
N GLU D 139 77.86 -12.35 27.33
CA GLU D 139 78.60 -11.10 27.30
C GLU D 139 79.39 -10.90 28.59
N GLU D 140 80.49 -10.14 28.47
CA GLU D 140 81.33 -9.78 29.62
C GLU D 140 81.82 -11.03 30.35
N CYS D 141 82.16 -12.06 29.58
CA CYS D 141 82.46 -13.37 30.17
C CYS D 141 83.78 -13.35 30.93
N ASP D 142 84.84 -12.81 30.31
CA ASP D 142 86.15 -12.83 30.96
C ASP D 142 86.14 -12.03 32.25
N ALA D 143 85.45 -10.88 32.25
CA ALA D 143 85.26 -10.15 33.50
C ALA D 143 84.43 -10.98 34.48
N ARG D 144 83.42 -11.67 33.98
CA ARG D 144 82.61 -12.52 34.86
C ARG D 144 83.40 -13.73 35.35
N PHE D 145 84.05 -14.45 34.44
CA PHE D 145 84.96 -15.51 34.84
C PHE D 145 85.98 -15.76 33.75
N ASP D 146 87.26 -15.73 34.12
CA ASP D 146 88.33 -15.98 33.16
C ASP D 146 89.46 -16.82 33.77
N GLU D 147 89.20 -17.54 34.86
CA GLU D 147 90.26 -18.21 35.60
C GLU D 147 90.40 -19.68 35.20
N LYS D 148 89.37 -20.49 35.45
CA LYS D 148 89.40 -21.89 35.02
C LYS D 148 88.09 -22.39 34.45
N THR D 149 86.96 -21.71 34.65
CA THR D 149 85.68 -22.23 34.18
C THR D 149 85.35 -21.72 32.78
N ILE D 150 86.30 -21.87 31.86
CA ILE D 150 86.11 -21.40 30.49
C ILE D 150 86.47 -22.49 29.50
N GLU D 151 86.91 -23.65 29.99
CA GLU D 151 87.40 -24.70 29.11
C GLU D 151 86.62 -26.00 29.26
N GLU D 152 86.21 -26.32 30.49
CA GLU D 152 85.38 -27.51 30.67
C GLU D 152 84.04 -27.34 29.97
N MET D 153 83.54 -26.10 29.88
CA MET D 153 82.35 -25.82 29.10
C MET D 153 82.54 -26.21 27.64
N LEU D 154 83.67 -25.79 27.05
CA LEU D 154 83.96 -26.15 25.67
C LEU D 154 84.11 -27.66 25.51
N GLU D 155 84.76 -28.30 26.47
CA GLU D 155 84.94 -29.76 26.39
C GLU D 155 83.60 -30.48 26.41
N ILE D 156 82.69 -30.06 27.29
CA ILE D 156 81.39 -30.71 27.40
C ILE D 156 80.51 -30.43 26.20
N ILE D 157 80.47 -29.18 25.71
CA ILE D 157 79.68 -28.90 24.52
C ILE D 157 80.30 -29.55 23.29
N SER D 158 81.59 -29.87 23.34
CA SER D 158 82.26 -30.62 22.29
C SER D 158 82.27 -32.12 22.55
N GLY D 159 81.64 -32.56 23.65
CA GLY D 159 81.60 -33.98 23.94
C GLY D 159 80.91 -34.79 22.86
N TYR D 160 79.77 -34.30 22.36
CA TYR D 160 79.12 -34.94 21.23
C TYR D 160 80.00 -34.94 19.97
N ALA D 161 80.87 -33.94 19.84
CA ALA D 161 81.76 -33.88 18.68
C ALA D 161 82.94 -34.84 18.83
N MET E 1 -32.80 22.60 46.95
CA MET E 1 -33.80 21.54 46.93
C MET E 1 -33.30 20.29 47.67
N ASP E 2 -34.23 19.39 47.99
CA ASP E 2 -33.93 18.19 48.75
C ASP E 2 -33.28 17.09 47.92
N GLN E 3 -33.62 17.03 46.62
CA GLN E 3 -33.10 15.98 45.76
C GLN E 3 -31.59 16.08 45.61
N GLU E 4 -31.09 17.30 45.43
CA GLU E 4 -29.65 17.49 45.28
C GLU E 4 -28.90 17.02 46.52
N ASN E 5 -29.42 17.36 47.70
CA ASN E 5 -28.79 16.92 48.94
C ASN E 5 -28.83 15.41 49.10
N GLU E 6 -29.95 14.78 48.78
CA GLU E 6 -30.05 13.32 48.91
C GLU E 6 -29.10 12.62 47.95
N ARG E 7 -29.03 13.10 46.71
CA ARG E 7 -28.08 12.53 45.75
C ARG E 7 -26.65 12.74 46.24
N ASN E 8 -26.38 13.90 46.83
CA ASN E 8 -25.01 14.20 47.27
C ASN E 8 -24.58 13.31 48.43
N ILE E 9 -25.47 13.10 49.41
CA ILE E 9 -25.11 12.23 50.52
C ILE E 9 -24.87 10.81 50.02
N SER E 10 -25.75 10.30 49.14
CA SER E 10 -25.55 8.96 48.61
C SER E 10 -24.23 8.86 47.84
N ARG E 11 -23.94 9.86 47.02
CA ARG E 11 -22.76 9.83 46.17
C ARG E 11 -21.48 9.89 47.00
N LEU E 12 -21.43 10.75 48.01
CA LEU E 12 -20.23 10.87 48.82
C LEU E 12 -20.08 9.64 49.72
N TRP E 13 -21.19 9.03 50.13
CA TRP E 13 -21.12 7.75 50.83
C TRP E 13 -20.48 6.67 49.95
N ARG E 14 -20.89 6.60 48.69
CA ARG E 14 -20.28 5.64 47.77
C ARG E 14 -18.79 5.90 47.61
N ALA E 15 -18.41 7.18 47.47
CA ALA E 15 -17.01 7.53 47.35
C ALA E 15 -16.23 7.11 48.60
N PHE E 16 -16.80 7.35 49.78
CA PHE E 16 -16.14 6.96 51.02
C PHE E 16 -15.95 5.46 51.12
N ARG E 17 -16.97 4.68 50.72
CA ARG E 17 -16.84 3.24 50.73
C ARG E 17 -15.73 2.78 49.79
N THR E 18 -15.67 3.38 48.59
CA THR E 18 -14.61 3.03 47.65
C THR E 18 -13.23 3.36 48.21
N VAL E 19 -13.09 4.53 48.84
CA VAL E 19 -11.80 4.88 49.43
C VAL E 19 -11.41 3.91 50.54
N LYS E 20 -12.38 3.52 51.37
CA LYS E 20 -12.09 2.57 52.45
C LYS E 20 -11.64 1.24 51.88
N GLU E 21 -12.31 0.74 50.84
CA GLU E 21 -11.87 -0.50 50.20
C GLU E 21 -10.48 -0.34 49.61
N MET E 22 -10.21 0.80 48.99
CA MET E 22 -8.92 1.04 48.36
C MET E 22 -7.79 1.03 49.37
N VAL E 23 -8.00 1.62 50.53
CA VAL E 23 -6.95 1.62 51.55
C VAL E 23 -6.92 0.28 52.28
N LYS E 24 -8.04 -0.46 52.26
CA LYS E 24 -8.04 -1.80 52.86
C LYS E 24 -7.21 -2.78 52.06
N ASP E 25 -7.42 -2.85 50.74
CA ASP E 25 -6.71 -3.83 49.93
C ASP E 25 -5.29 -3.40 49.58
N ARG E 26 -4.97 -2.12 49.75
CA ARG E 26 -3.58 -1.70 49.73
C ARG E 26 -2.82 -2.26 50.92
N GLY E 27 -3.53 -2.70 51.95
CA GLY E 27 -2.98 -3.34 53.12
C GLY E 27 -2.90 -2.41 54.31
N TYR E 28 -3.93 -2.46 55.15
CA TYR E 28 -4.09 -1.54 56.28
C TYR E 28 -5.18 -2.10 57.18
N PHE E 29 -5.24 -1.59 58.41
CA PHE E 29 -6.18 -2.11 59.41
C PHE E 29 -7.56 -1.48 59.21
N ILE E 30 -8.30 -2.08 58.27
CA ILE E 30 -9.68 -1.68 58.00
C ILE E 30 -10.50 -2.95 57.82
N THR E 31 -11.68 -3.00 58.43
CA THR E 31 -12.55 -4.16 58.35
C THR E 31 -13.96 -3.75 57.93
N GLN E 32 -14.84 -4.75 57.82
CA GLN E 32 -16.17 -4.53 57.24
C GLN E 32 -17.06 -3.67 58.12
N GLU E 33 -16.77 -3.57 59.42
CA GLU E 33 -17.61 -2.75 60.29
C GLU E 33 -17.52 -1.28 59.93
N GLU E 34 -16.45 -0.87 59.26
CA GLU E 34 -16.32 0.47 58.74
C GLU E 34 -16.31 0.51 57.22
N VAL E 35 -16.14 -0.63 56.55
CA VAL E 35 -16.27 -0.67 55.09
C VAL E 35 -17.75 -0.69 54.68
N GLU E 36 -18.48 -1.71 55.11
CA GLU E 36 -19.91 -1.83 54.80
C GLU E 36 -20.67 -0.90 55.75
N LEU E 37 -20.58 0.40 55.46
CA LEU E 37 -21.27 1.39 56.34
C LEU E 37 -22.70 1.57 55.82
N PRO E 38 -23.75 1.27 56.61
CA PRO E 38 -25.11 1.53 56.18
C PRO E 38 -25.17 3.02 55.80
N LEU E 39 -25.68 3.34 54.61
CA LEU E 39 -25.73 4.77 54.17
C LEU E 39 -26.41 5.57 55.27
N GLU E 40 -27.50 5.05 55.84
CA GLU E 40 -28.21 5.75 56.94
C GLU E 40 -27.26 5.93 58.12
N ASP E 41 -26.50 4.89 58.47
CA ASP E 41 -25.55 4.98 59.62
C ASP E 41 -24.45 5.98 59.28
N PHE E 42 -23.91 5.92 58.06
CA PHE E 42 -22.88 6.91 57.63
C PHE E 42 -23.49 8.31 57.70
N LYS E 43 -24.76 8.44 57.27
CA LYS E 43 -25.46 9.74 57.33
C LYS E 43 -25.65 10.15 58.78
N ALA E 44 -25.97 9.19 59.65
CA ALA E 44 -26.23 9.51 61.08
C ALA E 44 -24.90 9.65 61.83
N LYS E 45 -23.78 9.65 61.10
CA LYS E 45 -22.44 9.74 61.75
C LYS E 45 -21.61 10.84 61.09
N TYR E 46 -21.88 11.18 59.84
CA TYR E 46 -21.09 12.18 59.13
C TYR E 46 -21.94 13.28 58.51
N CYS E 47 -23.26 13.21 58.70
CA CYS E 47 -24.17 14.27 58.32
C CYS E 47 -24.83 14.78 59.59
N ASP E 48 -24.81 16.10 59.77
CA ASP E 48 -25.28 16.75 60.99
C ASP E 48 -26.77 17.11 60.87
N SER E 49 -27.21 17.97 61.80
CA SER E 49 -28.63 18.23 61.99
C SER E 49 -29.34 18.67 60.72
N MET E 50 -29.04 19.87 60.20
CA MET E 50 -29.84 20.39 59.10
C MET E 50 -29.62 19.59 57.82
N GLY E 51 -28.58 18.75 57.78
CA GLY E 51 -28.47 17.71 56.78
C GLY E 51 -27.37 17.90 55.75
N ARG E 52 -26.55 18.93 55.90
CA ARG E 52 -25.45 19.13 54.95
C ARG E 52 -24.31 18.19 55.28
N PRO E 53 -23.83 17.37 54.33
CA PRO E 53 -22.61 16.60 54.57
C PRO E 53 -21.44 17.52 54.89
N GLN E 54 -20.68 17.17 55.92
CA GLN E 54 -19.46 17.88 56.26
C GLN E 54 -18.27 16.95 56.08
N ARG E 55 -17.26 17.42 55.35
CA ARG E 55 -16.18 16.55 54.93
C ARG E 55 -14.87 16.81 55.67
N LYS E 56 -14.96 17.09 56.96
CA LYS E 56 -13.75 17.21 57.77
C LYS E 56 -13.63 16.15 58.85
N MET E 57 -14.75 15.56 59.28
CA MET E 57 -14.70 14.54 60.32
C MET E 57 -14.87 13.13 59.75
N MET E 58 -14.52 12.91 58.48
CA MET E 58 -14.31 11.56 57.96
C MET E 58 -12.85 11.28 57.64
N SER E 59 -11.95 12.24 57.87
CA SER E 59 -10.53 11.99 57.69
C SER E 59 -10.04 11.06 58.79
N PHE E 60 -9.65 9.85 58.42
CA PHE E 60 -9.41 8.79 59.38
C PHE E 60 -7.95 8.34 59.32
N GLN E 61 -7.54 7.63 60.36
CA GLN E 61 -6.20 7.07 60.49
C GLN E 61 -6.20 5.65 59.93
N ALA E 62 -5.27 5.37 59.03
CA ALA E 62 -5.10 4.05 58.45
C ALA E 62 -3.71 3.53 58.80
N ASN E 63 -3.65 2.39 59.48
CA ASN E 63 -2.40 1.82 59.96
C ASN E 63 -2.11 0.49 59.29
N PRO E 64 -0.86 0.19 59.01
CA PRO E 64 -0.52 -1.10 58.36
C PRO E 64 -0.87 -2.27 59.25
N THR E 65 -1.30 -3.36 58.60
CA THR E 65 -1.65 -4.58 59.32
C THR E 65 -0.44 -5.51 59.40
N GLU E 66 -0.60 -6.60 60.17
CA GLU E 66 0.54 -7.46 60.49
C GLU E 66 1.11 -8.12 59.23
N GLU E 67 0.24 -8.67 58.37
CA GLU E 67 0.73 -9.28 57.14
C GLU E 67 1.36 -8.23 56.22
N SER E 68 0.72 -7.06 56.11
CA SER E 68 1.24 -6.03 55.22
C SER E 68 2.57 -5.50 55.73
N ILE E 69 2.69 -5.26 57.03
CA ILE E 69 3.95 -4.77 57.58
C ILE E 69 5.03 -5.83 57.50
N SER E 70 4.66 -7.11 57.59
CA SER E 70 5.64 -8.18 57.47
C SER E 70 6.17 -8.27 56.04
N LYS E 71 5.28 -8.20 55.06
CA LYS E 71 5.71 -8.26 53.66
C LYS E 71 6.49 -7.02 53.26
N PHE E 72 6.01 -5.84 53.65
CA PHE E 72 6.58 -4.57 53.24
C PHE E 72 7.08 -3.83 54.48
N PRO E 73 8.36 -3.92 54.82
CA PRO E 73 8.84 -3.31 56.07
C PRO E 73 8.63 -1.80 56.13
N ASP E 74 8.78 -1.10 55.02
CA ASP E 74 8.67 0.37 55.00
C ASP E 74 7.26 0.74 54.53
N MET E 75 6.34 0.83 55.49
CA MET E 75 5.00 1.34 55.22
C MET E 75 4.49 1.99 56.51
N GLY E 76 4.30 3.31 56.46
CA GLY E 76 3.77 4.04 57.59
C GLY E 76 2.26 4.14 57.57
N SER E 77 1.77 5.14 58.29
CA SER E 77 0.33 5.36 58.37
C SER E 77 -0.16 6.15 57.17
N LEU E 78 -1.48 6.08 56.93
CA LEU E 78 -2.13 6.78 55.84
C LEU E 78 -3.07 7.85 56.37
N TRP E 79 -3.09 9.00 55.69
CA TRP E 79 -4.06 10.05 55.96
C TRP E 79 -4.94 10.19 54.74
N VAL E 80 -6.25 10.06 54.92
CA VAL E 80 -7.23 10.31 53.87
C VAL E 80 -8.00 11.57 54.27
N GLU E 81 -7.99 12.57 53.40
CA GLU E 81 -8.62 13.85 53.71
C GLU E 81 -9.51 14.30 52.57
N PHE E 82 -10.70 14.79 52.93
CA PHE E 82 -11.71 15.21 51.97
C PHE E 82 -11.77 16.73 51.95
N CYS E 83 -11.75 17.31 50.75
CA CYS E 83 -11.83 18.76 50.61
C CYS E 83 -13.29 19.22 50.62
N ASP E 84 -13.48 20.52 50.82
CA ASP E 84 -14.82 21.09 50.88
C ASP E 84 -15.04 22.08 49.74
N GLU E 85 -14.09 22.99 49.57
CA GLU E 85 -14.22 24.03 48.56
C GLU E 85 -14.13 23.40 47.18
N PRO E 86 -14.93 23.88 46.20
CA PRO E 86 -14.86 23.28 44.85
C PRO E 86 -13.48 23.36 44.23
N SER E 87 -12.86 24.54 44.25
CA SER E 87 -11.53 24.75 43.69
C SER E 87 -10.53 24.72 44.84
N VAL E 88 -9.57 23.81 44.75
CA VAL E 88 -8.49 23.77 45.75
C VAL E 88 -7.55 24.95 45.52
N GLY E 89 -7.25 25.67 46.59
CA GLY E 89 -6.35 26.79 46.55
C GLY E 89 -4.96 26.43 47.07
N VAL E 90 -4.08 27.44 47.07
CA VAL E 90 -2.72 27.23 47.55
C VAL E 90 -2.73 26.91 49.04
N LYS E 91 -3.54 27.64 49.82
CA LYS E 91 -3.48 27.53 51.27
C LYS E 91 -3.88 26.14 51.76
N THR E 92 -4.91 25.55 51.13
CA THR E 92 -5.44 24.29 51.63
C THR E 92 -4.44 23.14 51.47
N MET E 93 -3.82 22.99 50.30
CA MET E 93 -2.85 21.90 50.19
C MET E 93 -1.57 22.24 50.94
N LYS E 94 -1.28 23.54 51.10
CA LYS E 94 -0.17 23.93 51.95
C LYS E 94 -0.36 23.43 53.38
N THR E 95 -1.53 23.67 53.96
CA THR E 95 -1.78 23.19 55.32
C THR E 95 -1.93 21.67 55.35
N PHE E 96 -2.33 21.06 54.23
CA PHE E 96 -2.41 19.61 54.18
C PHE E 96 -1.00 19.00 54.27
N VAL E 97 -0.06 19.53 53.47
CA VAL E 97 1.33 19.12 53.57
C VAL E 97 1.89 19.44 54.96
N ILE E 98 1.46 20.56 55.55
CA ILE E 98 1.84 20.88 56.92
C ILE E 98 1.42 19.75 57.86
N HIS E 99 0.18 19.30 57.72
CA HIS E 99 -0.30 18.21 58.57
C HIS E 99 0.53 16.95 58.35
N ILE E 100 0.81 16.62 57.08
CA ILE E 100 1.59 15.42 56.78
C ILE E 100 2.96 15.49 57.44
N GLN E 101 3.63 16.62 57.35
CA GLN E 101 5.01 16.71 57.85
C GLN E 101 5.04 16.84 59.38
N GLU E 102 4.07 17.53 59.97
CA GLU E 102 4.03 17.64 61.43
C GLU E 102 3.55 16.37 62.11
N LYS E 103 2.84 15.48 61.41
CA LYS E 103 2.46 14.21 62.00
C LYS E 103 3.23 13.03 61.43
N ASN E 104 4.21 13.28 60.56
CA ASN E 104 5.09 12.25 60.01
C ASN E 104 4.29 11.14 59.33
N PHE E 105 3.53 11.52 58.31
CA PHE E 105 2.73 10.59 57.53
C PHE E 105 3.53 10.16 56.30
N GLN E 106 3.58 8.85 56.06
CA GLN E 106 4.32 8.34 54.92
C GLN E 106 3.61 8.67 53.61
N THR E 107 2.29 8.72 53.60
CA THR E 107 1.53 9.03 52.40
C THR E 107 0.22 9.68 52.81
N GLY E 108 -0.35 10.45 51.89
CA GLY E 108 -1.58 11.17 52.16
C GLY E 108 -2.53 11.21 50.98
N ILE E 109 -3.80 10.93 51.23
CA ILE E 109 -4.82 10.86 50.19
C ILE E 109 -5.61 12.16 50.18
N PHE E 110 -5.69 12.81 49.03
CA PHE E 110 -6.41 14.07 48.86
C PHE E 110 -7.56 13.83 47.90
N VAL E 111 -8.79 13.95 48.40
CA VAL E 111 -10.00 13.70 47.62
C VAL E 111 -10.80 15.00 47.61
N TYR E 112 -10.66 15.79 46.55
CA TYR E 112 -11.38 17.04 46.46
C TYR E 112 -12.73 16.82 45.78
N GLN E 113 -13.53 17.89 45.74
CA GLN E 113 -14.90 17.81 45.22
C GLN E 113 -14.96 17.95 43.71
N ASN E 114 -14.50 19.07 43.16
CA ASN E 114 -14.74 19.39 41.76
C ASN E 114 -13.46 19.46 40.92
N ASN E 115 -12.51 20.31 41.31
CA ASN E 115 -11.36 20.56 40.45
C ASN E 115 -10.17 20.94 41.31
N ILE E 116 -9.00 20.89 40.70
CA ILE E 116 -7.73 21.16 41.37
C ILE E 116 -7.01 22.26 40.59
N THR E 117 -6.40 23.19 41.31
CA THR E 117 -5.78 24.33 40.67
C THR E 117 -4.60 23.89 39.80
N PRO E 118 -4.40 24.55 38.66
CA PRO E 118 -3.22 24.22 37.83
C PRO E 118 -1.90 24.48 38.54
N SER E 119 -1.89 25.31 39.57
CA SER E 119 -0.67 25.55 40.34
C SER E 119 -0.45 24.50 41.42
N ALA E 120 -1.40 23.59 41.64
CA ALA E 120 -1.22 22.55 42.63
C ALA E 120 -0.09 21.59 42.24
N MET E 121 -0.02 21.23 40.96
CA MET E 121 1.00 20.32 40.48
C MET E 121 2.42 20.83 40.70
N LYS E 122 2.61 22.14 40.84
CA LYS E 122 3.91 22.70 41.19
C LYS E 122 4.20 22.65 42.68
N LEU E 123 3.19 22.41 43.52
CA LEU E 123 3.38 22.41 44.96
C LEU E 123 3.26 21.01 45.59
N VAL E 124 2.62 20.08 44.90
CA VAL E 124 2.32 18.77 45.47
C VAL E 124 3.52 17.82 45.49
N PRO E 125 4.47 17.83 44.49
CA PRO E 125 5.52 16.80 44.51
C PRO E 125 6.70 17.19 45.37
N SER E 126 6.54 18.22 46.20
CA SER E 126 7.61 18.73 47.05
C SER E 126 7.44 18.12 48.44
N ILE E 127 7.81 16.84 48.54
CA ILE E 127 7.78 16.12 49.81
C ILE E 127 8.80 14.99 49.76
N PRO E 128 9.98 15.18 50.36
CA PRO E 128 11.02 14.15 50.32
C PRO E 128 10.59 12.86 51.02
N PRO E 129 10.14 12.90 52.28
CA PRO E 129 9.89 11.62 52.98
C PRO E 129 8.59 10.95 52.59
N ALA E 130 7.62 11.67 52.01
CA ALA E 130 6.27 11.15 51.85
C ALA E 130 5.89 11.22 50.38
N THR E 131 4.66 10.81 50.09
CA THR E 131 4.08 10.95 48.76
C THR E 131 2.65 11.41 48.91
N ILE E 132 2.17 12.14 47.91
CA ILE E 132 0.80 12.64 47.87
C ILE E 132 0.10 11.99 46.69
N GLU E 133 -1.07 11.41 46.95
CA GLU E 133 -1.92 10.85 45.91
C GLU E 133 -3.19 11.70 45.82
N THR E 134 -3.55 12.07 44.60
CA THR E 134 -4.58 13.07 44.34
C THR E 134 -5.78 12.42 43.67
N PHE E 135 -6.94 12.49 44.34
CA PHE E 135 -8.15 11.82 43.89
C PHE E 135 -9.32 12.79 43.82
N ASN E 136 -10.33 12.40 43.06
CA ASN E 136 -11.58 13.14 42.93
C ASN E 136 -12.70 12.34 43.59
N GLU E 137 -13.64 13.06 44.21
CA GLU E 137 -14.81 12.41 44.77
C GLU E 137 -15.66 11.76 43.67
N ALA E 138 -15.75 12.40 42.51
CA ALA E 138 -16.55 11.83 41.42
C ALA E 138 -15.80 10.75 40.65
N ALA E 139 -14.47 10.70 40.78
CA ALA E 139 -13.70 9.72 40.02
C ALA E 139 -13.57 8.38 40.71
N LEU E 140 -13.93 8.29 41.99
CA LEU E 140 -13.88 7.03 42.73
C LEU E 140 -15.23 6.69 43.35
N VAL E 141 -16.32 7.07 42.67
CA VAL E 141 -17.64 6.71 43.15
C VAL E 141 -17.81 5.19 43.14
N VAL E 142 -17.39 4.55 42.05
CA VAL E 142 -17.29 3.10 41.96
C VAL E 142 -15.82 2.76 41.79
N ASN E 143 -15.32 1.82 42.59
CA ASN E 143 -13.95 1.38 42.45
C ASN E 143 -13.81 0.43 41.28
N ILE E 144 -12.83 0.70 40.41
CA ILE E 144 -12.65 -0.09 39.21
C ILE E 144 -12.15 -1.50 39.52
N THR E 145 -11.59 -1.71 40.71
CA THR E 145 -11.13 -3.04 41.11
C THR E 145 -12.25 -4.06 41.14
N HIS E 146 -13.48 -3.65 41.43
CA HIS E 146 -14.62 -4.55 41.44
C HIS E 146 -15.26 -4.73 40.08
N HIS E 147 -14.73 -4.08 39.04
CA HIS E 147 -15.28 -4.25 37.70
C HIS E 147 -14.94 -5.64 37.16
N GLU E 148 -15.84 -6.18 36.35
CA GLU E 148 -15.62 -7.50 35.78
C GLU E 148 -14.53 -7.48 34.71
N LEU E 149 -14.23 -6.33 34.14
CA LEU E 149 -13.23 -6.21 33.09
C LEU E 149 -11.85 -5.90 33.64
N VAL E 150 -11.69 -5.85 34.95
CA VAL E 150 -10.42 -5.53 35.59
C VAL E 150 -9.92 -6.78 36.31
N PRO E 151 -8.81 -7.38 35.88
CA PRO E 151 -8.27 -8.54 36.59
C PRO E 151 -7.64 -8.13 37.92
N LYS E 152 -7.46 -9.12 38.78
CA LYS E 152 -6.90 -8.88 40.11
C LYS E 152 -5.43 -8.50 39.99
N HIS E 153 -5.13 -7.22 40.16
CA HIS E 153 -3.75 -6.75 40.23
C HIS E 153 -3.22 -7.01 41.64
N ILE E 154 -2.07 -7.67 41.72
CA ILE E 154 -1.46 -8.03 42.99
C ILE E 154 -0.08 -7.43 43.05
N ARG E 155 0.15 -6.56 44.03
CA ARG E 155 1.43 -5.89 44.18
C ARG E 155 2.43 -6.81 44.86
N LEU E 156 3.60 -6.95 44.26
CA LEU E 156 4.65 -7.82 44.74
C LEU E 156 5.73 -7.02 45.44
N SER E 157 6.23 -7.54 46.57
CA SER E 157 7.32 -6.89 47.28
C SER E 157 8.60 -6.95 46.45
N SER E 158 9.65 -6.30 46.98
CA SER E 158 10.92 -6.31 46.26
C SER E 158 11.51 -7.72 46.19
N ASP E 159 11.28 -8.53 47.23
CA ASP E 159 11.72 -9.92 47.20
C ASP E 159 11.05 -10.68 46.06
N GLU E 160 9.73 -10.56 45.94
CA GLU E 160 9.02 -11.25 44.87
C GLU E 160 9.42 -10.71 43.51
N LYS E 161 9.65 -9.40 43.40
CA LYS E 161 10.10 -8.83 42.14
C LYS E 161 11.45 -9.39 41.72
N ARG E 162 12.38 -9.50 42.68
CA ARG E 162 13.69 -10.07 42.40
C ARG E 162 13.58 -11.54 42.02
N GLU E 163 12.74 -12.30 42.72
CA GLU E 163 12.55 -13.71 42.40
C GLU E 163 11.95 -13.89 41.01
N LEU E 164 10.97 -13.06 40.66
CA LEU E 164 10.35 -13.11 39.34
C LEU E 164 11.36 -12.76 38.25
N LEU E 165 12.15 -11.72 38.47
CA LEU E 165 13.15 -11.31 37.48
C LEU E 165 14.26 -12.33 37.32
N LYS E 166 14.39 -13.29 38.23
CA LYS E 166 15.39 -14.33 38.16
C LYS E 166 14.81 -15.65 37.67
N ARG E 167 13.55 -15.94 38.00
CA ARG E 167 12.89 -17.13 37.48
C ARG E 167 12.79 -17.10 35.96
N TYR E 168 12.59 -15.91 35.38
CA TYR E 168 12.56 -15.73 33.94
C TYR E 168 13.86 -15.16 33.38
N ARG E 169 14.82 -14.84 34.24
CA ARG E 169 16.12 -14.32 33.83
C ARG E 169 15.97 -13.06 33.00
N LEU E 170 15.45 -12.01 33.64
CA LEU E 170 15.00 -10.82 32.96
C LEU E 170 15.63 -9.56 33.56
N LYS E 171 15.72 -8.53 32.73
CA LYS E 171 15.87 -7.17 33.19
C LYS E 171 14.48 -6.52 33.30
N GLU E 172 14.42 -5.38 33.98
CA GLU E 172 13.15 -4.69 34.14
C GLU E 172 12.64 -4.16 32.81
N SER E 173 13.55 -3.80 31.89
CA SER E 173 13.14 -3.24 30.61
C SER E 173 12.41 -4.25 29.75
N GLN E 174 12.58 -5.55 30.03
CA GLN E 174 11.94 -6.58 29.23
C GLN E 174 10.53 -6.92 29.68
N LEU E 175 10.14 -6.49 30.89
CA LEU E 175 8.80 -6.78 31.36
C LEU E 175 7.78 -5.90 30.65
N PRO E 176 6.54 -6.37 30.51
CA PRO E 176 5.47 -5.47 30.08
C PRO E 176 5.26 -4.37 31.10
N ARG E 177 4.92 -3.19 30.60
CA ARG E 177 4.82 -2.01 31.45
C ARG E 177 3.38 -1.72 31.84
N ILE E 178 3.23 -1.00 32.95
CA ILE E 178 1.96 -0.41 33.35
C ILE E 178 2.24 1.06 33.68
N GLN E 179 1.40 1.95 33.16
CA GLN E 179 1.67 3.37 33.27
C GLN E 179 1.52 3.86 34.71
N ARG E 180 2.32 4.86 35.06
CA ARG E 180 1.95 5.73 36.17
C ARG E 180 0.76 6.56 35.75
N ALA E 181 -0.13 6.81 36.72
CA ALA E 181 -1.45 7.41 36.49
C ALA E 181 -2.38 6.46 35.74
N ASP E 182 -2.03 5.18 35.66
CA ASP E 182 -2.98 4.19 35.20
C ASP E 182 -4.05 3.98 36.28
N PRO E 183 -5.32 3.86 35.90
CA PRO E 183 -6.38 3.82 36.92
C PRO E 183 -6.19 2.76 38.00
N VAL E 184 -5.66 1.59 37.66
CA VAL E 184 -5.44 0.58 38.69
C VAL E 184 -4.14 0.85 39.44
N ALA E 185 -3.13 1.39 38.77
CA ALA E 185 -1.87 1.71 39.44
C ALA E 185 -2.09 2.81 40.48
N LEU E 186 -2.94 3.79 40.18
CA LEU E 186 -3.25 4.82 41.15
C LEU E 186 -4.03 4.25 42.34
N TYR E 187 -4.90 3.29 42.07
CA TYR E 187 -5.69 2.68 43.13
C TYR E 187 -4.81 1.94 44.12
N LEU E 188 -3.82 1.20 43.63
CA LEU E 188 -2.95 0.40 44.48
C LEU E 188 -1.71 1.17 44.95
N GLY E 189 -1.54 2.41 44.51
CA GLY E 189 -0.37 3.18 44.88
C GLY E 189 0.93 2.62 44.35
N LEU E 190 0.92 2.17 43.09
CA LEU E 190 2.14 1.67 42.47
C LEU E 190 3.13 2.80 42.25
N LYS E 191 4.38 2.57 42.66
CA LYS E 191 5.47 3.49 42.40
C LYS E 191 6.34 2.94 41.28
N ARG E 192 7.21 3.79 40.75
CA ARG E 192 8.02 3.39 39.61
C ARG E 192 8.88 2.18 39.95
N GLY E 193 8.91 1.19 39.06
CA GLY E 193 9.64 -0.03 39.28
C GLY E 193 8.96 -1.04 40.17
N GLU E 194 7.65 -0.91 40.40
CA GLU E 194 6.92 -1.81 41.28
C GLU E 194 6.18 -2.84 40.45
N VAL E 195 6.67 -4.07 40.46
CA VAL E 195 6.08 -5.14 39.66
C VAL E 195 4.78 -5.59 40.30
N VAL E 196 3.73 -5.69 39.50
CA VAL E 196 2.41 -6.08 39.96
C VAL E 196 2.01 -7.36 39.25
N LYS E 197 1.60 -8.37 40.02
CA LYS E 197 1.13 -9.63 39.46
C LYS E 197 -0.32 -9.49 39.06
N ILE E 198 -0.65 -9.92 37.85
CA ILE E 198 -2.00 -9.80 37.32
C ILE E 198 -2.58 -11.20 37.15
N ILE E 199 -3.70 -11.46 37.82
CA ILE E 199 -4.38 -12.74 37.74
C ILE E 199 -5.54 -12.57 36.76
N ARG E 200 -5.27 -12.84 35.49
CA ARG E 200 -6.27 -12.68 34.45
C ARG E 200 -6.92 -14.02 34.14
N LYS E 201 -8.15 -13.97 33.66
CA LYS E 201 -8.94 -15.15 33.35
C LYS E 201 -9.30 -15.15 31.87
N SER E 202 -9.23 -16.31 31.24
CA SER E 202 -9.58 -16.47 29.85
C SER E 202 -10.58 -17.61 29.69
N GLU E 203 -11.44 -17.49 28.68
CA GLU E 203 -12.50 -18.48 28.50
C GLU E 203 -11.95 -19.79 27.95
N THR E 204 -10.90 -19.71 27.11
CA THR E 204 -10.36 -20.89 26.43
C THR E 204 -9.01 -21.34 26.98
N SER E 205 -8.46 -20.65 27.98
CA SER E 205 -7.18 -21.03 28.54
C SER E 205 -7.15 -20.96 30.06
N GLY E 206 -8.28 -20.73 30.72
CA GLY E 206 -8.33 -20.78 32.16
C GLY E 206 -7.68 -19.58 32.83
N ARG E 207 -7.39 -19.74 34.11
CA ARG E 207 -6.81 -18.69 34.93
C ARG E 207 -5.29 -18.76 34.86
N TYR E 208 -4.66 -17.64 34.55
CA TYR E 208 -3.21 -17.59 34.43
C TYR E 208 -2.72 -16.20 34.85
N ALA E 209 -1.43 -16.10 35.11
CA ALA E 209 -0.83 -14.90 35.65
C ALA E 209 0.11 -14.24 34.65
N SER E 210 -0.03 -12.93 34.52
CA SER E 210 0.92 -12.10 33.79
C SER E 210 1.49 -11.06 34.75
N TYR E 211 2.52 -10.35 34.30
CA TYR E 211 3.20 -9.38 35.14
C TYR E 211 3.41 -8.09 34.38
N ARG E 212 3.36 -6.98 35.12
CA ARG E 212 3.61 -5.66 34.57
C ARG E 212 4.48 -4.86 35.54
N ILE E 213 5.28 -3.96 34.98
CA ILE E 213 6.19 -3.13 35.76
C ILE E 213 5.78 -1.68 35.60
N CYS E 214 5.77 -0.95 36.71
CA CYS E 214 5.33 0.45 36.70
C CYS E 214 6.45 1.36 36.24
N MET E 215 6.14 2.29 35.36
CA MET E 215 7.09 3.32 34.97
C MET E 215 6.94 4.55 35.87
N GLU F 71 26.51 -16.36 27.34
CA GLU F 71 27.87 -16.80 27.04
C GLU F 71 28.24 -17.95 27.99
N LYS F 72 27.22 -18.60 28.55
CA LYS F 72 27.41 -19.69 29.49
C LYS F 72 26.52 -20.86 29.09
N ALA F 73 27.14 -21.99 28.75
CA ALA F 73 26.41 -23.19 28.37
C ALA F 73 25.80 -23.84 29.61
N ILE F 74 24.51 -24.13 29.56
CA ILE F 74 23.85 -24.92 30.60
C ILE F 74 24.44 -26.32 30.61
N PRO F 75 24.83 -26.85 31.76
CA PRO F 75 25.35 -28.22 31.81
C PRO F 75 24.27 -29.22 31.43
N LYS F 76 24.71 -30.35 30.87
CA LYS F 76 23.77 -31.29 30.27
C LYS F 76 22.88 -31.96 31.32
N ASP F 77 23.34 -32.08 32.56
CA ASP F 77 22.61 -32.88 33.55
C ASP F 77 21.19 -32.34 33.78
N GLN F 78 21.01 -31.03 33.70
CA GLN F 78 19.69 -30.43 33.75
C GLN F 78 19.51 -29.51 32.55
N ARG F 79 18.31 -29.53 31.97
CA ARG F 79 18.01 -28.73 30.78
C ARG F 79 16.53 -28.41 30.78
N ALA F 80 16.19 -27.15 30.53
CA ALA F 80 14.81 -26.71 30.62
C ALA F 80 14.09 -26.74 29.29
N THR F 81 14.83 -26.74 28.17
CA THR F 81 14.18 -26.75 26.87
C THR F 81 13.56 -28.11 26.60
N THR F 82 12.66 -28.15 25.61
CA THR F 82 11.91 -29.35 25.32
C THR F 82 12.84 -30.43 24.78
N PRO F 83 12.61 -31.70 25.13
CA PRO F 83 13.41 -32.79 24.57
C PRO F 83 12.95 -33.27 23.21
N TYR F 84 11.91 -32.65 22.65
CA TYR F 84 11.38 -33.02 21.34
C TYR F 84 11.90 -32.06 20.29
N MET F 85 12.06 -32.57 19.07
CA MET F 85 12.58 -31.76 17.98
C MET F 85 11.44 -30.97 17.35
N THR F 86 11.66 -29.67 17.15
CA THR F 86 10.66 -28.83 16.52
C THR F 86 10.69 -28.99 15.01
N LYS F 87 9.61 -28.54 14.35
CA LYS F 87 9.56 -28.63 12.89
C LYS F 87 10.66 -27.78 12.27
N TYR F 88 10.93 -26.62 12.85
CA TYR F 88 11.99 -25.76 12.33
C TYR F 88 13.36 -26.39 12.54
N GLU F 89 13.57 -27.03 13.70
CA GLU F 89 14.82 -27.74 13.93
C GLU F 89 15.00 -28.86 12.92
N ARG F 90 13.94 -29.61 12.63
CA ARG F 90 14.05 -30.71 11.68
C ARG F 90 14.33 -30.19 10.28
N ALA F 91 13.62 -29.14 9.86
CA ALA F 91 13.84 -28.58 8.52
C ALA F 91 15.25 -28.04 8.38
N ARG F 92 15.75 -27.34 9.40
CA ARG F 92 17.09 -26.76 9.31
C ARG F 92 18.15 -27.85 9.36
N ILE F 93 17.95 -28.89 10.17
CA ILE F 93 18.91 -29.99 10.21
C ILE F 93 18.96 -30.71 8.87
N LEU F 94 17.79 -30.95 8.26
CA LEU F 94 17.76 -31.57 6.94
C LEU F 94 18.44 -30.69 5.90
N GLY F 95 18.20 -29.38 5.94
CA GLY F 95 18.86 -28.50 5.01
C GLY F 95 20.36 -28.49 5.16
N THR F 96 20.85 -28.41 6.40
CA THR F 96 22.29 -28.40 6.65
C THR F 96 22.93 -29.71 6.21
N ARG F 97 22.32 -30.84 6.58
CA ARG F 97 22.86 -32.14 6.21
C ARG F 97 22.86 -32.33 4.70
N ALA F 98 21.78 -31.88 4.02
CA ALA F 98 21.71 -32.01 2.57
C ALA F 98 22.76 -31.13 1.90
N LEU F 99 22.99 -29.92 2.43
CA LEU F 99 24.04 -29.07 1.89
C LEU F 99 25.41 -29.71 2.06
N GLN F 100 25.66 -30.31 3.22
CA GLN F 100 26.92 -31.00 3.44
C GLN F 100 27.10 -32.15 2.47
N ILE F 101 26.04 -32.94 2.27
CA ILE F 101 26.11 -34.07 1.34
C ILE F 101 26.34 -33.57 -0.08
N SER F 102 25.66 -32.49 -0.47
CA SER F 102 25.88 -31.89 -1.78
C SER F 102 27.29 -31.33 -1.92
N MET F 103 27.96 -31.06 -0.80
CA MET F 103 29.37 -30.71 -0.82
C MET F 103 30.28 -31.92 -0.66
N ASN F 104 29.80 -33.11 -1.00
CA ASN F 104 30.60 -34.34 -1.02
C ASN F 104 31.02 -34.78 0.38
N ALA F 105 30.19 -34.46 1.37
CA ALA F 105 30.49 -35.01 2.69
C ALA F 105 30.14 -36.49 2.74
N PRO F 106 30.89 -37.29 3.48
CA PRO F 106 30.55 -38.72 3.59
C PRO F 106 29.22 -38.91 4.30
N VAL F 107 28.47 -39.91 3.87
CA VAL F 107 27.19 -40.23 4.47
C VAL F 107 27.33 -41.53 5.27
N PHE F 108 26.55 -41.63 6.33
CA PHE F 108 26.61 -42.75 7.25
C PHE F 108 25.38 -43.64 7.13
N VAL F 109 24.75 -43.64 5.95
CA VAL F 109 23.59 -44.46 5.67
C VAL F 109 23.82 -45.20 4.36
N ASP F 110 23.10 -46.31 4.21
CA ASP F 110 23.20 -47.13 3.00
C ASP F 110 22.24 -46.56 1.95
N LEU F 111 22.80 -46.07 0.84
CA LEU F 111 22.03 -45.24 -0.08
C LEU F 111 20.96 -46.03 -0.82
N GLU F 112 21.30 -47.25 -1.24
CA GLU F 112 20.42 -48.07 -2.08
C GLU F 112 20.09 -47.36 -3.40
N GLY F 113 21.09 -46.69 -3.97
CA GLY F 113 20.94 -46.02 -5.24
C GLY F 113 20.27 -44.68 -5.20
N GLU F 114 20.33 -43.96 -4.09
CA GLU F 114 19.73 -42.64 -4.00
C GLU F 114 20.80 -41.57 -4.24
N THR F 115 20.48 -40.60 -5.10
CA THR F 115 21.43 -39.55 -5.46
C THR F 115 21.09 -38.19 -4.88
N ASP F 116 19.84 -37.95 -4.47
CA ASP F 116 19.44 -36.65 -3.99
C ASP F 116 19.98 -36.44 -2.58
N PRO F 117 20.77 -35.39 -2.34
CA PRO F 117 21.29 -35.14 -0.99
C PRO F 117 20.18 -34.94 0.04
N LEU F 118 19.08 -34.30 -0.35
CA LEU F 118 17.98 -34.11 0.57
C LEU F 118 17.40 -35.45 1.02
N ARG F 119 17.18 -36.37 0.08
CA ARG F 119 16.63 -37.67 0.44
C ARG F 119 17.63 -38.50 1.24
N ILE F 120 18.92 -38.36 0.94
CA ILE F 120 19.93 -39.03 1.76
C ILE F 120 19.88 -38.50 3.19
N ALA F 121 19.70 -37.18 3.34
CA ALA F 121 19.60 -36.59 4.67
C ALA F 121 18.35 -37.07 5.40
N MET F 122 17.22 -37.18 4.69
CA MET F 122 16.03 -37.73 5.34
C MET F 122 16.25 -39.17 5.78
N LYS F 123 16.97 -39.95 4.98
CA LYS F 123 17.25 -41.33 5.37
C LYS F 123 18.13 -41.38 6.61
N GLU F 124 19.16 -40.53 6.68
CA GLU F 124 20.00 -40.48 7.88
C GLU F 124 19.20 -40.03 9.09
N LEU F 125 18.30 -39.06 8.90
CA LEU F 125 17.45 -38.62 10.01
C LEU F 125 16.56 -39.76 10.50
N ALA F 126 16.01 -40.54 9.57
CA ALA F 126 15.20 -41.70 9.96
C ALA F 126 16.04 -42.70 10.74
N GLU F 127 17.29 -42.91 10.32
CA GLU F 127 18.21 -43.76 11.07
C GLU F 127 18.88 -43.06 12.25
N LYS F 128 18.61 -41.76 12.44
CA LYS F 128 19.21 -40.98 13.53
C LYS F 128 20.73 -41.02 13.49
N LYS F 129 21.29 -40.96 12.29
CA LYS F 129 22.75 -40.97 12.11
C LYS F 129 23.27 -39.65 11.56
N ILE F 130 22.65 -38.54 11.93
CA ILE F 130 23.12 -37.21 11.51
C ILE F 130 24.05 -36.67 12.59
N PRO F 131 25.30 -36.35 12.27
CA PRO F 131 26.27 -35.90 13.29
C PRO F 131 26.25 -34.38 13.51
N LEU F 132 25.07 -33.86 13.83
CA LEU F 132 24.91 -32.45 14.15
C LEU F 132 24.22 -32.32 15.49
N VAL F 133 24.53 -31.25 16.21
CA VAL F 133 23.86 -30.92 17.45
C VAL F 133 23.15 -29.60 17.28
N ILE F 134 22.09 -29.38 18.06
CA ILE F 134 21.32 -28.15 18.01
C ILE F 134 21.67 -27.30 19.21
N ARG F 135 22.13 -26.08 18.94
CA ARG F 135 22.46 -25.11 19.99
C ARG F 135 21.27 -24.18 20.16
N ARG F 136 20.47 -24.42 21.20
CA ARG F 136 19.27 -23.62 21.47
C ARG F 136 19.64 -22.51 22.44
N TYR F 137 19.71 -21.28 21.95
CA TYR F 137 19.95 -20.14 22.81
C TYR F 137 18.69 -19.71 23.53
N LEU F 138 18.77 -19.59 24.84
CA LEU F 138 17.72 -18.96 25.61
C LEU F 138 17.79 -17.45 25.43
N PRO F 139 16.67 -16.75 25.64
CA PRO F 139 16.70 -15.28 25.47
C PRO F 139 17.66 -14.58 26.40
N ASP F 140 17.98 -15.15 27.56
CA ASP F 140 18.93 -14.55 28.49
C ASP F 140 20.38 -14.69 28.03
N GLY F 141 20.63 -15.39 26.93
CA GLY F 141 21.94 -15.51 26.35
C GLY F 141 22.61 -16.85 26.52
N SER F 142 22.14 -17.68 27.46
CA SER F 142 22.70 -19.00 27.65
C SER F 142 22.28 -19.92 26.51
N PHE F 143 22.81 -21.14 26.51
CA PHE F 143 22.46 -22.10 25.47
C PHE F 143 22.69 -23.51 26.00
N GLU F 144 21.82 -24.41 25.57
CA GLU F 144 21.96 -25.82 25.88
C GLU F 144 22.02 -26.60 24.58
N ASP F 145 22.94 -27.56 24.52
CA ASP F 145 23.21 -28.29 23.29
C ASP F 145 22.43 -29.59 23.25
N TRP F 146 21.76 -29.83 22.13
CA TRP F 146 20.96 -31.02 21.92
C TRP F 146 21.43 -31.68 20.63
N SER F 147 21.96 -32.90 20.75
CA SER F 147 22.32 -33.65 19.57
C SER F 147 21.07 -34.08 18.81
N VAL F 148 21.24 -34.36 17.52
CA VAL F 148 20.12 -34.83 16.71
C VAL F 148 19.63 -36.18 17.23
N GLU F 149 20.55 -37.01 17.74
CA GLU F 149 20.17 -38.32 18.26
C GLU F 149 19.26 -38.21 19.47
N GLU F 150 19.62 -37.36 20.43
CA GLU F 150 18.83 -37.27 21.66
C GLU F 150 17.53 -36.51 21.49
N LEU F 151 17.39 -35.72 20.41
CA LEU F 151 16.15 -35.02 20.14
C LEU F 151 15.14 -36.01 19.55
N ILE F 152 14.11 -36.31 20.32
CA ILE F 152 13.15 -37.34 19.96
C ILE F 152 12.05 -36.74 19.10
N VAL F 153 11.62 -37.49 18.10
CA VAL F 153 10.63 -37.01 17.14
C VAL F 153 9.29 -37.69 17.37
N PHE G 2 64.30 -19.76 17.05
CA PHE G 2 63.19 -20.70 17.11
C PHE G 2 62.49 -20.68 18.46
N ILE G 3 61.26 -20.17 18.47
CA ILE G 3 60.43 -20.09 19.67
C ILE G 3 59.00 -20.43 19.26
N LEU G 4 58.24 -20.98 20.20
CA LEU G 4 56.83 -21.26 19.96
C LEU G 4 56.00 -19.98 20.09
N SER G 5 54.71 -20.11 19.83
CA SER G 5 53.77 -18.99 19.96
C SER G 5 52.36 -19.54 19.96
N LYS G 6 51.58 -19.15 20.97
CA LYS G 6 50.19 -19.57 21.07
C LYS G 6 49.33 -18.61 20.26
N ILE G 7 48.64 -19.15 19.26
CA ILE G 7 47.81 -18.36 18.35
C ILE G 7 46.40 -18.94 18.34
N ALA G 8 45.41 -18.06 18.41
CA ALA G 8 44.01 -18.45 18.35
C ALA G 8 43.42 -18.01 17.02
N ASP G 9 42.83 -18.96 16.29
CA ASP G 9 42.26 -18.66 14.98
C ASP G 9 40.99 -19.45 14.78
N LEU G 10 40.17 -18.96 13.85
CA LEU G 10 38.95 -19.63 13.44
C LEU G 10 39.26 -20.40 12.15
N VAL G 11 39.03 -21.70 12.17
CA VAL G 11 39.44 -22.57 11.08
C VAL G 11 38.21 -23.21 10.44
N ARG G 12 38.15 -23.19 9.11
CA ARG G 12 37.01 -23.67 8.36
C ARG G 12 37.38 -25.01 7.72
N ILE G 13 36.66 -26.06 8.10
CA ILE G 13 36.89 -27.40 7.57
C ILE G 13 35.78 -27.72 6.58
N PRO G 14 36.09 -27.90 5.30
CA PRO G 14 35.05 -28.23 4.32
C PRO G 14 34.43 -29.58 4.59
N PRO G 15 33.19 -29.82 4.16
CA PRO G 15 32.57 -31.12 4.38
C PRO G 15 33.31 -32.27 3.69
N ASP G 16 34.11 -31.98 2.66
CA ASP G 16 34.90 -33.03 2.03
C ASP G 16 35.86 -33.67 3.03
N GLN G 17 36.40 -32.87 3.95
CA GLN G 17 37.36 -33.35 4.93
C GLN G 17 36.70 -33.84 6.22
N PHE G 18 35.39 -34.09 6.19
CA PHE G 18 34.73 -34.64 7.36
C PHE G 18 35.08 -36.11 7.58
N HIS G 19 35.59 -36.79 6.55
CA HIS G 19 35.94 -38.20 6.70
C HIS G 19 37.23 -38.37 7.49
N ARG G 20 38.19 -37.48 7.30
CA ARG G 20 39.41 -37.52 8.10
C ARG G 20 39.14 -37.00 9.50
N ASP G 21 40.01 -37.40 10.43
CA ASP G 21 39.85 -37.02 11.82
C ASP G 21 40.05 -35.51 12.02
N THR G 22 39.36 -34.98 13.02
CA THR G 22 39.23 -33.53 13.17
C THR G 22 40.57 -32.85 13.41
N ILE G 23 41.43 -33.45 14.24
CA ILE G 23 42.71 -32.82 14.56
C ILE G 23 43.59 -32.73 13.31
N SER G 24 43.59 -33.79 12.50
CA SER G 24 44.37 -33.76 11.26
C SER G 24 43.80 -32.75 10.27
N ALA G 25 42.47 -32.67 10.17
CA ALA G 25 41.89 -31.66 9.28
C ALA G 25 42.25 -30.25 9.75
N ILE G 26 42.19 -30.01 11.06
CA ILE G 26 42.53 -28.70 11.61
C ILE G 26 43.98 -28.36 11.32
N THR G 27 44.89 -29.31 11.54
CA THR G 27 46.30 -29.01 11.30
C THR G 27 46.59 -28.83 9.82
N HIS G 28 45.85 -29.52 8.95
CA HIS G 28 46.00 -29.30 7.51
C HIS G 28 45.60 -27.87 7.15
N GLN G 29 44.43 -27.43 7.61
CA GLN G 29 43.98 -26.08 7.30
C GLN G 29 44.91 -25.03 7.91
N LEU G 30 45.38 -25.27 9.13
CA LEU G 30 46.28 -24.34 9.79
C LEU G 30 47.62 -24.27 9.07
N ASN G 31 48.12 -25.40 8.57
CA ASN G 31 49.34 -25.38 7.78
C ASN G 31 49.14 -24.60 6.49
N ASN G 32 47.97 -24.77 5.86
CA ASN G 32 47.67 -23.97 4.67
C ASN G 32 47.66 -22.48 4.98
N LYS G 33 47.18 -22.09 6.16
CA LYS G 33 47.16 -20.69 6.53
C LYS G 33 48.49 -20.18 7.09
N PHE G 34 49.40 -21.06 7.51
CA PHE G 34 50.64 -20.67 8.17
C PHE G 34 51.81 -21.51 7.68
N ALA G 35 51.94 -21.68 6.36
CA ALA G 35 52.98 -22.56 5.83
C ALA G 35 54.34 -21.87 5.84
N ASN G 36 54.49 -20.81 5.04
CA ASN G 36 55.70 -20.00 5.00
C ASN G 36 55.37 -18.56 5.32
N LYS G 37 54.16 -18.30 5.82
CA LYS G 37 53.69 -16.95 6.05
C LYS G 37 54.46 -16.30 7.20
N ILE G 38 54.52 -14.98 7.16
CA ILE G 38 55.07 -14.18 8.25
C ILE G 38 53.88 -13.60 9.01
N ILE G 39 53.76 -13.93 10.28
CA ILE G 39 52.70 -13.30 11.07
C ILE G 39 53.06 -11.84 11.29
N PRO G 40 52.17 -10.90 11.00
CA PRO G 40 52.51 -9.47 11.14
C PRO G 40 53.07 -9.17 12.52
N ASN G 41 54.24 -8.53 12.54
CA ASN G 41 54.98 -8.16 13.75
C ASN G 41 55.00 -9.27 14.80
N VAL G 42 55.04 -10.52 14.35
CA VAL G 42 55.18 -11.67 15.25
C VAL G 42 56.31 -12.55 14.71
N GLY G 43 56.61 -12.42 13.43
CA GLY G 43 57.76 -13.08 12.85
C GLY G 43 57.33 -14.09 11.79
N LEU G 44 58.26 -14.98 11.46
CA LEU G 44 58.06 -15.98 10.42
C LEU G 44 57.74 -17.33 11.05
N CYS G 45 56.69 -17.97 10.56
CA CYS G 45 56.29 -19.29 11.04
C CYS G 45 56.79 -20.35 10.08
N ILE G 46 57.08 -21.54 10.62
CA ILE G 46 57.48 -22.68 9.80
C ILE G 46 56.36 -23.69 9.69
N THR G 47 55.84 -24.14 10.83
CA THR G 47 54.66 -25.00 10.89
C THR G 47 53.99 -24.76 12.23
N ILE G 48 53.02 -25.61 12.56
CA ILE G 48 52.30 -25.53 13.83
C ILE G 48 52.70 -26.73 14.68
N TYR G 49 52.93 -26.49 15.97
CA TYR G 49 53.42 -27.54 16.85
C TYR G 49 52.32 -28.50 17.23
N ASP G 50 51.28 -28.00 17.89
CA ASP G 50 50.17 -28.82 18.35
C ASP G 50 48.95 -27.93 18.53
N LEU G 51 47.85 -28.51 19.00
CA LEU G 51 46.65 -27.76 19.31
C LEU G 51 46.34 -27.88 20.79
N LEU G 52 45.75 -26.82 21.35
CA LEU G 52 45.51 -26.74 22.78
C LEU G 52 44.03 -26.88 23.11
N THR G 53 43.17 -26.02 22.57
CA THR G 53 41.73 -26.09 22.81
C THR G 53 41.04 -26.07 21.45
N VAL G 54 40.13 -27.02 21.24
CA VAL G 54 39.38 -27.12 20.01
C VAL G 54 37.91 -26.96 20.40
N GLU G 55 37.33 -25.80 20.11
CA GLU G 55 35.92 -25.60 20.34
C GLU G 55 35.11 -26.39 19.31
N GLU G 56 33.83 -26.60 19.64
CA GLU G 56 32.96 -27.30 18.72
C GLU G 56 32.78 -26.49 17.44
N GLY G 57 32.74 -27.18 16.31
CA GLY G 57 32.64 -26.49 15.03
C GLY G 57 31.22 -26.01 14.79
N GLN G 58 31.06 -24.70 14.65
CA GLN G 58 29.76 -24.11 14.42
C GLN G 58 29.58 -23.79 12.94
N LEU G 59 28.33 -23.84 12.50
CA LEU G 59 27.98 -23.72 11.08
C LEU G 59 27.16 -22.45 10.86
N LYS G 60 27.52 -21.69 9.84
CA LYS G 60 26.71 -20.55 9.45
C LYS G 60 25.57 -21.03 8.53
N PRO G 61 24.46 -20.30 8.49
CA PRO G 61 23.26 -20.81 7.81
C PRO G 61 23.40 -20.99 6.31
N GLY G 62 24.57 -20.76 5.71
CA GLY G 62 24.67 -20.88 4.27
C GLY G 62 25.82 -21.73 3.75
N ASP G 63 26.78 -22.07 4.61
CA ASP G 63 27.99 -22.73 4.14
C ASP G 63 27.90 -24.26 4.22
N GLY G 64 27.68 -24.80 5.41
CA GLY G 64 27.75 -26.23 5.62
C GLY G 64 29.09 -26.74 6.10
N SER G 65 30.14 -25.93 5.99
CA SER G 65 31.44 -26.31 6.53
C SER G 65 31.49 -26.05 8.04
N SER G 66 32.43 -26.71 8.70
CA SER G 66 32.63 -26.54 10.13
C SER G 66 33.64 -25.42 10.36
N TYR G 67 33.23 -24.41 11.13
CA TYR G 67 34.11 -23.32 11.53
C TYR G 67 34.50 -23.53 12.99
N ILE G 68 35.77 -23.83 13.22
CA ILE G 68 36.26 -24.29 14.51
C ILE G 68 37.16 -23.22 15.10
N ASN G 69 36.87 -22.81 16.32
CA ASN G 69 37.79 -21.98 17.08
C ASN G 69 38.84 -22.86 17.73
N VAL G 70 40.09 -22.75 17.28
CA VAL G 70 41.16 -23.64 17.70
C VAL G 70 42.34 -22.80 18.17
N THR G 71 42.99 -23.26 19.24
CA THR G 71 44.18 -22.63 19.78
C THR G 71 45.38 -23.55 19.57
N PHE G 72 46.44 -23.00 18.98
CA PHE G 72 47.59 -23.82 18.61
C PHE G 72 48.88 -23.09 18.92
N ARG G 73 49.94 -23.86 19.10
CA ARG G 73 51.30 -23.35 19.21
C ARG G 73 52.05 -23.63 17.92
N ALA G 74 52.76 -22.61 17.42
CA ALA G 74 53.45 -22.70 16.14
C ALA G 74 54.90 -22.24 16.32
N VAL G 75 55.79 -22.83 15.54
CA VAL G 75 57.22 -22.58 15.64
C VAL G 75 57.55 -21.29 14.89
N VAL G 76 58.25 -20.37 15.56
CA VAL G 76 58.57 -19.05 15.02
C VAL G 76 60.06 -18.81 15.14
N PHE G 77 60.65 -18.25 14.09
CA PHE G 77 62.07 -17.86 14.08
C PHE G 77 62.19 -16.46 14.67
N LYS G 78 62.62 -16.37 15.93
CA LYS G 78 62.69 -15.11 16.67
C LYS G 78 64.02 -14.93 17.38
N PRO G 79 65.04 -14.43 16.68
CA PRO G 79 66.19 -13.86 17.38
C PRO G 79 65.82 -12.52 18.01
N PHE G 80 66.34 -12.26 19.21
CA PHE G 80 66.10 -10.99 19.89
C PHE G 80 67.35 -10.13 20.00
N LEU G 81 68.40 -10.57 20.72
CA LEU G 81 69.68 -9.88 20.69
C LEU G 81 70.89 -10.80 20.75
N GLY G 82 70.81 -11.98 21.35
CA GLY G 82 72.01 -12.77 21.57
C GLY G 82 72.13 -14.01 20.73
N GLU G 83 71.74 -13.94 19.47
CA GLU G 83 71.79 -15.11 18.60
C GLU G 83 72.82 -14.97 17.49
N ILE G 84 73.66 -15.99 17.36
CA ILE G 84 74.65 -16.11 16.28
C ILE G 84 74.12 -17.14 15.29
N VAL G 85 74.13 -16.78 14.01
CA VAL G 85 73.61 -17.63 12.96
C VAL G 85 74.67 -17.79 11.87
N THR G 86 74.56 -18.89 11.12
CA THR G 86 75.48 -19.22 10.05
C THR G 86 74.71 -19.08 8.73
N GLY G 87 74.67 -17.87 8.19
CA GLY G 87 74.01 -17.65 6.93
C GLY G 87 74.90 -17.96 5.75
N TRP G 88 74.31 -17.88 4.55
CA TRP G 88 75.00 -18.13 3.29
C TRP G 88 74.74 -16.93 2.37
N ILE G 89 75.72 -16.02 2.30
CA ILE G 89 75.57 -14.83 1.46
C ILE G 89 75.33 -15.23 0.01
N SER G 90 74.51 -14.44 -0.69
CA SER G 90 74.19 -14.70 -2.08
C SER G 90 74.27 -13.48 -2.99
N LYS G 91 74.34 -12.27 -2.45
CA LYS G 91 74.45 -11.07 -3.27
C LYS G 91 75.33 -10.05 -2.56
N CYS G 92 76.16 -9.35 -3.33
CA CYS G 92 77.07 -8.35 -2.81
C CYS G 92 76.79 -7.01 -3.47
N THR G 93 76.57 -5.99 -2.66
CA THR G 93 76.28 -4.64 -3.13
C THR G 93 76.92 -3.64 -2.17
N ALA G 94 77.31 -2.48 -2.70
CA ALA G 94 78.03 -1.49 -1.89
C ALA G 94 77.07 -0.72 -1.00
N GLU G 95 76.26 -1.45 -0.24
CA GLU G 95 75.39 -0.87 0.78
C GLU G 95 75.26 -1.79 1.98
N GLY G 96 76.14 -2.79 2.11
CA GLY G 96 75.97 -3.88 3.04
C GLY G 96 75.65 -5.15 2.29
N ILE G 97 76.40 -6.22 2.53
CA ILE G 97 76.26 -7.42 1.73
C ILE G 97 74.91 -8.08 2.02
N LYS G 98 74.29 -8.62 0.97
CA LYS G 98 72.98 -9.27 1.05
C LYS G 98 73.20 -10.68 1.60
N VAL G 99 73.25 -10.76 2.93
CA VAL G 99 73.37 -12.05 3.58
C VAL G 99 72.06 -12.83 3.42
N SER G 100 72.19 -14.13 3.24
CA SER G 100 71.06 -14.96 2.83
C SER G 100 71.18 -16.34 3.46
N LEU G 101 70.14 -17.15 3.26
CA LEU G 101 70.06 -18.50 3.79
C LEU G 101 69.91 -19.50 2.65
N LEU G 102 69.63 -20.74 3.01
CA LEU G 102 69.38 -21.81 2.04
C LEU G 102 68.03 -21.62 1.38
N GLY G 103 67.24 -20.69 1.91
CA GLY G 103 65.93 -20.38 1.37
C GLY G 103 64.81 -20.30 2.40
N ILE G 104 65.14 -20.33 3.70
CA ILE G 104 64.13 -20.11 4.71
C ILE G 104 63.59 -18.68 4.61
N PHE G 105 64.49 -17.71 4.58
CA PHE G 105 64.17 -16.30 4.39
C PHE G 105 65.47 -15.52 4.20
N ASP G 106 65.50 -14.63 3.21
CA ASP G 106 66.76 -14.06 2.74
C ASP G 106 66.79 -12.54 2.74
N ASP G 107 65.65 -11.86 2.82
CA ASP G 107 65.58 -10.43 2.57
C ASP G 107 66.29 -9.58 3.62
N ILE G 108 67.02 -10.20 4.54
CA ILE G 108 67.68 -9.46 5.61
C ILE G 108 68.94 -8.77 5.10
N PHE G 109 69.27 -7.64 5.70
CA PHE G 109 70.40 -6.81 5.31
C PHE G 109 71.25 -6.50 6.55
N ILE G 110 72.53 -6.19 6.32
CA ILE G 110 73.41 -5.71 7.37
C ILE G 110 74.05 -4.39 6.95
N PRO G 111 74.11 -3.39 7.80
CA PRO G 111 74.84 -2.16 7.47
C PRO G 111 76.31 -2.27 7.83
N GLN G 112 77.14 -1.59 7.03
CA GLN G 112 78.58 -1.64 7.22
C GLN G 112 79.04 -0.93 8.49
N ASN G 113 78.34 0.12 8.91
CA ASN G 113 78.80 0.92 10.05
C ASN G 113 78.87 0.09 11.33
N MET G 114 77.87 -0.76 11.58
CA MET G 114 77.96 -1.67 12.72
C MET G 114 78.67 -2.97 12.40
N LEU G 115 79.18 -3.11 11.17
CA LEU G 115 80.11 -4.19 10.87
C LEU G 115 81.50 -3.66 11.18
N PHE G 116 82.54 -4.43 10.89
CA PHE G 116 83.90 -3.98 11.16
C PHE G 116 84.18 -2.67 10.44
N GLU G 117 84.80 -1.73 11.16
CA GLU G 117 84.95 -0.36 10.64
C GLU G 117 85.76 -0.32 9.36
N GLY G 118 86.86 -1.07 9.31
CA GLY G 118 87.80 -0.96 8.19
C GLY G 118 87.27 -1.50 6.88
N CYS G 119 86.28 -2.38 6.91
CA CYS G 119 85.74 -2.96 5.69
C CYS G 119 85.03 -1.91 4.85
N TYR G 120 85.50 -1.72 3.61
CA TYR G 120 84.95 -0.71 2.71
C TYR G 120 84.76 -1.30 1.32
N TYR G 121 83.70 -0.84 0.66
CA TYR G 121 83.34 -1.28 -0.68
C TYR G 121 84.01 -0.41 -1.74
N THR G 122 84.08 -0.94 -2.95
CA THR G 122 84.72 -0.25 -4.06
C THR G 122 83.90 -0.39 -5.33
N PRO G 123 83.96 0.60 -6.23
CA PRO G 123 83.25 0.48 -7.51
C PRO G 123 83.89 -0.53 -8.45
N GLU G 124 85.16 -0.86 -8.27
CA GLU G 124 85.87 -1.80 -9.13
C GLU G 124 85.59 -3.25 -8.74
N GLU G 125 84.76 -3.46 -7.72
CA GLU G 125 84.38 -4.78 -7.22
C GLU G 125 85.61 -5.51 -6.67
N SER G 126 86.30 -4.84 -5.75
CA SER G 126 87.30 -5.46 -4.91
C SER G 126 86.68 -5.78 -3.56
N ALA G 127 86.90 -7.01 -3.10
CA ALA G 127 86.14 -7.55 -1.97
C ALA G 127 86.21 -6.65 -0.74
N TRP G 128 87.40 -6.48 -0.17
CA TRP G 128 87.54 -5.68 1.04
C TRP G 128 88.93 -5.07 1.07
N ILE G 129 89.05 -3.97 1.80
CA ILE G 129 90.32 -3.33 2.11
C ILE G 129 90.49 -3.31 3.62
N TRP G 130 91.64 -3.75 4.10
CA TRP G 130 91.84 -4.00 5.51
C TRP G 130 93.17 -3.42 5.96
N PRO G 131 93.30 -3.04 7.24
CA PRO G 131 94.56 -2.50 7.74
C PRO G 131 95.68 -3.54 7.78
N LYS G 137 93.73 -7.53 7.76
CA LYS G 137 94.76 -8.20 6.99
C LYS G 137 94.19 -9.38 6.22
N LEU G 138 92.89 -9.64 6.42
CA LEU G 138 92.22 -10.78 5.81
C LEU G 138 90.78 -10.38 5.47
N TYR G 139 90.20 -11.04 4.47
CA TYR G 139 88.85 -10.72 4.02
C TYR G 139 88.16 -11.99 3.53
N PHE G 140 87.04 -11.83 2.83
CA PHE G 140 86.26 -12.96 2.37
C PHE G 140 85.59 -12.61 1.05
N ASP G 141 85.11 -13.65 0.37
CA ASP G 141 84.38 -13.52 -0.89
C ASP G 141 82.92 -13.93 -0.69
N VAL G 142 82.13 -13.83 -1.76
CA VAL G 142 80.70 -14.11 -1.69
C VAL G 142 80.49 -15.62 -1.56
N ASN G 143 79.32 -16.01 -1.07
CA ASN G 143 78.93 -17.42 -0.91
C ASN G 143 79.90 -18.16 0.00
N GLU G 144 79.93 -17.73 1.26
CA GLU G 144 80.77 -18.34 2.28
C GLU G 144 80.10 -18.12 3.62
N LYS G 145 80.50 -18.93 4.61
CA LYS G 145 79.93 -18.84 5.94
C LYS G 145 80.15 -17.46 6.55
N ILE G 146 79.12 -16.96 7.23
CA ILE G 146 79.18 -15.68 7.92
C ILE G 146 78.76 -15.93 9.36
N ARG G 147 79.15 -15.01 10.25
CA ARG G 147 78.74 -15.06 11.64
C ARG G 147 78.45 -13.64 12.09
N PHE G 148 77.27 -13.43 12.65
CA PHE G 148 76.86 -12.08 13.06
C PHE G 148 75.93 -12.20 14.26
N ARG G 149 75.30 -11.08 14.63
CA ARG G 149 74.45 -10.97 15.80
C ARG G 149 73.11 -10.39 15.38
N ILE G 150 72.31 -10.02 16.37
CA ILE G 150 71.06 -9.30 16.17
C ILE G 150 70.90 -8.29 17.30
N GLU G 151 70.42 -7.09 16.96
CA GLU G 151 70.25 -6.04 17.96
C GLU G 151 68.80 -5.57 18.04
N ARG G 152 68.20 -5.19 16.92
CA ARG G 152 66.86 -4.61 16.88
C ARG G 152 66.10 -5.20 15.70
N GLU G 153 64.77 -5.16 15.81
CA GLU G 153 63.87 -5.71 14.80
C GLU G 153 62.91 -4.63 14.33
N VAL G 154 62.83 -4.45 13.01
CA VAL G 154 61.94 -3.47 12.40
C VAL G 154 60.91 -4.22 11.58
N PHE G 155 59.65 -4.11 11.96
CA PHE G 155 58.55 -4.76 11.25
C PHE G 155 57.97 -3.77 10.24
N VAL G 156 58.07 -4.10 8.95
CA VAL G 156 57.42 -3.30 7.93
C VAL G 156 55.98 -3.79 7.83
N ASP G 157 55.04 -2.97 8.29
CA ASP G 157 53.63 -3.32 8.33
C ASP G 157 52.76 -2.17 7.82
N VAL G 158 53.37 -1.24 7.09
CA VAL G 158 52.65 -0.12 6.48
C VAL G 158 52.52 -0.39 4.99
N LYS G 159 51.28 -0.50 4.52
CA LYS G 159 51.05 -0.88 3.13
C LYS G 159 49.76 -0.24 2.62
N PRO G 160 49.72 1.08 2.44
CA PRO G 160 48.56 1.70 1.77
C PRO G 160 48.73 1.68 0.25
N LYS G 161 47.97 0.80 -0.41
CA LYS G 161 48.04 0.63 -1.85
C LYS G 161 46.65 0.75 -2.46
N SER G 162 46.44 1.82 -3.22
CA SER G 162 45.18 2.14 -3.88
C SER G 162 44.99 1.27 -5.12
N PRO G 163 43.74 0.93 -5.46
CA PRO G 163 43.52 0.06 -6.62
C PRO G 163 44.06 0.63 -7.93
N LYS G 164 43.91 1.94 -8.15
CA LYS G 164 44.39 2.49 -9.42
C LYS G 164 45.91 2.61 -9.43
N GLU G 165 46.53 2.88 -8.28
CA GLU G 165 47.99 2.81 -8.21
C GLU G 165 48.50 1.41 -8.52
N ARG G 166 47.82 0.38 -7.98
CA ARG G 166 48.20 -0.98 -8.30
C ARG G 166 47.96 -1.28 -9.76
N GLU G 167 46.92 -0.69 -10.35
CA GLU G 167 46.68 -0.88 -11.79
C GLU G 167 47.81 -0.31 -12.61
N LEU G 168 48.26 0.91 -12.28
CA LEU G 168 49.38 1.51 -13.01
C LEU G 168 50.66 0.71 -12.80
N GLU G 169 50.90 0.22 -11.58
CA GLU G 169 52.07 -0.59 -11.33
C GLU G 169 52.03 -1.89 -12.14
N GLU G 170 50.86 -2.53 -12.19
CA GLU G 170 50.69 -3.76 -12.98
C GLU G 170 50.93 -3.49 -14.46
N ARG G 171 50.39 -2.37 -14.98
CA ARG G 171 50.57 -2.04 -16.38
C ARG G 171 52.02 -1.72 -16.70
N ALA G 172 52.72 -1.07 -15.76
CA ALA G 172 54.14 -0.78 -15.95
C ALA G 172 54.97 -2.06 -15.90
N GLN G 173 54.56 -3.03 -15.08
CA GLN G 173 55.28 -4.30 -14.99
C GLN G 173 55.18 -5.09 -16.29
N GLU G 189 60.66 -0.48 -1.68
CA GLU G 189 59.59 -1.43 -1.91
C GLU G 189 59.27 -2.24 -0.65
N LYS G 190 60.28 -2.47 0.17
CA LYS G 190 60.15 -3.19 1.44
C LYS G 190 59.40 -4.51 1.28
N PRO G 191 59.94 -5.48 0.56
CA PRO G 191 59.23 -6.75 0.35
C PRO G 191 58.87 -7.46 1.64
N PRO G 192 59.75 -7.53 2.67
CA PRO G 192 59.41 -8.37 3.82
C PRO G 192 58.71 -7.64 4.94
N ALA G 193 57.97 -8.38 5.75
CA ALA G 193 57.47 -7.88 7.03
C ALA G 193 58.34 -8.28 8.20
N TYR G 194 59.45 -8.98 7.93
CA TYR G 194 60.35 -9.46 8.98
C TYR G 194 61.75 -9.53 8.40
N ALA G 195 62.70 -8.83 9.03
CA ALA G 195 64.08 -8.79 8.58
C ALA G 195 65.01 -8.97 9.77
N LEU G 196 66.31 -9.06 9.48
CA LEU G 196 67.33 -9.27 10.49
C LEU G 196 68.46 -8.27 10.29
N LEU G 197 69.07 -7.87 11.41
CA LEU G 197 70.17 -6.90 11.42
C LEU G 197 71.34 -7.47 12.20
N GLY G 198 72.48 -7.60 11.53
CA GLY G 198 73.67 -8.20 12.11
C GLY G 198 74.72 -7.18 12.49
N SER G 199 75.77 -7.68 13.15
CA SER G 199 76.89 -6.86 13.59
C SER G 199 78.10 -7.76 13.83
N CYS G 200 79.28 -7.23 13.54
CA CYS G 200 80.55 -7.93 13.70
C CYS G 200 81.53 -7.07 14.51
N GLN G 201 81.04 -6.53 15.63
CA GLN G 201 81.89 -5.65 16.44
C GLN G 201 82.97 -6.42 17.19
N THR G 202 82.81 -7.73 17.33
CA THR G 202 83.74 -8.55 18.11
C THR G 202 84.48 -9.49 17.18
N ASP G 203 85.75 -9.75 17.51
CA ASP G 203 86.55 -10.68 16.72
C ASP G 203 85.88 -12.04 16.64
N GLY G 204 86.18 -12.77 15.55
CA GLY G 204 85.60 -14.05 15.28
C GLY G 204 84.43 -14.04 14.32
N MET G 205 83.33 -13.38 14.67
CA MET G 205 82.14 -13.46 13.84
C MET G 205 82.35 -12.79 12.49
N GLY G 206 81.74 -13.37 11.46
CA GLY G 206 82.06 -13.10 10.07
C GLY G 206 82.55 -14.33 9.34
N LEU G 207 83.19 -15.26 10.05
CA LEU G 207 83.60 -16.54 9.51
C LEU G 207 83.82 -17.48 10.67
N VAL G 208 83.56 -18.77 10.44
CA VAL G 208 83.77 -19.81 11.44
C VAL G 208 85.15 -20.43 11.35
N SER G 209 86.01 -19.95 10.45
CA SER G 209 87.33 -20.53 10.24
C SER G 209 88.39 -19.45 10.09
N TRP G 210 88.39 -18.47 11.00
CA TRP G 210 89.41 -17.42 10.92
C TRP G 210 90.78 -17.91 11.37
N TRP G 211 90.82 -18.85 12.31
CA TRP G 211 92.09 -19.41 12.79
C TRP G 211 91.94 -20.91 13.01
N GLU G 212 93.06 -21.54 13.32
CA GLU G 212 93.13 -22.99 13.57
C GLU G 212 92.61 -23.79 12.39
N MET H 1 -26.59 -75.41 15.24
CA MET H 1 -27.48 -75.56 16.39
C MET H 1 -27.11 -74.59 17.50
N SER H 2 -25.88 -74.73 18.01
CA SER H 2 -25.37 -73.83 19.04
C SER H 2 -24.73 -72.57 18.46
N ASN H 3 -24.79 -72.39 17.15
CA ASN H 3 -24.25 -71.21 16.49
C ASN H 3 -25.27 -70.09 16.37
N THR H 4 -26.53 -70.34 16.70
CA THR H 4 -27.57 -69.32 16.65
C THR H 4 -27.60 -68.57 17.98
N LEU H 5 -27.38 -67.26 17.92
CA LEU H 5 -27.38 -66.44 19.12
C LEU H 5 -28.75 -65.84 19.41
N PHE H 6 -29.63 -65.83 18.43
CA PHE H 6 -30.97 -65.29 18.59
C PHE H 6 -31.85 -65.83 17.48
N ASP H 7 -33.13 -66.00 17.78
CA ASP H 7 -34.08 -66.57 16.82
C ASP H 7 -35.49 -66.25 17.31
N ASP H 8 -36.29 -65.70 16.42
CA ASP H 8 -37.64 -65.30 16.79
C ASP H 8 -38.47 -65.09 15.53
N ILE H 9 -39.79 -65.07 15.72
CA ILE H 9 -40.73 -64.74 14.66
C ILE H 9 -41.23 -63.32 14.90
N PHE H 10 -41.13 -62.47 13.88
CA PHE H 10 -41.49 -61.08 14.00
C PHE H 10 -42.65 -60.75 13.07
N GLN H 11 -43.56 -59.91 13.56
CA GLN H 11 -44.67 -59.39 12.77
C GLN H 11 -44.29 -57.98 12.32
N VAL H 12 -44.20 -57.78 11.01
CA VAL H 12 -43.74 -56.51 10.48
C VAL H 12 -44.85 -55.48 10.59
N SER H 13 -44.58 -54.37 11.28
CA SER H 13 -45.55 -53.30 11.47
C SER H 13 -45.47 -52.24 10.37
N GLU H 14 -44.30 -51.66 10.15
CA GLU H 14 -44.14 -50.60 9.17
C GLU H 14 -43.01 -50.97 8.21
N VAL H 15 -43.20 -50.61 6.94
CA VAL H 15 -42.15 -50.68 5.92
C VAL H 15 -42.20 -49.35 5.17
N ASP H 16 -41.26 -48.46 5.46
CA ASP H 16 -41.23 -47.17 4.79
C ASP H 16 -39.91 -46.94 4.08
N PRO H 17 -39.92 -46.67 2.77
CA PRO H 17 -38.72 -46.22 2.07
C PRO H 17 -38.56 -44.71 2.20
N GLY H 18 -37.57 -44.28 2.97
CA GLY H 18 -37.34 -42.87 3.14
C GLY H 18 -36.31 -42.35 2.15
N ARG H 19 -36.78 -41.80 1.03
CA ARG H 19 -35.90 -41.31 -0.03
C ARG H 19 -34.97 -42.41 -0.55
N TYR H 20 -35.48 -43.65 -0.54
CA TYR H 20 -34.72 -44.80 -1.02
C TYR H 20 -35.58 -45.59 -2.00
N ASN H 21 -34.91 -46.28 -2.93
CA ASN H 21 -35.60 -47.05 -3.95
C ASN H 21 -35.40 -48.55 -3.82
N LYS H 22 -34.43 -49.01 -3.04
CA LYS H 22 -34.22 -50.44 -2.86
C LYS H 22 -33.95 -50.85 -1.42
N VAL H 23 -33.90 -49.93 -0.47
CA VAL H 23 -33.69 -50.24 0.93
C VAL H 23 -34.84 -49.64 1.73
N CYS H 24 -35.43 -50.46 2.59
CA CYS H 24 -36.55 -50.03 3.44
C CYS H 24 -36.26 -50.36 4.89
N ARG H 25 -36.60 -49.43 5.77
CA ARG H 25 -36.48 -49.59 7.22
C ARG H 25 -37.76 -50.23 7.72
N ILE H 26 -37.75 -51.53 7.91
CA ILE H 26 -38.92 -52.23 8.42
C ILE H 26 -38.94 -52.12 9.94
N GLU H 27 -40.15 -52.02 10.49
CA GLU H 27 -40.38 -52.13 11.92
C GLU H 27 -41.17 -53.40 12.17
N ALA H 28 -40.69 -54.22 13.11
CA ALA H 28 -41.31 -55.51 13.36
C ALA H 28 -41.34 -55.78 14.85
N ALA H 29 -42.52 -56.13 15.35
CA ALA H 29 -42.69 -56.54 16.73
C ALA H 29 -42.65 -58.07 16.82
N SER H 30 -42.12 -58.58 17.91
CA SER H 30 -42.01 -60.01 18.09
C SER H 30 -43.37 -60.62 18.39
N THR H 31 -43.47 -61.93 18.13
CA THR H 31 -44.60 -62.74 18.55
C THR H 31 -44.16 -63.61 19.71
N THR H 32 -44.97 -63.63 20.77
CA THR H 32 -44.77 -64.34 22.04
C THR H 32 -43.72 -63.66 22.93
N GLN H 33 -43.02 -62.64 22.44
CA GLN H 33 -42.11 -61.83 23.24
C GLN H 33 -42.52 -60.37 23.05
N ASP H 34 -43.40 -59.89 23.94
CA ASP H 34 -43.97 -58.55 23.77
C ASP H 34 -42.95 -57.44 23.97
N GLN H 35 -41.85 -57.70 24.68
CA GLN H 35 -40.83 -56.69 24.87
C GLN H 35 -39.85 -56.60 23.71
N CYS H 36 -39.90 -57.53 22.76
CA CYS H 36 -38.89 -57.59 21.71
C CYS H 36 -39.37 -56.84 20.48
N LYS H 37 -38.70 -55.73 20.18
CA LYS H 37 -38.94 -54.95 18.96
C LYS H 37 -37.76 -55.13 18.02
N LEU H 38 -37.97 -54.71 16.77
CA LEU H 38 -36.94 -54.86 15.74
C LEU H 38 -37.08 -53.76 14.70
N THR H 39 -35.99 -53.03 14.49
CA THR H 39 -35.87 -52.09 13.38
C THR H 39 -34.74 -52.57 12.50
N LEU H 40 -35.00 -52.69 11.19
CA LEU H 40 -34.05 -53.33 10.31
C LEU H 40 -34.12 -52.70 8.92
N ASP H 41 -32.94 -52.39 8.37
CA ASP H 41 -32.83 -51.93 6.99
C ASP H 41 -32.59 -53.15 6.10
N ILE H 42 -33.43 -53.30 5.08
CA ILE H 42 -33.40 -54.49 4.22
C ILE H 42 -33.42 -54.04 2.77
N ASN H 43 -32.61 -54.70 1.94
CA ASN H 43 -32.73 -54.56 0.50
C ASN H 43 -34.03 -55.22 0.05
N VAL H 44 -35.09 -54.42 -0.12
CA VAL H 44 -36.39 -54.97 -0.48
C VAL H 44 -36.48 -55.30 -1.96
N GLU H 45 -35.44 -55.00 -2.74
CA GLU H 45 -35.31 -55.48 -4.09
C GLU H 45 -34.93 -56.96 -4.16
N LEU H 46 -34.10 -57.42 -3.23
CA LEU H 46 -33.74 -58.83 -3.11
C LEU H 46 -34.66 -59.60 -2.19
N PHE H 47 -35.17 -58.96 -1.14
CA PHE H 47 -36.07 -59.59 -0.18
C PHE H 47 -37.22 -58.64 0.08
N PRO H 48 -38.27 -58.70 -0.74
CA PRO H 48 -39.40 -57.78 -0.56
C PRO H 48 -40.17 -58.09 0.72
N VAL H 49 -40.43 -57.04 1.49
CA VAL H 49 -41.15 -57.12 2.75
C VAL H 49 -42.35 -56.21 2.68
N ALA H 50 -43.52 -56.72 3.03
CA ALA H 50 -44.75 -55.94 3.11
C ALA H 50 -45.16 -55.78 4.55
N ALA H 51 -46.13 -54.90 4.78
CA ALA H 51 -46.65 -54.72 6.13
C ALA H 51 -47.44 -55.96 6.56
N GLN H 52 -47.29 -56.31 7.83
CA GLN H 52 -48.07 -57.38 8.47
C GLN H 52 -47.82 -58.74 7.81
N ASP H 53 -46.53 -59.08 7.65
CA ASP H 53 -46.14 -60.42 7.29
C ASP H 53 -45.17 -60.97 8.31
N SER H 54 -45.05 -62.31 8.34
CA SER H 54 -44.24 -62.99 9.34
C SER H 54 -42.81 -63.15 8.85
N LEU H 55 -41.86 -62.73 9.67
CA LEU H 55 -40.44 -62.86 9.38
C LEU H 55 -39.77 -63.69 10.46
N THR H 56 -38.99 -64.68 10.06
CA THR H 56 -38.17 -65.44 10.98
C THR H 56 -36.75 -64.87 10.95
N VAL H 57 -36.40 -64.15 12.00
CA VAL H 57 -35.10 -63.48 12.11
C VAL H 57 -34.21 -64.33 13.01
N THR H 58 -33.05 -64.72 12.47
CA THR H 58 -32.08 -65.53 13.21
C THR H 58 -30.72 -64.85 13.16
N ILE H 59 -30.15 -64.60 14.33
CA ILE H 59 -28.79 -64.08 14.45
C ILE H 59 -27.87 -65.25 14.73
N ALA H 60 -26.89 -65.45 13.87
CA ALA H 60 -25.98 -66.58 13.99
C ALA H 60 -24.55 -66.14 13.75
N SER H 61 -23.64 -66.74 14.51
CA SER H 61 -22.21 -66.65 14.24
C SER H 61 -21.76 -67.96 13.59
N SER H 62 -20.69 -67.88 12.81
CA SER H 62 -20.17 -69.04 12.08
C SER H 62 -21.28 -69.70 11.26
N LEU H 63 -21.71 -68.96 10.23
CA LEU H 63 -22.83 -69.38 9.40
C LEU H 63 -22.65 -70.79 8.85
N ASN H 64 -21.42 -71.17 8.51
CA ASN H 64 -21.15 -72.46 7.91
C ASN H 64 -21.06 -73.59 8.93
N LEU H 65 -21.53 -73.37 10.16
CA LEU H 65 -21.52 -74.36 11.24
C LEU H 65 -20.27 -75.23 11.27
N SER H 74 -4.35 -70.61 5.14
CA SER H 74 -4.25 -69.89 3.88
C SER H 74 -3.62 -68.51 4.07
N ALA H 75 -4.15 -67.78 5.05
CA ALA H 75 -3.73 -66.40 5.33
C ALA H 75 -3.90 -65.51 4.11
N THR H 76 -4.87 -65.83 3.26
CA THR H 76 -5.11 -65.04 2.05
C THR H 76 -5.73 -63.68 2.38
N ARG H 77 -6.41 -63.56 3.51
CA ARG H 77 -6.93 -62.32 4.07
C ARG H 77 -8.07 -61.71 3.25
N SER H 78 -8.45 -62.31 2.13
CA SER H 78 -9.61 -61.88 1.37
C SER H 78 -10.71 -62.92 1.54
N TRP H 79 -11.92 -62.45 1.79
CA TRP H 79 -13.05 -63.35 2.00
C TRP H 79 -13.28 -64.19 0.76
N ARG H 80 -13.51 -65.49 0.97
CA ARG H 80 -13.77 -66.42 -0.11
C ARG H 80 -15.16 -67.02 0.06
N PRO H 81 -15.98 -67.00 -0.99
CA PRO H 81 -17.29 -67.64 -0.88
C PRO H 81 -17.14 -69.12 -0.64
N PRO H 82 -18.05 -69.73 0.12
CA PRO H 82 -18.00 -71.17 0.31
C PRO H 82 -18.29 -71.90 -0.99
N GLN H 83 -17.93 -73.18 -1.01
CA GLN H 83 -18.20 -74.00 -2.18
C GLN H 83 -19.70 -74.11 -2.41
N ALA H 84 -20.07 -74.27 -3.69
CA ALA H 84 -21.49 -74.29 -4.04
C ALA H 84 -22.24 -75.38 -3.29
N GLY H 85 -21.68 -76.58 -3.23
CA GLY H 85 -22.30 -77.68 -2.51
C GLY H 85 -21.81 -77.83 -1.08
N ASP H 86 -22.08 -76.83 -0.24
CA ASP H 86 -21.69 -76.86 1.17
C ASP H 86 -22.94 -76.88 2.03
N ARG H 87 -23.06 -77.90 2.88
CA ARG H 87 -24.15 -78.00 3.84
C ARG H 87 -23.91 -76.98 4.94
N SER H 88 -24.70 -75.90 4.93
CA SER H 88 -24.54 -74.81 5.87
C SER H 88 -25.89 -74.19 6.20
N LEU H 89 -25.89 -73.35 7.24
CA LEU H 89 -27.00 -72.45 7.44
C LEU H 89 -27.12 -71.51 6.24
N ALA H 90 -28.23 -70.78 6.19
CA ALA H 90 -28.65 -69.90 5.10
C ALA H 90 -29.21 -70.70 3.93
N ASP H 91 -29.15 -72.04 3.97
CA ASP H 91 -29.83 -72.84 2.97
C ASP H 91 -31.34 -72.78 3.15
N ASP H 92 -31.79 -72.69 4.41
CA ASP H 92 -33.21 -72.58 4.72
C ASP H 92 -33.65 -71.14 4.96
N TYR H 93 -32.91 -70.17 4.44
CA TYR H 93 -33.18 -68.76 4.66
C TYR H 93 -33.07 -68.00 3.34
N ASP H 94 -34.04 -67.11 3.10
CA ASP H 94 -34.08 -66.36 1.85
C ASP H 94 -33.08 -65.22 1.81
N TYR H 95 -32.93 -64.48 2.91
CA TYR H 95 -32.12 -63.27 2.93
C TYR H 95 -31.13 -63.35 4.07
N VAL H 96 -29.85 -63.15 3.76
CA VAL H 96 -28.78 -63.25 4.74
C VAL H 96 -27.88 -62.03 4.61
N MET H 97 -27.55 -61.41 5.75
CA MET H 97 -26.58 -60.33 5.80
C MET H 97 -25.51 -60.63 6.85
N TYR H 98 -24.35 -60.01 6.65
CA TYR H 98 -23.20 -60.17 7.55
C TYR H 98 -22.78 -58.79 8.04
N GLY H 99 -22.77 -58.62 9.35
CA GLY H 99 -22.39 -57.33 9.91
C GLY H 99 -21.77 -57.45 11.29
N THR H 100 -21.75 -56.36 12.04
CA THR H 100 -21.11 -56.34 13.34
C THR H 100 -22.00 -55.64 14.35
N ALA H 101 -22.12 -56.24 15.54
CA ALA H 101 -22.74 -55.58 16.67
C ALA H 101 -21.75 -54.57 17.22
N TYR H 102 -22.05 -53.28 17.05
CA TYR H 102 -21.11 -52.23 17.42
C TYR H 102 -21.53 -51.45 18.64
N LYS H 103 -22.74 -51.66 19.17
CA LYS H 103 -23.17 -50.92 20.35
C LYS H 103 -24.22 -51.73 21.10
N PHE H 104 -24.04 -51.84 22.41
CA PHE H 104 -25.07 -52.30 23.33
C PHE H 104 -25.44 -51.13 24.24
N GLU H 105 -26.73 -50.83 24.33
CA GLU H 105 -27.20 -49.76 25.19
C GLU H 105 -28.42 -50.23 25.95
N GLU H 106 -28.57 -49.69 27.17
CA GLU H 106 -29.74 -49.99 28.00
C GLU H 106 -30.84 -48.99 27.67
N VAL H 107 -32.04 -49.50 27.44
CA VAL H 107 -33.19 -48.62 27.24
C VAL H 107 -33.98 -48.41 28.51
N SER H 108 -33.84 -49.31 29.48
CA SER H 108 -34.50 -49.26 30.78
C SER H 108 -33.93 -50.41 31.59
N LYS H 109 -34.47 -50.60 32.79
CA LYS H 109 -34.13 -51.80 33.55
C LYS H 109 -34.63 -53.03 32.81
N ASP H 110 -33.91 -54.14 32.98
CA ASP H 110 -34.14 -55.41 32.29
C ASP H 110 -34.67 -55.23 30.85
N LEU H 111 -34.02 -54.33 30.11
CA LEU H 111 -34.35 -54.10 28.71
C LEU H 111 -33.18 -53.39 28.05
N ILE H 112 -32.58 -54.02 27.05
CA ILE H 112 -31.43 -53.46 26.36
C ILE H 112 -31.67 -53.47 24.86
N ALA H 113 -30.92 -52.62 24.16
CA ALA H 113 -30.95 -52.54 22.70
C ALA H 113 -29.58 -52.90 22.15
N VAL H 114 -29.56 -53.72 21.10
CA VAL H 114 -28.33 -54.17 20.47
C VAL H 114 -28.34 -53.67 19.02
N TYR H 115 -27.24 -53.07 18.60
CA TYR H 115 -27.17 -52.40 17.31
C TYR H 115 -26.18 -53.12 16.41
N TYR H 116 -26.63 -53.51 15.21
CA TYR H 116 -25.82 -54.15 14.21
C TYR H 116 -25.74 -53.27 12.97
N SER H 117 -24.57 -53.28 12.32
CA SER H 117 -24.37 -52.61 11.05
C SER H 117 -23.95 -53.64 10.02
N PHE H 118 -24.83 -53.90 9.04
CA PHE H 118 -24.54 -54.84 7.96
C PHE H 118 -24.07 -54.05 6.75
N GLY H 119 -22.88 -53.46 6.87
CA GLY H 119 -22.35 -52.64 5.80
C GLY H 119 -23.02 -51.30 5.68
N GLY H 120 -23.63 -50.82 6.76
CA GLY H 120 -24.42 -49.61 6.76
C GLY H 120 -25.91 -49.85 6.87
N LEU H 121 -26.38 -51.03 6.50
CA LEU H 121 -27.76 -51.41 6.74
C LEU H 121 -27.92 -51.71 8.22
N LEU H 122 -28.55 -50.80 8.95
CA LEU H 122 -28.60 -50.86 10.40
C LEU H 122 -29.67 -51.83 10.88
N MET H 123 -29.47 -52.36 12.08
CA MET H 123 -30.49 -53.11 12.78
C MET H 123 -30.41 -52.81 14.27
N ARG H 124 -31.56 -52.47 14.86
CA ARG H 124 -31.69 -52.27 16.28
C ARG H 124 -32.60 -53.35 16.84
N LEU H 125 -32.06 -54.17 17.74
CA LEU H 125 -32.81 -55.25 18.36
C LEU H 125 -33.01 -54.94 19.83
N GLU H 126 -34.25 -55.07 20.30
CA GLU H 126 -34.63 -54.72 21.65
C GLU H 126 -35.11 -55.96 22.38
N GLY H 127 -34.62 -56.15 23.61
CA GLY H 127 -34.99 -57.32 24.38
C GLY H 127 -34.47 -57.19 25.79
N ASN H 128 -34.66 -58.26 26.58
CA ASN H 128 -34.31 -58.23 27.99
C ASN H 128 -33.18 -59.18 28.35
N TYR H 129 -33.33 -60.48 28.09
CA TYR H 129 -32.43 -61.50 28.63
C TYR H 129 -31.78 -62.25 27.48
N ARG H 130 -30.65 -61.72 27.02
CA ARG H 130 -29.85 -62.32 25.96
C ARG H 130 -28.36 -62.19 26.26
N ASN H 131 -28.02 -61.89 27.51
CA ASN H 131 -26.66 -61.44 27.85
C ASN H 131 -25.61 -62.51 27.55
N LEU H 132 -25.99 -63.78 27.56
CA LEU H 132 -25.06 -64.87 27.29
C LEU H 132 -25.08 -65.30 25.82
N ASN H 133 -25.74 -64.54 24.96
CA ASN H 133 -25.83 -64.95 23.56
C ASN H 133 -25.31 -63.91 22.59
N ASN H 134 -25.62 -62.63 22.81
CA ASN H 134 -25.21 -61.56 21.90
C ASN H 134 -23.96 -60.87 22.41
N LEU H 135 -22.93 -60.84 21.58
CA LEU H 135 -21.66 -60.22 21.93
C LEU H 135 -21.29 -59.20 20.84
N LYS H 136 -20.45 -58.23 21.23
CA LYS H 136 -19.96 -57.23 20.29
C LYS H 136 -18.77 -57.81 19.51
N GLN H 137 -19.11 -58.48 18.41
CA GLN H 137 -18.12 -59.16 17.58
C GLN H 137 -18.51 -59.05 16.11
N GLU H 138 -17.49 -59.12 15.26
CA GLU H 138 -17.71 -59.07 13.81
C GLU H 138 -18.52 -60.28 13.34
N ASN H 139 -18.31 -61.43 13.97
CA ASN H 139 -19.02 -62.64 13.59
C ASN H 139 -20.49 -62.51 13.97
N ALA H 140 -21.31 -62.05 13.03
CA ALA H 140 -22.74 -61.97 13.25
C ALA H 140 -23.43 -62.05 11.89
N TYR H 141 -24.05 -63.19 11.61
CA TYR H 141 -24.87 -63.35 10.43
C TYR H 141 -26.33 -63.14 10.80
N LEU H 142 -27.03 -62.38 9.97
CA LEU H 142 -28.47 -62.17 10.15
C LEU H 142 -29.21 -62.86 9.02
N LEU H 143 -30.11 -63.77 9.39
CA LEU H 143 -30.83 -64.60 8.43
C LEU H 143 -32.31 -64.32 8.58
N ILE H 144 -32.96 -63.94 7.48
CA ILE H 144 -34.40 -63.71 7.44
C ILE H 144 -35.01 -64.66 6.43
N ARG H 145 -36.09 -65.32 6.83
CA ARG H 145 -36.90 -66.11 5.91
C ARG H 145 -38.35 -65.74 6.14
N ARG H 146 -39.16 -65.87 5.09
CA ARG H 146 -40.55 -65.45 5.16
C ARG H 146 -41.43 -66.56 5.72
N MET I 1 -39.12 37.89 16.72
CA MET I 1 -39.86 39.08 16.31
C MET I 1 -40.40 38.91 14.89
N LEU I 2 -39.53 39.12 13.91
CA LEU I 2 -39.86 38.97 12.48
C LEU I 2 -41.05 39.86 12.11
N SER I 3 -40.83 41.16 12.27
CA SER I 3 -41.80 42.17 11.88
C SER I 3 -41.14 43.20 10.98
N PHE I 4 -41.94 43.84 10.13
CA PHE I 4 -41.43 44.75 9.13
C PHE I 4 -42.25 46.04 9.07
N CYS I 5 -41.57 47.11 8.64
CA CYS I 5 -42.17 48.43 8.57
C CYS I 5 -43.26 48.46 7.50
N PRO I 6 -44.28 49.31 7.67
CA PRO I 6 -45.25 49.49 6.58
C PRO I 6 -44.76 50.38 5.45
N SER I 7 -43.75 51.22 5.70
CA SER I 7 -43.31 52.16 4.68
C SER I 7 -42.29 51.54 3.73
N CYS I 8 -41.20 51.00 4.28
CA CYS I 8 -40.13 50.42 3.47
C CYS I 8 -40.06 48.91 3.58
N ASN I 9 -40.91 48.30 4.40
CA ASN I 9 -41.07 46.85 4.49
C ASN I 9 -39.80 46.14 4.94
N ASN I 10 -38.80 46.89 5.37
CA ASN I 10 -37.58 46.30 5.92
C ASN I 10 -37.88 45.71 7.28
N MET I 11 -36.99 44.84 7.77
CA MET I 11 -37.22 44.17 9.04
C MET I 11 -37.12 45.16 10.21
N LEU I 12 -38.11 45.13 11.09
CA LEU I 12 -38.14 46.00 12.25
C LEU I 12 -37.24 45.46 13.36
N LEU I 13 -36.69 46.37 14.16
CA LEU I 13 -35.80 46.01 15.26
C LEU I 13 -36.18 46.79 16.51
N ILE I 14 -35.71 46.29 17.66
CA ILE I 14 -35.85 47.00 18.93
C ILE I 14 -34.60 47.82 19.19
N THR I 15 -34.79 49.12 19.43
CA THR I 15 -33.69 50.02 19.78
C THR I 15 -34.00 50.71 21.10
N SER I 16 -32.95 51.03 21.86
CA SER I 16 -33.08 51.74 23.12
C SER I 16 -32.88 53.23 22.87
N GLY I 17 -33.93 54.02 23.05
CA GLY I 17 -33.86 55.46 22.88
C GLY I 17 -33.73 56.18 24.21
N ASP I 18 -34.11 57.46 24.20
CA ASP I 18 -34.12 58.24 25.43
C ASP I 18 -35.20 57.74 26.37
N SER I 19 -34.87 57.70 27.66
CA SER I 19 -35.68 57.07 28.70
C SER I 19 -35.79 55.57 28.48
N GLY I 20 -34.86 55.01 27.71
CA GLY I 20 -34.80 53.56 27.50
C GLY I 20 -36.02 52.99 26.83
N VAL I 21 -36.65 53.74 25.93
CA VAL I 21 -37.85 53.28 25.25
C VAL I 21 -37.49 52.18 24.27
N TYR I 22 -38.21 51.06 24.33
CA TYR I 22 -37.95 49.91 23.46
C TYR I 22 -38.83 50.03 22.21
N THR I 23 -38.66 51.14 21.51
CA THR I 23 -39.42 51.41 20.29
C THR I 23 -38.97 50.50 19.15
N LEU I 24 -39.93 50.09 18.33
CA LEU I 24 -39.63 49.28 17.14
C LEU I 24 -39.34 50.19 15.95
N ALA I 25 -38.17 50.82 16.00
CA ALA I 25 -37.72 51.64 14.90
C ALA I 25 -37.40 50.78 13.68
N CYS I 26 -37.68 51.32 12.50
CA CYS I 26 -37.29 50.70 11.24
C CYS I 26 -36.03 51.39 10.75
N ARG I 27 -34.94 50.64 10.65
CA ARG I 27 -33.75 51.18 9.99
C ARG I 27 -34.06 51.43 8.52
N SER I 28 -33.34 52.39 7.95
CA SER I 28 -33.43 52.90 6.58
C SER I 28 -34.70 53.71 6.33
N CYS I 29 -35.60 53.87 7.30
CA CYS I 29 -36.81 54.61 7.05
C CYS I 29 -37.27 55.27 8.34
N PRO I 30 -37.62 56.58 8.33
CA PRO I 30 -38.13 57.25 9.53
C PRO I 30 -39.46 56.64 10.01
N TYR I 31 -39.42 55.44 10.59
CA TYR I 31 -40.65 54.84 11.16
C TYR I 31 -40.37 54.53 12.64
N GLU I 32 -41.31 54.88 13.52
CA GLU I 32 -41.08 54.68 14.98
C GLU I 32 -42.33 54.14 15.65
N PHE I 33 -42.36 52.84 15.95
CA PHE I 33 -43.47 52.29 16.71
C PHE I 33 -43.09 52.22 18.18
N PRO I 34 -43.51 53.16 19.00
CA PRO I 34 -43.15 53.14 20.42
C PRO I 34 -44.00 52.12 21.17
N ILE I 35 -43.60 51.88 22.41
CA ILE I 35 -44.32 50.97 23.30
C ILE I 35 -44.91 51.80 24.42
N GLU I 36 -46.23 51.84 24.49
CA GLU I 36 -46.95 52.56 25.53
C GLU I 36 -47.80 51.54 26.27
N GLY I 37 -47.19 50.85 27.22
CA GLY I 37 -47.88 49.80 27.94
C GLY I 37 -48.40 48.69 27.06
N ILE I 38 -47.73 48.40 25.95
CA ILE I 38 -48.16 47.37 25.01
C ILE I 38 -47.10 46.28 24.98
N GLU I 39 -47.54 45.02 24.97
CA GLU I 39 -46.65 43.88 25.05
C GLU I 39 -46.47 43.27 23.67
N ILE I 40 -45.24 43.22 23.19
CA ILE I 40 -44.91 42.54 21.95
C ILE I 40 -44.35 41.17 22.33
N TYR I 41 -45.10 40.11 22.03
CA TYR I 41 -44.69 38.76 22.37
C TYR I 41 -44.68 37.89 21.12
N ASP I 42 -43.65 37.07 21.00
CA ASP I 42 -43.50 36.12 19.91
C ASP I 42 -43.41 34.72 20.48
N ARG I 43 -44.47 33.93 20.30
CA ARG I 43 -44.56 32.59 20.83
C ARG I 43 -44.47 31.60 19.68
N LYS I 44 -43.60 30.60 19.83
CA LYS I 44 -43.49 29.51 18.87
C LYS I 44 -43.56 28.20 19.64
N LYS I 45 -44.34 27.26 19.12
CA LYS I 45 -44.53 25.98 19.78
C LYS I 45 -43.28 25.13 19.69
N LEU I 46 -43.14 24.21 20.63
CA LEU I 46 -42.02 23.29 20.70
C LEU I 46 -42.53 21.87 20.79
N PRO I 47 -41.77 20.89 20.28
CA PRO I 47 -42.26 19.51 20.28
C PRO I 47 -42.24 18.91 21.67
N ARG I 48 -43.18 17.99 21.91
CA ARG I 48 -43.29 17.34 23.21
C ARG I 48 -42.20 16.28 23.40
N LYS I 49 -41.83 15.57 22.33
CA LYS I 49 -40.81 14.52 22.37
C LYS I 49 -41.19 13.44 23.39
N GLU I 50 -42.26 12.73 23.05
CA GLU I 50 -42.81 11.69 23.91
C GLU I 50 -41.79 10.57 24.16
N VAL I 51 -42.14 9.66 25.06
CA VAL I 51 -41.28 8.54 25.39
C VAL I 51 -41.13 7.62 24.17
N ASP I 52 -40.11 6.77 24.22
CA ASP I 52 -39.87 5.77 23.18
C ASP I 52 -39.77 4.40 23.84
N ASP I 53 -40.50 3.44 23.30
CA ASP I 53 -40.64 2.14 23.93
C ASP I 53 -39.38 1.30 23.71
N VAL I 54 -39.36 0.12 24.34
CA VAL I 54 -38.18 -0.72 24.30
C VAL I 54 -37.85 -1.12 22.87
N LEU I 55 -36.56 -1.18 22.56
CA LEU I 55 -36.13 -1.55 21.22
C LEU I 55 -36.46 -3.01 20.93
N GLY I 56 -36.20 -3.89 21.89
CA GLY I 56 -36.58 -5.28 21.76
C GLY I 56 -35.96 -5.95 20.56
N GLY I 57 -36.81 -6.60 19.76
CA GLY I 57 -36.36 -7.26 18.55
C GLY I 57 -37.50 -7.64 17.63
N GLY I 58 -37.28 -7.50 16.33
CA GLY I 58 -38.30 -7.83 15.34
C GLY I 58 -37.86 -8.96 14.44
N TRP I 59 -37.23 -9.98 15.02
CA TRP I 59 -36.68 -11.07 14.23
C TRP I 59 -37.78 -11.94 13.62
N ASP I 60 -39.03 -11.76 14.03
CA ASP I 60 -40.13 -12.46 13.39
C ASP I 60 -40.28 -12.10 11.92
N ASN I 61 -39.78 -10.92 11.51
CA ASN I 61 -39.96 -10.43 10.15
C ASN I 61 -38.76 -10.70 9.25
N VAL I 62 -37.91 -11.66 9.62
CA VAL I 62 -36.67 -11.91 8.91
C VAL I 62 -36.75 -13.29 8.26
N ASP I 63 -36.28 -13.35 7.00
CA ASP I 63 -36.36 -14.56 6.19
C ASP I 63 -35.57 -15.69 6.88
N GLN I 64 -36.25 -16.79 7.16
CA GLN I 64 -35.62 -17.97 7.73
C GLN I 64 -35.39 -19.02 6.65
N THR I 65 -34.68 -20.08 7.00
CA THR I 65 -34.50 -21.21 6.10
C THR I 65 -34.14 -22.44 6.93
N LYS I 66 -34.18 -23.59 6.28
CA LYS I 66 -33.99 -24.89 6.91
C LYS I 66 -32.51 -25.28 6.79
N THR I 67 -31.70 -24.79 7.72
CA THR I 67 -30.30 -25.16 7.77
C THR I 67 -29.92 -25.41 9.23
N GLN I 68 -29.22 -26.51 9.47
CA GLN I 68 -28.74 -26.84 10.80
C GLN I 68 -27.41 -26.14 11.03
N CYS I 69 -27.29 -25.45 12.17
CA CYS I 69 -26.10 -24.69 12.47
C CYS I 69 -24.92 -25.63 12.73
N PRO I 70 -23.69 -25.12 12.56
CA PRO I 70 -22.52 -25.93 12.92
C PRO I 70 -22.51 -26.34 14.39
N ASN I 71 -23.08 -25.53 15.27
CA ASN I 71 -23.18 -25.88 16.68
C ASN I 71 -24.45 -26.66 16.97
N TYR I 72 -24.69 -27.73 16.21
CA TYR I 72 -25.89 -28.54 16.41
C TYR I 72 -25.84 -29.37 17.68
N ASP I 73 -24.65 -29.77 18.13
CA ASP I 73 -24.53 -30.55 19.35
C ASP I 73 -24.96 -29.77 20.58
N THR I 74 -24.68 -28.48 20.64
CA THR I 74 -25.08 -27.61 21.74
C THR I 74 -26.53 -27.18 21.64
N CYS I 75 -26.94 -26.70 20.46
CA CYS I 75 -28.31 -26.28 20.22
C CYS I 75 -28.84 -26.94 18.96
N GLY I 76 -29.98 -27.60 19.10
CA GLY I 76 -30.59 -28.28 17.97
C GLY I 76 -31.42 -27.34 17.12
N GLY I 77 -30.76 -26.45 16.38
CA GLY I 77 -31.45 -25.49 15.55
C GLY I 77 -31.55 -25.91 14.11
N GLU I 78 -32.78 -26.13 13.62
CA GLU I 78 -33.02 -26.51 12.24
C GLU I 78 -33.23 -25.31 11.33
N SER I 79 -33.28 -24.11 11.89
CA SER I 79 -33.56 -22.91 11.11
C SER I 79 -32.47 -21.87 11.32
N ALA I 80 -32.33 -20.98 10.35
CA ALA I 80 -31.27 -19.98 10.39
C ALA I 80 -31.68 -18.80 9.52
N TYR I 81 -31.64 -17.60 10.09
CA TYR I 81 -31.87 -16.39 9.30
C TYR I 81 -30.79 -16.26 8.23
N PHE I 82 -31.17 -15.77 7.06
CA PHE I 82 -30.23 -15.70 5.95
C PHE I 82 -30.41 -14.40 5.17
N PHE I 83 -29.35 -14.02 4.46
CA PHE I 83 -29.42 -13.03 3.40
C PHE I 83 -28.28 -13.30 2.44
N GLN I 84 -28.56 -13.17 1.14
CA GLN I 84 -27.59 -13.50 0.11
C GLN I 84 -26.96 -12.25 -0.47
N LEU I 85 -25.64 -12.27 -0.60
CA LEU I 85 -24.87 -11.20 -1.21
C LEU I 85 -23.87 -11.81 -2.18
N GLN I 86 -23.57 -11.09 -3.25
CA GLN I 86 -22.55 -11.56 -4.19
C GLN I 86 -21.25 -10.80 -3.93
N ILE I 87 -20.47 -11.33 -2.98
CA ILE I 87 -19.27 -10.64 -2.53
C ILE I 87 -18.06 -11.27 -3.22
N ARG I 88 -18.30 -11.95 -4.33
CA ARG I 88 -17.26 -12.49 -5.17
C ARG I 88 -17.32 -11.80 -6.53
N SER I 89 -16.37 -12.16 -7.40
CA SER I 89 -16.50 -11.76 -8.79
C SER I 89 -17.77 -12.34 -9.38
N ALA I 90 -18.23 -11.74 -10.48
CA ALA I 90 -19.54 -12.12 -11.03
C ALA I 90 -19.54 -13.52 -11.62
N ASP I 91 -18.37 -14.18 -11.65
CA ASP I 91 -18.31 -15.56 -12.13
C ASP I 91 -18.41 -16.60 -11.02
N GLU I 92 -18.04 -16.24 -9.78
CA GLU I 92 -18.40 -17.11 -8.67
C GLU I 92 -19.87 -16.91 -8.30
N PRO I 93 -20.50 -17.92 -7.71
CA PRO I 93 -21.90 -17.77 -7.30
C PRO I 93 -22.06 -16.85 -6.10
N MET I 94 -23.30 -16.66 -5.65
CA MET I 94 -23.62 -15.77 -4.55
C MET I 94 -23.17 -16.37 -3.23
N THR I 95 -23.07 -15.52 -2.22
CA THR I 95 -22.70 -15.93 -0.88
C THR I 95 -23.88 -15.75 0.06
N THR I 96 -24.18 -16.79 0.83
CA THR I 96 -25.29 -16.78 1.76
C THR I 96 -24.76 -16.76 3.19
N PHE I 97 -25.21 -15.77 3.96
CA PHE I 97 -24.84 -15.62 5.35
C PHE I 97 -25.98 -16.14 6.24
N TYR I 98 -25.60 -16.83 7.32
CA TYR I 98 -26.59 -17.51 8.16
C TYR I 98 -26.48 -17.02 9.59
N LYS I 99 -27.54 -17.27 10.35
CA LYS I 99 -27.58 -16.96 11.77
C LYS I 99 -28.56 -17.93 12.42
N CYS I 100 -28.06 -18.81 13.27
CA CYS I 100 -28.90 -19.83 13.87
C CYS I 100 -29.97 -19.19 14.75
N VAL I 101 -31.21 -19.66 14.60
CA VAL I 101 -32.32 -19.19 15.42
C VAL I 101 -32.26 -19.75 16.83
N ASN I 102 -31.41 -20.74 17.09
CA ASN I 102 -31.34 -21.36 18.41
C ASN I 102 -30.16 -20.86 19.23
N CYS I 103 -29.08 -20.42 18.59
CA CYS I 103 -27.92 -19.90 19.30
C CYS I 103 -27.46 -18.54 18.82
N GLY I 104 -27.80 -18.12 17.60
CA GLY I 104 -27.31 -16.86 17.09
C GLY I 104 -25.94 -16.91 16.46
N HIS I 105 -25.39 -18.10 16.29
CA HIS I 105 -24.06 -18.27 15.69
C HIS I 105 -24.15 -18.00 14.20
N ARG I 106 -23.32 -17.09 13.72
CA ARG I 106 -23.33 -16.68 12.32
C ARG I 106 -22.27 -17.46 11.54
N TRP I 107 -22.58 -17.75 10.28
CA TRP I 107 -21.62 -18.40 9.40
C TRP I 107 -22.06 -18.17 7.96
N LYS I 108 -21.11 -18.29 7.03
CA LYS I 108 -21.34 -18.04 5.62
C LYS I 108 -21.03 -19.31 4.83
N GLU I 109 -22.03 -19.82 4.12
CA GLU I 109 -21.92 -21.08 3.40
C GLU I 109 -21.51 -20.92 1.94
N ASN I 110 -21.55 -19.70 1.41
CA ASN I 110 -21.07 -19.41 0.07
C ASN I 110 -21.75 -20.27 -0.99
N MET J 1 -16.38 -19.67 -42.23
CA MET J 1 -15.83 -19.41 -43.55
C MET J 1 -16.50 -20.29 -44.59
N ILE J 2 -16.17 -21.58 -44.56
CA ILE J 2 -16.66 -22.55 -45.51
C ILE J 2 -17.15 -23.76 -44.73
N VAL J 3 -18.05 -24.52 -45.33
CA VAL J 3 -18.68 -25.64 -44.62
C VAL J 3 -17.60 -26.63 -44.20
N PRO J 4 -17.56 -27.05 -42.93
CA PRO J 4 -16.55 -28.03 -42.51
C PRO J 4 -16.76 -29.36 -43.21
N VAL J 5 -15.65 -30.07 -43.41
CA VAL J 5 -15.70 -31.33 -44.16
C VAL J 5 -16.49 -32.39 -43.38
N ARG J 6 -16.25 -32.48 -42.08
CA ARG J 6 -16.90 -33.47 -41.24
C ARG J 6 -17.67 -32.80 -40.12
N CYS J 7 -18.69 -33.48 -39.63
CA CYS J 7 -19.35 -33.08 -38.40
C CYS J 7 -18.36 -33.14 -37.24
N PHE J 8 -18.41 -32.14 -36.37
CA PHE J 8 -17.46 -32.07 -35.27
C PHE J 8 -17.61 -33.26 -34.31
N SER J 9 -18.83 -33.74 -34.13
CA SER J 9 -19.08 -34.79 -33.14
C SER J 9 -18.98 -36.19 -33.71
N CYS J 10 -19.65 -36.46 -34.83
CA CYS J 10 -19.66 -37.81 -35.38
C CYS J 10 -18.47 -38.08 -36.29
N GLY J 11 -18.04 -37.08 -37.07
CA GLY J 11 -17.10 -37.30 -38.13
C GLY J 11 -17.75 -37.63 -39.47
N LYS J 12 -19.08 -37.63 -39.53
CA LYS J 12 -19.77 -37.84 -40.80
C LYS J 12 -19.48 -36.68 -41.74
N VAL J 13 -19.27 -37.01 -43.01
CA VAL J 13 -18.95 -36.00 -44.01
C VAL J 13 -20.19 -35.15 -44.26
N VAL J 14 -20.10 -33.86 -43.94
CA VAL J 14 -21.16 -32.91 -44.24
C VAL J 14 -20.72 -31.84 -45.22
N GLY J 15 -19.44 -31.80 -45.59
CA GLY J 15 -18.96 -30.82 -46.55
C GLY J 15 -19.37 -31.08 -47.98
N ASP J 16 -19.89 -32.27 -48.27
CA ASP J 16 -20.40 -32.61 -49.59
C ASP J 16 -21.91 -32.45 -49.67
N LYS J 17 -22.53 -31.88 -48.64
CA LYS J 17 -23.97 -31.70 -48.60
C LYS J 17 -24.38 -30.23 -48.56
N TRP J 18 -23.44 -29.30 -48.45
CA TRP J 18 -23.78 -27.89 -48.36
C TRP J 18 -24.49 -27.40 -49.62
N GLU J 19 -23.92 -27.69 -50.78
CA GLU J 19 -24.52 -27.22 -52.03
C GLU J 19 -25.84 -27.91 -52.30
N SER J 20 -25.94 -29.20 -51.97
CA SER J 20 -27.20 -29.91 -52.14
C SER J 20 -28.28 -29.33 -51.23
N TYR J 21 -27.92 -28.97 -50.00
CA TYR J 21 -28.85 -28.33 -49.08
C TYR J 21 -29.30 -26.97 -49.58
N LEU J 22 -28.35 -26.18 -50.10
CA LEU J 22 -28.70 -24.89 -50.67
C LEU J 22 -29.64 -25.05 -51.86
N ASN J 23 -29.38 -26.04 -52.73
CA ASN J 23 -30.24 -26.27 -53.87
C ASN J 23 -31.61 -26.79 -53.46
N LEU J 24 -31.68 -27.56 -52.37
CA LEU J 24 -32.97 -27.97 -51.84
C LEU J 24 -33.75 -26.77 -51.31
N LEU J 25 -33.05 -25.81 -50.71
CA LEU J 25 -33.72 -24.61 -50.23
C LEU J 25 -34.24 -23.74 -51.38
N GLN J 26 -33.42 -23.56 -52.43
CA GLN J 26 -33.80 -22.65 -53.51
C GLN J 26 -34.67 -23.32 -54.57
N GLU J 27 -34.14 -24.34 -55.23
CA GLU J 27 -34.87 -25.04 -56.29
C GLU J 27 -35.78 -26.07 -55.64
N ASP J 28 -37.08 -25.99 -55.95
CA ASP J 28 -38.09 -26.88 -55.38
C ASP J 28 -38.07 -26.81 -53.86
N GLU J 29 -38.47 -25.63 -53.38
CA GLU J 29 -38.22 -25.22 -51.99
C GLU J 29 -38.79 -26.22 -50.99
N LEU J 30 -38.01 -26.47 -49.94
CA LEU J 30 -38.40 -27.30 -48.82
C LEU J 30 -38.19 -26.54 -47.52
N ASP J 31 -38.75 -27.08 -46.44
CA ASP J 31 -38.37 -26.61 -45.11
C ASP J 31 -36.93 -27.01 -44.83
N GLU J 32 -36.27 -26.26 -43.94
CA GLU J 32 -34.90 -26.61 -43.59
C GLU J 32 -34.83 -27.98 -42.94
N GLY J 33 -35.82 -28.30 -42.10
CA GLY J 33 -35.79 -29.60 -41.44
C GLY J 33 -35.90 -30.77 -42.41
N THR J 34 -36.86 -30.69 -43.34
CA THR J 34 -37.01 -31.78 -44.30
C THR J 34 -35.88 -31.78 -45.33
N ALA J 35 -35.27 -30.63 -45.59
CA ALA J 35 -34.11 -30.59 -46.46
C ALA J 35 -32.90 -31.24 -45.79
N LEU J 36 -32.77 -31.08 -44.48
CA LEU J 36 -31.70 -31.77 -43.75
C LEU J 36 -31.98 -33.27 -43.68
N SER J 37 -33.25 -33.66 -43.49
CA SER J 37 -33.57 -35.07 -43.44
C SER J 37 -33.43 -35.75 -44.79
N ARG J 38 -33.65 -35.00 -45.88
CA ARG J 38 -33.50 -35.55 -47.22
C ARG J 38 -32.06 -35.89 -47.55
N LEU J 39 -31.10 -35.15 -46.99
CA LEU J 39 -29.69 -35.36 -47.26
C LEU J 39 -29.09 -36.51 -46.47
N GLY J 40 -29.82 -37.05 -45.50
CA GLY J 40 -29.31 -38.11 -44.66
C GLY J 40 -28.78 -37.65 -43.32
N LEU J 41 -28.92 -36.37 -42.98
CA LEU J 41 -28.45 -35.87 -41.69
C LEU J 41 -29.46 -36.20 -40.60
N LYS J 42 -29.39 -37.43 -40.07
CA LYS J 42 -30.30 -37.91 -39.03
C LYS J 42 -29.92 -37.37 -37.65
N ARG J 43 -28.62 -37.44 -37.31
CA ARG J 43 -28.17 -37.03 -36.00
C ARG J 43 -28.17 -35.50 -35.88
N TYR J 44 -28.53 -35.02 -34.69
CA TYR J 44 -28.68 -33.59 -34.52
C TYR J 44 -27.33 -32.85 -34.57
N CYS J 45 -26.23 -33.55 -34.32
CA CYS J 45 -24.92 -32.94 -34.52
C CYS J 45 -24.67 -32.63 -36.00
N CYS J 46 -24.89 -33.62 -36.87
CA CYS J 46 -24.77 -33.38 -38.30
C CYS J 46 -25.80 -32.37 -38.78
N ARG J 47 -26.96 -32.33 -38.11
CA ARG J 47 -27.99 -31.36 -38.47
C ARG J 47 -27.53 -29.94 -38.14
N ARG J 48 -26.94 -29.74 -36.96
CA ARG J 48 -26.50 -28.40 -36.58
C ARG J 48 -25.29 -27.96 -37.38
N MET J 49 -24.46 -28.90 -37.82
CA MET J 49 -23.29 -28.54 -38.62
C MET J 49 -23.70 -27.78 -39.88
N ILE J 50 -24.86 -28.14 -40.44
CA ILE J 50 -25.34 -27.50 -41.66
C ILE J 50 -26.31 -26.36 -41.33
N LEU J 51 -27.14 -26.54 -40.31
CA LEU J 51 -28.16 -25.54 -39.97
C LEU J 51 -27.55 -24.27 -39.43
N THR J 52 -26.46 -24.36 -38.67
CA THR J 52 -25.88 -23.20 -38.01
C THR J 52 -24.66 -22.64 -38.75
N HIS J 53 -24.28 -23.23 -39.87
CA HIS J 53 -23.11 -22.77 -40.60
C HIS J 53 -23.38 -21.39 -41.21
N VAL J 54 -22.37 -20.54 -41.17
CA VAL J 54 -22.43 -19.21 -41.77
C VAL J 54 -21.38 -19.16 -42.87
N ASP J 55 -21.83 -19.06 -44.12
CA ASP J 55 -20.94 -19.11 -45.29
C ASP J 55 -20.28 -17.75 -45.46
N LEU J 56 -19.21 -17.54 -44.70
CA LEU J 56 -18.49 -16.27 -44.73
C LEU J 56 -17.50 -16.17 -45.87
N ILE J 57 -17.17 -17.30 -46.52
CA ILE J 57 -16.20 -17.24 -47.60
C ILE J 57 -16.76 -16.49 -48.80
N GLU J 58 -18.06 -16.63 -49.06
CA GLU J 58 -18.66 -15.89 -50.17
C GLU J 58 -18.60 -14.39 -49.91
N LYS J 59 -18.56 -13.98 -48.65
CA LYS J 59 -18.42 -12.57 -48.33
C LYS J 59 -16.97 -12.14 -48.39
N PHE J 60 -16.05 -13.03 -48.00
CA PHE J 60 -14.63 -12.70 -48.08
C PHE J 60 -14.17 -12.57 -49.54
N LEU J 61 -14.75 -13.36 -50.44
CA LEU J 61 -14.37 -13.31 -51.84
C LEU J 61 -14.78 -12.01 -52.52
N ARG J 62 -15.66 -11.21 -51.92
CA ARG J 62 -15.96 -9.91 -52.49
C ARG J 62 -14.78 -8.95 -52.42
N TYR J 63 -13.78 -9.28 -51.61
CA TYR J 63 -12.56 -8.48 -51.45
C TYR J 63 -11.35 -9.18 -52.05
N ASN J 64 -11.55 -9.98 -53.08
CA ASN J 64 -10.46 -10.70 -53.71
C ASN J 64 -9.45 -9.70 -54.28
N PRO J 65 -8.18 -9.74 -53.84
CA PRO J 65 -7.21 -8.70 -54.21
C PRO J 65 -6.44 -8.96 -55.49
N LEU J 66 -6.61 -10.13 -56.12
CA LEU J 66 -5.88 -10.48 -57.33
C LEU J 66 -6.83 -10.75 -58.48
N GLU J 67 -7.81 -9.87 -58.66
CA GLU J 67 -8.76 -9.93 -59.77
C GLU J 67 -8.06 -9.81 -61.12
N PRO K 42 11.03 -60.81 -29.20
CA PRO K 42 11.02 -60.84 -27.72
C PRO K 42 10.82 -59.46 -27.12
N ASP K 43 9.56 -59.03 -27.00
CA ASP K 43 9.23 -57.71 -26.48
C ASP K 43 9.24 -57.77 -24.96
N ARG K 44 10.29 -57.23 -24.35
CA ARG K 44 10.43 -57.22 -22.91
C ARG K 44 9.91 -55.94 -22.26
N GLU K 45 9.47 -54.97 -23.05
CA GLU K 45 8.96 -53.71 -22.54
C GLU K 45 7.44 -53.58 -22.64
N LYS K 46 6.73 -54.65 -23.00
CA LYS K 46 5.29 -54.53 -23.22
C LYS K 46 4.53 -54.72 -21.92
N ILE K 47 4.69 -55.88 -21.29
CA ILE K 47 4.06 -56.18 -20.01
C ILE K 47 5.15 -56.42 -18.98
N LYS K 48 5.03 -55.76 -17.83
CA LYS K 48 5.99 -55.86 -16.75
C LYS K 48 5.29 -56.28 -15.47
N LEU K 49 5.97 -57.08 -14.65
CA LEU K 49 5.47 -57.36 -13.32
C LEU K 49 5.95 -56.28 -12.35
N LEU K 50 5.02 -55.61 -11.69
CA LEU K 50 5.34 -54.58 -10.72
C LEU K 50 5.65 -55.27 -9.39
N THR K 51 6.94 -55.32 -9.05
CA THR K 51 7.38 -56.17 -7.94
C THR K 51 6.95 -55.60 -6.59
N GLN K 52 6.82 -54.29 -6.48
CA GLN K 52 6.42 -53.70 -5.19
C GLN K 52 4.99 -54.07 -4.83
N ALA K 53 4.16 -54.33 -5.83
CA ALA K 53 2.74 -54.62 -5.61
C ALA K 53 2.45 -56.10 -5.84
N THR K 54 3.44 -56.93 -5.57
CA THR K 54 3.33 -58.37 -5.79
C THR K 54 3.56 -59.08 -4.47
N SER K 55 2.69 -60.05 -4.17
CA SER K 55 2.78 -60.80 -2.92
C SER K 55 3.81 -61.92 -3.04
N GLU K 56 4.00 -62.63 -1.93
CA GLU K 56 4.89 -63.78 -1.93
C GLU K 56 4.12 -65.03 -2.36
N ASP K 57 4.80 -65.88 -3.14
CA ASP K 57 4.19 -67.07 -3.73
C ASP K 57 3.05 -66.70 -4.68
N GLY K 58 3.27 -65.64 -5.46
CA GLY K 58 2.30 -65.21 -6.45
C GLY K 58 0.96 -64.87 -5.84
N THR K 59 -0.10 -65.27 -6.54
CA THR K 59 -1.50 -65.11 -6.14
C THR K 59 -1.91 -63.66 -6.00
N SER K 60 -1.02 -62.70 -6.26
CA SER K 60 -1.32 -61.29 -6.16
C SER K 60 -0.23 -60.54 -6.90
N ALA K 61 -0.61 -59.77 -7.91
CA ALA K 61 0.38 -59.13 -8.76
C ALA K 61 -0.26 -57.99 -9.52
N SER K 62 0.53 -56.95 -9.77
CA SER K 62 0.14 -55.85 -10.63
C SER K 62 0.99 -55.92 -11.89
N PHE K 63 0.33 -55.94 -13.05
CA PHE K 63 1.02 -55.99 -14.33
C PHE K 63 0.85 -54.64 -15.02
N GLN K 64 1.96 -54.08 -15.46
CA GLN K 64 1.96 -52.82 -16.20
C GLN K 64 2.09 -53.14 -17.68
N ILE K 65 1.07 -52.78 -18.46
CA ILE K 65 1.04 -53.06 -19.89
C ILE K 65 1.04 -51.72 -20.61
N VAL K 66 2.07 -51.49 -21.43
CA VAL K 66 2.19 -50.26 -22.16
C VAL K 66 1.38 -50.35 -23.45
N GLU K 67 1.02 -49.19 -23.99
CA GLU K 67 0.26 -49.08 -25.23
C GLU K 67 -1.06 -49.84 -25.17
N GLU K 68 -1.70 -49.85 -24.00
CA GLU K 68 -3.04 -50.41 -23.85
C GLU K 68 -3.89 -49.45 -23.04
N ASP K 69 -5.20 -49.59 -23.19
CA ASP K 69 -6.15 -48.65 -22.60
C ASP K 69 -7.41 -49.43 -22.22
N HIS K 70 -8.50 -48.70 -22.02
CA HIS K 70 -9.73 -49.29 -21.53
C HIS K 70 -10.22 -50.43 -22.41
N THR K 71 -9.93 -50.38 -23.71
CA THR K 71 -10.38 -51.41 -24.64
C THR K 71 -9.93 -52.79 -24.19
N LEU K 72 -8.61 -53.01 -24.11
CA LEU K 72 -8.11 -54.29 -23.64
C LEU K 72 -8.34 -54.45 -22.14
N GLY K 73 -8.25 -53.36 -21.39
CA GLY K 73 -8.35 -53.46 -19.94
C GLY K 73 -9.67 -54.03 -19.46
N ASN K 74 -10.78 -53.51 -19.99
CA ASN K 74 -12.09 -53.92 -19.49
C ASN K 74 -12.45 -55.33 -19.95
N ALA K 75 -12.15 -55.65 -21.21
CA ALA K 75 -12.39 -57.00 -21.70
C ALA K 75 -11.55 -58.03 -20.94
N LEU K 76 -10.28 -57.71 -20.71
CA LEU K 76 -9.42 -58.60 -19.95
C LEU K 76 -9.93 -58.76 -18.52
N ARG K 77 -10.38 -57.66 -17.90
CA ARG K 77 -10.91 -57.74 -16.55
C ARG K 77 -12.15 -58.62 -16.49
N TYR K 78 -13.06 -58.46 -17.46
CA TYR K 78 -14.26 -59.31 -17.50
C TYR K 78 -13.88 -60.78 -17.62
N VAL K 79 -13.02 -61.10 -18.59
CA VAL K 79 -12.65 -62.49 -18.82
C VAL K 79 -11.95 -63.09 -17.60
N ILE K 80 -11.03 -62.33 -17.00
CA ILE K 80 -10.31 -62.83 -15.83
C ILE K 80 -11.27 -63.01 -14.66
N MET K 81 -12.24 -62.11 -14.52
CA MET K 81 -13.21 -62.27 -13.44
C MET K 81 -14.10 -63.47 -13.66
N LYS K 82 -14.27 -63.92 -14.90
CA LYS K 82 -14.98 -65.17 -15.15
C LYS K 82 -14.13 -66.40 -14.84
N ASN K 83 -12.98 -66.23 -14.18
CA ASN K 83 -12.14 -67.34 -13.77
C ASN K 83 -12.42 -67.67 -12.31
N PRO K 84 -12.85 -68.89 -11.97
CA PRO K 84 -13.31 -69.15 -10.60
C PRO K 84 -12.24 -68.99 -9.53
N ASP K 85 -10.96 -69.00 -9.90
CA ASP K 85 -9.90 -68.82 -8.91
C ASP K 85 -9.61 -67.36 -8.62
N VAL K 86 -10.04 -66.44 -9.47
CA VAL K 86 -9.72 -65.03 -9.30
C VAL K 86 -10.68 -64.42 -8.28
N GLU K 87 -10.12 -63.77 -7.28
CA GLU K 87 -10.91 -63.06 -6.27
C GLU K 87 -10.87 -61.56 -6.45
N PHE K 88 -9.98 -61.06 -7.29
CA PHE K 88 -9.80 -59.61 -7.45
C PHE K 88 -9.17 -59.41 -8.82
N CYS K 89 -9.90 -58.75 -9.71
CA CYS K 89 -9.34 -58.28 -10.96
C CYS K 89 -9.78 -56.84 -11.15
N GLY K 90 -8.95 -56.07 -11.84
CA GLY K 90 -9.24 -54.67 -12.02
C GLY K 90 -8.04 -53.92 -12.57
N TYR K 91 -8.29 -53.01 -13.49
CA TYR K 91 -7.24 -52.24 -14.13
C TYR K 91 -7.45 -50.77 -13.82
N SER K 92 -6.36 -50.02 -13.90
CA SER K 92 -6.43 -48.57 -13.78
C SER K 92 -5.45 -47.97 -14.77
N ILE K 93 -5.86 -46.88 -15.40
CA ILE K 93 -4.96 -46.10 -16.23
C ILE K 93 -4.46 -44.97 -15.36
N PRO K 94 -3.23 -45.07 -14.83
CA PRO K 94 -2.79 -44.11 -13.81
C PRO K 94 -2.88 -42.66 -14.26
N HIS K 95 -2.57 -42.38 -15.52
CA HIS K 95 -2.64 -41.01 -16.01
C HIS K 95 -3.02 -41.03 -17.48
N PRO K 96 -3.90 -40.13 -17.91
CA PRO K 96 -4.25 -40.09 -19.34
C PRO K 96 -3.08 -39.70 -20.24
N SER K 97 -2.05 -39.06 -19.69
CA SER K 97 -0.91 -38.63 -20.49
C SER K 97 0.10 -39.74 -20.75
N GLU K 98 -0.08 -40.91 -20.14
CA GLU K 98 0.82 -42.04 -20.34
C GLU K 98 0.05 -43.20 -20.95
N ASN K 99 0.59 -43.78 -22.02
CA ASN K 99 0.04 -45.01 -22.59
C ASN K 99 0.45 -46.16 -21.70
N LEU K 100 -0.34 -46.36 -20.64
CA LEU K 100 0.02 -47.31 -19.59
C LEU K 100 -1.25 -47.93 -19.05
N LEU K 101 -1.09 -49.09 -18.42
CA LEU K 101 -2.23 -49.82 -17.88
C LEU K 101 -1.74 -50.76 -16.80
N ASN K 102 -2.09 -50.48 -15.55
CA ASN K 102 -1.80 -51.37 -14.44
C ASN K 102 -3.03 -52.21 -14.16
N ILE K 103 -2.89 -53.53 -14.27
CA ILE K 103 -3.99 -54.47 -14.03
C ILE K 103 -3.63 -55.31 -12.82
N ARG K 104 -4.53 -55.31 -11.83
CA ARG K 104 -4.30 -56.00 -10.56
C ARG K 104 -5.07 -57.31 -10.55
N ILE K 105 -4.36 -58.42 -10.35
CA ILE K 105 -4.97 -59.73 -10.24
C ILE K 105 -4.63 -60.31 -8.87
N GLN K 106 -5.65 -60.73 -8.14
CA GLN K 106 -5.47 -61.47 -6.90
C GLN K 106 -6.28 -62.76 -7.00
N THR K 107 -5.66 -63.87 -6.65
CA THR K 107 -6.31 -65.17 -6.69
C THR K 107 -6.36 -65.77 -5.29
N TYR K 108 -7.00 -66.92 -5.19
CA TYR K 108 -6.88 -67.75 -4.00
C TYR K 108 -5.60 -68.59 -4.11
N GLY K 109 -5.38 -69.48 -3.15
CA GLY K 109 -4.13 -70.20 -3.11
C GLY K 109 -3.90 -71.21 -4.20
N GLU K 110 -4.90 -71.46 -5.06
CA GLU K 110 -4.77 -72.51 -6.07
C GLU K 110 -3.77 -72.12 -7.14
N THR K 111 -4.02 -71.02 -7.85
CA THR K 111 -3.17 -70.60 -8.95
C THR K 111 -2.54 -69.25 -8.63
N THR K 112 -1.71 -68.77 -9.54
CA THR K 112 -1.01 -67.49 -9.39
C THR K 112 -1.64 -66.44 -10.30
N ALA K 113 -1.32 -65.18 -10.00
CA ALA K 113 -1.84 -64.08 -10.79
C ALA K 113 -1.35 -64.14 -12.23
N VAL K 114 -0.10 -64.57 -12.43
CA VAL K 114 0.42 -64.74 -13.79
C VAL K 114 -0.35 -65.82 -14.53
N ASP K 115 -0.63 -66.95 -13.85
CA ASP K 115 -1.44 -67.99 -14.45
C ASP K 115 -2.82 -67.48 -14.83
N ALA K 116 -3.44 -66.72 -13.94
CA ALA K 116 -4.78 -66.19 -14.21
C ALA K 116 -4.75 -65.22 -15.38
N LEU K 117 -3.71 -64.38 -15.46
CA LEU K 117 -3.60 -63.44 -16.57
C LEU K 117 -3.42 -64.15 -17.90
N GLN K 118 -2.56 -65.17 -17.94
CA GLN K 118 -2.38 -65.95 -19.16
C GLN K 118 -3.68 -66.64 -19.57
N LYS K 119 -4.39 -67.20 -18.58
CA LYS K 119 -5.66 -67.86 -18.87
C LYS K 119 -6.67 -66.86 -19.41
N GLY K 120 -6.73 -65.67 -18.82
CA GLY K 120 -7.66 -64.66 -19.32
C GLY K 120 -7.35 -64.21 -20.72
N LEU K 121 -6.06 -64.05 -21.03
CA LEU K 121 -5.66 -63.67 -22.39
C LEU K 121 -6.05 -64.75 -23.39
N LYS K 122 -5.80 -66.02 -23.05
CA LYS K 122 -6.17 -67.12 -23.94
C LYS K 122 -7.68 -67.21 -24.11
N ASP K 123 -8.42 -66.93 -23.03
CA ASP K 123 -9.87 -67.03 -23.10
C ASP K 123 -10.46 -65.88 -23.92
N LEU K 124 -9.85 -64.70 -23.84
CA LEU K 124 -10.23 -63.61 -24.74
C LEU K 124 -9.94 -63.98 -26.19
N MET K 125 -8.80 -64.64 -26.43
CA MET K 125 -8.52 -65.15 -27.77
C MET K 125 -9.62 -66.08 -28.27
N ASP K 126 -10.04 -67.02 -27.42
CA ASP K 126 -11.11 -67.95 -27.81
C ASP K 126 -12.43 -67.22 -28.05
N LEU K 127 -12.75 -66.24 -27.20
CA LEU K 127 -13.94 -65.41 -27.39
C LEU K 127 -13.93 -64.75 -28.76
N CYS K 128 -12.79 -64.15 -29.12
CA CYS K 128 -12.70 -63.47 -30.41
C CYS K 128 -12.76 -64.46 -31.56
N ASP K 129 -12.21 -65.66 -31.38
CA ASP K 129 -12.38 -66.71 -32.38
C ASP K 129 -13.85 -67.00 -32.62
N VAL K 130 -14.62 -67.16 -31.54
CA VAL K 130 -16.04 -67.49 -31.67
C VAL K 130 -16.78 -66.36 -32.37
N VAL K 131 -16.51 -65.12 -31.98
CA VAL K 131 -17.19 -63.99 -32.60
C VAL K 131 -16.85 -63.91 -34.08
N GLU K 132 -15.57 -64.11 -34.43
CA GLU K 132 -15.16 -64.11 -35.83
C GLU K 132 -15.88 -65.18 -36.62
N SER K 133 -15.96 -66.40 -36.07
CA SER K 133 -16.60 -67.50 -36.78
C SER K 133 -18.08 -67.21 -37.02
N LYS K 134 -18.78 -66.75 -35.99
CA LYS K 134 -20.21 -66.45 -36.15
C LYS K 134 -20.42 -65.33 -37.15
N PHE K 135 -19.63 -64.26 -37.07
CA PHE K 135 -19.80 -63.13 -37.97
C PHE K 135 -19.52 -63.54 -39.41
N THR K 136 -18.45 -64.32 -39.64
CA THR K 136 -18.13 -64.77 -40.99
C THR K 136 -19.24 -65.67 -41.54
N GLU K 137 -19.76 -66.58 -40.71
CA GLU K 137 -20.83 -67.45 -41.15
C GLU K 137 -22.07 -66.66 -41.54
N LYS K 138 -22.45 -65.67 -40.73
CA LYS K 138 -23.65 -64.90 -41.05
C LYS K 138 -23.44 -64.01 -42.27
N ILE K 139 -22.25 -63.43 -42.42
CA ILE K 139 -21.97 -62.59 -43.58
C ILE K 139 -22.01 -63.42 -44.85
N LYS K 140 -21.46 -64.65 -44.79
CA LYS K 140 -21.56 -65.53 -45.95
C LYS K 140 -23.00 -65.90 -46.25
N SER K 141 -23.75 -66.32 -45.24
CA SER K 141 -25.12 -66.78 -45.45
C SER K 141 -26.02 -65.66 -45.95
N MET K 142 -26.33 -64.70 -45.08
CA MET K 142 -27.34 -63.68 -45.36
C MET K 142 -28.57 -64.22 -46.09
N UNK L 14 10.88 -48.80 -54.57
CA UNK L 14 11.60 -47.53 -54.71
C UNK L 14 11.34 -46.63 -53.51
N UNK L 15 11.27 -45.33 -53.77
CA UNK L 15 10.98 -44.35 -52.72
C UNK L 15 10.30 -43.13 -53.32
N UNK L 16 10.37 -42.02 -52.59
CA UNK L 16 9.77 -40.77 -53.06
C UNK L 16 10.48 -39.57 -52.44
N UNK L 17 10.79 -38.58 -53.27
CA UNK L 17 11.49 -37.38 -52.82
C UNK L 17 10.55 -36.41 -52.12
N UNK L 18 10.85 -35.12 -52.24
CA UNK L 18 10.06 -34.08 -51.60
C UNK L 18 8.65 -34.01 -52.17
N UNK L 19 8.51 -33.32 -53.30
CA UNK L 19 7.22 -33.19 -53.95
C UNK L 19 7.38 -32.85 -55.43
N LEU L 27 11.14 -11.24 -57.82
CA LEU L 27 10.51 -10.29 -56.91
C LEU L 27 9.29 -9.64 -57.55
N LYS L 28 8.16 -10.33 -57.48
CA LYS L 28 6.92 -9.84 -58.05
C LYS L 28 6.07 -9.19 -56.97
N TYR L 29 5.58 -7.99 -57.25
CA TYR L 29 4.74 -7.23 -56.34
C TYR L 29 3.35 -7.09 -56.92
N ILE L 30 2.37 -6.87 -56.05
CA ILE L 30 0.96 -6.84 -56.43
C ILE L 30 0.36 -5.52 -55.97
N CYS L 31 -0.34 -4.84 -56.88
CA CYS L 31 -1.08 -3.65 -56.52
C CYS L 31 -2.32 -4.03 -55.72
N ALA L 32 -2.62 -3.24 -54.69
CA ALA L 32 -3.75 -3.55 -53.82
C ALA L 32 -5.07 -3.46 -54.56
N GLU L 33 -5.26 -2.44 -55.40
CA GLU L 33 -6.55 -2.21 -56.05
C GLU L 33 -6.57 -2.64 -57.50
N CYS L 34 -5.47 -2.51 -58.23
CA CYS L 34 -5.44 -2.88 -59.64
C CYS L 34 -4.96 -4.31 -59.88
N SER L 35 -4.45 -4.99 -58.85
CA SER L 35 -3.98 -6.36 -58.93
C SER L 35 -3.00 -6.57 -60.09
N SER L 36 -2.05 -5.67 -60.26
CA SER L 36 -1.09 -5.79 -61.35
C SER L 36 0.22 -6.39 -60.85
N LYS L 37 0.85 -7.19 -61.71
CA LYS L 37 2.15 -7.77 -61.42
C LYS L 37 3.20 -6.67 -61.56
N LEU L 38 3.95 -6.45 -60.49
CA LEU L 38 4.98 -5.41 -60.46
C LEU L 38 6.36 -6.04 -60.34
N SER L 39 7.37 -5.28 -60.76
CA SER L 39 8.77 -5.67 -60.61
C SER L 39 9.53 -4.42 -60.21
N LEU L 40 9.77 -4.27 -58.90
CA LEU L 40 10.43 -3.08 -58.38
C LEU L 40 11.93 -3.24 -58.51
N SER L 41 12.52 -2.51 -59.46
CA SER L 41 13.95 -2.57 -59.69
C SER L 41 14.70 -1.92 -58.52
N ARG L 42 16.03 -1.86 -58.65
CA ARG L 42 16.88 -1.34 -57.59
C ARG L 42 16.60 0.15 -57.41
N THR L 43 15.85 0.48 -56.35
CA THR L 43 15.59 1.86 -55.94
C THR L 43 14.96 2.67 -57.07
N ASP L 44 13.73 2.28 -57.42
CA ASP L 44 12.99 2.95 -58.48
C ASP L 44 11.78 3.71 -57.94
N ALA L 45 10.85 3.02 -57.28
CA ALA L 45 9.62 3.64 -56.81
C ALA L 45 8.89 2.63 -55.92
N VAL L 46 7.80 3.10 -55.32
CA VAL L 46 6.93 2.27 -54.50
C VAL L 46 5.49 2.44 -54.96
N ARG L 47 5.30 3.25 -56.00
CA ARG L 47 4.01 3.48 -56.62
C ARG L 47 3.68 2.31 -57.53
N CYS L 48 2.40 2.16 -57.84
CA CYS L 48 2.00 1.29 -58.94
C CYS L 48 2.22 2.01 -60.27
N LYS L 49 2.69 1.25 -61.27
CA LYS L 49 2.95 1.85 -62.56
C LYS L 49 1.70 1.95 -63.44
N ASP L 50 0.61 1.31 -63.05
CA ASP L 50 -0.61 1.32 -63.86
C ASP L 50 -1.64 2.31 -63.33
N CYS L 51 -1.67 2.50 -62.01
CA CYS L 51 -2.47 3.54 -61.36
C CYS L 51 -1.67 4.15 -60.22
N GLY L 52 -2.24 5.18 -59.60
CA GLY L 52 -1.51 5.95 -58.61
C GLY L 52 -1.49 5.34 -57.22
N HIS L 53 -1.88 4.08 -57.10
CA HIS L 53 -1.97 3.45 -55.78
C HIS L 53 -0.59 3.34 -55.14
N ARG L 54 -0.54 3.65 -53.84
CA ARG L 54 0.69 3.64 -53.07
C ARG L 54 0.84 2.39 -52.21
N ILE L 55 -0.04 1.41 -52.36
CA ILE L 55 -0.02 0.21 -51.53
C ILE L 55 0.28 -0.98 -52.43
N LEU L 56 1.41 -1.63 -52.17
CA LEU L 56 1.80 -2.85 -52.86
C LEU L 56 1.93 -3.98 -51.86
N LEU L 57 1.65 -5.19 -52.31
CA LEU L 57 1.76 -6.38 -51.48
C LEU L 57 2.65 -7.40 -52.16
N LYS L 58 3.52 -8.03 -51.39
CA LYS L 58 4.34 -9.11 -51.92
C LYS L 58 3.45 -10.28 -52.34
N ALA L 59 3.71 -10.83 -53.52
CA ALA L 59 3.02 -12.03 -53.94
C ALA L 59 3.49 -13.23 -53.12
N ARG L 60 2.77 -14.33 -53.26
CA ARG L 60 3.15 -15.55 -52.56
C ARG L 60 4.53 -16.01 -53.00
N THR L 61 5.25 -16.65 -52.09
CA THR L 61 6.57 -17.17 -52.42
C THR L 61 6.46 -18.30 -53.43
N LYS L 62 7.53 -18.48 -54.21
CA LYS L 62 7.53 -19.50 -55.25
C LYS L 62 7.92 -20.87 -54.73
N ARG L 63 8.53 -20.98 -53.55
CA ARG L 63 9.07 -22.25 -53.10
C ARG L 63 8.04 -23.07 -52.32
N LEU L 64 8.42 -24.31 -52.03
CA LEU L 64 7.57 -25.25 -51.32
C LEU L 64 7.24 -24.76 -49.92
N VAL L 65 5.99 -24.92 -49.52
CA VAL L 65 5.55 -24.76 -48.13
C VAL L 65 4.83 -26.03 -47.74
N GLN L 66 5.29 -26.68 -46.68
CA GLN L 66 4.77 -27.97 -46.27
C GLN L 66 3.93 -27.83 -45.00
N PHE L 67 2.81 -28.53 -44.96
CA PHE L 67 1.93 -28.52 -43.81
C PHE L 67 1.53 -29.94 -43.42
N GLU L 68 1.31 -30.13 -42.13
CA GLU L 68 0.66 -31.35 -41.67
C GLU L 68 -0.84 -31.24 -41.89
N ALA L 69 -1.42 -32.24 -42.53
CA ALA L 69 -2.84 -32.20 -42.84
C ALA L 69 -3.67 -32.57 -41.62
N ARG L 70 -3.48 -31.83 -40.53
CA ARG L 70 -4.20 -32.09 -39.29
C ARG L 70 -4.91 -30.83 -38.81
N ILE M 71 -75.66 32.73 -22.74
CA ILE M 71 -75.82 32.62 -24.18
C ILE M 71 -75.75 34.02 -24.82
N GLU M 72 -74.86 34.85 -24.30
CA GLU M 72 -74.74 36.22 -24.79
C GLU M 72 -73.38 36.46 -25.44
N GLU M 73 -73.21 37.65 -26.02
CA GLU M 73 -71.98 38.01 -26.70
C GLU M 73 -71.51 39.36 -26.20
N PHE M 74 -70.24 39.45 -25.82
CA PHE M 74 -69.63 40.69 -25.34
C PHE M 74 -68.48 41.02 -26.27
N PRO M 75 -68.51 42.16 -26.95
CA PRO M 75 -67.43 42.48 -27.89
C PRO M 75 -66.25 43.14 -27.20
N LEU M 76 -65.05 42.79 -27.64
CA LEU M 76 -63.82 43.47 -27.25
C LEU M 76 -63.23 44.13 -28.48
N LYS M 77 -62.69 45.32 -28.31
CA LYS M 77 -62.18 46.13 -29.41
C LYS M 77 -60.81 46.69 -29.04
N ILE M 78 -59.85 46.57 -29.95
CA ILE M 78 -58.53 47.11 -29.71
C ILE M 78 -58.50 48.60 -30.06
N SER M 79 -57.66 49.33 -29.35
CA SER M 79 -57.59 50.79 -29.47
C SER M 79 -56.29 51.24 -28.82
N GLY M 80 -56.14 52.56 -28.70
CA GLY M 80 -54.94 53.11 -28.08
C GLY M 80 -53.66 52.76 -28.81
N GLU M 81 -53.65 52.84 -30.14
CA GLU M 81 -52.49 52.49 -30.93
C GLU M 81 -51.26 53.32 -30.55
N GLU M 82 -51.44 54.61 -30.27
CA GLU M 82 -50.33 55.48 -29.91
C GLU M 82 -50.20 55.70 -28.41
N GLU M 83 -51.21 55.32 -27.62
CA GLU M 83 -51.22 55.62 -26.20
C GLU M 83 -50.11 54.85 -25.49
N SER M 84 -49.33 55.55 -24.67
CA SER M 84 -48.32 54.93 -23.82
C SER M 84 -48.94 54.76 -22.43
N LEU M 85 -49.52 53.59 -22.18
CA LEU M 85 -50.26 53.31 -20.95
C LEU M 85 -49.40 52.36 -20.10
N HIS M 86 -48.79 52.91 -19.05
CA HIS M 86 -47.98 52.12 -18.15
C HIS M 86 -48.80 51.67 -16.95
N VAL M 87 -48.36 50.58 -16.33
CA VAL M 87 -49.00 50.04 -15.13
C VAL M 87 -48.00 50.07 -13.99
N PHE M 88 -48.42 50.60 -12.84
CA PHE M 88 -47.60 50.68 -11.65
C PHE M 88 -47.95 49.51 -10.74
N GLN M 89 -46.93 48.81 -10.23
CA GLN M 89 -47.12 47.65 -9.39
C GLN M 89 -46.43 47.93 -8.05
N TYR M 90 -47.20 48.51 -7.12
CA TYR M 90 -46.71 48.86 -5.79
C TYR M 90 -46.61 47.60 -4.94
N ALA M 91 -45.47 46.91 -5.06
CA ALA M 91 -45.23 45.73 -4.24
C ALA M 91 -45.06 46.06 -2.77
N ASN M 92 -44.92 47.34 -2.42
CA ASN M 92 -44.68 47.71 -1.04
C ASN M 92 -45.97 47.75 -0.22
N ARG M 93 -47.12 47.79 -0.87
CA ARG M 93 -48.37 47.92 -0.13
C ARG M 93 -49.44 47.00 -0.70
N PRO M 94 -50.30 46.45 0.14
CA PRO M 94 -51.34 45.53 -0.34
C PRO M 94 -52.43 46.26 -1.09
N ARG M 95 -53.14 45.51 -1.93
CA ARG M 95 -54.26 46.07 -2.66
C ARG M 95 -55.39 46.48 -1.72
N LEU M 96 -55.58 45.72 -0.64
CA LEU M 96 -56.63 45.98 0.34
C LEU M 96 -56.26 45.29 1.65
N VAL M 97 -56.06 46.10 2.70
CA VAL M 97 -55.74 45.56 4.02
C VAL M 97 -56.95 44.82 4.60
N GLY M 98 -58.13 45.41 4.47
CA GLY M 98 -59.35 44.85 5.00
C GLY M 98 -60.33 44.47 3.91
N ARG M 99 -61.63 44.53 4.26
CA ARG M 99 -62.67 44.22 3.29
C ARG M 99 -62.66 45.20 2.13
N LYS M 100 -62.46 46.48 2.43
CA LYS M 100 -62.50 47.56 1.45
C LYS M 100 -61.14 47.70 0.76
N PRO M 101 -61.11 48.25 -0.45
CA PRO M 101 -59.82 48.53 -1.09
C PRO M 101 -59.01 49.54 -0.28
N ALA M 102 -57.70 49.33 -0.28
CA ALA M 102 -56.81 50.23 0.45
C ALA M 102 -56.82 51.62 -0.17
N GLU M 103 -56.55 52.62 0.66
CA GLU M 103 -56.50 53.99 0.18
C GLU M 103 -55.41 54.13 -0.88
N HIS M 104 -55.78 54.70 -2.02
CA HIS M 104 -54.78 54.97 -3.04
C HIS M 104 -53.84 56.05 -2.55
N PRO M 105 -52.54 55.79 -2.44
CA PRO M 105 -51.63 56.78 -1.85
C PRO M 105 -51.49 58.03 -2.70
N PHE M 106 -51.28 59.17 -2.05
CA PHE M 106 -51.04 60.43 -2.74
C PHE M 106 -49.71 60.37 -3.47
N ILE M 107 -49.65 60.99 -4.65
CA ILE M 107 -48.46 60.97 -5.50
C ILE M 107 -47.94 62.39 -5.64
N SER M 108 -46.61 62.52 -5.60
CA SER M 108 -45.95 63.79 -5.86
C SER M 108 -44.54 63.50 -6.36
N ALA M 109 -43.99 64.46 -7.10
CA ALA M 109 -42.60 64.41 -7.56
C ALA M 109 -42.26 63.09 -8.24
N ALA M 110 -43.08 62.71 -9.23
CA ALA M 110 -42.79 61.51 -10.01
C ALA M 110 -41.76 61.81 -11.09
N ARG M 111 -40.93 60.83 -11.40
CA ARG M 111 -39.84 60.99 -12.35
C ARG M 111 -39.74 59.79 -13.27
N TYR M 112 -39.30 60.02 -14.50
CA TYR M 112 -39.10 58.98 -15.49
C TYR M 112 -37.82 59.31 -16.25
N LYS M 113 -37.01 58.29 -16.53
CA LYS M 113 -35.80 58.48 -17.31
C LYS M 113 -35.93 57.82 -18.68
N PRO M 114 -36.17 58.58 -19.75
CA PRO M 114 -36.14 58.00 -21.10
C PRO M 114 -34.77 57.43 -21.45
N LYS M 115 -34.74 56.51 -22.42
CA LYS M 115 -33.55 55.78 -22.83
C LYS M 115 -33.10 54.84 -21.70
N SER M 116 -33.84 54.85 -20.60
CA SER M 116 -33.60 53.96 -19.47
C SER M 116 -34.86 53.35 -18.90
N HIS M 117 -36.04 53.94 -19.11
CA HIS M 117 -37.31 53.40 -18.63
C HIS M 117 -37.27 53.13 -17.13
N LEU M 118 -36.79 54.12 -16.40
CA LEU M 118 -36.64 54.06 -14.95
C LEU M 118 -37.72 54.91 -14.30
N TRP M 119 -38.44 54.31 -13.35
CA TRP M 119 -39.56 54.97 -12.68
C TRP M 119 -39.15 55.36 -11.27
N GLU M 120 -39.42 56.61 -10.91
CA GLU M 120 -39.23 57.11 -9.55
C GLU M 120 -40.51 57.83 -9.14
N ILE M 121 -41.10 57.41 -8.02
CA ILE M 121 -42.37 57.92 -7.56
C ILE M 121 -42.23 58.23 -6.07
N ASP M 122 -42.70 59.41 -5.66
CA ASP M 122 -42.54 59.88 -4.29
C ASP M 122 -43.89 59.96 -3.61
N ILE M 123 -43.99 59.34 -2.43
CA ILE M 123 -45.20 59.38 -1.62
C ILE M 123 -44.81 59.90 -0.24
N PRO M 124 -45.37 61.02 0.22
CA PRO M 124 -44.97 61.57 1.52
C PRO M 124 -45.38 60.67 2.67
N LEU M 125 -44.61 60.74 3.75
CA LEU M 125 -44.91 60.00 4.97
C LEU M 125 -45.85 60.81 5.85
N ASP M 126 -46.69 60.12 6.60
CA ASP M 126 -47.52 60.78 7.59
C ASP M 126 -46.66 61.31 8.74
N GLU M 127 -47.03 62.48 9.25
CA GLU M 127 -46.25 63.16 10.26
C GLU M 127 -46.88 63.13 11.65
N GLN M 128 -48.16 62.80 11.76
CA GLN M 128 -48.84 62.79 13.04
C GLN M 128 -48.57 61.54 13.86
N ALA M 129 -47.98 60.50 13.28
CA ALA M 129 -47.76 59.25 13.98
C ALA M 129 -46.67 58.46 13.28
N PHE M 130 -45.79 57.84 14.08
CA PHE M 130 -44.75 56.95 13.60
C PHE M 130 -43.85 57.65 12.56
N TYR M 131 -43.19 58.72 12.99
CA TYR M 131 -42.32 59.42 12.04
C TYR M 131 -40.84 59.40 12.46
N ASN M 132 -40.57 59.36 13.76
CA ASN M 132 -39.20 59.47 14.28
C ASN M 132 -38.49 60.68 13.66
N LYS M 133 -39.02 61.86 13.93
CA LYS M 133 -38.53 63.07 13.28
C LYS M 133 -37.09 63.36 13.65
N ASP M 134 -36.75 63.21 14.93
CA ASP M 134 -35.39 63.53 15.38
C ASP M 134 -34.36 62.65 14.69
N LYS M 135 -34.58 61.34 14.72
CA LYS M 135 -33.68 60.41 14.03
C LYS M 135 -33.66 60.69 12.54
N ALA M 136 -34.83 60.98 11.95
CA ALA M 136 -34.91 61.26 10.53
C ALA M 136 -33.99 62.40 10.14
N GLU M 137 -34.11 63.54 10.82
CA GLU M 137 -33.31 64.71 10.42
C GLU M 137 -31.85 64.56 10.83
N SER M 138 -31.60 63.86 11.94
CA SER M 138 -30.22 63.66 12.38
C SER M 138 -29.46 62.69 11.51
N GLU M 139 -30.14 61.78 10.81
CA GLU M 139 -29.49 60.78 9.98
C GLU M 139 -29.48 61.16 8.50
N TRP M 140 -30.54 61.78 8.00
CA TRP M 140 -30.62 62.14 6.59
C TRP M 140 -31.35 63.47 6.45
N ASN M 141 -30.89 64.30 5.51
CA ASN M 141 -31.40 65.66 5.40
C ASN M 141 -32.84 65.68 4.87
N GLY M 142 -33.13 64.94 3.81
CA GLY M 142 -34.47 64.90 3.26
C GLY M 142 -35.10 63.53 3.27
N VAL M 143 -36.11 63.32 4.11
CA VAL M 143 -36.77 62.02 4.22
C VAL M 143 -38.29 62.14 4.21
N ASN M 144 -38.80 63.34 3.95
CA ASN M 144 -40.25 63.53 4.05
C ASN M 144 -41.02 62.69 3.04
N VAL M 145 -40.53 62.60 1.81
CA VAL M 145 -41.13 61.76 0.78
C VAL M 145 -40.56 60.36 0.91
N GLN M 146 -41.28 59.39 0.34
CA GLN M 146 -40.82 58.01 0.23
C GLN M 146 -40.73 57.66 -1.24
N THR M 147 -39.55 57.24 -1.68
CA THR M 147 -39.29 57.00 -3.09
C THR M 147 -39.41 55.50 -3.38
N LEU M 148 -40.27 55.15 -4.34
CA LEU M 148 -40.38 53.79 -4.84
C LEU M 148 -39.80 53.77 -6.24
N LYS M 149 -38.75 52.99 -6.43
CA LYS M 149 -38.02 52.94 -7.69
C LYS M 149 -38.19 51.57 -8.33
N GLY M 150 -38.48 51.56 -9.64
CA GLY M 150 -38.60 50.32 -10.37
C GLY M 150 -38.56 50.49 -11.87
N VAL M 151 -37.71 49.72 -12.54
CA VAL M 151 -37.54 49.83 -13.98
C VAL M 151 -38.74 49.21 -14.68
N GLY M 152 -39.28 49.91 -15.66
CA GLY M 152 -40.32 49.35 -16.49
C GLY M 152 -39.78 48.24 -17.36
N VAL M 153 -40.47 47.09 -17.39
CA VAL M 153 -40.04 45.94 -18.15
C VAL M 153 -40.96 45.77 -19.35
N GLU M 154 -40.37 45.74 -20.54
CA GLU M 154 -41.14 45.64 -21.77
C GLU M 154 -41.65 44.22 -21.95
N ASN M 155 -42.96 44.05 -21.82
CA ASN M 155 -43.61 42.76 -22.07
C ASN M 155 -44.70 42.96 -23.10
N ASN M 156 -44.96 41.93 -23.90
CA ASN M 156 -45.95 41.99 -24.96
C ASN M 156 -47.17 41.16 -24.60
N GLY M 157 -48.29 41.50 -25.20
CA GLY M 157 -49.54 40.80 -24.95
C GLY M 157 -50.28 41.24 -23.72
N GLN M 158 -49.76 42.20 -22.96
CA GLN M 158 -50.44 42.73 -21.78
C GLN M 158 -51.30 43.91 -22.19
N TYR M 159 -52.61 43.74 -22.11
CA TYR M 159 -53.57 44.71 -22.63
C TYR M 159 -54.47 45.16 -21.50
N ALA M 160 -54.61 46.47 -21.32
CA ALA M 160 -55.45 46.99 -20.25
C ALA M 160 -56.89 47.16 -20.73
N ALA M 161 -57.83 46.82 -19.86
CA ALA M 161 -59.23 46.70 -20.26
C ALA M 161 -60.15 47.43 -19.29
N PHE M 162 -61.29 47.85 -19.81
CA PHE M 162 -62.39 48.36 -19.02
C PHE M 162 -63.69 48.11 -19.77
N VAL M 163 -64.81 48.20 -19.05
CA VAL M 163 -66.14 47.98 -19.62
C VAL M 163 -66.89 49.30 -19.63
N LYS M 164 -67.50 49.62 -20.77
CA LYS M 164 -68.30 50.83 -20.91
C LYS M 164 -69.76 50.57 -21.25
N ASP M 165 -70.03 49.81 -22.31
CA ASP M 165 -71.38 49.60 -22.83
C ASP M 165 -71.58 48.11 -23.14
N MET M 166 -71.30 47.28 -22.13
CA MET M 166 -71.24 45.83 -22.29
C MET M 166 -70.11 45.42 -23.23
N GLN M 167 -69.09 46.27 -23.33
CA GLN M 167 -67.97 46.06 -24.24
C GLN M 167 -66.67 46.31 -23.51
N VAL M 168 -65.70 45.42 -23.71
CA VAL M 168 -64.42 45.49 -23.04
C VAL M 168 -63.42 46.14 -23.98
N TYR M 169 -62.92 47.32 -23.61
CA TYR M 169 -62.04 48.10 -24.46
C TYR M 169 -60.59 47.88 -24.05
N LEU M 170 -59.79 47.35 -24.97
CA LEU M 170 -58.42 46.97 -24.70
C LEU M 170 -57.46 48.05 -25.18
N VAL M 171 -56.48 48.37 -24.35
CA VAL M 171 -55.39 49.28 -24.69
C VAL M 171 -54.08 48.58 -24.37
N PRO M 172 -53.15 48.45 -25.32
CA PRO M 172 -51.87 47.78 -25.02
C PRO M 172 -51.09 48.53 -23.95
N ILE M 173 -50.41 47.75 -23.10
CA ILE M 173 -49.66 48.29 -21.98
C ILE M 173 -48.18 48.33 -22.34
N GLU M 174 -47.54 49.46 -22.04
CA GLU M 174 -46.13 49.68 -22.35
C GLU M 174 -45.33 49.71 -21.06
N ARG M 175 -44.46 48.73 -20.87
CA ARG M 175 -43.43 48.75 -19.83
C ARG M 175 -44.03 48.89 -18.42
N VAL M 176 -44.75 47.83 -18.03
CA VAL M 176 -45.10 47.67 -16.63
C VAL M 176 -43.86 47.75 -15.76
N ALA M 177 -44.01 48.29 -14.55
CA ALA M 177 -42.89 48.50 -13.64
C ALA M 177 -43.25 48.01 -12.24
N GLN M 178 -42.25 47.49 -11.53
CA GLN M 178 -42.40 47.01 -10.16
C GLN M 178 -41.66 47.97 -9.25
N LEU M 179 -42.41 48.69 -8.41
CA LEU M 179 -41.87 49.77 -7.62
C LEU M 179 -41.58 49.32 -6.20
N LYS M 180 -40.34 49.52 -5.76
CA LYS M 180 -39.83 49.13 -4.46
C LYS M 180 -39.20 50.35 -3.80
N PRO M 181 -39.25 50.44 -2.46
CA PRO M 181 -38.77 51.66 -1.80
C PRO M 181 -37.30 51.93 -2.08
N PHE M 182 -36.97 53.21 -2.21
CA PHE M 182 -35.64 53.66 -2.58
C PHE M 182 -35.11 54.61 -1.52
N PHE M 183 -33.91 54.32 -1.01
CA PHE M 183 -33.28 55.12 0.03
C PHE M 183 -32.21 56.04 -0.53
N LYS M 184 -32.61 56.99 -1.39
CA LYS M 184 -31.66 57.93 -1.98
C LYS M 184 -31.00 58.81 -0.92
N TYR M 185 -31.70 59.08 0.18
CA TYR M 185 -31.09 59.84 1.25
C TYR M 185 -29.99 59.04 1.95
N ILE M 186 -30.18 57.73 2.08
CA ILE M 186 -29.10 56.88 2.56
C ILE M 186 -27.94 56.88 1.57
N ASP M 187 -28.26 56.85 0.27
CA ASP M 187 -27.23 56.99 -0.76
C ASP M 187 -26.38 58.24 -0.54
N ASP M 188 -27.04 59.38 -0.37
CA ASP M 188 -26.32 60.65 -0.28
C ASP M 188 -25.56 60.76 1.04
N ALA M 189 -26.13 60.28 2.13
CA ALA M 189 -25.40 60.25 3.39
C ALA M 189 -24.15 59.38 3.28
N ASN M 190 -24.27 58.22 2.63
CA ASN M 190 -23.11 57.36 2.45
C ASN M 190 -22.05 58.02 1.58
N VAL M 191 -22.46 58.70 0.50
CA VAL M 191 -21.46 59.32 -0.36
C VAL M 191 -20.78 60.49 0.35
N THR M 192 -21.53 61.25 1.15
CA THR M 192 -20.92 62.33 1.92
C THR M 192 -20.01 61.81 3.02
N ARG M 193 -20.27 60.60 3.53
CA ARG M 193 -19.35 59.96 4.46
C ARG M 193 -18.08 59.51 3.75
N LYS M 194 -18.23 58.88 2.58
CA LYS M 194 -17.09 58.32 1.86
C LYS M 194 -16.22 59.39 1.22
N GLN M 195 -16.76 60.59 1.00
CA GLN M 195 -15.96 61.67 0.42
C GLN M 195 -14.77 62.05 1.28
N GLU M 196 -14.81 61.77 2.59
CA GLU M 196 -13.68 62.04 3.47
C GLU M 196 -13.19 60.75 4.13
N ASN M 225 -12.21 51.72 -22.86
CA ASN M 225 -13.12 51.74 -21.68
C ASN M 225 -14.57 51.80 -22.17
N ARG M 226 -14.94 50.90 -23.09
CA ARG M 226 -16.32 50.90 -23.66
C ARG M 226 -17.33 50.71 -22.52
N LEU M 227 -17.04 49.79 -21.60
CA LEU M 227 -17.94 49.54 -20.44
C LEU M 227 -19.36 49.27 -20.95
N THR M 228 -19.49 48.43 -21.98
CA THR M 228 -20.83 48.10 -22.54
C THR M 228 -21.46 46.97 -21.70
N GLY M 229 -22.66 46.52 -22.09
CA GLY M 229 -23.36 45.45 -21.34
C GLY M 229 -24.16 46.02 -20.19
N SER M 230 -24.44 45.21 -19.16
CA SER M 230 -25.14 45.73 -17.96
C SER M 230 -24.36 46.92 -17.40
N LEU M 231 -23.03 46.94 -17.60
CA LEU M 231 -22.27 48.10 -17.16
C LEU M 231 -22.73 49.36 -17.88
N LEU M 232 -22.94 49.25 -19.19
CA LEU M 232 -23.42 50.39 -19.97
C LEU M 232 -24.82 50.80 -19.55
N ALA M 233 -25.64 49.85 -19.07
CA ALA M 233 -26.99 50.20 -18.65
C ALA M 233 -26.97 51.16 -17.46
N HIS M 234 -26.21 50.82 -16.42
CA HIS M 234 -26.12 51.69 -15.26
C HIS M 234 -25.32 52.94 -15.57
N LYS M 235 -24.32 52.83 -16.45
CA LYS M 235 -23.59 54.01 -16.91
C LYS M 235 -24.54 55.02 -17.56
N VAL M 236 -25.41 54.53 -18.44
CA VAL M 236 -26.43 55.39 -19.04
C VAL M 236 -27.36 55.96 -17.97
N ALA M 237 -27.80 55.10 -17.05
CA ALA M 237 -28.78 55.52 -16.04
C ALA M 237 -28.23 56.67 -15.19
N ASP M 238 -26.97 56.59 -14.77
CA ASP M 238 -26.42 57.63 -13.92
C ASP M 238 -25.72 58.75 -14.69
N GLU M 239 -25.54 58.61 -16.02
CA GLU M 239 -24.97 59.70 -16.80
C GLU M 239 -26.06 60.53 -17.48
N GLU M 240 -26.87 59.91 -18.34
CA GLU M 240 -27.97 60.61 -18.99
C GLU M 240 -29.23 60.37 -18.16
N ALA M 241 -29.67 61.41 -17.47
CA ALA M 241 -30.74 61.31 -16.50
C ALA M 241 -31.40 62.68 -16.38
N ASN M 242 -32.15 62.88 -15.29
CA ASN M 242 -32.77 64.17 -14.97
C ASN M 242 -33.77 64.59 -16.07
N ILE M 243 -34.77 63.73 -16.26
CA ILE M 243 -35.91 64.08 -17.10
C ILE M 243 -37.13 64.19 -16.19
N GLU M 244 -37.40 65.41 -15.72
CA GLU M 244 -38.46 65.62 -14.74
C GLU M 244 -39.83 65.44 -15.39
N LEU M 245 -40.74 64.81 -14.64
CA LEU M 245 -42.10 64.60 -15.08
C LEU M 245 -43.06 65.36 -14.17
N THR M 246 -44.22 65.72 -14.70
CA THR M 246 -45.24 66.43 -13.96
C THR M 246 -46.44 65.50 -13.78
N TRP M 247 -46.69 65.09 -12.54
CA TRP M 247 -47.75 64.13 -12.23
C TRP M 247 -49.10 64.85 -12.29
N ALA M 248 -49.81 64.67 -13.40
CA ALA M 248 -51.15 65.25 -13.58
C ALA M 248 -52.15 64.12 -13.40
N GLU M 249 -52.83 64.12 -12.25
CA GLU M 249 -53.76 63.07 -11.89
C GLU M 249 -55.20 63.52 -12.10
N GLY M 250 -56.02 62.62 -12.64
CA GLY M 250 -57.46 62.86 -12.70
C GLY M 250 -58.09 62.81 -14.07
N THR M 251 -57.29 62.95 -15.13
CA THR M 251 -57.82 63.03 -16.49
C THR M 251 -58.05 61.63 -17.03
N PHE M 252 -59.15 61.01 -16.64
CA PHE M 252 -59.58 59.74 -17.21
C PHE M 252 -60.60 59.89 -18.32
N GLU M 253 -61.54 60.84 -18.19
CA GLU M 253 -62.64 60.93 -19.14
C GLU M 253 -62.14 61.23 -20.55
N GLN M 254 -61.14 62.10 -20.67
CA GLN M 254 -60.56 62.38 -21.98
C GLN M 254 -60.00 61.10 -22.59
N PHE M 255 -59.23 60.34 -21.81
CA PHE M 255 -58.65 59.10 -22.30
C PHE M 255 -59.72 58.08 -22.70
N LYS M 256 -60.77 57.98 -21.89
CA LYS M 256 -61.80 56.97 -22.14
C LYS M 256 -62.61 57.31 -23.38
N ASP M 257 -63.04 58.57 -23.51
CA ASP M 257 -63.75 59.00 -24.71
C ASP M 257 -62.86 58.91 -25.93
N THR M 258 -61.55 59.12 -25.76
CA THR M 258 -60.62 58.91 -26.86
C THR M 258 -60.55 57.44 -27.26
N ILE M 259 -60.43 56.54 -26.27
CA ILE M 259 -60.33 55.12 -26.56
C ILE M 259 -61.58 54.65 -27.29
N VAL M 260 -62.76 55.13 -26.85
CA VAL M 260 -63.98 54.81 -27.58
C VAL M 260 -63.92 55.37 -28.99
N LYS M 261 -63.30 56.55 -29.17
CA LYS M 261 -63.25 57.18 -30.48
C LYS M 261 -62.49 56.33 -31.50
N GLU M 262 -61.34 55.76 -31.12
CA GLU M 262 -60.66 54.81 -31.99
C GLU M 262 -61.30 53.42 -31.97
N ALA M 263 -62.23 53.16 -31.07
CA ALA M 263 -62.83 51.83 -30.98
C ALA M 263 -64.11 51.69 -31.78
N GLU M 264 -64.75 52.81 -32.15
CA GLU M 264 -65.97 52.72 -32.94
C GLU M 264 -65.76 53.12 -34.39
N ASP M 265 -64.81 54.03 -34.65
CA ASP M 265 -64.56 54.47 -36.03
C ASP M 265 -63.92 53.38 -36.88
N LYS M 266 -63.16 52.47 -36.27
CA LYS M 266 -62.43 51.44 -37.00
C LYS M 266 -63.02 50.07 -36.67
N THR M 267 -63.08 49.21 -37.69
CA THR M 267 -63.63 47.87 -37.53
C THR M 267 -62.96 46.97 -38.57
N LEU M 268 -62.35 45.89 -38.10
CA LEU M 268 -61.61 45.00 -38.99
C LEU M 268 -62.03 43.56 -38.72
N VAL M 269 -62.05 42.76 -39.79
CA VAL M 269 -62.45 41.37 -39.71
C VAL M 269 -61.23 40.48 -39.89
N ALA M 270 -61.35 39.24 -39.40
CA ALA M 270 -60.23 38.31 -39.37
C ALA M 270 -60.42 37.23 -40.42
N LEU M 271 -59.31 36.80 -41.01
CA LEU M 271 -59.32 35.82 -42.11
C LEU M 271 -58.39 34.65 -41.91
N GLU M 272 -57.45 34.69 -40.97
CA GLU M 272 -56.44 33.66 -40.87
C GLU M 272 -57.05 32.33 -40.44
N LYS M 273 -56.67 31.27 -41.14
CA LYS M 273 -57.19 29.94 -40.84
C LYS M 273 -56.79 29.50 -39.44
N GLN M 274 -57.71 28.76 -38.79
CA GLN M 274 -57.42 28.24 -37.46
C GLN M 274 -56.26 27.24 -37.51
N GLU M 275 -56.21 26.41 -38.55
CA GLU M 275 -55.09 25.49 -38.72
C GLU M 275 -53.77 26.25 -38.88
N ASP M 276 -53.78 27.35 -39.64
CA ASP M 276 -52.57 28.15 -39.78
C ASP M 276 -52.21 28.86 -38.49
N TYR M 277 -53.20 29.21 -37.67
CA TYR M 277 -52.92 29.91 -36.42
C TYR M 277 -52.09 29.06 -35.47
N ILE M 278 -52.38 27.76 -35.39
CA ILE M 278 -51.68 26.87 -34.48
C ILE M 278 -50.19 26.82 -34.77
N ASP M 279 -49.80 26.74 -36.04
CA ASP M 279 -48.40 26.83 -36.41
C ASP M 279 -47.83 28.23 -36.17
N ASN M 280 -48.66 29.26 -36.34
CA ASN M 280 -48.24 30.63 -36.08
C ASN M 280 -47.95 30.87 -34.60
N LEU M 281 -48.46 30.04 -33.72
CA LEU M 281 -48.22 30.16 -32.28
C LEU M 281 -46.73 30.23 -31.95
N UNK N 184 -54.86 31.03 9.38
CA UNK N 184 -53.43 30.92 9.67
C UNK N 184 -53.20 30.25 11.02
N UNK N 185 -51.96 30.27 11.47
CA UNK N 185 -51.60 29.70 12.76
C UNK N 185 -51.59 30.78 13.83
N UNK N 186 -50.81 30.57 14.88
CA UNK N 186 -50.69 31.55 15.96
C UNK N 186 -49.92 32.77 15.49
N UNK N 187 -50.57 33.93 15.51
CA UNK N 187 -49.91 35.18 15.12
C UNK N 187 -49.29 35.85 16.33
N UNK N 188 -47.97 36.06 16.26
CA UNK N 188 -47.23 36.69 17.35
C UNK N 188 -47.73 38.10 17.62
N UNK N 189 -48.74 38.21 18.48
CA UNK N 189 -49.32 39.52 18.81
C UNK N 189 -48.37 40.32 19.70
N ARG N 195 -53.02 54.44 15.70
CA ARG N 195 -53.61 55.60 15.03
C ARG N 195 -54.07 55.24 13.63
N ILE N 196 -53.22 54.54 12.89
CA ILE N 196 -53.55 54.06 11.54
C ILE N 196 -53.31 52.56 11.50
N GLU N 197 -54.32 51.81 11.08
CA GLU N 197 -54.19 50.36 10.98
C GLU N 197 -53.24 49.95 9.86
N GLN N 198 -53.08 50.76 8.83
CA GLN N 198 -52.14 50.50 7.76
C GLN N 198 -50.72 50.97 8.10
N LEU N 199 -50.53 51.63 9.24
CA LEU N 199 -49.21 52.02 9.71
C LEU N 199 -48.74 51.19 10.89
N PHE N 200 -49.55 50.23 11.33
CA PHE N 200 -49.17 49.27 12.35
C PHE N 200 -48.14 48.31 11.78
N PRO N 201 -47.30 47.69 12.61
CA PRO N 201 -46.26 46.81 12.07
C PRO N 201 -46.86 45.58 11.40
N VAL N 202 -46.29 45.23 10.25
CA VAL N 202 -46.84 44.17 9.41
C VAL N 202 -45.99 42.92 9.56
N ARG N 203 -46.64 41.80 9.81
CA ARG N 203 -46.01 40.50 9.97
C ARG N 203 -46.45 39.57 8.84
N PRO N 204 -45.61 38.62 8.45
CA PRO N 204 -45.99 37.70 7.37
C PRO N 204 -47.13 36.80 7.79
N VAL N 205 -47.92 36.39 6.81
CA VAL N 205 -48.94 35.38 7.04
C VAL N 205 -48.27 34.02 7.14
N ARG N 206 -48.34 33.42 8.32
CA ARG N 206 -47.60 32.20 8.63
C ARG N 206 -48.59 31.05 8.77
N VAL N 207 -48.29 29.93 8.11
CA VAL N 207 -49.11 28.73 8.17
C VAL N 207 -48.19 27.57 8.51
N ARG N 208 -48.66 26.70 9.40
CA ARG N 208 -47.90 25.51 9.80
C ARG N 208 -47.58 24.66 8.58
N HIS N 209 -46.53 23.84 8.72
CA HIS N 209 -46.15 22.91 7.65
C HIS N 209 -47.14 21.79 7.44
N GLU N 210 -47.84 21.36 8.49
CA GLU N 210 -48.74 20.21 8.38
C GLU N 210 -49.95 20.54 7.52
N ASP N 211 -50.26 21.84 7.36
CA ASP N 211 -51.44 22.28 6.63
C ASP N 211 -51.13 23.44 5.68
N VAL N 212 -49.93 23.47 5.10
CA VAL N 212 -49.57 24.57 4.20
C VAL N 212 -50.39 24.49 2.92
N GLU N 213 -50.70 23.28 2.47
CA GLU N 213 -51.36 23.11 1.18
C GLU N 213 -52.84 23.49 1.25
N THR N 214 -53.53 23.11 2.31
CA THR N 214 -54.97 23.37 2.39
C THR N 214 -55.26 24.87 2.51
N VAL N 215 -54.60 25.56 3.44
CA VAL N 215 -54.82 26.99 3.60
C VAL N 215 -54.33 27.73 2.37
N LYS N 216 -53.41 27.13 1.60
CA LYS N 216 -52.87 27.78 0.41
C LYS N 216 -53.97 28.08 -0.61
N ARG N 217 -54.89 27.15 -0.82
CA ARG N 217 -55.95 27.36 -1.79
C ARG N 217 -57.03 28.30 -1.25
N GLU N 218 -57.27 28.25 0.06
CA GLU N 218 -58.27 29.12 0.66
C GLU N 218 -57.87 30.59 0.56
N ILE N 219 -56.59 30.90 0.81
CA ILE N 219 -56.14 32.29 0.84
C ILE N 219 -55.75 32.82 -0.53
N GLN N 220 -55.82 31.98 -1.58
CA GLN N 220 -55.49 32.48 -2.90
C GLN N 220 -56.52 33.50 -3.39
N GLU N 221 -57.78 33.35 -2.97
CA GLU N 221 -58.79 34.36 -3.23
C GLU N 221 -59.17 35.15 -1.98
N ALA N 222 -59.05 34.55 -0.80
CA ALA N 222 -59.40 35.25 0.43
C ALA N 222 -58.47 36.41 0.72
N LEU N 223 -57.19 36.28 0.38
CA LEU N 223 -56.26 37.40 0.55
C LEU N 223 -56.69 38.61 -0.26
N SER N 224 -57.46 38.38 -1.32
CA SER N 224 -58.01 39.50 -2.09
C SER N 224 -59.43 39.82 -1.62
N GLU N 225 -60.33 38.85 -1.70
CA GLU N 225 -61.73 39.02 -1.32
C GLU N 225 -62.31 40.25 -2.02
N LYS N 226 -62.25 40.21 -3.35
CA LYS N 226 -62.69 41.34 -4.16
C LYS N 226 -64.19 41.56 -3.96
N PRO N 227 -64.66 42.82 -4.02
CA PRO N 227 -66.04 43.23 -3.74
C PRO N 227 -67.09 42.28 -4.31
N LYS N 274 -57.52 13.35 -9.72
CA LYS N 274 -58.17 14.60 -9.36
C LYS N 274 -57.52 15.78 -10.09
N GLU N 275 -56.32 15.53 -10.62
CA GLU N 275 -55.54 16.58 -11.26
C GLU N 275 -56.19 17.14 -12.52
N ALA N 276 -57.35 16.63 -12.92
CA ALA N 276 -58.12 17.18 -14.03
C ALA N 276 -59.47 17.72 -13.57
N ALA N 277 -60.20 16.94 -12.77
CA ALA N 277 -61.52 17.37 -12.31
C ALA N 277 -61.42 18.60 -11.40
N ALA N 278 -60.46 18.61 -10.47
CA ALA N 278 -60.30 19.76 -9.60
C ALA N 278 -59.94 21.01 -10.41
N GLU N 279 -59.07 20.84 -11.41
CA GLU N 279 -58.70 21.96 -12.25
C GLU N 279 -59.90 22.49 -13.02
N LEU N 280 -60.74 21.58 -13.55
CA LEU N 280 -61.91 22.01 -14.30
C LEU N 280 -62.93 22.72 -13.41
N GLU N 281 -63.14 22.22 -12.19
CA GLU N 281 -64.11 22.87 -11.32
C GLU N 281 -63.64 24.23 -10.87
N LEU N 282 -62.35 24.36 -10.54
CA LEU N 282 -61.82 25.67 -10.16
C LEU N 282 -61.79 26.61 -11.36
N LEU N 283 -61.63 26.06 -12.57
CA LEU N 283 -61.73 26.85 -13.80
C LEU N 283 -63.15 27.36 -14.03
N ASN N 284 -64.15 26.54 -13.74
CA ASN N 284 -65.54 27.00 -13.84
C ASN N 284 -65.83 28.09 -12.82
N ALA N 285 -65.27 27.94 -11.60
CA ALA N 285 -65.38 29.01 -10.62
C ALA N 285 -64.67 30.28 -11.11
N ASP N 286 -63.57 30.12 -11.84
CA ASP N 286 -62.91 31.28 -12.43
C ASP N 286 -63.81 31.97 -13.45
N HIS N 287 -64.55 31.21 -14.26
CA HIS N 287 -65.54 31.85 -15.13
C HIS N 287 -66.61 32.60 -14.34
N GLN N 288 -67.12 31.99 -13.27
CA GLN N 288 -68.16 32.69 -12.53
C GLN N 288 -67.63 33.99 -11.93
N HIS N 289 -66.41 33.96 -11.38
CA HIS N 289 -65.81 35.17 -10.81
C HIS N 289 -65.51 36.20 -11.90
N ILE N 290 -65.03 35.75 -13.07
CA ILE N 290 -64.68 36.66 -14.14
C ILE N 290 -65.92 37.36 -14.66
N LEU N 291 -67.03 36.61 -14.79
CA LEU N 291 -68.29 37.19 -15.25
C LEU N 291 -68.83 38.16 -14.21
N ARG N 292 -68.70 37.82 -12.92
CA ARG N 292 -69.09 38.74 -11.86
C ARG N 292 -68.32 40.06 -11.96
N LYS N 293 -67.01 39.97 -12.21
CA LYS N 293 -66.21 41.19 -12.29
C LYS N 293 -66.53 42.01 -13.52
N LEU N 294 -66.78 41.37 -14.68
CA LEU N 294 -67.21 42.15 -15.84
C LEU N 294 -68.56 42.82 -15.59
N LYS N 295 -69.46 42.16 -14.88
CA LYS N 295 -70.74 42.80 -14.55
C LYS N 295 -70.54 44.00 -13.63
N LYS N 296 -69.65 43.89 -12.64
CA LYS N 296 -69.45 45.02 -11.75
C LYS N 296 -68.46 46.04 -12.30
N MET N 297 -67.93 45.84 -13.51
CA MET N 297 -67.08 46.83 -14.15
C MET N 297 -67.78 47.56 -15.28
N ASN N 298 -69.10 47.39 -15.42
CA ASN N 298 -69.79 47.85 -16.62
C ASN N 298 -69.73 49.36 -16.80
N ASN N 299 -69.88 50.13 -15.72
CA ASN N 299 -69.84 51.58 -15.83
C ASN N 299 -68.98 52.26 -14.77
N LYS N 300 -68.20 51.51 -13.99
CA LYS N 300 -67.33 52.14 -13.01
C LYS N 300 -66.25 52.94 -13.71
N PRO N 301 -66.06 54.20 -13.33
CA PRO N 301 -65.08 55.05 -14.03
C PRO N 301 -63.67 54.92 -13.49
N GLU N 302 -63.39 53.86 -12.73
CA GLU N 302 -62.05 53.71 -12.18
C GLU N 302 -61.45 52.31 -12.33
N ARG N 303 -62.26 51.27 -12.52
CA ARG N 303 -61.75 49.90 -12.52
C ARG N 303 -61.08 49.56 -13.85
N PHE N 304 -59.90 48.94 -13.76
CA PHE N 304 -59.20 48.38 -14.92
C PHE N 304 -58.90 46.90 -14.68
N MET N 305 -58.85 46.14 -15.78
CA MET N 305 -58.31 44.78 -15.79
C MET N 305 -57.11 44.78 -16.71
N VAL N 306 -56.13 43.92 -16.41
CA VAL N 306 -55.09 43.63 -17.38
C VAL N 306 -55.37 42.29 -18.04
N PHE N 307 -55.37 42.27 -19.37
CA PHE N 307 -55.58 41.06 -20.15
C PHE N 307 -54.25 40.55 -20.68
N GLN N 308 -54.06 39.24 -20.65
CA GLN N 308 -52.88 38.61 -21.24
C GLN N 308 -53.32 37.99 -22.56
N LEU N 309 -52.98 38.67 -23.66
CA LEU N 309 -53.25 38.16 -24.98
C LEU N 309 -51.99 37.53 -25.58
N PRO N 310 -52.12 36.59 -26.50
CA PRO N 310 -50.93 36.10 -27.21
C PRO N 310 -50.24 37.23 -27.96
N THR N 311 -48.92 37.17 -28.01
CA THR N 311 -48.15 38.24 -28.63
C THR N 311 -48.18 38.18 -30.16
N ARG N 312 -48.73 37.12 -30.74
CA ARG N 312 -48.90 36.99 -32.18
C ARG N 312 -50.35 36.59 -32.43
N LEU N 313 -51.21 37.59 -32.53
CA LEU N 313 -52.64 37.37 -32.71
C LEU N 313 -52.92 36.93 -34.16
N PRO N 314 -54.06 36.27 -34.39
CA PRO N 314 -54.41 35.88 -35.76
C PRO N 314 -54.55 37.08 -36.67
N ALA N 315 -54.12 36.91 -37.92
CA ALA N 315 -54.14 38.00 -38.88
C ALA N 315 -55.56 38.42 -39.20
N PHE N 316 -55.72 39.72 -39.50
CA PHE N 316 -57.05 40.27 -39.79
C PHE N 316 -57.17 40.70 -41.24
N ARG N 354 -47.95 47.92 -33.56
CA ARG N 354 -48.61 46.74 -34.12
C ARG N 354 -49.46 47.11 -35.33
N GLU N 355 -49.93 48.36 -35.36
CA GLU N 355 -50.77 48.87 -36.45
C GLU N 355 -52.03 48.06 -36.64
N LEU N 356 -52.49 47.40 -35.57
CA LEU N 356 -53.76 46.67 -35.58
C LEU N 356 -54.77 47.46 -34.76
N ALA N 357 -55.83 47.93 -35.41
CA ALA N 357 -56.79 48.84 -34.81
C ALA N 357 -58.22 48.37 -35.09
N GLY N 358 -59.14 48.81 -34.25
CA GLY N 358 -60.55 48.54 -34.46
C GLY N 358 -61.08 47.41 -33.59
N LYS N 359 -62.20 46.86 -34.04
CA LYS N 359 -62.81 45.73 -33.35
C LYS N 359 -62.13 44.44 -33.76
N VAL N 360 -61.77 43.61 -32.78
CA VAL N 360 -61.07 42.37 -33.05
C VAL N 360 -62.02 41.17 -32.96
N GLY N 361 -62.87 41.16 -31.94
CA GLY N 361 -63.77 40.03 -31.77
C GLY N 361 -64.73 40.17 -30.60
N SER N 362 -65.02 39.05 -29.94
CA SER N 362 -65.98 39.06 -28.84
C SER N 362 -65.55 38.09 -27.75
N ILE N 363 -65.99 38.38 -26.54
CA ILE N 363 -65.87 37.47 -25.40
C ILE N 363 -67.28 36.95 -25.13
N ARG N 364 -67.46 35.64 -25.25
CA ARG N 364 -68.80 35.06 -25.21
C ARG N 364 -69.00 34.29 -23.91
N VAL N 365 -70.25 34.26 -23.45
CA VAL N 365 -70.64 33.50 -22.26
C VAL N 365 -71.41 32.28 -22.74
N HIS N 366 -70.79 31.11 -22.62
CA HIS N 366 -71.46 29.87 -23.00
C HIS N 366 -72.41 29.43 -21.89
N LYS N 367 -73.21 28.40 -22.20
CA LYS N 367 -74.13 27.88 -21.21
C LYS N 367 -73.37 27.17 -20.09
N SER N 368 -74.06 26.95 -18.98
CA SER N 368 -73.55 26.33 -17.76
C SER N 368 -72.48 27.16 -17.07
N GLY N 369 -72.28 28.42 -17.48
CA GLY N 369 -71.39 29.32 -16.79
C GLY N 369 -70.01 29.46 -17.38
N LYS N 370 -69.68 28.72 -18.43
CA LYS N 370 -68.35 28.79 -19.01
C LYS N 370 -68.28 29.90 -20.06
N LEU N 371 -67.09 30.48 -20.19
CA LEU N 371 -66.87 31.60 -21.10
C LEU N 371 -65.92 31.21 -22.21
N SER N 372 -65.82 32.09 -23.21
CA SER N 372 -64.86 31.93 -24.29
C SER N 372 -64.59 33.30 -24.91
N VAL N 373 -63.49 33.39 -25.64
CA VAL N 373 -63.10 34.60 -26.34
C VAL N 373 -62.85 34.26 -27.80
N LYS N 374 -63.46 35.02 -28.70
CA LYS N 374 -63.24 34.88 -30.14
C LYS N 374 -62.42 36.10 -30.58
N ILE N 375 -61.10 36.01 -30.43
CA ILE N 375 -60.24 37.10 -30.85
C ILE N 375 -60.31 37.34 -32.34
N GLY N 376 -60.40 36.27 -33.13
CA GLY N 376 -60.50 36.38 -34.58
C GLY N 376 -61.44 35.33 -35.11
N ASN N 377 -61.00 34.58 -36.13
CA ASN N 377 -61.75 33.42 -36.56
C ASN N 377 -61.57 32.23 -35.63
N VAL N 378 -60.71 32.36 -34.61
CA VAL N 378 -60.38 31.28 -33.70
C VAL N 378 -61.17 31.42 -32.41
N VAL N 379 -61.26 30.34 -31.64
CA VAL N 379 -62.00 30.31 -30.39
C VAL N 379 -61.06 29.89 -29.27
N MET N 380 -60.98 30.71 -28.23
CA MET N 380 -60.06 30.45 -27.12
C MET N 380 -60.83 30.40 -25.80
N ASP N 381 -60.16 30.03 -24.71
CA ASP N 381 -60.76 30.02 -23.39
C ASP N 381 -60.13 31.15 -22.58
N ILE N 382 -60.81 31.52 -21.50
CA ILE N 382 -60.42 32.68 -20.69
C ILE N 382 -60.32 32.25 -19.24
N GLY N 383 -59.16 32.49 -18.63
CA GLY N 383 -58.94 32.14 -17.24
C GLY N 383 -58.62 33.35 -16.38
N LYS N 384 -58.22 33.10 -15.13
CA LYS N 384 -57.97 34.16 -14.17
C LYS N 384 -56.50 34.53 -14.06
N GLY N 385 -55.60 33.56 -14.04
CA GLY N 385 -54.20 33.83 -13.82
C GLY N 385 -53.89 34.07 -12.35
N ALA N 386 -52.65 34.49 -12.10
CA ALA N 386 -52.22 34.72 -10.74
C ALA N 386 -52.92 35.94 -10.15
N GLU N 387 -53.22 35.87 -8.85
CA GLU N 387 -53.83 36.98 -8.13
C GLU N 387 -52.73 37.91 -7.63
N THR N 388 -52.99 39.22 -7.70
CA THR N 388 -52.02 40.23 -7.33
C THR N 388 -52.49 40.89 -6.03
N THR N 389 -51.93 40.43 -4.91
CA THR N 389 -52.35 40.90 -3.58
C THR N 389 -51.60 42.17 -3.17
N PHE N 390 -51.52 43.10 -4.11
CA PHE N 390 -50.85 44.37 -3.87
C PHE N 390 -51.41 45.41 -4.82
N LEU N 391 -51.15 46.67 -4.51
CA LEU N 391 -51.76 47.78 -5.24
C LEU N 391 -51.23 47.85 -6.67
N GLN N 392 -52.15 48.04 -7.62
CA GLN N 392 -51.83 48.22 -9.02
C GLN N 392 -52.49 49.49 -9.53
N ASP N 393 -51.78 50.25 -10.33
CA ASP N 393 -52.29 51.51 -10.85
C ASP N 393 -51.71 51.74 -12.24
N VAL N 394 -52.53 52.23 -13.15
CA VAL N 394 -52.13 52.47 -14.53
C VAL N 394 -51.89 53.97 -14.72
N ILE N 395 -50.90 54.30 -15.55
CA ILE N 395 -50.54 55.70 -15.80
C ILE N 395 -50.30 55.89 -17.29
N ALA N 396 -50.22 57.14 -17.71
CA ALA N 396 -49.94 57.48 -19.10
C ALA N 396 -48.66 58.30 -19.20
N LEU N 397 -47.78 57.88 -20.10
CA LEU N 397 -46.52 58.57 -20.36
C LEU N 397 -46.66 59.43 -21.60
N SER N 398 -46.54 60.75 -21.43
CA SER N 398 -46.54 61.70 -22.53
C SER N 398 -45.34 62.64 -22.33
N ILE N 399 -44.21 62.29 -22.95
CA ILE N 399 -43.01 63.14 -22.88
C ILE N 399 -43.04 64.03 -24.12
N ALA N 400 -43.51 65.25 -23.92
CA ALA N 400 -43.53 66.24 -25.00
C ALA N 400 -42.30 67.14 -24.88
N ASP N 401 -41.81 67.59 -26.04
CA ASP N 401 -40.68 68.52 -26.03
C ASP N 401 -41.05 69.81 -25.31
N ASP N 402 -42.33 70.18 -25.32
CA ASP N 402 -42.77 71.35 -24.56
C ASP N 402 -42.82 71.04 -23.07
N ALA N 403 -43.47 69.94 -22.69
CA ALA N 403 -43.62 69.60 -21.28
C ALA N 403 -43.87 68.11 -21.16
N SER N 404 -43.03 67.42 -20.39
CA SER N 404 -43.23 66.00 -20.09
C SER N 404 -44.21 65.87 -18.92
N SER N 405 -45.29 65.11 -19.14
CA SER N 405 -46.33 64.97 -18.14
C SER N 405 -46.70 63.50 -18.00
N ALA N 406 -47.03 63.10 -16.77
CA ALA N 406 -47.50 61.76 -16.45
C ALA N 406 -48.94 61.86 -15.98
N GLU N 407 -49.82 61.05 -16.57
CA GLU N 407 -51.26 61.11 -16.32
C GLU N 407 -51.74 59.80 -15.73
N LEU N 408 -52.50 59.89 -14.63
CA LEU N 408 -53.10 58.72 -14.01
C LEU N 408 -54.45 58.43 -14.65
N LEU N 409 -54.77 57.14 -14.76
CA LEU N 409 -56.01 56.70 -15.41
C LEU N 409 -56.89 55.85 -14.50
N GLY N 410 -56.32 54.85 -13.83
CA GLY N 410 -57.13 53.99 -12.99
C GLY N 410 -56.29 52.94 -12.31
N ARG N 411 -56.97 52.01 -11.65
CA ARG N 411 -56.34 50.96 -10.85
C ARG N 411 -56.84 49.59 -11.28
N VAL N 412 -55.91 48.64 -11.36
CA VAL N 412 -56.20 47.31 -11.88
C VAL N 412 -56.91 46.49 -10.83
N ASP N 413 -58.01 45.84 -11.21
CA ASP N 413 -58.79 45.01 -10.30
C ASP N 413 -58.53 43.53 -10.47
N GLY N 414 -57.79 43.12 -11.50
CA GLY N 414 -57.51 41.71 -11.70
C GLY N 414 -56.91 41.40 -13.05
N LYS N 415 -56.07 40.38 -13.12
CA LYS N 415 -55.46 39.99 -14.38
C LYS N 415 -56.35 38.98 -15.10
N ILE N 416 -56.27 38.98 -16.43
CA ILE N 416 -57.07 38.09 -17.26
C ILE N 416 -56.13 37.39 -18.23
N VAL N 417 -56.28 36.07 -18.34
CA VAL N 417 -55.45 35.26 -19.23
C VAL N 417 -56.37 34.51 -20.18
N VAL N 418 -56.16 34.70 -21.49
CA VAL N 418 -56.89 33.98 -22.52
C VAL N 418 -55.90 33.09 -23.26
N THR N 419 -56.26 31.82 -23.41
CA THR N 419 -55.33 30.84 -23.94
C THR N 419 -55.92 30.19 -25.19
N PRO N 420 -55.19 30.17 -26.30
CA PRO N 420 -55.70 29.47 -27.49
C PRO N 420 -55.84 27.99 -27.23
N GLN N 421 -56.88 27.40 -27.82
CA GLN N 421 -57.14 25.97 -27.71
C GLN N 421 -57.15 25.35 -29.10
N ILE N 422 -56.48 24.21 -29.22
CA ILE N 422 -56.31 23.55 -30.51
C ILE N 422 -57.62 22.88 -30.94
N LEU O 25 44.06 20.66 -12.25
CA LEU O 25 42.92 20.59 -11.34
C LEU O 25 43.27 19.77 -10.10
N VAL O 26 42.95 20.30 -8.93
CA VAL O 26 43.34 19.68 -7.67
C VAL O 26 42.55 18.38 -7.50
N THR O 27 43.21 17.37 -6.94
CA THR O 27 42.59 16.07 -6.73
C THR O 27 41.96 16.02 -5.33
N PRO O 28 40.83 15.32 -5.17
CA PRO O 28 40.28 15.16 -3.82
C PRO O 28 41.24 14.49 -2.85
N GLU O 29 42.15 13.63 -3.34
CA GLU O 29 43.21 13.13 -2.48
C GLU O 29 44.18 14.24 -2.09
N ASP O 30 44.40 15.21 -2.99
CA ASP O 30 45.36 16.26 -2.74
C ASP O 30 44.87 17.21 -1.65
N VAL O 31 43.59 17.55 -1.68
CA VAL O 31 42.99 18.34 -0.60
C VAL O 31 42.71 17.39 0.56
N MET O 32 42.36 17.96 1.72
CA MET O 32 42.09 17.25 2.97
C MET O 32 43.35 16.65 3.58
N THR O 33 44.49 16.76 2.91
CA THR O 33 45.80 16.48 3.50
C THR O 33 46.66 17.72 3.61
N ILE O 34 46.83 18.46 2.52
CA ILE O 34 47.50 19.74 2.56
C ILE O 34 46.51 20.91 2.58
N SER O 35 45.20 20.63 2.57
CA SER O 35 44.18 21.69 2.59
C SER O 35 43.57 21.89 3.96
N SER O 36 43.66 20.90 4.85
CA SER O 36 43.12 20.98 6.20
C SER O 36 41.60 21.21 6.19
N LEU O 37 40.93 20.55 5.25
CA LEU O 37 39.46 20.58 5.24
C LEU O 37 38.87 19.86 6.44
N GLU O 38 39.42 18.69 6.79
CA GLU O 38 38.84 17.92 7.88
C GLU O 38 39.01 18.60 9.23
N GLN O 39 39.93 19.57 9.34
CA GLN O 39 40.06 20.35 10.56
C GLN O 39 39.10 21.54 10.58
N ARG O 40 38.47 21.85 9.45
CA ARG O 40 37.51 22.95 9.43
C ARG O 40 36.18 22.58 10.08
N THR O 41 35.90 21.30 10.30
CA THR O 41 34.63 20.90 10.90
C THR O 41 34.72 20.72 12.41
N LEU O 42 35.92 20.76 13.00
CA LEU O 42 36.03 20.75 14.44
C LEU O 42 35.62 22.11 15.01
N ASN O 43 34.83 22.08 16.06
CA ASN O 43 34.49 23.31 16.76
C ASN O 43 35.76 23.89 17.39
N PRO O 44 36.06 25.16 17.17
CA PRO O 44 37.33 25.70 17.67
C PRO O 44 37.45 25.66 19.19
N ASP O 45 36.33 25.73 19.92
CA ASP O 45 36.40 25.65 21.38
C ASP O 45 36.93 24.30 21.83
N LEU O 46 36.48 23.21 21.20
CA LEU O 46 36.99 21.88 21.54
C LEU O 46 38.37 21.65 20.94
N PHE O 47 38.56 22.06 19.69
CA PHE O 47 39.80 21.78 18.97
C PHE O 47 40.99 22.47 19.65
N LEU O 48 40.83 23.74 20.02
CA LEU O 48 41.93 24.48 20.62
C LEU O 48 42.39 23.85 21.93
N TYR O 49 41.45 23.59 22.84
CA TYR O 49 41.84 23.08 24.16
C TYR O 49 42.34 21.64 24.06
N LYS O 50 41.71 20.84 23.19
CA LYS O 50 42.21 19.50 22.93
C LYS O 50 43.65 19.51 22.44
N GLU O 51 43.96 20.41 21.51
CA GLU O 51 45.32 20.50 20.98
C GLU O 51 46.30 20.98 22.05
N LEU O 52 45.87 21.93 22.90
CA LEU O 52 46.73 22.43 23.95
C LEU O 52 47.11 21.32 24.93
N VAL O 53 46.10 20.55 25.38
CA VAL O 53 46.38 19.48 26.33
C VAL O 53 47.19 18.37 25.65
N LYS O 54 46.92 18.11 24.37
CA LYS O 54 47.76 17.20 23.60
C LYS O 54 49.22 17.61 23.64
N ALA O 55 49.49 18.89 23.39
CA ALA O 55 50.86 19.37 23.36
C ALA O 55 51.51 19.31 24.73
N HIS O 56 50.77 19.68 25.77
CA HIS O 56 51.40 19.90 27.08
C HIS O 56 51.38 18.66 27.96
N LEU O 57 50.19 18.12 28.23
CA LEU O 57 50.11 17.04 29.21
C LEU O 57 50.26 15.66 28.57
N GLY O 58 49.35 15.29 27.69
CA GLY O 58 49.40 13.98 27.07
C GLY O 58 48.09 13.66 26.38
N GLU O 59 48.10 12.53 25.67
CA GLU O 59 46.93 12.19 24.86
C GLU O 59 45.78 11.67 25.69
N ARG O 60 46.05 10.98 26.80
CA ARG O 60 44.96 10.58 27.69
C ARG O 60 44.33 11.79 28.36
N ALA O 61 45.16 12.72 28.83
CA ALA O 61 44.63 13.96 29.39
C ALA O 61 43.85 14.75 28.36
N ALA O 62 44.35 14.81 27.12
CA ALA O 62 43.66 15.53 26.07
C ALA O 62 42.34 14.87 25.72
N SER O 63 42.31 13.53 25.69
CA SER O 63 41.06 12.83 25.43
C SER O 63 40.05 13.09 26.54
N VAL O 64 40.51 13.10 27.79
CA VAL O 64 39.62 13.38 28.91
C VAL O 64 39.07 14.80 28.81
N ILE O 65 39.93 15.77 28.51
CA ILE O 65 39.48 17.16 28.42
C ILE O 65 38.55 17.33 27.23
N GLY O 66 38.79 16.59 26.14
CA GLY O 66 37.89 16.67 25.00
C GLY O 66 36.53 16.09 25.31
N MET O 67 36.49 14.97 26.03
CA MET O 67 35.22 14.43 26.50
C MET O 67 34.50 15.40 27.43
N LEU O 68 35.25 16.10 28.29
CA LEU O 68 34.64 17.09 29.17
C LEU O 68 34.09 18.28 28.40
N VAL O 69 34.78 18.70 27.34
CA VAL O 69 34.30 19.83 26.54
C VAL O 69 33.06 19.43 25.75
N ALA O 70 33.09 18.26 25.10
CA ALA O 70 31.92 17.79 24.35
C ALA O 70 30.73 17.51 25.27
N LEU O 71 30.97 16.95 26.45
CA LEU O 71 29.94 16.69 27.44
C LEU O 71 30.27 17.57 28.65
N GLY O 72 29.62 18.72 28.75
CA GLY O 72 30.05 19.73 29.71
C GLY O 72 30.10 19.21 31.14
N ARG O 73 29.09 18.47 31.55
CA ARG O 73 29.01 17.92 32.90
C ARG O 73 28.92 16.40 32.83
N LEU O 74 29.85 15.72 33.50
CA LEU O 74 29.81 14.27 33.58
C LEU O 74 30.63 13.80 34.76
N SER O 75 30.37 12.57 35.19
CA SER O 75 31.09 11.95 36.30
C SER O 75 32.26 11.12 35.79
N VAL O 76 32.93 10.42 36.70
CA VAL O 76 34.04 9.56 36.33
C VAL O 76 33.55 8.35 35.57
N ARG O 77 32.44 7.75 36.01
CA ARG O 77 31.87 6.61 35.31
C ARG O 77 31.48 6.96 33.88
N GLU O 78 31.05 8.20 33.65
CA GLU O 78 30.78 8.64 32.28
C GLU O 78 32.04 8.61 31.45
N LEU O 79 33.17 9.04 32.03
CA LEU O 79 34.45 8.93 31.34
C LEU O 79 34.79 7.48 31.05
N VAL O 80 34.56 6.60 32.01
CA VAL O 80 34.88 5.18 31.83
C VAL O 80 34.07 4.60 30.67
N GLU O 81 32.79 4.95 30.60
CA GLU O 81 31.91 4.37 29.57
C GLU O 81 31.98 5.12 28.24
N LYS O 82 32.62 6.28 28.18
CA LYS O 82 32.74 7.02 26.94
C LYS O 82 34.12 6.94 26.30
N ILE O 83 35.20 7.09 27.07
CA ILE O 83 36.56 6.98 26.56
C ILE O 83 36.92 5.51 26.50
N ASP O 84 37.74 5.16 25.50
CA ASP O 84 38.14 3.76 25.31
C ASP O 84 38.95 3.25 26.48
N GLY O 85 39.48 4.15 27.31
CA GLY O 85 40.26 3.74 28.46
C GLY O 85 39.36 3.20 29.55
N MET O 86 38.95 1.93 29.43
CA MET O 86 38.04 1.32 30.38
C MET O 86 38.71 0.93 31.68
N ASP O 87 39.31 1.87 32.39
CA ASP O 87 40.03 1.54 33.62
C ASP O 87 39.80 2.64 34.64
N VAL O 88 39.44 2.22 35.86
CA VAL O 88 39.19 3.19 36.93
C VAL O 88 40.49 3.88 37.35
N ASP O 89 41.55 3.10 37.55
CA ASP O 89 42.81 3.67 38.03
C ASP O 89 43.41 4.64 37.02
N SER O 90 43.44 4.25 35.75
CA SER O 90 44.04 5.11 34.73
C SER O 90 43.28 6.41 34.57
N VAL O 91 41.95 6.34 34.53
CA VAL O 91 41.13 7.55 34.48
C VAL O 91 41.34 8.37 35.74
N LYS O 92 41.45 7.71 36.90
CA LYS O 92 41.70 8.42 38.15
C LYS O 92 43.01 9.21 38.08
N THR O 93 44.08 8.57 37.60
CA THR O 93 45.38 9.23 37.55
C THR O 93 45.37 10.40 36.56
N THR O 94 44.79 10.19 35.37
CA THR O 94 44.72 11.27 34.40
C THR O 94 43.90 12.43 34.93
N LEU O 95 42.76 12.13 35.58
CA LEU O 95 41.90 13.17 36.10
C LEU O 95 42.57 13.93 37.25
N VAL O 96 43.32 13.22 38.11
CA VAL O 96 44.02 13.92 39.18
C VAL O 96 45.14 14.78 38.62
N SER O 97 45.80 14.34 37.54
CA SER O 97 46.78 15.19 36.89
C SER O 97 46.16 16.46 36.34
N LEU O 98 45.00 16.32 35.68
CA LEU O 98 44.32 17.48 35.12
C LEU O 98 43.81 18.41 36.22
N THR O 99 43.36 17.83 37.34
CA THR O 99 42.87 18.64 38.45
C THR O 99 44.02 19.40 39.11
N GLN O 100 45.18 18.73 39.27
CA GLN O 100 46.37 19.42 39.74
C GLN O 100 46.78 20.53 38.78
N LEU O 101 46.58 20.34 37.48
CA LEU O 101 46.90 21.36 36.48
C LEU O 101 45.85 22.45 36.40
N ARG O 102 44.85 22.45 37.27
CA ARG O 102 43.82 23.49 37.32
C ARG O 102 43.02 23.53 36.01
N CYS O 103 43.02 22.42 35.29
CA CYS O 103 42.28 22.31 34.04
C CYS O 103 40.90 21.67 34.22
N VAL O 104 40.51 21.35 35.44
CA VAL O 104 39.26 20.62 35.71
C VAL O 104 38.59 21.23 36.93
N LYS O 105 37.27 21.39 36.85
CA LYS O 105 36.44 21.78 37.98
C LYS O 105 35.58 20.60 38.41
N TYR O 106 35.29 20.53 39.71
CA TYR O 106 34.56 19.41 40.27
C TYR O 106 33.46 19.89 41.19
N LEU O 107 32.51 19.00 41.46
CA LEU O 107 31.44 19.27 42.42
C LEU O 107 30.92 17.96 42.97
N GLN O 108 30.30 18.02 44.14
CA GLN O 108 29.72 16.87 44.81
C GLN O 108 28.26 17.17 45.10
N GLU O 109 27.38 16.82 44.17
CA GLU O 109 25.94 17.01 44.37
C GLU O 109 25.33 15.73 44.93
N THR O 110 24.60 15.88 46.03
CA THR O 110 24.17 14.76 46.85
C THR O 110 22.74 14.37 46.52
N ALA O 111 22.53 13.09 46.22
CA ALA O 111 21.20 12.51 46.07
C ALA O 111 20.81 11.90 47.40
N ILE O 112 19.81 12.48 48.06
CA ILE O 112 19.48 12.14 49.43
C ILE O 112 19.02 10.69 49.58
N SER O 113 18.24 10.18 48.63
CA SER O 113 17.65 8.85 48.73
C SER O 113 18.64 7.74 48.46
N GLY O 114 19.93 8.02 48.41
CA GLY O 114 20.90 6.98 48.12
C GLY O 114 22.32 7.50 48.22
N LYS O 115 23.18 6.96 47.36
CA LYS O 115 24.60 7.29 47.43
C LYS O 115 24.94 8.51 46.57
N LYS O 116 25.86 9.33 47.07
CA LYS O 116 26.32 10.52 46.39
C LYS O 116 27.54 10.16 45.53
N THR O 117 27.58 10.75 44.33
CA THR O 117 28.74 10.65 43.45
C THR O 117 29.12 12.04 42.97
N THR O 118 30.41 12.31 42.92
CA THR O 118 30.91 13.62 42.51
C THR O 118 30.97 13.71 40.99
N TYR O 119 30.66 14.91 40.48
CA TYR O 119 30.68 15.19 39.06
C TYR O 119 31.89 16.06 38.72
N TYR O 120 32.08 16.33 37.44
CA TYR O 120 33.32 16.96 36.99
C TYR O 120 33.02 17.94 35.86
N TYR O 121 33.47 19.17 36.02
CA TYR O 121 33.43 20.17 34.96
C TYR O 121 34.81 20.27 34.32
N TYR O 122 35.01 21.23 33.42
CA TYR O 122 36.33 21.53 32.91
C TYR O 122 36.63 23.01 33.12
N ASN O 123 37.80 23.30 33.68
CA ASN O 123 38.19 24.67 34.00
C ASN O 123 38.55 25.40 32.72
N GLU O 124 37.87 26.53 32.48
CA GLU O 124 38.16 27.32 31.29
C GLU O 124 39.39 28.19 31.51
N GLU O 125 39.34 29.06 32.52
CA GLU O 125 40.44 29.98 32.78
C GLU O 125 41.74 29.27 33.15
N GLY O 126 41.66 28.05 33.69
CA GLY O 126 42.87 27.35 34.09
C GLY O 126 43.80 27.05 32.93
N ILE O 127 43.24 26.67 31.78
CA ILE O 127 44.06 26.30 30.63
C ILE O 127 44.79 27.48 30.01
N HIS O 128 44.38 28.71 30.32
CA HIS O 128 45.10 29.86 29.84
C HIS O 128 46.48 29.98 30.50
N ILE O 129 46.61 29.43 31.70
CA ILE O 129 47.92 29.47 32.42
C ILE O 129 48.98 28.83 31.51
N LEU O 130 48.77 27.58 31.10
CA LEU O 130 49.74 26.88 30.22
C LEU O 130 49.79 27.59 28.88
N LEU O 131 48.64 28.07 28.39
CA LEU O 131 48.60 28.77 27.08
C LEU O 131 49.35 30.10 27.19
N TYR O 132 48.92 30.98 28.11
CA TYR O 132 49.56 32.28 28.25
C TYR O 132 50.91 32.22 28.94
N SER O 133 51.46 31.02 29.15
CA SER O 133 52.65 30.86 29.97
C SER O 133 53.76 31.80 29.55
N GLY O 134 54.06 31.84 28.25
CA GLY O 134 55.12 32.73 27.78
C GLY O 134 54.83 34.18 28.06
N LEU O 135 53.64 34.65 27.70
CA LEU O 135 53.28 36.03 28.02
C LEU O 135 53.20 36.25 29.51
N ILE O 136 52.78 35.22 30.26
CA ILE O 136 52.73 35.33 31.72
C ILE O 136 54.11 35.69 32.27
N ILE O 137 55.11 34.82 32.03
CA ILE O 137 56.40 35.06 32.64
C ILE O 137 57.09 36.27 31.99
N ASP O 138 56.73 36.60 30.75
CA ASP O 138 57.30 37.79 30.13
C ASP O 138 56.82 39.06 30.84
N GLU O 139 55.52 39.16 31.11
CA GLU O 139 55.03 40.29 31.88
C GLU O 139 55.56 40.28 33.30
N ILE O 140 55.75 39.09 33.89
CA ILE O 140 56.40 39.03 35.19
C ILE O 140 57.79 39.64 35.13
N ILE O 141 58.58 39.27 34.13
CA ILE O 141 59.95 39.76 34.02
C ILE O 141 59.99 41.26 33.76
N THR O 142 59.11 41.74 32.86
CA THR O 142 59.21 43.12 32.43
C THR O 142 58.40 44.05 33.32
N GLN O 143 57.68 43.50 34.32
CA GLN O 143 56.79 44.34 35.11
C GLN O 143 57.46 44.80 36.40
N MET O 144 58.47 44.07 36.87
CA MET O 144 59.13 44.46 38.12
C MET O 144 59.83 45.80 37.97
N ARG O 145 59.75 46.60 39.03
CA ARG O 145 60.44 47.89 39.07
C ARG O 145 61.94 47.71 39.06
N VAL O 146 62.44 46.64 39.66
CA VAL O 146 63.86 46.33 39.71
C VAL O 146 64.09 45.10 38.86
N ASN O 147 64.49 45.31 37.60
CA ASN O 147 64.76 44.22 36.68
C ASN O 147 66.17 44.26 36.11
N ASP O 148 66.99 45.24 36.47
CA ASP O 148 68.31 45.38 35.86
C ASP O 148 69.32 44.36 36.35
N GLU O 149 68.94 43.56 37.35
CA GLU O 149 69.86 42.55 37.87
C GLU O 149 69.58 41.21 37.20
N GLU O 150 70.62 40.68 36.52
CA GLU O 150 70.45 39.46 35.73
C GLU O 150 70.07 38.26 36.59
N GLU O 151 70.74 38.09 37.74
CA GLU O 151 70.45 36.96 38.61
C GLU O 151 69.01 37.00 39.12
N HIS O 152 68.52 38.20 39.49
CA HIS O 152 67.14 38.32 39.95
C HIS O 152 66.15 37.98 38.84
N LYS O 153 66.46 38.38 37.61
CA LYS O 153 65.62 38.01 36.47
C LYS O 153 65.52 36.50 36.35
N GLN O 154 66.65 35.80 36.43
CA GLN O 154 66.63 34.35 36.31
C GLN O 154 65.88 33.72 37.47
N LEU O 155 66.06 34.23 38.69
CA LEU O 155 65.35 33.69 39.84
C LEU O 155 63.84 33.84 39.68
N VAL O 156 63.37 35.03 39.29
CA VAL O 156 61.93 35.24 39.16
C VAL O 156 61.37 34.43 38.00
N ALA O 157 62.14 34.33 36.90
CA ALA O 157 61.67 33.54 35.76
C ALA O 157 61.54 32.07 36.15
N GLU O 158 62.54 31.54 36.86
CA GLU O 158 62.49 30.14 37.27
C GLU O 158 61.38 29.89 38.28
N ILE O 159 61.16 30.82 39.20
CA ILE O 159 60.13 30.59 40.21
C ILE O 159 58.74 30.62 39.59
N VAL O 160 58.49 31.56 38.67
CA VAL O 160 57.17 31.63 38.05
C VAL O 160 56.98 30.48 37.06
N GLN O 161 58.06 30.04 36.40
CA GLN O 161 57.98 28.86 35.55
C GLN O 161 57.65 27.62 36.36
N ASN O 162 58.29 27.46 37.51
CA ASN O 162 57.96 26.32 38.37
C ASN O 162 56.52 26.39 38.84
N VAL O 163 56.03 27.59 39.17
CA VAL O 163 54.66 27.70 39.66
C VAL O 163 53.66 27.39 38.54
N ILE O 164 53.93 27.81 37.30
CA ILE O 164 52.92 27.56 36.28
C ILE O 164 53.03 26.10 35.79
N SER O 165 54.20 25.49 35.91
CA SER O 165 54.36 24.11 35.47
C SER O 165 53.88 23.12 36.52
N LEU O 166 53.90 23.50 37.80
CA LEU O 166 53.50 22.62 38.88
C LEU O 166 52.10 22.89 39.40
N GLY O 167 51.55 24.07 39.18
CA GLY O 167 50.23 24.38 39.68
C GLY O 167 50.26 25.08 41.01
N SER O 168 50.06 24.32 42.09
CA SER O 168 50.02 24.85 43.44
C SER O 168 51.41 24.68 44.08
N LEU O 169 52.36 25.50 43.65
CA LEU O 169 53.69 25.49 44.25
C LEU O 169 53.60 26.03 45.66
N THR O 170 54.33 25.39 46.58
CA THR O 170 54.16 25.63 48.01
C THR O 170 55.50 25.94 48.67
N VAL O 171 55.48 26.82 49.66
CA VAL O 171 56.68 27.21 50.38
C VAL O 171 57.30 26.04 51.13
N GLU O 172 56.47 25.20 51.78
CA GLU O 172 57.01 24.08 52.53
C GLU O 172 57.73 23.10 51.60
N ASP O 173 57.48 23.20 50.30
CA ASP O 173 58.22 22.37 49.35
C ASP O 173 59.45 23.10 48.83
N TYR O 174 59.29 24.36 48.40
CA TYR O 174 60.40 25.05 47.75
C TYR O 174 61.50 25.41 48.74
N LEU O 175 61.15 25.88 49.94
CA LEU O 175 62.16 26.21 50.93
C LEU O 175 62.94 24.96 51.35
N SER O 176 62.25 23.84 51.49
CA SER O 176 62.94 22.58 51.74
C SER O 176 63.80 22.18 50.56
N SER O 177 63.40 22.55 49.34
CA SER O 177 64.19 22.24 48.16
C SER O 177 65.51 22.99 48.12
N VAL O 178 65.47 24.31 48.37
CA VAL O 178 66.67 25.13 48.23
C VAL O 178 67.68 24.76 49.31
N THR O 179 68.94 24.59 48.90
CA THR O 179 69.98 23.99 49.74
C THR O 179 70.80 24.98 50.54
N SER O 180 70.56 26.28 50.40
CA SER O 180 71.30 27.29 51.16
C SER O 180 70.33 28.34 51.69
N ASP O 181 70.53 28.73 52.96
CA ASP O 181 69.54 29.56 53.65
C ASP O 181 69.43 30.95 53.03
N SER O 182 70.55 31.55 52.64
CA SER O 182 70.50 32.93 52.16
C SER O 182 69.70 33.05 50.87
N MET O 183 69.76 32.03 50.00
CA MET O 183 68.88 32.02 48.83
C MET O 183 67.48 31.55 49.20
N LYS O 184 67.30 31.05 50.43
CA LYS O 184 65.95 30.77 50.90
C LYS O 184 65.28 32.02 51.46
N TYR O 185 66.07 32.95 52.00
CA TYR O 185 65.52 34.21 52.50
C TYR O 185 64.92 35.04 51.37
N THR O 186 65.58 35.04 50.21
CA THR O 186 65.06 35.80 49.07
C THR O 186 63.78 35.21 48.53
N ILE O 187 63.62 33.89 48.61
CA ILE O 187 62.42 33.23 48.08
C ILE O 187 61.18 33.72 48.82
N SER O 188 61.25 33.76 50.16
CA SER O 188 60.14 34.30 50.93
C SER O 188 59.96 35.80 50.71
N SER O 189 61.05 36.54 50.49
CA SER O 189 60.96 37.96 50.21
C SER O 189 60.18 38.23 48.92
N LEU O 190 60.39 37.41 47.89
CA LEU O 190 59.68 37.63 46.63
C LEU O 190 58.22 37.21 46.74
N PHE O 191 57.90 36.27 47.64
CA PHE O 191 56.53 35.77 47.71
C PHE O 191 55.55 36.86 48.16
N VAL O 192 55.89 37.62 49.20
CA VAL O 192 54.96 38.64 49.70
C VAL O 192 54.70 39.69 48.64
N GLN O 193 55.75 40.15 47.95
CA GLN O 193 55.59 41.09 46.86
C GLN O 193 54.73 40.50 45.75
N LEU O 194 55.01 39.25 45.36
CA LEU O 194 54.32 38.65 44.23
C LEU O 194 52.85 38.39 44.55
N CYS O 195 52.51 38.21 45.83
CA CYS O 195 51.11 38.11 46.22
C CYS O 195 50.45 39.47 46.27
N GLU O 196 51.19 40.51 46.69
CA GLU O 196 50.58 41.84 46.74
C GLU O 196 50.20 42.33 45.35
N MET O 197 51.02 42.02 44.34
CA MET O 197 50.59 42.28 42.97
C MET O 197 49.42 41.39 42.56
N GLY O 198 49.10 40.37 43.35
CA GLY O 198 48.03 39.46 43.02
C GLY O 198 48.43 38.31 42.14
N TYR O 199 49.71 38.21 41.77
CA TYR O 199 50.18 37.13 40.92
C TYR O 199 50.13 35.78 41.62
N LEU O 200 50.04 35.75 42.95
CA LEU O 200 49.90 34.50 43.71
C LEU O 200 48.70 34.66 44.64
N ILE O 201 47.59 34.04 44.29
CA ILE O 201 46.33 34.16 45.02
C ILE O 201 46.08 32.84 45.74
N GLN O 202 45.43 32.90 46.89
CA GLN O 202 45.18 31.70 47.68
C GLN O 202 44.10 30.84 47.04
N ILE O 203 44.48 29.65 46.58
CA ILE O 203 43.51 28.72 46.01
C ILE O 203 42.60 28.17 47.11
N SER O 204 41.38 27.83 46.72
CA SER O 204 40.35 27.43 47.67
C SER O 204 39.24 26.72 46.92
N LYS O 205 38.11 26.50 47.59
CA LYS O 205 36.95 25.89 46.95
C LYS O 205 36.34 26.79 45.88
N LEU O 206 36.61 28.10 45.93
CA LEU O 206 36.03 29.02 44.97
C LEU O 206 36.61 28.85 43.57
N HIS O 207 37.67 28.05 43.42
CA HIS O 207 38.39 27.92 42.16
C HIS O 207 38.16 26.58 41.49
N TYR O 208 37.15 25.82 41.93
CA TYR O 208 36.85 24.54 41.29
C TYR O 208 35.36 24.28 41.13
N THR O 209 34.49 25.26 41.36
CA THR O 209 33.06 25.02 41.28
C THR O 209 32.40 25.98 40.30
N PRO O 210 31.39 25.52 39.56
CA PRO O 210 30.74 26.38 38.58
C PRO O 210 29.97 27.54 39.21
N ILE O 211 29.91 28.64 38.45
CA ILE O 211 29.38 29.89 38.99
C ILE O 211 27.87 29.79 39.17
N GLU O 212 27.17 29.19 38.21
CA GLU O 212 25.73 29.00 38.36
C GLU O 212 25.40 28.08 39.51
N ASP O 213 26.22 27.04 39.74
CA ASP O 213 25.96 26.15 40.87
C ASP O 213 26.22 26.84 42.20
N LEU O 214 27.24 27.72 42.27
CA LEU O 214 27.43 28.52 43.47
C LEU O 214 26.25 29.45 43.71
N TRP O 215 25.78 30.11 42.65
CA TRP O 215 24.62 30.99 42.76
C TRP O 215 23.38 30.23 43.20
N GLN O 216 23.21 29.01 42.71
CA GLN O 216 22.05 28.21 43.10
C GLN O 216 22.17 27.74 44.56
N PHE O 217 23.37 27.35 44.98
CA PHE O 217 23.57 26.95 46.37
C PHE O 217 23.35 28.11 47.32
N LEU O 218 23.62 29.34 46.85
CA LEU O 218 23.32 30.51 47.65
C LEU O 218 21.93 31.08 47.38
N TYR O 219 21.17 30.47 46.47
CA TYR O 219 19.79 30.87 46.25
C TYR O 219 18.78 29.93 46.88
N GLU O 220 19.17 28.68 47.19
CA GLU O 220 18.22 27.73 47.72
C GLU O 220 18.21 27.72 49.24
N LYS O 221 19.32 28.09 49.89
CA LYS O 221 19.32 28.24 51.34
C LYS O 221 18.39 29.37 51.76
N HIS O 222 18.43 30.50 51.05
CA HIS O 222 17.62 31.65 51.42
C HIS O 222 16.15 31.47 51.07
N TYR O 223 15.84 30.62 50.08
CA TYR O 223 14.44 30.26 49.85
C TYR O 223 13.94 29.31 50.94
N LYS O 224 14.86 28.72 51.69
CA LYS O 224 14.56 27.80 52.78
C LYS O 224 14.62 28.46 54.15
N ASN O 225 15.16 29.68 54.24
CA ASN O 225 15.32 30.36 55.51
C ASN O 225 14.11 31.22 55.89
N ILE O 226 13.07 31.28 55.06
CA ILE O 226 11.93 32.16 55.33
C ILE O 226 10.85 31.40 56.08
N PRO O 227 10.44 31.86 57.26
CA PRO O 227 9.33 31.22 57.96
C PRO O 227 8.01 31.46 57.24
N ARG O 228 7.03 30.61 57.54
CA ARG O 228 5.77 30.61 56.80
C ARG O 228 4.87 31.75 57.26
N ASN O 229 3.83 31.98 56.45
CA ASN O 229 2.72 32.87 56.80
C ASN O 229 3.16 34.31 57.04
N SER O 230 4.23 34.72 56.36
CA SER O 230 4.62 36.12 56.42
C SER O 230 3.73 36.97 55.51
N PRO O 231 3.45 38.22 55.90
CA PRO O 231 2.51 39.02 55.11
C PRO O 231 3.00 39.35 53.71
N LEU O 232 4.31 39.26 53.46
CA LEU O 232 4.83 39.52 52.13
C LEU O 232 4.47 38.39 51.18
N SER O 233 4.34 38.73 49.90
CA SER O 233 3.88 37.82 48.86
C SER O 233 5.09 37.11 48.22
N ASP O 234 4.81 36.34 47.18
CA ASP O 234 5.88 35.61 46.50
C ASP O 234 6.88 36.56 45.86
N LEU O 235 6.40 37.68 45.30
CA LEU O 235 7.30 38.63 44.67
C LEU O 235 8.25 39.24 45.68
N LYS O 236 7.74 39.61 46.85
CA LYS O 236 8.59 40.27 47.84
C LYS O 236 9.57 39.30 48.48
N LYS O 237 9.15 38.06 48.74
CA LYS O 237 10.09 37.07 49.25
C LYS O 237 11.14 36.74 48.22
N ARG O 238 10.77 36.70 46.93
CA ARG O 238 11.75 36.47 45.88
C ARG O 238 12.75 37.61 45.82
N SER O 239 12.29 38.86 45.94
CA SER O 239 13.21 40.00 45.92
C SER O 239 14.16 39.97 47.11
N GLN O 240 13.63 39.73 48.31
CA GLN O 240 14.51 39.70 49.49
C GLN O 240 15.51 38.55 49.40
N ALA O 241 15.06 37.38 48.93
CA ALA O 241 15.96 36.25 48.77
C ALA O 241 17.06 36.57 47.76
N LYS O 242 16.71 37.19 46.64
CA LYS O 242 17.72 37.44 45.62
C LYS O 242 18.70 38.53 46.05
N MET O 243 18.24 39.54 46.79
CA MET O 243 19.19 40.57 47.22
C MET O 243 20.11 40.04 48.31
N ASN O 244 19.58 39.23 49.22
CA ASN O 244 20.44 38.60 50.22
C ASN O 244 21.44 37.65 49.56
N ALA O 245 21.00 36.90 48.56
CA ALA O 245 21.89 36.03 47.82
C ALA O 245 22.97 36.84 47.11
N LYS O 246 22.60 37.96 46.49
CA LYS O 246 23.59 38.81 45.84
C LYS O 246 24.61 39.31 46.84
N THR O 247 24.15 39.77 48.01
CA THR O 247 25.08 40.37 48.97
C THR O 247 26.03 39.33 49.55
N ASP O 248 25.52 38.12 49.89
CA ASP O 248 26.42 37.16 50.48
C ASP O 248 27.32 36.52 49.43
N PHE O 249 26.84 36.35 48.20
CA PHE O 249 27.72 35.88 47.13
C PHE O 249 28.82 36.89 46.84
N ALA O 250 28.47 38.19 46.86
CA ALA O 250 29.47 39.23 46.67
C ALA O 250 30.50 39.21 47.79
N LYS O 251 30.06 39.02 49.03
CA LYS O 251 31.00 38.94 50.15
C LYS O 251 31.92 37.73 49.99
N ILE O 252 31.35 36.58 49.64
CA ILE O 252 32.13 35.35 49.51
C ILE O 252 33.09 35.40 48.34
N ILE O 253 32.79 36.17 47.29
CA ILE O 253 33.75 36.31 46.20
C ILE O 253 34.77 37.43 46.48
N ASN O 254 34.39 38.45 47.24
CA ASN O 254 35.30 39.54 47.59
C ASN O 254 36.34 39.12 48.62
N LYS O 255 35.98 38.23 49.54
CA LYS O 255 36.93 37.81 50.57
C LYS O 255 38.20 37.18 50.00
N PRO O 256 38.14 36.23 49.04
CA PRO O 256 39.38 35.63 48.55
C PRO O 256 39.93 36.25 47.26
N ASN O 257 39.15 37.12 46.60
CA ASN O 257 39.63 37.72 45.37
C ASN O 257 40.83 38.61 45.63
N GLU O 258 40.84 39.32 46.76
CA GLU O 258 41.97 40.14 47.19
C GLU O 258 42.09 40.05 48.70
N LEU O 259 43.20 39.47 49.17
CA LEU O 259 43.41 39.28 50.60
C LEU O 259 44.89 39.25 50.88
N SER O 260 45.24 39.52 52.15
CA SER O 260 46.62 39.35 52.61
C SER O 260 46.68 38.60 53.94
N GLN O 261 45.68 37.76 54.23
CA GLN O 261 45.67 37.05 55.50
C GLN O 261 46.78 36.00 55.59
N ILE O 262 47.20 35.43 54.46
CA ILE O 262 48.32 34.49 54.48
C ILE O 262 49.63 35.24 54.74
N LEU O 263 49.73 36.48 54.26
CA LEU O 263 50.91 37.31 54.47
C LEU O 263 50.90 38.08 55.78
N THR O 264 49.80 37.99 56.55
CA THR O 264 49.65 38.86 57.71
C THR O 264 50.57 38.45 58.85
N VAL O 265 50.74 37.14 59.07
CA VAL O 265 51.44 36.67 60.26
C VAL O 265 52.90 37.06 60.21
N ASP O 266 53.41 37.54 61.35
CA ASP O 266 54.81 37.91 61.50
C ASP O 266 55.38 37.29 62.78
N PRO O 267 56.31 36.36 62.66
CA PRO O 267 56.95 35.81 63.86
C PRO O 267 57.87 36.83 64.52
N LYS O 268 58.16 36.60 65.79
CA LYS O 268 59.06 37.49 66.53
C LYS O 268 60.47 37.40 65.95
N THR O 269 61.20 38.50 66.09
CA THR O 269 62.56 38.69 65.56
C THR O 269 62.75 38.03 64.20
N SER O 270 61.81 38.32 63.30
CA SER O 270 61.87 37.78 61.94
C SER O 270 61.07 38.69 61.02
N LEU O 271 61.30 38.51 59.72
CA LEU O 271 60.61 39.30 58.71
C LEU O 271 59.20 38.78 58.48
N ARG O 272 58.42 39.56 57.74
CA ARG O 272 57.08 39.14 57.36
C ARG O 272 57.14 37.87 56.53
N ILE O 273 56.29 36.89 56.88
CA ILE O 273 56.30 35.59 56.24
C ILE O 273 54.87 35.22 55.83
N VAL O 274 54.78 34.45 54.76
CA VAL O 274 53.52 33.88 54.32
C VAL O 274 53.29 32.58 55.05
N LYS O 275 52.06 32.07 54.97
CA LYS O 275 51.78 30.75 55.53
C LYS O 275 52.46 29.69 54.67
N PRO O 276 53.35 28.87 55.23
CA PRO O 276 54.01 27.84 54.42
C PRO O 276 53.09 26.68 54.13
N THR O 277 52.08 26.49 54.98
CA THR O 277 51.13 25.40 54.80
C THR O 277 50.30 25.57 53.53
N VAL O 278 49.91 26.82 53.22
CA VAL O 278 49.01 27.04 52.10
C VAL O 278 49.74 26.87 50.78
N SER O 279 48.98 26.51 49.75
CA SER O 279 49.51 26.26 48.41
C SER O 279 49.30 27.50 47.56
N LEU O 280 50.38 28.00 46.96
CA LEU O 280 50.35 29.25 46.22
C LEU O 280 50.25 28.93 44.73
N THR O 281 49.17 29.42 44.10
CA THR O 281 48.92 29.18 42.69
C THR O 281 48.83 30.51 41.96
N ILE O 282 49.41 30.56 40.76
CA ILE O 282 49.49 31.80 40.01
C ILE O 282 48.10 32.23 39.56
N ASN O 283 47.83 33.52 39.67
CA ASN O 283 46.55 34.07 39.26
C ASN O 283 46.59 34.45 37.79
N LEU O 284 45.45 34.92 37.28
CA LEU O 284 45.35 35.36 35.90
C LEU O 284 44.65 36.70 35.79
N ASP O 285 43.91 37.09 36.83
CA ASP O 285 43.08 38.28 36.74
C ASP O 285 43.93 39.54 36.65
N ARG O 286 44.88 39.72 37.56
CA ARG O 286 45.70 40.93 37.51
C ARG O 286 46.69 40.88 36.35
N PHE O 287 47.19 39.71 36.01
CA PHE O 287 48.04 39.59 34.82
C PHE O 287 47.31 40.01 33.56
N MET O 288 46.05 39.58 33.42
CA MET O 288 45.29 39.93 32.24
C MET O 288 44.80 41.38 32.29
N LYS O 289 44.65 41.94 33.49
CA LYS O 289 44.50 43.39 33.62
C LYS O 289 45.73 44.10 33.07
N GLY O 290 46.92 43.62 33.43
CA GLY O 290 48.14 44.18 32.88
C GLY O 290 48.22 44.02 31.37
N ARG O 291 47.72 42.90 30.85
CA ARG O 291 47.72 42.69 29.41
C ARG O 291 46.77 43.65 28.71
N ARG O 292 45.60 43.90 29.29
CA ARG O 292 44.69 44.90 28.74
C ARG O 292 45.29 46.29 28.80
N SER O 293 45.96 46.62 29.90
CA SER O 293 46.65 47.91 29.99
C SER O 293 47.74 48.00 28.93
N LYS O 294 48.47 46.91 28.70
CA LYS O 294 49.51 46.89 27.69
C LYS O 294 48.94 47.08 26.29
N GLN O 295 47.81 46.45 25.99
CA GLN O 295 47.20 46.65 24.68
C GLN O 295 46.67 48.06 24.52
N LEU O 296 46.13 48.65 25.58
CA LEU O 296 45.72 50.06 25.52
C LEU O 296 46.92 50.98 25.34
N ILE O 297 48.06 50.64 25.95
CA ILE O 297 49.28 51.42 25.75
C ILE O 297 49.74 51.33 24.30
N ASN O 298 49.70 50.14 23.71
CA ASN O 298 50.06 50.02 22.30
C ASN O 298 49.08 50.77 21.42
N LEU O 299 47.79 50.75 21.78
CA LEU O 299 46.80 51.56 21.07
C LEU O 299 47.17 53.03 21.11
N ALA O 300 47.55 53.53 22.31
CA ALA O 300 47.94 54.92 22.44
C ALA O 300 49.18 55.24 21.62
N LYS O 301 50.16 54.33 21.62
CA LYS O 301 51.35 54.52 20.80
C LYS O 301 51.00 54.59 19.32
N THR O 302 50.05 53.78 18.89
CA THR O 302 49.59 53.85 17.50
C THR O 302 48.75 55.09 17.25
N ARG O 303 48.18 55.67 18.31
CA ARG O 303 47.21 56.75 18.15
C ARG O 303 47.84 58.12 18.37
N VAL O 304 48.74 58.23 19.35
CA VAL O 304 49.29 59.51 19.75
C VAL O 304 50.81 59.41 19.76
N GLY O 305 51.46 60.52 19.39
CA GLY O 305 52.90 60.55 19.34
C GLY O 305 53.54 60.23 20.67
N SER O 306 54.78 59.75 20.59
CA SER O 306 55.46 59.15 21.75
C SER O 306 55.78 60.13 22.85
N VAL O 307 55.65 61.45 22.61
CA VAL O 307 55.99 62.42 23.65
C VAL O 307 55.04 62.30 24.83
N THR O 308 53.73 62.44 24.59
CA THR O 308 52.74 62.26 25.64
C THR O 308 52.11 60.88 25.64
N ALA O 309 52.52 59.99 24.73
CA ALA O 309 52.15 58.59 24.86
C ALA O 309 53.00 57.89 25.91
N GLN O 310 54.25 58.34 26.09
CA GLN O 310 55.11 57.79 27.12
C GLN O 310 54.51 57.96 28.50
N VAL O 311 53.79 59.06 28.74
CA VAL O 311 53.21 59.30 30.06
C VAL O 311 51.97 58.43 30.26
N TYR O 312 51.35 57.99 29.16
CA TYR O 312 50.17 57.14 29.28
C TYR O 312 50.54 55.72 29.70
N LYS O 313 51.76 55.28 29.40
CA LYS O 313 52.18 53.94 29.79
C LYS O 313 52.14 53.76 31.31
N ILE O 314 52.67 54.72 32.06
CA ILE O 314 52.63 54.64 33.51
C ILE O 314 51.34 55.26 34.07
N ALA O 315 50.56 55.96 33.24
CA ALA O 315 49.29 56.50 33.71
C ALA O 315 48.32 55.38 34.09
N LEU O 316 48.14 54.40 33.21
CA LEU O 316 47.31 53.24 33.51
C LEU O 316 48.02 52.25 34.42
N ARG O 317 49.33 52.40 34.60
CA ARG O 317 50.10 51.44 35.39
C ARG O 317 49.84 51.56 36.89
N LEU O 318 49.28 52.68 37.34
CA LEU O 318 48.97 52.87 38.75
C LEU O 318 47.53 52.54 39.10
N THR O 319 46.70 52.22 38.11
CA THR O 319 45.33 51.79 38.34
C THR O 319 45.13 50.31 38.00
N GLU O 320 45.91 49.78 37.06
CA GLU O 320 45.82 48.38 36.66
C GLU O 320 45.97 47.40 37.83
N GLN O 321 46.72 47.77 38.86
CA GLN O 321 46.95 46.86 39.97
C GLN O 321 45.66 46.59 40.74
N LYS O 322 44.87 47.63 41.01
CA LYS O 322 43.59 47.49 41.70
C LYS O 322 42.42 47.72 40.75
N SER O 323 42.61 47.42 39.47
CA SER O 323 41.58 47.72 38.48
C SER O 323 40.34 46.87 38.74
N PRO O 324 39.15 47.37 38.42
CA PRO O 324 37.93 46.56 38.61
C PRO O 324 37.89 45.34 37.71
N LYS O 325 36.87 44.52 37.88
CA LYS O 325 36.70 43.35 37.03
C LYS O 325 36.49 43.78 35.58
N ILE O 326 37.13 43.05 34.67
CA ILE O 326 37.14 43.43 33.27
C ILE O 326 35.76 43.28 32.61
N ARG O 327 35.16 42.09 32.69
CA ARG O 327 33.94 41.80 31.95
C ARG O 327 32.76 41.52 32.85
N ASP O 328 32.89 40.56 33.78
CA ASP O 328 31.78 40.16 34.62
C ASP O 328 32.31 39.91 36.03
N PRO O 329 31.64 40.43 37.07
CA PRO O 329 32.10 40.19 38.44
C PRO O 329 31.73 38.80 38.91
N LEU O 330 31.38 37.94 37.95
CA LEU O 330 30.87 36.59 38.14
C LEU O 330 29.44 36.59 38.69
N THR O 331 28.80 37.76 38.70
CA THR O 331 27.37 37.89 38.96
C THR O 331 26.55 37.91 37.68
N GLN O 332 27.18 37.73 36.52
CA GLN O 332 26.48 37.71 35.24
C GLN O 332 26.66 36.41 34.48
N THR O 333 27.45 35.48 34.98
CA THR O 333 27.59 34.16 34.36
C THR O 333 26.83 33.08 35.11
N GLY O 334 26.52 33.30 36.38
CA GLY O 334 25.82 32.33 37.19
C GLY O 334 24.31 32.40 37.15
N LEU O 335 23.73 33.38 36.47
CA LEU O 335 22.28 33.54 36.45
C LEU O 335 21.86 34.23 35.17
N LEU O 336 20.56 34.13 34.88
CA LEU O 336 19.98 34.92 33.81
C LEU O 336 20.16 36.39 34.12
N GLN O 337 20.49 37.18 33.10
CA GLN O 337 20.80 38.59 33.34
C GLN O 337 19.60 39.32 33.94
N ASP O 338 18.55 39.53 33.14
CA ASP O 338 17.36 40.22 33.62
C ASP O 338 16.32 40.20 32.52
N LEU O 339 15.05 40.17 32.92
CA LEU O 339 13.93 40.28 31.99
C LEU O 339 13.32 41.68 31.96
N GLU O 340 12.88 42.18 33.12
CA GLU O 340 12.24 43.49 33.22
C GLU O 340 13.07 44.36 34.15
N GLU O 341 13.35 45.60 33.72
CA GLU O 341 14.26 46.51 34.42
C GLU O 341 15.69 45.94 34.39
N ALA O 342 16.19 45.74 33.17
CA ALA O 342 17.44 45.01 32.96
C ALA O 342 18.69 45.88 33.05
N LYS O 343 18.55 47.20 33.20
CA LYS O 343 19.70 48.08 33.22
C LYS O 343 20.40 48.12 34.57
N SER O 344 19.88 47.39 35.56
CA SER O 344 20.35 47.54 36.94
C SER O 344 21.81 47.12 37.09
N PHE O 345 22.24 46.09 36.36
CA PHE O 345 23.61 45.60 36.53
C PHE O 345 24.63 46.54 35.89
N GLN O 346 24.32 47.09 34.73
CA GLN O 346 25.19 48.14 34.19
C GLN O 346 25.20 49.35 35.13
N ASP O 347 24.05 49.68 35.70
CA ASP O 347 23.97 50.80 36.64
C ASP O 347 24.84 50.56 37.86
N GLU O 348 24.81 49.35 38.42
CA GLU O 348 25.60 49.07 39.61
C GLU O 348 27.08 48.94 39.28
N ALA O 349 27.43 48.44 38.09
CA ALA O 349 28.82 48.40 37.69
C ALA O 349 29.40 49.80 37.57
N GLU O 350 28.68 50.72 36.92
CA GLU O 350 29.16 52.10 36.87
C GLU O 350 29.09 52.77 38.23
N LEU O 351 28.14 52.36 39.08
CA LEU O 351 28.08 52.89 40.44
C LEU O 351 29.33 52.53 41.23
N VAL O 352 29.77 51.27 41.14
CA VAL O 352 31.02 50.88 41.78
C VAL O 352 32.19 51.63 41.15
N GLU O 353 32.17 51.77 39.82
CA GLU O 353 33.26 52.47 39.13
C GLU O 353 33.42 53.90 39.64
N GLU O 354 32.29 54.58 39.92
CA GLU O 354 32.39 55.95 40.44
C GLU O 354 32.51 55.99 41.95
N LYS O 355 32.16 54.91 42.65
CA LYS O 355 32.18 54.93 44.11
C LYS O 355 33.54 54.51 44.66
N THR O 356 34.36 53.86 43.84
CA THR O 356 35.70 53.46 44.31
C THR O 356 36.59 54.69 44.43
N PRO O 357 37.09 55.02 45.62
CA PRO O 357 37.95 56.20 45.76
C PRO O 357 39.43 55.87 45.58
N GLY O 358 39.79 54.60 45.75
CA GLY O 358 41.18 54.20 45.60
C GLY O 358 41.65 54.29 44.16
N LEU O 359 40.79 53.89 43.22
CA LEU O 359 41.17 53.92 41.81
C LEU O 359 41.45 55.33 41.32
N THR O 360 40.65 56.30 41.77
CA THR O 360 40.86 57.67 41.36
C THR O 360 42.16 58.21 41.94
N PHE O 361 42.92 58.92 41.10
CA PHE O 361 44.18 59.51 41.53
C PHE O 361 44.25 60.95 41.06
N ASN O 362 44.99 61.76 41.81
CA ASN O 362 45.25 63.15 41.47
C ASN O 362 46.64 63.27 40.85
N ALA O 363 46.94 64.48 40.36
CA ALA O 363 48.23 64.71 39.72
C ALA O 363 49.39 64.56 40.71
N ILE O 364 49.17 64.95 41.98
CA ILE O 364 50.19 64.76 43.00
C ILE O 364 50.49 63.28 43.19
N ASP O 365 49.46 62.42 43.13
CA ASP O 365 49.67 60.99 43.25
C ASP O 365 50.52 60.44 42.11
N LEU O 366 50.29 60.91 40.89
CA LEU O 366 51.04 60.42 39.73
C LEU O 366 52.48 60.88 39.70
N ALA O 367 52.78 62.09 40.20
CA ALA O 367 54.15 62.60 40.13
C ALA O 367 55.10 61.75 40.96
N ARG O 368 54.60 61.04 41.97
CA ARG O 368 55.45 60.21 42.81
C ARG O 368 55.87 58.92 42.13
N HIS O 369 55.28 58.58 40.98
CA HIS O 369 55.59 57.35 40.28
C HIS O 369 56.10 57.59 38.86
N LEU O 370 56.45 58.81 38.51
CA LEU O 370 56.89 59.08 37.13
C LEU O 370 58.41 58.85 37.02
N PRO O 371 58.85 58.13 36.00
CA PRO O 371 60.28 57.84 35.85
C PRO O 371 61.07 59.10 35.53
N ALA O 372 62.36 59.05 35.89
CA ALA O 372 63.24 60.20 35.68
C ALA O 372 63.55 60.41 34.20
N GLU O 373 63.35 59.38 33.37
CA GLU O 373 63.62 59.53 31.94
C GLU O 373 62.70 60.55 31.30
N LEU O 374 61.43 60.55 31.69
CA LEU O 374 60.45 61.45 31.08
C LEU O 374 60.54 62.84 31.73
N ASP O 375 60.55 63.87 30.87
CA ASP O 375 60.73 65.25 31.30
C ASP O 375 59.44 66.03 31.45
N LEU O 376 58.50 65.86 30.52
CA LEU O 376 57.23 66.59 30.52
C LEU O 376 57.43 68.10 30.50
N ARG O 377 58.36 68.59 29.67
CA ARG O 377 58.60 70.01 29.51
C ARG O 377 58.06 70.56 28.19
N GLY O 378 58.42 69.94 27.08
CA GLY O 378 57.93 70.31 25.77
C GLY O 378 56.66 69.59 25.35
N SER O 379 55.99 68.89 26.26
CA SER O 379 54.81 68.11 25.92
C SER O 379 53.57 68.97 25.71
N LEU O 380 53.64 70.27 26.02
CA LEU O 380 52.50 71.17 25.90
C LEU O 380 52.90 72.44 25.16
N LEU O 381 51.90 73.11 24.59
CA LEU O 381 52.06 74.43 23.97
C LEU O 381 50.77 75.19 24.25
N SER O 382 50.85 76.16 25.17
CA SER O 382 49.66 76.84 25.68
C SER O 382 48.94 77.66 24.61
N ARG O 383 49.64 78.11 23.58
CA ARG O 383 49.04 78.95 22.56
C ARG O 383 49.48 78.48 21.18
N LYS O 384 48.65 78.79 20.18
CA LYS O 384 48.90 78.38 18.80
C LYS O 384 50.18 79.00 18.26
N PRO O 447 59.63 69.71 35.07
CA PRO O 447 60.29 68.89 36.09
C PRO O 447 59.30 68.17 37.00
N HIS O 448 58.57 67.20 36.44
CA HIS O 448 57.57 66.43 37.19
C HIS O 448 56.53 67.34 37.82
N SER O 449 56.09 68.34 37.05
CA SER O 449 55.13 69.31 37.56
C SER O 449 53.72 68.75 37.50
N ALA O 450 53.03 68.73 38.65
CA ALA O 450 51.68 68.19 38.69
C ALA O 450 50.72 68.98 37.83
N SER O 451 50.98 70.27 37.59
CA SER O 451 50.10 71.06 36.74
C SER O 451 50.14 70.57 35.30
N LEU O 452 51.33 70.21 34.80
CA LEU O 452 51.44 69.72 33.43
C LEU O 452 50.91 68.29 33.29
N ILE O 453 51.16 67.44 34.29
CA ILE O 453 50.55 66.12 34.31
C ILE O 453 49.03 66.26 34.28
N ASN O 454 48.51 67.24 35.03
CA ASN O 454 47.08 67.53 34.98
C ASN O 454 46.63 67.87 33.57
N SER O 455 47.49 68.53 32.78
CA SER O 455 47.10 68.88 31.42
C SER O 455 46.95 67.63 30.54
N HIS O 456 47.89 66.70 30.63
CA HIS O 456 47.74 65.43 29.92
C HIS O 456 46.49 64.69 30.39
N LEU O 457 46.23 64.72 31.69
CA LEU O 457 45.06 64.03 32.23
C LEU O 457 43.78 64.67 31.71
N LYS O 458 43.77 66.00 31.54
CA LYS O 458 42.60 66.68 30.99
C LYS O 458 42.41 66.35 29.51
N ILE O 459 43.49 66.35 28.73
CA ILE O 459 43.33 65.99 27.32
C ILE O 459 42.86 64.54 27.19
N LEU O 460 43.32 63.67 28.09
CA LEU O 460 42.88 62.29 28.09
C LEU O 460 41.39 62.19 28.41
N ALA O 461 40.93 62.95 29.41
CA ALA O 461 39.53 62.91 29.81
C ALA O 461 38.61 63.49 28.74
N SER O 462 39.04 64.55 28.06
CA SER O 462 38.21 65.19 27.05
C SER O 462 38.47 64.66 25.65
N SER O 463 39.33 63.67 25.49
CA SER O 463 39.58 63.10 24.16
C SER O 463 38.34 62.39 23.64
N ASN O 464 38.34 62.11 22.34
CA ASN O 464 37.16 61.52 21.71
C ASN O 464 36.85 60.14 22.27
N PHE O 465 37.88 59.33 22.50
CA PHE O 465 37.67 58.06 23.20
C PHE O 465 37.65 58.30 24.70
N PRO O 466 36.62 57.83 25.41
CA PRO O 466 36.51 58.13 26.84
C PRO O 466 37.53 57.39 27.68
N PHE O 467 38.76 57.90 27.69
CA PHE O 467 39.80 57.30 28.53
C PHE O 467 39.59 57.61 30.01
N LEU O 468 39.16 58.84 30.32
CA LEU O 468 38.91 59.26 31.68
C LEU O 468 37.63 60.07 31.74
N ASN O 469 36.98 60.05 32.91
CA ASN O 469 35.79 60.85 33.16
C ASN O 469 35.98 61.65 34.44
N GLU O 470 35.54 62.90 34.39
CA GLU O 470 35.78 63.88 35.45
C GLU O 470 34.57 63.97 36.36
N THR O 471 34.75 63.60 37.64
CA THR O 471 33.70 63.79 38.63
C THR O 471 33.92 65.06 39.43
N LYS O 472 35.16 65.29 39.87
CA LYS O 472 35.55 66.50 40.58
C LYS O 472 36.79 67.09 39.94
N PRO O 473 36.93 68.43 40.00
CA PRO O 473 38.11 69.07 39.39
C PRO O 473 39.43 68.56 39.94
N GLY O 474 40.26 67.98 39.08
CA GLY O 474 41.60 67.56 39.42
C GLY O 474 41.75 66.07 39.62
N VAL O 475 40.69 65.37 40.00
CA VAL O 475 40.72 63.93 40.18
C VAL O 475 39.68 63.30 39.24
N TYR O 476 40.14 62.37 38.41
CA TYR O 476 39.27 61.60 37.53
C TYR O 476 39.57 60.12 37.68
N TYR O 477 38.96 59.32 36.80
CA TYR O 477 39.07 57.87 36.88
C TYR O 477 38.86 57.27 35.50
N VAL O 478 39.23 55.99 35.38
CA VAL O 478 39.10 55.26 34.12
C VAL O 478 37.75 54.56 34.13
N PRO O 479 36.85 54.85 33.19
CA PRO O 479 35.56 54.17 33.15
C PRO O 479 35.56 52.95 32.23
N TYR O 480 34.63 52.05 32.52
CA TYR O 480 34.42 50.87 31.70
C TYR O 480 32.97 50.64 31.33
N SER O 481 32.05 51.52 31.75
CA SER O 481 30.66 51.39 31.34
C SER O 481 30.41 51.97 29.95
N LYS O 482 31.37 52.74 29.41
CA LYS O 482 31.24 53.33 28.09
C LYS O 482 32.50 53.21 27.24
N LEU O 483 33.57 52.59 27.75
CA LEU O 483 34.79 52.44 26.95
C LEU O 483 34.86 51.06 26.30
N MET O 484 34.30 50.03 26.94
CA MET O 484 34.35 48.69 26.37
C MET O 484 33.64 48.58 25.02
N PRO O 485 32.41 49.10 24.84
CA PRO O 485 31.79 48.99 23.50
C PRO O 485 32.57 49.68 22.41
N VAL O 486 33.07 50.89 22.65
CA VAL O 486 33.82 51.59 21.61
C VAL O 486 35.15 50.89 21.34
N LEU O 487 35.80 50.37 22.37
CA LEU O 487 37.04 49.63 22.16
C LEU O 487 36.78 48.37 21.33
N LYS O 488 35.72 47.63 21.65
CA LYS O 488 35.40 46.43 20.89
C LYS O 488 35.07 46.78 19.44
N SER O 489 34.25 47.81 19.24
CA SER O 489 33.91 48.22 17.88
C SER O 489 35.16 48.61 17.10
N SER O 490 36.06 49.37 17.72
CA SER O 490 37.26 49.83 17.04
C SER O 490 38.16 48.64 16.67
N VAL O 491 38.42 47.74 17.62
CA VAL O 491 39.35 46.66 17.36
C VAL O 491 38.77 45.67 16.34
N TYR O 492 37.50 45.29 16.51
CA TYR O 492 36.83 44.46 15.51
C TYR O 492 36.86 45.10 14.12
N GLU O 493 36.41 46.35 14.02
CA GLU O 493 36.31 46.99 12.72
C GLU O 493 37.67 47.14 12.09
N TYR O 494 38.72 47.30 12.90
CA TYR O 494 40.04 47.44 12.30
C TYR O 494 40.62 46.09 11.92
N VAL O 495 40.19 45.01 12.58
CA VAL O 495 40.56 43.68 12.08
C VAL O 495 39.93 43.45 10.71
N ILE O 496 38.68 43.86 10.54
CA ILE O 496 38.11 43.87 9.19
C ILE O 496 38.93 44.75 8.27
N ALA O 497 39.46 45.86 8.79
CA ALA O 497 40.31 46.73 7.99
C ALA O 497 41.57 46.01 7.52
N SER O 498 42.21 45.26 8.42
CA SER O 498 43.41 44.50 8.10
C SER O 498 43.11 43.35 7.15
N THR O 499 41.90 42.79 7.18
CA THR O 499 41.58 41.69 6.29
C THR O 499 41.15 42.17 4.90
N LEU O 500 40.13 43.00 4.83
CA LEU O 500 39.53 43.43 3.57
C LEU O 500 40.17 44.73 3.10
N GLY O 501 39.66 45.26 1.99
CA GLY O 501 40.24 46.42 1.34
C GLY O 501 39.70 47.75 1.80
N PRO O 502 40.16 48.83 1.16
CA PRO O 502 39.74 50.18 1.56
C PRO O 502 38.25 50.44 1.38
N SER O 503 37.67 50.05 0.26
CA SER O 503 36.24 50.30 0.06
C SER O 503 35.41 49.43 1.00
N ALA O 504 35.89 48.23 1.32
CA ALA O 504 35.21 47.41 2.33
C ALA O 504 35.27 48.08 3.69
N MET O 505 36.41 48.68 4.04
CA MET O 505 36.50 49.45 5.26
C MET O 505 35.50 50.59 5.26
N ARG O 506 35.38 51.28 4.13
CA ARG O 506 34.44 52.38 4.00
C ARG O 506 33.01 51.94 4.22
N LEU O 507 32.62 50.83 3.58
CA LEU O 507 31.25 50.35 3.73
C LEU O 507 31.00 49.86 5.15
N SER O 508 32.01 49.24 5.77
CA SER O 508 31.88 48.85 7.17
C SER O 508 31.67 50.06 8.06
N ARG O 509 32.48 51.12 7.87
CA ARG O 509 32.33 52.33 8.66
C ARG O 509 30.95 52.93 8.46
N CYS O 510 30.48 52.95 7.21
CA CYS O 510 29.18 53.56 6.91
C CYS O 510 28.06 52.78 7.58
N ILE O 511 28.09 51.45 7.48
CA ILE O 511 27.02 50.65 8.07
C ILE O 511 27.10 50.67 9.58
N ARG O 512 28.26 50.97 10.15
CA ARG O 512 28.38 51.10 11.59
C ARG O 512 27.82 52.43 12.08
N ASP O 513 28.29 53.54 11.49
CA ASP O 513 27.91 54.85 11.99
C ASP O 513 26.46 55.18 11.63
N ASN O 514 26.07 54.93 10.38
CA ASN O 514 24.69 55.18 9.92
C ASN O 514 23.88 53.93 10.19
N LYS O 515 22.89 54.04 11.08
CA LYS O 515 22.10 52.90 11.48
C LYS O 515 21.05 52.56 10.42
N LEU O 516 20.92 51.27 10.11
CA LEU O 516 19.91 50.77 9.19
C LEU O 516 20.05 51.40 7.80
N VAL O 517 21.18 51.10 7.16
CA VAL O 517 21.43 51.59 5.80
C VAL O 517 20.59 50.79 4.80
N SER O 518 20.41 51.38 3.62
CA SER O 518 19.63 50.78 2.55
C SER O 518 20.39 50.90 1.23
N GLU O 519 19.79 50.38 0.17
CA GLU O 519 20.45 50.37 -1.15
C GLU O 519 20.60 51.77 -1.73
N LYS O 520 19.74 52.71 -1.35
CA LYS O 520 19.93 54.11 -1.74
C LYS O 520 20.71 54.90 -0.71
N ILE O 521 20.60 54.54 0.57
CA ILE O 521 21.35 55.25 1.60
C ILE O 521 22.85 54.98 1.46
N ILE O 522 23.23 53.80 0.99
CA ILE O 522 24.66 53.54 0.76
C ILE O 522 25.20 54.48 -0.31
N ASN O 523 24.45 54.68 -1.39
CA ASN O 523 24.87 55.62 -2.42
C ASN O 523 24.85 57.06 -1.92
N SER O 524 23.89 57.40 -1.07
CA SER O 524 23.80 58.78 -0.59
C SER O 524 24.89 59.10 0.42
N THR O 525 25.34 58.12 1.19
CA THR O 525 26.33 58.33 2.23
C THR O 525 27.71 57.81 1.88
N ALA O 526 27.90 57.28 0.67
CA ALA O 526 29.19 56.73 0.26
C ALA O 526 29.86 57.55 -0.82
N LEU O 527 29.17 57.80 -1.94
CA LEU O 527 29.66 58.64 -3.04
C LEU O 527 30.91 58.08 -3.71
N MET O 528 31.16 56.76 -3.63
CA MET O 528 32.21 56.16 -4.45
C MET O 528 31.61 55.16 -5.41
N LYS O 529 32.47 54.38 -6.06
CA LYS O 529 32.08 53.52 -7.17
C LYS O 529 31.27 52.33 -6.65
N GLU O 530 30.01 52.25 -7.11
CA GLU O 530 29.12 51.19 -6.67
C GLU O 530 29.66 49.81 -7.01
N LYS O 531 30.43 49.70 -8.08
CA LYS O 531 30.96 48.39 -8.48
C LYS O 531 31.81 47.79 -7.36
N ASP O 532 32.87 48.50 -6.96
CA ASP O 532 33.69 48.03 -5.84
C ASP O 532 32.89 48.00 -4.55
N ILE O 533 31.93 48.92 -4.39
CA ILE O 533 31.12 48.92 -3.18
C ILE O 533 30.42 47.57 -3.01
N ARG O 534 29.73 47.09 -4.05
CA ARG O 534 28.99 45.85 -3.87
C ARG O 534 29.91 44.63 -4.00
N SER O 535 31.04 44.75 -4.71
CA SER O 535 32.00 43.64 -4.71
C SER O 535 32.53 43.37 -3.32
N THR O 536 33.02 44.41 -2.64
CA THR O 536 33.48 44.25 -1.27
C THR O 536 32.34 43.93 -0.33
N LEU O 537 31.13 44.45 -0.61
CA LEU O 537 29.98 44.09 0.21
C LEU O 537 29.73 42.59 0.16
N ALA O 538 29.67 42.02 -1.06
CA ALA O 538 29.46 40.59 -1.20
C ALA O 538 30.60 39.79 -0.56
N SER O 539 31.84 40.26 -0.72
CA SER O 539 32.95 39.61 -0.05
C SER O 539 32.83 39.67 1.46
N LEU O 540 32.10 40.66 1.99
CA LEU O 540 31.94 40.82 3.43
C LEU O 540 30.66 40.18 3.97
N ILE O 541 29.72 39.80 3.10
CA ILE O 541 28.52 39.09 3.56
C ILE O 541 28.88 37.75 4.19
N ARG O 542 30.02 37.17 3.77
CA ARG O 542 30.39 35.84 4.23
C ARG O 542 30.53 35.78 5.75
N TYR O 543 31.13 36.80 6.35
CA TYR O 543 31.38 36.82 7.78
C TYR O 543 30.10 37.23 8.50
N ASN O 544 30.16 37.29 9.83
CA ASN O 544 29.02 37.71 10.66
C ASN O 544 29.00 39.23 10.82
N SER O 545 29.65 39.94 9.91
CA SER O 545 29.82 41.38 10.01
C SER O 545 28.50 42.13 9.88
N VAL O 546 27.72 41.84 8.85
CA VAL O 546 26.51 42.57 8.54
C VAL O 546 25.34 41.60 8.54
N GLU O 547 24.13 42.13 8.70
CA GLU O 547 22.92 41.32 8.63
C GLU O 547 22.11 41.68 7.40
N ILE O 548 21.41 40.69 6.87
CA ILE O 548 20.55 40.87 5.72
C ILE O 548 19.10 40.78 6.19
N GLN O 549 18.27 41.67 5.65
CA GLN O 549 16.87 41.75 6.05
C GLN O 549 16.02 41.42 4.83
N GLU O 550 14.75 41.10 5.10
CA GLU O 550 13.79 40.80 4.04
C GLU O 550 12.58 41.73 4.20
N VAL O 551 12.20 42.37 3.11
CA VAL O 551 11.07 43.30 3.12
C VAL O 551 9.96 42.73 2.24
N PRO O 552 8.90 42.18 2.82
CA PRO O 552 7.81 41.60 2.02
C PRO O 552 6.85 42.68 1.54
N ARG O 553 6.81 42.89 0.22
CA ARG O 553 5.85 43.83 -0.34
C ARG O 553 4.42 43.34 -0.15
N THR O 554 4.22 42.03 -0.13
CA THR O 554 2.93 41.42 0.14
C THR O 554 2.96 40.73 1.49
N ALA O 555 1.86 40.05 1.82
CA ALA O 555 1.78 39.32 3.09
C ALA O 555 2.82 38.20 3.12
N ASP O 556 2.95 37.46 2.03
CA ASP O 556 3.97 36.41 1.96
C ASP O 556 5.34 37.02 1.69
N ARG O 557 6.37 36.40 2.24
CA ARG O 557 7.71 36.96 2.27
C ARG O 557 8.56 36.38 1.15
N SER O 558 8.81 37.19 0.12
CA SER O 558 9.76 36.86 -0.93
C SER O 558 10.75 38.00 -1.06
N ALA O 559 12.04 37.71 -0.95
CA ALA O 559 13.05 38.76 -1.06
C ALA O 559 13.41 39.06 -2.51
N SER O 560 12.94 38.26 -3.46
CA SER O 560 13.18 38.54 -4.87
C SER O 560 12.08 39.41 -5.46
N ARG O 561 11.01 39.67 -4.71
CA ARG O 561 9.93 40.50 -5.21
C ARG O 561 10.14 41.96 -4.87
N ALA O 562 10.76 42.26 -3.72
CA ALA O 562 10.87 43.61 -3.22
C ALA O 562 12.30 43.88 -2.73
N VAL O 563 12.67 45.17 -2.76
CA VAL O 563 13.99 45.58 -2.30
C VAL O 563 14.14 45.32 -0.80
N PHE O 564 15.34 44.89 -0.41
CA PHE O 564 15.65 44.62 0.99
C PHE O 564 16.76 45.54 1.47
N LEU O 565 16.74 45.83 2.76
CA LEU O 565 17.72 46.70 3.41
C LEU O 565 18.60 45.88 4.37
N PHE O 566 19.56 46.56 4.96
CA PHE O 566 20.59 45.93 5.78
C PHE O 566 20.32 46.15 7.26
N ARG O 567 21.28 45.70 8.08
CA ARG O 567 21.23 45.91 9.52
C ARG O 567 22.66 45.72 10.05
N CYS O 568 22.86 45.99 11.35
CA CYS O 568 24.19 45.92 11.94
C CYS O 568 24.40 44.63 12.75
N LYS O 569 23.61 44.42 13.80
CA LYS O 569 23.75 43.29 14.72
C LYS O 569 25.21 42.97 15.01
N GLU O 570 25.87 43.92 15.68
CA GLU O 570 27.28 43.80 16.00
C GLU O 570 27.59 42.57 16.87
N THR O 571 26.58 41.98 17.52
CA THR O 571 26.83 40.85 18.40
C THR O 571 27.39 39.65 17.63
N HIS O 572 26.80 39.31 16.49
CA HIS O 572 27.30 38.19 15.70
C HIS O 572 28.70 38.46 15.17
N SER O 573 28.99 39.71 14.81
CA SER O 573 30.32 40.07 14.36
C SER O 573 31.35 39.80 15.44
N TYR O 574 31.05 40.18 16.69
CA TYR O 574 31.94 39.88 17.80
C TYR O 574 32.01 38.37 18.06
N ASN O 575 30.92 37.65 17.79
CA ASN O 575 30.93 36.20 17.95
C ASN O 575 31.91 35.55 16.98
N PHE O 576 31.94 36.03 15.73
CA PHE O 576 32.81 35.42 14.73
C PHE O 576 34.28 35.55 15.12
N MET O 577 34.70 36.75 15.53
CA MET O 577 36.10 36.98 15.89
C MET O 577 36.60 36.06 16.99
N ARG O 578 35.73 35.62 17.89
CA ARG O 578 36.11 34.53 18.78
C ARG O 578 36.45 33.27 17.97
N GLN O 579 35.44 32.72 17.28
CA GLN O 579 35.56 31.40 16.66
C GLN O 579 36.71 31.35 15.67
N ASN O 580 36.80 32.32 14.76
CA ASN O 580 37.83 32.31 13.74
C ASN O 580 39.22 32.33 14.36
N LEU O 581 39.43 33.22 15.34
CA LEU O 581 40.73 33.33 15.96
C LEU O 581 41.12 32.08 16.73
N GLU O 582 40.18 31.49 17.48
CA GLU O 582 40.52 30.28 18.22
C GLU O 582 40.80 29.12 17.26
N TRP O 583 40.04 29.03 16.17
CA TRP O 583 40.29 27.97 15.21
C TRP O 583 41.66 28.14 14.54
N ASN O 584 42.02 29.37 14.20
CA ASN O 584 43.35 29.61 13.63
C ASN O 584 44.45 29.27 14.62
N MET O 585 44.24 29.61 15.90
CA MET O 585 45.16 29.20 16.95
C MET O 585 45.32 27.69 16.98
N ALA O 586 44.20 26.97 17.06
CA ALA O 586 44.24 25.52 17.11
C ALA O 586 44.92 24.95 15.88
N ASN O 587 44.78 25.62 14.73
CA ASN O 587 45.54 25.23 13.56
C ASN O 587 47.04 25.40 13.79
N LEU O 588 47.45 26.49 14.45
CA LEU O 588 48.86 26.69 14.77
C LEU O 588 49.38 25.53 15.63
N LEU O 589 48.64 25.20 16.70
CA LEU O 589 49.11 24.13 17.58
C LEU O 589 49.06 22.77 16.88
N PHE O 590 48.08 22.55 16.01
CA PHE O 590 48.07 21.31 15.24
C PHE O 590 49.27 21.21 14.32
N LYS O 591 49.62 22.31 13.64
CA LYS O 591 50.79 22.31 12.78
C LYS O 591 52.06 22.01 13.58
N LYS O 592 52.23 22.67 14.72
CA LYS O 592 53.45 22.47 15.50
C LYS O 592 53.51 21.06 16.07
N GLU O 593 52.38 20.53 16.55
CA GLU O 593 52.37 19.19 17.11
C GLU O 593 52.55 18.13 16.05
N LYS O 594 52.06 18.37 14.82
CA LYS O 594 52.30 17.43 13.75
C LYS O 594 53.75 17.46 13.30
N LEU O 595 54.35 18.65 13.25
CA LEU O 595 55.78 18.74 12.99
C LEU O 595 56.57 17.99 14.06
N LYS O 596 56.14 18.11 15.32
CA LYS O 596 56.76 17.33 16.39
C LYS O 596 56.55 15.83 16.17
N GLN O 597 55.38 15.43 15.71
CA GLN O 597 55.10 14.00 15.53
C GLN O 597 55.94 13.42 14.40
N GLU O 598 56.27 14.24 13.40
CA GLU O 598 57.15 13.78 12.32
C GLU O 598 58.62 14.05 12.59
N ASN O 599 58.96 14.78 13.65
CA ASN O 599 60.35 15.08 13.99
C ASN O 599 60.71 14.64 15.41
N SER O 600 59.93 13.70 15.98
CA SER O 600 60.08 13.32 17.38
C SER O 600 61.45 12.71 17.67
N THR O 601 61.97 11.87 16.77
CA THR O 601 63.27 11.26 17.01
C THR O 601 64.36 12.32 17.12
N LEU O 602 64.36 13.28 16.20
CA LEU O 602 65.38 14.32 16.23
C LEU O 602 65.19 15.25 17.43
N LEU O 603 63.94 15.54 17.79
CA LEU O 603 63.69 16.36 18.98
C LEU O 603 64.15 15.66 20.25
N LYS O 604 63.93 14.35 20.35
CA LYS O 604 64.40 13.59 21.51
C LYS O 604 65.92 13.56 21.55
N LYS O 605 66.58 13.37 20.41
CA LYS O 605 68.03 13.43 20.39
C LYS O 605 68.55 14.81 20.77
N ALA O 606 67.84 15.86 20.37
CA ALA O 606 68.24 17.22 20.74
C ALA O 606 68.11 17.47 22.23
N ASN O 607 66.96 17.15 22.82
CA ASN O 607 66.67 17.55 24.19
C ASN O 607 67.28 16.55 25.19
N ARG O 608 68.58 16.32 25.02
CA ARG O 608 69.36 15.52 25.94
C ARG O 608 70.41 16.40 26.62
N ASP O 609 70.66 16.12 27.90
CA ASP O 609 71.47 17.02 28.72
C ASP O 609 72.85 17.25 28.12
N ASP O 610 73.56 16.18 27.74
CA ASP O 610 74.90 16.37 27.19
C ASP O 610 74.85 16.97 25.79
N VAL O 611 73.83 16.63 25.00
CA VAL O 611 73.68 17.22 23.68
C VAL O 611 73.40 18.70 23.79
N LYS O 612 72.61 19.11 24.78
CA LYS O 612 72.20 20.51 24.91
C LYS O 612 73.42 21.42 25.04
N GLY O 613 73.49 22.43 24.19
CA GLY O 613 74.63 23.31 24.11
C GLY O 613 75.75 22.83 23.23
N ARG O 614 75.73 21.57 22.81
CA ARG O 614 76.74 20.99 21.94
C ARG O 614 76.06 20.34 20.74
N GLU O 615 75.86 21.12 19.68
CA GLU O 615 75.06 20.67 18.55
C GLU O 615 75.74 20.83 17.20
N ASN O 616 77.01 21.24 17.17
CA ASN O 616 77.74 21.41 15.92
C ASN O 616 78.91 20.44 15.79
N GLU O 617 79.04 19.46 16.69
CA GLU O 617 80.16 18.54 16.65
C GLU O 617 79.70 17.09 16.46
N LEU O 618 78.79 16.58 17.29
CA LEU O 618 78.34 15.19 17.17
C LEU O 618 77.01 15.11 16.42
N LEU O 619 77.05 15.48 15.15
CA LEU O 619 75.87 15.43 14.31
C LEU O 619 76.29 15.37 12.84
N LEU O 620 75.63 14.49 12.09
CA LEU O 620 75.90 14.35 10.67
C LEU O 620 75.46 15.61 9.94
N PRO O 621 76.09 15.93 8.79
CA PRO O 621 75.85 17.24 8.14
C PRO O 621 74.40 17.51 7.76
N SER O 622 73.83 16.62 6.96
CA SER O 622 72.45 16.82 6.49
C SER O 622 71.48 16.81 7.66
N GLU O 623 71.67 15.90 8.61
CA GLU O 623 70.79 15.84 9.77
C GLU O 623 70.86 17.12 10.59
N LEU O 624 72.06 17.65 10.84
CA LEU O 624 72.15 18.86 11.65
C LEU O 624 71.56 20.07 10.91
N ASN O 625 71.79 20.15 9.59
CA ASN O 625 71.19 21.23 8.82
C ASN O 625 69.67 21.14 8.86
N GLN O 626 69.12 19.93 8.72
CA GLN O 626 67.67 19.73 8.84
C GLN O 626 67.18 20.13 10.22
N LEU O 627 67.98 19.84 11.26
CA LEU O 627 67.61 20.24 12.61
C LEU O 627 67.53 21.76 12.72
N LYS O 628 68.48 22.48 12.11
CA LYS O 628 68.39 23.93 12.13
C LYS O 628 67.14 24.42 11.41
N MET O 629 66.82 23.80 10.26
CA MET O 629 65.62 24.23 9.54
C MET O 629 64.35 24.00 10.36
N VAL O 630 64.23 22.82 10.98
CA VAL O 630 63.02 22.53 11.74
C VAL O 630 62.96 23.37 13.01
N ASN O 631 64.10 23.64 13.65
CA ASN O 631 64.13 24.51 14.82
C ASN O 631 63.68 25.92 14.46
N GLU O 632 64.18 26.46 13.34
CA GLU O 632 63.77 27.81 12.96
C GLU O 632 62.31 27.82 12.50
N ARG O 633 61.83 26.71 11.93
CA ARG O 633 60.42 26.62 11.58
C ARG O 633 59.53 26.66 12.82
N GLU O 634 59.94 25.95 13.87
CA GLU O 634 59.21 26.01 15.13
C GLU O 634 59.31 27.40 15.76
N LEU O 635 60.46 28.06 15.64
CA LEU O 635 60.58 29.43 16.12
C LEU O 635 59.62 30.36 15.37
N ASN O 636 59.50 30.18 14.06
CA ASN O 636 58.56 30.98 13.27
C ASN O 636 57.12 30.73 13.69
N VAL O 637 56.77 29.46 13.92
CA VAL O 637 55.41 29.16 14.33
C VAL O 637 55.12 29.74 15.72
N PHE O 638 56.12 29.75 16.60
CA PHE O 638 55.93 30.37 17.91
C PHE O 638 55.79 31.87 17.80
N ALA O 639 56.56 32.50 16.90
CA ALA O 639 56.41 33.93 16.68
C ALA O 639 55.03 34.27 16.14
N ARG O 640 54.53 33.47 15.20
CA ARG O 640 53.16 33.66 14.70
C ARG O 640 52.14 33.45 15.80
N LEU O 641 52.36 32.44 16.65
CA LEU O 641 51.46 32.20 17.78
C LEU O 641 51.41 33.40 18.70
N SER O 642 52.58 33.95 19.05
CA SER O 642 52.63 35.09 19.96
C SER O 642 52.00 36.33 19.31
N ARG O 643 52.24 36.54 18.01
CA ARG O 643 51.67 37.69 17.33
C ARG O 643 50.16 37.57 17.23
N LEU O 644 49.65 36.34 17.10
CA LEU O 644 48.21 36.12 17.15
C LEU O 644 47.67 36.26 18.57
N LEU O 645 48.51 36.01 19.57
CA LEU O 645 48.09 36.04 20.97
C LEU O 645 47.75 37.44 21.47
N SER O 646 47.76 38.45 20.60
CA SER O 646 47.32 39.79 20.94
C SER O 646 45.95 40.12 20.38
N LEU O 647 45.20 39.10 19.92
CA LEU O 647 43.99 39.33 19.16
C LEU O 647 42.72 38.75 19.78
N TRP O 648 42.78 37.64 20.52
CA TRP O 648 41.56 36.98 20.96
C TRP O 648 41.06 37.48 22.31
N GLU O 649 41.97 37.89 23.20
CA GLU O 649 41.52 38.36 24.51
C GLU O 649 40.69 39.63 24.39
N VAL O 650 40.99 40.48 23.40
CA VAL O 650 40.25 41.72 23.26
C VAL O 650 38.82 41.43 22.80
N PHE O 651 38.60 40.26 22.20
CA PHE O 651 37.24 39.79 21.99
C PHE O 651 36.77 38.84 23.09
N GLN O 652 37.60 38.58 24.10
CA GLN O 652 37.18 37.78 25.23
C GLN O 652 36.58 38.60 26.36
N MET O 653 36.27 39.87 26.14
CA MET O 653 35.59 40.67 27.15
C MET O 653 34.09 40.36 27.14
N ALA O 654 33.34 41.18 27.87
CA ALA O 654 31.88 41.08 27.89
C ALA O 654 31.29 41.67 26.61
N GLY P 162 24.12 67.60 -7.71
CA GLY P 162 25.41 68.27 -7.74
C GLY P 162 26.38 67.66 -8.73
N PRO P 163 27.63 68.14 -8.72
CA PRO P 163 28.63 67.62 -9.67
C PRO P 163 28.97 66.15 -9.46
N TRP P 164 28.69 65.58 -8.29
CA TRP P 164 28.97 64.17 -8.07
C TRP P 164 28.22 63.30 -9.06
N PHE P 165 26.95 63.59 -9.30
CA PHE P 165 26.21 62.94 -10.38
C PHE P 165 26.74 63.45 -11.71
N THR P 166 27.27 62.53 -12.53
CA THR P 166 27.84 62.89 -13.81
C THR P 166 27.82 61.69 -14.73
N ASP P 167 27.04 61.78 -15.80
CA ASP P 167 26.96 60.75 -16.84
C ASP P 167 26.54 59.39 -16.28
N GLY P 168 25.80 59.38 -15.18
CA GLY P 168 25.44 58.13 -14.54
C GLY P 168 26.58 57.44 -13.82
N GLU P 169 27.68 58.15 -13.59
CA GLU P 169 28.85 57.59 -12.92
C GLU P 169 29.30 58.54 -11.83
N LEU P 170 29.98 57.98 -10.82
CA LEU P 170 30.36 58.74 -9.64
C LEU P 170 31.82 59.22 -9.67
N ASP P 171 32.39 59.42 -10.86
CA ASP P 171 33.62 60.21 -11.03
C ASP P 171 34.74 59.69 -10.13
N ILE P 172 35.22 58.49 -10.47
CA ILE P 172 36.18 57.79 -9.64
C ILE P 172 37.41 58.64 -9.37
N GLU P 173 37.98 59.23 -10.43
CA GLU P 173 39.20 60.02 -10.24
C GLU P 173 38.88 61.41 -9.67
N PHE P 174 37.60 61.80 -9.69
CA PHE P 174 37.24 63.16 -9.29
C PHE P 174 36.85 63.21 -7.82
N ILE P 175 35.96 62.32 -7.37
CA ILE P 175 35.57 62.30 -5.97
C ILE P 175 36.74 61.84 -5.09
N ASN P 176 37.56 60.91 -5.57
CA ASN P 176 38.75 60.53 -4.83
C ASN P 176 39.67 61.71 -4.60
N SER P 177 39.83 62.57 -5.62
CA SER P 177 40.64 63.77 -5.47
C SER P 177 40.01 64.78 -4.52
N LEU P 178 38.68 64.81 -4.40
CA LEU P 178 38.05 65.72 -3.45
C LEU P 178 38.22 65.22 -2.02
N LEU P 179 38.18 63.90 -1.84
CA LEU P 179 38.27 63.33 -0.49
C LEU P 179 39.66 63.47 0.10
N THR P 180 40.68 63.73 -0.73
CA THR P 180 42.06 63.79 -0.29
C THR P 180 42.55 65.23 -0.10
N ILE P 181 41.63 66.20 -0.07
CA ILE P 181 42.01 67.59 0.12
C ILE P 181 41.31 68.15 1.36
N VAL P 182 40.24 67.49 1.80
CA VAL P 182 39.48 67.99 2.94
C VAL P 182 40.22 67.69 4.25
N TRP P 183 40.82 66.50 4.36
CA TRP P 183 41.52 66.15 5.58
C TRP P 183 42.95 66.68 5.61
N ARG P 184 43.50 67.07 4.45
CA ARG P 184 44.87 67.56 4.42
C ARG P 184 45.01 68.87 5.17
N PHE P 185 44.05 69.78 5.01
CA PHE P 185 44.08 71.04 5.74
C PHE P 185 43.96 70.82 7.24
N ILE P 186 43.10 69.89 7.65
CA ILE P 186 42.96 69.57 9.06
C ILE P 186 44.25 68.99 9.63
N SER P 187 45.08 68.35 8.80
CA SER P 187 46.35 67.83 9.27
C SER P 187 47.40 68.92 9.46
N GLU P 188 47.30 70.02 8.72
CA GLU P 188 48.21 71.15 8.88
C GLU P 188 47.61 72.30 9.64
N ASN P 189 46.36 72.19 10.10
CA ASN P 189 45.73 73.24 10.90
C ASN P 189 45.53 72.82 12.35
N THR P 190 45.57 71.52 12.64
CA THR P 190 45.31 71.06 14.00
C THR P 190 46.57 71.04 14.85
N PHE P 191 47.67 70.50 14.30
CA PHE P 191 48.89 70.41 15.07
C PHE P 191 49.61 71.75 15.14
N PRO P 192 50.46 71.95 16.14
CA PRO P 192 51.24 73.20 16.20
C PRO P 192 52.08 73.43 14.95
N ASN P 193 52.58 72.37 14.33
CA ASN P 193 53.37 72.48 13.11
C ASN P 193 52.81 71.64 11.96
N GLY P 194 51.59 71.13 12.10
CA GLY P 194 51.04 70.26 11.08
C GLY P 194 51.73 68.90 11.05
N PHE P 195 52.20 68.49 9.87
CA PHE P 195 52.89 67.22 9.73
C PHE P 195 54.40 67.34 9.91
N LYS P 196 54.98 68.53 9.76
CA LYS P 196 56.42 68.68 9.97
C LYS P 196 56.79 68.51 11.44
N ASN P 197 55.81 68.63 12.35
CA ASN P 197 56.04 68.29 13.75
C ASN P 197 56.31 66.80 13.92
N PHE P 198 55.91 65.98 12.96
CA PHE P 198 56.14 64.54 13.00
C PHE P 198 57.35 64.12 12.18
N GLU P 199 58.08 65.08 11.61
CA GLU P 199 59.27 64.77 10.81
C GLU P 199 60.53 64.65 11.66
N ASN P 200 60.52 65.18 12.89
CA ASN P 200 61.68 65.06 13.75
C ASN P 200 61.70 63.75 14.52
N GLY P 201 60.58 63.01 14.52
CA GLY P 201 60.51 61.74 15.21
C GLY P 201 59.38 61.70 16.21
N PRO P 202 58.96 60.48 16.57
CA PRO P 202 57.87 60.36 17.56
C PRO P 202 58.21 60.96 18.92
N LYS P 203 59.49 61.02 19.26
CA LYS P 203 59.93 61.49 20.57
C LYS P 203 60.19 62.99 20.62
N LYS P 204 59.74 63.75 19.62
CA LYS P 204 60.00 65.19 19.59
C LYS P 204 58.80 66.02 19.13
N ASN P 205 57.62 65.42 19.00
CA ASN P 205 56.46 66.19 18.56
C ASN P 205 55.81 66.91 19.73
N VAL P 206 55.11 68.00 19.41
CA VAL P 206 54.46 68.84 20.41
C VAL P 206 52.95 68.77 20.20
N PHE P 207 52.22 68.87 21.31
CA PHE P 207 50.77 68.77 21.30
C PHE P 207 50.16 69.98 21.99
N TYR P 208 48.98 70.36 21.51
CA TYR P 208 48.32 71.56 22.00
C TYR P 208 47.69 71.32 23.36
N ALA P 209 47.53 72.41 24.12
CA ALA P 209 46.92 72.34 25.44
C ALA P 209 45.42 72.08 25.31
N PRO P 210 44.81 71.46 26.33
CA PRO P 210 43.37 71.13 26.21
C PRO P 210 42.47 72.35 26.03
N ASN P 211 42.82 73.47 26.68
CA ASN P 211 41.97 74.66 26.62
C ASN P 211 41.92 75.30 25.25
N VAL P 212 42.99 75.18 24.45
CA VAL P 212 43.02 75.83 23.15
C VAL P 212 41.99 75.20 22.21
N LYS P 213 41.51 75.99 21.25
CA LYS P 213 40.48 75.55 20.32
C LYS P 213 41.15 75.04 19.04
N ASN P 214 41.82 73.90 19.17
CA ASN P 214 42.50 73.29 18.04
C ASN P 214 41.53 72.70 17.02
N TYR P 215 40.25 72.63 17.35
CA TYR P 215 39.27 72.05 16.43
C TYR P 215 38.98 72.99 15.27
N SER P 216 38.51 72.42 14.17
CA SER P 216 38.17 73.17 12.97
C SER P 216 36.65 73.16 12.78
N THR P 217 36.11 74.32 12.41
CA THR P 217 34.69 74.45 12.15
C THR P 217 34.42 74.37 10.65
N THR P 218 33.13 74.21 10.31
CA THR P 218 32.76 74.02 8.91
C THR P 218 32.92 75.31 8.11
N GLN P 219 32.84 76.46 8.76
CA GLN P 219 33.01 77.73 8.05
C GLN P 219 34.41 77.88 7.50
N GLU P 220 35.43 77.53 8.30
CA GLU P 220 36.80 77.64 7.82
C GLU P 220 37.08 76.66 6.69
N ILE P 221 36.53 75.45 6.78
CA ILE P 221 36.70 74.47 5.70
C ILE P 221 36.01 74.95 4.44
N LEU P 222 34.84 75.57 4.58
CA LEU P 222 34.15 76.12 3.42
C LEU P 222 34.97 77.25 2.79
N GLU P 223 35.57 78.11 3.61
CA GLU P 223 36.43 79.16 3.09
C GLU P 223 37.62 78.58 2.35
N PHE P 224 38.23 77.53 2.91
CA PHE P 224 39.31 76.83 2.20
C PHE P 224 38.81 76.35 0.85
N ILE P 225 37.72 75.58 0.84
CA ILE P 225 37.28 74.94 -0.39
C ILE P 225 36.80 75.95 -1.41
N THR P 226 36.46 77.17 -0.98
CA THR P 226 36.10 78.23 -1.89
C THR P 226 37.30 78.96 -2.46
N ALA P 227 38.28 79.32 -1.62
CA ALA P 227 39.44 80.07 -2.07
C ALA P 227 40.44 79.21 -2.83
N ALA P 228 40.47 77.90 -2.57
CA ALA P 228 41.46 77.04 -3.22
C ALA P 228 41.20 76.90 -4.71
N GLN P 229 39.94 76.85 -5.12
CA GLN P 229 39.56 76.65 -6.53
C GLN P 229 40.20 75.37 -7.07
N VAL P 230 39.90 74.26 -6.40
CA VAL P 230 40.48 72.96 -6.74
C VAL P 230 39.44 72.11 -7.44
N ALA P 231 38.16 72.41 -7.22
CA ALA P 231 37.07 71.65 -7.80
C ALA P 231 36.33 72.40 -8.90
N ASN P 232 36.52 73.72 -9.00
CA ASN P 232 35.87 74.55 -10.01
C ASN P 232 34.34 74.55 -9.88
N VAL P 233 33.83 74.21 -8.70
CA VAL P 233 32.40 74.11 -8.46
C VAL P 233 32.09 74.69 -7.09
N GLU P 234 31.06 75.54 -7.02
CA GLU P 234 30.61 76.07 -5.74
C GLU P 234 29.99 74.95 -4.90
N LEU P 235 30.13 75.07 -3.59
CA LEU P 235 29.68 74.04 -2.66
C LEU P 235 28.69 74.64 -1.67
N THR P 236 27.53 73.99 -1.54
CA THR P 236 26.59 74.32 -0.48
C THR P 236 27.19 73.92 0.87
N PRO P 237 26.83 74.62 1.95
CA PRO P 237 27.21 74.11 3.27
C PRO P 237 26.72 72.69 3.52
N SER P 238 25.50 72.38 3.07
CA SER P 238 25.02 71.00 3.15
C SER P 238 25.89 70.08 2.31
N ASN P 239 26.38 70.56 1.16
CA ASN P 239 27.26 69.75 0.32
C ASN P 239 28.59 69.48 1.01
N ILE P 240 29.17 70.48 1.69
CA ILE P 240 30.40 70.25 2.42
C ILE P 240 30.17 69.31 3.58
N ARG P 241 28.99 69.40 4.24
CA ARG P 241 28.66 68.45 5.29
C ARG P 241 28.54 67.04 4.72
N SER P 242 27.97 66.91 3.52
CA SER P 242 27.89 65.61 2.86
C SER P 242 29.27 65.06 2.54
N LEU P 243 30.17 65.92 2.04
CA LEU P 243 31.54 65.51 1.78
C LEU P 243 32.21 64.99 3.05
N CYS P 244 32.09 65.74 4.15
CA CYS P 244 32.78 65.34 5.37
C CYS P 244 32.10 64.16 6.05
N GLU P 245 30.82 63.92 5.74
CA GLU P 245 30.18 62.67 6.15
C GLU P 245 30.68 61.51 5.32
N VAL P 246 30.95 61.74 4.05
CA VAL P 246 31.51 60.71 3.19
C VAL P 246 32.91 60.34 3.64
N LEU P 247 33.70 61.33 4.07
CA LEU P 247 35.09 61.07 4.44
C LEU P 247 35.30 60.89 5.94
N VAL P 248 34.25 60.95 6.75
CA VAL P 248 34.39 60.69 8.19
C VAL P 248 34.86 59.25 8.37
N TYR P 249 34.54 58.40 7.39
CA TYR P 249 34.99 57.03 7.35
C TYR P 249 36.44 56.95 6.88
N ASP P 250 36.92 55.72 6.67
CA ASP P 250 38.28 55.45 6.18
C ASP P 250 39.35 55.86 7.18
N ASP P 251 38.97 56.14 8.42
CA ASP P 251 39.88 56.65 9.44
C ASP P 251 40.55 57.94 8.97
N LYS P 252 39.73 58.95 8.70
CA LYS P 252 40.23 60.24 8.22
C LYS P 252 40.02 61.33 9.27
N LEU P 253 38.77 61.55 9.67
CA LEU P 253 38.45 62.63 10.58
C LEU P 253 37.53 62.12 11.69
N GLU P 254 37.78 62.53 12.92
CA GLU P 254 36.97 62.09 14.05
C GLU P 254 35.74 62.98 14.24
N LYS P 255 34.67 62.37 14.74
CA LYS P 255 33.44 63.10 15.07
C LYS P 255 33.51 63.60 16.51
N VAL P 256 33.40 64.92 16.67
CA VAL P 256 33.17 65.56 17.95
C VAL P 256 32.10 66.63 17.72
N THR P 257 31.46 67.05 18.81
CA THR P 257 30.29 67.92 18.71
C THR P 257 30.63 69.22 17.97
N HIS P 258 29.60 69.82 17.35
CA HIS P 258 29.69 71.09 16.64
C HIS P 258 30.52 70.98 15.37
N ASP P 259 30.51 69.81 14.73
CA ASP P 259 31.14 69.59 13.42
C ASP P 259 32.61 69.99 13.44
N CYS P 260 33.40 69.26 14.23
CA CYS P 260 34.83 69.49 14.36
C CYS P 260 35.58 68.18 14.11
N TYR P 261 36.85 68.30 13.71
CA TYR P 261 37.59 67.16 13.20
C TYR P 261 38.98 67.11 13.82
N ARG P 262 39.51 65.89 13.93
CA ARG P 262 40.84 65.66 14.46
C ARG P 262 41.43 64.40 13.84
N VAL P 263 42.74 64.40 13.64
CA VAL P 263 43.48 63.25 13.15
C VAL P 263 44.49 62.84 14.22
N THR P 264 44.66 61.53 14.37
CA THR P 264 45.55 60.99 15.40
C THR P 264 46.71 60.19 14.83
N LEU P 265 46.45 59.27 13.91
CA LEU P 265 47.47 58.39 13.35
C LEU P 265 47.55 58.48 11.83
N GLU P 266 47.08 59.60 11.27
CA GLU P 266 47.09 59.77 9.82
C GLU P 266 48.52 59.77 9.28
N SER P 267 49.43 60.48 9.96
CA SER P 267 50.82 60.51 9.51
C SER P 267 51.46 59.14 9.60
N ILE P 268 51.19 58.40 10.68
CA ILE P 268 51.74 57.06 10.82
C ILE P 268 51.22 56.16 9.72
N LEU P 269 49.94 56.30 9.36
CA LEU P 269 49.37 55.54 8.26
C LEU P 269 50.03 55.91 6.93
N GLN P 270 50.25 57.21 6.70
CA GLN P 270 50.78 57.65 5.41
C GLN P 270 52.24 57.25 5.24
N MET P 271 53.03 57.33 6.30
CA MET P 271 54.45 56.95 6.22
C MET P 271 54.61 55.46 6.49
N PHE P 291 51.15 43.48 19.01
CA PHE P 291 51.30 43.47 17.56
C PHE P 291 51.16 44.88 16.99
N SER P 292 50.59 45.78 17.80
CA SER P 292 50.25 47.14 17.37
C SER P 292 49.28 47.08 16.18
N ILE P 293 48.09 46.56 16.48
CA ILE P 293 47.13 46.21 15.44
C ILE P 293 46.85 47.41 14.55
N PHE P 294 46.55 48.58 15.14
CA PHE P 294 45.99 49.72 14.41
C PHE P 294 46.95 50.30 13.39
N ASN P 295 48.11 49.67 13.17
CA ASN P 295 48.96 49.97 12.03
C ASN P 295 49.72 48.71 11.63
N TYR P 296 49.39 48.16 10.45
CA TYR P 296 50.06 46.97 9.97
C TYR P 296 51.03 47.24 8.82
N PHE P 297 51.13 48.48 8.37
CA PHE P 297 52.00 48.80 7.24
C PHE P 297 53.47 48.66 7.56
N LYS P 298 53.83 48.49 8.84
CA LYS P 298 55.19 48.12 9.21
C LYS P 298 55.38 46.61 9.34
N MET P 299 54.32 45.83 9.16
CA MET P 299 54.38 44.38 9.24
C MET P 299 53.96 43.79 7.90
N PHE P 300 54.88 43.13 7.23
CA PHE P 300 54.67 42.56 5.91
C PHE P 300 54.34 41.08 6.01
N PRO P 301 53.66 40.51 5.01
CA PRO P 301 53.29 39.09 5.06
C PRO P 301 54.50 38.16 5.10
N ALA P 302 54.23 36.85 5.21
CA ALA P 302 55.31 35.88 5.24
C ALA P 302 56.14 35.93 3.97
N SER P 303 55.48 36.14 2.83
CA SER P 303 56.14 36.35 1.54
C SER P 303 57.09 35.20 1.20
N LYS P 304 56.63 33.99 1.50
CA LYS P 304 57.43 32.80 1.27
C LYS P 304 56.51 31.62 1.03
N HIS P 305 57.02 30.61 0.35
CA HIS P 305 56.26 29.37 0.12
C HIS P 305 56.25 28.45 1.33
N ASP P 306 56.60 28.98 2.50
CA ASP P 306 56.69 28.18 3.71
C ASP P 306 55.29 27.78 4.16
N LYS P 307 55.25 27.05 5.28
CA LYS P 307 54.02 26.59 5.89
C LYS P 307 53.73 27.41 7.14
N GLU P 308 52.69 27.00 7.88
CA GLU P 308 52.26 27.62 9.12
C GLU P 308 51.66 29.01 8.90
N VAL P 309 51.38 29.38 7.66
CA VAL P 309 50.81 30.69 7.37
C VAL P 309 49.35 30.73 7.81
N VAL P 310 48.91 31.87 8.30
CA VAL P 310 47.55 32.05 8.79
C VAL P 310 46.76 32.89 7.79
N TYR P 311 45.49 32.55 7.61
CA TYR P 311 44.60 33.27 6.72
C TYR P 311 43.27 33.46 7.42
N PHE P 312 42.69 34.66 7.29
CA PHE P 312 41.48 34.98 8.03
C PHE P 312 40.27 34.25 7.48
N ASP P 313 40.32 33.79 6.23
CA ASP P 313 39.20 33.11 5.60
C ASP P 313 39.38 31.60 5.50
N GLU P 314 40.38 31.04 6.19
CA GLU P 314 40.58 29.59 6.16
C GLU P 314 39.44 28.85 6.84
N TRP P 315 38.75 29.51 7.77
CA TRP P 315 37.68 28.86 8.53
C TRP P 315 36.35 28.86 7.79
N THR P 316 36.25 29.57 6.67
CA THR P 316 35.01 29.62 5.92
C THR P 316 35.27 29.59 4.41
N ASN Q 14 14.85 27.58 -19.20
CA ASN Q 14 15.64 26.38 -19.08
C ASN Q 14 16.89 26.64 -18.22
N TYR Q 15 16.79 27.66 -17.38
CA TYR Q 15 17.80 28.07 -16.39
C TYR Q 15 19.09 28.58 -17.03
N MET Q 16 19.20 28.57 -18.34
CA MET Q 16 20.39 29.08 -19.01
C MET Q 16 20.30 30.55 -19.36
N SER Q 17 19.12 31.17 -19.22
CA SER Q 17 18.95 32.57 -19.59
C SER Q 17 18.78 33.50 -18.39
N ASN Q 18 19.19 33.08 -17.19
CA ASN Q 18 19.08 33.92 -16.01
C ASN Q 18 20.42 34.59 -15.75
N LEU Q 19 20.67 35.72 -16.42
CA LEU Q 19 21.97 36.38 -16.32
C LEU Q 19 21.81 37.86 -16.05
N PRO Q 20 22.29 38.35 -14.92
CA PRO Q 20 22.25 39.80 -14.67
C PRO Q 20 23.14 40.55 -15.66
N PHE Q 21 22.75 41.80 -15.93
CA PHE Q 21 23.47 42.60 -16.92
C PHE Q 21 24.90 42.88 -16.49
N GLY Q 22 25.18 42.84 -15.18
CA GLY Q 22 26.54 43.00 -14.70
C GLY Q 22 27.37 41.73 -14.75
N LEU Q 23 26.77 40.61 -15.13
CA LEU Q 23 27.46 39.34 -15.19
C LEU Q 23 27.62 38.87 -16.64
N GLY Q 24 28.85 38.51 -16.99
CA GLY Q 24 29.16 38.00 -18.31
C GLY Q 24 29.10 36.49 -18.38
N TYR Q 25 29.55 35.97 -19.52
CA TYR Q 25 29.51 34.54 -19.78
C TYR Q 25 30.83 33.83 -19.52
N GLY Q 26 31.96 34.53 -19.65
CA GLY Q 26 33.25 33.87 -19.50
C GLY Q 26 33.50 33.34 -18.10
N ASP Q 27 33.13 34.11 -17.07
CA ASP Q 27 33.47 33.74 -15.70
C ASP Q 27 32.77 32.46 -15.28
N VAL Q 28 31.49 32.30 -15.64
CA VAL Q 28 30.72 31.16 -15.18
C VAL Q 28 31.17 29.90 -15.92
N GLY Q 29 30.95 28.76 -15.27
CA GLY Q 29 31.28 27.47 -15.83
C GLY Q 29 32.49 26.80 -15.19
N LYS Q 30 33.50 27.56 -14.79
CA LYS Q 30 34.69 26.97 -14.18
C LYS Q 30 34.42 26.58 -12.73
N ASN Q 31 34.02 27.53 -11.91
CA ASN Q 31 33.64 27.28 -10.50
C ASN Q 31 34.86 26.64 -9.82
N HIS Q 32 34.65 25.59 -9.02
CA HIS Q 32 35.68 24.73 -8.46
C HIS Q 32 36.45 25.35 -7.31
N ILE Q 33 36.27 26.67 -7.09
CA ILE Q 33 36.85 27.47 -6.00
C ILE Q 33 38.35 27.26 -5.83
N THR Q 34 39.04 28.26 -5.26
CA THR Q 34 40.41 28.03 -4.82
C THR Q 34 40.41 26.98 -3.72
N GLU Q 35 41.44 26.12 -3.72
CA GLU Q 35 41.42 24.96 -2.83
C GLU Q 35 41.40 25.37 -1.37
N PHE Q 36 42.13 26.43 -1.02
CA PHE Q 36 42.05 27.00 0.32
C PHE Q 36 41.93 28.51 0.14
N PRO Q 37 41.04 29.16 0.88
CA PRO Q 37 40.91 30.62 0.76
C PRO Q 37 42.20 31.30 1.21
N SER Q 38 42.63 32.29 0.43
CA SER Q 38 43.92 32.93 0.62
C SER Q 38 43.75 34.40 0.96
N ILE Q 39 44.03 34.75 2.21
CA ILE Q 39 44.17 36.14 2.63
C ILE Q 39 45.39 36.22 3.52
N PRO Q 40 46.53 36.72 3.03
CA PRO Q 40 47.75 36.73 3.84
C PRO Q 40 47.61 37.63 5.06
N LEU Q 41 47.58 37.01 6.23
CA LEU Q 41 47.45 37.76 7.46
C LEU Q 41 48.78 38.42 7.83
N PRO Q 42 48.74 39.68 8.26
CA PRO Q 42 49.99 40.40 8.59
C PRO Q 42 50.58 40.07 9.96
N ILE Q 43 50.15 38.99 10.60
CA ILE Q 43 50.68 38.58 11.89
C ILE Q 43 51.96 37.76 11.74
N ASN Q 44 52.50 37.67 10.53
CA ASN Q 44 53.73 36.93 10.24
C ASN Q 44 54.86 37.89 9.89
N GLY Q 45 54.99 38.98 10.65
CA GLY Q 45 55.99 39.97 10.37
C GLY Q 45 57.38 39.52 10.77
N PRO Q 46 58.35 40.42 10.63
CA PRO Q 46 59.75 40.08 10.96
C PRO Q 46 59.92 39.74 12.44
N ILE Q 47 60.87 38.85 12.71
CA ILE Q 47 61.15 38.46 14.09
C ILE Q 47 62.22 39.35 14.69
N THR Q 48 62.08 39.62 15.99
CA THR Q 48 63.08 40.35 16.75
C THR Q 48 63.63 39.47 17.87
N ASN Q 49 64.56 40.06 18.63
CA ASN Q 49 65.19 39.32 19.73
C ASN Q 49 64.16 38.94 20.79
N LYS Q 50 63.22 39.85 21.10
CA LYS Q 50 62.18 39.54 22.05
C LYS Q 50 61.30 38.38 21.58
N GLU Q 51 60.98 38.35 20.28
CA GLU Q 51 60.16 37.26 19.75
C GLU Q 51 60.91 35.94 19.79
N ARG Q 52 62.20 35.96 19.45
CA ARG Q 52 62.99 34.74 19.56
C ARG Q 52 63.06 34.26 21.01
N SER Q 53 63.15 35.21 21.96
CA SER Q 53 63.14 34.84 23.37
C SER Q 53 61.80 34.26 23.79
N LEU Q 54 60.69 34.80 23.27
CA LEU Q 54 59.39 34.20 23.54
C LEU Q 54 59.32 32.77 23.02
N ALA Q 55 59.87 32.53 21.82
CA ALA Q 55 59.90 31.17 21.29
C ALA Q 55 60.73 30.25 22.18
N VAL Q 56 61.88 30.75 22.64
CA VAL Q 56 62.77 29.91 23.46
C VAL Q 56 62.10 29.55 24.79
N LYS Q 57 61.52 30.55 25.46
CA LYS Q 57 60.83 30.26 26.70
C LYS Q 57 59.63 29.36 26.48
N TYR Q 58 58.95 29.50 25.34
CA TYR Q 58 57.86 28.60 25.01
C TYR Q 58 58.33 27.16 24.90
N ILE Q 59 59.46 26.92 24.24
CA ILE Q 59 59.91 25.55 24.08
C ILE Q 59 60.43 25.01 25.41
N ASN Q 60 61.01 25.87 26.26
CA ASN Q 60 61.34 25.40 27.61
C ASN Q 60 60.10 24.97 28.37
N PHE Q 61 59.02 25.76 28.27
CA PHE Q 61 57.75 25.32 28.83
C PHE Q 61 57.18 24.17 28.00
N GLY Q 62 56.29 23.41 28.60
CA GLY Q 62 55.82 22.19 27.95
C GLY Q 62 56.84 21.10 28.00
N LYS Q 63 58.07 21.39 27.58
CA LYS Q 63 59.18 20.46 27.83
C LYS Q 63 59.37 20.25 29.32
N THR Q 64 59.25 21.31 30.12
CA THR Q 64 59.37 21.15 31.57
C THR Q 64 58.26 20.27 32.13
N VAL Q 65 57.03 20.45 31.66
CA VAL Q 65 55.92 19.66 32.20
C VAL Q 65 55.94 18.23 31.67
N LYS Q 66 56.60 18.00 30.53
CA LYS Q 66 56.71 16.65 30.00
C LYS Q 66 57.87 15.88 30.61
N ASP Q 67 58.98 16.56 30.91
CA ASP Q 67 60.05 15.94 31.67
C ASP Q 67 59.73 15.84 33.15
N GLY Q 68 58.72 16.55 33.63
CA GLY Q 68 58.23 16.37 34.97
C GLY Q 68 57.37 15.14 35.09
N PRO Q 69 56.69 15.01 36.24
CA PRO Q 69 55.81 13.87 36.48
C PRO Q 69 54.44 13.98 35.82
N PHE Q 70 54.10 15.12 35.23
CA PHE Q 70 52.76 15.34 34.70
C PHE Q 70 52.72 15.01 33.20
N TYR Q 71 52.86 13.72 32.89
CA TYR Q 71 52.63 13.24 31.54
C TYR Q 71 51.27 12.58 31.39
N THR Q 72 51.01 11.51 32.17
CA THR Q 72 49.78 10.73 32.08
C THR Q 72 49.34 10.53 30.63
N GLY Q 73 50.29 10.21 29.75
CA GLY Q 73 49.97 10.06 28.35
C GLY Q 73 50.30 8.71 27.78
N SER Q 74 51.30 8.04 28.36
CA SER Q 74 51.73 6.75 27.82
C SER Q 74 50.65 5.68 28.02
N MET Q 75 50.35 4.96 26.95
CA MET Q 75 49.42 3.85 27.02
C MET Q 75 50.07 2.61 27.62
N THR Q 101 64.47 -5.24 25.88
CA THR Q 101 63.40 -4.71 25.04
C THR Q 101 62.12 -5.52 25.22
N ASN Q 102 61.55 -5.44 26.42
CA ASN Q 102 60.29 -6.10 26.76
C ASN Q 102 60.39 -7.61 26.57
N ASP Q 103 61.61 -8.15 26.63
CA ASP Q 103 61.82 -9.58 26.59
C ASP Q 103 61.67 -10.15 27.99
N GLY Q 104 61.00 -11.30 28.09
CA GLY Q 104 60.89 -11.98 29.37
C GLY Q 104 62.21 -12.49 29.92
N ILE Q 105 63.29 -12.39 29.14
CA ILE Q 105 64.62 -12.88 29.48
C ILE Q 105 65.56 -11.67 29.57
N GLU Q 106 66.34 -11.63 30.66
CA GLU Q 106 67.21 -10.50 30.96
C GLU Q 106 68.64 -10.83 30.52
N ARG Q 107 69.19 -9.99 29.65
CA ARG Q 107 70.59 -10.12 29.25
C ARG Q 107 71.50 -9.81 30.43
N TYR Q 108 72.70 -10.41 30.42
CA TYR Q 108 73.67 -10.11 31.46
C TYR Q 108 74.14 -8.66 31.38
N SER Q 109 74.09 -8.07 30.18
CA SER Q 109 74.34 -6.63 30.06
C SER Q 109 73.34 -5.84 30.87
N ASP Q 110 72.09 -6.30 30.93
CA ASP Q 110 71.08 -5.65 31.74
C ASP Q 110 71.31 -5.85 33.23
N LYS Q 111 72.16 -6.80 33.60
CA LYS Q 111 72.52 -7.00 35.00
C LYS Q 111 73.62 -6.01 35.40
N TYR Q 112 73.43 -5.33 36.53
CA TYR Q 112 74.36 -4.30 37.00
C TYR Q 112 74.47 -3.17 35.97
N LEU Q 113 73.36 -2.82 35.33
CA LEU Q 113 73.30 -1.71 34.40
C LEU Q 113 72.44 -0.59 34.98
N LYS Q 114 72.69 0.63 34.49
CA LYS Q 114 72.02 1.80 35.05
C LYS Q 114 70.52 1.74 34.79
N LYS Q 115 69.75 2.17 35.78
CA LYS Q 115 68.31 2.32 35.61
C LYS Q 115 68.03 3.57 34.77
N ARG Q 116 66.94 3.52 34.01
CA ARG Q 116 66.59 4.61 33.10
C ARG Q 116 66.37 5.91 33.85
N LYS Q 117 65.33 5.95 34.69
CA LYS Q 117 65.07 7.09 35.56
C LYS Q 117 63.99 6.69 36.56
N ILE Q 118 64.27 6.91 37.84
CA ILE Q 118 63.31 6.58 38.90
C ILE Q 118 62.31 7.74 38.95
N GLY Q 119 61.22 7.59 38.20
CA GLY Q 119 60.23 8.65 38.10
C GLY Q 119 59.52 8.95 39.39
N ILE Q 120 59.27 10.23 39.66
CA ILE Q 120 58.50 10.62 40.83
C ILE Q 120 57.03 10.36 40.53
N SER Q 121 56.44 9.41 41.25
CA SER Q 121 55.06 9.02 40.99
C SER Q 121 54.11 10.15 41.33
N ILE Q 122 52.92 10.11 40.72
CA ILE Q 122 51.93 11.16 40.92
C ILE Q 122 51.55 11.24 42.40
N ASP Q 123 51.47 10.08 43.06
CA ASP Q 123 51.22 10.07 44.50
C ASP Q 123 52.44 10.50 45.29
N ASP Q 124 53.64 10.31 44.74
CA ASP Q 124 54.86 10.63 45.48
C ASP Q 124 54.98 12.12 45.78
N HIS Q 125 54.65 12.95 44.81
CA HIS Q 125 54.72 14.40 45.03
C HIS Q 125 53.61 14.84 45.97
N PRO Q 126 53.92 15.56 47.03
CA PRO Q 126 52.87 15.96 47.98
C PRO Q 126 51.89 16.94 47.35
N TYR Q 127 50.63 16.83 47.76
CA TYR Q 127 49.58 17.74 47.31
C TYR Q 127 48.69 18.07 48.51
N ASN Q 128 47.72 18.95 48.26
CA ASN Q 128 46.82 19.41 49.31
C ASN Q 128 45.49 18.66 49.21
N LEU Q 129 45.14 17.95 50.28
CA LEU Q 129 43.93 17.13 50.27
C LEU Q 129 42.68 17.99 50.17
N ASN Q 130 42.73 19.23 50.67
CA ASN Q 130 41.54 20.08 50.69
C ASN Q 130 41.14 20.52 49.28
N LEU Q 131 41.98 20.30 48.28
CA LEU Q 131 41.64 20.71 46.92
C LEU Q 131 41.44 19.53 45.98
N PHE Q 132 41.49 18.29 46.48
CA PHE Q 132 41.24 17.14 45.63
C PHE Q 132 40.02 16.37 46.12
N PRO Q 133 39.22 15.83 45.20
CA PRO Q 133 38.02 15.09 45.61
C PRO Q 133 38.38 13.81 46.36
N ASN Q 134 37.38 13.28 47.06
CA ASN Q 134 37.59 12.08 47.87
C ASN Q 134 37.92 10.87 46.99
N GLU Q 135 37.37 10.82 45.77
CA GLU Q 135 37.65 9.70 44.88
C GLU Q 135 39.09 9.71 44.39
N LEU Q 136 39.75 10.87 44.44
CA LEU Q 136 41.13 10.99 44.00
C LEU Q 136 42.13 10.75 45.12
N TYR Q 137 41.67 10.54 46.35
CA TYR Q 137 42.57 10.30 47.48
C TYR Q 137 43.24 8.95 47.41
N ASN Q 138 42.55 7.93 46.88
CA ASN Q 138 43.07 6.58 46.87
C ASN Q 138 44.35 6.46 46.03
N VAL Q 139 44.41 7.15 44.89
CA VAL Q 139 45.62 7.11 44.06
C VAL Q 139 46.79 7.71 44.81
N MET Q 140 46.52 8.62 45.74
CA MET Q 140 47.58 9.31 46.45
C MET Q 140 48.06 8.51 47.66
N GLY Q 141 49.30 8.76 48.06
CA GLY Q 141 49.87 8.09 49.22
C GLY Q 141 49.56 8.81 50.52
N ILE Q 142 48.65 8.25 51.31
CA ILE Q 142 48.24 8.86 52.57
C ILE Q 142 49.18 8.48 53.70
N VAL R 609 -22.53 -56.75 -51.30
CA VAL R 609 -22.39 -57.16 -49.91
C VAL R 609 -22.55 -58.67 -49.77
N SER R 610 -22.48 -59.14 -48.52
CA SER R 610 -22.60 -60.57 -48.19
C SER R 610 -21.46 -61.41 -48.75
N ARG R 611 -20.27 -60.82 -48.92
CA ARG R 611 -19.09 -61.54 -49.39
C ARG R 611 -17.91 -61.20 -48.48
N ASP R 612 -17.16 -62.23 -48.10
CA ASP R 612 -15.98 -62.03 -47.26
C ASP R 612 -14.86 -61.38 -48.05
N THR R 613 -14.14 -60.46 -47.40
CA THR R 613 -12.94 -59.87 -47.96
C THR R 613 -11.69 -60.16 -47.13
N TRP R 614 -11.86 -60.51 -45.85
CA TRP R 614 -10.73 -60.72 -44.96
C TRP R 614 -10.07 -62.07 -45.22
N ASN R 615 -10.86 -63.09 -45.59
CA ASN R 615 -10.30 -64.41 -45.85
C ASN R 615 -9.35 -64.38 -47.04
N THR R 616 -9.73 -63.67 -48.10
CA THR R 616 -8.94 -63.61 -49.32
C THR R 616 -7.72 -62.68 -49.21
N LYS R 617 -7.82 -61.62 -48.42
CA LYS R 617 -6.85 -60.52 -48.44
C LYS R 617 -5.97 -60.61 -47.20
N ASN R 618 -4.65 -60.49 -47.40
CA ASN R 618 -3.71 -60.44 -46.29
C ASN R 618 -3.80 -59.09 -45.60
N MET R 619 -4.11 -59.10 -44.31
CA MET R 619 -4.31 -57.87 -43.56
C MET R 619 -2.96 -57.30 -43.18
N ARG R 620 -2.32 -56.61 -44.13
CA ARG R 620 -1.02 -56.01 -43.88
C ARG R 620 -1.11 -54.84 -42.90
N SER R 621 -2.18 -54.03 -43.02
CA SER R 621 -2.33 -52.85 -42.18
C SER R 621 -2.48 -53.18 -40.71
N LEU R 622 -2.85 -54.41 -40.35
CA LEU R 622 -3.04 -54.76 -38.95
C LEU R 622 -1.75 -55.15 -38.26
N GLU R 623 -0.62 -55.17 -38.96
CA GLU R 623 0.67 -55.40 -38.32
C GLU R 623 1.04 -54.19 -37.45
N PRO R 624 1.84 -54.40 -36.41
CA PRO R 624 2.27 -53.27 -35.58
C PRO R 624 3.40 -52.50 -36.24
N PRO R 625 3.22 -51.18 -36.45
CA PRO R 625 4.28 -50.34 -36.97
C PRO R 625 5.46 -50.21 -36.01
N UNK S 1 -2.49 -8.70 -11.78
CA UNK S 1 -1.50 -8.30 -12.77
C UNK S 1 -0.10 -8.70 -12.32
N UNK S 2 0.70 -9.20 -13.27
CA UNK S 2 2.06 -9.62 -12.97
C UNK S 2 3.07 -8.92 -13.88
N UNK S 3 3.54 -9.62 -14.91
CA UNK S 3 4.50 -9.07 -15.84
C UNK S 3 4.09 -7.67 -16.28
N UNK S 4 4.82 -6.66 -15.81
CA UNK S 4 4.52 -5.28 -16.15
C UNK S 4 5.29 -4.84 -17.39
N UNK S 8 12.65 -0.75 -19.90
CA UNK S 8 13.48 -0.76 -18.70
C UNK S 8 14.94 -0.97 -19.05
N UNK S 9 15.79 -0.02 -18.63
CA UNK S 9 17.21 -0.11 -18.89
C UNK S 9 17.76 -1.50 -18.63
N UNK S 10 17.25 -2.49 -19.38
CA UNK S 10 17.69 -3.87 -19.23
C UNK S 10 19.13 -4.03 -19.69
N UNK S 11 19.70 -5.21 -19.46
CA UNK S 11 21.07 -5.49 -19.86
C UNK S 11 21.56 -6.81 -19.28
N UNK S 12 21.33 -7.90 -20.02
CA UNK S 12 21.75 -9.22 -19.58
C UNK S 12 23.19 -9.20 -19.06
N UNK S 13 23.35 -9.03 -17.75
CA UNK S 13 24.67 -8.99 -17.14
C UNK S 13 25.11 -10.39 -16.69
N UNK S 14 25.48 -11.23 -17.64
CA UNK S 14 25.92 -12.58 -17.34
C UNK S 14 27.08 -13.00 -18.23
N UNK S 15 27.89 -13.94 -17.75
CA UNK S 15 29.04 -14.42 -18.50
C UNK S 15 28.82 -15.84 -19.02
N UNK S 16 29.90 -16.47 -19.50
CA UNK S 16 29.82 -17.82 -20.02
C UNK S 16 31.11 -18.20 -20.75
N UNK S 17 31.98 -18.93 -20.05
CA UNK S 17 33.25 -19.36 -20.63
C UNK S 17 33.05 -19.90 -22.04
ZN ZN T . 34.23 2.58 -11.10
ZN ZN U . 21.64 34.80 24.71
MG MG V . -10.66 -17.98 -10.76
ZN ZN W . 37.41 2.91 6.40
MG MG X . -13.40 -16.92 -10.94
ZN ZN Y . -39.64 50.54 7.00
ZN ZN Z . -27.41 -23.20 16.65
ZN ZN AA . -22.47 -35.48 -36.92
ZN ZN BA . -2.16 -0.07 -59.35
#